data_5VHF
#
_entry.id   5VHF
#
loop_
_entity.id
_entity.type
_entity.pdbx_description
1 polymer '26S proteasome non-ATPase regulatory subunit 10'
2 polymer '26S proteasome regulatory subunit 7'
3 polymer '26S proteasome regulatory subunit 4'
4 polymer '26S proteasome regulatory subunit 8'
5 polymer '26S proteasome regulatory subunit 6B'
6 polymer '26S proteasome regulatory subunit 10B'
7 polymer '26S proteasome regulatory subunit 6A'
8 polymer '26S proteasome non-ATPase regulatory subunit 1'
9 polymer '26S proteasome non-ATPase regulatory subunit 3'
10 polymer '26S proteasome non-ATPase regulatory subunit 12'
11 polymer '26S proteasome non-ATPase regulatory subunit 11'
12 polymer '26S proteasome non-ATPase regulatory subunit 6'
13 polymer '26S proteasome non-ATPase regulatory subunit 7'
14 polymer '26S proteasome non-ATPase regulatory subunit 13'
15 polymer '26S proteasome non-ATPase regulatory subunit 4'
16 polymer '26S proteasome non-ATPase regulatory subunit 14'
17 polymer '26S proteasome non-ATPase regulatory subunit 8'
18 polymer '26S proteasome complex subunit SEM1'
19 polymer '26S proteasome non-ATPase regulatory subunit 2'
20 non-polymer 'ZINC ION'
#
loop_
_entity_poly.entity_id
_entity_poly.type
_entity_poly.pdbx_seq_one_letter_code
_entity_poly.pdbx_strand_id
1 'polypeptide(L)'
;CVSNLMVCNLAYSGKLEELKESILADKSLATRTDQDSRTALHWACSAGHTEIVEFLLQLGVPVNDKDDAGWSPLHIAASA
GRDEIVKALLGKGAQVNAVNQNGCTPLHYAASKNRHEIAVMLLEGGANPDAKDHYEATAMHRAAAKGNLKMIHILLYYKA
STNIQDTEGNTPLHLACDEERVEEAKLLVSQGASIYIENKEEKTPLQVAKGGLGLILKRMVEG
;
G
2 'polypeptide(L)'
;APPALWDLAADKQTLQSEQPLQVARCTKIINADSEDPKYIINVKQFAKFVVDLSDQVAPTDIEEGMRVGVDRNKYQIHIP
LPPKIDPTVTMMQVEEKPDVTYSDVGGCKEQIEKLREVVETPLLHPERFVNLGIEPPKGVLLFGPPGTGKTLCARAVANR
TDACFIRVIGSELVQKYVGEGARMVRELFEMARTKKACLIFFDEIDAIGGARFDDGAGGDNEVQRTMLELINQLDGFDPR
GNIKVLMATNRPDTLDPALMRPGRLDRKIEFSLPDLEGRTHIFKIHARSMSVERDIRFELLARLCPNSTGAEIRSVCTEA
GMFAIRARRKIATEKDFLEAVNKVIKSYAKFS
;
A
3 'polypeptide(L)'
;EEERSKVDDLRGTPMSVGTLEEIIDDNHAIVSTSVGSEHYVSILSFVDKDLLEPGCSVLLNHKVHAVIGVLMDDTDPLVT
VMKVEKAPQETYADIGGLDNQIQEIKESVELPLTHPEYYEEMGIKPPKGVILYGPPGTGKTLLAKAVANQTSATFLRVVG
SELIQKYLGDGPKLVRELFRVAEEHAPSIVFIDEIDAIGTKRYDSNSGGEREIQRTMLELLNQLDGFDSRGDVKVIMATN
RIETLDPALIRPGRIDRKIEFPLPDEKTKKRIFQIHTSRMTLADDVTLDDLIMAKDDLSGADIKAICTEAGLMALRERRM
KVTNEDFKKSKENVLYKKQE
;
B
4 'polypeptide(L)'
;LEEGKAGSGLRQYYLSKIEELQLIVNDKSQNLRRLQAQRNELNAKVRLLREELQLLQEQGSYVGEVVRAMDKKKVLVKVH
PEGKFVVDVDKNIDINDVTPNCRVALRNDSYTLHKILPNKVDPLVSLMMVEKVPDSTYEMIGGLDKQIKEIKEVIELPVK
HPELFEALGIAQPKGVLLYGPPGTGKTLLARAVAHHTDCTFIRVSGSELVQKFIGEGARMVRELFVMAREHAPSIIFMDE
IDSIGSSRLEGGSGGDSEVQRTMLELLNQLDGFEATKNIKVIMATNRIDILDSALLRPGRIDRKIEFPPPNEEARLDILK
IHSRKMNLTRGINLRKIAELMPGASGAEVKGVCTEAGMYALRERRVHVTQEDFEMAVAKVMQKDS
;
C
5 'polypeptide(L)'
;DLYSRYKKLQQELEFLEVQEEYIKDEQKNLKKEFLHAQEEVKRIQSIPLVIGQFLEAVDQNTAIVGSTTGSNYYVRILST
IDRELLKPNASVALHKHSNALVDVLPPEADSSIMMLTSDQKPDVMYADIGGMDIQKQEVREAVELPLTHFELYKQIGIDP
PRGVLMYGPPGCGKTMLAKAVAHHTTAAFIRVVGSEFVQKYLGEGPRMVRDVFRLAKENAPAIIFIDEIDAIATKRFDAQ
TGADREVQRILLELLNQMDGFDQNVNVKVIMATNRADTLDPALLRPGRLDRKIEFPLPDRRQKRLIFSTITSKMNLSEEV
DLEDYVARPDKISGADINSICQESGMLAVRENRYIVLAKDFEKAYKTV
;
D
6 'polypeptide(L)'
;DYRKKLLEHKEIDGRLKELREQLKELTKQYEKSENDLKALQSVGQIVGEVLKQLTEEKFIVKATNGPRYVVGCRRQLDKS
KLKPGTRVALDMTTLTIMRYLPREVDPLVYNMSHEDPGNVSYSEIGGLSEQIRELREVIELPLTNPELFQRVGIIPPKGC
LLYGPPGTGKTLLARAVASQLDCNFLKVVSSSIVDKYIGESARLIREMFNYARDHQPCIIFMDEIDAIGGRRFSEGTSAD
REIQRTLMELLNQMDGFDTLHRVKMIMATNRPDTLDPALLRPGRLDRKIHIDLPNEQARLDILKIHAGPITKHGEIDYEA
IVKLSDGFNGADLRNVCTEAGMFAIRADHDFVVQEDFMKAVRKVADSKKLESKLDYKPV
;
E
7 'polypeptide(L)'
;KIMKSEVLRVTHELQAMKDKIKENSEKIKVNKTLPYLVSNVIELLDVDPNDQEEDGANIDLDSQRKGKCAVIKTSTRQTY
FLPVIGLVDAEKLKPGDLVGVNKDSYLILETLPTEYDSRVKAMEVDERPTEQYSDIGGLDKQIQELVEAIVLPMNHKEKF
ENLGIQPPKGVLMYGPPGTGKTLLARACAAQTKATFLKLAGPQLVQMFIGDGAKLVRDAFALAKEKAPSIIFIDELDAIG
TKRFDSEKAGDREVQRTMLELLNQLDGFQPNTQVKVIAATNRVDILDPALLRSGRLDRKIEFPMPNEEARARIMQIHSRK
MNVSPDVNYEELARCTDDFNGAQCKAVCVEAGMIALRRGATELTHEDYMEGILEVQAKKK
;
F
8 'polypeptide(L)'
;EYVETIIAKCIDHYTKQCVENADLPEGEKKPIDQRLEGIVNKMFQRCLDDHKYKQAIGIALETRRLDVFEKTILESNDVP
GMLAYSLKLCMSLMQNKQFRNKVLRVLVKIYMNLEKPDFINVCQCLIFLDDPQAVSDILEKLVKEDNLLMAYQICFDLYE
SASQQFLSSVIQNLRTVGTPIASVPGSTNTGTVPGSEKDSDSMETEEKTSSAFVGKTPEASPEPKDQTLKMIKILSGEMA
IELHLQFLIRNNNTDLMILKNTKDAVRNSVCHTATVIANSFMHCGTTSDQFLRDNLEWLARATNWAKFTATASLGVIHKG
HEKEALQLMATYLPKDTSPGSAYQEGGGLYALGLIHANHGGDIIDYLLNQLKNASNDIVRHGGSLGLGLAAMGTARQDVY
DLLKTNLYQDDAVTGEAAGLALGLVMLGSKNAQAIEDMVGYAQETQHEKILRGLAVGIALVMYGRMEEADALIESLCRDK
DPILRRSGMYTVAMAYCGSGNNKAIRRLLHVAVSDVNDDVRRAAVESLGFILFRTPEQCPSVVSLLSESYNPHVRYGAAM
ALGICCAGTGNKEAINLLEPMTNDPVNYVRQGALIASALIMIQQTEITCPKVNQFRQLYSKVINDKHDDVMAKFGAILAQ
GILDAGGHNVTISLQSRTGHTHMPSVVGVLVFTQFWFWFPLSHFLSLAYTPTCVIGLNKDLKMPKVQYKSNCKPSTFAYP
APLEVPKEKEKEKVSTAVLSITAKAKKKEKEKEKKEEEKMEVDEAEKKEEKEKKKEPEPNFQLLDNPARVMPAQLKVLTM
PETCRYQPFKPLSIGGIIILKDTSEDIEELVEPVAAHGPKI
;
U
9 'polypeptide(L)'
;GFKQTVHKLLIVVELLLGEIPDRLQFRQPSLKRSLMPYFLLTQAVRTGNLAKFNQVLDQFGEKFQADGTYTLIIRLRHNV
IKTGVRMISLSYSRISLADIAQKLQLDSPEDAEFIVAKAIRDGVIEASINHEKGYVQSKEMIDIYSTREPQLAFHQRISF
CLDIHNMSVKAMRFPPKSYNKDL
;
V
10 'polypeptide(L)'
;MADGGSERADGRIVKMEVDYSATVDQRLPECAKLAKEGRLQEVIETLLSLEKQTRTASDMVSTSRILVAVVKMCYEAKEW
DLLNENIMLLSKRRSQLKQAVAKMVQQCCTYVEEITDLPIKLRLIDTLRMVTEGKIYVEIERARLTKTLATIKEQNGDVK
EAASILQELQVETYGSMEKKERVEFILEQMRLCLAVKDYIRTQIISKKINTKFFQEENTEKLKLKYYNLMIQLDQHEGSY
LSICKHYRAIYDTPCIQAESEKWQQALKSVVLYVILAPFDNEQSDLVHRISGDKKLEEIPKYKDLLKLFTTMELMRWSTL
VEDYGMELRKGSLESPATDVFGSTEEGEKRWKDLKNRVVEHNIRIMAKYYTRITMKRMAQLLDLSVDESEAFLSNLVVNK
TIFAKVDRLAGIINFQRPKDPNNLLNDWSQKLNSLMSLVNKTTHLIAKEEMIHNLQ
;
W
11 'polypeptide(L)'
;NDEEAVQVKEQSILELGSLLAKTGQAAELGGLLKYVRPFLNSISKAKAARLVRSLLDLFLDMEAATGQEVELCLECIEWA
KSEKRTFLRQALEARLVSLYFDTKRYQEALHLGSQLLRELKKMDDKALLVEVQLLESKTYHALSNLPKARAALTSARTTA
NAIYCPPKLQATLDMQSGIIHAAEEKDWKTAYSYFYEAFEGYDSIDSPKAITSLKYMLLCKIMLNTPEDVQALVSGKLAL
RYAGRQTEALKCVAQASKNRSLADFEKALTDYRAELRDDPIISTHLAKLYDNLLEQNLIRVIEPFSRVQIEHISSLIKLS
KADVERKLSQMILDKKFHGILDQGEGVLIIFDEPPVDKTYEAALETIQNMSKVVDSLYNKAKKLT
;
X
12 'polypeptide(L)'
;PKNPDLRIAQLRFLLSLPEHRGDAAVRDELMAAVRDNNMAPYYEALCKSLDWQIDVDLLNKMKKANEDELKRLDEELEDA
EKNLGESEIRDAMMAKAEYLCRIGDKEGALTAFRKTYDKTVALGHRLDIVFYLLRIGLFYMDNDLITRNTEKAKSLIEEG
GDWDRRNRLKVYQGLYCVAIRDFKQAAELFLDTVSTFTSYELMDYKTFVTYTVYVSMIALERPDLREKVIKGAEILEVLH
SLPAVRQYLFSLYECRYSVFFQSLAVVEQEMKKDWLFAPHYRYYVREMRIHAYSQLLESYRSLTLGYMAEAFGVGVEFID
QELSRFIAAGRLHCKIDKVNEIVETNRPDSKNWQYQETIKKGDLLLNRVQKLSRVINM
;
Y
13 'polypeptide(L)'
;AVQKVVVHPLVLLSVVDHFNRIGKVGNQKRVVGVLLGSWQKKVLDVSNSFAVPFDEDDKDDSVWFLDHDYLENMYGMFKK
VNARERIVGWYHTGPKLHKNDIAINELMKRYCPNSVLVIIDVKPKDLGLPTEAYISVEEVHDDGTPTSKTFEHVTSEIGA
EEAEEVGVEHLLRDIKDTTVGTLSQRITNQVHGLKGLNSKLLDIRSYLEKVATGKLPINHQIIYQLQDVFNLLPDVSLQE
FVKAFYLKTNDQMVVVYLASLIRSVVALHNLINNKIANRDAEKKEG
;
Z
14 'polypeptide(L)'
;DVPGFLQQSQNSGPGQPAVWHRLEELYTKKLWHQLTLQVLDFVQDPCFAQGDGLIKLYENFISEFEHRVNPLSLVEIILH
VVRQMTDPNVALTFLEKTREKVKSSDEAVILCKTAIGALKLNIGDLQVTKETIEDVEEMLNNLPGVTSVHSRFYDLSSKY
YQTIGNHASYYKDALRFLGCVDIKDLPVSEQQERAFTLGLAGLLGEGVFNFGELLMHPVLESLRNTDRQWLIDTLYAFNS
GNVERFQTLKTAWGQQPDLAANEAQLLRKIQLLCLMEMTFTRPANHRQLTFEEIAKSAKITVNEVELLVMKALSVGLVKG
SIDEVDKRVHMTWVQPRVLDLQQIKGMKDRLEFWCTDVKSMEMLVEHQAHDILT
;
a
15 'polypeptide(L)'
;MVLESTMVCVDNSEYMRNGDFLPTRLQAQQDAVNIVCHSKTRSNPENNVGLITLANDCEVLTTLTPDTGRILSKLHTVQP
KGKITFCTGIRVAHLALKHRQGKNHKMRIIAFVGSPVEDNEKDLVKLAKRLKKEKVNVDIINFGEEEVNTEKLTAFVNTL
NGKDGTGSHLVTVPPGPSLADALISSPILAG
;
b
16 'polypeptide(L)'
;AVDTAEQVYISSLALLKMLKHGRAGVPMEVMGLMLGEFVDDYTVRVIDVFAMPQSGTGVSVEAVDPVFQAKMLDMLKQTG
RPEMVVGWYHSHPGFGCWLSGVDINTQQSFEALSERAVAVVVDPIQSVKGKVVIDAFRLINANMMVLGHEPRQTTSNLGH
LNKPSIQALIHGLNRHYYSITINYRKNELEQKMLLNLHKKSWMEGLTLQDYSEHCKHNESVVKEMLELAKNYNKAVEEED
KMTPEQLAIKNVGKQDPKRHLEEHVDVLMTSNIVQCLAAMLDTVVFK
;
c
17 'polypeptide(L)'
;LPAKDIQTNVYIKHPVSLEQYLMEGSYNKVFLAKGNIPAESYTFFIDILLDTIRDEIAGCIEKAYEKILFTEATRILFFN
TPKKMTDYAKKRGWVLGPNNYYSFASQQQKPEDTTIPSTELAKQVIEYARQLEMIV
;
d
18 'polypeptide(L)' MSEKKQPVDLGLLEEDDEFEEFPAEDWAGLDEDEDAHVWEDNWDDDNVEDDFSNQLRAELEKHGYKMETS e
19 'polypeptide(L)'
;RDKAPVQPQQSPAAAPGGTDEKPSGKERRDAGDKDKEQELSEEDKQLQDELEMLVERLGEKDTSLYRPALEELRRQIRSS
TTSMTSVPKPLKFLRPHYGKLKEIYENMAPGENKRFAADIISVLAMTMSGERECLKYRLVGSQEELASWGHEYVRHLAGE
VAKEWQELDDAEKVQREPLLTLVKEIVPYNMAHNAEHEACDLLMEIEQVDMLEKDIDENAYAKVCLYLTSCVNYVPEPEN
SALLRCALGVFRKFSRFPEALRLALMLNDMELVEDIFTSCKDVVVQKQMAFMLGRHGVFLELSEDVEEYEDLTEIMSNVQ
LNSNFLALARELDIMEPKVPDDIYKTHLENNRFGGSGSQVDSARMNLASSFVNGFVNAAFGQDKLLTDDGNKWLYKNKDH
GMLSAAASLGMILLWDVDGGLTQIDKYLYSSEDYIKSGALLACGIVNSGVRNECDPALALLSDYVLHNSNTMRLGSIFGL
GLAYAGSNREDVLTLLLPVMGDSKSSMEVAGVTALACGMIAVGSCNGDVTSTILQTIMEKSETELKDTYARWLPLGLGLN
HLGKGEAIEAILAALEVVSEPFRSFANTLVDVCAYAGSGNVLKVQQLLHICSEHFDSKEKEEDKDKKEKKDKDKKEAPAD
MGAHQGVAVLGIALIAMGEEIGAEMALRTFGHLLRYGEPTLRRAVPLALALISVSNPRLNILDTLSKFSHDADPEVSYNS
IFAMGMVGSGTNNARLAAMLRQLAQYHAKDPNNLFMVRLAQGLTHLGKGTLTLCPYHSDRQLMSQVAVAGLLTVLVSFLD
VRNIILGKSHYVLYGLVAAMQPRMLVTFDEELRPLPVSVRVGQAVDVV
;
f
#
# COMPACT_ATOMS: atom_id res chain seq x y z
N LEU A 5 56.61 14.91 34.63
CA LEU A 5 57.71 14.23 35.31
C LEU A 5 57.26 13.69 36.66
N MET A 6 58.17 12.99 37.34
CA MET A 6 57.86 12.43 38.64
C MET A 6 57.79 13.53 39.70
N VAL A 7 58.65 14.55 39.59
CA VAL A 7 58.63 15.65 40.54
C VAL A 7 57.33 16.44 40.44
N CYS A 8 56.60 16.32 39.33
CA CYS A 8 55.27 16.92 39.25
C CYS A 8 54.31 16.25 40.21
N ASN A 9 54.39 14.91 40.32
CA ASN A 9 53.58 14.20 41.30
C ASN A 9 54.10 14.43 42.72
N LEU A 10 55.43 14.51 42.88
CA LEU A 10 55.99 14.71 44.21
C LEU A 10 55.61 16.07 44.78
N ALA A 11 55.70 17.12 43.97
CA ALA A 11 55.28 18.45 44.42
C ALA A 11 53.77 18.63 44.38
N TYR A 12 53.08 17.84 43.54
CA TYR A 12 51.62 17.95 43.47
C TYR A 12 50.95 17.35 44.69
N SER A 13 51.27 16.10 45.02
CA SER A 13 50.64 15.41 46.13
C SER A 13 51.21 15.84 47.49
N GLY A 14 52.36 16.50 47.52
CA GLY A 14 52.93 16.96 48.77
C GLY A 14 53.80 15.95 49.48
N LYS A 15 54.50 15.08 48.76
CA LYS A 15 55.39 14.10 49.38
C LYS A 15 56.59 14.83 49.95
N LEU A 16 56.69 14.87 51.29
CA LEU A 16 57.76 15.62 51.94
C LEU A 16 59.09 14.88 51.83
N GLU A 17 59.16 13.67 52.39
CA GLU A 17 60.41 12.94 52.42
C GLU A 17 60.79 12.37 51.06
N GLU A 18 59.81 12.13 50.18
CA GLU A 18 60.13 11.65 48.85
C GLU A 18 60.75 12.75 48.00
N LEU A 19 60.24 13.99 48.14
CA LEU A 19 60.83 15.11 47.42
C LEU A 19 62.17 15.53 48.04
N LYS A 20 62.28 15.46 49.37
CA LYS A 20 63.54 15.80 50.02
C LYS A 20 64.63 14.79 49.65
N GLU A 21 64.32 13.50 49.72
CA GLU A 21 65.29 12.48 49.34
C GLU A 21 65.53 12.49 47.83
N SER A 22 64.54 12.92 47.04
CA SER A 22 64.72 12.96 45.60
C SER A 22 65.63 14.10 45.18
N ILE A 23 65.52 15.25 45.85
CA ILE A 23 66.41 16.37 45.51
C ILE A 23 67.78 16.17 46.13
N LEU A 24 67.85 15.65 47.36
CA LEU A 24 69.14 15.35 47.97
C LEU A 24 69.86 14.21 47.25
N ALA A 25 69.13 13.34 46.57
CA ALA A 25 69.76 12.30 45.76
C ALA A 25 70.11 12.78 44.36
N ASP A 26 69.36 13.75 43.83
CA ASP A 26 69.63 14.29 42.49
C ASP A 26 69.20 15.75 42.49
N LYS A 27 70.16 16.66 42.62
CA LYS A 27 69.87 18.09 42.64
C LYS A 27 69.35 18.62 41.32
N SER A 28 69.49 17.85 40.23
CA SER A 28 69.01 18.33 38.94
C SER A 28 67.50 18.32 38.85
N LEU A 29 66.83 17.49 39.65
CA LEU A 29 65.38 17.39 39.59
C LEU A 29 64.70 18.71 39.91
N ALA A 30 65.33 19.56 40.73
CA ALA A 30 64.75 20.87 41.04
C ALA A 30 64.74 21.76 39.81
N THR A 31 65.78 21.70 38.99
CA THR A 31 65.87 22.51 37.79
C THR A 31 65.20 21.87 36.57
N ARG A 32 64.79 20.60 36.67
CA ARG A 32 64.15 19.93 35.55
C ARG A 32 62.71 20.41 35.38
N THR A 33 62.28 20.52 34.14
CA THR A 33 60.92 20.95 33.81
C THR A 33 60.26 19.92 32.91
N ASP A 34 58.93 19.97 32.87
CA ASP A 34 58.14 19.05 32.07
C ASP A 34 58.01 19.60 30.65
N GLN A 35 57.12 18.99 29.86
CA GLN A 35 56.91 19.42 28.47
C GLN A 35 56.12 20.71 28.36
N ASP A 36 55.60 21.23 29.47
CA ASP A 36 54.85 22.48 29.48
C ASP A 36 55.64 23.63 30.09
N SER A 37 56.96 23.47 30.21
CA SER A 37 57.84 24.49 30.78
C SER A 37 57.41 24.87 32.19
N ARG A 38 57.12 23.86 33.00
CA ARG A 38 56.67 24.03 34.38
C ARG A 38 57.60 23.27 35.30
N THR A 39 58.34 23.99 36.14
CA THR A 39 59.25 23.36 37.08
C THR A 39 58.49 22.97 38.35
N ALA A 40 59.23 22.41 39.32
CA ALA A 40 58.62 22.01 40.58
C ALA A 40 58.08 23.20 41.36
N LEU A 41 58.62 24.40 41.13
CA LEU A 41 58.11 25.58 41.82
C LEU A 41 56.70 25.92 41.35
N HIS A 42 56.41 25.71 40.07
CA HIS A 42 55.08 26.00 39.56
C HIS A 42 54.04 24.99 40.07
N TRP A 43 54.45 23.74 40.26
CA TRP A 43 53.53 22.73 40.77
C TRP A 43 53.32 22.88 42.27
N ALA A 44 54.38 23.24 43.00
CA ALA A 44 54.26 23.43 44.44
C ALA A 44 53.60 24.75 44.80
N CYS A 45 53.64 25.74 43.89
CA CYS A 45 52.87 26.96 44.11
C CYS A 45 51.43 26.79 43.65
N SER A 46 51.21 26.01 42.59
CA SER A 46 49.84 25.70 42.18
C SER A 46 49.14 24.81 43.19
N ALA A 47 49.90 24.01 43.93
CA ALA A 47 49.33 23.18 44.99
C ALA A 47 49.27 23.90 46.33
N GLY A 48 50.08 24.95 46.53
CA GLY A 48 50.02 25.71 47.75
C GLY A 48 50.83 25.15 48.90
N HIS A 49 51.81 24.29 48.63
CA HIS A 49 52.64 23.73 49.69
C HIS A 49 53.68 24.74 50.16
N THR A 50 53.79 24.92 51.47
CA THR A 50 54.70 25.91 52.04
C THR A 50 56.12 25.37 52.17
N GLU A 51 56.26 24.17 52.77
CA GLU A 51 57.60 23.66 53.05
C GLU A 51 58.37 23.34 51.77
N ILE A 52 57.68 22.87 50.73
CA ILE A 52 58.37 22.50 49.50
C ILE A 52 58.92 23.74 48.81
N VAL A 53 58.13 24.82 48.74
CA VAL A 53 58.63 26.05 48.16
C VAL A 53 59.64 26.73 49.07
N GLU A 54 59.61 26.44 50.38
CA GLU A 54 60.66 26.94 51.26
C GLU A 54 61.97 26.21 51.02
N PHE A 55 61.91 24.93 50.65
CA PHE A 55 63.11 24.20 50.31
C PHE A 55 63.65 24.59 48.93
N LEU A 56 62.77 24.71 47.94
CA LEU A 56 63.20 25.09 46.60
C LEU A 56 63.71 26.52 46.58
N LEU A 57 63.00 27.44 47.21
CA LEU A 57 63.48 28.82 47.31
C LEU A 57 64.63 28.96 48.29
N GLN A 58 64.79 28.01 49.22
CA GLN A 58 65.95 28.02 50.09
C GLN A 58 67.22 27.62 49.33
N LEU A 59 67.11 26.65 48.43
CA LEU A 59 68.25 26.29 47.59
C LEU A 59 68.59 27.41 46.61
N GLY A 60 67.64 28.28 46.29
CA GLY A 60 67.89 29.40 45.41
C GLY A 60 67.43 29.17 43.99
N VAL A 61 66.22 28.66 43.82
CA VAL A 61 65.66 28.50 42.47
C VAL A 61 65.28 29.88 41.93
N PRO A 62 65.51 30.15 40.64
CA PRO A 62 65.13 31.46 40.08
C PRO A 62 63.63 31.69 40.21
N VAL A 63 63.27 32.80 40.84
CA VAL A 63 61.87 33.13 41.07
C VAL A 63 61.18 33.60 39.79
N ASN A 64 61.94 34.10 38.82
CA ASN A 64 61.39 34.64 37.59
C ASN A 64 61.30 33.62 36.46
N ASP A 65 61.33 32.32 36.80
CA ASP A 65 61.23 31.27 35.79
C ASP A 65 59.82 31.28 35.19
N LYS A 66 59.72 31.73 33.95
CA LYS A 66 58.44 31.79 33.24
C LYS A 66 58.25 30.55 32.38
N ASP A 67 57.00 30.18 32.17
CA ASP A 67 56.65 29.04 31.33
C ASP A 67 56.67 29.47 29.85
N ASP A 68 56.13 28.62 28.98
CA ASP A 68 56.10 28.95 27.55
C ASP A 68 55.26 30.19 27.29
N ALA A 69 54.11 30.31 27.97
CA ALA A 69 53.26 31.48 27.79
C ALA A 69 53.84 32.72 28.46
N GLY A 70 54.47 32.53 29.62
CA GLY A 70 55.07 33.65 30.33
C GLY A 70 54.49 33.84 31.72
N TRP A 71 53.86 32.80 32.25
CA TRP A 71 53.21 32.88 33.57
C TRP A 71 54.27 32.75 34.65
N SER A 72 54.58 33.86 35.32
CA SER A 72 55.51 33.82 36.44
C SER A 72 54.85 33.19 37.65
N PRO A 73 55.65 32.62 38.57
CA PRO A 73 55.07 32.04 39.78
C PRO A 73 54.38 33.05 40.68
N LEU A 74 54.67 34.34 40.53
CA LEU A 74 54.01 35.35 41.35
C LEU A 74 52.54 35.50 40.97
N HIS A 75 52.19 35.20 39.72
CA HIS A 75 50.78 35.10 39.36
C HIS A 75 50.13 33.89 40.02
N ILE A 76 50.88 32.81 40.18
CA ILE A 76 50.34 31.59 40.79
C ILE A 76 50.09 31.80 42.28
N ALA A 77 51.02 32.49 42.95
CA ALA A 77 50.83 32.77 44.37
C ALA A 77 49.82 33.89 44.60
N ALA A 78 49.77 34.87 43.69
CA ALA A 78 48.81 35.95 43.82
C ALA A 78 47.38 35.45 43.64
N SER A 79 47.13 34.72 42.54
CA SER A 79 45.81 34.11 42.34
C SER A 79 45.56 32.95 43.30
N ALA A 80 46.61 32.39 43.90
CA ALA A 80 46.47 31.20 44.73
C ALA A 80 45.81 31.49 46.06
N GLY A 81 45.79 32.75 46.50
CA GLY A 81 45.24 33.07 47.80
C GLY A 81 46.09 32.67 48.98
N ARG A 82 47.29 32.14 48.73
CA ARG A 82 48.20 31.72 49.80
C ARG A 82 49.09 32.89 50.18
N ASP A 83 48.86 33.47 51.35
CA ASP A 83 49.64 34.63 51.78
C ASP A 83 51.10 34.26 51.99
N GLU A 84 51.36 33.09 52.57
CA GLU A 84 52.74 32.71 52.88
C GLU A 84 53.57 32.51 51.62
N ILE A 85 52.97 31.99 50.54
CA ILE A 85 53.71 31.80 49.31
C ILE A 85 54.04 33.15 48.68
N VAL A 86 53.15 34.14 48.84
CA VAL A 86 53.46 35.49 48.38
C VAL A 86 54.57 36.10 49.24
N LYS A 87 54.58 35.77 50.53
CA LYS A 87 55.67 36.23 51.40
C LYS A 87 57.01 35.63 50.96
N ALA A 88 56.99 34.37 50.53
CA ALA A 88 58.24 33.73 50.11
C ALA A 88 58.71 34.26 48.75
N LEU A 89 57.79 34.36 47.78
CA LEU A 89 58.18 34.81 46.45
C LEU A 89 58.60 36.28 46.46
N LEU A 90 57.85 37.12 47.16
CA LEU A 90 58.27 38.52 47.31
C LEU A 90 59.51 38.63 48.18
N GLY A 91 59.72 37.68 49.09
CA GLY A 91 60.94 37.67 49.87
C GLY A 91 62.16 37.36 49.03
N LYS A 92 61.99 36.51 48.02
CA LYS A 92 63.09 36.19 47.10
C LYS A 92 63.32 37.26 46.04
N GLY A 93 62.39 38.20 45.89
CA GLY A 93 62.55 39.27 44.92
C GLY A 93 61.84 39.03 43.61
N ALA A 94 60.57 38.64 43.67
CA ALA A 94 59.80 38.40 42.48
C ALA A 94 59.44 39.73 41.79
N GLN A 95 59.24 39.67 40.48
CA GLN A 95 58.88 40.85 39.70
C GLN A 95 57.40 41.13 39.92
N VAL A 96 57.11 42.22 40.63
CA VAL A 96 55.72 42.58 40.95
C VAL A 96 54.94 42.95 39.70
N ASN A 97 55.61 43.31 38.62
CA ASN A 97 54.96 43.69 37.36
C ASN A 97 55.39 42.77 36.23
N ALA A 98 55.45 41.46 36.50
CA ALA A 98 55.82 40.50 35.48
C ALA A 98 54.75 40.40 34.42
N VAL A 99 55.18 40.26 33.16
CA VAL A 99 54.27 40.18 32.03
C VAL A 99 53.97 38.71 31.74
N ASN A 100 52.69 38.35 31.76
CA ASN A 100 52.24 37.01 31.45
C ASN A 100 51.89 36.91 29.96
N GLN A 101 51.19 35.84 29.58
CA GLN A 101 50.80 35.65 28.19
C GLN A 101 50.00 36.82 27.65
N ASN A 102 48.95 37.22 28.36
CA ASN A 102 48.08 38.30 27.92
C ASN A 102 48.47 39.65 28.50
N GLY A 103 49.72 39.81 28.94
CA GLY A 103 50.21 41.09 29.40
C GLY A 103 49.67 41.56 30.73
N CYS A 104 48.96 40.71 31.47
CA CYS A 104 48.42 41.10 32.76
C CYS A 104 49.51 41.07 33.83
N THR A 105 49.15 41.50 35.03
CA THR A 105 50.03 41.56 36.18
C THR A 105 49.43 40.75 37.33
N PRO A 106 50.23 40.38 38.33
CA PRO A 106 49.68 39.65 39.48
C PRO A 106 48.63 40.44 40.25
N LEU A 107 48.52 41.74 40.03
CA LEU A 107 47.47 42.52 40.71
C LEU A 107 46.09 42.13 40.22
N HIS A 108 45.95 41.82 38.94
CA HIS A 108 44.65 41.44 38.39
C HIS A 108 44.17 40.12 38.99
N TYR A 109 45.07 39.16 39.14
CA TYR A 109 44.70 37.83 39.61
C TYR A 109 44.63 37.74 41.13
N ALA A 110 45.46 38.50 41.84
CA ALA A 110 45.26 38.65 43.27
C ALA A 110 43.95 39.39 43.56
N ALA A 111 43.60 40.35 42.70
CA ALA A 111 42.30 41.01 42.83
C ALA A 111 41.16 40.06 42.48
N SER A 112 41.41 39.09 41.60
CA SER A 112 40.36 38.14 41.23
C SER A 112 39.91 37.30 42.42
N LYS A 113 40.85 36.92 43.29
CA LYS A 113 40.55 36.11 44.45
C LYS A 113 40.10 36.94 45.64
N ASN A 114 40.11 38.28 45.52
CA ASN A 114 39.70 39.19 46.59
C ASN A 114 40.56 38.98 47.84
N ARG A 115 41.85 38.73 47.63
CA ARG A 115 42.80 38.56 48.73
C ARG A 115 43.44 39.91 49.03
N HIS A 116 43.07 40.49 50.17
CA HIS A 116 43.57 41.83 50.52
C HIS A 116 45.04 41.78 50.92
N GLU A 117 45.44 40.73 51.64
CA GLU A 117 46.83 40.65 52.10
C GLU A 117 47.80 40.58 50.94
N ILE A 118 47.48 39.76 49.92
CA ILE A 118 48.36 39.65 48.76
C ILE A 118 48.43 40.98 48.02
N ALA A 119 47.32 41.69 47.92
CA ALA A 119 47.33 42.99 47.26
C ALA A 119 48.17 44.00 48.02
N VAL A 120 48.14 43.95 49.35
CA VAL A 120 48.96 44.84 50.16
C VAL A 120 50.44 44.49 50.00
N MET A 121 50.75 43.20 49.94
CA MET A 121 52.15 42.78 49.80
C MET A 121 52.70 43.14 48.44
N LEU A 122 51.90 42.98 47.38
CA LEU A 122 52.37 43.28 46.03
C LEU A 122 52.44 44.79 45.81
N LEU A 123 51.37 45.51 46.09
CA LEU A 123 51.36 46.95 45.91
C LEU A 123 52.32 47.66 46.85
N GLU A 124 52.66 47.05 47.98
CA GLU A 124 53.64 47.65 48.89
C GLU A 124 55.04 47.54 48.32
N GLY A 125 55.35 46.43 47.66
CA GLY A 125 56.67 46.24 47.07
C GLY A 125 56.98 47.13 45.89
N GLY A 126 55.97 47.78 45.31
CA GLY A 126 56.19 48.67 44.19
C GLY A 126 55.41 48.29 42.94
N ALA A 127 54.31 47.57 43.12
CA ALA A 127 53.47 47.19 41.99
C ALA A 127 52.72 48.41 41.47
N ASN A 128 52.52 48.45 40.15
CA ASN A 128 51.82 49.56 39.53
C ASN A 128 50.33 49.46 39.82
N PRO A 129 49.72 50.45 40.48
CA PRO A 129 48.27 50.38 40.70
C PRO A 129 47.46 50.49 39.42
N ASP A 130 47.98 51.18 38.41
CA ASP A 130 47.29 51.36 37.14
C ASP A 130 47.90 50.49 36.04
N ALA A 131 48.33 49.27 36.40
CA ALA A 131 48.93 48.37 35.43
C ALA A 131 47.90 47.92 34.41
N LYS A 132 48.13 48.24 33.14
CA LYS A 132 47.20 47.90 32.07
C LYS A 132 47.69 46.69 31.30
N ASP A 133 46.74 45.87 30.84
CA ASP A 133 47.04 44.67 30.09
C ASP A 133 47.02 44.97 28.59
N HIS A 134 47.00 43.92 27.77
CA HIS A 134 46.93 44.11 26.32
C HIS A 134 45.63 44.80 25.91
N TYR A 135 44.54 44.55 26.64
CA TYR A 135 43.26 45.18 26.36
C TYR A 135 43.07 46.49 27.12
N GLU A 136 44.15 47.05 27.67
CA GLU A 136 44.11 48.33 28.38
C GLU A 136 43.11 48.30 29.53
N ALA A 137 43.14 47.21 30.29
CA ALA A 137 42.24 47.01 31.42
C ALA A 137 43.07 46.77 32.68
N THR A 138 42.68 47.43 33.77
CA THR A 138 43.36 47.30 35.04
C THR A 138 42.58 46.34 35.95
N ALA A 139 43.07 46.19 37.19
CA ALA A 139 42.42 45.31 38.14
C ALA A 139 41.04 45.82 38.56
N MET A 140 40.80 47.13 38.44
CA MET A 140 39.50 47.67 38.82
C MET A 140 38.40 47.23 37.86
N HIS A 141 38.73 47.01 36.59
CA HIS A 141 37.73 46.55 35.63
C HIS A 141 37.26 45.15 35.96
N ARG A 142 38.16 44.28 36.41
CA ARG A 142 37.79 42.90 36.69
C ARG A 142 37.20 42.75 38.08
N ALA A 143 37.82 43.38 39.08
CA ALA A 143 37.25 43.39 40.42
C ALA A 143 35.85 44.00 40.41
N ALA A 144 35.67 45.07 39.65
CA ALA A 144 34.32 45.62 39.45
C ALA A 144 33.48 44.70 38.58
N ALA A 145 34.11 43.91 37.72
CA ALA A 145 33.37 42.98 36.87
C ALA A 145 32.82 41.80 37.65
N LYS A 146 33.35 41.54 38.85
CA LYS A 146 32.77 40.52 39.73
C LYS A 146 32.11 41.11 40.97
N GLY A 147 32.57 42.26 41.46
CA GLY A 147 31.95 42.89 42.60
C GLY A 147 32.86 42.97 43.82
N ASN A 148 34.17 43.05 43.59
CA ASN A 148 35.14 43.16 44.69
C ASN A 148 35.23 44.62 45.10
N LEU A 149 34.35 45.02 46.01
CA LEU A 149 34.33 46.42 46.46
C LEU A 149 35.56 46.75 47.30
N LYS A 150 35.83 45.94 48.32
CA LYS A 150 36.96 46.22 49.21
C LYS A 150 38.30 46.08 48.51
N MET A 151 38.37 45.26 47.45
CA MET A 151 39.59 45.20 46.66
C MET A 151 39.83 46.50 45.92
N ILE A 152 38.77 47.09 45.36
CA ILE A 152 38.89 48.40 44.73
C ILE A 152 39.23 49.46 45.77
N HIS A 153 38.70 49.32 46.99
CA HIS A 153 38.99 50.29 48.04
C HIS A 153 40.46 50.24 48.45
N ILE A 154 41.00 49.04 48.69
CA ILE A 154 42.40 48.93 49.01
C ILE A 154 43.28 49.26 47.81
N LEU A 155 42.73 49.18 46.60
CA LEU A 155 43.42 49.75 45.45
C LEU A 155 43.45 51.27 45.52
N LEU A 156 42.41 51.88 46.10
CA LEU A 156 42.39 53.32 46.32
C LEU A 156 43.21 53.74 47.53
N TYR A 157 43.63 52.79 48.38
CA TYR A 157 44.60 53.12 49.42
C TYR A 157 45.98 53.39 48.84
N TYR A 158 46.23 52.98 47.61
CA TYR A 158 47.51 53.22 46.94
C TYR A 158 47.40 54.25 45.83
N LYS A 159 46.33 55.04 45.81
CA LYS A 159 46.13 56.13 44.85
C LYS A 159 46.08 55.59 43.41
N ALA A 160 45.16 54.66 43.19
CA ALA A 160 44.92 54.13 41.86
C ALA A 160 43.94 55.01 41.09
N SER A 161 43.99 54.91 39.77
CA SER A 161 43.10 55.67 38.91
C SER A 161 41.77 54.94 38.74
N THR A 162 40.71 55.73 38.54
CA THR A 162 39.37 55.19 38.37
C THR A 162 38.78 55.47 36.99
N ASN A 163 39.61 55.86 36.02
CA ASN A 163 39.13 56.23 34.69
C ASN A 163 40.00 55.60 33.61
N ILE A 164 40.38 54.33 33.79
CA ILE A 164 41.17 53.64 32.80
C ILE A 164 40.27 53.24 31.63
N GLN A 165 40.62 53.70 30.43
CA GLN A 165 39.84 53.37 29.24
C GLN A 165 40.13 51.95 28.81
N ASP A 166 39.09 51.13 28.69
CA ASP A 166 39.23 49.75 28.27
C ASP A 166 39.49 49.69 26.76
N THR A 167 39.64 48.47 26.23
CA THR A 167 39.84 48.29 24.81
C THR A 167 38.63 48.73 24.00
N GLU A 168 37.46 48.83 24.62
CA GLU A 168 36.27 49.34 23.98
C GLU A 168 35.97 50.78 24.37
N GLY A 169 36.80 51.38 25.22
CA GLY A 169 36.58 52.73 25.69
C GLY A 169 35.74 52.83 26.95
N ASN A 170 35.68 51.77 27.74
CA ASN A 170 34.84 51.73 28.94
C ASN A 170 35.69 52.01 30.18
N THR A 171 35.28 53.00 30.96
CA THR A 171 35.92 53.29 32.23
C THR A 171 35.47 52.28 33.27
N PRO A 172 36.15 52.20 34.42
CA PRO A 172 35.66 51.31 35.49
C PRO A 172 34.24 51.63 35.94
N LEU A 173 33.79 52.87 35.76
CA LEU A 173 32.41 53.22 36.07
C LEU A 173 31.44 52.54 35.10
N HIS A 174 31.85 52.41 33.83
CA HIS A 174 31.02 51.72 32.85
C HIS A 174 30.80 50.27 33.24
N LEU A 175 31.85 49.59 33.70
CA LEU A 175 31.71 48.19 34.11
C LEU A 175 31.00 48.07 35.45
N ALA A 176 31.18 49.06 36.34
CA ALA A 176 30.46 49.03 37.61
C ALA A 176 28.96 49.20 37.38
N CYS A 177 28.56 50.10 36.48
CA CYS A 177 27.15 50.26 36.15
C CYS A 177 26.63 49.07 35.36
N ASP A 178 27.49 48.45 34.53
CA ASP A 178 27.07 47.28 33.77
C ASP A 178 26.85 46.08 34.69
N GLU A 179 27.61 45.99 35.78
CA GLU A 179 27.44 44.92 36.75
C GLU A 179 26.29 45.18 37.71
N GLU A 180 25.60 46.32 37.57
CA GLU A 180 24.47 46.67 38.42
C GLU A 180 24.88 46.79 39.89
N ARG A 181 26.06 47.36 40.12
CA ARG A 181 26.56 47.60 41.47
C ARG A 181 26.31 49.05 41.82
N VAL A 182 25.35 49.29 42.72
CA VAL A 182 24.96 50.65 43.07
C VAL A 182 25.99 51.27 44.01
N GLU A 183 26.37 50.55 45.06
CA GLU A 183 27.32 51.10 46.03
C GLU A 183 28.69 51.30 45.40
N GLU A 184 29.08 50.41 44.49
CA GLU A 184 30.38 50.55 43.84
C GLU A 184 30.39 51.74 42.89
N ALA A 185 29.28 51.98 42.19
CA ALA A 185 29.19 53.14 41.31
C ALA A 185 29.17 54.44 42.11
N LYS A 186 28.42 54.47 43.22
CA LYS A 186 28.40 55.67 44.05
C LYS A 186 29.75 55.92 44.71
N LEU A 187 30.50 54.86 45.02
CA LEU A 187 31.80 55.05 45.64
C LEU A 187 32.84 55.50 44.62
N LEU A 188 32.83 54.91 43.42
CA LEU A 188 33.76 55.34 42.38
C LEU A 188 33.46 56.77 41.95
N VAL A 189 32.19 57.12 41.79
CA VAL A 189 31.82 58.49 41.44
C VAL A 189 32.22 59.44 42.56
N SER A 190 31.93 59.06 43.80
CA SER A 190 32.30 59.91 44.94
C SER A 190 33.80 60.02 45.12
N GLN A 191 34.59 59.11 44.52
CA GLN A 191 36.03 59.13 44.66
C GLN A 191 36.75 59.61 43.40
N GLY A 192 36.02 60.11 42.40
CA GLY A 192 36.67 60.73 41.27
C GLY A 192 36.43 60.08 39.92
N ALA A 193 35.29 59.42 39.74
CA ALA A 193 34.98 58.82 38.45
C ALA A 193 34.40 59.87 37.50
N SER A 194 34.63 59.65 36.21
CA SER A 194 34.17 60.57 35.17
C SER A 194 32.95 59.98 34.47
N ILE A 195 31.88 60.77 34.38
CA ILE A 195 30.66 60.35 33.72
C ILE A 195 30.55 60.88 32.30
N TYR A 196 31.54 61.66 31.84
CA TYR A 196 31.48 62.26 30.52
C TYR A 196 32.24 61.47 29.46
N ILE A 197 33.11 60.54 29.86
CA ILE A 197 33.85 59.75 28.90
C ILE A 197 32.92 58.74 28.23
N GLU A 198 33.04 58.61 26.91
CA GLU A 198 32.22 57.70 26.13
C GLU A 198 33.07 56.60 25.54
N ASN A 199 32.44 55.45 25.29
CA ASN A 199 33.11 54.29 24.74
C ASN A 199 32.98 54.28 23.21
N LYS A 200 33.38 53.18 22.58
CA LYS A 200 33.24 53.05 21.13
C LYS A 200 31.79 52.97 20.70
N GLU A 201 30.88 52.56 21.58
CA GLU A 201 29.46 52.49 21.28
C GLU A 201 28.74 53.81 21.48
N GLU A 202 29.47 54.87 21.88
CA GLU A 202 28.90 56.20 22.07
C GLU A 202 27.78 56.18 23.12
N LYS A 203 28.06 55.57 24.26
CA LYS A 203 27.09 55.46 25.34
C LYS A 203 27.72 55.96 26.64
N THR A 204 27.08 56.93 27.27
CA THR A 204 27.54 57.46 28.54
C THR A 204 27.18 56.50 29.68
N PRO A 205 27.88 56.59 30.82
CA PRO A 205 27.52 55.74 31.96
C PRO A 205 26.09 55.93 32.44
N LEU A 206 25.48 57.09 32.17
CA LEU A 206 24.07 57.29 32.53
C LEU A 206 23.17 56.42 31.66
N GLN A 207 23.44 56.35 30.36
CA GLN A 207 22.62 55.55 29.46
C GLN A 207 22.82 54.05 29.71
N VAL A 208 24.02 53.63 30.11
CA VAL A 208 24.28 52.23 30.36
C VAL A 208 23.51 51.74 31.59
N ALA A 209 23.31 52.61 32.57
CA ALA A 209 22.58 52.25 33.77
C ALA A 209 21.09 52.23 33.48
N LYS A 210 20.41 51.18 33.97
CA LYS A 210 18.98 51.02 33.77
C LYS A 210 18.22 51.36 35.04
N GLY A 211 16.91 51.57 34.88
CA GLY A 211 16.06 51.90 36.00
C GLY A 211 16.25 53.31 36.55
N GLY A 212 16.65 54.25 35.70
CA GLY A 212 16.84 55.62 36.15
C GLY A 212 18.02 55.81 37.08
N LEU A 213 19.03 54.94 37.02
CA LEU A 213 20.18 55.06 37.90
C LEU A 213 21.14 56.16 37.46
N GLY A 214 21.03 56.61 36.20
CA GLY A 214 21.86 57.72 35.76
C GLY A 214 21.47 59.03 36.39
N LEU A 215 20.21 59.18 36.79
CA LEU A 215 19.77 60.40 37.45
C LEU A 215 20.38 60.54 38.83
N ILE A 216 20.53 59.43 39.56
CA ILE A 216 21.22 59.49 40.84
C ILE A 216 22.73 59.45 40.66
N LEU A 217 23.22 58.94 39.53
CA LEU A 217 24.64 59.07 39.20
C LEU A 217 25.03 60.54 39.07
N LYS A 218 24.38 61.24 38.13
CA LYS A 218 24.67 62.66 37.95
C LYS A 218 24.23 63.48 39.15
N ARG A 219 23.20 63.03 39.86
CA ARG A 219 22.82 63.68 41.11
C ARG A 219 23.95 63.63 42.13
N MET A 220 24.60 62.48 42.25
CA MET A 220 25.76 62.37 43.14
C MET A 220 26.99 63.06 42.56
N VAL A 221 27.02 63.30 41.24
CA VAL A 221 28.12 64.07 40.66
C VAL A 221 27.99 65.53 41.05
N GLU A 222 26.79 66.10 40.91
CA GLU A 222 26.56 67.49 41.27
C GLU A 222 26.43 67.70 42.77
N GLY A 223 26.10 66.65 43.53
CA GLY A 223 25.96 66.76 44.96
C GLY A 223 27.20 66.34 45.73
N ALA B 1 0.85 19.34 -48.23
CA ALA B 1 -0.03 18.30 -48.75
C ALA B 1 0.37 17.79 -50.15
N PRO B 2 0.77 18.67 -51.07
CA PRO B 2 1.30 18.19 -52.36
C PRO B 2 2.53 17.33 -52.19
N PRO B 3 3.46 17.65 -51.28
CA PRO B 3 4.55 16.69 -51.02
C PRO B 3 4.08 15.40 -50.38
N ALA B 4 3.02 15.46 -49.57
CA ALA B 4 2.49 14.27 -48.91
C ALA B 4 1.56 13.46 -49.80
N LEU B 5 1.32 13.91 -51.05
CA LEU B 5 0.44 13.17 -51.94
C LEU B 5 1.14 11.97 -52.56
N TRP B 6 2.29 12.20 -53.20
CA TRP B 6 3.03 11.10 -53.81
C TRP B 6 3.59 10.16 -52.75
N ASP B 7 4.01 10.69 -51.60
CA ASP B 7 4.46 9.83 -50.51
C ASP B 7 3.30 9.14 -49.82
N LEU B 8 2.13 9.78 -49.77
CA LEU B 8 0.95 9.12 -49.24
C LEU B 8 0.54 7.95 -50.12
N ALA B 9 0.64 8.11 -51.45
CA ALA B 9 0.42 6.99 -52.35
C ALA B 9 1.56 5.98 -52.28
N ALA B 10 2.75 6.41 -51.88
CA ALA B 10 3.90 5.53 -51.67
C ALA B 10 3.96 4.99 -50.25
N ASP B 11 2.91 5.17 -49.47
CA ASP B 11 2.84 4.66 -48.10
C ASP B 11 2.25 3.25 -48.03
N LYS B 12 1.82 2.68 -49.17
CA LYS B 12 1.25 1.34 -49.16
C LYS B 12 2.30 0.30 -48.81
N GLN B 13 3.46 0.35 -49.47
CA GLN B 13 4.52 -0.61 -49.19
C GLN B 13 5.18 -0.39 -47.85
N THR B 14 4.86 0.69 -47.14
CA THR B 14 5.41 0.91 -45.80
C THR B 14 4.80 -0.04 -44.78
N LEU B 15 3.64 -0.62 -45.07
CA LEU B 15 3.06 -1.61 -44.17
C LEU B 15 3.75 -2.96 -44.32
N GLN B 16 4.02 -3.39 -45.56
CA GLN B 16 4.78 -4.61 -45.78
C GLN B 16 6.26 -4.42 -45.47
N SER B 17 6.73 -3.18 -45.42
CA SER B 17 8.10 -2.87 -45.01
C SER B 17 8.19 -2.45 -43.55
N GLU B 18 7.07 -2.44 -42.83
CA GLU B 18 7.08 -2.08 -41.42
C GLU B 18 7.58 -3.23 -40.54
N GLN B 19 7.41 -4.47 -40.99
CA GLN B 19 7.88 -5.63 -40.24
C GLN B 19 9.40 -5.65 -40.11
N PRO B 20 10.17 -5.34 -41.16
CA PRO B 20 11.61 -5.17 -40.98
C PRO B 20 11.95 -3.76 -40.53
N LEU B 21 13.20 -3.60 -40.10
CA LEU B 21 13.78 -2.31 -39.71
C LEU B 21 13.08 -1.74 -38.47
N GLN B 22 12.17 -2.52 -37.87
CA GLN B 22 11.46 -2.07 -36.68
C GLN B 22 12.33 -2.12 -35.43
N VAL B 23 13.49 -2.77 -35.48
CA VAL B 23 14.29 -3.03 -34.29
C VAL B 23 15.01 -1.76 -33.87
N ALA B 24 14.87 -1.40 -32.60
CA ALA B 24 15.55 -0.22 -32.06
C ALA B 24 15.67 -0.37 -30.55
N ARG B 25 16.87 -0.61 -30.06
CA ARG B 25 17.14 -0.70 -28.62
C ARG B 25 17.86 0.54 -28.09
N CYS B 26 17.46 1.72 -28.56
CA CYS B 26 18.00 3.00 -28.09
C CYS B 26 19.48 3.16 -28.42
N THR B 27 19.96 2.38 -29.41
CA THR B 27 21.33 2.47 -29.92
C THR B 27 22.35 2.41 -28.79
N LYS B 28 22.35 1.28 -28.08
CA LYS B 28 23.27 1.10 -26.96
C LYS B 28 24.70 0.89 -27.47
N ILE B 29 25.65 1.54 -26.80
CA ILE B 29 27.06 1.50 -27.18
C ILE B 29 27.78 0.46 -26.32
N ILE B 30 28.73 -0.25 -26.92
CA ILE B 30 29.49 -1.27 -26.23
C ILE B 30 30.63 -0.62 -25.46
N ASN B 31 31.28 -1.39 -24.57
CA ASN B 31 32.42 -0.91 -23.81
C ASN B 31 33.71 -1.62 -24.20
N ALA B 32 33.72 -2.95 -24.15
CA ALA B 32 34.89 -3.73 -24.51
C ALA B 32 34.42 -5.08 -25.03
N ASP B 33 35.35 -6.02 -25.15
CA ASP B 33 35.03 -7.38 -25.59
C ASP B 33 36.04 -8.34 -24.97
N SER B 34 35.57 -9.19 -24.06
CA SER B 34 36.44 -10.20 -23.47
C SER B 34 36.68 -11.33 -24.45
N GLU B 35 35.63 -11.84 -25.07
CA GLU B 35 35.73 -12.92 -26.03
C GLU B 35 34.83 -12.58 -27.22
N ASP B 36 35.07 -13.27 -28.34
CA ASP B 36 34.32 -12.96 -29.55
C ASP B 36 32.82 -13.28 -29.48
N PRO B 37 32.35 -14.37 -28.82
CA PRO B 37 30.90 -14.58 -28.73
C PRO B 37 30.17 -13.52 -27.90
N LYS B 38 30.62 -13.31 -26.67
CA LYS B 38 29.93 -12.45 -25.72
C LYS B 38 30.51 -11.05 -25.75
N TYR B 39 29.64 -10.05 -25.89
CA TYR B 39 30.03 -8.65 -25.94
C TYR B 39 29.34 -7.89 -24.81
N ILE B 40 30.11 -7.17 -24.01
CA ILE B 40 29.58 -6.37 -22.92
C ILE B 40 29.15 -5.03 -23.46
N ILE B 41 27.85 -4.70 -23.30
CA ILE B 41 27.27 -3.48 -23.83
C ILE B 41 26.61 -2.73 -22.69
N ASN B 42 26.59 -1.40 -22.80
CA ASN B 42 25.96 -0.54 -21.81
C ASN B 42 25.01 0.41 -22.51
N VAL B 43 23.73 0.39 -22.12
CA VAL B 43 22.72 1.27 -22.68
C VAL B 43 22.82 2.63 -22.00
N LYS B 44 22.18 3.65 -22.59
CA LYS B 44 22.22 4.99 -22.02
C LYS B 44 21.47 5.07 -20.69
N GLN B 45 20.62 4.10 -20.39
CA GLN B 45 19.87 4.05 -19.14
C GLN B 45 20.69 3.46 -17.99
N PHE B 46 22.02 3.42 -18.12
CA PHE B 46 22.92 2.91 -17.08
C PHE B 46 22.63 1.44 -16.76
N ALA B 47 22.26 0.69 -17.79
CA ALA B 47 22.00 -0.75 -17.68
C ALA B 47 22.95 -1.49 -18.60
N LYS B 48 23.87 -2.26 -18.02
CA LYS B 48 24.84 -3.02 -18.79
C LYS B 48 24.22 -4.31 -19.30
N PHE B 49 24.31 -4.53 -20.61
CA PHE B 49 23.73 -5.71 -21.25
C PHE B 49 24.83 -6.53 -21.92
N VAL B 50 24.53 -7.82 -22.11
CA VAL B 50 25.44 -8.75 -22.77
C VAL B 50 24.64 -9.59 -23.76
N VAL B 51 25.11 -9.65 -25.01
CA VAL B 51 24.45 -10.42 -26.05
C VAL B 51 25.50 -10.93 -27.02
N ASP B 52 25.15 -12.01 -27.72
CA ASP B 52 26.04 -12.58 -28.73
C ASP B 52 25.90 -11.83 -30.05
N LEU B 53 26.94 -11.90 -30.87
CA LEU B 53 26.94 -11.23 -32.16
C LEU B 53 26.08 -12.00 -33.16
N SER B 54 25.39 -11.25 -34.02
CA SER B 54 24.54 -11.84 -35.03
C SER B 54 25.37 -12.28 -36.24
N ASP B 55 24.70 -12.93 -37.19
CA ASP B 55 25.36 -13.40 -38.41
C ASP B 55 25.40 -12.36 -39.52
N GLN B 56 24.68 -11.26 -39.36
CA GLN B 56 24.65 -10.21 -40.39
C GLN B 56 25.76 -9.18 -40.24
N VAL B 57 26.44 -9.15 -39.09
CA VAL B 57 27.51 -8.20 -38.83
C VAL B 57 28.79 -8.98 -38.59
N ALA B 58 29.85 -8.63 -39.31
CA ALA B 58 31.13 -9.29 -39.16
C ALA B 58 31.82 -8.85 -37.87
N PRO B 59 32.59 -9.74 -37.24
CA PRO B 59 33.29 -9.36 -36.00
C PRO B 59 34.40 -8.35 -36.22
N THR B 60 34.94 -8.24 -37.44
CA THR B 60 35.99 -7.27 -37.71
C THR B 60 35.46 -5.85 -37.86
N ASP B 61 34.16 -5.67 -38.01
CA ASP B 61 33.54 -4.36 -38.15
C ASP B 61 33.12 -3.76 -36.82
N ILE B 62 33.46 -4.41 -35.70
CA ILE B 62 33.08 -3.92 -34.38
C ILE B 62 34.22 -3.07 -33.83
N GLU B 63 33.89 -1.87 -33.35
CA GLU B 63 34.86 -0.95 -32.79
C GLU B 63 34.53 -0.68 -31.33
N GLU B 64 35.57 -0.37 -30.56
CA GLU B 64 35.40 -0.09 -29.14
C GLU B 64 34.59 1.20 -28.96
N GLY B 65 33.44 1.09 -28.29
CA GLY B 65 32.58 2.23 -28.10
C GLY B 65 31.99 2.76 -29.38
N MET B 66 31.27 1.91 -30.11
CA MET B 66 30.69 2.26 -31.40
C MET B 66 29.17 2.16 -31.32
N ARG B 67 28.49 3.23 -31.70
CA ARG B 67 27.03 3.25 -31.71
C ARG B 67 26.53 2.53 -32.95
N VAL B 68 25.83 1.41 -32.75
CA VAL B 68 25.31 0.60 -33.83
C VAL B 68 23.87 0.20 -33.52
N GLY B 69 23.13 -0.13 -34.58
CA GLY B 69 21.77 -0.60 -34.40
C GLY B 69 21.74 -2.00 -33.80
N VAL B 70 20.78 -2.23 -32.92
CA VAL B 70 20.68 -3.50 -32.19
C VAL B 70 19.21 -3.79 -31.93
N ASP B 71 18.85 -5.07 -32.04
CA ASP B 71 17.47 -5.48 -31.84
C ASP B 71 17.05 -5.33 -30.39
N ARG B 72 15.75 -5.14 -30.18
CA ARG B 72 15.15 -5.11 -28.85
C ARG B 72 14.34 -6.35 -28.55
N ASN B 73 14.26 -7.31 -29.48
CA ASN B 73 13.56 -8.57 -29.28
C ASN B 73 14.51 -9.75 -29.24
N LYS B 74 15.35 -9.91 -30.25
CA LYS B 74 16.41 -10.90 -30.23
C LYS B 74 17.70 -10.37 -29.63
N TYR B 75 17.77 -9.06 -29.37
CA TYR B 75 18.89 -8.38 -28.73
C TYR B 75 20.16 -8.38 -29.58
N GLN B 76 20.10 -8.89 -30.81
CA GLN B 76 21.27 -9.00 -31.67
C GLN B 76 21.49 -7.71 -32.45
N ILE B 77 22.69 -7.59 -33.02
CA ILE B 77 23.09 -6.42 -33.79
C ILE B 77 22.70 -6.68 -35.24
N HIS B 78 21.65 -6.01 -35.71
CA HIS B 78 21.17 -6.22 -37.07
C HIS B 78 22.06 -5.53 -38.09
N ILE B 79 22.24 -4.21 -37.95
CA ILE B 79 23.02 -3.43 -38.91
C ILE B 79 23.70 -2.29 -38.18
N PRO B 80 24.96 -2.00 -38.47
CA PRO B 80 25.64 -0.85 -37.86
C PRO B 80 25.27 0.45 -38.58
N LEU B 81 25.89 1.54 -38.14
CA LEU B 81 25.65 2.85 -38.72
C LEU B 81 26.91 3.69 -38.55
N PRO B 82 27.24 4.52 -39.54
CA PRO B 82 28.48 5.32 -39.46
C PRO B 82 28.48 6.29 -38.29
N PRO B 83 27.40 7.06 -38.07
CA PRO B 83 27.56 7.97 -36.93
C PRO B 83 27.43 7.27 -35.57
N PRO B 87 31.02 14.56 -31.97
CA PRO B 87 30.51 15.90 -31.73
C PRO B 87 30.64 16.80 -32.96
N THR B 88 29.92 17.92 -32.97
CA THR B 88 29.97 18.84 -34.10
C THR B 88 31.27 19.63 -34.14
N VAL B 89 32.02 19.68 -33.04
CA VAL B 89 33.27 20.41 -33.02
C VAL B 89 34.35 19.67 -33.81
N THR B 90 34.24 18.34 -33.91
CA THR B 90 35.24 17.55 -34.63
C THR B 90 35.20 17.87 -36.11
N MET B 91 34.05 17.66 -36.76
CA MET B 91 33.90 18.05 -38.15
C MET B 91 33.91 19.56 -38.33
N MET B 92 33.60 20.31 -37.27
CA MET B 92 33.70 21.77 -37.33
C MET B 92 35.15 22.22 -37.41
N GLN B 93 36.08 21.43 -36.88
CA GLN B 93 37.48 21.80 -36.82
C GLN B 93 38.24 21.45 -38.10
N VAL B 94 37.55 20.97 -39.12
CA VAL B 94 38.21 20.63 -40.38
C VAL B 94 38.60 21.91 -41.11
N GLU B 95 39.83 21.97 -41.60
CA GLU B 95 40.38 23.18 -42.20
C GLU B 95 41.12 22.82 -43.49
N GLU B 96 40.57 23.22 -44.63
CA GLU B 96 41.25 23.12 -45.92
C GLU B 96 41.10 24.46 -46.63
N LYS B 97 42.03 25.38 -46.40
CA LYS B 97 42.00 26.71 -46.97
C LYS B 97 43.43 27.18 -47.26
N PRO B 98 43.65 27.83 -48.40
CA PRO B 98 44.96 28.42 -48.66
C PRO B 98 45.22 29.60 -47.74
N ASP B 99 46.50 29.82 -47.44
CA ASP B 99 46.88 30.82 -46.45
C ASP B 99 48.33 31.25 -46.71
N VAL B 100 48.95 31.83 -45.69
CA VAL B 100 50.30 32.41 -45.79
C VAL B 100 51.26 31.41 -46.41
N THR B 101 52.03 31.87 -47.40
CA THR B 101 53.03 31.05 -48.06
C THR B 101 54.39 31.22 -47.38
N TYR B 102 55.45 30.73 -48.02
CA TYR B 102 56.79 30.78 -47.45
C TYR B 102 57.37 32.19 -47.40
N SER B 103 56.78 33.14 -48.13
CA SER B 103 57.36 34.48 -48.25
C SER B 103 57.40 35.24 -46.93
N ASP B 104 56.78 34.71 -45.86
CA ASP B 104 56.74 35.39 -44.57
C ASP B 104 57.76 34.82 -43.59
N VAL B 105 58.93 34.42 -44.07
CA VAL B 105 59.99 33.96 -43.17
C VAL B 105 60.40 35.13 -42.26
N GLY B 106 60.33 34.89 -40.95
CA GLY B 106 60.56 35.95 -39.98
C GLY B 106 62.01 36.12 -39.56
N GLY B 107 62.90 36.31 -40.51
CA GLY B 107 64.29 36.61 -40.23
C GLY B 107 65.12 35.46 -39.70
N CYS B 108 64.49 34.38 -39.22
CA CYS B 108 65.21 33.24 -38.68
C CYS B 108 65.83 32.47 -39.84
N LYS B 109 67.12 32.70 -40.09
CA LYS B 109 67.79 32.07 -41.21
C LYS B 109 67.98 30.57 -40.97
N GLU B 110 68.48 30.21 -39.79
CA GLU B 110 68.75 28.81 -39.51
C GLU B 110 67.49 28.05 -39.10
N GLN B 111 66.62 28.70 -38.31
CA GLN B 111 65.42 28.02 -37.82
C GLN B 111 64.49 27.64 -38.96
N ILE B 112 64.35 28.52 -39.96
CA ILE B 112 63.45 28.24 -41.07
C ILE B 112 63.93 27.04 -41.88
N GLU B 113 65.23 26.74 -41.85
CA GLU B 113 65.73 25.51 -42.45
C GLU B 113 65.57 24.33 -41.50
N LYS B 114 65.71 24.57 -40.19
CA LYS B 114 65.53 23.49 -39.21
C LYS B 114 64.12 22.95 -39.26
N LEU B 115 63.13 23.80 -39.52
CA LEU B 115 61.75 23.34 -39.69
C LEU B 115 61.39 23.05 -41.14
N ARG B 116 62.06 23.71 -42.09
CA ARG B 116 61.73 23.47 -43.50
C ARG B 116 62.21 22.10 -43.94
N GLU B 117 63.35 21.65 -43.41
CA GLU B 117 63.85 20.32 -43.76
C GLU B 117 63.02 19.19 -43.15
N VAL B 118 62.09 19.50 -42.26
CA VAL B 118 61.20 18.50 -41.70
C VAL B 118 59.76 18.68 -42.16
N VAL B 119 59.37 19.84 -42.66
CA VAL B 119 58.00 20.07 -43.12
C VAL B 119 57.89 19.94 -44.63
N GLU B 120 58.94 20.28 -45.38
CA GLU B 120 58.89 20.26 -46.84
C GLU B 120 59.68 19.11 -47.45
N THR B 121 60.85 18.78 -46.89
CA THR B 121 61.77 17.84 -47.49
C THR B 121 61.34 16.37 -47.33
N PRO B 122 60.88 15.92 -46.16
CA PRO B 122 60.55 14.50 -46.02
C PRO B 122 59.46 14.02 -46.98
N LEU B 123 58.48 14.88 -47.31
CA LEU B 123 57.45 14.47 -48.25
C LEU B 123 57.98 14.45 -49.68
N LEU B 124 58.86 15.40 -50.02
CA LEU B 124 59.38 15.46 -51.39
C LEU B 124 60.38 14.35 -51.66
N HIS B 125 61.11 13.90 -50.65
CA HIS B 125 62.13 12.86 -50.80
C HIS B 125 61.89 11.77 -49.77
N PRO B 126 60.94 10.86 -50.03
CA PRO B 126 60.72 9.77 -49.07
C PRO B 126 61.83 8.74 -49.09
N GLU B 127 62.38 8.42 -50.25
CA GLU B 127 63.42 7.40 -50.36
C GLU B 127 64.78 7.92 -49.92
N ARG B 128 65.04 9.22 -50.10
CA ARG B 128 66.33 9.77 -49.72
C ARG B 128 66.56 9.70 -48.22
N PHE B 129 65.50 9.86 -47.42
CA PHE B 129 65.63 9.82 -45.97
C PHE B 129 65.58 8.41 -45.40
N VAL B 130 65.03 7.46 -46.14
CA VAL B 130 65.02 6.07 -45.68
C VAL B 130 66.33 5.38 -46.05
N ASN B 131 66.85 5.64 -47.24
CA ASN B 131 68.11 5.04 -47.66
C ASN B 131 69.30 5.79 -47.09
N LEU B 132 69.28 7.13 -47.18
CA LEU B 132 70.39 7.93 -46.67
C LEU B 132 70.52 7.81 -45.16
N GLY B 133 69.42 7.54 -44.46
CA GLY B 133 69.45 7.38 -43.03
C GLY B 133 68.69 6.16 -42.55
N ILE B 134 67.84 6.34 -41.54
CA ILE B 134 67.03 5.25 -41.01
C ILE B 134 65.56 5.64 -41.06
N GLU B 135 65.29 6.94 -41.00
CA GLU B 135 63.94 7.48 -41.15
C GLU B 135 64.05 9.00 -41.25
N PRO B 136 63.04 9.65 -41.83
CA PRO B 136 63.02 11.11 -41.85
C PRO B 136 62.88 11.68 -40.46
N PRO B 137 63.23 12.95 -40.25
CA PRO B 137 63.14 13.54 -38.92
C PRO B 137 61.69 13.64 -38.45
N LYS B 138 61.53 13.87 -37.15
CA LYS B 138 60.21 13.88 -36.53
C LYS B 138 59.52 15.23 -36.71
N GLY B 139 60.10 16.28 -36.16
CA GLY B 139 59.48 17.59 -36.22
C GLY B 139 60.21 18.59 -35.36
N VAL B 140 59.62 19.78 -35.27
CA VAL B 140 60.18 20.88 -34.49
C VAL B 140 59.19 21.30 -33.42
N LEU B 141 59.55 22.33 -32.65
CA LEU B 141 58.73 22.77 -31.52
C LEU B 141 58.83 24.29 -31.43
N LEU B 142 57.79 24.97 -31.89
CA LEU B 142 57.70 26.42 -31.83
C LEU B 142 56.93 26.83 -30.58
N PHE B 143 57.58 27.58 -29.70
CA PHE B 143 56.95 28.05 -28.47
C PHE B 143 57.63 29.34 -28.03
N GLY B 144 57.34 29.78 -26.80
CA GLY B 144 57.90 30.98 -26.27
C GLY B 144 56.97 32.17 -26.39
N PRO B 145 57.50 33.32 -26.79
CA PRO B 145 56.68 34.52 -26.93
C PRO B 145 55.76 34.42 -28.14
N PRO B 146 54.49 34.84 -28.01
CA PRO B 146 53.57 34.75 -29.15
C PRO B 146 54.03 35.57 -30.34
N GLY B 147 54.20 36.87 -30.15
CA GLY B 147 54.65 37.75 -31.21
C GLY B 147 53.80 37.69 -32.47
N THR B 148 54.36 37.11 -33.52
CA THR B 148 53.66 36.89 -34.79
C THR B 148 53.32 35.42 -34.97
N GLY B 149 52.96 34.74 -33.87
CA GLY B 149 52.65 33.33 -33.93
C GLY B 149 51.48 33.03 -34.85
N LYS B 150 51.37 31.75 -35.20
CA LYS B 150 50.39 31.16 -36.11
C LYS B 150 50.64 31.54 -37.57
N THR B 151 51.60 32.42 -37.84
CA THR B 151 51.93 32.73 -39.24
C THR B 151 52.72 31.59 -39.87
N LEU B 152 53.70 31.04 -39.15
CA LEU B 152 54.45 29.90 -39.65
C LEU B 152 53.60 28.63 -39.73
N CYS B 153 52.51 28.57 -38.96
CA CYS B 153 51.58 27.44 -39.09
C CYS B 153 50.87 27.48 -40.43
N ALA B 154 50.35 28.65 -40.81
CA ALA B 154 49.77 28.82 -42.14
C ALA B 154 50.82 28.64 -43.22
N ARG B 155 52.06 29.04 -42.93
CA ARG B 155 53.17 28.80 -43.87
C ARG B 155 53.33 27.30 -44.13
N ALA B 156 53.37 26.50 -43.06
CA ALA B 156 53.49 25.05 -43.23
C ALA B 156 52.26 24.46 -43.90
N VAL B 157 51.08 25.05 -43.67
CA VAL B 157 49.87 24.54 -44.30
C VAL B 157 49.90 24.79 -45.80
N ALA B 158 50.32 25.98 -46.23
CA ALA B 158 50.29 26.31 -47.65
C ALA B 158 51.50 25.80 -48.43
N ASN B 159 52.62 25.53 -47.75
CA ASN B 159 53.85 25.15 -48.43
C ASN B 159 53.94 23.66 -48.75
N ARG B 160 52.81 22.95 -48.79
CA ARG B 160 52.79 21.57 -49.26
C ARG B 160 52.43 21.56 -50.74
N THR B 161 53.20 20.82 -51.53
CA THR B 161 53.01 20.77 -52.97
C THR B 161 51.84 19.89 -53.39
N ASP B 162 51.11 19.29 -52.45
CA ASP B 162 49.99 18.41 -52.77
C ASP B 162 48.65 18.94 -52.31
N ALA B 163 48.47 19.14 -51.00
CA ALA B 163 47.19 19.58 -50.47
C ALA B 163 47.32 20.07 -49.03
N CYS B 164 46.76 21.25 -48.74
CA CYS B 164 46.80 21.79 -47.39
C CYS B 164 46.18 20.81 -46.40
N PHE B 165 46.81 20.66 -45.24
CA PHE B 165 46.43 19.66 -44.26
C PHE B 165 45.62 20.31 -43.13
N ILE B 166 45.18 19.47 -42.19
CA ILE B 166 44.31 19.91 -41.10
C ILE B 166 45.16 20.42 -39.95
N ARG B 167 44.69 21.51 -39.32
CA ARG B 167 45.28 22.02 -38.10
C ARG B 167 44.28 21.91 -36.97
N VAL B 168 44.77 21.68 -35.76
CA VAL B 168 43.94 21.42 -34.59
C VAL B 168 44.38 22.34 -33.46
N ILE B 169 43.44 23.16 -32.98
CA ILE B 169 43.69 23.99 -31.81
C ILE B 169 43.37 23.19 -30.55
N GLY B 170 43.86 23.68 -29.42
CA GLY B 170 43.70 22.96 -28.17
C GLY B 170 42.64 23.52 -27.24
N SER B 171 42.05 24.65 -27.61
CA SER B 171 41.04 25.29 -26.78
C SER B 171 39.65 24.67 -26.94
N GLU B 172 39.51 23.62 -27.75
CA GLU B 172 38.21 23.00 -27.97
C GLU B 172 37.98 21.78 -27.09
N LEU B 173 38.99 21.31 -26.36
CA LEU B 173 38.84 20.12 -25.52
C LEU B 173 38.32 20.43 -24.13
N VAL B 174 38.48 21.67 -23.66
CA VAL B 174 38.00 22.05 -22.33
C VAL B 174 36.55 22.50 -22.49
N GLN B 175 35.64 21.54 -22.46
CA GLN B 175 34.21 21.80 -22.62
C GLN B 175 33.44 20.88 -21.68
N LYS B 176 32.12 21.01 -21.71
CA LYS B 176 31.26 20.17 -20.89
C LYS B 176 31.25 18.73 -21.39
N TYR B 177 30.80 17.83 -20.53
CA TYR B 177 30.69 16.39 -20.82
C TYR B 177 32.05 15.83 -21.23
N VAL B 178 32.96 15.84 -20.26
CA VAL B 178 34.32 15.35 -20.51
C VAL B 178 34.28 13.88 -20.93
N GLY B 179 35.35 13.46 -21.61
CA GLY B 179 35.44 12.15 -22.20
C GLY B 179 35.31 12.13 -23.71
N GLU B 180 34.68 13.15 -24.29
CA GLU B 180 34.58 13.24 -25.74
C GLU B 180 35.95 13.39 -26.40
N GLY B 181 36.94 13.90 -25.65
CA GLY B 181 38.27 14.08 -26.23
C GLY B 181 38.89 12.78 -26.70
N ALA B 182 38.67 11.70 -25.96
CA ALA B 182 39.19 10.39 -26.35
C ALA B 182 38.71 10.01 -27.74
N ARG B 183 37.39 9.97 -27.94
CA ARG B 183 36.85 9.64 -29.25
C ARG B 183 37.26 10.66 -30.30
N MET B 184 37.43 11.92 -29.89
CA MET B 184 37.86 12.96 -30.81
C MET B 184 39.24 12.64 -31.39
N VAL B 185 40.23 12.43 -30.53
CA VAL B 185 41.58 12.19 -31.00
C VAL B 185 41.69 10.82 -31.67
N ARG B 186 40.88 9.86 -31.24
CA ARG B 186 40.93 8.54 -31.86
C ARG B 186 40.31 8.53 -33.25
N GLU B 187 39.30 9.38 -33.48
CA GLU B 187 38.67 9.44 -34.80
C GLU B 187 39.38 10.41 -35.73
N LEU B 188 40.07 11.43 -35.21
CA LEU B 188 40.89 12.26 -36.08
C LEU B 188 42.21 11.59 -36.41
N PHE B 189 42.71 10.72 -35.51
CA PHE B 189 43.84 9.88 -35.87
C PHE B 189 43.42 8.72 -36.76
N GLU B 190 42.19 8.23 -36.61
CA GLU B 190 41.66 7.24 -37.56
C GLU B 190 41.52 7.86 -38.95
N MET B 191 40.99 9.08 -39.02
CA MET B 191 40.96 9.80 -40.29
C MET B 191 42.36 10.15 -40.77
N ALA B 192 43.32 10.29 -39.85
CA ALA B 192 44.71 10.44 -40.26
C ALA B 192 45.24 9.16 -40.89
N ARG B 193 44.75 8.00 -40.43
CA ARG B 193 45.06 6.76 -41.13
C ARG B 193 44.34 6.66 -42.46
N THR B 194 43.18 7.32 -42.58
CA THR B 194 42.42 7.31 -43.82
C THR B 194 42.98 8.28 -44.86
N LYS B 195 43.74 9.29 -44.42
CA LYS B 195 44.27 10.31 -45.32
C LYS B 195 45.68 9.98 -45.83
N LYS B 196 45.98 8.69 -45.99
CA LYS B 196 47.25 8.18 -46.53
C LYS B 196 48.46 8.91 -45.93
N ALA B 197 48.58 8.75 -44.60
CA ALA B 197 49.72 9.25 -43.84
C ALA B 197 49.84 10.77 -43.95
N CYS B 198 48.73 11.47 -43.75
CA CYS B 198 48.74 12.93 -43.75
C CYS B 198 49.34 13.45 -42.45
N LEU B 199 49.69 14.73 -42.46
CA LEU B 199 50.29 15.40 -41.32
C LEU B 199 49.24 16.21 -40.58
N ILE B 200 49.30 16.19 -39.25
CA ILE B 200 48.32 16.85 -38.40
C ILE B 200 49.06 17.77 -37.44
N PHE B 201 48.62 19.03 -37.38
CA PHE B 201 49.19 20.03 -36.49
C PHE B 201 48.30 20.23 -35.27
N PHE B 202 48.92 20.38 -34.10
CA PHE B 202 48.22 20.51 -32.83
C PHE B 202 48.62 21.85 -32.19
N ASP B 203 47.71 22.82 -32.23
CA ASP B 203 47.95 24.13 -31.64
C ASP B 203 47.42 24.20 -30.22
N GLU B 204 48.01 25.11 -29.44
CA GLU B 204 47.53 25.46 -28.11
C GLU B 204 47.51 24.25 -27.17
N ILE B 205 48.70 23.68 -26.94
CA ILE B 205 48.82 22.60 -25.98
C ILE B 205 48.64 23.11 -24.55
N ASP B 206 48.83 24.41 -24.32
CA ASP B 206 48.65 24.97 -22.99
C ASP B 206 47.18 24.97 -22.57
N ALA B 207 46.25 24.87 -23.50
CA ALA B 207 44.84 24.79 -23.18
C ALA B 207 44.41 23.39 -22.77
N ILE B 208 45.30 22.40 -22.86
CA ILE B 208 45.01 21.05 -22.43
C ILE B 208 46.09 20.50 -21.50
N GLY B 209 47.14 21.27 -21.21
CA GLY B 209 48.19 20.84 -20.31
C GLY B 209 48.38 21.83 -19.17
N GLY B 210 49.34 21.49 -18.30
CA GLY B 210 49.65 22.33 -17.17
C GLY B 210 48.56 22.35 -16.12
N GLY B 219 39.56 20.11 -10.15
CA GLY B 219 40.75 19.36 -10.52
C GLY B 219 40.98 19.31 -12.02
N ASP B 220 42.05 18.60 -12.42
CA ASP B 220 42.40 18.49 -13.83
C ASP B 220 42.58 17.04 -14.28
N ASN B 221 42.15 16.06 -13.48
CA ASN B 221 42.31 14.67 -13.86
C ASN B 221 41.45 14.32 -15.07
N GLU B 222 40.28 14.95 -15.20
CA GLU B 222 39.48 14.75 -16.42
C GLU B 222 40.20 15.30 -17.64
N VAL B 223 41.08 16.28 -17.44
CA VAL B 223 41.96 16.72 -18.53
C VAL B 223 43.17 15.80 -18.64
N GLN B 224 43.62 15.24 -17.52
CA GLN B 224 44.73 14.28 -17.56
C GLN B 224 44.36 13.04 -18.35
N ARG B 225 43.07 12.71 -18.43
CA ARG B 225 42.64 11.61 -19.28
C ARG B 225 42.89 11.93 -20.76
N THR B 226 42.48 13.13 -21.19
CA THR B 226 42.61 13.49 -22.60
C THR B 226 44.05 13.76 -23.00
N MET B 227 44.84 14.36 -22.12
CA MET B 227 46.22 14.68 -22.47
C MET B 227 47.18 13.50 -22.25
N LEU B 228 46.93 12.68 -21.23
CA LEU B 228 47.74 11.46 -21.08
C LEU B 228 47.38 10.43 -22.13
N GLU B 229 46.09 10.32 -22.47
CA GLU B 229 45.71 9.50 -23.61
C GLU B 229 46.26 10.08 -24.90
N LEU B 230 46.34 11.41 -24.98
CA LEU B 230 46.97 12.05 -26.13
C LEU B 230 48.43 11.66 -26.24
N ILE B 231 49.15 11.61 -25.11
CA ILE B 231 50.53 11.13 -25.11
C ILE B 231 50.58 9.67 -25.51
N ASN B 232 49.61 8.87 -25.08
CA ASN B 232 49.55 7.47 -25.47
C ASN B 232 49.26 7.31 -26.96
N GLN B 233 48.67 8.32 -27.60
CA GLN B 233 48.40 8.28 -29.03
C GLN B 233 49.50 8.91 -29.86
N LEU B 234 50.35 9.73 -29.26
CA LEU B 234 51.50 10.30 -29.96
C LEU B 234 52.71 9.38 -29.86
N ASP B 235 53.11 9.02 -28.64
CA ASP B 235 54.19 8.06 -28.46
C ASP B 235 53.81 6.70 -29.02
N GLY B 236 52.54 6.36 -28.99
CA GLY B 236 52.07 5.14 -29.63
C GLY B 236 52.09 5.29 -31.14
N PHE B 237 52.86 4.46 -31.82
CA PHE B 237 53.05 4.55 -33.26
C PHE B 237 51.92 3.90 -34.05
N ASP B 238 50.77 3.65 -33.43
CA ASP B 238 49.68 3.00 -34.15
C ASP B 238 49.16 3.84 -35.31
N PRO B 239 48.79 5.12 -35.14
CA PRO B 239 48.45 5.92 -36.33
C PRO B 239 49.67 6.14 -37.23
N ARG B 240 50.73 6.72 -36.65
CA ARG B 240 52.01 6.88 -37.31
C ARG B 240 53.02 7.45 -36.32
N GLY B 241 54.29 7.07 -36.44
CA GLY B 241 55.32 7.61 -35.58
C GLY B 241 56.37 8.39 -36.34
N ASN B 242 56.04 8.80 -37.57
CA ASN B 242 57.01 9.43 -38.46
C ASN B 242 56.50 10.67 -39.17
N ILE B 243 55.20 10.97 -39.14
CA ILE B 243 54.65 12.03 -39.98
C ILE B 243 55.04 13.40 -39.46
N LYS B 244 54.60 13.76 -38.26
CA LYS B 244 54.78 15.12 -37.77
C LYS B 244 54.53 15.24 -36.27
N VAL B 245 55.40 15.96 -35.58
CA VAL B 245 55.21 16.32 -34.18
C VAL B 245 55.52 17.81 -34.04
N LEU B 246 54.54 18.59 -33.55
CA LEU B 246 54.73 20.02 -33.38
C LEU B 246 53.68 20.53 -32.41
N MET B 247 54.11 21.29 -31.41
CA MET B 247 53.23 21.89 -30.44
C MET B 247 53.53 23.37 -30.30
N ALA B 248 52.49 24.18 -30.11
CA ALA B 248 52.62 25.62 -29.97
C ALA B 248 52.01 26.04 -28.63
N THR B 249 52.82 26.65 -27.77
CA THR B 249 52.37 27.10 -26.46
C THR B 249 52.98 28.44 -26.14
N ASN B 250 52.33 29.17 -25.23
CA ASN B 250 52.81 30.47 -24.78
C ASN B 250 53.74 30.36 -23.59
N ARG B 251 53.52 29.37 -22.72
CA ARG B 251 54.32 29.22 -21.51
C ARG B 251 54.87 27.81 -21.42
N PRO B 252 56.06 27.65 -20.84
CA PRO B 252 56.63 26.30 -20.69
C PRO B 252 56.13 25.61 -19.42
N ASP B 253 55.04 26.12 -18.85
CA ASP B 253 54.50 25.61 -17.60
C ASP B 253 53.77 24.28 -17.74
N THR B 254 53.90 23.61 -18.88
CA THR B 254 53.31 22.29 -19.09
C THR B 254 54.43 21.27 -18.94
N LEU B 255 54.56 20.72 -17.73
CA LEU B 255 55.69 19.84 -17.43
C LEU B 255 55.48 18.42 -17.94
N ASP B 256 54.25 17.92 -17.95
CA ASP B 256 54.00 16.57 -18.43
C ASP B 256 54.31 16.41 -19.92
N PRO B 257 53.86 17.29 -20.82
CA PRO B 257 54.32 17.18 -22.21
C PRO B 257 55.81 17.48 -22.37
N ALA B 258 56.40 18.23 -21.45
CA ALA B 258 57.83 18.52 -21.52
C ALA B 258 58.68 17.32 -21.09
N LEU B 259 58.16 16.48 -20.18
CA LEU B 259 58.88 15.28 -19.77
C LEU B 259 58.54 14.08 -20.64
N MET B 260 57.38 14.06 -21.28
CA MET B 260 57.03 12.99 -22.19
C MET B 260 57.43 13.28 -23.64
N ARG B 261 57.76 14.53 -23.96
CA ARG B 261 58.15 14.90 -25.31
C ARG B 261 59.51 14.36 -25.77
N PRO B 262 60.51 14.13 -24.90
CA PRO B 262 61.79 13.59 -25.39
C PRO B 262 61.68 12.20 -26.00
N GLY B 263 60.55 11.50 -25.81
CA GLY B 263 60.40 10.19 -26.41
C GLY B 263 60.27 10.24 -27.92
N ARG B 264 59.41 11.13 -28.42
CA ARG B 264 59.17 11.26 -29.85
C ARG B 264 59.36 12.67 -30.37
N LEU B 265 58.97 13.69 -29.61
CA LEU B 265 59.19 15.07 -30.03
C LEU B 265 60.66 15.44 -29.89
N ASP B 266 61.09 16.42 -30.68
CA ASP B 266 62.48 16.84 -30.69
C ASP B 266 62.58 18.19 -31.38
N ARG B 267 63.79 18.76 -31.33
CA ARG B 267 64.14 20.00 -32.02
C ARG B 267 63.27 21.17 -31.55
N LYS B 268 63.44 21.51 -30.28
CA LYS B 268 62.79 22.69 -29.72
C LYS B 268 63.49 23.95 -30.23
N ILE B 269 62.73 24.84 -30.87
CA ILE B 269 63.26 26.06 -31.46
C ILE B 269 62.45 27.25 -30.96
N GLU B 270 62.79 28.43 -31.45
CA GLU B 270 62.16 29.67 -31.04
C GLU B 270 61.88 30.54 -32.25
N PHE B 271 60.88 31.42 -32.11
CA PHE B 271 60.51 32.35 -33.17
C PHE B 271 59.92 33.58 -32.50
N SER B 272 60.75 34.61 -32.34
CA SER B 272 60.37 35.80 -31.56
C SER B 272 59.94 36.96 -32.45
N LEU B 273 60.80 37.41 -33.34
CA LEU B 273 60.52 38.60 -34.14
C LEU B 273 61.34 38.54 -35.42
N PRO B 274 60.87 39.16 -36.51
CA PRO B 274 61.66 39.17 -37.75
C PRO B 274 62.74 40.23 -37.75
N ASP B 275 63.44 40.37 -38.88
CA ASP B 275 64.52 41.33 -39.05
C ASP B 275 64.05 42.46 -39.97
N LEU B 276 64.98 43.36 -40.29
CA LEU B 276 64.64 44.49 -41.17
C LEU B 276 64.27 44.02 -42.56
N GLU B 277 64.94 42.99 -43.07
CA GLU B 277 64.69 42.48 -44.41
C GLU B 277 63.50 41.53 -44.48
N GLY B 278 62.84 41.25 -43.35
CA GLY B 278 61.70 40.37 -43.36
C GLY B 278 60.38 41.10 -43.51
N ARG B 279 60.24 42.23 -42.79
CA ARG B 279 59.00 42.99 -42.82
C ARG B 279 58.65 43.43 -44.24
N THR B 280 59.65 43.72 -45.07
CA THR B 280 59.39 44.03 -46.47
C THR B 280 58.91 42.80 -47.24
N HIS B 281 59.19 41.60 -46.74
CA HIS B 281 58.66 40.38 -47.35
C HIS B 281 57.26 40.07 -46.87
N ILE B 282 56.92 40.42 -45.63
CA ILE B 282 55.52 40.36 -45.23
C ILE B 282 54.71 41.41 -45.99
N PHE B 283 55.33 42.53 -46.32
CA PHE B 283 54.69 43.46 -47.26
C PHE B 283 54.65 42.88 -48.67
N LYS B 284 55.60 42.02 -49.02
CA LYS B 284 55.56 41.35 -50.31
C LYS B 284 54.41 40.35 -50.37
N ILE B 285 54.06 39.72 -49.25
CA ILE B 285 52.86 38.89 -49.24
C ILE B 285 51.60 39.74 -49.10
N HIS B 286 51.74 40.97 -48.61
CA HIS B 286 50.64 41.93 -48.60
C HIS B 286 50.53 42.70 -49.91
N ALA B 287 51.36 42.36 -50.91
CA ALA B 287 51.18 42.92 -52.24
C ALA B 287 49.91 42.43 -52.91
N ARG B 288 49.37 41.29 -52.45
CA ARG B 288 48.09 40.77 -52.92
C ARG B 288 46.94 41.15 -51.99
N SER B 289 47.23 41.93 -50.96
CA SER B 289 46.21 42.47 -50.06
C SER B 289 45.57 43.70 -50.69
N MET B 290 44.88 44.50 -49.87
CA MET B 290 44.30 45.77 -50.31
C MET B 290 45.26 46.52 -51.24
N SER B 291 44.69 47.08 -52.31
CA SER B 291 45.47 47.62 -53.43
C SER B 291 46.54 48.61 -52.98
N VAL B 292 47.80 48.25 -53.19
CA VAL B 292 48.94 49.09 -52.85
C VAL B 292 49.47 49.70 -54.14
N GLU B 293 49.56 51.03 -54.18
CA GLU B 293 50.05 51.71 -55.36
C GLU B 293 51.53 51.43 -55.57
N ARG B 294 51.96 51.45 -56.83
CA ARG B 294 53.36 51.19 -57.15
C ARG B 294 54.30 52.25 -56.58
N ASP B 295 53.77 53.42 -56.25
CA ASP B 295 54.62 54.46 -55.65
C ASP B 295 55.03 54.09 -54.23
N ILE B 296 54.23 53.27 -53.54
CA ILE B 296 54.56 52.87 -52.18
C ILE B 296 55.72 51.89 -52.20
N ARG B 297 56.76 52.20 -51.43
CA ARG B 297 57.93 51.34 -51.31
C ARG B 297 57.79 50.45 -50.09
N PHE B 298 57.91 49.13 -50.28
CA PHE B 298 57.81 48.21 -49.17
C PHE B 298 58.98 48.35 -48.20
N GLU B 299 60.17 48.65 -48.71
CA GLU B 299 61.33 48.82 -47.84
C GLU B 299 61.20 50.06 -46.98
N LEU B 300 60.56 51.12 -47.49
CA LEU B 300 60.39 52.33 -46.70
C LEU B 300 59.44 52.10 -45.53
N LEU B 301 58.24 51.60 -45.82
CA LEU B 301 57.29 51.32 -44.75
C LEU B 301 57.79 50.23 -43.82
N ALA B 302 58.65 49.33 -44.32
CA ALA B 302 59.20 48.29 -43.46
C ALA B 302 60.26 48.86 -42.53
N ARG B 303 61.09 49.79 -43.02
CA ARG B 303 62.15 50.35 -42.19
C ARG B 303 61.66 51.49 -41.29
N LEU B 304 60.47 52.04 -41.55
CA LEU B 304 59.92 53.10 -40.73
C LEU B 304 59.13 52.57 -39.53
N CYS B 305 59.34 51.32 -39.14
CA CYS B 305 58.62 50.78 -37.98
C CYS B 305 59.41 49.64 -37.34
N PRO B 306 60.10 49.91 -36.23
CA PRO B 306 60.78 48.84 -35.50
C PRO B 306 59.82 48.09 -34.57
N ASN B 307 60.21 46.86 -34.24
CA ASN B 307 59.38 45.95 -33.43
C ASN B 307 57.99 45.82 -34.05
N SER B 308 57.96 45.26 -35.26
CA SER B 308 56.79 45.24 -36.12
C SER B 308 56.55 43.85 -36.68
N THR B 309 56.47 42.86 -35.78
CA THR B 309 56.29 41.46 -36.14
C THR B 309 55.09 41.26 -37.06
N GLY B 310 55.07 40.13 -37.78
CA GLY B 310 54.08 39.93 -38.83
C GLY B 310 52.65 40.09 -38.37
N ALA B 311 52.35 39.80 -37.10
CA ALA B 311 51.01 40.00 -36.59
C ALA B 311 50.74 41.48 -36.33
N GLU B 312 51.74 42.21 -35.83
CA GLU B 312 51.56 43.63 -35.55
C GLU B 312 51.40 44.42 -36.84
N ILE B 313 52.16 44.08 -37.88
CA ILE B 313 51.97 44.74 -39.16
C ILE B 313 50.78 44.18 -39.92
N ARG B 314 50.33 42.97 -39.58
CA ARG B 314 49.03 42.52 -40.07
C ARG B 314 47.91 43.39 -39.50
N SER B 315 48.05 43.81 -38.24
CA SER B 315 47.14 44.79 -37.68
C SER B 315 47.38 46.18 -38.25
N VAL B 316 48.60 46.47 -38.70
CA VAL B 316 48.85 47.72 -39.41
C VAL B 316 48.08 47.76 -40.72
N CYS B 317 48.05 46.64 -41.43
CA CYS B 317 47.26 46.55 -42.66
C CYS B 317 45.77 46.42 -42.39
N THR B 318 45.39 45.97 -41.19
CA THR B 318 43.97 45.87 -40.85
C THR B 318 43.40 47.24 -40.49
N GLU B 319 44.00 47.92 -39.50
CA GLU B 319 43.53 49.25 -39.14
C GLU B 319 43.79 50.25 -40.26
N ALA B 320 44.98 50.18 -40.87
CA ALA B 320 45.27 51.05 -42.01
C ALA B 320 44.36 50.74 -43.19
N GLY B 321 43.96 49.47 -43.34
CA GLY B 321 42.95 49.15 -44.33
C GLY B 321 41.61 49.77 -44.00
N MET B 322 41.25 49.79 -42.71
CA MET B 322 40.00 50.41 -42.29
C MET B 322 40.00 51.91 -42.57
N PHE B 323 41.12 52.59 -42.27
CA PHE B 323 41.20 54.01 -42.56
C PHE B 323 41.34 54.29 -44.06
N ALA B 324 41.83 53.31 -44.83
CA ALA B 324 41.83 53.46 -46.28
C ALA B 324 40.44 53.29 -46.86
N ILE B 325 39.60 52.46 -46.23
CA ILE B 325 38.21 52.38 -46.62
C ILE B 325 37.47 53.66 -46.24
N ARG B 326 37.72 54.16 -45.04
CA ARG B 326 37.08 55.40 -44.58
C ARG B 326 37.52 56.62 -45.39
N ALA B 327 38.63 56.52 -46.13
CA ALA B 327 39.13 57.66 -46.89
C ALA B 327 38.40 57.87 -48.21
N ARG B 328 37.57 56.91 -48.64
CA ARG B 328 36.82 57.00 -49.89
C ARG B 328 37.74 57.27 -51.07
N ARG B 329 38.73 56.39 -51.23
CA ARG B 329 39.73 56.51 -52.28
C ARG B 329 39.75 55.24 -53.12
N LYS B 330 40.12 55.41 -54.40
CA LYS B 330 40.18 54.27 -55.31
C LYS B 330 41.32 53.33 -54.95
N ILE B 331 42.46 53.88 -54.53
CA ILE B 331 43.63 53.10 -54.18
C ILE B 331 44.25 53.66 -52.91
N ALA B 332 45.06 52.83 -52.25
CA ALA B 332 45.71 53.20 -51.01
C ALA B 332 47.08 53.82 -51.30
N THR B 333 47.37 54.93 -50.65
CA THR B 333 48.65 55.63 -50.78
C THR B 333 49.29 55.76 -49.41
N GLU B 334 50.61 55.55 -49.35
CA GLU B 334 51.32 55.54 -48.07
C GLU B 334 51.15 56.85 -47.32
N LYS B 335 51.06 57.98 -48.06
CA LYS B 335 50.87 59.27 -47.41
C LYS B 335 49.48 59.39 -46.77
N ASP B 336 48.56 58.47 -47.09
CA ASP B 336 47.21 58.53 -46.56
C ASP B 336 46.99 57.64 -45.35
N PHE B 337 47.78 56.58 -45.18
CA PHE B 337 47.64 55.69 -44.02
C PHE B 337 48.89 55.58 -43.17
N LEU B 338 49.93 56.38 -43.44
CA LEU B 338 51.09 56.35 -42.55
C LEU B 338 50.72 56.86 -41.16
N GLU B 339 49.75 57.77 -41.07
CA GLU B 339 49.23 58.19 -39.77
C GLU B 339 48.58 57.02 -39.05
N ALA B 340 47.90 56.15 -39.80
CA ALA B 340 47.36 54.93 -39.21
C ALA B 340 48.48 53.97 -38.80
N VAL B 341 49.60 53.97 -39.52
CA VAL B 341 50.70 53.08 -39.19
C VAL B 341 51.36 53.53 -37.88
N ASN B 342 51.93 54.72 -37.87
CA ASN B 342 52.61 55.20 -36.67
C ASN B 342 51.66 55.45 -35.52
N LYS B 343 50.37 55.66 -35.81
CA LYS B 343 49.38 55.77 -34.74
C LYS B 343 49.10 54.40 -34.14
N VAL B 344 48.97 53.37 -34.98
CA VAL B 344 48.64 52.03 -34.49
C VAL B 344 49.83 51.31 -33.88
N ILE B 345 51.06 51.79 -34.13
CA ILE B 345 52.23 51.16 -33.53
C ILE B 345 52.73 52.00 -32.36
N LYS B 346 52.60 53.32 -32.46
CA LYS B 346 53.11 54.21 -31.43
C LYS B 346 52.08 54.51 -30.36
N SER B 347 50.84 54.84 -30.75
CA SER B 347 49.80 55.06 -29.76
C SER B 347 49.46 53.79 -28.99
N TYR B 348 49.63 52.64 -29.64
CA TYR B 348 49.50 51.36 -28.94
C TYR B 348 50.80 50.92 -28.29
N ALA B 349 51.95 51.45 -28.74
CA ALA B 349 53.22 51.15 -28.09
C ALA B 349 53.46 51.99 -26.85
N LYS B 350 52.66 53.04 -26.63
CA LYS B 350 52.81 53.88 -25.44
C LYS B 350 52.56 53.07 -24.17
N PHE B 351 51.34 52.53 -24.01
CA PHE B 351 51.03 51.74 -22.83
C PHE B 351 51.61 50.33 -22.92
N SER B 352 51.84 49.83 -24.13
CA SER B 352 52.39 48.49 -24.31
C SER B 352 53.64 48.53 -25.18
N GLU C 1 -9.08 10.49 -50.65
CA GLU C 1 -9.71 10.84 -49.38
C GLU C 1 -9.53 9.71 -48.36
N GLU C 2 -9.76 8.47 -48.81
CA GLU C 2 -9.59 7.33 -47.92
C GLU C 2 -8.12 7.11 -47.58
N GLU C 3 -7.23 7.33 -48.56
CA GLU C 3 -5.81 7.21 -48.29
C GLU C 3 -5.33 8.32 -47.36
N ARG C 4 -6.00 9.47 -47.38
CA ARG C 4 -5.68 10.54 -46.45
C ARG C 4 -6.23 10.27 -45.05
N SER C 5 -7.37 9.58 -44.97
CA SER C 5 -8.01 9.26 -43.70
C SER C 5 -7.77 7.83 -43.26
N LYS C 6 -6.72 7.18 -43.78
CA LYS C 6 -6.38 5.83 -43.37
C LYS C 6 -5.17 5.76 -42.44
N VAL C 7 -4.37 6.81 -42.37
CA VAL C 7 -3.19 6.84 -41.51
C VAL C 7 -3.59 7.29 -40.11
N ASP C 8 -4.90 7.41 -39.86
CA ASP C 8 -5.38 7.83 -38.56
C ASP C 8 -5.07 6.81 -37.47
N ASP C 9 -4.83 5.56 -37.83
CA ASP C 9 -4.50 4.55 -36.83
C ASP C 9 -3.15 4.83 -36.18
N LEU C 10 -2.23 5.45 -36.90
CA LEU C 10 -0.92 5.76 -36.33
C LEU C 10 -0.96 7.01 -35.46
N ARG C 11 -1.74 8.01 -35.88
CA ARG C 11 -1.90 9.24 -35.12
C ARG C 11 -3.08 9.19 -34.16
N GLY C 12 -3.63 8.00 -33.92
CA GLY C 12 -4.77 7.86 -33.02
C GLY C 12 -4.40 7.87 -31.55
N THR C 13 -4.99 6.96 -30.79
CA THR C 13 -4.71 6.90 -29.35
C THR C 13 -3.23 6.66 -29.05
N PRO C 14 -2.53 5.70 -29.67
CA PRO C 14 -1.08 5.58 -29.36
C PRO C 14 -0.25 6.67 -30.02
N MET C 15 -0.19 7.82 -29.37
CA MET C 15 0.54 8.97 -29.89
C MET C 15 1.23 9.69 -28.74
N SER C 16 2.43 10.19 -29.02
CA SER C 16 3.24 10.86 -28.01
C SER C 16 3.95 12.05 -28.64
N VAL C 17 4.58 12.86 -27.79
CA VAL C 17 5.35 14.03 -28.21
C VAL C 17 6.79 13.83 -27.77
N GLY C 18 7.69 13.58 -28.72
CA GLY C 18 9.08 13.40 -28.45
C GLY C 18 9.93 14.56 -28.92
N THR C 19 11.25 14.37 -28.82
CA THR C 19 12.23 15.38 -29.23
C THR C 19 13.19 14.73 -30.22
N LEU C 20 13.14 15.15 -31.48
CA LEU C 20 14.04 14.62 -32.49
C LEU C 20 15.44 15.18 -32.29
N GLU C 21 16.45 14.36 -32.57
CA GLU C 21 17.84 14.75 -32.39
C GLU C 21 18.49 15.16 -33.71
N GLU C 22 18.49 14.27 -34.71
CA GLU C 22 19.05 14.60 -36.01
C GLU C 22 18.39 13.71 -37.06
N ILE C 23 18.56 14.10 -38.32
CA ILE C 23 18.07 13.34 -39.46
C ILE C 23 19.25 12.72 -40.19
N ILE C 24 19.16 11.43 -40.48
CA ILE C 24 20.21 10.69 -41.17
C ILE C 24 19.81 10.53 -42.63
N ASP C 25 20.81 10.64 -43.52
CA ASP C 25 20.57 10.51 -44.96
C ASP C 25 20.09 9.11 -45.36
N ASP C 26 20.06 8.16 -44.42
CA ASP C 26 19.61 6.80 -44.70
C ASP C 26 18.12 6.62 -44.44
N ASN C 27 17.32 7.67 -44.59
CA ASN C 27 15.86 7.72 -44.48
C ASN C 27 15.34 7.24 -43.12
N HIS C 28 16.21 7.10 -42.12
CA HIS C 28 15.80 6.76 -40.76
C HIS C 28 16.45 7.75 -39.80
N ALA C 29 15.63 8.56 -39.14
CA ALA C 29 16.13 9.57 -38.22
C ALA C 29 16.18 9.02 -36.79
N ILE C 30 16.84 9.78 -35.92
CA ILE C 30 16.99 9.41 -34.52
C ILE C 30 16.24 10.43 -33.68
N VAL C 31 15.37 9.94 -32.78
CA VAL C 31 14.59 10.79 -31.90
C VAL C 31 15.02 10.58 -30.46
N SER C 32 14.43 11.33 -29.54
CA SER C 32 14.77 11.22 -28.13
C SER C 32 13.54 11.59 -27.30
N THR C 33 13.67 11.43 -25.99
CA THR C 33 12.60 11.73 -25.04
C THR C 33 13.24 12.05 -23.69
N SER C 34 12.42 12.04 -22.63
CA SER C 34 12.93 12.34 -21.30
C SER C 34 14.01 11.34 -20.88
N VAL C 35 13.84 10.06 -21.26
CA VAL C 35 14.87 9.06 -20.99
C VAL C 35 15.78 8.84 -22.20
N GLY C 36 15.54 9.55 -23.30
CA GLY C 36 16.37 9.42 -24.48
C GLY C 36 16.22 8.09 -25.19
N SER C 37 15.05 7.85 -25.77
CA SER C 37 14.78 6.64 -26.54
C SER C 37 15.11 6.91 -28.01
N GLU C 38 16.01 6.12 -28.57
CA GLU C 38 16.46 6.29 -29.95
C GLU C 38 15.82 5.21 -30.82
N HIS C 39 14.90 5.63 -31.68
CA HIS C 39 14.23 4.73 -32.61
C HIS C 39 14.37 5.26 -34.01
N TYR C 40 14.73 4.40 -34.96
CA TYR C 40 14.90 4.78 -36.36
C TYR C 40 13.87 4.05 -37.20
N VAL C 41 13.01 4.81 -37.88
CA VAL C 41 11.95 4.27 -38.73
C VAL C 41 11.95 5.06 -40.04
N SER C 42 11.64 4.36 -41.13
CA SER C 42 11.51 5.02 -42.42
C SER C 42 10.50 6.17 -42.34
N ILE C 43 10.79 7.25 -43.07
CA ILE C 43 9.96 8.45 -42.97
C ILE C 43 8.57 8.19 -43.56
N LEU C 44 7.63 9.06 -43.19
CA LEU C 44 6.26 8.99 -43.68
C LEU C 44 5.84 10.31 -44.30
N SER C 45 4.55 10.47 -44.60
CA SER C 45 4.05 11.69 -45.18
C SER C 45 3.90 12.78 -44.12
N PHE C 46 3.43 13.95 -44.54
CA PHE C 46 3.14 15.12 -43.72
C PHE C 46 4.39 15.77 -43.16
N VAL C 47 5.57 15.20 -43.38
CA VAL C 47 6.81 15.77 -42.89
C VAL C 47 7.50 16.52 -44.03
N ASP C 48 8.32 17.51 -43.66
CA ASP C 48 9.05 18.31 -44.64
C ASP C 48 10.48 17.84 -44.85
N LYS C 49 11.16 17.44 -43.78
CA LYS C 49 12.53 16.90 -43.73
C LYS C 49 13.59 17.90 -44.19
N ASP C 50 13.20 19.09 -44.63
CA ASP C 50 14.16 20.12 -45.03
C ASP C 50 14.13 21.33 -44.12
N LEU C 51 12.95 21.92 -43.90
CA LEU C 51 12.77 23.02 -42.98
C LEU C 51 12.54 22.56 -41.55
N LEU C 52 12.58 21.25 -41.30
CA LEU C 52 12.30 20.71 -39.97
C LEU C 52 13.29 21.23 -38.94
N GLU C 53 14.55 21.48 -39.34
CA GLU C 53 15.59 21.95 -38.44
C GLU C 53 15.72 21.01 -37.24
N PRO C 54 16.33 19.83 -37.41
CA PRO C 54 16.40 18.84 -36.32
C PRO C 54 16.94 19.41 -35.02
N GLY C 55 16.57 18.78 -33.91
CA GLY C 55 16.90 19.28 -32.59
C GLY C 55 15.76 19.92 -31.83
N CYS C 56 14.52 19.74 -32.29
CA CYS C 56 13.34 20.30 -31.65
C CYS C 56 12.39 19.17 -31.26
N SER C 57 11.20 19.55 -30.80
CA SER C 57 10.19 18.59 -30.37
C SER C 57 9.34 18.15 -31.56
N VAL C 58 9.12 16.85 -31.67
CA VAL C 58 8.33 16.26 -32.74
C VAL C 58 7.27 15.36 -32.13
N LEU C 59 6.53 14.67 -33.00
CA LEU C 59 5.42 13.81 -32.59
C LEU C 59 5.85 12.35 -32.69
N LEU C 60 5.64 11.60 -31.61
CA LEU C 60 5.96 10.19 -31.54
C LEU C 60 4.69 9.37 -31.27
N ASN C 61 4.87 8.07 -31.05
CA ASN C 61 3.76 7.16 -30.82
C ASN C 61 4.16 6.14 -29.77
N HIS C 62 3.16 5.41 -29.27
CA HIS C 62 3.40 4.23 -28.45
C HIS C 62 3.78 3.02 -29.28
N LYS C 63 3.66 3.12 -30.60
CA LYS C 63 4.08 2.10 -31.55
C LYS C 63 5.58 2.19 -31.81
N VAL C 64 6.03 1.59 -32.90
CA VAL C 64 7.45 1.54 -33.28
C VAL C 64 8.00 2.94 -33.51
N HIS C 65 7.17 3.97 -33.28
CA HIS C 65 7.55 5.38 -33.34
C HIS C 65 7.81 5.85 -34.76
N ALA C 66 6.95 5.45 -35.70
CA ALA C 66 6.99 6.02 -37.04
C ALA C 66 6.53 7.48 -36.98
N VAL C 67 7.33 8.36 -37.56
CA VAL C 67 7.06 9.80 -37.48
C VAL C 67 5.83 10.11 -38.33
N ILE C 68 4.74 10.50 -37.66
CA ILE C 68 3.50 10.83 -38.37
C ILE C 68 3.32 12.33 -38.58
N GLY C 69 4.04 13.16 -37.85
CA GLY C 69 3.88 14.60 -38.00
C GLY C 69 4.87 15.33 -37.11
N VAL C 70 4.82 16.66 -37.20
CA VAL C 70 5.72 17.55 -36.46
C VAL C 70 4.90 18.68 -35.85
N LEU C 71 5.54 19.43 -34.96
CA LEU C 71 4.91 20.54 -34.26
C LEU C 71 5.88 21.71 -34.23
N MET C 72 5.43 22.89 -34.64
CA MET C 72 6.30 24.05 -34.72
C MET C 72 6.75 24.51 -33.34
N ASP C 73 7.94 25.08 -33.24
CA ASP C 73 8.40 25.50 -31.92
C ASP C 73 8.87 26.93 -31.76
N ASP C 76 9.18 27.28 -30.51
CA ASP C 76 9.70 28.58 -30.08
C ASP C 76 8.88 29.86 -30.35
N PRO C 77 7.56 29.74 -30.60
CA PRO C 77 7.13 31.13 -30.82
C PRO C 77 7.98 32.18 -30.11
N LEU C 78 8.94 31.77 -29.27
CA LEU C 78 9.78 32.75 -28.57
C LEU C 78 10.69 33.51 -29.53
N VAL C 79 10.95 32.97 -30.72
CA VAL C 79 11.82 33.64 -31.68
C VAL C 79 11.18 34.92 -32.22
N THR C 80 9.86 35.07 -32.09
CA THR C 80 9.18 36.24 -32.65
C THR C 80 9.65 37.53 -32.00
N VAL C 81 9.91 37.50 -30.69
CA VAL C 81 10.32 38.71 -29.97
C VAL C 81 11.81 38.99 -30.08
N MET C 82 12.54 38.22 -30.89
CA MET C 82 13.98 38.42 -31.01
C MET C 82 14.31 39.66 -31.84
N LYS C 83 13.89 39.66 -33.10
CA LYS C 83 14.25 40.72 -34.04
C LYS C 83 13.00 41.42 -34.55
N VAL C 84 13.21 42.63 -35.07
CA VAL C 84 12.15 43.41 -35.71
C VAL C 84 12.31 43.27 -37.21
N GLU C 85 11.18 43.29 -37.92
CA GLU C 85 11.16 43.12 -39.37
C GLU C 85 10.69 44.38 -40.10
N LYS C 86 10.53 45.49 -39.40
CA LYS C 86 10.08 46.74 -40.00
C LYS C 86 11.26 47.64 -40.33
N ALA C 87 11.00 48.65 -41.15
CA ALA C 87 12.00 49.62 -41.58
C ALA C 87 11.65 50.99 -41.00
N PRO C 88 12.24 51.37 -39.87
CA PRO C 88 11.92 52.68 -39.29
C PRO C 88 12.48 53.82 -40.13
N GLN C 89 11.79 54.95 -40.07
CA GLN C 89 12.19 56.13 -40.84
C GLN C 89 13.41 56.83 -40.25
N GLU C 90 13.86 56.44 -39.06
CA GLU C 90 15.03 57.03 -38.44
C GLU C 90 16.28 56.66 -39.25
N THR C 91 16.89 57.66 -39.89
CA THR C 91 18.07 57.46 -40.71
C THR C 91 19.30 58.03 -39.99
N TYR C 92 20.44 57.95 -40.67
CA TYR C 92 21.69 58.45 -40.13
C TYR C 92 21.79 59.98 -40.18
N ALA C 93 20.85 60.65 -40.85
CA ALA C 93 20.86 62.10 -40.97
C ALA C 93 19.91 62.78 -40.00
N ASP C 94 19.31 62.02 -39.07
CA ASP C 94 18.40 62.58 -38.08
C ASP C 94 19.09 62.94 -36.78
N ILE C 95 20.35 62.56 -36.60
CA ILE C 95 21.10 62.87 -35.39
C ILE C 95 22.39 63.60 -35.79
N GLY C 96 22.86 64.47 -34.91
CA GLY C 96 24.02 65.28 -35.18
C GLY C 96 25.04 65.20 -34.05
N GLY C 97 26.18 65.82 -34.29
CA GLY C 97 27.28 65.85 -33.33
C GLY C 97 28.27 64.71 -33.49
N LEU C 98 27.77 63.49 -33.68
CA LEU C 98 28.60 62.30 -33.86
C LEU C 98 28.66 61.87 -35.33
N ASP C 99 28.70 62.84 -36.25
CA ASP C 99 28.70 62.51 -37.67
C ASP C 99 29.88 61.63 -38.05
N ASN C 100 31.05 61.88 -37.44
CA ASN C 100 32.19 61.00 -37.67
C ASN C 100 31.99 59.66 -36.97
N GLN C 101 31.42 59.68 -35.76
CA GLN C 101 31.19 58.45 -35.02
C GLN C 101 30.14 57.58 -35.68
N ILE C 102 29.23 58.18 -36.45
CA ILE C 102 28.23 57.40 -37.18
C ILE C 102 28.70 57.04 -38.58
N GLN C 103 29.59 57.85 -39.17
CA GLN C 103 30.17 57.47 -40.45
C GLN C 103 31.28 56.45 -40.32
N GLU C 104 31.76 56.20 -39.10
CA GLU C 104 32.72 55.12 -38.88
C GLU C 104 32.03 53.76 -38.99
N ILE C 105 30.84 53.63 -38.39
CA ILE C 105 30.10 52.38 -38.50
C ILE C 105 29.36 52.30 -39.83
N LYS C 106 28.85 53.43 -40.32
CA LYS C 106 28.23 53.46 -41.64
C LYS C 106 29.23 53.05 -42.71
N GLU C 107 30.43 53.64 -42.66
CA GLU C 107 31.50 53.24 -43.57
C GLU C 107 32.04 51.85 -43.25
N SER C 108 31.84 51.37 -42.03
CA SER C 108 32.40 50.08 -41.62
C SER C 108 31.57 48.92 -42.15
N VAL C 109 30.24 48.98 -41.97
CA VAL C 109 29.38 47.86 -42.32
C VAL C 109 28.50 48.14 -43.54
N GLU C 110 28.49 49.37 -44.05
CA GLU C 110 27.73 49.69 -45.25
C GLU C 110 28.57 49.55 -46.52
N LEU C 111 29.86 49.31 -46.39
CA LEU C 111 30.73 49.05 -47.54
C LEU C 111 30.62 47.60 -48.02
N PRO C 112 30.49 46.60 -47.14
CA PRO C 112 30.22 45.25 -47.64
C PRO C 112 28.77 45.12 -48.09
N LEU C 113 28.59 44.44 -49.24
CA LEU C 113 27.28 44.08 -49.79
C LEU C 113 26.54 45.29 -50.35
N THR C 114 27.07 46.50 -50.11
CA THR C 114 26.52 47.73 -50.66
C THR C 114 27.68 48.65 -51.03
N HIS C 115 27.61 49.25 -52.22
CA HIS C 115 28.71 50.03 -52.77
C HIS C 115 29.98 49.20 -52.76
N PRO C 116 30.05 48.14 -53.56
CA PRO C 116 31.13 47.15 -53.43
C PRO C 116 32.41 47.46 -54.18
N GLU C 117 32.53 48.61 -54.85
CA GLU C 117 33.76 48.90 -55.58
C GLU C 117 34.92 49.25 -54.68
N TYR C 118 34.65 49.68 -53.45
CA TYR C 118 35.69 49.92 -52.46
C TYR C 118 35.88 48.75 -51.50
N TYR C 119 35.17 47.65 -51.70
CA TYR C 119 35.21 46.52 -50.77
C TYR C 119 35.74 45.25 -51.43
N GLU C 120 35.23 44.89 -52.61
CA GLU C 120 35.66 43.65 -53.26
C GLU C 120 36.88 43.84 -54.14
N GLU C 121 37.18 45.07 -54.55
CA GLU C 121 38.37 45.31 -55.37
C GLU C 121 39.64 45.32 -54.53
N MET C 122 39.53 45.65 -53.24
CA MET C 122 40.70 45.65 -52.38
C MET C 122 41.16 44.22 -52.08
N GLY C 123 40.22 43.34 -51.77
CA GLY C 123 40.55 41.95 -51.48
C GLY C 123 40.93 41.72 -50.03
N ILE C 124 40.12 42.23 -49.10
CA ILE C 124 40.36 42.04 -47.68
C ILE C 124 39.22 41.22 -47.08
N LYS C 125 37.99 41.76 -47.18
CA LYS C 125 36.78 41.12 -46.68
C LYS C 125 36.93 40.73 -45.21
N PRO C 126 36.88 41.69 -44.29
CA PRO C 126 36.83 41.34 -42.85
C PRO C 126 35.39 41.24 -42.35
N PRO C 127 34.72 40.09 -42.55
CA PRO C 127 33.28 39.99 -42.24
C PRO C 127 32.97 39.85 -40.75
N LYS C 128 33.52 40.77 -39.96
CA LYS C 128 33.35 40.73 -38.50
C LYS C 128 32.62 41.92 -37.92
N GLY C 129 32.73 43.10 -38.53
CA GLY C 129 32.02 44.27 -38.04
C GLY C 129 32.59 44.86 -36.77
N VAL C 130 32.18 46.08 -36.45
CA VAL C 130 32.67 46.75 -35.24
C VAL C 130 31.83 46.33 -34.05
N ILE C 131 32.36 46.61 -32.85
CA ILE C 131 31.67 46.36 -31.59
C ILE C 131 31.64 47.67 -30.81
N LEU C 132 30.45 48.13 -30.46
CA LEU C 132 30.26 49.40 -29.80
C LEU C 132 29.79 49.20 -28.36
N TYR C 133 29.66 50.32 -27.65
CA TYR C 133 29.12 50.31 -26.29
C TYR C 133 28.63 51.71 -25.96
N GLY C 134 27.44 51.80 -25.38
CA GLY C 134 26.85 53.08 -25.06
C GLY C 134 26.75 53.32 -23.56
N PRO C 135 27.39 54.39 -23.09
CA PRO C 135 27.31 54.73 -21.67
C PRO C 135 25.88 55.02 -21.22
N PRO C 136 25.02 55.66 -22.05
CA PRO C 136 23.60 55.72 -21.68
C PRO C 136 22.87 54.42 -21.95
N GLY C 137 23.25 53.75 -23.04
CA GLY C 137 22.64 52.49 -23.41
C GLY C 137 21.13 52.58 -23.53
N THR C 138 20.44 51.54 -23.04
CA THR C 138 18.99 51.46 -23.06
C THR C 138 18.43 51.56 -24.48
N GLY C 139 19.21 51.10 -25.46
CA GLY C 139 18.76 51.04 -26.84
C GLY C 139 18.68 52.36 -27.57
N LYS C 140 18.78 53.49 -26.86
CA LYS C 140 18.61 54.79 -27.51
C LYS C 140 19.80 55.12 -28.40
N THR C 141 20.99 55.16 -27.81
CA THR C 141 22.19 55.47 -28.60
C THR C 141 22.61 54.29 -29.47
N LEU C 142 22.53 53.07 -28.93
CA LEU C 142 22.96 51.90 -29.68
C LEU C 142 22.00 51.58 -30.82
N LEU C 143 20.71 51.85 -30.62
CA LEU C 143 19.73 51.70 -31.69
C LEU C 143 19.68 52.92 -32.60
N ALA C 144 20.18 54.07 -32.14
CA ALA C 144 20.33 55.23 -32.99
C ALA C 144 21.57 55.12 -33.88
N LYS C 145 22.54 54.29 -33.50
CA LYS C 145 23.68 53.99 -34.35
C LYS C 145 23.41 52.78 -35.24
N ALA C 146 22.74 51.76 -34.70
CA ALA C 146 22.39 50.60 -35.50
C ALA C 146 21.23 50.87 -36.44
N VAL C 147 20.46 51.94 -36.20
CA VAL C 147 19.31 52.24 -37.05
C VAL C 147 19.75 52.74 -38.42
N ALA C 148 21.01 53.14 -38.57
CA ALA C 148 21.51 53.56 -39.88
C ALA C 148 21.45 52.41 -40.87
N ASN C 149 21.74 51.19 -40.42
CA ASN C 149 21.65 50.01 -41.27
C ASN C 149 20.22 49.54 -41.50
N GLN C 150 19.28 50.03 -40.70
CA GLN C 150 17.88 49.60 -40.80
C GLN C 150 17.09 50.35 -41.85
N THR C 151 17.69 51.33 -42.53
CA THR C 151 16.97 52.15 -43.50
C THR C 151 16.44 51.31 -44.66
N SER C 152 17.34 50.71 -45.44
CA SER C 152 16.97 49.82 -46.55
C SER C 152 17.88 48.59 -46.48
N ALA C 153 17.49 47.63 -45.65
CA ALA C 153 18.22 46.37 -45.47
C ALA C 153 17.45 45.51 -44.48
N THR C 154 17.77 44.22 -44.49
CA THR C 154 17.26 43.31 -43.47
C THR C 154 18.10 43.44 -42.20
N PHE C 155 17.44 43.26 -41.05
CA PHE C 155 18.08 43.49 -39.77
C PHE C 155 17.84 42.31 -38.84
N LEU C 156 18.81 42.09 -37.95
CA LEU C 156 18.72 41.05 -36.92
C LEU C 156 19.09 41.68 -35.59
N ARG C 157 18.20 41.53 -34.60
CA ARG C 157 18.36 42.17 -33.30
C ARG C 157 18.36 41.13 -32.20
N VAL C 158 19.27 41.29 -31.24
CA VAL C 158 19.34 40.46 -30.05
C VAL C 158 19.60 41.37 -28.86
N VAL C 159 18.66 41.42 -27.92
CA VAL C 159 18.74 42.31 -26.77
C VAL C 159 18.71 41.47 -25.50
N GLY C 160 19.74 41.64 -24.67
CA GLY C 160 19.79 40.97 -23.38
C GLY C 160 20.19 39.51 -23.45
N SER C 161 20.97 39.07 -22.45
CA SER C 161 21.36 37.68 -22.32
C SER C 161 20.35 36.87 -21.50
N GLU C 162 19.12 37.38 -21.34
CA GLU C 162 18.12 36.69 -20.55
C GLU C 162 17.67 35.40 -21.23
N LEU C 163 17.59 35.42 -22.56
CA LEU C 163 17.11 34.24 -23.30
C LEU C 163 17.99 33.02 -23.07
N ILE C 164 19.26 33.22 -22.69
CA ILE C 164 20.11 32.09 -22.35
C ILE C 164 19.92 31.69 -20.88
N GLN C 165 19.66 32.66 -20.00
CA GLN C 165 19.61 32.42 -18.58
C GLN C 165 18.19 32.21 -18.04
N LYS C 166 17.17 32.47 -18.85
CA LYS C 166 15.79 32.27 -18.40
C LYS C 166 15.32 30.82 -18.53
N TYR C 167 16.19 29.92 -18.96
CA TYR C 167 15.82 28.52 -19.15
C TYR C 167 17.01 27.65 -18.77
N LEU C 168 16.78 26.33 -18.76
CA LEU C 168 17.84 25.38 -18.48
C LEU C 168 18.98 25.53 -19.49
N GLY C 169 20.14 24.99 -19.14
CA GLY C 169 21.32 25.14 -19.96
C GLY C 169 21.27 24.33 -21.25
N ASP C 170 20.38 24.74 -22.16
CA ASP C 170 20.27 24.07 -23.45
C ASP C 170 21.56 24.20 -24.26
N GLY C 171 22.29 25.30 -24.10
CA GLY C 171 23.56 25.47 -24.76
C GLY C 171 23.52 26.47 -25.90
N PRO C 172 24.45 26.33 -26.85
CA PRO C 172 24.54 27.30 -27.94
C PRO C 172 23.58 27.02 -29.09
N LYS C 173 22.57 26.19 -28.84
CA LYS C 173 21.63 25.85 -29.91
C LYS C 173 20.84 27.06 -30.39
N LEU C 174 20.51 27.99 -29.50
CA LEU C 174 19.88 29.23 -29.93
C LEU C 174 20.82 30.07 -30.77
N VAL C 175 22.11 30.07 -30.44
CA VAL C 175 23.09 30.73 -31.29
C VAL C 175 23.17 30.06 -32.65
N ARG C 176 22.95 28.74 -32.69
CA ARG C 176 22.87 28.06 -33.97
C ARG C 176 21.61 28.45 -34.74
N GLU C 177 20.53 28.77 -34.02
CA GLU C 177 19.34 29.27 -34.68
C GLU C 177 19.57 30.65 -35.27
N LEU C 178 20.28 31.51 -34.53
CA LEU C 178 20.63 32.82 -35.07
C LEU C 178 21.61 32.70 -36.23
N PHE C 179 22.46 31.68 -36.22
CA PHE C 179 23.43 31.48 -37.30
C PHE C 179 22.78 30.85 -38.53
N ARG C 180 21.70 30.10 -38.36
CA ARG C 180 21.01 29.55 -39.53
C ARG C 180 20.01 30.54 -40.10
N VAL C 181 19.40 31.38 -39.26
CA VAL C 181 18.56 32.44 -39.81
C VAL C 181 19.43 33.55 -40.42
N ALA C 182 20.64 33.74 -39.91
CA ALA C 182 21.59 34.64 -40.54
C ALA C 182 22.19 34.01 -41.79
N GLU C 183 22.27 32.68 -41.84
CA GLU C 183 22.74 32.00 -43.05
C GLU C 183 21.71 32.13 -44.16
N GLU C 184 20.45 31.84 -43.86
CA GLU C 184 19.37 32.02 -44.82
C GLU C 184 19.00 33.48 -45.03
N HIS C 185 19.54 34.39 -44.22
CA HIS C 185 19.30 35.82 -44.32
C HIS C 185 20.63 36.57 -44.35
N ALA C 186 21.53 36.13 -45.22
CA ALA C 186 22.87 36.71 -45.30
C ALA C 186 22.88 38.23 -45.45
N PRO C 187 22.07 38.87 -46.32
CA PRO C 187 22.12 40.34 -46.35
C PRO C 187 21.40 40.98 -45.16
N SER C 188 21.98 40.81 -43.98
CA SER C 188 21.43 41.33 -42.75
C SER C 188 22.56 41.88 -41.89
N ILE C 189 22.19 42.39 -40.71
CA ILE C 189 23.14 42.92 -39.74
C ILE C 189 22.81 42.30 -38.38
N VAL C 190 23.77 41.60 -37.81
CA VAL C 190 23.58 40.97 -36.50
C VAL C 190 23.87 42.01 -35.42
N PHE C 191 22.89 42.24 -34.54
CA PHE C 191 22.99 43.23 -33.49
C PHE C 191 22.76 42.55 -32.14
N ILE C 192 23.81 42.47 -31.33
CA ILE C 192 23.73 41.92 -29.98
C ILE C 192 23.74 43.07 -29.00
N ASP C 193 22.67 43.19 -28.22
CA ASP C 193 22.49 44.31 -27.30
C ASP C 193 22.36 43.79 -25.87
N GLU C 194 22.75 44.65 -24.92
CA GLU C 194 22.71 44.34 -23.49
C GLU C 194 23.51 43.07 -23.19
N ILE C 195 24.81 43.15 -23.45
CA ILE C 195 25.71 42.02 -23.24
C ILE C 195 26.11 41.95 -21.78
N ASP C 196 25.35 41.21 -20.98
CA ASP C 196 25.59 41.04 -19.55
C ASP C 196 25.47 39.57 -19.17
N ALA C 197 26.11 38.70 -19.96
CA ALA C 197 26.06 37.27 -19.69
C ALA C 197 26.82 36.93 -18.41
N ILE C 198 28.10 37.31 -18.34
CA ILE C 198 28.88 37.04 -17.14
C ILE C 198 28.62 38.06 -16.04
N GLY C 199 28.09 39.24 -16.38
CA GLY C 199 27.81 40.24 -15.37
C GLY C 199 26.60 39.91 -14.52
N THR C 200 25.63 39.19 -15.08
CA THR C 200 24.44 38.83 -14.34
C THR C 200 24.49 37.37 -13.89
N GLY C 209 23.55 27.22 -14.37
CA GLY C 209 24.60 27.63 -13.45
C GLY C 209 25.52 28.68 -14.05
N GLU C 210 26.33 29.30 -13.18
CA GLU C 210 27.26 30.32 -13.65
C GLU C 210 28.44 29.72 -14.41
N ARG C 211 28.81 28.48 -14.07
CA ARG C 211 29.93 27.84 -14.76
C ARG C 211 29.59 27.53 -16.22
N GLU C 212 28.31 27.34 -16.53
CA GLU C 212 27.90 27.08 -17.91
C GLU C 212 27.80 28.36 -18.73
N ILE C 213 27.59 29.50 -18.08
CA ILE C 213 27.53 30.77 -18.80
C ILE C 213 28.87 31.07 -19.45
N GLN C 214 29.97 30.72 -18.78
CA GLN C 214 31.29 30.97 -19.33
C GLN C 214 31.59 30.09 -20.53
N ARG C 215 31.10 28.85 -20.54
CA ARG C 215 31.36 27.94 -21.64
C ARG C 215 30.41 28.14 -22.81
N THR C 216 29.19 28.60 -22.57
CA THR C 216 28.31 28.99 -23.66
C THR C 216 28.64 30.38 -24.19
N MET C 217 29.35 31.18 -23.40
CA MET C 217 29.83 32.48 -23.87
C MET C 217 31.12 32.31 -24.68
N LEU C 218 32.02 31.45 -24.23
CA LEU C 218 33.19 31.12 -25.02
C LEU C 218 32.82 30.32 -26.27
N GLU C 219 31.77 29.50 -26.18
CA GLU C 219 31.25 28.84 -27.37
C GLU C 219 30.53 29.85 -28.28
N LEU C 220 29.91 30.87 -27.68
CA LEU C 220 29.37 31.96 -28.48
C LEU C 220 30.47 32.68 -29.24
N LEU C 221 31.63 32.86 -28.61
CA LEU C 221 32.77 33.42 -29.31
C LEU C 221 33.31 32.46 -30.37
N ASN C 222 33.23 31.15 -30.11
CA ASN C 222 33.71 30.16 -31.08
C ASN C 222 32.86 30.18 -32.34
N GLN C 223 31.55 30.04 -32.19
CA GLN C 223 30.67 30.04 -33.37
C GLN C 223 30.58 31.42 -34.00
N LEU C 224 30.74 32.48 -33.20
CA LEU C 224 30.69 33.83 -33.74
C LEU C 224 31.92 34.17 -34.58
N ASP C 225 33.04 33.48 -34.36
CA ASP C 225 34.26 33.74 -35.11
C ASP C 225 34.13 33.36 -36.59
N GLY C 226 33.25 32.41 -36.91
CA GLY C 226 33.08 31.98 -38.29
C GLY C 226 34.26 31.18 -38.80
N PHE C 227 34.47 30.00 -38.22
CA PHE C 227 35.62 29.16 -38.60
C PHE C 227 35.36 28.36 -39.87
N ASP C 228 34.09 28.12 -40.23
CA ASP C 228 33.77 27.36 -41.43
C ASP C 228 33.02 28.16 -42.47
N SER C 229 32.52 29.36 -42.14
CA SER C 229 31.72 30.16 -43.04
C SER C 229 32.55 31.30 -43.63
N ARG C 230 32.26 31.62 -44.88
CA ARG C 230 32.89 32.74 -45.57
C ARG C 230 32.21 34.04 -45.17
N GLY C 231 32.52 35.13 -45.87
CA GLY C 231 31.85 36.39 -45.61
C GLY C 231 30.37 36.31 -45.90
N ASP C 232 29.56 36.32 -44.84
CA ASP C 232 28.12 36.12 -44.96
C ASP C 232 27.29 37.22 -44.31
N VAL C 233 27.74 37.74 -43.16
CA VAL C 233 26.96 38.73 -42.41
C VAL C 233 27.92 39.53 -41.55
N LYS C 234 27.54 40.77 -41.26
CA LYS C 234 28.32 41.67 -40.41
C LYS C 234 27.69 41.70 -39.02
N VAL C 235 28.45 41.28 -38.02
CA VAL C 235 27.97 41.19 -36.64
C VAL C 235 28.41 42.45 -35.90
N ILE C 236 27.44 43.16 -35.32
CA ILE C 236 27.71 44.36 -34.54
C ILE C 236 27.23 44.11 -33.11
N MET C 237 28.16 44.07 -32.17
CA MET C 237 27.85 43.86 -30.77
C MET C 237 27.78 45.19 -30.03
N ALA C 238 27.02 45.20 -28.94
CA ALA C 238 26.79 46.42 -28.18
C ALA C 238 26.52 46.06 -26.73
N THR C 239 27.41 46.48 -25.84
CA THR C 239 27.27 46.28 -24.41
C THR C 239 27.10 47.63 -23.71
N ASN C 240 27.06 47.58 -22.37
CA ASN C 240 26.96 48.78 -21.55
C ASN C 240 28.25 49.13 -20.84
N ARG C 241 28.90 48.14 -20.22
CA ARG C 241 30.16 48.33 -19.53
C ARG C 241 31.23 47.50 -20.22
N ILE C 242 32.32 48.16 -20.64
CA ILE C 242 33.40 47.46 -21.35
C ILE C 242 34.26 46.62 -20.41
N GLU C 243 34.15 46.83 -19.10
CA GLU C 243 34.94 46.06 -18.15
C GLU C 243 34.31 44.72 -17.79
N THR C 244 33.03 44.53 -18.06
CA THR C 244 32.38 43.25 -17.75
C THR C 244 32.88 42.14 -18.68
N LEU C 245 33.19 42.48 -19.93
CA LEU C 245 33.65 41.49 -20.89
C LEU C 245 35.09 41.07 -20.58
N ASP C 246 35.34 39.77 -20.62
CA ASP C 246 36.67 39.26 -20.37
C ASP C 246 37.61 39.63 -21.52
N PRO C 247 38.92 39.73 -21.25
CA PRO C 247 39.87 40.06 -22.32
C PRO C 247 39.97 38.99 -23.40
N ALA C 248 39.47 37.78 -23.15
CA ALA C 248 39.51 36.73 -24.16
C ALA C 248 38.46 36.92 -25.24
N LEU C 249 37.38 37.65 -24.97
CA LEU C 249 36.32 37.90 -25.93
C LEU C 249 36.61 39.09 -26.84
N ILE C 250 37.85 39.59 -26.86
CA ILE C 250 38.16 40.81 -27.59
C ILE C 250 38.86 40.48 -28.91
N ARG C 251 39.98 39.75 -28.83
CA ARG C 251 40.81 39.50 -30.01
C ARG C 251 40.08 38.66 -31.06
N PRO C 252 39.39 37.57 -30.71
CA PRO C 252 38.62 36.84 -31.73
C PRO C 252 37.43 37.63 -32.24
N GLY C 253 36.67 38.23 -31.32
CA GLY C 253 35.48 38.97 -31.69
C GLY C 253 35.76 40.31 -32.34
N ARG C 254 36.35 41.23 -31.59
CA ARG C 254 36.65 42.57 -32.10
C ARG C 254 37.97 42.52 -32.86
N ILE C 255 37.89 42.53 -34.19
CA ILE C 255 39.07 42.53 -35.03
C ILE C 255 39.09 43.69 -36.02
N ASP C 256 37.97 44.39 -36.22
CA ASP C 256 37.91 45.45 -37.21
C ASP C 256 38.25 46.81 -36.62
N ARG C 257 37.44 47.27 -35.66
CA ARG C 257 37.62 48.60 -35.08
C ARG C 257 36.65 48.77 -33.92
N LYS C 258 37.02 49.62 -32.96
CA LYS C 258 36.15 50.03 -31.88
C LYS C 258 36.36 51.51 -31.62
N ILE C 259 35.32 52.17 -31.10
CA ILE C 259 35.34 53.60 -30.85
C ILE C 259 34.74 53.88 -29.48
N GLU C 260 34.90 55.12 -29.03
CA GLU C 260 34.43 55.56 -27.72
C GLU C 260 33.34 56.62 -27.90
N PHE C 261 32.43 56.66 -26.93
CA PHE C 261 31.30 57.59 -26.98
C PHE C 261 31.46 58.65 -25.91
N PRO C 262 31.31 59.94 -26.25
CA PRO C 262 31.54 61.00 -25.25
C PRO C 262 30.49 61.04 -24.16
N LEU C 263 30.70 61.87 -23.15
CA LEU C 263 29.79 61.96 -22.02
C LEU C 263 28.63 62.90 -22.35
N PRO C 264 27.38 62.43 -22.31
CA PRO C 264 26.21 63.28 -22.63
C PRO C 264 25.71 64.06 -21.42
N ASP C 265 26.38 65.17 -21.11
CA ASP C 265 26.03 65.98 -19.95
C ASP C 265 25.11 67.15 -20.31
N GLU C 266 25.56 68.05 -21.17
CA GLU C 266 24.79 69.24 -21.51
C GLU C 266 24.52 69.38 -23.00
N LYS C 267 25.53 69.19 -23.84
CA LYS C 267 25.37 69.43 -25.27
C LYS C 267 24.78 68.24 -26.01
N THR C 268 25.19 67.01 -25.65
CA THR C 268 24.58 65.84 -26.25
C THR C 268 23.14 65.67 -25.77
N LYS C 269 22.85 66.07 -24.53
CA LYS C 269 21.47 66.09 -24.06
C LYS C 269 20.71 67.26 -24.68
N LYS C 270 21.40 68.32 -25.08
CA LYS C 270 20.74 69.39 -25.81
C LYS C 270 20.36 68.95 -27.22
N ARG C 271 21.22 68.14 -27.86
CA ARG C 271 20.89 67.63 -29.18
C ARG C 271 19.82 66.55 -29.10
N ILE C 272 19.89 65.68 -28.09
CA ILE C 272 18.84 64.68 -27.89
C ILE C 272 17.50 65.37 -27.60
N PHE C 273 17.54 66.45 -26.82
CA PHE C 273 16.32 67.20 -26.56
C PHE C 273 15.81 67.89 -27.83
N GLN C 274 16.71 68.36 -28.68
CA GLN C 274 16.28 68.98 -29.94
C GLN C 274 15.64 67.97 -30.86
N ILE C 275 16.21 66.76 -30.94
CA ILE C 275 15.64 65.73 -31.81
C ILE C 275 14.31 65.24 -31.26
N HIS C 276 14.22 65.07 -29.94
CA HIS C 276 12.96 64.66 -29.32
C HIS C 276 11.93 65.78 -29.27
N THR C 277 12.33 67.02 -29.56
CA THR C 277 11.41 68.14 -29.59
C THR C 277 11.49 68.89 -30.92
N SER C 278 11.76 68.16 -32.01
CA SER C 278 11.77 68.76 -33.34
C SER C 278 10.41 68.63 -34.02
N ARG C 279 9.75 67.48 -33.88
CA ARG C 279 8.42 67.31 -34.46
C ARG C 279 7.34 67.93 -33.58
N MET C 280 7.50 67.88 -32.26
CA MET C 280 6.52 68.45 -31.35
C MET C 280 6.60 69.97 -31.37
N THR C 281 5.52 70.59 -30.89
CA THR C 281 5.41 72.05 -30.81
C THR C 281 5.43 72.47 -29.35
N LEU C 282 6.36 73.35 -29.00
CA LEU C 282 6.51 73.84 -27.64
C LEU C 282 6.32 75.35 -27.60
N ALA C 283 6.05 75.87 -26.41
CA ALA C 283 5.79 77.28 -26.23
C ALA C 283 7.08 78.09 -26.27
N ASP C 284 6.92 79.42 -26.28
CA ASP C 284 8.08 80.30 -26.37
C ASP C 284 8.83 80.39 -25.04
N ASP C 285 8.10 80.35 -23.92
CA ASP C 285 8.69 80.47 -22.61
C ASP C 285 9.44 79.21 -22.16
N VAL C 286 9.41 78.15 -22.96
CA VAL C 286 10.10 76.91 -22.60
C VAL C 286 11.60 77.15 -22.72
N THR C 287 12.29 77.21 -21.58
CA THR C 287 13.73 77.40 -21.57
C THR C 287 14.44 76.06 -21.66
N LEU C 288 15.72 76.12 -22.03
CA LEU C 288 16.54 74.92 -22.22
C LEU C 288 17.57 74.69 -21.14
N ASP C 289 18.06 75.77 -20.50
CA ASP C 289 19.14 75.62 -19.52
C ASP C 289 18.68 74.83 -18.29
N ASP C 290 17.43 75.03 -17.86
CA ASP C 290 16.93 74.27 -16.72
C ASP C 290 16.70 72.81 -17.07
N LEU C 291 16.33 72.53 -18.32
CA LEU C 291 16.09 71.15 -18.75
C LEU C 291 17.40 70.40 -18.93
N ILE C 292 18.42 71.03 -19.49
CA ILE C 292 19.74 70.42 -19.59
C ILE C 292 20.55 70.59 -18.32
N MET C 293 19.98 71.22 -17.29
CA MET C 293 20.64 71.40 -16.00
C MET C 293 20.12 70.42 -14.96
N ALA C 294 18.81 70.20 -14.90
CA ALA C 294 18.23 69.31 -13.91
C ALA C 294 18.54 67.84 -14.20
N LYS C 295 18.88 67.50 -15.44
CA LYS C 295 19.21 66.12 -15.77
C LYS C 295 20.63 65.78 -15.30
N ASP C 296 20.85 64.48 -15.07
CA ASP C 296 22.15 64.01 -14.60
C ASP C 296 22.30 62.55 -15.02
N ASP C 297 23.08 62.31 -16.06
CA ASP C 297 23.35 60.97 -16.59
C ASP C 297 22.06 60.23 -16.92
N LEU C 298 21.35 60.78 -17.91
CA LEU C 298 20.07 60.25 -18.36
C LEU C 298 20.14 59.87 -19.83
N SER C 299 19.49 58.77 -20.19
CA SER C 299 19.40 58.34 -21.58
C SER C 299 18.23 59.03 -22.26
N GLY C 300 17.90 58.60 -23.48
CA GLY C 300 16.80 59.20 -24.22
C GLY C 300 15.46 58.54 -24.04
N ALA C 301 15.39 57.41 -23.34
CA ALA C 301 14.12 56.72 -23.16
C ALA C 301 13.23 57.43 -22.16
N ASP C 302 13.81 58.05 -21.13
CA ASP C 302 13.01 58.78 -20.15
C ASP C 302 12.60 60.15 -20.65
N ILE C 303 13.45 60.82 -21.44
CA ILE C 303 13.05 62.08 -22.03
C ILE C 303 12.05 61.84 -23.15
N LYS C 304 12.12 60.68 -23.81
CA LYS C 304 11.06 60.30 -24.75
C LYS C 304 9.79 59.93 -24.00
N ALA C 305 9.92 59.39 -22.78
CA ALA C 305 8.74 59.08 -21.98
C ALA C 305 8.04 60.35 -21.51
N ILE C 306 8.80 61.38 -21.15
CA ILE C 306 8.18 62.64 -20.74
C ILE C 306 7.77 63.48 -21.95
N CYS C 307 8.32 63.22 -23.13
CA CYS C 307 7.78 63.81 -24.34
C CYS C 307 6.45 63.15 -24.72
N THR C 308 6.33 61.84 -24.47
CA THR C 308 5.07 61.16 -24.76
C THR C 308 3.98 61.55 -23.77
N GLU C 309 4.28 61.46 -22.47
CA GLU C 309 3.30 61.86 -21.46
C GLU C 309 3.11 63.36 -21.41
N ALA C 310 4.05 64.14 -21.96
CA ALA C 310 3.87 65.58 -22.06
C ALA C 310 3.00 65.94 -23.26
N GLY C 311 3.15 65.20 -24.37
CA GLY C 311 2.27 65.41 -25.50
C GLY C 311 0.86 64.92 -25.25
N LEU C 312 0.72 63.86 -24.44
CA LEU C 312 -0.61 63.39 -24.07
C LEU C 312 -1.23 64.25 -22.98
N MET C 313 -0.43 64.65 -21.99
CA MET C 313 -0.94 65.51 -20.93
C MET C 313 -1.35 66.88 -21.48
N ALA C 314 -0.52 67.44 -22.36
CA ALA C 314 -0.93 68.66 -23.05
C ALA C 314 -2.05 68.40 -24.04
N LEU C 315 -2.14 67.18 -24.56
CA LEU C 315 -3.20 66.80 -25.47
C LEU C 315 -4.54 66.60 -24.75
N ARG C 316 -4.53 66.53 -23.42
CA ARG C 316 -5.79 66.41 -22.69
C ARG C 316 -6.69 67.61 -22.91
N GLU C 317 -6.10 68.81 -23.07
CA GLU C 317 -6.84 70.02 -23.37
C GLU C 317 -7.06 70.21 -24.87
N ARG C 318 -6.89 69.15 -25.66
CA ARG C 318 -7.08 69.20 -27.11
C ARG C 318 -6.16 70.22 -27.77
N ARG C 319 -4.94 70.34 -27.23
CA ARG C 319 -3.94 71.23 -27.76
C ARG C 319 -2.62 70.49 -27.95
N MET C 320 -1.89 70.85 -29.00
CA MET C 320 -0.60 70.25 -29.29
C MET C 320 0.58 71.06 -28.74
N LYS C 321 0.33 72.27 -28.26
CA LYS C 321 1.41 73.09 -27.71
C LYS C 321 1.70 72.68 -26.28
N VAL C 322 2.97 72.42 -25.99
CA VAL C 322 3.42 72.01 -24.66
C VAL C 322 3.93 73.26 -23.94
N THR C 323 3.23 73.67 -22.90
CA THR C 323 3.64 74.85 -22.13
C THR C 323 4.86 74.52 -21.28
N ASN C 324 5.45 75.58 -20.70
CA ASN C 324 6.65 75.40 -19.89
C ASN C 324 6.32 74.76 -18.55
N GLU C 325 5.21 75.17 -17.93
CA GLU C 325 4.84 74.61 -16.63
C GLU C 325 4.43 73.15 -16.75
N ASP C 326 3.85 72.75 -17.88
CA ASP C 326 3.48 71.36 -18.07
C ASP C 326 4.68 70.49 -18.42
N PHE C 327 5.69 71.08 -19.08
CA PHE C 327 6.90 70.34 -19.39
C PHE C 327 7.84 70.25 -18.20
N LYS C 328 7.73 71.19 -17.24
CA LYS C 328 8.42 71.01 -15.97
C LYS C 328 7.66 70.04 -15.07
N LYS C 329 6.32 70.08 -15.14
CA LYS C 329 5.52 69.09 -14.40
C LYS C 329 5.80 67.68 -14.91
N SER C 330 6.07 67.53 -16.21
CA SER C 330 6.53 66.26 -16.74
C SER C 330 8.01 66.03 -16.48
N LYS C 331 8.79 67.10 -16.31
CA LYS C 331 10.20 66.98 -15.96
C LYS C 331 10.39 66.46 -14.55
N GLU C 332 9.41 66.66 -13.67
CA GLU C 332 9.48 66.08 -12.33
C GLU C 332 9.55 64.56 -12.36
N ASN C 333 9.00 63.94 -13.41
CA ASN C 333 9.15 62.49 -13.57
C ASN C 333 10.60 62.13 -13.86
N VAL C 334 11.31 62.96 -14.62
CA VAL C 334 12.72 62.74 -14.85
C VAL C 334 13.52 62.96 -13.57
N LEU C 335 13.21 64.02 -12.84
CA LEU C 335 13.95 64.31 -11.60
C LEU C 335 13.71 63.25 -10.54
N TYR C 336 12.52 62.64 -10.53
CA TYR C 336 12.21 61.64 -9.52
C TYR C 336 12.69 60.24 -9.93
N LYS C 337 12.58 59.90 -11.21
CA LYS C 337 12.82 58.53 -11.64
C LYS C 337 14.30 58.14 -11.45
N LYS C 338 15.21 59.03 -11.82
CA LYS C 338 16.63 58.71 -11.68
C LYS C 338 17.07 58.73 -10.22
N GLN C 339 16.37 59.48 -9.37
CA GLN C 339 16.68 59.53 -7.95
C GLN C 339 15.97 58.44 -7.14
N GLU C 340 15.08 57.68 -7.76
CA GLU C 340 14.37 56.61 -7.07
C GLU C 340 15.08 55.28 -7.27
N LEU D 1 -89.73 -15.19 -5.47
CA LEU D 1 -88.41 -14.76 -5.89
C LEU D 1 -87.57 -14.40 -4.66
N GLU D 2 -87.06 -13.16 -4.62
CA GLU D 2 -86.26 -12.66 -3.50
C GLU D 2 -85.05 -13.54 -3.23
N GLU D 3 -84.44 -14.05 -4.29
CA GLU D 3 -83.23 -14.86 -4.19
C GLU D 3 -82.02 -14.18 -4.83
N GLY D 4 -82.17 -13.67 -6.05
CA GLY D 4 -81.06 -12.97 -6.69
C GLY D 4 -80.68 -11.70 -5.96
N LYS D 5 -81.62 -11.08 -5.25
CA LYS D 5 -81.34 -9.88 -4.48
C LYS D 5 -80.96 -10.17 -3.04
N ALA D 6 -81.41 -11.30 -2.48
CA ALA D 6 -81.14 -11.66 -1.11
C ALA D 6 -80.16 -12.82 -0.97
N GLY D 7 -80.45 -13.96 -1.60
CA GLY D 7 -79.55 -15.09 -1.53
C GLY D 7 -78.31 -14.87 -2.37
N SER D 8 -78.50 -14.58 -3.66
CA SER D 8 -77.38 -14.17 -4.50
C SER D 8 -76.88 -12.78 -4.13
N GLY D 9 -77.65 -12.02 -3.35
CA GLY D 9 -77.16 -10.76 -2.84
C GLY D 9 -76.12 -10.94 -1.75
N LEU D 10 -76.40 -11.84 -0.80
CA LEU D 10 -75.39 -12.15 0.22
C LEU D 10 -74.27 -13.00 -0.34
N ARG D 11 -74.55 -13.78 -1.40
CA ARG D 11 -73.48 -14.48 -2.10
C ARG D 11 -72.58 -13.49 -2.82
N GLN D 12 -73.16 -12.41 -3.37
CA GLN D 12 -72.36 -11.37 -4.01
C GLN D 12 -71.59 -10.55 -2.98
N TYR D 13 -72.16 -10.34 -1.79
CA TYR D 13 -71.43 -9.67 -0.73
C TYR D 13 -70.28 -10.52 -0.25
N TYR D 14 -70.49 -11.84 -0.13
CA TYR D 14 -69.39 -12.74 0.16
C TYR D 14 -68.35 -12.72 -0.95
N LEU D 15 -68.79 -12.52 -2.20
CA LEU D 15 -67.84 -12.33 -3.29
C LEU D 15 -67.07 -11.03 -3.13
N SER D 16 -67.69 -10.01 -2.54
CA SER D 16 -66.98 -8.77 -2.26
C SER D 16 -65.94 -8.96 -1.17
N LYS D 17 -66.27 -9.76 -0.15
CA LYS D 17 -65.26 -10.12 0.85
C LYS D 17 -64.13 -10.95 0.23
N ILE D 18 -64.47 -11.80 -0.74
CA ILE D 18 -63.43 -12.51 -1.50
C ILE D 18 -62.58 -11.51 -2.28
N GLU D 19 -63.19 -10.44 -2.77
CA GLU D 19 -62.41 -9.38 -3.40
C GLU D 19 -61.53 -8.64 -2.39
N GLU D 20 -61.94 -8.63 -1.12
CA GLU D 20 -61.08 -8.07 -0.08
C GLU D 20 -59.89 -8.98 0.20
N LEU D 21 -60.12 -10.30 0.21
CA LEU D 21 -59.01 -11.23 0.35
C LEU D 21 -58.07 -11.17 -0.86
N GLN D 22 -58.62 -10.93 -2.05
CA GLN D 22 -57.80 -10.69 -3.23
C GLN D 22 -57.21 -9.28 -3.25
N LEU D 23 -57.66 -8.41 -2.35
CA LEU D 23 -56.98 -7.14 -2.15
C LEU D 23 -55.82 -7.28 -1.16
N ILE D 24 -55.93 -8.22 -0.24
CA ILE D 24 -54.81 -8.54 0.64
C ILE D 24 -53.73 -9.29 -0.13
N VAL D 25 -54.14 -10.28 -0.92
CA VAL D 25 -53.19 -10.94 -1.82
C VAL D 25 -52.70 -9.95 -2.87
N ASN D 26 -53.55 -9.02 -3.30
CA ASN D 26 -53.17 -8.06 -4.32
C ASN D 26 -52.08 -7.13 -3.82
N ASP D 27 -52.33 -6.43 -2.70
CA ASP D 27 -51.34 -5.49 -2.20
C ASP D 27 -50.15 -6.18 -1.56
N LYS D 28 -50.30 -7.43 -1.09
CA LYS D 28 -49.13 -8.21 -0.71
C LYS D 28 -48.26 -8.52 -1.92
N SER D 29 -48.88 -8.81 -3.06
CA SER D 29 -48.09 -8.95 -4.29
C SER D 29 -47.48 -7.61 -4.70
N GLN D 30 -48.16 -6.50 -4.43
CA GLN D 30 -47.64 -5.19 -4.81
C GLN D 30 -46.41 -4.82 -4.00
N ASN D 31 -46.51 -4.88 -2.67
CA ASN D 31 -45.37 -4.49 -1.83
C ASN D 31 -44.27 -5.54 -1.86
N LEU D 32 -44.63 -6.82 -2.00
CA LEU D 32 -43.62 -7.85 -2.16
C LEU D 32 -42.88 -7.72 -3.48
N ARG D 33 -43.57 -7.28 -4.54
CA ARG D 33 -42.89 -7.06 -5.81
C ARG D 33 -42.13 -5.74 -5.85
N ARG D 34 -42.51 -4.77 -5.02
CA ARG D 34 -41.73 -3.54 -4.91
C ARG D 34 -40.45 -3.78 -4.11
N LEU D 35 -40.54 -4.52 -3.00
CA LEU D 35 -39.33 -4.97 -2.33
C LEU D 35 -38.49 -5.87 -3.22
N GLN D 36 -39.15 -6.66 -4.07
CA GLN D 36 -38.43 -7.46 -5.06
C GLN D 36 -37.70 -6.56 -6.06
N ALA D 37 -38.31 -5.42 -6.39
CA ALA D 37 -37.64 -4.46 -7.25
C ALA D 37 -36.48 -3.77 -6.52
N GLN D 38 -36.59 -3.62 -5.20
CA GLN D 38 -35.49 -3.04 -4.43
C GLN D 38 -34.30 -3.98 -4.37
N ARG D 39 -34.54 -5.25 -4.03
CA ARG D 39 -33.45 -6.23 -3.99
C ARG D 39 -32.88 -6.47 -5.38
N ASN D 40 -33.75 -6.48 -6.40
CA ASN D 40 -33.28 -6.64 -7.77
C ASN D 40 -32.45 -5.45 -8.22
N GLU D 41 -32.80 -4.25 -7.75
CA GLU D 41 -32.04 -3.05 -8.11
C GLU D 41 -30.72 -2.98 -7.36
N LEU D 42 -30.66 -3.53 -6.14
CA LEU D 42 -29.41 -3.51 -5.39
C LEU D 42 -28.45 -4.58 -5.91
N ASN D 43 -28.93 -5.80 -6.09
CA ASN D 43 -28.10 -6.85 -6.66
C ASN D 43 -27.71 -6.52 -8.11
N ALA D 44 -28.61 -5.88 -8.85
CA ALA D 44 -28.25 -5.38 -10.18
C ALA D 44 -27.26 -4.23 -10.06
N LYS D 45 -27.28 -3.49 -8.96
CA LYS D 45 -26.32 -2.40 -8.78
C LYS D 45 -24.92 -2.94 -8.52
N VAL D 46 -24.80 -3.95 -7.65
CA VAL D 46 -23.48 -4.56 -7.46
C VAL D 46 -23.07 -5.37 -8.69
N ARG D 47 -24.05 -5.81 -9.50
CA ARG D 47 -23.70 -6.37 -10.80
C ARG D 47 -23.11 -5.30 -11.71
N LEU D 48 -23.64 -4.08 -11.64
CA LEU D 48 -23.01 -2.96 -12.35
C LEU D 48 -21.65 -2.64 -11.78
N LEU D 49 -21.43 -2.91 -10.48
CA LEU D 49 -20.09 -2.79 -9.92
C LEU D 49 -19.16 -3.85 -10.49
N ARG D 50 -19.68 -5.05 -10.75
CA ARG D 50 -18.89 -6.06 -11.44
C ARG D 50 -18.62 -5.65 -12.88
N GLU D 51 -19.53 -4.87 -13.48
CA GLU D 51 -19.22 -4.26 -14.76
C GLU D 51 -18.12 -3.22 -14.63
N GLU D 52 -18.07 -2.51 -13.50
CA GLU D 52 -16.98 -1.59 -13.23
C GLU D 52 -15.67 -2.32 -12.92
N LEU D 53 -15.74 -3.62 -12.59
CA LEU D 53 -14.54 -4.37 -12.26
C LEU D 53 -13.56 -4.44 -13.43
N GLN D 54 -14.04 -4.28 -14.67
CA GLN D 54 -13.10 -4.18 -15.78
C GLN D 54 -12.37 -2.84 -15.79
N LEU D 55 -13.04 -1.78 -15.32
CA LEU D 55 -12.36 -0.51 -15.12
C LEU D 55 -11.44 -0.53 -13.92
N LEU D 56 -11.68 -1.45 -12.97
CA LEU D 56 -10.69 -1.72 -11.94
C LEU D 56 -9.50 -2.48 -12.53
N GLN D 57 -9.77 -3.41 -13.46
CA GLN D 57 -8.70 -4.10 -14.16
C GLN D 57 -7.95 -3.19 -15.11
N GLU D 58 -8.50 -2.00 -15.40
CA GLU D 58 -7.86 -1.02 -16.27
C GLU D 58 -6.58 -0.47 -15.64
N GLN D 59 -6.26 -0.93 -14.42
CA GLN D 59 -5.13 -0.42 -13.65
C GLN D 59 -5.29 1.06 -13.32
N GLY D 60 -6.53 1.49 -13.14
CA GLY D 60 -6.79 2.89 -12.85
C GLY D 60 -6.71 3.76 -14.09
N SER D 61 -6.61 5.07 -13.85
CA SER D 61 -6.47 6.04 -14.93
C SER D 61 -5.56 7.16 -14.45
N TYR D 62 -5.03 7.92 -15.41
CA TYR D 62 -4.08 8.98 -15.10
C TYR D 62 -4.82 10.28 -14.82
N VAL D 63 -4.06 11.34 -14.56
CA VAL D 63 -4.61 12.67 -14.31
C VAL D 63 -4.02 13.59 -15.38
N GLY D 64 -4.82 13.93 -16.39
CA GLY D 64 -4.33 14.77 -17.46
C GLY D 64 -4.42 16.25 -17.14
N GLU D 65 -3.48 17.00 -17.68
CA GLU D 65 -3.43 18.45 -17.54
C GLU D 65 -3.20 19.07 -18.91
N VAL D 66 -4.23 19.70 -19.47
CA VAL D 66 -4.13 20.30 -20.79
C VAL D 66 -3.49 21.68 -20.67
N VAL D 67 -2.51 21.94 -21.52
CA VAL D 67 -1.82 23.22 -21.53
C VAL D 67 -2.07 24.03 -22.81
N ARG D 68 -2.41 23.38 -23.92
CA ARG D 68 -2.64 24.08 -25.17
C ARG D 68 -3.61 23.28 -26.02
N ALA D 69 -4.62 23.95 -26.56
CA ALA D 69 -5.59 23.32 -27.44
C ALA D 69 -5.22 23.54 -28.90
N MET D 70 -5.40 22.51 -29.71
CA MET D 70 -5.08 22.56 -31.14
C MET D 70 -6.36 22.57 -31.95
N ASP D 71 -6.34 23.29 -33.06
CA ASP D 71 -7.53 23.47 -33.90
C ASP D 71 -7.84 22.25 -34.77
N LYS D 72 -6.96 21.26 -34.81
CA LYS D 72 -7.18 20.06 -35.62
C LYS D 72 -7.90 18.96 -34.85
N LYS D 73 -8.62 19.31 -33.78
CA LYS D 73 -9.34 18.35 -32.94
C LYS D 73 -8.41 17.30 -32.36
N LYS D 74 -7.15 17.67 -32.12
CA LYS D 74 -6.16 16.77 -31.53
C LYS D 74 -5.48 17.57 -30.41
N VAL D 75 -6.05 17.50 -29.21
CA VAL D 75 -5.60 18.33 -28.10
C VAL D 75 -4.45 17.64 -27.39
N LEU D 76 -3.31 18.32 -27.31
CA LEU D 76 -2.17 17.81 -26.56
C LEU D 76 -2.38 18.04 -25.07
N VAL D 77 -2.00 17.05 -24.25
CA VAL D 77 -2.20 17.08 -22.81
C VAL D 77 -0.87 16.83 -22.13
N LYS D 78 -0.49 17.73 -21.23
CA LYS D 78 0.72 17.54 -20.42
C LYS D 78 0.44 16.53 -19.32
N VAL D 79 1.20 15.43 -19.32
CA VAL D 79 1.01 14.34 -18.37
C VAL D 79 2.30 14.17 -17.58
N HIS D 80 2.30 13.19 -16.68
CA HIS D 80 3.45 12.74 -15.91
C HIS D 80 4.67 12.57 -16.81
N PRO D 81 5.90 12.82 -16.30
CA PRO D 81 7.10 12.64 -17.13
C PRO D 81 7.12 11.35 -17.93
N GLU D 82 7.76 11.39 -19.10
CA GLU D 82 7.64 10.36 -20.13
C GLU D 82 6.20 10.25 -20.65
N GLY D 83 5.44 11.34 -20.54
CA GLY D 83 4.10 11.41 -21.06
C GLY D 83 3.98 12.35 -22.24
N LYS D 84 3.24 13.44 -22.07
CA LYS D 84 2.98 14.41 -23.13
C LYS D 84 2.36 13.72 -24.35
N PHE D 85 1.19 13.14 -24.11
CA PHE D 85 0.50 12.33 -25.11
C PHE D 85 -0.60 13.17 -25.75
N VAL D 86 -0.41 13.54 -27.01
CA VAL D 86 -1.42 14.27 -27.77
C VAL D 86 -2.38 13.28 -28.38
N VAL D 87 -3.69 13.55 -28.26
CA VAL D 87 -4.70 12.58 -28.65
C VAL D 87 -6.03 13.32 -28.78
N ASP D 88 -6.93 12.76 -29.59
CA ASP D 88 -8.28 13.29 -29.71
C ASP D 88 -9.14 12.79 -28.54
N VAL D 89 -9.96 13.68 -27.99
CA VAL D 89 -10.81 13.35 -26.87
C VAL D 89 -11.98 12.49 -27.35
N ASP D 90 -12.69 11.87 -26.42
CA ASP D 90 -13.83 11.03 -26.77
C ASP D 90 -14.91 11.85 -27.47
N LYS D 91 -15.76 11.13 -28.22
CA LYS D 91 -16.75 11.77 -29.07
C LYS D 91 -17.90 12.40 -28.30
N ASN D 92 -18.21 11.88 -27.11
CA ASN D 92 -19.33 12.42 -26.34
C ASN D 92 -18.98 13.69 -25.58
N ILE D 93 -17.73 14.14 -25.61
CA ILE D 93 -17.29 15.34 -24.94
C ILE D 93 -16.74 16.30 -25.98
N ASP D 94 -17.22 17.54 -25.95
CA ASP D 94 -16.77 18.54 -26.92
C ASP D 94 -15.36 19.02 -26.60
N ILE D 95 -14.72 19.61 -27.61
CA ILE D 95 -13.35 20.07 -27.49
C ILE D 95 -13.28 21.51 -26.96
N ASN D 96 -14.18 22.36 -27.42
CA ASN D 96 -14.13 23.78 -27.06
C ASN D 96 -14.37 24.00 -25.57
N ASP D 97 -15.11 23.10 -24.92
CA ASP D 97 -15.37 23.26 -23.49
C ASP D 97 -14.12 23.03 -22.65
N VAL D 98 -13.20 22.20 -23.14
CA VAL D 98 -11.97 21.91 -22.41
C VAL D 98 -11.05 23.11 -22.51
N THR D 99 -10.93 23.88 -21.42
CA THR D 99 -10.08 25.05 -21.43
C THR D 99 -8.64 24.67 -21.08
N PRO D 100 -7.65 25.30 -21.72
CA PRO D 100 -6.26 24.99 -21.42
C PRO D 100 -5.87 25.44 -20.01
N ASN D 101 -4.67 25.03 -19.62
CA ASN D 101 -4.09 25.40 -18.32
C ASN D 101 -4.95 24.92 -17.16
N CYS D 102 -5.57 23.75 -17.33
CA CYS D 102 -6.41 23.15 -16.31
C CYS D 102 -6.20 21.64 -16.29
N ARG D 103 -6.44 21.04 -15.14
CA ARG D 103 -6.31 19.60 -14.98
C ARG D 103 -7.63 18.91 -15.30
N VAL D 104 -7.54 17.74 -15.93
CA VAL D 104 -8.70 16.97 -16.34
C VAL D 104 -8.49 15.51 -15.93
N ALA D 105 -9.45 14.67 -16.27
CA ALA D 105 -9.41 13.24 -16.00
C ALA D 105 -9.19 12.51 -17.31
N LEU D 106 -8.08 11.77 -17.41
CA LEU D 106 -7.70 11.08 -18.63
C LEU D 106 -7.42 9.61 -18.31
N ARG D 107 -7.94 8.72 -19.15
CA ARG D 107 -7.69 7.30 -18.95
C ARG D 107 -6.27 6.95 -19.38
N ASN D 108 -5.74 5.87 -18.78
CA ASN D 108 -4.35 5.50 -18.99
C ASN D 108 -4.12 4.73 -20.27
N ASP D 109 -5.17 4.18 -20.89
CA ASP D 109 -5.03 3.41 -22.11
C ASP D 109 -5.77 4.02 -23.29
N SER D 110 -7.01 4.46 -23.08
CA SER D 110 -7.78 5.07 -24.17
C SER D 110 -7.46 6.55 -24.36
N TYR D 111 -6.93 7.21 -23.34
CA TYR D 111 -6.58 8.63 -23.41
C TYR D 111 -7.80 9.49 -23.73
N THR D 112 -8.92 9.19 -23.09
CA THR D 112 -10.16 9.91 -23.29
C THR D 112 -10.45 10.80 -22.08
N LEU D 113 -10.94 12.01 -22.34
CA LEU D 113 -11.25 12.96 -21.29
C LEU D 113 -12.64 12.68 -20.72
N HIS D 114 -12.76 12.79 -19.40
CA HIS D 114 -14.04 12.57 -18.72
C HIS D 114 -14.74 13.88 -18.38
N LYS D 115 -14.07 14.76 -17.62
CA LYS D 115 -14.67 16.02 -17.20
C LYS D 115 -13.55 16.96 -16.75
N ILE D 116 -13.91 18.21 -16.54
CA ILE D 116 -12.98 19.21 -16.04
C ILE D 116 -12.79 19.03 -14.54
N LEU D 117 -11.59 19.34 -14.06
CA LEU D 117 -11.27 19.23 -12.64
C LEU D 117 -10.77 20.56 -12.11
N PRO D 118 -11.11 20.92 -10.87
CA PRO D 118 -10.67 22.18 -10.26
C PRO D 118 -9.19 22.16 -9.88
N LEU D 144 -17.41 52.88 27.74
CA LEU D 144 -17.37 53.63 26.49
C LEU D 144 -18.78 54.07 26.10
N ASP D 145 -19.47 54.72 27.04
CA ASP D 145 -20.84 55.16 26.78
C ASP D 145 -20.89 56.25 25.72
N LYS D 146 -19.91 57.15 25.72
CA LYS D 146 -19.88 58.20 24.69
C LYS D 146 -19.48 57.63 23.34
N GLN D 147 -18.62 56.62 23.31
CA GLN D 147 -18.19 56.05 22.04
C GLN D 147 -19.29 55.21 21.41
N ILE D 148 -20.05 54.49 22.22
CA ILE D 148 -21.20 53.76 21.67
C ILE D 148 -22.32 54.73 21.33
N LYS D 149 -22.46 55.82 22.09
CA LYS D 149 -23.47 56.82 21.78
C LYS D 149 -23.17 57.51 20.46
N GLU D 150 -21.89 57.70 20.14
CA GLU D 150 -21.51 58.29 18.86
C GLU D 150 -21.42 57.28 17.74
N ILE D 151 -21.27 55.99 18.05
CA ILE D 151 -21.16 54.96 17.02
C ILE D 151 -22.50 54.30 16.70
N LYS D 152 -23.55 54.58 17.47
CA LYS D 152 -24.87 54.01 17.18
C LYS D 152 -25.33 54.40 15.78
N GLU D 153 -25.08 55.65 15.36
CA GLU D 153 -25.46 56.08 14.03
C GLU D 153 -24.65 55.41 12.94
N VAL D 154 -23.50 54.80 13.28
CA VAL D 154 -22.62 54.20 12.30
C VAL D 154 -22.85 52.70 12.18
N ILE D 155 -23.04 52.00 13.31
CA ILE D 155 -23.17 50.56 13.32
C ILE D 155 -24.57 50.12 13.73
N GLU D 156 -25.18 50.80 14.70
CA GLU D 156 -26.53 50.45 15.14
C GLU D 156 -27.60 50.91 14.17
N LEU D 157 -27.27 51.75 13.19
CA LEU D 157 -28.27 52.19 12.24
C LEU D 157 -28.63 51.12 11.22
N PRO D 158 -27.68 50.41 10.59
CA PRO D 158 -28.06 49.36 9.63
C PRO D 158 -28.52 48.06 10.26
N VAL D 159 -28.80 48.03 11.56
CA VAL D 159 -29.16 46.79 12.24
C VAL D 159 -30.60 46.40 11.94
N LYS D 160 -31.54 47.30 12.22
CA LYS D 160 -32.95 46.95 12.21
C LYS D 160 -33.65 47.22 10.88
N HIS D 161 -33.12 48.12 10.05
CA HIS D 161 -33.76 48.51 8.80
C HIS D 161 -32.77 48.43 7.66
N PRO D 162 -32.52 47.23 7.12
CA PRO D 162 -31.66 47.12 5.93
C PRO D 162 -32.33 47.61 4.66
N GLU D 163 -33.66 47.71 4.63
CA GLU D 163 -34.36 48.11 3.42
C GLU D 163 -34.33 49.61 3.20
N LEU D 164 -34.37 50.40 4.28
CA LEU D 164 -34.41 51.85 4.20
C LEU D 164 -33.23 52.46 3.46
N PHE D 165 -32.21 51.67 3.13
CA PHE D 165 -31.02 52.17 2.43
C PHE D 165 -31.27 52.44 0.95
N GLU D 166 -32.52 52.45 0.53
CA GLU D 166 -32.90 52.87 -0.82
C GLU D 166 -33.90 54.02 -0.83
N ALA D 167 -34.72 54.18 0.21
CA ALA D 167 -35.63 55.31 0.32
C ALA D 167 -35.00 56.47 1.07
N LEU D 168 -34.18 56.19 2.09
CA LEU D 168 -33.56 57.26 2.86
C LEU D 168 -32.51 57.98 2.02
N GLY D 169 -32.65 59.30 1.91
CA GLY D 169 -31.73 60.10 1.14
C GLY D 169 -30.96 61.10 2.00
N ILE D 170 -30.53 60.65 3.18
CA ILE D 170 -29.85 61.52 4.13
C ILE D 170 -28.33 61.40 4.02
N ALA D 171 -27.84 60.72 2.98
CA ALA D 171 -26.40 60.58 2.70
C ALA D 171 -25.67 59.96 3.88
N GLN D 172 -25.98 58.68 4.13
CA GLN D 172 -25.32 57.95 5.19
C GLN D 172 -23.81 57.89 4.93
N PRO D 173 -22.98 58.03 5.96
CA PRO D 173 -21.53 58.02 5.75
C PRO D 173 -21.02 56.65 5.32
N LYS D 174 -19.91 56.66 4.59
CA LYS D 174 -19.34 55.43 4.07
C LYS D 174 -18.51 54.70 5.12
N GLY D 175 -17.65 55.42 5.85
CA GLY D 175 -16.81 54.82 6.85
C GLY D 175 -16.51 55.79 7.98
N VAL D 176 -15.86 55.27 9.01
CA VAL D 176 -15.49 56.05 10.19
C VAL D 176 -14.08 55.67 10.60
N LEU D 177 -13.34 56.65 11.14
CA LEU D 177 -12.00 56.44 11.61
C LEU D 177 -11.93 56.69 13.12
N LEU D 178 -11.01 56.00 13.79
CA LEU D 178 -10.82 56.12 15.23
C LEU D 178 -9.32 56.19 15.50
N TYR D 179 -8.80 57.38 15.72
CA TYR D 179 -7.38 57.59 15.97
C TYR D 179 -7.13 57.78 17.46
N GLY D 180 -6.08 57.12 17.96
CA GLY D 180 -5.74 57.17 19.36
C GLY D 180 -5.12 55.87 19.83
N PRO D 181 -4.88 55.75 21.13
CA PRO D 181 -4.29 54.52 21.67
C PRO D 181 -5.29 53.39 21.65
N PRO D 182 -5.04 52.34 20.86
CA PRO D 182 -6.03 51.27 20.71
C PRO D 182 -6.14 50.38 21.95
N GLY D 183 -6.59 50.94 23.07
CA GLY D 183 -6.78 50.15 24.26
C GLY D 183 -8.06 49.34 24.22
N THR D 184 -9.21 50.02 24.18
CA THR D 184 -10.50 49.38 24.07
C THR D 184 -11.30 50.06 22.96
N GLY D 185 -11.75 49.29 21.98
CA GLY D 185 -12.53 49.85 20.90
C GLY D 185 -12.13 49.35 19.53
N LYS D 186 -11.00 48.65 19.44
CA LYS D 186 -10.53 48.12 18.16
C LYS D 186 -11.16 46.78 17.82
N THR D 187 -11.36 45.91 18.82
CA THR D 187 -11.95 44.60 18.61
C THR D 187 -13.19 44.37 19.46
N LEU D 188 -13.18 44.80 20.73
CA LEU D 188 -14.32 44.57 21.60
C LEU D 188 -15.52 45.41 21.19
N LEU D 189 -15.28 46.64 20.70
CA LEU D 189 -16.39 47.49 20.29
C LEU D 189 -16.98 47.03 18.96
N ALA D 190 -16.12 46.73 17.99
CA ALA D 190 -16.61 46.30 16.68
C ALA D 190 -17.26 44.93 16.76
N ARG D 191 -16.67 44.01 17.52
CA ARG D 191 -17.25 42.68 17.67
C ARG D 191 -18.39 42.65 18.67
N ALA D 192 -18.50 43.66 19.53
CA ALA D 192 -19.61 43.71 20.48
C ALA D 192 -20.85 44.33 19.85
N VAL D 193 -20.70 45.51 19.23
CA VAL D 193 -21.84 46.12 18.55
C VAL D 193 -22.17 45.33 17.28
N ALA D 194 -21.16 44.81 16.59
CA ALA D 194 -21.42 43.91 15.48
C ALA D 194 -21.98 42.58 15.97
N HIS D 195 -21.66 42.19 17.21
CA HIS D 195 -22.30 41.03 17.81
C HIS D 195 -23.76 41.31 18.12
N HIS D 196 -24.11 42.58 18.37
CA HIS D 196 -25.52 42.96 18.47
C HIS D 196 -26.17 43.04 17.10
N THR D 197 -25.39 43.31 16.05
CA THR D 197 -25.92 43.30 14.69
C THR D 197 -26.17 41.88 14.19
N ASP D 198 -25.51 40.89 14.78
CA ASP D 198 -25.66 39.48 14.40
C ASP D 198 -25.24 39.23 12.95
N CYS D 199 -24.31 40.04 12.46
CA CYS D 199 -23.75 39.88 11.13
C CYS D 199 -22.33 39.32 11.20
N THR D 200 -21.84 38.83 10.07
CA THR D 200 -20.49 38.31 10.01
C THR D 200 -19.47 39.44 10.14
N PHE D 201 -18.33 39.12 10.74
CA PHE D 201 -17.26 40.09 11.00
C PHE D 201 -16.00 39.62 10.31
N ILE D 202 -15.68 40.24 9.17
CA ILE D 202 -14.49 39.90 8.38
C ILE D 202 -13.36 40.83 8.80
N ARG D 203 -12.18 40.26 9.02
CA ARG D 203 -11.00 41.00 9.43
C ARG D 203 -9.91 40.91 8.37
N VAL D 204 -9.09 41.96 8.30
CA VAL D 204 -7.99 41.97 7.33
C VAL D 204 -6.87 41.03 7.79
N SER D 205 -6.56 41.07 9.08
CA SER D 205 -5.50 40.24 9.66
C SER D 205 -4.16 40.43 8.94
N ARG D 219 1.59 38.97 -2.50
CA ARG D 219 1.35 40.16 -1.68
C ARG D 219 0.30 39.86 -0.60
N MET D 220 -0.63 38.96 -0.94
CA MET D 220 -1.61 38.41 -0.01
C MET D 220 -2.55 39.47 0.56
N VAL D 221 -2.64 40.65 -0.06
CA VAL D 221 -3.55 41.69 0.37
C VAL D 221 -4.69 41.91 -0.62
N ARG D 222 -4.75 41.13 -1.69
CA ARG D 222 -5.80 41.26 -2.70
C ARG D 222 -6.80 40.12 -2.69
N GLU D 223 -6.37 38.91 -2.32
CA GLU D 223 -7.30 37.79 -2.27
C GLU D 223 -8.33 37.96 -1.16
N LEU D 224 -7.93 38.56 -0.03
CA LEU D 224 -8.91 38.88 1.01
C LEU D 224 -9.84 39.99 0.56
N PHE D 225 -9.39 40.85 -0.36
CA PHE D 225 -10.27 41.84 -0.94
C PHE D 225 -11.26 41.22 -1.92
N VAL D 226 -10.84 40.16 -2.62
CA VAL D 226 -11.77 39.42 -3.47
C VAL D 226 -12.78 38.67 -2.61
N MET D 227 -12.33 38.13 -1.47
CA MET D 227 -13.27 37.52 -0.54
C MET D 227 -14.23 38.55 0.03
N ALA D 228 -13.74 39.77 0.26
CA ALA D 228 -14.63 40.86 0.67
C ALA D 228 -15.61 41.24 -0.43
N ARG D 229 -15.21 41.04 -1.70
CA ARG D 229 -16.14 41.27 -2.80
C ARG D 229 -17.20 40.18 -2.86
N GLU D 230 -16.83 38.93 -2.57
CA GLU D 230 -17.80 37.84 -2.57
C GLU D 230 -18.78 38.00 -1.41
N HIS D 231 -18.27 38.01 -0.18
CA HIS D 231 -19.08 38.23 1.01
C HIS D 231 -19.01 39.71 1.35
N ALA D 232 -19.88 40.50 0.72
CA ALA D 232 -19.86 41.94 0.87
C ALA D 232 -20.46 42.41 2.20
N PRO D 233 -21.67 41.95 2.60
CA PRO D 233 -22.24 42.47 3.86
C PRO D 233 -21.50 41.97 5.09
N SER D 234 -20.73 42.85 5.72
CA SER D 234 -19.97 42.53 6.91
C SER D 234 -19.43 43.84 7.48
N ILE D 235 -18.65 43.73 8.55
CA ILE D 235 -17.99 44.86 9.18
C ILE D 235 -16.48 44.63 9.05
N ILE D 236 -15.86 45.36 8.14
CA ILE D 236 -14.42 45.22 7.86
C ILE D 236 -13.68 46.28 8.65
N PHE D 237 -12.60 45.87 9.32
CA PHE D 237 -11.84 46.75 10.19
C PHE D 237 -10.35 46.53 9.97
N MET D 238 -9.61 47.61 9.81
CA MET D 238 -8.16 47.54 9.64
C MET D 238 -7.51 47.35 11.00
N ASP D 239 -6.74 46.29 11.16
CA ASP D 239 -6.07 46.02 12.43
C ASP D 239 -4.57 45.79 12.25
N GLU D 240 -4.19 45.15 11.14
CA GLU D 240 -2.79 44.84 10.92
C GLU D 240 -2.03 45.98 10.25
N ILE D 241 -2.71 46.75 9.39
CA ILE D 241 -2.04 47.85 8.69
C ILE D 241 -1.78 49.03 9.62
N ASP D 242 -2.53 49.15 10.71
CA ASP D 242 -2.35 50.25 11.66
C ASP D 242 -1.12 49.96 12.52
N SER D 243 0.04 50.34 11.98
CA SER D 243 1.30 50.13 12.67
C SER D 243 2.34 51.17 12.24
N ARG D 248 7.99 62.05 1.11
CA ARG D 248 8.91 61.38 0.21
C ARG D 248 8.26 60.15 -0.44
N LEU D 249 8.50 59.97 -1.73
CA LEU D 249 7.95 58.86 -2.49
C LEU D 249 9.05 57.85 -2.79
N GLU D 250 8.68 56.57 -2.77
CA GLU D 250 9.64 55.49 -2.95
C GLU D 250 8.89 54.24 -3.39
N GLY D 251 9.65 53.22 -3.80
CA GLY D 251 9.05 51.97 -4.22
C GLY D 251 8.25 51.30 -3.12
N GLY D 252 8.67 51.46 -1.86
CA GLY D 252 7.86 50.99 -0.76
C GLY D 252 6.58 51.78 -0.58
N SER D 253 6.56 53.03 -1.02
CA SER D 253 5.34 53.82 -1.05
C SER D 253 4.51 53.56 -2.30
N GLY D 254 5.07 52.87 -3.29
CA GLY D 254 4.30 52.38 -4.41
C GLY D 254 3.63 51.07 -4.05
N GLY D 255 4.37 50.19 -3.38
CA GLY D 255 3.77 48.97 -2.86
C GLY D 255 2.74 49.27 -1.79
N ASP D 256 3.00 50.26 -0.93
CA ASP D 256 1.97 50.75 -0.04
C ASP D 256 0.87 51.47 -0.81
N SER D 257 1.22 52.12 -1.92
CA SER D 257 0.24 52.77 -2.77
C SER D 257 -0.65 51.77 -3.50
N GLU D 258 -0.30 50.49 -3.49
CA GLU D 258 -1.23 49.48 -3.98
C GLU D 258 -2.41 49.31 -3.02
N VAL D 259 -2.13 49.36 -1.72
CA VAL D 259 -3.20 49.30 -0.73
C VAL D 259 -3.91 50.65 -0.62
N GLN D 260 -3.17 51.76 -0.78
CA GLN D 260 -3.82 53.06 -0.91
C GLN D 260 -4.76 53.07 -2.11
N ARG D 261 -4.38 52.38 -3.19
CA ARG D 261 -5.28 52.22 -4.32
C ARG D 261 -6.43 51.28 -3.98
N THR D 262 -6.20 50.32 -3.09
CA THR D 262 -7.27 49.43 -2.66
C THR D 262 -8.34 50.18 -1.88
N MET D 263 -7.94 51.10 -1.01
CA MET D 263 -8.92 51.91 -0.29
C MET D 263 -9.49 53.04 -1.15
N LEU D 264 -8.73 53.50 -2.15
CA LEU D 264 -9.29 54.47 -3.09
C LEU D 264 -10.36 53.84 -3.96
N GLU D 265 -10.19 52.58 -4.36
CA GLU D 265 -11.25 51.86 -5.05
C GLU D 265 -12.30 51.35 -4.08
N LEU D 266 -12.02 51.34 -2.78
CA LEU D 266 -13.08 51.16 -1.79
C LEU D 266 -13.93 52.41 -1.68
N LEU D 267 -13.34 53.59 -1.94
CA LEU D 267 -14.13 54.81 -2.05
C LEU D 267 -14.79 54.94 -3.41
N ASN D 268 -14.26 54.24 -4.43
CA ASN D 268 -14.90 54.22 -5.74
C ASN D 268 -16.03 53.20 -5.83
N GLN D 269 -16.00 52.16 -5.01
CA GLN D 269 -17.12 51.23 -4.91
C GLN D 269 -18.14 51.71 -3.89
N LEU D 270 -17.71 51.99 -2.66
CA LEU D 270 -18.61 52.51 -1.64
C LEU D 270 -19.15 53.88 -2.04
N ASP D 271 -18.24 54.85 -2.26
CA ASP D 271 -18.65 56.15 -2.76
C ASP D 271 -18.95 56.12 -4.26
N GLY D 272 -18.56 55.07 -4.95
CA GLY D 272 -18.86 54.93 -6.37
C GLY D 272 -20.32 54.61 -6.62
N PHE D 273 -20.78 53.46 -6.16
CA PHE D 273 -22.17 53.05 -6.36
C PHE D 273 -22.55 51.95 -5.39
N GLU D 274 -23.69 52.11 -4.71
CA GLU D 274 -24.16 51.09 -3.78
C GLU D 274 -24.80 49.93 -4.55
N ALA D 275 -24.34 48.71 -4.26
CA ALA D 275 -24.88 47.51 -4.89
C ALA D 275 -25.48 46.52 -3.91
N THR D 276 -25.21 46.66 -2.60
CA THR D 276 -25.73 45.72 -1.61
C THR D 276 -25.86 46.47 -0.28
N LYS D 277 -27.09 46.52 0.24
CA LYS D 277 -27.38 47.14 1.53
C LYS D 277 -26.41 46.67 2.61
N ASN D 278 -26.17 47.57 3.57
CA ASN D 278 -25.40 47.34 4.80
C ASN D 278 -23.88 47.35 4.59
N ILE D 279 -23.38 47.94 3.51
CA ILE D 279 -21.95 48.08 3.32
C ILE D 279 -21.44 49.26 4.17
N LYS D 280 -20.89 48.95 5.34
CA LYS D 280 -20.31 49.96 6.22
C LYS D 280 -19.04 49.40 6.83
N VAL D 281 -17.97 50.20 6.79
CA VAL D 281 -16.65 49.78 7.26
C VAL D 281 -16.15 50.80 8.28
N ILE D 282 -15.08 50.42 8.98
CA ILE D 282 -14.47 51.24 10.01
C ILE D 282 -12.98 51.31 9.75
N MET D 283 -12.44 52.53 9.73
CA MET D 283 -11.01 52.74 9.53
C MET D 283 -10.28 52.77 10.87
N ALA D 284 -8.95 52.66 10.79
CA ALA D 284 -8.10 52.71 11.97
C ALA D 284 -6.72 53.20 11.56
N THR D 285 -6.28 54.31 12.15
CA THR D 285 -4.99 54.91 11.81
C THR D 285 -4.53 55.75 12.99
N ASN D 286 -3.26 55.60 13.37
CA ASN D 286 -2.73 56.23 14.56
C ASN D 286 -1.39 56.94 14.37
N ARG D 287 -0.82 56.93 13.17
CA ARG D 287 0.50 57.47 12.94
C ARG D 287 0.49 58.53 11.85
N ILE D 288 1.68 58.88 11.32
CA ILE D 288 1.81 59.90 10.28
C ILE D 288 0.82 59.68 9.14
N ASP D 289 0.42 58.43 8.91
CA ASP D 289 -0.63 58.16 7.95
C ASP D 289 -2.00 58.71 8.37
N ILE D 290 -2.08 59.37 9.53
CA ILE D 290 -3.23 60.24 9.81
C ILE D 290 -3.13 61.50 8.96
N LEU D 291 -1.94 62.07 8.86
CA LEU D 291 -1.73 63.25 8.02
C LEU D 291 -1.64 62.87 6.55
N ASP D 292 -1.20 61.65 6.23
CA ASP D 292 -1.15 61.21 4.85
C ASP D 292 -2.53 60.76 4.36
N SER D 293 -3.18 59.88 5.12
CA SER D 293 -4.53 59.45 4.77
C SER D 293 -5.51 60.61 4.82
N ALA D 294 -5.37 61.48 5.83
CA ALA D 294 -6.18 62.69 5.87
C ALA D 294 -5.77 63.69 4.79
N LEU D 295 -4.52 63.62 4.33
CA LEU D 295 -4.12 64.42 3.18
C LEU D 295 -4.78 63.91 1.90
N LEU D 296 -5.12 62.62 1.86
CA LEU D 296 -5.87 62.04 0.76
C LEU D 296 -7.38 61.99 1.04
N ARG D 297 -7.80 62.21 2.29
CA ARG D 297 -9.21 62.24 2.67
C ARG D 297 -9.50 63.58 3.32
N PRO D 298 -9.80 64.62 2.53
CA PRO D 298 -10.08 65.95 3.08
C PRO D 298 -11.51 66.10 3.62
N GLY D 299 -11.97 65.09 4.34
CA GLY D 299 -13.29 65.12 4.95
C GLY D 299 -14.43 65.30 3.97
N ARG D 300 -14.36 64.63 2.81
CA ARG D 300 -15.42 64.75 1.82
C ARG D 300 -16.59 63.84 2.17
N ILE D 301 -16.35 62.54 2.20
CA ILE D 301 -17.35 61.55 2.61
C ILE D 301 -16.68 60.66 3.65
N ASP D 302 -16.79 61.03 4.92
CA ASP D 302 -16.14 60.28 5.99
C ASP D 302 -16.72 60.75 7.32
N ARG D 303 -17.10 59.79 8.16
CA ARG D 303 -17.59 60.09 9.50
C ARG D 303 -16.42 60.33 10.43
N LYS D 304 -16.36 61.53 11.02
CA LYS D 304 -15.24 61.92 11.87
C LYS D 304 -15.67 61.78 13.33
N ILE D 305 -15.30 60.66 13.94
CA ILE D 305 -15.57 60.39 15.34
C ILE D 305 -14.22 60.32 16.06
N GLU D 306 -13.98 61.27 16.95
CA GLU D 306 -12.72 61.30 17.68
C GLU D 306 -12.68 60.19 18.72
N PHE D 307 -11.54 59.49 18.79
CA PHE D 307 -11.34 58.41 19.75
C PHE D 307 -10.45 58.91 20.88
N PRO D 308 -11.01 59.38 21.99
CA PRO D 308 -10.19 59.91 23.07
C PRO D 308 -9.72 58.81 24.01
N PRO D 309 -8.83 59.12 24.94
CA PRO D 309 -8.50 58.15 25.99
C PRO D 309 -9.64 58.02 26.97
N PRO D 310 -9.95 56.81 27.42
CA PRO D 310 -11.11 56.60 28.31
C PRO D 310 -11.07 57.51 29.52
N ASN D 311 -12.18 58.22 29.75
CA ASN D 311 -12.31 59.13 30.87
C ASN D 311 -12.66 58.33 32.14
N GLU D 312 -13.06 59.03 33.19
CA GLU D 312 -13.34 58.37 34.47
C GLU D 312 -14.49 57.38 34.33
N GLU D 313 -15.65 57.84 33.85
CA GLU D 313 -16.78 56.93 33.64
C GLU D 313 -16.43 55.86 32.62
N ALA D 314 -15.65 56.21 31.60
CA ALA D 314 -15.16 55.23 30.65
C ALA D 314 -14.14 54.29 31.24
N ARG D 315 -13.72 54.52 32.49
CA ARG D 315 -12.94 53.54 33.25
C ARG D 315 -13.79 52.76 34.23
N LEU D 316 -14.88 53.33 34.73
CA LEU D 316 -15.79 52.57 35.58
C LEU D 316 -16.53 51.50 34.78
N ASP D 317 -17.03 51.87 33.59
CA ASP D 317 -17.82 50.92 32.82
C ASP D 317 -16.95 49.84 32.19
N ILE D 318 -15.76 50.21 31.70
CA ILE D 318 -14.86 49.20 31.18
C ILE D 318 -14.23 48.41 32.32
N LEU D 319 -14.15 49.00 33.51
CA LEU D 319 -13.71 48.24 34.68
C LEU D 319 -14.74 47.20 35.09
N LYS D 320 -16.04 47.51 34.91
CA LYS D 320 -17.07 46.53 35.21
C LYS D 320 -17.16 45.46 34.13
N ILE D 321 -17.06 45.86 32.86
CA ILE D 321 -17.06 44.88 31.78
C ILE D 321 -15.86 43.95 31.88
N HIS D 322 -14.71 44.50 32.30
CA HIS D 322 -13.51 43.71 32.51
C HIS D 322 -13.34 43.30 33.97
N SER D 323 -14.41 43.32 34.74
CA SER D 323 -14.40 42.83 36.12
C SER D 323 -15.45 41.76 36.37
N ARG D 324 -16.53 41.71 35.57
CA ARG D 324 -17.51 40.64 35.72
C ARG D 324 -16.94 39.28 35.37
N LYS D 325 -15.94 39.24 34.49
CA LYS D 325 -15.38 37.96 34.04
C LYS D 325 -14.66 37.23 35.17
N MET D 326 -14.12 37.96 36.13
CA MET D 326 -13.37 37.37 37.24
C MET D 326 -14.04 37.73 38.56
N ASN D 327 -13.46 37.23 39.65
CA ASN D 327 -14.01 37.44 40.97
C ASN D 327 -13.83 38.90 41.40
N LEU D 328 -14.65 39.32 42.37
CA LEU D 328 -14.61 40.68 42.89
C LEU D 328 -15.32 40.69 44.24
N THR D 329 -14.72 41.38 45.20
CA THR D 329 -15.30 41.47 46.54
C THR D 329 -16.44 42.47 46.56
N ARG D 330 -17.24 42.41 47.63
CA ARG D 330 -18.37 43.30 47.82
C ARG D 330 -18.01 44.55 48.61
N GLY D 331 -16.77 44.67 49.09
CA GLY D 331 -16.36 45.83 49.86
C GLY D 331 -15.35 46.69 49.13
N ILE D 332 -15.46 46.75 47.81
CA ILE D 332 -14.55 47.54 46.97
C ILE D 332 -15.32 48.72 46.39
N ASN D 333 -14.64 49.86 46.28
CA ASN D 333 -15.21 51.07 45.72
C ASN D 333 -14.62 51.28 44.34
N LEU D 334 -15.46 51.17 43.30
CA LEU D 334 -14.99 51.32 41.93
C LEU D 334 -14.61 52.76 41.61
N ARG D 335 -15.12 53.73 42.38
CA ARG D 335 -14.83 55.14 42.10
C ARG D 335 -13.35 55.44 42.24
N LYS D 336 -12.80 55.23 43.44
CA LYS D 336 -11.41 55.59 43.68
C LYS D 336 -10.45 54.66 42.92
N ILE D 337 -10.76 53.36 42.88
CA ILE D 337 -9.88 52.44 42.18
C ILE D 337 -9.92 52.67 40.67
N ALA D 338 -11.00 53.27 40.15
CA ALA D 338 -11.03 53.67 38.76
C ALA D 338 -10.33 55.00 38.54
N GLU D 339 -10.40 55.91 39.52
CA GLU D 339 -9.68 57.18 39.41
C GLU D 339 -8.18 57.00 39.57
N LEU D 340 -7.73 55.88 40.14
CA LEU D 340 -6.30 55.62 40.33
C LEU D 340 -5.72 54.69 39.27
N MET D 341 -6.25 54.76 38.04
CA MET D 341 -5.74 53.98 36.92
C MET D 341 -5.51 54.91 35.72
N PRO D 342 -4.47 55.77 35.79
CA PRO D 342 -4.17 56.65 34.66
C PRO D 342 -3.25 55.98 33.65
N GLY D 343 -2.86 56.72 32.61
CA GLY D 343 -1.89 56.23 31.65
C GLY D 343 -2.29 56.39 30.20
N ALA D 344 -2.15 55.32 29.42
CA ALA D 344 -2.34 55.41 27.98
C ALA D 344 -3.82 55.36 27.59
N SER D 345 -4.48 54.26 27.90
CA SER D 345 -5.84 54.01 27.42
C SER D 345 -6.49 52.96 28.31
N GLY D 346 -7.62 52.43 27.84
CA GLY D 346 -8.37 51.46 28.62
C GLY D 346 -7.69 50.11 28.77
N ALA D 347 -6.67 49.85 27.95
CA ALA D 347 -5.92 48.60 28.10
C ALA D 347 -5.06 48.59 29.37
N GLU D 348 -4.88 49.74 30.01
CA GLU D 348 -4.16 49.77 31.29
C GLU D 348 -5.00 49.13 32.39
N VAL D 349 -6.32 49.36 32.35
CA VAL D 349 -7.22 48.69 33.27
C VAL D 349 -7.19 47.18 33.04
N LYS D 350 -7.17 46.77 31.77
CA LYS D 350 -7.00 45.35 31.45
C LYS D 350 -5.66 44.83 31.94
N GLY D 351 -4.65 45.70 32.01
CA GLY D 351 -3.39 45.30 32.62
C GLY D 351 -3.51 45.13 34.13
N VAL D 352 -4.36 45.95 34.76
CA VAL D 352 -4.57 45.83 36.20
C VAL D 352 -5.31 44.53 36.52
N CYS D 353 -6.35 44.21 35.74
CA CYS D 353 -7.13 43.02 36.00
C CYS D 353 -6.36 41.75 35.61
N THR D 354 -5.97 41.66 34.33
CA THR D 354 -5.27 40.48 33.86
C THR D 354 -3.91 40.32 34.52
N GLU D 355 -3.26 41.42 34.89
CA GLU D 355 -2.02 41.37 35.64
C GLU D 355 -2.25 41.38 37.15
N ALA D 356 -3.51 41.28 37.59
CA ALA D 356 -3.84 41.11 39.00
C ALA D 356 -4.33 39.71 39.33
N GLY D 357 -4.95 39.02 38.37
CA GLY D 357 -5.32 37.64 38.59
C GLY D 357 -4.12 36.73 38.82
N MET D 358 -2.97 37.10 38.27
CA MET D 358 -1.75 36.34 38.54
C MET D 358 -1.28 36.55 39.97
N TYR D 359 -1.56 37.73 40.55
CA TYR D 359 -1.27 37.95 41.96
C TYR D 359 -2.31 37.28 42.85
N ALA D 360 -3.54 37.12 42.36
CA ALA D 360 -4.51 36.30 43.07
C ALA D 360 -4.09 34.84 43.07
N LEU D 361 -3.50 34.38 41.97
CA LEU D 361 -2.99 33.01 41.91
C LEU D 361 -1.79 32.84 42.83
N ARG D 362 -0.84 33.77 42.78
CA ARG D 362 0.35 33.68 43.62
C ARG D 362 -0.02 33.77 45.10
N GLU D 363 -0.95 34.65 45.45
CA GLU D 363 -1.33 34.82 46.84
C GLU D 363 -2.19 33.66 47.35
N ARG D 364 -2.84 32.92 46.45
CA ARG D 364 -3.70 31.79 46.80
C ARG D 364 -4.84 32.23 47.72
N ARG D 365 -5.69 33.10 47.19
CA ARG D 365 -6.86 33.59 47.90
C ARG D 365 -8.13 33.29 47.12
N VAL D 366 -9.27 33.48 47.79
CA VAL D 366 -10.55 33.21 47.15
C VAL D 366 -10.87 34.27 46.09
N HIS D 367 -10.80 35.54 46.46
CA HIS D 367 -11.12 36.64 45.57
C HIS D 367 -9.95 37.63 45.52
N VAL D 368 -10.18 38.75 44.84
CA VAL D 368 -9.20 39.81 44.70
C VAL D 368 -9.67 41.02 45.49
N THR D 369 -8.80 41.57 46.33
CA THR D 369 -9.11 42.73 47.13
C THR D 369 -8.65 44.00 46.44
N GLN D 370 -9.06 45.14 47.01
CA GLN D 370 -8.66 46.43 46.45
C GLN D 370 -7.16 46.70 46.63
N GLU D 371 -6.53 46.07 47.62
CA GLU D 371 -5.09 46.25 47.79
C GLU D 371 -4.32 45.53 46.69
N ASP D 372 -4.80 44.37 46.26
CA ASP D 372 -4.18 43.69 45.13
C ASP D 372 -4.33 44.51 43.85
N PHE D 373 -5.50 45.12 43.65
CA PHE D 373 -5.69 46.02 42.52
C PHE D 373 -4.77 47.23 42.62
N GLU D 374 -4.50 47.70 43.84
CA GLU D 374 -3.55 48.80 44.00
C GLU D 374 -2.13 48.34 43.65
N MET D 375 -1.79 47.10 43.99
CA MET D 375 -0.49 46.56 43.60
C MET D 375 -0.36 46.47 42.09
N ALA D 376 -1.40 45.99 41.42
CA ALA D 376 -1.40 45.97 39.95
C ALA D 376 -1.36 47.38 39.38
N VAL D 377 -1.94 48.36 40.09
CA VAL D 377 -1.83 49.75 39.66
C VAL D 377 -0.38 50.21 39.73
N ALA D 378 0.31 49.86 40.81
CA ALA D 378 1.73 50.21 40.90
C ALA D 378 2.55 49.50 39.83
N LYS D 379 2.17 48.27 39.48
CA LYS D 379 2.89 47.53 38.45
C LYS D 379 2.70 48.17 37.08
N VAL D 380 1.46 48.48 36.71
CA VAL D 380 1.22 49.10 35.41
C VAL D 380 1.74 50.53 35.36
N MET D 381 1.84 51.20 36.50
CA MET D 381 2.41 52.54 36.55
C MET D 381 3.94 52.51 36.57
N GLN D 382 4.55 51.36 36.90
CA GLN D 382 5.98 51.21 36.67
C GLN D 382 6.26 50.82 35.22
N LYS D 383 5.39 50.00 34.63
CA LYS D 383 5.51 49.66 33.21
C LYS D 383 5.23 50.85 32.31
N ASP D 384 4.44 51.82 32.78
CA ASP D 384 4.18 53.02 31.98
C ASP D 384 5.43 53.90 31.92
N ASP E 1 -73.89 -11.16 -16.96
CA ASP E 1 -72.91 -10.19 -16.49
C ASP E 1 -72.93 -10.07 -14.97
N LEU E 2 -74.14 -10.05 -14.40
CA LEU E 2 -74.27 -9.96 -12.96
C LEU E 2 -73.78 -11.23 -12.26
N TYR E 3 -74.29 -12.38 -12.69
CA TYR E 3 -73.88 -13.65 -12.09
C TYR E 3 -72.61 -14.21 -12.70
N SER E 4 -72.23 -13.75 -13.90
CA SER E 4 -71.01 -14.22 -14.53
C SER E 4 -69.75 -13.63 -13.90
N ARG E 5 -69.90 -12.56 -13.10
CA ARG E 5 -68.73 -11.93 -12.50
C ARG E 5 -68.09 -12.83 -11.44
N TYR E 6 -68.87 -13.72 -10.83
CA TYR E 6 -68.31 -14.66 -9.86
C TYR E 6 -67.35 -15.63 -10.53
N LYS E 7 -67.86 -16.45 -11.46
CA LYS E 7 -67.04 -17.49 -12.07
C LYS E 7 -65.99 -16.88 -13.01
N LYS E 8 -66.31 -15.75 -13.65
CA LYS E 8 -65.29 -15.05 -14.41
C LYS E 8 -64.21 -14.49 -13.51
N LEU E 9 -64.58 -14.05 -12.30
CA LEU E 9 -63.61 -13.51 -11.37
C LEU E 9 -62.74 -14.61 -10.76
N GLN E 10 -63.25 -15.85 -10.70
CA GLN E 10 -62.47 -16.95 -10.17
C GLN E 10 -61.17 -17.14 -10.95
N GLN E 11 -61.19 -16.85 -12.25
CA GLN E 11 -59.96 -16.92 -13.03
C GLN E 11 -58.93 -15.90 -12.55
N GLU E 12 -59.40 -14.73 -12.14
CA GLU E 12 -58.49 -13.76 -11.54
C GLU E 12 -58.05 -14.19 -10.14
N LEU E 13 -58.92 -14.91 -9.43
CA LEU E 13 -58.51 -15.49 -8.15
C LEU E 13 -57.35 -16.47 -8.33
N GLU E 14 -57.43 -17.33 -9.35
CA GLU E 14 -56.35 -18.28 -9.60
C GLU E 14 -55.11 -17.57 -10.13
N PHE E 15 -55.30 -16.59 -11.01
CA PHE E 15 -54.15 -15.91 -11.62
C PHE E 15 -53.41 -15.06 -10.59
N LEU E 16 -54.11 -14.50 -9.60
CA LEU E 16 -53.43 -13.76 -8.55
C LEU E 16 -52.92 -14.68 -7.44
N GLU E 17 -53.60 -15.81 -7.22
CA GLU E 17 -53.15 -16.77 -6.21
C GLU E 17 -51.88 -17.48 -6.65
N VAL E 18 -51.70 -17.71 -7.95
CA VAL E 18 -50.52 -18.42 -8.44
C VAL E 18 -49.24 -17.60 -8.24
N GLN E 19 -49.36 -16.29 -8.01
CA GLN E 19 -48.20 -15.44 -7.84
C GLN E 19 -47.58 -15.52 -6.46
N GLU E 20 -48.26 -16.16 -5.50
CA GLU E 20 -47.74 -16.24 -4.14
C GLU E 20 -46.45 -17.07 -4.09
N GLU E 21 -46.52 -18.33 -4.49
CA GLU E 21 -45.33 -19.17 -4.47
C GLU E 21 -44.28 -18.65 -5.44
N TYR E 22 -44.70 -17.92 -6.48
CA TYR E 22 -43.75 -17.32 -7.41
C TYR E 22 -42.93 -16.23 -6.73
N ILE E 23 -43.59 -15.29 -6.06
CA ILE E 23 -42.86 -14.24 -5.35
C ILE E 23 -42.10 -14.81 -4.17
N LYS E 24 -42.55 -15.95 -3.62
CA LYS E 24 -41.75 -16.66 -2.64
C LYS E 24 -40.45 -17.16 -3.26
N ASP E 25 -40.53 -17.74 -4.46
CA ASP E 25 -39.33 -18.22 -5.14
C ASP E 25 -38.38 -17.07 -5.47
N GLU E 26 -38.92 -15.94 -5.94
CA GLU E 26 -38.07 -14.81 -6.26
C GLU E 26 -37.42 -14.21 -5.02
N GLN E 27 -38.19 -14.07 -3.93
CA GLN E 27 -37.63 -13.47 -2.73
C GLN E 27 -36.68 -14.40 -2.00
N LYS E 28 -36.80 -15.72 -2.21
CA LYS E 28 -35.87 -16.66 -1.60
C LYS E 28 -34.65 -16.91 -2.45
N ASN E 29 -34.74 -16.72 -3.77
CA ASN E 29 -33.63 -16.99 -4.67
C ASN E 29 -32.78 -15.75 -4.94
N LEU E 30 -33.42 -14.58 -5.11
CA LEU E 30 -32.66 -13.37 -5.44
C LEU E 30 -31.81 -12.88 -4.28
N LYS E 31 -32.14 -13.24 -3.05
CA LYS E 31 -31.24 -12.94 -1.93
C LYS E 31 -30.08 -13.92 -1.85
N LYS E 32 -30.30 -15.17 -2.27
CA LYS E 32 -29.18 -16.09 -2.41
C LYS E 32 -28.22 -15.61 -3.49
N GLU E 33 -28.77 -15.08 -4.59
CA GLU E 33 -27.92 -14.44 -5.59
C GLU E 33 -27.30 -13.16 -5.05
N PHE E 34 -27.98 -12.49 -4.11
CA PHE E 34 -27.44 -11.28 -3.53
C PHE E 34 -26.23 -11.57 -2.65
N LEU E 35 -26.25 -12.69 -1.92
CA LEU E 35 -25.08 -13.09 -1.15
C LEU E 35 -24.02 -13.75 -2.02
N HIS E 36 -24.43 -14.38 -3.13
CA HIS E 36 -23.45 -14.89 -4.09
C HIS E 36 -22.63 -13.75 -4.68
N ALA E 37 -23.31 -12.77 -5.29
CA ALA E 37 -22.60 -11.63 -5.86
C ALA E 37 -21.94 -10.79 -4.77
N GLN E 38 -22.52 -10.76 -3.57
CA GLN E 38 -21.94 -10.00 -2.47
C GLN E 38 -20.59 -10.59 -2.05
N GLU E 39 -20.54 -11.91 -1.87
CA GLU E 39 -19.28 -12.56 -1.54
C GLU E 39 -18.32 -12.56 -2.72
N GLU E 40 -18.86 -12.53 -3.95
CA GLU E 40 -17.98 -12.50 -5.12
C GLU E 40 -17.29 -11.15 -5.25
N VAL E 41 -17.99 -10.06 -4.96
CA VAL E 41 -17.33 -8.75 -4.96
C VAL E 41 -16.58 -8.50 -3.66
N LYS E 42 -16.86 -9.27 -2.60
CA LYS E 42 -16.11 -9.16 -1.36
C LYS E 42 -14.76 -9.85 -1.47
N ARG E 43 -14.71 -11.00 -2.13
CA ARG E 43 -13.46 -11.74 -2.28
C ARG E 43 -12.52 -11.11 -3.29
N ILE E 44 -12.99 -10.13 -4.07
CA ILE E 44 -12.09 -9.39 -4.96
C ILE E 44 -11.09 -8.57 -4.14
N GLN E 45 -11.54 -8.00 -3.03
CA GLN E 45 -10.68 -7.20 -2.16
C GLN E 45 -9.67 -8.12 -1.49
N SER E 46 -8.43 -8.08 -1.96
CA SER E 46 -7.36 -8.92 -1.46
C SER E 46 -6.42 -8.12 -0.58
N ILE E 47 -5.74 -8.81 0.33
CA ILE E 47 -4.81 -8.18 1.27
C ILE E 47 -3.55 -7.68 0.55
N PRO E 48 -2.88 -8.47 -0.29
CA PRO E 48 -1.70 -7.95 -0.99
C PRO E 48 -2.07 -6.81 -1.93
N LEU E 49 -1.50 -5.63 -1.67
CA LEU E 49 -1.82 -4.44 -2.43
C LEU E 49 -0.73 -3.40 -2.21
N VAL E 50 -0.80 -2.32 -2.99
CA VAL E 50 0.12 -1.20 -2.89
C VAL E 50 -0.57 -0.07 -2.16
N ILE E 51 0.21 0.69 -1.38
CA ILE E 51 -0.29 1.80 -0.58
C ILE E 51 0.11 3.09 -1.26
N GLY E 52 -0.89 3.94 -1.56
CA GLY E 52 -0.65 5.23 -2.16
C GLY E 52 -0.92 6.37 -1.21
N GLN E 53 -1.27 7.54 -1.75
CA GLN E 53 -1.60 8.70 -0.94
C GLN E 53 -2.73 9.48 -1.60
N PHE E 54 -3.63 10.03 -0.78
CA PHE E 54 -4.76 10.78 -1.28
C PHE E 54 -4.39 12.25 -1.42
N LEU E 55 -4.86 12.89 -2.49
CA LEU E 55 -4.52 14.27 -2.78
C LEU E 55 -5.73 15.20 -2.68
N GLU E 56 -6.79 14.94 -3.44
CA GLU E 56 -7.96 15.80 -3.47
C GLU E 56 -9.19 15.00 -3.85
N ALA E 57 -10.36 15.51 -3.46
CA ALA E 57 -11.66 14.94 -3.83
C ALA E 57 -12.39 15.97 -4.68
N VAL E 58 -12.66 15.62 -5.94
CA VAL E 58 -13.26 16.57 -6.87
C VAL E 58 -14.78 16.57 -6.82
N ASP E 59 -15.40 15.41 -6.56
CA ASP E 59 -16.86 15.32 -6.47
C ASP E 59 -17.22 14.11 -5.63
N GLN E 60 -18.51 13.77 -5.62
CA GLN E 60 -19.00 12.65 -4.83
C GLN E 60 -18.75 11.34 -5.56
N ASN E 61 -18.34 10.32 -4.79
CA ASN E 61 -18.10 8.96 -5.26
C ASN E 61 -16.95 8.86 -6.26
N THR E 62 -16.19 9.94 -6.45
CA THR E 62 -15.04 9.92 -7.36
C THR E 62 -14.02 10.93 -6.86
N ALA E 63 -12.75 10.54 -6.88
CA ALA E 63 -11.67 11.41 -6.44
C ALA E 63 -10.38 10.98 -7.13
N ILE E 64 -9.31 11.71 -6.85
CA ILE E 64 -7.98 11.41 -7.39
C ILE E 64 -7.10 10.91 -6.24
N VAL E 65 -6.10 10.12 -6.60
CA VAL E 65 -5.21 9.50 -5.63
C VAL E 65 -3.79 9.47 -6.20
N GLY E 66 -2.85 9.99 -5.44
CA GLY E 66 -1.45 9.99 -5.85
C GLY E 66 -0.74 8.69 -5.54
N SER E 67 -0.12 8.09 -6.56
CA SER E 67 0.59 6.84 -6.36
C SER E 67 1.91 7.10 -5.62
N THR E 68 2.55 6.00 -5.20
CA THR E 68 3.82 6.12 -4.48
C THR E 68 4.92 6.67 -5.39
N THR E 69 4.90 6.34 -6.67
CA THR E 69 5.91 6.81 -7.61
C THR E 69 5.78 8.30 -7.92
N GLY E 70 4.75 8.98 -7.41
CA GLY E 70 4.54 10.39 -7.64
C GLY E 70 3.46 10.71 -8.67
N SER E 71 3.15 9.77 -9.56
CA SER E 71 2.11 10.00 -10.55
C SER E 71 0.74 9.95 -9.89
N ASN E 72 -0.11 10.91 -10.24
CA ASN E 72 -1.46 10.98 -9.70
C ASN E 72 -2.40 10.11 -10.53
N TYR E 73 -3.26 9.37 -9.84
CA TYR E 73 -4.21 8.45 -10.47
C TYR E 73 -5.64 8.93 -10.24
N TYR E 74 -6.49 8.72 -11.24
CA TYR E 74 -7.90 9.08 -11.19
C TYR E 74 -8.70 7.78 -11.16
N VAL E 75 -9.19 7.41 -9.97
CA VAL E 75 -9.89 6.15 -9.75
C VAL E 75 -11.19 6.43 -9.02
N ARG E 76 -12.28 5.88 -9.52
CA ARG E 76 -13.58 6.00 -8.86
C ARG E 76 -13.59 5.16 -7.59
N ILE E 77 -13.91 5.79 -6.47
CA ILE E 77 -13.91 5.08 -5.19
C ILE E 77 -15.11 4.14 -5.11
N LEU E 78 -15.02 3.17 -4.21
CA LEU E 78 -16.06 2.16 -4.06
C LEU E 78 -17.22 2.70 -3.23
N SER E 79 -18.43 2.25 -3.56
CA SER E 79 -19.63 2.80 -2.94
C SER E 79 -19.77 2.40 -1.47
N THR E 80 -19.17 1.27 -1.07
CA THR E 80 -19.30 0.82 0.31
C THR E 80 -18.60 1.75 1.28
N ILE E 81 -17.47 2.34 0.87
CA ILE E 81 -16.74 3.25 1.74
C ILE E 81 -17.52 4.55 1.91
N ASP E 82 -17.69 4.98 3.15
CA ASP E 82 -18.45 6.19 3.45
C ASP E 82 -17.58 7.42 3.20
N ARG E 83 -18.07 8.59 3.61
CA ARG E 83 -17.36 9.84 3.41
C ARG E 83 -16.29 10.11 4.47
N GLU E 84 -16.15 9.23 5.46
CA GLU E 84 -15.14 9.43 6.50
C GLU E 84 -13.74 9.23 5.94
N LEU E 85 -13.57 8.34 4.98
CA LEU E 85 -12.27 8.06 4.37
C LEU E 85 -11.89 9.08 3.30
N LEU E 86 -12.71 10.11 3.08
CA LEU E 86 -12.43 11.14 2.08
C LEU E 86 -11.57 12.26 2.62
N LYS E 87 -10.82 12.02 3.69
CA LYS E 87 -9.94 13.05 4.23
C LYS E 87 -8.85 13.39 3.22
N PRO E 88 -8.57 14.66 2.97
CA PRO E 88 -7.56 15.01 1.95
C PRO E 88 -6.17 14.49 2.29
N ASN E 89 -5.73 14.65 3.53
CA ASN E 89 -4.43 14.14 3.98
C ASN E 89 -4.66 12.86 4.77
N ALA E 90 -4.79 11.75 4.04
CA ALA E 90 -5.02 10.44 4.63
C ALA E 90 -4.13 9.41 3.95
N SER E 91 -3.97 8.27 4.62
CA SER E 91 -3.13 7.18 4.11
C SER E 91 -4.04 6.16 3.42
N VAL E 92 -4.36 6.46 2.16
CA VAL E 92 -5.21 5.58 1.37
C VAL E 92 -4.36 4.48 0.76
N ALA E 93 -4.98 3.33 0.51
CA ALA E 93 -4.29 2.17 -0.04
C ALA E 93 -5.19 1.51 -1.07
N LEU E 94 -4.79 1.54 -2.34
CA LEU E 94 -5.53 0.90 -3.41
C LEU E 94 -5.07 -0.54 -3.56
N HIS E 95 -5.60 -1.24 -4.55
CA HIS E 95 -5.16 -2.59 -4.85
C HIS E 95 -3.99 -2.58 -5.83
N LYS E 96 -3.26 -3.70 -5.87
CA LYS E 96 -2.13 -3.79 -6.78
C LYS E 96 -2.58 -3.93 -8.23
N HIS E 97 -3.75 -4.52 -8.46
CA HIS E 97 -4.31 -4.65 -9.80
C HIS E 97 -5.63 -3.90 -9.94
N SER E 98 -6.58 -4.12 -9.04
CA SER E 98 -7.87 -3.45 -9.13
C SER E 98 -7.73 -1.95 -8.83
N ASN E 99 -6.72 -1.56 -8.06
CA ASN E 99 -6.49 -0.17 -7.68
C ASN E 99 -7.71 0.44 -6.99
N ALA E 100 -8.34 -0.33 -6.11
CA ALA E 100 -9.47 0.11 -5.33
C ALA E 100 -9.10 0.15 -3.85
N LEU E 101 -9.65 1.12 -3.14
CA LEU E 101 -9.36 1.30 -1.73
C LEU E 101 -10.36 0.53 -0.88
N VAL E 102 -9.86 -0.18 0.12
CA VAL E 102 -10.70 -0.92 1.06
C VAL E 102 -10.77 -0.24 2.41
N ASP E 103 -9.61 0.19 2.93
CA ASP E 103 -9.56 0.86 4.23
C ASP E 103 -8.26 1.66 4.29
N VAL E 104 -8.27 2.71 5.09
CA VAL E 104 -7.12 3.59 5.24
C VAL E 104 -6.32 3.16 6.47
N LEU E 105 -5.06 3.56 6.51
CA LEU E 105 -4.20 3.18 7.62
C LEU E 105 -4.03 4.34 8.59
N PRO E 106 -4.09 4.08 9.89
CA PRO E 106 -3.92 5.14 10.87
C PRO E 106 -2.47 5.56 10.97
N PRO E 107 -2.19 6.88 10.97
CA PRO E 107 -0.84 7.42 11.07
C PRO E 107 -0.12 7.01 12.35
N MET E 132 19.88 36.84 35.63
CA MET E 132 18.66 37.16 34.91
C MET E 132 17.44 37.07 35.80
N ASP E 133 16.89 35.86 35.91
CA ASP E 133 15.73 35.54 36.73
C ASP E 133 14.45 36.11 36.14
N ILE E 134 14.57 36.94 35.10
CA ILE E 134 13.38 37.47 34.44
C ILE E 134 12.80 36.42 33.50
N GLN E 135 13.65 35.72 32.74
CA GLN E 135 13.18 34.66 31.87
C GLN E 135 12.81 33.42 32.68
N LYS E 136 13.62 33.08 33.67
CA LYS E 136 13.31 31.93 34.52
C LYS E 136 12.08 32.20 35.38
N GLN E 137 11.87 33.45 35.80
CA GLN E 137 10.68 33.78 36.58
C GLN E 137 9.44 33.84 35.70
N GLU E 138 9.57 34.42 34.50
CA GLU E 138 8.41 34.54 33.61
C GLU E 138 7.99 33.18 33.08
N VAL E 139 8.94 32.38 32.61
CA VAL E 139 8.63 31.01 32.21
C VAL E 139 8.21 30.18 33.42
N ARG E 140 8.75 30.50 34.59
CA ARG E 140 8.40 29.79 35.82
C ARG E 140 6.92 29.93 36.15
N GLU E 141 6.49 31.16 36.45
CA GLU E 141 5.12 31.38 36.90
C GLU E 141 4.12 31.34 35.74
N ALA E 142 4.55 31.70 34.54
CA ALA E 142 3.66 31.70 33.39
C ALA E 142 3.57 30.35 32.71
N VAL E 143 4.52 29.44 32.97
CA VAL E 143 4.59 28.15 32.29
C VAL E 143 4.33 27.00 33.26
N GLU E 144 5.15 26.85 34.30
CA GLU E 144 5.05 25.64 35.11
C GLU E 144 3.92 25.72 36.11
N LEU E 145 3.52 26.92 36.53
CA LEU E 145 2.41 27.06 37.47
C LEU E 145 1.07 26.72 36.79
N PRO E 146 0.79 27.19 35.57
CA PRO E 146 -0.42 26.71 34.89
C PRO E 146 -0.35 25.24 34.51
N LEU E 147 0.86 24.68 34.37
CA LEU E 147 0.99 23.29 33.93
C LEU E 147 0.59 22.32 35.04
N THR E 148 0.91 22.65 36.29
CA THR E 148 0.70 21.74 37.42
C THR E 148 -0.72 21.82 37.99
N HIS E 149 -1.67 22.42 37.27
CA HIS E 149 -3.05 22.50 37.73
C HIS E 149 -3.99 22.23 36.56
N PHE E 150 -5.05 21.48 36.83
CA PHE E 150 -6.08 21.20 35.83
C PHE E 150 -7.24 22.18 35.97
N GLU E 151 -7.81 22.58 34.83
CA GLU E 151 -8.85 23.59 34.72
C GLU E 151 -8.44 24.94 35.30
N LEU E 152 -7.14 25.12 35.59
CA LEU E 152 -6.68 26.40 36.11
C LEU E 152 -7.01 27.53 35.13
N TYR E 153 -6.87 27.26 33.83
CA TYR E 153 -7.32 28.19 32.81
C TYR E 153 -8.76 28.64 33.07
N LYS E 154 -9.61 27.69 33.47
CA LYS E 154 -11.01 28.02 33.72
C LYS E 154 -11.17 28.80 35.03
N GLN E 155 -10.32 28.56 36.03
CA GLN E 155 -10.47 29.24 37.31
C GLN E 155 -9.44 30.34 37.54
N ILE E 156 -8.89 30.94 36.47
CA ILE E 156 -8.06 32.12 36.62
C ILE E 156 -8.58 33.31 35.80
N GLY E 157 -9.78 33.20 35.23
CA GLY E 157 -10.21 34.22 34.31
C GLY E 157 -9.43 34.13 33.02
N ILE E 158 -9.72 33.09 32.23
CA ILE E 158 -8.89 32.58 31.14
C ILE E 158 -8.25 33.69 30.31
N ASP E 159 -6.94 33.58 30.10
CA ASP E 159 -6.14 34.43 29.23
C ASP E 159 -5.17 33.45 28.59
N PRO E 160 -4.85 33.64 27.31
CA PRO E 160 -3.97 32.70 26.60
C PRO E 160 -2.44 32.89 26.54
N PRO E 161 -1.75 33.39 27.57
CA PRO E 161 -0.29 33.45 27.40
C PRO E 161 0.37 32.07 27.40
N ARG E 162 -0.18 31.16 26.60
CA ARG E 162 0.37 29.80 26.55
C ARG E 162 1.58 29.71 25.64
N GLY E 163 1.66 30.56 24.62
CA GLY E 163 2.79 30.55 23.72
C GLY E 163 3.91 31.47 24.17
N VAL E 164 5.09 30.89 24.43
CA VAL E 164 6.25 31.64 24.88
C VAL E 164 7.29 31.60 23.76
N LEU E 165 7.77 32.77 23.37
CA LEU E 165 8.71 32.91 22.27
C LEU E 165 10.01 33.53 22.78
N MET E 166 11.14 32.94 22.38
CA MET E 166 12.46 33.44 22.71
C MET E 166 13.15 33.95 21.45
N TYR E 167 14.15 34.80 21.65
CA TYR E 167 14.86 35.41 20.53
C TYR E 167 16.31 35.65 20.93
N GLY E 168 17.15 35.86 19.91
CA GLY E 168 18.55 36.14 20.11
C GLY E 168 19.44 35.08 19.51
N PRO E 169 20.06 35.42 18.38
CA PRO E 169 20.99 34.47 17.72
C PRO E 169 22.26 34.22 18.53
N PRO E 170 22.93 35.25 19.07
CA PRO E 170 24.28 34.99 19.62
C PRO E 170 24.27 34.09 20.85
N GLY E 171 23.25 34.18 21.70
CA GLY E 171 23.16 33.29 22.84
C GLY E 171 22.81 31.88 22.40
N CYS E 172 23.47 30.90 23.02
CA CYS E 172 23.25 29.51 22.67
C CYS E 172 21.82 29.10 22.97
N GLY E 173 21.44 29.10 24.25
CA GLY E 173 20.08 28.81 24.66
C GLY E 173 19.53 27.49 24.17
N LYS E 174 18.23 27.28 24.40
CA LYS E 174 17.43 26.22 23.80
C LYS E 174 17.88 24.81 24.21
N THR E 175 18.94 24.67 24.98
CA THR E 175 19.40 23.37 25.46
C THR E 175 19.39 23.26 26.98
N MET E 176 20.03 24.20 27.67
CA MET E 176 20.05 24.15 29.13
C MET E 176 18.72 24.59 29.72
N LEU E 177 17.99 25.46 29.02
CA LEU E 177 16.65 25.83 29.47
C LEU E 177 15.69 24.65 29.31
N ALA E 178 15.80 23.92 28.21
CA ALA E 178 14.97 22.73 28.03
C ALA E 178 15.36 21.63 29.00
N LYS E 179 16.65 21.52 29.33
CA LYS E 179 17.07 20.57 30.36
C LYS E 179 16.49 20.96 31.71
N ALA E 180 16.54 22.24 32.06
CA ALA E 180 15.97 22.69 33.32
C ALA E 180 14.46 22.47 33.37
N VAL E 181 13.77 22.65 32.24
CA VAL E 181 12.35 22.32 32.19
C VAL E 181 12.15 20.82 32.39
N ALA E 182 13.02 20.00 31.79
CA ALA E 182 12.91 18.56 31.90
C ALA E 182 13.31 18.02 33.27
N HIS E 183 13.96 18.83 34.10
CA HIS E 183 14.35 18.42 35.45
C HIS E 183 13.43 18.97 36.52
N HIS E 184 12.96 20.22 36.37
CA HIS E 184 12.05 20.77 37.35
C HIS E 184 10.71 20.04 37.36
N THR E 185 10.20 19.69 36.18
CA THR E 185 8.96 18.95 36.04
C THR E 185 9.24 17.54 35.55
N THR E 186 8.40 16.59 35.97
CA THR E 186 8.54 15.18 35.62
C THR E 186 7.31 14.79 34.80
N ALA E 187 7.38 15.01 33.50
CA ALA E 187 6.29 14.67 32.59
C ALA E 187 6.88 14.36 31.22
N ALA E 188 6.03 14.33 30.21
CA ALA E 188 6.47 14.08 28.84
C ALA E 188 6.88 15.39 28.17
N PHE E 189 7.74 15.28 27.16
CA PHE E 189 8.25 16.44 26.44
C PHE E 189 8.38 16.10 24.97
N ILE E 190 7.92 17.01 24.12
CA ILE E 190 7.99 16.82 22.68
C ILE E 190 9.05 17.76 22.09
N ARG E 191 10.27 17.25 21.93
CA ARG E 191 11.36 18.02 21.34
C ARG E 191 11.33 17.82 19.83
N VAL E 192 10.87 18.84 19.11
CA VAL E 192 10.71 18.78 17.66
C VAL E 192 11.31 20.06 17.07
N VAL E 193 12.56 19.95 16.57
CA VAL E 193 13.18 21.07 15.89
C VAL E 193 12.47 21.32 14.57
N GLY E 194 12.25 22.60 14.25
CA GLY E 194 11.43 23.03 13.13
C GLY E 194 11.57 22.25 11.83
N SER E 195 12.74 21.70 11.57
CA SER E 195 12.99 20.90 10.38
C SER E 195 12.69 19.42 10.59
N GLU E 196 11.80 19.08 11.51
CA GLU E 196 11.48 17.68 11.78
C GLU E 196 10.47 17.11 10.79
N PHE E 197 9.70 17.98 10.11
CA PHE E 197 8.69 17.52 9.17
C PHE E 197 9.00 17.91 7.73
N VAL E 198 10.23 18.34 7.46
CA VAL E 198 10.63 18.69 6.10
C VAL E 198 11.03 17.42 5.37
N GLN E 199 10.06 16.77 4.72
CA GLN E 199 10.28 15.53 4.00
C GLN E 199 9.63 15.63 2.63
N LYS E 200 9.74 14.54 1.85
CA LYS E 200 9.13 14.51 0.53
C LYS E 200 7.61 14.39 0.60
N TYR E 201 7.08 13.84 1.69
CA TYR E 201 5.64 13.69 1.86
C TYR E 201 5.08 14.95 2.52
N LEU E 202 4.32 15.73 1.76
CA LEU E 202 3.75 16.96 2.30
C LEU E 202 2.70 16.67 3.38
N GLY E 203 1.98 15.55 3.26
CA GLY E 203 0.93 15.21 4.19
C GLY E 203 1.37 14.55 5.47
N GLU E 204 2.67 14.31 5.65
CA GLU E 204 3.15 13.68 6.88
C GLU E 204 3.10 14.65 8.06
N GLY E 205 3.15 15.95 7.79
CA GLY E 205 3.08 16.97 8.80
C GLY E 205 1.90 16.81 9.75
N PRO E 206 0.67 16.94 9.22
CA PRO E 206 -0.51 16.81 10.08
C PRO E 206 -0.63 15.44 10.72
N ARG E 207 -0.06 14.39 10.12
CA ARG E 207 -0.07 13.07 10.74
C ARG E 207 0.79 13.06 11.99
N MET E 208 2.02 13.56 11.89
CA MET E 208 2.93 13.56 13.03
C MET E 208 2.45 14.53 14.11
N VAL E 209 2.18 15.78 13.73
CA VAL E 209 1.78 16.77 14.73
C VAL E 209 0.39 16.49 15.28
N ARG E 210 -0.44 15.76 14.54
CA ARG E 210 -1.76 15.40 15.05
C ARG E 210 -1.71 14.18 15.95
N ASP E 211 -0.84 13.21 15.65
CA ASP E 211 -0.59 12.13 16.60
C ASP E 211 0.00 12.68 17.90
N VAL E 212 0.94 13.61 17.78
CA VAL E 212 1.48 14.27 18.97
C VAL E 212 0.39 15.05 19.69
N PHE E 213 -0.54 15.65 18.94
CA PHE E 213 -1.64 16.38 19.57
C PHE E 213 -2.53 15.45 20.39
N ARG E 214 -2.89 14.29 19.81
CA ARG E 214 -3.80 13.40 20.51
C ARG E 214 -3.13 12.69 21.68
N LEU E 215 -1.88 12.23 21.49
CA LEU E 215 -1.18 11.60 22.61
C LEU E 215 -0.83 12.62 23.69
N ALA E 216 -0.70 13.89 23.32
CA ALA E 216 -0.47 14.94 24.30
C ALA E 216 -1.74 15.22 25.11
N LYS E 217 -2.83 15.51 24.41
CA LYS E 217 -4.10 15.81 25.10
C LYS E 217 -4.65 14.60 25.84
N GLU E 218 -4.20 13.39 25.50
CA GLU E 218 -4.72 12.17 26.13
C GLU E 218 -3.82 11.65 27.24
N ASN E 219 -2.51 11.54 26.97
CA ASN E 219 -1.61 10.91 27.94
C ASN E 219 -1.35 11.82 29.13
N ALA E 220 -0.75 12.98 28.90
CA ALA E 220 -0.34 13.89 29.97
C ALA E 220 -0.04 15.25 29.37
N PRO E 221 -0.14 16.32 30.16
CA PRO E 221 0.13 17.65 29.62
C PRO E 221 1.61 17.88 29.29
N ALA E 222 2.04 17.38 28.14
CA ALA E 222 3.43 17.50 27.72
C ALA E 222 3.71 18.93 27.25
N ILE E 223 4.95 19.16 26.82
CA ILE E 223 5.40 20.46 26.35
C ILE E 223 6.03 20.27 24.97
N ILE E 224 5.54 21.00 23.98
CA ILE E 224 6.05 20.91 22.61
C ILE E 224 7.08 22.01 22.41
N PHE E 225 8.30 21.61 22.05
CA PHE E 225 9.42 22.54 21.87
C PHE E 225 9.62 22.74 20.37
N ILE E 226 9.00 23.79 19.83
CA ILE E 226 9.14 24.15 18.43
C ILE E 226 10.27 25.17 18.31
N ASP E 227 11.34 24.79 17.60
CA ASP E 227 12.53 25.61 17.48
C ASP E 227 12.73 26.05 16.04
N GLU E 228 13.31 27.24 15.87
CA GLU E 228 13.68 27.79 14.56
C GLU E 228 12.47 27.86 13.63
N ILE E 229 11.49 28.68 14.03
CA ILE E 229 10.28 28.87 13.23
C ILE E 229 10.50 29.78 12.04
N ASP E 230 11.69 30.36 11.88
CA ASP E 230 11.93 31.28 10.77
C ASP E 230 11.91 30.54 9.43
N ALA E 231 12.45 29.33 9.38
CA ALA E 231 12.52 28.57 8.14
C ALA E 231 11.18 27.98 7.72
N ILE E 232 10.18 27.97 8.60
CA ILE E 232 8.88 27.42 8.28
C ILE E 232 7.79 28.45 8.57
N ALA E 233 8.19 29.70 8.71
CA ALA E 233 7.26 30.79 9.02
C ALA E 233 7.57 32.01 8.17
N THR E 234 7.83 31.81 6.89
CA THR E 234 8.15 32.88 5.96
C THR E 234 7.11 32.91 4.85
N LYS E 235 6.71 34.11 4.46
CA LYS E 235 5.71 34.28 3.41
C LYS E 235 6.26 33.76 2.07
N ARG E 236 5.34 33.38 1.19
CA ARG E 236 5.71 32.85 -0.11
C ARG E 236 4.56 33.07 -1.08
N PHE E 237 4.88 33.52 -2.29
CA PHE E 237 3.87 33.80 -3.31
C PHE E 237 3.95 32.87 -4.51
N ASP E 238 5.12 32.34 -4.84
CA ASP E 238 5.28 31.48 -6.00
C ASP E 238 4.99 30.02 -5.65
N ALA E 239 4.88 29.20 -6.69
CA ALA E 239 4.51 27.79 -6.54
C ALA E 239 5.69 26.84 -6.79
N GLN E 240 6.91 27.38 -6.91
CA GLN E 240 8.07 26.50 -7.01
C GLN E 240 8.35 25.80 -5.69
N THR E 241 8.15 26.50 -4.57
CA THR E 241 8.30 25.93 -3.23
C THR E 241 6.96 25.55 -2.63
N GLY E 242 6.06 25.01 -3.45
CA GLY E 242 4.72 24.68 -3.01
C GLY E 242 4.65 23.74 -1.81
N ALA E 243 5.74 23.00 -1.54
CA ALA E 243 5.79 22.19 -0.34
C ALA E 243 5.87 23.06 0.91
N ASP E 244 6.64 24.15 0.86
CA ASP E 244 6.73 25.04 2.00
C ASP E 244 5.45 25.84 2.20
N ARG E 245 4.78 26.22 1.11
CA ARG E 245 3.49 26.88 1.25
C ARG E 245 2.42 25.91 1.73
N GLU E 246 2.54 24.62 1.37
CA GLU E 246 1.58 23.63 1.85
C GLU E 246 1.77 23.37 3.34
N VAL E 247 3.03 23.28 3.79
CA VAL E 247 3.26 23.05 5.21
C VAL E 247 3.05 24.31 6.05
N GLN E 248 3.12 25.50 5.43
CA GLN E 248 2.71 26.70 6.15
C GLN E 248 1.20 26.85 6.17
N ARG E 249 0.49 26.26 5.19
CA ARG E 249 -0.94 26.14 5.32
C ARG E 249 -1.33 25.09 6.35
N ILE E 250 -0.47 24.10 6.57
CA ILE E 250 -0.62 23.21 7.72
C ILE E 250 -0.39 23.97 9.00
N LEU E 251 0.60 24.88 9.01
CA LEU E 251 0.80 25.75 10.15
C LEU E 251 -0.40 26.64 10.39
N LEU E 252 -1.12 27.00 9.34
CA LEU E 252 -2.39 27.71 9.51
C LEU E 252 -3.46 26.78 10.06
N GLU E 253 -3.43 25.51 9.64
CA GLU E 253 -4.44 24.55 10.11
C GLU E 253 -4.31 24.32 11.61
N LEU E 254 -3.12 23.94 12.07
CA LEU E 254 -2.89 23.83 13.52
C LEU E 254 -2.95 25.20 14.19
N LEU E 255 -2.74 26.27 13.44
CA LEU E 255 -2.88 27.61 14.00
C LEU E 255 -4.35 27.93 14.30
N ASN E 256 -5.27 27.26 13.61
CA ASN E 256 -6.68 27.36 13.96
C ASN E 256 -7.11 26.28 14.95
N GLN E 257 -6.44 25.12 14.93
CA GLN E 257 -6.73 24.08 15.91
C GLN E 257 -6.36 24.54 17.32
N MET E 258 -5.25 25.26 17.45
CA MET E 258 -4.90 25.84 18.75
C MET E 258 -5.88 26.93 19.16
N ASP E 259 -6.55 27.58 18.20
CA ASP E 259 -7.65 28.46 18.55
C ASP E 259 -8.86 27.69 19.04
N GLY E 260 -9.10 26.50 18.47
CA GLY E 260 -10.14 25.64 18.99
C GLY E 260 -9.77 24.92 20.27
N PHE E 261 -8.47 24.76 20.53
CA PHE E 261 -7.99 24.12 21.74
C PHE E 261 -7.80 25.09 22.90
N ASP E 262 -8.42 26.27 22.84
CA ASP E 262 -8.26 27.26 23.89
C ASP E 262 -8.96 26.88 25.19
N GLN E 263 -9.79 25.84 25.17
CA GLN E 263 -10.58 25.44 26.34
C GLN E 263 -10.05 24.11 26.87
N ASN E 264 -9.24 24.18 27.93
CA ASN E 264 -8.80 23.00 28.68
C ASN E 264 -8.04 22.02 27.79
N VAL E 265 -6.91 22.49 27.26
CA VAL E 265 -6.01 21.66 26.46
C VAL E 265 -4.89 21.15 27.37
N ASN E 266 -4.55 19.87 27.24
CA ASN E 266 -3.51 19.25 28.05
C ASN E 266 -2.19 19.19 27.28
N VAL E 267 -1.64 20.36 26.97
CA VAL E 267 -0.36 20.47 26.30
C VAL E 267 0.15 21.89 26.47
N LYS E 268 1.47 22.06 26.36
CA LYS E 268 2.11 23.37 26.32
C LYS E 268 2.90 23.50 25.02
N VAL E 269 2.96 24.73 24.50
CA VAL E 269 3.65 25.02 23.25
C VAL E 269 4.63 26.15 23.53
N ILE E 270 5.87 25.80 23.85
CA ILE E 270 6.95 26.77 23.97
C ILE E 270 7.54 26.97 22.58
N MET E 271 8.32 28.03 22.40
CA MET E 271 8.82 28.36 21.07
C MET E 271 10.09 29.19 21.20
N ALA E 272 11.00 29.01 20.24
CA ALA E 272 12.25 29.75 20.20
C ALA E 272 12.65 29.97 18.75
N THR E 273 13.10 31.19 18.46
CA THR E 273 13.53 31.56 17.12
C THR E 273 14.74 32.48 17.20
N ASN E 274 15.48 32.53 16.10
CA ASN E 274 16.66 33.39 16.00
C ASN E 274 16.50 34.51 14.98
N ARG E 275 15.39 34.56 14.26
CA ARG E 275 15.13 35.61 13.28
C ARG E 275 13.70 36.09 13.42
N ALA E 276 13.51 37.41 13.48
CA ALA E 276 12.20 38.00 13.63
C ALA E 276 11.78 38.86 12.45
N ASP E 277 12.64 39.03 11.45
CA ASP E 277 12.30 39.89 10.32
C ASP E 277 11.33 39.19 9.37
N THR E 278 11.59 37.93 9.03
CA THR E 278 10.78 37.20 8.07
C THR E 278 9.67 36.38 8.73
N LEU E 279 9.34 36.67 9.98
CA LEU E 279 8.28 35.94 10.65
C LEU E 279 6.91 36.36 10.12
N ASP E 280 5.98 35.41 10.11
CA ASP E 280 4.64 35.69 9.63
C ASP E 280 3.87 36.50 10.68
N PRO E 281 3.04 37.46 10.26
CA PRO E 281 2.27 38.24 11.23
C PRO E 281 1.21 37.45 11.97
N ALA E 282 0.82 36.28 11.45
CA ALA E 282 -0.22 35.49 12.12
C ALA E 282 0.28 34.89 13.42
N LEU E 283 1.55 34.48 13.47
CA LEU E 283 2.11 33.93 14.70
C LEU E 283 2.24 35.00 15.77
N LEU E 284 2.75 36.18 15.40
CA LEU E 284 2.94 37.28 16.33
C LEU E 284 1.63 37.95 16.73
N ARG E 285 0.49 37.49 16.21
CA ARG E 285 -0.78 38.07 16.59
C ARG E 285 -1.04 37.81 18.08
N PRO E 286 -1.56 38.80 18.80
CA PRO E 286 -1.78 38.61 20.24
C PRO E 286 -2.78 37.50 20.52
N GLY E 287 -2.72 36.99 21.75
CA GLY E 287 -3.54 35.87 22.14
C GLY E 287 -2.89 34.54 21.84
N ARG E 288 -2.01 34.51 20.83
CA ARG E 288 -1.28 33.30 20.47
C ARG E 288 0.08 33.26 21.17
N LEU E 289 0.92 34.26 20.91
CA LEU E 289 2.24 34.38 21.52
C LEU E 289 2.25 35.66 22.35
N ASP E 290 1.87 35.53 23.62
CA ASP E 290 1.84 36.67 24.54
C ASP E 290 3.09 36.75 25.40
N ARG E 291 4.13 36.01 25.07
CA ARG E 291 5.39 36.04 25.81
C ARG E 291 6.53 36.11 24.80
N LYS E 292 7.24 37.23 24.78
CA LYS E 292 8.35 37.46 23.86
C LYS E 292 9.57 37.85 24.68
N ILE E 293 10.40 36.85 25.01
CA ILE E 293 11.60 37.06 25.79
C ILE E 293 12.78 37.22 24.85
N GLU E 294 13.83 37.86 25.33
CA GLU E 294 15.01 38.16 24.53
C GLU E 294 16.25 37.57 25.20
N PHE E 295 17.33 37.48 24.43
CA PHE E 295 18.61 37.03 24.93
C PHE E 295 19.63 38.17 24.84
N PRO E 296 20.31 38.51 25.91
CA PRO E 296 21.35 39.55 25.84
C PRO E 296 22.64 39.01 25.24
N LEU E 297 23.41 39.92 24.64
CA LEU E 297 24.69 39.52 24.08
C LEU E 297 25.66 39.05 25.15
N PRO E 298 25.88 39.80 26.27
CA PRO E 298 26.73 39.25 27.33
C PRO E 298 25.96 38.34 28.28
N ASP E 299 26.31 37.06 28.31
CA ASP E 299 25.72 36.11 29.25
C ASP E 299 26.63 35.93 30.45
N ARG E 300 26.91 37.05 31.13
CA ARG E 300 27.90 37.06 32.20
C ARG E 300 27.55 36.07 33.30
N ARG E 301 26.28 36.05 33.72
CA ARG E 301 25.86 35.09 34.75
C ARG E 301 25.86 33.67 34.20
N GLN E 302 25.54 33.49 32.92
CA GLN E 302 25.64 32.17 32.31
C GLN E 302 27.08 31.77 32.05
N LYS E 303 27.98 32.74 31.87
CA LYS E 303 29.40 32.42 31.81
C LYS E 303 29.92 31.96 33.17
N ARG E 304 29.52 32.65 34.24
CA ARG E 304 29.95 32.24 35.58
C ARG E 304 29.38 30.88 35.95
N LEU E 305 28.10 30.65 35.65
CA LEU E 305 27.50 29.35 35.95
C LEU E 305 28.04 28.25 35.05
N ILE E 306 28.41 28.58 33.81
CA ILE E 306 28.91 27.56 32.90
C ILE E 306 30.38 27.24 33.16
N PHE E 307 31.12 28.16 33.79
CA PHE E 307 32.47 27.83 34.22
C PHE E 307 32.46 27.11 35.57
N SER E 308 31.55 27.52 36.47
CA SER E 308 31.46 26.85 37.76
C SER E 308 30.91 25.44 37.64
N THR E 309 29.97 25.22 36.70
CA THR E 309 29.39 23.90 36.53
C THR E 309 30.35 22.91 35.90
N ILE E 310 31.46 23.37 35.32
CA ILE E 310 32.46 22.48 34.75
C ILE E 310 33.71 22.40 35.62
N THR E 311 34.07 23.46 36.33
CA THR E 311 35.21 23.40 37.23
C THR E 311 34.83 22.82 38.59
N SER E 312 33.54 22.73 38.91
CA SER E 312 33.13 22.14 40.18
C SER E 312 33.43 20.65 40.24
N LYS E 313 33.38 19.96 39.09
CA LYS E 313 33.72 18.56 39.00
C LYS E 313 35.16 18.33 38.59
N MET E 314 35.70 19.17 37.70
CA MET E 314 37.08 19.07 37.30
C MET E 314 38.00 19.53 38.45
N ASN E 315 39.26 19.14 38.36
CA ASN E 315 40.23 19.53 39.37
C ASN E 315 40.32 21.06 39.47
N LEU E 316 40.20 21.56 40.70
CA LEU E 316 40.17 23.00 40.95
C LEU E 316 41.60 23.51 41.12
N SER E 317 42.02 24.37 40.20
CA SER E 317 43.30 25.05 40.29
C SER E 317 43.09 26.45 40.85
N GLU E 318 43.88 26.81 41.86
CA GLU E 318 43.78 28.14 42.46
C GLU E 318 44.30 29.22 41.53
N GLU E 319 45.08 28.86 40.52
CA GLU E 319 45.56 29.85 39.55
C GLU E 319 44.50 30.23 38.53
N VAL E 320 43.49 29.39 38.33
CA VAL E 320 42.49 29.64 37.30
C VAL E 320 41.69 30.89 37.65
N ASP E 321 41.66 31.84 36.73
CA ASP E 321 40.89 33.07 36.88
C ASP E 321 39.65 33.00 36.00
N LEU E 322 38.63 33.76 36.40
CA LEU E 322 37.38 33.83 35.65
C LEU E 322 36.98 35.25 35.28
N GLU E 323 37.78 36.26 35.64
CA GLU E 323 37.45 37.65 35.35
C GLU E 323 37.86 38.06 33.94
N ASP E 324 39.05 37.66 33.50
CA ASP E 324 39.43 37.86 32.11
C ASP E 324 38.71 36.91 31.17
N TYR E 325 38.30 35.75 31.67
CA TYR E 325 37.51 34.80 30.90
C TYR E 325 36.01 35.03 31.04
N VAL E 326 35.60 36.02 31.83
CA VAL E 326 34.24 36.55 31.77
C VAL E 326 34.19 37.91 31.11
N ALA E 327 35.32 38.59 30.96
CA ALA E 327 35.38 39.87 30.28
C ALA E 327 35.75 39.74 28.80
N ARG E 328 36.56 38.74 28.43
CA ARG E 328 36.88 38.55 27.02
C ARG E 328 35.69 38.01 26.23
N PRO E 329 34.95 37.00 26.71
CA PRO E 329 33.73 36.59 25.99
C PRO E 329 32.64 37.66 26.01
N ASP E 330 32.79 38.71 26.82
CA ASP E 330 31.90 39.85 26.69
C ASP E 330 32.11 40.56 25.36
N LYS E 331 33.35 40.58 24.88
CA LYS E 331 33.63 41.13 23.55
C LYS E 331 33.40 40.07 22.47
N ILE E 332 34.13 38.96 22.54
CA ILE E 332 33.98 37.87 21.58
C ILE E 332 32.99 36.87 22.17
N SER E 333 31.70 37.13 21.93
CA SER E 333 30.65 36.26 22.44
C SER E 333 30.48 35.04 21.55
N GLY E 334 30.09 33.93 22.17
CA GLY E 334 29.89 32.71 21.44
C GLY E 334 28.96 31.77 22.18
N ALA E 335 28.81 30.57 21.63
CA ALA E 335 27.95 29.54 22.19
C ALA E 335 28.78 28.47 22.88
N ASP E 336 28.07 27.45 23.39
CA ASP E 336 28.61 26.21 23.96
C ASP E 336 29.95 26.38 24.68
N ILE E 337 29.97 27.27 25.67
CA ILE E 337 31.19 27.49 26.44
C ILE E 337 31.58 26.25 27.22
N ASN E 338 30.59 25.45 27.66
CA ASN E 338 30.90 24.20 28.34
C ASN E 338 31.63 23.23 27.42
N SER E 339 31.25 23.21 26.14
CA SER E 339 31.96 22.39 25.17
C SER E 339 33.37 22.92 24.93
N ILE E 340 33.56 24.24 25.06
CA ILE E 340 34.90 24.81 24.94
C ILE E 340 35.75 24.39 26.13
N CYS E 341 35.16 24.32 27.32
CA CYS E 341 35.88 23.80 28.47
C CYS E 341 36.18 22.31 28.33
N GLN E 342 35.28 21.57 27.68
CA GLN E 342 35.54 20.15 27.43
C GLN E 342 36.67 19.98 26.41
N GLU E 343 36.76 20.88 25.43
CA GLU E 343 37.91 20.87 24.54
C GLU E 343 39.19 21.24 25.29
N SER E 344 39.07 22.16 26.25
CA SER E 344 40.22 22.51 27.08
C SER E 344 40.68 21.32 27.92
N GLY E 345 39.73 20.47 28.34
CA GLY E 345 40.11 19.24 29.03
C GLY E 345 40.70 18.19 28.10
N MET E 346 40.18 18.12 26.87
CA MET E 346 40.75 17.20 25.88
C MET E 346 42.15 17.63 25.44
N LEU E 347 42.48 18.92 25.60
CA LEU E 347 43.84 19.38 25.39
C LEU E 347 44.67 19.31 26.68
N ALA E 348 44.02 19.24 27.83
CA ALA E 348 44.70 19.10 29.12
C ALA E 348 44.75 17.65 29.58
N VAL E 349 44.42 16.70 28.71
CA VAL E 349 44.46 15.27 29.06
C VAL E 349 45.83 14.72 28.65
N ARG E 350 46.76 15.62 28.31
CA ARG E 350 48.11 15.22 27.92
C ARG E 350 48.83 14.46 29.02
N GLU E 351 48.38 14.57 30.26
CA GLU E 351 48.93 13.95 31.47
C GLU E 351 50.24 14.61 31.92
N ASN E 352 50.79 15.53 31.13
CA ASN E 352 51.91 16.34 31.61
C ASN E 352 51.43 17.46 32.51
N ARG E 353 50.27 18.04 32.19
CA ARG E 353 49.63 19.04 33.02
C ARG E 353 48.52 18.36 33.81
N TYR E 354 48.67 18.33 35.14
CA TYR E 354 47.72 17.59 35.97
C TYR E 354 46.39 18.33 36.10
N ILE E 355 46.44 19.65 36.17
CA ILE E 355 45.23 20.47 36.28
C ILE E 355 45.22 21.47 35.12
N VAL E 356 44.02 21.77 34.62
CA VAL E 356 43.89 22.70 33.52
C VAL E 356 44.25 24.11 33.98
N LEU E 357 44.69 24.93 33.04
CA LEU E 357 45.11 26.30 33.33
C LEU E 357 44.73 27.18 32.14
N ALA E 358 45.30 28.39 32.10
CA ALA E 358 44.95 29.36 31.07
C ALA E 358 45.47 28.97 29.70
N LYS E 359 46.49 28.10 29.62
CA LYS E 359 47.05 27.72 28.34
C LYS E 359 46.00 27.09 27.43
N ASP E 360 45.27 26.09 27.93
CA ASP E 360 44.22 25.46 27.15
C ASP E 360 42.91 26.25 27.20
N PHE E 361 42.80 27.24 28.08
CA PHE E 361 41.63 28.11 28.06
C PHE E 361 41.70 29.08 26.89
N GLU E 362 42.76 29.89 26.83
CA GLU E 362 42.92 30.81 25.71
C GLU E 362 43.30 30.08 24.43
N LYS E 363 44.00 28.96 24.54
CA LYS E 363 44.26 28.13 23.37
C LYS E 363 42.99 27.50 22.84
N ALA E 364 42.12 27.02 23.76
CA ALA E 364 40.83 26.50 23.34
C ALA E 364 39.95 27.59 22.75
N TYR E 365 40.12 28.84 23.21
CA TYR E 365 39.40 29.95 22.60
C TYR E 365 39.90 30.22 21.17
N LYS E 366 41.22 30.28 20.99
CA LYS E 366 41.76 30.62 19.68
C LYS E 366 41.61 29.48 18.68
N THR E 367 41.46 28.24 19.14
CA THR E 367 41.24 27.13 18.21
C THR E 367 39.80 27.14 17.71
N VAL E 368 38.83 27.03 18.61
CA VAL E 368 37.42 27.03 18.23
C VAL E 368 36.75 28.31 18.71
N ASP F 1 49.71 -75.65 -12.28
CA ASP F 1 48.54 -75.69 -13.15
C ASP F 1 47.31 -75.15 -12.45
N TYR F 2 46.93 -75.80 -11.35
CA TYR F 2 45.75 -75.37 -10.61
C TYR F 2 46.07 -74.23 -9.65
N ARG F 3 47.28 -74.24 -9.07
CA ARG F 3 47.63 -73.20 -8.10
C ARG F 3 47.86 -71.85 -8.78
N LYS F 4 48.23 -71.85 -10.07
CA LYS F 4 48.50 -70.59 -10.75
C LYS F 4 47.22 -69.94 -11.27
N LYS F 5 46.17 -70.72 -11.52
CA LYS F 5 44.93 -70.16 -12.03
C LYS F 5 44.19 -69.33 -10.98
N LEU F 6 44.42 -69.59 -9.70
CA LEU F 6 43.81 -68.77 -8.66
C LEU F 6 44.44 -67.39 -8.61
N LEU F 7 45.77 -67.32 -8.74
CA LEU F 7 46.45 -66.03 -8.75
C LEU F 7 46.19 -65.28 -10.05
N GLU F 8 46.17 -65.99 -11.18
CA GLU F 8 45.88 -65.34 -12.45
C GLU F 8 44.45 -64.81 -12.47
N HIS F 9 43.48 -65.62 -12.03
CA HIS F 9 42.12 -65.13 -11.94
C HIS F 9 41.99 -64.01 -10.92
N LYS F 10 42.84 -64.02 -9.89
CA LYS F 10 42.90 -62.88 -8.98
C LYS F 10 43.43 -61.63 -9.68
N GLU F 11 44.28 -61.80 -10.68
CA GLU F 11 44.77 -60.65 -11.44
C GLU F 11 43.73 -60.13 -12.41
N ILE F 12 42.99 -61.03 -13.08
CA ILE F 12 41.89 -60.60 -13.94
C ILE F 12 40.83 -59.91 -13.11
N ASP F 13 40.53 -60.44 -11.92
CA ASP F 13 39.59 -59.77 -11.03
C ASP F 13 40.15 -58.45 -10.51
N GLY F 14 41.48 -58.34 -10.41
CA GLY F 14 42.07 -57.09 -9.98
C GLY F 14 41.92 -56.00 -11.03
N ARG F 15 42.36 -56.28 -12.26
CA ARG F 15 42.19 -55.32 -13.34
C ARG F 15 40.73 -55.11 -13.69
N LEU F 16 39.85 -56.02 -13.26
CA LEU F 16 38.42 -55.81 -13.45
C LEU F 16 37.83 -54.91 -12.37
N LYS F 17 38.36 -54.96 -11.16
CA LYS F 17 37.88 -54.12 -10.07
C LYS F 17 38.62 -52.79 -9.98
N GLU F 18 39.66 -52.58 -10.79
CA GLU F 18 40.39 -51.32 -10.78
C GLU F 18 39.86 -50.31 -11.79
N LEU F 19 38.79 -50.64 -12.51
CA LEU F 19 38.21 -49.73 -13.49
C LEU F 19 36.95 -49.03 -13.00
N ARG F 20 36.38 -49.47 -11.87
CA ARG F 20 35.18 -48.83 -11.35
C ARG F 20 35.47 -47.48 -10.72
N GLU F 21 36.65 -47.32 -10.11
CA GLU F 21 36.99 -46.07 -9.45
C GLU F 21 37.15 -44.91 -10.44
N GLN F 22 37.38 -45.21 -11.73
CA GLN F 22 37.50 -44.16 -12.74
C GLN F 22 36.16 -43.59 -13.17
N LEU F 23 35.05 -44.22 -12.78
CA LEU F 23 33.71 -43.75 -13.13
C LEU F 23 32.87 -43.40 -11.91
N LYS F 24 32.86 -44.27 -10.89
CA LYS F 24 32.00 -44.05 -9.74
C LYS F 24 32.36 -42.80 -8.95
N GLU F 25 33.55 -42.24 -9.19
CA GLU F 25 33.92 -40.99 -8.53
C GLU F 25 33.31 -39.79 -9.22
N LEU F 26 33.32 -39.77 -10.55
CA LEU F 26 32.75 -38.65 -11.29
C LEU F 26 31.24 -38.76 -11.48
N THR F 27 30.66 -39.95 -11.29
CA THR F 27 29.20 -40.05 -11.37
C THR F 27 28.53 -39.29 -10.24
N LYS F 28 29.21 -39.12 -9.11
CA LYS F 28 28.65 -38.30 -8.03
C LYS F 28 28.57 -36.83 -8.44
N GLN F 29 29.57 -36.36 -9.18
CA GLN F 29 29.52 -34.99 -9.70
C GLN F 29 28.50 -34.86 -10.81
N TYR F 30 28.38 -35.89 -11.66
CA TYR F 30 27.38 -35.85 -12.72
C TYR F 30 25.97 -35.82 -12.15
N GLU F 31 25.70 -36.60 -11.11
CA GLU F 31 24.40 -36.52 -10.44
C GLU F 31 24.25 -35.21 -9.69
N LYS F 32 25.36 -34.67 -9.16
CA LYS F 32 25.31 -33.37 -8.51
C LYS F 32 24.94 -32.27 -9.49
N SER F 33 25.25 -32.45 -10.79
CA SER F 33 24.85 -31.48 -11.80
C SER F 33 23.32 -31.39 -11.88
N GLU F 34 22.65 -32.54 -11.93
CA GLU F 34 21.19 -32.53 -11.97
C GLU F 34 20.60 -32.14 -10.62
N ASN F 35 21.32 -32.40 -9.53
CA ASN F 35 20.88 -31.90 -8.22
C ASN F 35 20.86 -30.38 -8.20
N ASP F 36 21.90 -29.75 -8.76
CA ASP F 36 21.91 -28.30 -8.86
C ASP F 36 20.84 -27.82 -9.83
N LEU F 37 20.64 -28.53 -10.95
CA LEU F 37 19.59 -28.15 -11.89
C LEU F 37 18.22 -28.21 -11.23
N LYS F 38 18.03 -29.11 -10.25
CA LYS F 38 16.81 -29.11 -9.46
C LYS F 38 16.85 -28.09 -8.32
N ALA F 39 18.04 -27.58 -8.00
CA ALA F 39 18.17 -26.57 -6.95
C ALA F 39 18.00 -25.15 -7.46
N LEU F 40 18.10 -24.93 -8.76
CA LEU F 40 17.94 -23.61 -9.36
C LEU F 40 16.50 -23.31 -9.76
N GLN F 41 15.54 -24.11 -9.32
CA GLN F 41 14.15 -23.92 -9.68
C GLN F 41 13.42 -22.94 -8.77
N SER F 42 14.02 -22.55 -7.65
CA SER F 42 13.41 -21.59 -6.73
C SER F 42 13.86 -20.19 -7.16
N VAL F 43 13.05 -19.55 -8.00
CA VAL F 43 13.39 -18.25 -8.56
C VAL F 43 12.19 -17.31 -8.40
N GLY F 44 12.48 -16.02 -8.47
CA GLY F 44 11.46 -14.99 -8.42
C GLY F 44 11.23 -14.36 -7.06
N GLN F 45 12.24 -14.30 -6.21
CA GLN F 45 12.10 -13.73 -4.87
C GLN F 45 12.58 -12.29 -4.85
N ILE F 46 11.92 -11.46 -4.04
CA ILE F 46 12.26 -10.07 -3.88
C ILE F 46 12.45 -9.79 -2.38
N VAL F 47 12.91 -8.58 -2.08
CA VAL F 47 13.23 -8.21 -0.70
C VAL F 47 12.27 -7.14 -0.20
N GLY F 48 12.39 -6.78 1.07
CA GLY F 48 11.53 -5.78 1.66
C GLY F 48 11.96 -5.51 3.09
N GLU F 49 11.40 -4.44 3.65
CA GLU F 49 11.75 -4.00 5.00
C GLU F 49 10.47 -3.70 5.77
N VAL F 50 10.50 -3.97 7.07
CA VAL F 50 9.33 -3.86 7.94
C VAL F 50 9.51 -2.65 8.83
N LEU F 51 8.54 -1.73 8.79
CA LEU F 51 8.54 -0.54 9.64
C LEU F 51 7.43 -0.55 10.68
N LYS F 52 6.18 -0.72 10.25
CA LYS F 52 5.03 -0.66 11.15
C LYS F 52 4.18 -1.90 10.95
N GLN F 53 3.79 -2.53 12.06
CA GLN F 53 2.97 -3.74 12.05
C GLN F 53 1.65 -3.45 12.76
N LEU F 54 0.55 -3.55 12.01
CA LEU F 54 -0.77 -3.34 12.59
C LEU F 54 -1.40 -4.67 13.05
N THR F 55 -1.56 -5.61 12.12
CA THR F 55 -2.10 -6.92 12.43
C THR F 55 -0.96 -7.90 12.66
N GLU F 56 -1.13 -8.77 13.66
CA GLU F 56 -0.10 -9.76 13.98
C GLU F 56 0.12 -10.74 12.83
N GLU F 57 -0.90 -10.98 12.01
CA GLU F 57 -0.78 -11.90 10.89
C GLU F 57 -0.29 -11.21 9.62
N LYS F 58 -0.75 -9.99 9.36
CA LYS F 58 -0.46 -9.27 8.14
C LYS F 58 0.07 -7.88 8.48
N PHE F 59 1.21 -7.51 7.93
CA PHE F 59 1.89 -6.26 8.25
C PHE F 59 2.30 -5.56 6.97
N ILE F 60 2.92 -4.38 7.14
CA ILE F 60 3.34 -3.53 6.03
C ILE F 60 4.81 -3.78 5.74
N VAL F 61 5.16 -3.91 4.47
CA VAL F 61 6.54 -4.08 4.04
C VAL F 61 6.98 -2.85 3.26
N LYS F 62 8.28 -2.62 3.22
CA LYS F 62 8.88 -1.50 2.50
C LYS F 62 9.93 -2.05 1.54
N ALA F 63 9.65 -1.99 0.25
CA ALA F 63 10.58 -2.49 -0.75
C ALA F 63 11.73 -1.52 -0.95
N THR F 64 12.85 -2.06 -1.44
CA THR F 64 14.03 -1.24 -1.69
C THR F 64 13.79 -0.25 -2.82
N ASN F 65 13.00 -0.64 -3.82
CA ASN F 65 12.79 0.22 -4.98
C ASN F 65 12.01 1.48 -4.65
N GLY F 66 11.27 1.49 -3.53
CA GLY F 66 10.54 2.67 -3.14
C GLY F 66 9.05 2.47 -2.89
N PRO F 67 8.35 1.73 -3.76
CA PRO F 67 6.94 1.45 -3.49
C PRO F 67 6.77 0.48 -2.33
N ARG F 68 5.76 0.74 -1.51
CA ARG F 68 5.46 -0.07 -0.34
C ARG F 68 4.28 -0.99 -0.61
N TYR F 69 4.24 -2.10 0.11
CA TYR F 69 3.21 -3.12 -0.06
C TYR F 69 2.82 -3.67 1.30
N VAL F 70 1.84 -4.57 1.30
CA VAL F 70 1.44 -5.31 2.50
C VAL F 70 1.35 -6.78 2.14
N VAL F 71 1.84 -7.64 3.04
CA VAL F 71 1.92 -9.08 2.79
C VAL F 71 1.26 -9.81 3.94
N GLY F 72 1.18 -11.13 3.80
CA GLY F 72 0.63 -12.01 4.80
C GLY F 72 1.69 -12.83 5.51
N CYS F 73 1.21 -13.86 6.21
CA CYS F 73 2.07 -14.76 6.97
C CYS F 73 2.01 -16.16 6.37
N ARG F 74 3.17 -16.79 6.23
CA ARG F 74 3.25 -18.14 5.70
C ARG F 74 3.04 -19.16 6.83
N ARG F 75 2.36 -20.26 6.50
CA ARG F 75 2.01 -21.25 7.50
C ARG F 75 3.23 -21.95 8.10
N GLN F 76 4.39 -21.87 7.43
CA GLN F 76 5.58 -22.54 7.94
C GLN F 76 6.28 -21.72 9.01
N LEU F 77 6.57 -20.45 8.72
CA LEU F 77 7.28 -19.61 9.67
C LEU F 77 6.36 -19.22 10.83
N ASP F 78 6.97 -18.64 11.87
CA ASP F 78 6.27 -18.23 13.07
C ASP F 78 6.44 -16.73 13.28
N LYS F 79 5.96 -16.24 14.42
CA LYS F 79 6.01 -14.82 14.75
C LYS F 79 7.33 -14.41 15.41
N SER F 80 8.30 -15.31 15.49
CA SER F 80 9.59 -14.97 16.09
C SER F 80 10.32 -13.93 15.24
N LYS F 81 10.61 -14.27 13.99
CA LYS F 81 11.28 -13.34 13.08
C LYS F 81 10.30 -12.34 12.44
N LEU F 82 9.00 -12.50 12.68
CA LEU F 82 8.01 -11.61 12.08
C LEU F 82 7.93 -10.25 12.77
N LYS F 83 8.62 -10.08 13.90
CA LYS F 83 8.61 -8.80 14.60
C LYS F 83 9.20 -7.70 13.72
N PRO F 84 8.75 -6.46 13.87
CA PRO F 84 9.27 -5.37 13.04
C PRO F 84 10.73 -5.08 13.34
N GLY F 85 11.36 -4.37 12.41
CA GLY F 85 12.77 -4.05 12.51
C GLY F 85 13.71 -5.08 11.93
N THR F 86 13.19 -6.12 11.28
CA THR F 86 13.99 -7.18 10.68
C THR F 86 13.72 -7.22 9.19
N ARG F 87 14.76 -7.08 8.38
CA ARG F 87 14.61 -7.12 6.94
C ARG F 87 14.26 -8.54 6.50
N VAL F 88 13.23 -8.66 5.66
CA VAL F 88 12.70 -9.94 5.22
C VAL F 88 12.73 -9.99 3.69
N ALA F 89 12.27 -11.11 3.14
CA ALA F 89 12.20 -11.33 1.71
C ALA F 89 10.77 -11.68 1.31
N LEU F 90 10.42 -11.35 0.07
CA LEU F 90 9.08 -11.55 -0.45
C LEU F 90 9.14 -12.30 -1.78
N ASP F 91 7.97 -12.69 -2.27
CA ASP F 91 7.83 -13.38 -3.54
C ASP F 91 6.96 -12.55 -4.47
N MET F 92 7.20 -12.71 -5.78
CA MET F 92 6.42 -11.96 -6.76
C MET F 92 4.98 -12.45 -6.81
N THR F 93 4.77 -13.75 -6.61
CA THR F 93 3.43 -14.32 -6.64
C THR F 93 2.90 -14.45 -5.22
N THR F 94 1.73 -13.85 -4.97
CA THR F 94 0.98 -13.87 -3.72
C THR F 94 1.70 -13.09 -2.61
N LEU F 95 2.90 -12.57 -2.86
CA LEU F 95 3.67 -11.81 -1.89
C LEU F 95 3.88 -12.58 -0.59
N THR F 96 4.17 -13.88 -0.73
CA THR F 96 4.45 -14.71 0.43
C THR F 96 5.87 -14.45 0.95
N ILE F 97 6.15 -14.97 2.14
CA ILE F 97 7.44 -14.78 2.81
C ILE F 97 8.10 -16.14 2.96
N MET F 98 9.25 -16.31 2.30
CA MET F 98 10.00 -17.56 2.43
C MET F 98 10.90 -17.53 3.66
N ARG F 99 11.75 -16.51 3.77
CA ARG F 99 12.61 -16.33 4.93
C ARG F 99 12.97 -14.85 5.03
N TYR F 100 13.79 -14.53 6.02
CA TYR F 100 14.20 -13.15 6.27
C TYR F 100 15.55 -12.87 5.60
N LEU F 101 16.03 -11.65 5.78
CA LEU F 101 17.31 -11.21 5.22
C LEU F 101 18.09 -10.48 6.30
N PRO F 102 19.11 -11.11 6.89
CA PRO F 102 19.88 -10.45 7.95
C PRO F 102 20.74 -9.33 7.38
N ARG F 103 20.67 -8.16 8.02
CA ARG F 103 21.46 -7.02 7.58
C ARG F 103 22.93 -7.22 7.92
N GLU F 104 23.77 -6.40 7.29
CA GLU F 104 25.21 -6.48 7.50
C GLU F 104 25.86 -5.11 7.31
N VAL F 105 26.97 -4.88 6.45
CA VAL F 105 27.71 -3.46 6.12
C VAL F 105 28.94 -3.29 4.99
N ASP F 106 29.60 -2.18 4.41
CA ASP F 106 30.58 -2.83 3.56
C ASP F 106 31.80 -3.34 4.34
N PRO F 107 32.42 -2.53 5.21
CA PRO F 107 33.63 -3.01 5.91
C PRO F 107 33.37 -4.18 6.85
N LEU F 108 32.12 -4.44 7.23
CA LEU F 108 31.85 -5.57 8.11
C LEU F 108 32.11 -6.90 7.41
N VAL F 109 31.97 -6.94 6.08
CA VAL F 109 32.32 -8.15 5.34
C VAL F 109 33.83 -8.38 5.39
N TYR F 110 34.61 -7.30 5.29
CA TYR F 110 36.07 -7.43 5.40
C TYR F 110 36.48 -7.84 6.81
N ASN F 111 35.82 -7.29 7.83
CA ASN F 111 36.15 -7.63 9.21
C ASN F 111 35.62 -8.99 9.63
N MET F 112 34.69 -9.58 8.88
CA MET F 112 34.10 -10.87 9.23
C MET F 112 34.33 -11.92 8.16
N SER F 113 35.23 -11.68 7.20
CA SER F 113 35.48 -12.62 6.12
C SER F 113 36.91 -13.13 6.04
N HIS F 114 37.88 -12.28 6.33
CA HIS F 114 39.24 -12.76 6.23
C HIS F 114 39.52 -13.79 7.31
N GLU F 115 40.02 -14.94 6.85
CA GLU F 115 40.44 -16.02 7.74
C GLU F 115 41.68 -16.68 7.16
N ASP F 116 42.71 -16.81 8.00
CA ASP F 116 43.96 -17.43 7.57
C ASP F 116 44.06 -18.83 8.15
N PRO F 117 44.19 -19.86 7.33
CA PRO F 117 44.26 -21.23 7.84
C PRO F 117 45.67 -21.55 8.33
N GLY F 118 45.85 -22.80 8.77
CA GLY F 118 47.14 -23.26 9.25
C GLY F 118 47.22 -23.32 10.76
N ASN F 119 47.32 -24.55 11.30
CA ASN F 119 47.43 -24.75 12.74
C ASN F 119 48.84 -25.15 13.18
N VAL F 120 49.72 -25.53 12.25
CA VAL F 120 51.08 -25.89 12.61
C VAL F 120 51.95 -24.64 12.81
N SER F 121 51.53 -23.50 12.27
CA SER F 121 52.31 -22.27 12.41
C SER F 121 52.48 -21.88 13.87
N TYR F 122 51.53 -22.25 14.73
CA TYR F 122 51.68 -22.00 16.16
C TYR F 122 52.88 -22.76 16.73
N SER F 123 53.21 -23.92 16.16
CA SER F 123 54.36 -24.70 16.57
C SER F 123 55.54 -24.53 15.62
N GLU F 124 55.44 -23.64 14.63
CA GLU F 124 56.52 -23.37 13.70
C GLU F 124 57.22 -22.04 13.99
N ILE F 125 56.98 -21.45 15.16
CA ILE F 125 57.61 -20.18 15.51
C ILE F 125 59.02 -20.34 16.03
N GLY F 126 59.50 -21.56 16.17
CA GLY F 126 60.84 -21.79 16.68
C GLY F 126 60.88 -22.01 18.18
N GLY F 127 62.10 -22.02 18.70
CA GLY F 127 62.30 -22.23 20.13
C GLY F 127 62.00 -21.01 20.96
N LEU F 128 60.72 -20.62 21.01
CA LEU F 128 60.27 -19.48 21.79
C LEU F 128 59.32 -20.00 22.87
N SER F 129 59.87 -20.26 24.05
CA SER F 129 59.10 -20.77 25.17
C SER F 129 58.88 -19.68 26.22
N LYS F 158 48.63 -5.53 29.61
CA LYS F 158 47.50 -5.43 28.69
C LYS F 158 47.96 -5.13 27.28
N GLY F 159 49.27 -5.14 27.07
CA GLY F 159 49.83 -4.86 25.76
C GLY F 159 51.17 -5.54 25.60
N CYS F 160 51.49 -5.90 24.36
CA CYS F 160 52.74 -6.58 24.03
C CYS F 160 53.49 -5.76 22.99
N LEU F 161 54.78 -5.55 23.23
CA LEU F 161 55.63 -4.77 22.33
C LEU F 161 56.49 -5.73 21.51
N LEU F 162 56.32 -5.69 20.19
CA LEU F 162 57.12 -6.48 19.26
C LEU F 162 58.00 -5.50 18.48
N TYR F 163 59.19 -5.25 19.01
CA TYR F 163 60.13 -4.30 18.42
C TYR F 163 61.05 -5.00 17.42
N GLY F 164 61.93 -4.22 16.82
CA GLY F 164 62.60 -4.60 15.59
C GLY F 164 64.11 -4.78 15.59
N PRO F 165 64.68 -5.50 16.56
CA PRO F 165 66.12 -5.77 16.52
C PRO F 165 66.49 -6.57 15.28
N PRO F 166 67.78 -6.88 15.06
CA PRO F 166 68.13 -7.62 13.84
C PRO F 166 67.60 -9.05 13.88
N GLY F 167 66.29 -9.18 13.80
CA GLY F 167 65.60 -10.45 13.74
C GLY F 167 64.13 -10.24 13.42
N THR F 168 63.58 -10.97 12.46
CA THR F 168 62.21 -10.78 12.02
C THR F 168 61.40 -12.05 12.25
N GLY F 169 60.17 -12.04 11.76
CA GLY F 169 59.23 -13.11 12.00
C GLY F 169 58.07 -12.77 12.92
N LYS F 170 57.93 -11.50 13.31
CA LYS F 170 56.80 -11.10 14.14
C LYS F 170 55.48 -11.28 13.41
N THR F 171 55.48 -11.09 12.08
CA THR F 171 54.26 -11.33 11.31
C THR F 171 53.94 -12.82 11.23
N LEU F 172 54.96 -13.67 11.23
CA LEU F 172 54.71 -15.12 11.22
C LEU F 172 54.21 -15.61 12.56
N LEU F 173 54.54 -14.90 13.65
CA LEU F 173 54.08 -15.30 14.97
C LEU F 173 52.68 -14.76 15.25
N ALA F 174 52.48 -13.45 15.06
CA ALA F 174 51.16 -12.86 15.23
C ALA F 174 50.16 -13.48 14.26
N ARG F 175 50.58 -13.74 13.03
CA ARG F 175 49.76 -14.45 12.07
C ARG F 175 49.81 -15.97 12.29
N ALA F 176 50.68 -16.45 13.17
CA ALA F 176 50.70 -17.86 13.51
C ALA F 176 49.64 -18.20 14.56
N VAL F 177 49.56 -17.41 15.62
CA VAL F 177 48.47 -17.57 16.57
C VAL F 177 47.17 -17.06 15.97
N ALA F 178 47.25 -15.94 15.23
CA ALA F 178 46.09 -15.44 14.51
C ALA F 178 45.57 -16.45 13.50
N SER F 179 46.49 -17.21 12.87
CA SER F 179 46.08 -18.30 12.01
C SER F 179 45.65 -19.52 12.81
N GLN F 180 46.04 -19.63 14.07
CA GLN F 180 45.61 -20.77 14.88
C GLN F 180 44.18 -20.60 15.35
N LEU F 181 43.93 -19.66 16.26
CA LEU F 181 42.54 -19.31 16.56
C LEU F 181 42.25 -17.83 16.42
N ASP F 182 42.90 -17.03 17.28
CA ASP F 182 42.75 -15.57 17.39
C ASP F 182 41.35 -15.16 17.83
N CYS F 183 40.41 -16.11 17.83
CA CYS F 183 39.02 -15.92 18.23
C CYS F 183 38.29 -14.94 17.31
N ASN F 184 39.02 -14.30 16.40
CA ASN F 184 38.51 -13.34 15.43
C ASN F 184 39.63 -13.03 14.45
N PHE F 185 39.43 -12.01 13.62
CA PHE F 185 40.49 -11.47 12.76
C PHE F 185 40.48 -9.95 12.82
N LEU F 186 40.40 -9.40 14.03
CA LEU F 186 40.35 -7.96 14.23
C LEU F 186 41.75 -7.39 14.06
N LYS F 187 42.14 -7.20 12.81
CA LYS F 187 43.43 -6.60 12.47
C LYS F 187 43.29 -5.09 12.38
N VAL F 188 44.20 -4.37 13.01
CA VAL F 188 44.20 -2.91 13.03
C VAL F 188 45.45 -2.44 12.31
N VAL F 189 45.28 -1.93 11.08
CA VAL F 189 46.40 -1.47 10.28
C VAL F 189 46.74 -0.04 10.67
N SER F 190 48.03 0.27 10.68
CA SER F 190 48.48 1.62 11.03
C SER F 190 48.13 2.66 9.98
N SER F 191 47.62 2.25 8.83
CA SER F 191 47.20 3.17 7.78
C SER F 191 45.71 3.49 7.84
N SER F 192 45.01 3.05 8.88
CA SER F 192 43.59 3.30 9.05
C SER F 192 43.31 4.49 9.95
N ILE F 193 44.34 5.22 10.37
CA ILE F 193 44.18 6.39 11.22
C ILE F 193 44.66 7.60 10.43
N VAL F 194 44.48 7.56 9.11
CA VAL F 194 44.92 8.66 8.26
C VAL F 194 44.06 9.90 8.49
N ASP F 195 42.75 9.77 8.32
CA ASP F 195 41.79 10.85 8.54
C ASP F 195 42.16 12.07 7.69
N LYS F 196 42.02 11.88 6.37
CA LYS F 196 42.32 12.94 5.41
C LYS F 196 41.61 14.23 5.75
N TYR F 197 40.36 14.15 6.20
CA TYR F 197 39.59 15.33 6.58
C TYR F 197 39.98 15.75 7.99
N ILE F 198 39.15 16.61 8.61
CA ILE F 198 39.43 17.11 9.95
C ILE F 198 39.70 15.94 10.89
N GLY F 199 40.72 16.10 11.74
CA GLY F 199 41.20 15.01 12.56
C GLY F 199 40.29 14.64 13.71
N GLU F 200 39.13 14.08 13.40
CA GLU F 200 38.16 13.60 14.39
C GLU F 200 38.23 12.09 14.56
N SER F 201 39.43 11.51 14.46
CA SER F 201 39.60 10.06 14.58
C SER F 201 39.16 9.51 15.92
N ALA F 202 38.82 10.37 16.89
CA ALA F 202 38.29 9.90 18.16
C ALA F 202 37.02 9.08 17.97
N ARG F 203 36.25 9.36 16.91
CA ARG F 203 35.08 8.55 16.61
C ARG F 203 35.47 7.13 16.21
N LEU F 204 36.67 6.96 15.66
CA LEU F 204 37.15 5.63 15.28
C LEU F 204 37.88 4.94 16.41
N ILE F 205 38.55 5.69 17.28
CA ILE F 205 39.14 5.09 18.48
C ILE F 205 38.05 4.61 19.42
N ARG F 206 37.05 5.46 19.69
CA ARG F 206 35.93 5.07 20.53
C ARG F 206 34.98 4.12 19.82
N GLU F 207 34.94 4.16 18.49
CA GLU F 207 34.06 3.25 17.75
C GLU F 207 34.64 1.84 17.74
N MET F 208 35.92 1.71 17.38
CA MET F 208 36.54 0.39 17.29
C MET F 208 36.85 -0.17 18.67
N PHE F 209 37.37 0.67 19.57
CA PHE F 209 37.58 0.21 20.94
C PHE F 209 36.24 0.03 21.67
N ASN F 210 35.19 0.71 21.21
CA ASN F 210 33.86 0.43 21.72
C ASN F 210 33.35 -0.90 21.21
N TYR F 211 33.76 -1.31 20.01
CA TYR F 211 33.48 -2.66 19.55
C TYR F 211 34.27 -3.68 20.35
N ALA F 212 35.50 -3.34 20.74
CA ALA F 212 36.29 -4.24 21.58
C ALA F 212 35.67 -4.39 22.97
N ARG F 213 35.10 -3.30 23.49
CA ARG F 213 34.41 -3.38 24.78
C ARG F 213 33.03 -4.03 24.65
N ASP F 214 32.43 -4.00 23.46
CA ASP F 214 31.14 -4.65 23.26
C ASP F 214 31.30 -6.17 23.13
N HIS F 215 32.09 -6.62 22.16
CA HIS F 215 32.38 -8.04 22.02
C HIS F 215 33.26 -8.49 23.19
N GLN F 216 32.82 -9.52 23.90
CA GLN F 216 33.58 -9.99 25.05
C GLN F 216 34.97 -10.50 24.68
N PRO F 217 35.15 -11.35 23.66
CA PRO F 217 36.51 -11.66 23.23
C PRO F 217 37.00 -10.74 22.13
N CYS F 218 38.26 -10.34 22.24
CA CYS F 218 38.85 -9.43 21.26
C CYS F 218 40.36 -9.46 21.39
N ILE F 219 41.04 -9.50 20.24
CA ILE F 219 42.49 -9.42 20.16
C ILE F 219 42.85 -8.40 19.10
N ILE F 220 43.71 -7.45 19.46
CA ILE F 220 44.04 -6.32 18.60
C ILE F 220 45.51 -6.41 18.21
N PHE F 221 45.77 -6.28 16.91
CA PHE F 221 47.13 -6.24 16.38
C PHE F 221 47.44 -4.84 15.88
N MET F 222 48.61 -4.32 16.26
CA MET F 222 49.06 -2.99 15.86
C MET F 222 50.43 -3.14 15.21
N ASP F 223 50.44 -3.38 13.89
CA ASP F 223 51.67 -3.61 13.16
C ASP F 223 52.18 -2.30 12.56
N GLU F 224 53.50 -2.15 12.54
CA GLU F 224 54.17 -0.98 11.97
C GLU F 224 53.68 0.31 12.63
N ILE F 225 53.86 0.35 13.95
CA ILE F 225 53.44 1.53 14.73
C ILE F 225 54.46 2.65 14.69
N ASP F 226 55.65 2.41 14.11
CA ASP F 226 56.66 3.45 14.05
C ASP F 226 56.25 4.62 13.17
N ALA F 227 55.37 4.38 12.19
CA ALA F 227 54.91 5.47 11.33
C ALA F 227 54.02 6.43 12.10
N ILE F 228 53.17 5.90 12.99
CA ILE F 228 52.31 6.72 13.84
C ILE F 228 52.91 6.92 15.23
N GLY F 229 54.19 6.61 15.40
CA GLY F 229 54.84 6.72 16.69
C GLY F 229 55.80 7.90 16.78
N GLY F 230 55.41 9.03 16.22
CA GLY F 230 56.27 10.20 16.23
C GLY F 230 56.53 10.67 17.65
N ARG F 231 57.79 11.06 17.91
CA ARG F 231 58.22 11.46 19.24
C ARG F 231 57.84 12.90 19.59
N ARG F 232 57.24 13.64 18.65
CA ARG F 232 56.84 15.04 18.81
C ARG F 232 57.86 15.85 19.59
N PHE F 233 59.16 15.67 19.28
CA PHE F 233 60.20 16.39 19.99
C PHE F 233 60.12 17.89 19.72
N SER F 234 60.08 18.29 18.46
CA SER F 234 59.97 19.69 18.09
C SER F 234 58.49 20.06 17.95
N GLU F 235 58.22 21.27 17.48
CA GLU F 235 56.85 21.73 17.29
C GLU F 235 56.25 21.04 16.07
N GLY F 236 55.29 20.14 16.31
CA GLY F 236 54.69 19.40 15.22
C GLY F 236 53.63 20.21 14.49
N THR F 237 53.44 19.87 13.22
CA THR F 237 52.46 20.54 12.38
C THR F 237 51.07 19.97 12.66
N SER F 238 50.09 20.36 11.85
CA SER F 238 48.73 19.87 12.03
C SER F 238 48.62 18.38 11.72
N ALA F 239 49.49 17.85 10.86
CA ALA F 239 49.45 16.43 10.55
C ALA F 239 49.98 15.59 11.71
N ASP F 240 51.00 16.10 12.40
CA ASP F 240 51.54 15.37 13.56
C ASP F 240 50.69 15.57 14.80
N ARG F 241 50.07 16.75 14.94
CA ARG F 241 49.30 17.05 16.15
C ARG F 241 48.04 16.19 16.24
N GLU F 242 47.46 15.81 15.11
CA GLU F 242 46.27 14.96 15.15
C GLU F 242 46.62 13.52 15.47
N ILE F 243 47.75 13.02 14.94
CA ILE F 243 48.18 11.67 15.27
C ILE F 243 48.59 11.58 16.74
N GLN F 244 49.34 12.58 17.23
CA GLN F 244 49.66 12.63 18.64
C GLN F 244 48.42 12.85 19.50
N ARG F 245 47.37 13.45 18.94
CA ARG F 245 46.11 13.57 19.67
C ARG F 245 45.40 12.22 19.77
N THR F 246 45.48 11.41 18.70
CA THR F 246 45.02 10.03 18.82
C THR F 246 45.84 9.26 19.84
N LEU F 247 47.13 9.59 19.95
CA LEU F 247 47.94 9.03 21.03
C LEU F 247 47.48 9.54 22.39
N MET F 248 46.92 10.74 22.46
CA MET F 248 46.36 11.23 23.71
C MET F 248 45.08 10.48 24.06
N GLU F 249 44.29 10.10 23.05
CA GLU F 249 43.14 9.24 23.31
C GLU F 249 43.59 7.85 23.75
N LEU F 250 44.69 7.37 23.18
CA LEU F 250 45.26 6.09 23.64
C LEU F 250 45.70 6.18 25.09
N LEU F 251 46.29 7.31 25.48
CA LEU F 251 46.63 7.51 26.89
C LEU F 251 45.39 7.53 27.76
N ASN F 252 44.37 8.28 27.35
CA ASN F 252 43.13 8.41 28.11
C ASN F 252 42.33 7.13 28.16
N GLN F 253 42.63 6.15 27.30
CA GLN F 253 41.90 4.88 27.31
C GLN F 253 42.78 3.70 27.73
N MET F 254 44.07 3.92 27.98
CA MET F 254 44.94 2.90 28.55
C MET F 254 45.26 3.16 30.01
N ASP F 255 45.69 4.39 30.34
CA ASP F 255 45.92 4.78 31.72
C ASP F 255 45.06 5.98 32.11
N GLY F 256 43.91 6.13 31.48
CA GLY F 256 43.00 7.20 31.79
C GLY F 256 41.92 6.78 32.77
N PHE F 257 40.69 6.66 32.29
CA PHE F 257 39.55 6.25 33.09
C PHE F 257 38.83 5.07 32.43
N ASP F 258 39.61 4.10 31.99
CA ASP F 258 39.07 2.92 31.32
C ASP F 258 40.08 1.79 31.41
N THR F 259 39.68 0.66 31.98
CA THR F 259 40.56 -0.49 32.10
C THR F 259 40.50 -1.35 30.84
N LEU F 260 41.55 -2.13 30.64
CA LEU F 260 41.70 -3.03 29.49
C LEU F 260 42.16 -4.41 29.94
N HIS F 261 41.49 -4.94 30.97
CA HIS F 261 41.91 -6.20 31.55
C HIS F 261 41.64 -7.38 30.63
N ARG F 262 40.59 -7.31 29.81
CA ARG F 262 40.21 -8.44 28.97
C ARG F 262 40.70 -8.33 27.53
N VAL F 263 40.81 -7.12 26.99
CA VAL F 263 41.28 -6.91 25.64
C VAL F 263 42.81 -6.86 25.65
N LYS F 264 43.41 -7.26 24.53
CA LYS F 264 44.87 -7.31 24.40
C LYS F 264 45.28 -6.67 23.09
N MET F 265 46.32 -5.85 23.13
CA MET F 265 46.87 -5.18 21.95
C MET F 265 48.31 -5.61 21.74
N ILE F 266 48.70 -5.74 20.47
CA ILE F 266 50.03 -6.21 20.10
C ILE F 266 50.67 -5.11 19.26
N MET F 267 51.57 -4.34 19.87
CA MET F 267 52.23 -3.22 19.20
C MET F 267 53.48 -3.73 18.50
N ALA F 268 53.39 -3.91 17.19
CA ALA F 268 54.54 -4.30 16.37
C ALA F 268 55.14 -3.07 15.70
N THR F 269 56.47 -3.06 15.60
CA THR F 269 57.20 -1.93 15.04
C THR F 269 58.49 -2.43 14.40
N ASN F 270 59.35 -1.49 14.02
CA ASN F 270 60.59 -1.82 13.31
C ASN F 270 61.85 -1.30 14.00
N ARG F 271 61.78 -0.11 14.62
CA ARG F 271 62.95 0.46 15.28
C ARG F 271 62.64 0.73 16.75
N PRO F 272 63.37 0.13 17.70
CA PRO F 272 63.12 0.37 19.13
C PRO F 272 63.86 1.59 19.67
N ASP F 273 63.74 2.72 18.99
CA ASP F 273 64.39 3.95 19.44
C ASP F 273 63.40 5.10 19.49
N THR F 274 62.44 5.11 18.56
CA THR F 274 61.44 6.17 18.45
C THR F 274 60.05 5.64 18.83
N LEU F 275 59.98 4.84 19.89
CA LEU F 275 58.76 4.14 20.28
C LEU F 275 57.99 4.87 21.37
N ASP F 276 58.00 6.21 21.36
CA ASP F 276 57.22 7.03 22.29
C ASP F 276 57.51 6.65 23.73
N PRO F 277 58.65 7.08 24.29
CA PRO F 277 58.99 6.73 25.68
C PRO F 277 57.90 7.09 26.68
N ALA F 278 57.00 8.01 26.29
CA ALA F 278 55.81 8.24 27.10
C ALA F 278 54.87 7.05 27.04
N LEU F 279 54.80 6.37 25.90
CA LEU F 279 54.01 5.15 25.76
C LEU F 279 54.76 3.90 26.20
N LEU F 280 56.07 3.99 26.42
CA LEU F 280 56.86 2.85 26.87
C LEU F 280 56.72 2.57 28.36
N ARG F 281 55.73 3.17 29.01
CA ARG F 281 55.50 2.90 30.43
C ARG F 281 55.11 1.44 30.62
N PRO F 282 55.61 0.78 31.67
CA PRO F 282 55.25 -0.64 31.89
C PRO F 282 53.80 -0.85 32.27
N GLY F 283 52.99 0.20 32.38
CA GLY F 283 51.58 0.01 32.62
C GLY F 283 50.84 -0.58 31.44
N ARG F 284 51.36 -0.37 30.23
CA ARG F 284 50.76 -0.90 29.01
C ARG F 284 51.57 -2.03 28.41
N LEU F 285 52.86 -1.81 28.15
CA LEU F 285 53.74 -2.83 27.57
C LEU F 285 54.43 -3.53 28.74
N ASP F 286 53.79 -4.58 29.25
CA ASP F 286 54.31 -5.28 30.42
C ASP F 286 55.66 -5.90 30.13
N ARG F 287 55.70 -6.86 29.21
CA ARG F 287 56.94 -7.55 28.86
C ARG F 287 57.45 -7.08 27.50
N LYS F 288 58.71 -7.39 27.25
CA LYS F 288 59.36 -7.08 25.98
C LYS F 288 59.85 -8.38 25.34
N ILE F 289 59.42 -8.63 24.11
CA ILE F 289 59.79 -9.82 23.37
C ILE F 289 60.67 -9.36 22.21
N HIS F 290 61.97 -9.60 22.33
CA HIS F 290 62.93 -9.21 21.30
C HIS F 290 62.94 -10.31 20.24
N ILE F 291 62.35 -10.03 19.08
CA ILE F 291 62.32 -11.00 17.99
C ILE F 291 63.73 -11.09 17.41
N ASP F 292 64.44 -12.16 17.76
CA ASP F 292 65.81 -12.38 17.30
C ASP F 292 66.03 -13.88 17.21
N LEU F 293 67.29 -14.28 17.06
CA LEU F 293 67.69 -15.69 17.08
C LEU F 293 68.85 -15.88 18.05
N PRO F 294 68.67 -15.52 19.33
CA PRO F 294 69.79 -15.59 20.28
C PRO F 294 70.24 -17.01 20.58
N ASN F 295 69.28 -17.87 20.92
CA ASN F 295 69.60 -19.23 21.35
C ASN F 295 70.01 -20.08 20.15
N GLU F 296 70.99 -20.96 20.37
CA GLU F 296 71.40 -21.89 19.32
C GLU F 296 70.29 -22.87 18.99
N GLN F 297 69.47 -23.23 19.98
CA GLN F 297 68.36 -24.14 19.74
C GLN F 297 67.22 -23.46 19.00
N ALA F 298 67.05 -22.16 19.18
CA ALA F 298 66.03 -21.44 18.43
C ALA F 298 66.45 -21.24 16.97
N ARG F 299 67.71 -20.90 16.74
CA ARG F 299 68.20 -20.77 15.37
C ARG F 299 68.23 -22.12 14.67
N LEU F 300 68.60 -23.18 15.39
CA LEU F 300 68.58 -24.50 14.80
C LEU F 300 67.15 -24.97 14.53
N ASP F 301 66.22 -24.63 15.42
CA ASP F 301 64.83 -25.04 15.25
C ASP F 301 64.19 -24.32 14.07
N ILE F 302 64.36 -23.00 14.00
CA ILE F 302 63.82 -22.25 12.86
C ILE F 302 64.51 -22.66 11.57
N LEU F 303 65.80 -23.01 11.65
CA LEU F 303 66.51 -23.51 10.47
C LEU F 303 65.97 -24.85 10.02
N LYS F 304 65.51 -25.68 10.96
CA LYS F 304 64.95 -26.97 10.60
C LYS F 304 63.52 -26.86 10.08
N ILE F 305 62.74 -25.90 10.59
CA ILE F 305 61.38 -25.76 10.08
C ILE F 305 61.39 -25.05 8.73
N HIS F 306 62.37 -24.18 8.48
CA HIS F 306 62.53 -23.62 7.15
C HIS F 306 63.24 -24.58 6.21
N ALA F 307 63.98 -25.56 6.74
CA ALA F 307 64.68 -26.57 5.96
C ALA F 307 63.87 -27.85 5.82
N GLY F 308 62.55 -27.78 5.94
CA GLY F 308 61.70 -28.95 5.83
C GLY F 308 61.66 -29.52 4.43
N PRO F 309 61.05 -28.80 3.50
CA PRO F 309 60.87 -29.33 2.13
C PRO F 309 62.11 -29.27 1.26
N ILE F 310 63.26 -28.84 1.77
CA ILE F 310 64.47 -28.77 0.98
C ILE F 310 65.10 -30.16 0.90
N THR F 311 65.59 -30.52 -0.29
CA THR F 311 66.37 -31.72 -0.48
C THR F 311 67.84 -31.37 -0.66
N LYS F 312 68.71 -32.29 -0.23
CA LYS F 312 70.14 -32.00 -0.21
C LYS F 312 70.89 -33.32 -0.08
N HIS F 313 72.22 -33.22 -0.20
CA HIS F 313 73.08 -34.39 -0.05
C HIS F 313 73.04 -34.92 1.38
N GLY F 314 73.29 -36.22 1.51
CA GLY F 314 73.26 -36.87 2.81
C GLY F 314 74.17 -36.26 3.84
N GLU F 315 75.23 -35.58 3.40
CA GLU F 315 76.15 -34.89 4.30
C GLU F 315 75.44 -33.67 4.89
N ILE F 316 75.03 -33.77 6.15
CA ILE F 316 74.29 -32.72 6.84
C ILE F 316 75.18 -32.15 7.94
N ASP F 317 75.26 -30.82 8.00
CA ASP F 317 76.01 -30.13 9.05
C ASP F 317 75.35 -28.78 9.27
N TYR F 318 74.45 -28.71 10.26
CA TYR F 318 73.74 -27.48 10.56
C TYR F 318 74.42 -26.63 11.63
N GLU F 319 75.35 -27.21 12.39
CA GLU F 319 76.01 -26.47 13.46
C GLU F 319 76.89 -25.35 12.92
N ALA F 320 77.40 -25.49 11.69
CA ALA F 320 78.18 -24.40 11.10
C ALA F 320 77.28 -23.27 10.64
N ILE F 321 76.11 -23.59 10.09
CA ILE F 321 75.16 -22.56 9.67
C ILE F 321 74.63 -21.82 10.88
N VAL F 322 74.28 -22.55 11.94
CA VAL F 322 73.76 -21.91 13.14
C VAL F 322 74.86 -21.13 13.86
N LYS F 323 76.08 -21.66 13.85
CA LYS F 323 77.17 -21.01 14.58
C LYS F 323 77.63 -19.74 13.87
N LEU F 324 77.79 -19.79 12.55
CA LEU F 324 78.25 -18.63 11.81
C LEU F 324 77.21 -17.52 11.74
N SER F 325 75.92 -17.87 11.89
CA SER F 325 74.86 -16.87 11.88
C SER F 325 74.72 -16.25 13.26
N ASP F 326 74.94 -14.94 13.36
CA ASP F 326 74.89 -14.21 14.62
C ASP F 326 74.00 -13.00 14.46
N GLY F 327 72.84 -13.01 15.09
CA GLY F 327 71.92 -11.89 15.05
C GLY F 327 71.40 -11.56 13.66
N PHE F 328 70.66 -12.49 13.06
CA PHE F 328 70.11 -12.32 11.73
C PHE F 328 68.59 -12.33 11.80
N ASN F 329 67.96 -12.15 10.64
CA ASN F 329 66.51 -12.10 10.52
C ASN F 329 65.98 -13.46 10.11
N GLY F 330 64.86 -13.86 10.70
CA GLY F 330 64.31 -15.18 10.47
C GLY F 330 63.78 -15.40 9.07
N ALA F 331 62.79 -14.59 8.67
CA ALA F 331 62.29 -14.68 7.30
C ALA F 331 63.37 -14.38 6.28
N ASP F 332 64.30 -13.48 6.62
CA ASP F 332 65.43 -13.23 5.75
C ASP F 332 66.48 -14.33 5.83
N LEU F 333 66.48 -15.12 6.90
CA LEU F 333 67.27 -16.36 6.89
C LEU F 333 66.66 -17.37 5.94
N ARG F 334 65.32 -17.41 5.87
CA ARG F 334 64.66 -18.22 4.85
C ARG F 334 64.99 -17.71 3.45
N ASN F 335 65.06 -16.39 3.28
CA ASN F 335 65.39 -15.83 1.98
C ASN F 335 66.86 -16.08 1.62
N VAL F 336 67.73 -16.18 2.62
CA VAL F 336 69.13 -16.46 2.35
C VAL F 336 69.35 -17.93 2.07
N CYS F 337 68.61 -18.81 2.75
CA CYS F 337 68.72 -20.24 2.48
C CYS F 337 68.12 -20.58 1.12
N THR F 338 66.95 -20.03 0.79
CA THR F 338 66.39 -20.21 -0.54
C THR F 338 67.24 -19.51 -1.60
N GLU F 339 67.94 -18.43 -1.21
CA GLU F 339 68.89 -17.81 -2.12
C GLU F 339 70.09 -18.72 -2.38
N ALA F 340 70.46 -19.52 -1.38
CA ALA F 340 71.49 -20.54 -1.59
C ALA F 340 70.96 -21.70 -2.42
N GLY F 341 69.65 -21.95 -2.35
CA GLY F 341 69.04 -22.93 -3.24
C GLY F 341 68.98 -22.45 -4.67
N MET F 342 68.87 -21.12 -4.87
CA MET F 342 68.94 -20.57 -6.21
C MET F 342 70.38 -20.55 -6.71
N PHE F 343 71.32 -20.23 -5.84
CA PHE F 343 72.74 -20.31 -6.20
C PHE F 343 73.11 -21.74 -6.57
N ALA F 344 72.53 -22.73 -5.89
CA ALA F 344 72.78 -24.12 -6.22
C ALA F 344 72.00 -24.56 -7.45
N ILE F 345 70.86 -23.92 -7.74
CA ILE F 345 70.09 -24.28 -8.93
C ILE F 345 70.61 -23.60 -10.19
N ARG F 346 71.51 -22.62 -10.03
CA ARG F 346 72.16 -22.03 -11.21
C ARG F 346 72.91 -23.09 -12.01
N ALA F 347 73.51 -24.06 -11.32
CA ALA F 347 74.15 -25.20 -11.95
C ALA F 347 73.20 -26.37 -12.15
N ASP F 348 71.88 -26.12 -12.07
CA ASP F 348 70.80 -27.08 -12.33
C ASP F 348 71.11 -28.49 -11.85
N HIS F 349 71.62 -28.57 -10.62
CA HIS F 349 71.83 -29.85 -9.96
C HIS F 349 70.66 -30.16 -9.04
N ASP F 350 70.16 -31.39 -9.10
CA ASP F 350 69.06 -31.78 -8.23
C ASP F 350 69.51 -31.86 -6.77
N PHE F 351 70.61 -32.56 -6.51
CA PHE F 351 71.17 -32.59 -5.18
C PHE F 351 71.92 -31.30 -4.89
N VAL F 352 71.86 -30.85 -3.64
CA VAL F 352 72.46 -29.60 -3.21
C VAL F 352 73.41 -29.90 -2.06
N VAL F 353 74.71 -29.70 -2.29
CA VAL F 353 75.68 -29.85 -1.21
C VAL F 353 75.59 -28.65 -0.27
N GLN F 354 76.07 -28.84 0.95
CA GLN F 354 76.04 -27.80 1.96
C GLN F 354 77.23 -26.84 1.87
N GLU F 355 78.10 -27.02 0.87
CA GLU F 355 79.15 -26.04 0.62
C GLU F 355 78.56 -24.72 0.14
N ASP F 356 77.62 -24.77 -0.79
CA ASP F 356 76.91 -23.58 -1.23
C ASP F 356 76.06 -23.00 -0.12
N PHE F 357 75.70 -23.80 0.89
CA PHE F 357 74.97 -23.28 2.04
C PHE F 357 75.89 -22.47 2.94
N MET F 358 77.08 -22.99 3.24
CA MET F 358 78.01 -22.27 4.11
C MET F 358 78.55 -21.03 3.41
N LYS F 359 78.90 -21.14 2.13
CA LYS F 359 79.49 -20.02 1.41
C LYS F 359 78.46 -19.04 0.90
N ALA F 360 77.24 -19.49 0.61
CA ALA F 360 76.20 -18.59 0.13
C ALA F 360 75.44 -17.95 1.28
N VAL F 361 75.20 -18.67 2.37
CA VAL F 361 74.70 -18.04 3.58
C VAL F 361 75.78 -17.13 4.18
N ARG F 362 77.05 -17.52 4.05
CA ARG F 362 78.15 -16.69 4.51
C ARG F 362 78.20 -15.37 3.73
N LYS F 363 78.35 -15.46 2.40
CA LYS F 363 78.53 -14.26 1.60
C LYS F 363 77.26 -13.42 1.55
N VAL F 364 76.10 -14.06 1.31
CA VAL F 364 74.86 -13.31 1.22
C VAL F 364 74.48 -12.73 2.58
N ALA F 365 74.73 -13.48 3.65
CA ALA F 365 74.49 -12.94 4.98
C ALA F 365 75.42 -11.77 5.29
N ASP F 366 76.66 -11.82 4.79
CA ASP F 366 77.55 -10.66 4.93
C ASP F 366 77.05 -9.48 4.11
N SER F 367 76.37 -9.74 2.99
CA SER F 367 75.73 -8.66 2.25
C SER F 367 74.55 -8.09 3.02
N LYS F 368 73.86 -8.93 3.79
CA LYS F 368 72.82 -8.42 4.68
C LYS F 368 73.41 -7.60 5.82
N LYS F 369 74.62 -7.96 6.27
CA LYS F 369 75.31 -7.14 7.25
C LYS F 369 75.77 -5.81 6.64
N LEU F 370 76.07 -5.82 5.33
CA LEU F 370 76.39 -4.57 4.66
C LEU F 370 75.16 -3.69 4.51
N GLU F 371 74.01 -4.29 4.20
CA GLU F 371 72.75 -3.58 4.07
C GLU F 371 71.94 -3.59 5.36
N SER F 372 72.60 -3.74 6.51
CA SER F 372 71.95 -3.75 7.81
C SER F 372 72.10 -2.44 8.55
N LYS F 373 72.36 -1.34 7.82
CA LYS F 373 72.54 -0.04 8.44
C LYS F 373 71.19 0.60 8.76
N LYS G 1 35.49 -66.44 -10.40
CA LYS G 1 35.16 -65.14 -10.98
C LYS G 1 33.65 -64.95 -11.07
N ILE G 2 32.91 -65.84 -10.40
CA ILE G 2 31.45 -65.74 -10.42
C ILE G 2 30.97 -64.54 -9.61
N MET G 3 31.71 -64.16 -8.56
CA MET G 3 31.33 -63.00 -7.76
C MET G 3 31.60 -61.69 -8.50
N LYS G 4 32.59 -61.68 -9.39
CA LYS G 4 32.93 -60.50 -10.16
C LYS G 4 32.12 -60.36 -11.43
N SER G 5 31.13 -61.24 -11.65
CA SER G 5 30.30 -61.16 -12.84
C SER G 5 29.21 -60.11 -12.74
N GLU G 6 28.96 -59.57 -11.54
CA GLU G 6 27.97 -58.52 -11.37
C GLU G 6 28.51 -57.13 -11.73
N VAL G 7 29.81 -57.02 -12.02
CA VAL G 7 30.38 -55.73 -12.38
C VAL G 7 29.88 -55.29 -13.75
N LEU G 8 29.55 -56.24 -14.61
CA LEU G 8 29.06 -55.89 -15.95
C LEU G 8 27.76 -55.09 -15.87
N ARG G 9 26.87 -55.46 -14.95
CA ARG G 9 25.63 -54.71 -14.77
C ARG G 9 25.92 -53.29 -14.28
N VAL G 10 26.91 -53.14 -13.40
CA VAL G 10 27.27 -51.81 -12.91
C VAL G 10 27.83 -50.97 -14.04
N THR G 11 28.69 -51.54 -14.89
CA THR G 11 29.22 -50.81 -16.02
C THR G 11 28.14 -50.46 -17.03
N HIS G 12 27.13 -51.34 -17.19
CA HIS G 12 26.02 -51.02 -18.07
C HIS G 12 25.17 -49.88 -17.50
N GLU G 13 25.02 -49.84 -16.18
CA GLU G 13 24.29 -48.74 -15.56
C GLU G 13 25.07 -47.43 -15.69
N LEU G 14 26.39 -47.49 -15.57
CA LEU G 14 27.20 -46.27 -15.67
C LEU G 14 27.23 -45.75 -17.10
N GLN G 15 27.42 -46.64 -18.08
CA GLN G 15 27.39 -46.20 -19.47
C GLN G 15 25.98 -45.78 -19.88
N ALA G 16 24.96 -46.33 -19.23
CA ALA G 16 23.61 -45.82 -19.44
C ALA G 16 23.44 -44.42 -18.86
N MET G 17 24.11 -44.13 -17.74
CA MET G 17 24.11 -42.77 -17.22
C MET G 17 24.82 -41.82 -18.17
N LYS G 18 25.95 -42.25 -18.74
CA LYS G 18 26.63 -41.44 -19.75
C LYS G 18 25.79 -41.28 -21.01
N ASP G 19 24.90 -42.25 -21.28
CA ASP G 19 24.01 -42.12 -22.43
C ASP G 19 22.82 -41.21 -22.13
N LYS G 20 22.42 -41.09 -20.87
CA LYS G 20 21.27 -40.28 -20.51
C LYS G 20 21.62 -38.88 -20.03
N ILE G 21 22.92 -38.58 -19.83
CA ILE G 21 23.30 -37.22 -19.44
C ILE G 21 23.38 -36.27 -20.63
N LYS G 22 23.21 -36.78 -21.85
CA LYS G 22 23.36 -35.93 -23.03
C LYS G 22 22.19 -34.96 -23.18
N GLU G 23 21.01 -35.31 -22.68
CA GLU G 23 19.86 -34.42 -22.81
C GLU G 23 19.84 -33.35 -21.73
N ASN G 24 19.87 -33.76 -20.46
CA ASN G 24 19.88 -32.79 -19.38
C ASN G 24 21.16 -31.98 -19.35
N SER G 25 22.26 -32.55 -19.84
CA SER G 25 23.46 -31.75 -20.06
C SER G 25 23.41 -30.98 -21.38
N GLU G 26 22.53 -31.38 -22.29
CA GLU G 26 22.38 -30.67 -23.56
C GLU G 26 21.57 -29.39 -23.39
N LYS G 27 20.61 -29.37 -22.45
CA LYS G 27 19.83 -28.16 -22.23
C LYS G 27 20.64 -27.05 -21.56
N ILE G 28 21.87 -27.36 -21.11
CA ILE G 28 22.73 -26.34 -20.53
C ILE G 28 23.05 -25.27 -21.57
N LYS G 29 23.15 -25.67 -22.84
CA LYS G 29 23.49 -24.71 -23.90
C LYS G 29 22.32 -23.79 -24.22
N VAL G 30 21.09 -24.29 -24.13
CA VAL G 30 19.92 -23.48 -24.46
C VAL G 30 19.41 -22.67 -23.28
N ASN G 31 19.65 -23.13 -22.04
CA ASN G 31 19.26 -22.36 -20.86
C ASN G 31 20.33 -21.37 -20.44
N LYS G 32 21.61 -21.77 -20.52
CA LYS G 32 22.74 -20.92 -20.16
C LYS G 32 23.35 -20.23 -21.38
N THR G 33 22.54 -19.88 -22.38
CA THR G 33 23.08 -19.34 -23.62
C THR G 33 23.67 -17.94 -23.42
N LEU G 34 22.84 -16.98 -23.01
CA LEU G 34 23.33 -15.61 -22.92
C LEU G 34 22.66 -14.84 -21.77
N PRO G 35 23.43 -14.38 -20.78
CA PRO G 35 22.88 -13.46 -19.79
C PRO G 35 22.61 -12.10 -20.42
N TYR G 36 21.35 -11.67 -20.40
CA TYR G 36 20.96 -10.51 -21.18
C TYR G 36 21.42 -9.20 -20.56
N LEU G 37 21.50 -9.13 -19.22
CA LEU G 37 22.05 -7.94 -18.59
C LEU G 37 23.18 -8.28 -17.62
N VAL G 38 23.67 -7.27 -16.90
CA VAL G 38 24.74 -7.41 -15.92
C VAL G 38 24.21 -6.94 -14.58
N SER G 39 24.43 -7.75 -13.54
CA SER G 39 23.94 -7.44 -12.20
C SER G 39 25.05 -7.63 -11.18
N ASN G 40 25.17 -6.69 -10.26
CA ASN G 40 26.18 -6.76 -9.22
C ASN G 40 25.76 -7.75 -8.13
N VAL G 41 26.73 -8.46 -7.58
CA VAL G 41 26.50 -9.48 -6.55
C VAL G 41 27.22 -9.06 -5.28
N ILE G 42 26.52 -9.14 -4.15
CA ILE G 42 27.09 -8.87 -2.83
C ILE G 42 26.84 -10.09 -1.96
N GLU G 43 27.92 -10.68 -1.45
CA GLU G 43 27.81 -11.91 -0.68
C GLU G 43 27.37 -11.63 0.75
N LEU G 44 26.33 -12.34 1.20
CA LEU G 44 25.82 -12.20 2.56
C LEU G 44 25.34 -13.56 3.01
N LEU G 45 26.07 -14.18 3.93
CA LEU G 45 25.73 -15.52 4.39
C LEU G 45 24.51 -15.47 5.31
N ASP G 46 23.54 -16.34 5.06
CA ASP G 46 22.33 -16.42 5.85
C ASP G 46 22.32 -17.73 6.64
N VAL G 47 21.36 -17.83 7.56
CA VAL G 47 21.19 -19.01 8.40
C VAL G 47 19.72 -19.40 8.39
N ASP G 48 19.45 -20.68 8.09
CA ASP G 48 18.07 -21.16 8.01
C ASP G 48 17.49 -21.45 9.38
N PRO G 49 18.20 -22.15 10.29
CA PRO G 49 17.60 -22.31 11.62
C PRO G 49 17.53 -21.00 12.40
N GLN G 64 18.41 -31.42 5.09
CA GLN G 64 19.55 -30.54 5.30
C GLN G 64 19.14 -29.24 5.96
N ARG G 65 18.43 -28.40 5.22
CA ARG G 65 17.95 -27.10 5.68
C ARG G 65 19.10 -26.24 6.19
N LYS G 66 20.04 -25.97 5.28
CA LYS G 66 21.20 -25.16 5.56
C LYS G 66 20.99 -23.73 5.07
N GLY G 67 21.59 -22.78 5.79
CA GLY G 67 21.45 -21.37 5.45
C GLY G 67 22.52 -20.93 4.47
N LYS G 68 22.07 -20.39 3.33
CA LYS G 68 22.98 -19.90 2.30
C LYS G 68 22.20 -18.97 1.40
N CYS G 69 22.66 -17.73 1.24
CA CYS G 69 21.96 -16.73 0.45
C CYS G 69 22.98 -15.69 -0.04
N ALA G 70 22.49 -14.75 -0.83
CA ALA G 70 23.31 -13.67 -1.35
C ALA G 70 22.43 -12.48 -1.67
N VAL G 71 23.05 -11.30 -1.71
CA VAL G 71 22.37 -10.05 -2.00
C VAL G 71 22.69 -9.63 -3.43
N ILE G 72 21.64 -9.35 -4.20
CA ILE G 72 21.79 -9.01 -5.62
C ILE G 72 21.43 -7.55 -5.82
N LYS G 73 22.09 -6.93 -6.80
CA LYS G 73 21.82 -5.55 -7.20
C LYS G 73 21.93 -5.47 -8.72
N THR G 74 20.82 -5.15 -9.37
CA THR G 74 20.81 -5.05 -10.83
C THR G 74 21.38 -3.71 -11.27
N SER G 75 21.66 -3.61 -12.58
CA SER G 75 22.19 -2.36 -13.13
C SER G 75 21.16 -1.25 -13.10
N THR G 76 19.87 -1.59 -13.14
CA THR G 76 18.80 -0.60 -13.12
C THR G 76 18.40 -0.22 -11.70
N ARG G 77 19.26 -0.46 -10.71
CA ARG G 77 19.02 -0.09 -9.32
C ARG G 77 17.75 -0.76 -8.77
N GLN G 78 17.68 -2.08 -8.93
CA GLN G 78 16.59 -2.89 -8.41
C GLN G 78 17.18 -4.05 -7.61
N THR G 79 16.76 -4.16 -6.35
CA THR G 79 17.26 -5.19 -5.45
C THR G 79 16.26 -6.33 -5.35
N TYR G 80 16.75 -7.56 -5.51
CA TYR G 80 15.90 -8.73 -5.43
C TYR G 80 16.45 -9.72 -4.41
N PHE G 81 15.88 -10.92 -4.36
CA PHE G 81 16.28 -11.94 -3.40
C PHE G 81 16.56 -13.25 -4.11
N LEU G 82 17.65 -13.91 -3.72
CA LEU G 82 18.05 -15.18 -4.31
C LEU G 82 19.15 -15.83 -3.48
N PRO G 83 19.16 -17.15 -3.36
CA PRO G 83 20.24 -17.84 -2.64
C PRO G 83 21.45 -18.08 -3.54
N VAL G 84 22.51 -18.58 -2.93
CA VAL G 84 23.72 -18.92 -3.67
C VAL G 84 23.45 -20.21 -4.44
N ILE G 85 23.40 -20.10 -5.77
CA ILE G 85 23.09 -21.23 -6.64
C ILE G 85 24.03 -21.17 -7.85
N GLY G 86 23.95 -22.23 -8.67
CA GLY G 86 24.77 -22.35 -9.86
C GLY G 86 25.54 -23.66 -9.88
N LEU G 87 26.65 -23.66 -10.61
CA LEU G 87 27.49 -24.84 -10.75
C LEU G 87 28.55 -24.85 -9.66
N VAL G 88 29.54 -25.73 -9.79
CA VAL G 88 30.64 -25.80 -8.83
C VAL G 88 31.42 -24.49 -8.89
N ASP G 89 31.53 -23.82 -7.75
CA ASP G 89 32.16 -22.50 -7.66
C ASP G 89 33.48 -22.61 -6.91
N ALA G 90 34.55 -22.10 -7.52
CA ALA G 90 35.86 -22.05 -6.89
C ALA G 90 36.35 -20.64 -6.66
N GLU G 91 36.37 -19.81 -7.70
CA GLU G 91 36.74 -18.41 -7.59
C GLU G 91 35.53 -17.49 -7.40
N LYS G 92 34.33 -18.06 -7.29
CA LYS G 92 33.11 -17.27 -7.14
C LYS G 92 32.92 -16.89 -5.68
N LEU G 93 31.70 -16.48 -5.33
CA LEU G 93 31.28 -16.09 -3.98
C LEU G 93 31.88 -14.76 -3.53
N LYS G 94 32.62 -14.07 -4.42
CA LYS G 94 33.21 -12.77 -4.14
C LYS G 94 32.28 -11.66 -4.58
N PRO G 95 32.37 -10.47 -3.96
CA PRO G 95 31.53 -9.35 -4.40
C PRO G 95 31.98 -8.77 -5.74
N GLY G 96 31.59 -9.43 -6.83
CA GLY G 96 31.98 -8.99 -8.15
C GLY G 96 30.81 -8.70 -9.06
N ASP G 97 31.08 -8.48 -10.35
CA ASP G 97 30.04 -8.15 -11.31
C ASP G 97 30.12 -9.07 -12.51
N LEU G 98 29.31 -8.80 -13.54
CA LEU G 98 29.27 -9.58 -14.78
C LEU G 98 28.97 -11.06 -14.48
N VAL G 99 27.78 -11.30 -13.96
CA VAL G 99 27.33 -12.65 -13.63
C VAL G 99 26.21 -13.04 -14.58
N GLY G 100 25.99 -14.34 -14.70
CA GLY G 100 24.93 -14.84 -15.56
C GLY G 100 23.57 -14.68 -14.91
N VAL G 101 22.59 -14.29 -15.73
CA VAL G 101 21.24 -14.04 -15.25
C VAL G 101 20.27 -14.23 -16.41
N ASN G 102 19.11 -14.81 -16.11
CA ASN G 102 18.07 -14.99 -17.10
C ASN G 102 17.11 -13.79 -17.06
N LYS G 103 16.06 -13.88 -17.88
CA LYS G 103 15.15 -12.74 -18.06
C LYS G 103 14.54 -12.29 -16.74
N ASP G 104 13.76 -13.15 -16.11
CA ASP G 104 13.10 -12.80 -14.85
C ASP G 104 13.36 -13.80 -13.72
N SER G 105 13.97 -14.95 -13.99
CA SER G 105 14.27 -15.89 -12.92
C SER G 105 15.35 -15.37 -12.00
N TYR G 106 16.28 -14.57 -12.53
CA TYR G 106 17.32 -13.90 -11.74
C TYR G 106 18.21 -14.91 -11.02
N LEU G 107 18.54 -15.99 -11.71
CA LEU G 107 19.45 -16.98 -11.16
C LEU G 107 20.88 -16.70 -11.60
N ILE G 108 21.83 -17.31 -10.90
CA ILE G 108 23.25 -17.17 -11.20
C ILE G 108 23.70 -18.40 -11.97
N LEU G 109 24.15 -18.20 -13.21
CA LEU G 109 24.53 -19.31 -14.08
C LEU G 109 25.99 -19.25 -14.52
N GLU G 110 26.50 -18.06 -14.86
CA GLU G 110 27.88 -17.92 -15.33
C GLU G 110 28.45 -16.65 -14.72
N THR G 111 29.34 -16.81 -13.74
CA THR G 111 29.99 -15.70 -13.06
C THR G 111 31.40 -15.49 -13.63
N LEU G 112 31.70 -14.27 -14.04
CA LEU G 112 33.01 -13.90 -14.55
C LEU G 112 33.35 -12.50 -14.04
N PRO G 113 34.56 -12.30 -13.50
CA PRO G 113 34.89 -10.99 -12.94
C PRO G 113 34.99 -9.92 -14.00
N THR G 114 34.45 -8.75 -13.72
CA THR G 114 34.41 -7.63 -14.66
C THR G 114 35.12 -6.35 -14.21
N GLU G 115 35.44 -5.51 -15.20
CA GLU G 115 36.15 -4.25 -14.97
C GLU G 115 35.30 -2.97 -14.83
N TYR G 116 35.30 -2.14 -15.87
CA TYR G 116 34.62 -0.83 -15.93
C TYR G 116 35.66 0.21 -15.50
N ASP G 117 35.33 1.50 -15.49
CA ASP G 117 36.40 2.43 -15.10
C ASP G 117 37.63 2.09 -15.92
N SER G 118 37.41 1.85 -17.20
CA SER G 118 38.47 1.41 -18.10
C SER G 118 39.69 2.31 -18.06
N ARG G 119 39.59 3.51 -17.47
CA ARG G 119 40.73 4.41 -17.39
C ARG G 119 41.89 3.83 -16.60
N VAL G 120 41.62 2.88 -15.71
CA VAL G 120 42.66 2.18 -14.99
C VAL G 120 42.90 0.77 -15.54
N LYS G 121 41.86 0.14 -16.08
CA LYS G 121 42.00 -1.19 -16.68
C LYS G 121 42.93 -1.17 -17.90
N ALA G 122 42.77 -0.18 -18.76
CA ALA G 122 43.62 0.00 -19.93
C ALA G 122 44.70 1.05 -19.66
N MET G 123 45.49 0.79 -18.61
CA MET G 123 46.58 1.70 -18.27
C MET G 123 47.70 1.61 -19.31
N GLU G 124 48.31 0.43 -19.45
CA GLU G 124 49.35 0.18 -20.45
C GLU G 124 49.16 -1.23 -20.96
N VAL G 125 48.41 -1.36 -22.07
CA VAL G 125 48.10 -2.67 -22.65
C VAL G 125 49.21 -2.99 -23.65
N ASP G 126 50.22 -3.73 -23.19
CA ASP G 126 51.34 -4.15 -24.02
C ASP G 126 51.42 -5.67 -24.02
N GLU G 127 51.46 -6.25 -25.22
CA GLU G 127 51.59 -7.70 -25.34
C GLU G 127 53.02 -8.14 -25.08
N ARG G 128 53.96 -7.66 -25.90
CA ARG G 128 55.37 -7.93 -25.69
C ARG G 128 56.17 -6.81 -26.34
N PRO G 129 57.34 -6.46 -25.79
CA PRO G 129 58.16 -5.40 -26.40
C PRO G 129 59.07 -5.94 -27.49
N THR G 130 59.89 -5.06 -28.06
CA THR G 130 60.80 -5.42 -29.15
C THR G 130 62.23 -5.65 -28.64
N GLU G 131 62.74 -4.78 -27.79
CA GLU G 131 64.10 -4.91 -27.30
C GLU G 131 64.25 -6.12 -26.38
N GLN G 132 65.46 -6.67 -26.35
CA GLN G 132 65.77 -7.86 -25.55
C GLN G 132 66.93 -7.55 -24.62
N TYR G 133 67.34 -8.56 -23.85
CA TYR G 133 68.43 -8.39 -22.89
C TYR G 133 69.79 -8.25 -23.56
N SER G 134 69.91 -8.66 -24.82
CA SER G 134 71.17 -8.61 -25.55
C SER G 134 71.46 -7.24 -26.14
N ASP G 135 70.79 -6.20 -25.68
CA ASP G 135 70.99 -4.85 -26.18
C ASP G 135 71.94 -4.03 -25.30
N ILE G 136 72.31 -4.52 -24.13
CA ILE G 136 73.21 -3.82 -23.24
C ILE G 136 74.53 -4.58 -23.15
N GLY G 137 75.53 -3.95 -22.55
CA GLY G 137 76.84 -4.55 -22.42
C GLY G 137 77.55 -4.16 -21.15
N GLY G 138 78.00 -5.14 -20.38
CA GLY G 138 78.72 -4.89 -19.15
C GLY G 138 77.89 -4.92 -17.88
N LEU G 139 76.71 -5.54 -17.92
CA LEU G 139 75.83 -5.60 -16.76
C LEU G 139 75.40 -7.02 -16.41
N ASP G 140 75.99 -8.03 -17.05
CA ASP G 140 75.55 -9.41 -16.83
C ASP G 140 75.81 -9.86 -15.39
N LYS G 141 76.85 -9.32 -14.75
CA LYS G 141 77.15 -9.69 -13.38
C LYS G 141 76.07 -9.26 -12.39
N GLN G 142 75.27 -8.25 -12.75
CA GLN G 142 74.18 -7.79 -11.90
C GLN G 142 72.80 -8.00 -12.51
N ILE G 143 72.69 -8.11 -13.83
CA ILE G 143 71.40 -8.42 -14.45
C ILE G 143 71.14 -9.91 -14.56
N GLN G 144 72.19 -10.74 -14.48
CA GLN G 144 72.00 -12.18 -14.59
C GLN G 144 71.16 -12.73 -13.44
N GLU G 145 71.27 -12.12 -12.26
CA GLU G 145 70.43 -12.53 -11.13
C GLU G 145 68.96 -12.26 -11.40
N LEU G 146 68.66 -11.17 -12.11
CA LEU G 146 67.26 -10.87 -12.45
C LEU G 146 66.77 -11.74 -13.60
N VAL G 147 67.64 -12.01 -14.58
CA VAL G 147 67.27 -12.90 -15.69
C VAL G 147 66.96 -14.29 -15.15
N GLU G 148 67.79 -14.79 -14.24
CA GLU G 148 67.45 -16.03 -13.54
C GLU G 148 66.15 -15.88 -12.77
N ALA G 149 66.02 -14.79 -12.00
CA ALA G 149 64.86 -14.53 -11.17
C ALA G 149 63.59 -14.26 -11.97
N ILE G 150 63.65 -14.30 -13.30
CA ILE G 150 62.45 -14.24 -14.12
C ILE G 150 62.30 -15.46 -15.02
N VAL G 151 63.37 -16.19 -15.31
CA VAL G 151 63.27 -17.39 -16.13
C VAL G 151 62.97 -18.62 -15.29
N LEU G 152 63.73 -18.83 -14.21
CA LEU G 152 63.55 -20.03 -13.38
C LEU G 152 62.20 -20.06 -12.65
N PRO G 153 61.60 -18.94 -12.24
CA PRO G 153 60.26 -19.02 -11.65
C PRO G 153 59.14 -19.19 -12.67
N MET G 154 59.45 -19.19 -13.97
CA MET G 154 58.44 -19.36 -15.01
C MET G 154 58.42 -20.77 -15.59
N ASN G 155 59.58 -21.42 -15.71
CA ASN G 155 59.68 -22.74 -16.31
C ASN G 155 59.99 -23.84 -15.31
N HIS G 156 60.70 -23.53 -14.22
CA HIS G 156 61.14 -24.52 -13.25
C HIS G 156 60.21 -24.60 -12.04
N LYS G 157 58.90 -24.42 -12.26
CA LYS G 157 57.95 -24.54 -11.16
C LYS G 157 57.89 -25.96 -10.62
N GLU G 158 58.24 -26.96 -11.43
CA GLU G 158 58.24 -28.34 -10.96
C GLU G 158 59.29 -28.56 -9.89
N LYS G 159 60.50 -28.03 -10.10
CA LYS G 159 61.57 -28.20 -9.13
C LYS G 159 61.34 -27.40 -7.85
N PHE G 160 60.38 -26.48 -7.83
CA PHE G 160 60.11 -25.71 -6.63
C PHE G 160 59.48 -26.54 -5.51
N GLU G 161 58.98 -27.73 -5.83
CA GLU G 161 58.40 -28.59 -4.81
C GLU G 161 59.43 -29.55 -4.22
N ASN G 162 60.41 -29.99 -5.01
CA ASN G 162 61.48 -30.81 -4.48
C ASN G 162 62.35 -30.03 -3.51
N LEU G 163 62.58 -28.75 -3.79
CA LEU G 163 63.41 -27.89 -2.95
C LEU G 163 62.62 -27.02 -2.00
N GLY G 164 61.30 -26.89 -2.20
CA GLY G 164 60.50 -26.02 -1.36
C GLY G 164 60.90 -24.56 -1.47
N ILE G 165 60.86 -24.03 -2.69
CA ILE G 165 61.31 -22.67 -2.98
C ILE G 165 60.11 -21.86 -3.46
N GLN G 166 59.95 -20.66 -2.91
CA GLN G 166 58.95 -19.70 -3.36
C GLN G 166 59.67 -18.43 -3.80
N PRO G 167 59.53 -18.02 -5.06
CA PRO G 167 60.31 -16.87 -5.54
C PRO G 167 59.84 -15.59 -4.86
N PRO G 168 60.75 -14.65 -4.63
CA PRO G 168 60.34 -13.36 -4.06
C PRO G 168 59.49 -12.57 -5.04
N LYS G 169 58.58 -11.78 -4.49
CA LYS G 169 57.66 -10.99 -5.30
C LYS G 169 58.05 -9.52 -5.41
N GLY G 170 58.94 -9.05 -4.55
CA GLY G 170 59.38 -7.67 -4.61
C GLY G 170 60.87 -7.53 -4.88
N VAL G 171 61.22 -6.96 -6.03
CA VAL G 171 62.61 -6.69 -6.39
C VAL G 171 62.78 -5.19 -6.54
N LEU G 172 63.79 -4.65 -5.87
CA LEU G 172 64.05 -3.21 -5.86
C LEU G 172 65.12 -2.91 -6.90
N MET G 173 64.69 -2.35 -8.03
CA MET G 173 65.60 -1.95 -9.11
C MET G 173 65.89 -0.46 -8.96
N TYR G 174 66.81 -0.15 -8.06
CA TYR G 174 67.11 1.23 -7.68
C TYR G 174 68.43 1.68 -8.26
N GLY G 175 68.57 3.00 -8.38
CA GLY G 175 69.77 3.60 -8.91
C GLY G 175 69.52 5.02 -9.36
N PRO G 176 70.57 5.71 -9.84
CA PRO G 176 70.39 7.08 -10.31
C PRO G 176 69.49 7.11 -11.54
N PRO G 177 68.79 8.23 -11.77
CA PRO G 177 67.90 8.31 -12.92
C PRO G 177 68.67 8.30 -14.23
N GLY G 178 67.92 8.17 -15.33
CA GLY G 178 68.50 8.15 -16.65
C GLY G 178 69.28 6.90 -16.99
N THR G 179 69.39 5.93 -16.08
CA THR G 179 70.17 4.73 -16.32
C THR G 179 69.43 3.72 -17.19
N GLY G 180 68.15 3.96 -17.49
CA GLY G 180 67.38 3.02 -18.28
C GLY G 180 66.74 1.91 -17.50
N LYS G 181 66.38 2.15 -16.24
CA LYS G 181 65.77 1.14 -15.38
C LYS G 181 64.38 0.72 -15.85
N THR G 182 63.83 1.36 -16.89
CA THR G 182 62.52 1.00 -17.43
C THR G 182 62.63 0.21 -18.73
N LEU G 183 63.41 0.71 -19.69
CA LEU G 183 63.59 -0.02 -20.95
C LEU G 183 64.39 -1.30 -20.77
N LEU G 184 65.19 -1.40 -19.70
CA LEU G 184 65.93 -2.63 -19.45
C LEU G 184 65.05 -3.67 -18.76
N ALA G 185 64.25 -3.25 -17.79
CA ALA G 185 63.28 -4.17 -17.19
C ALA G 185 62.24 -4.61 -18.22
N ARG G 186 61.89 -3.74 -19.16
CA ARG G 186 61.03 -4.14 -20.27
C ARG G 186 61.77 -5.09 -21.21
N ALA G 187 63.08 -4.85 -21.41
CA ALA G 187 63.87 -5.77 -22.23
C ALA G 187 63.91 -7.16 -21.63
N CYS G 188 63.95 -7.26 -20.30
CA CYS G 188 63.80 -8.55 -19.64
C CYS G 188 62.37 -9.05 -19.68
N ALA G 189 61.39 -8.13 -19.73
CA ALA G 189 59.99 -8.54 -19.87
C ALA G 189 59.72 -9.17 -21.23
N ALA G 190 60.51 -8.83 -22.25
CA ALA G 190 60.43 -9.55 -23.51
C ALA G 190 60.86 -11.00 -23.32
N GLN G 191 61.82 -11.24 -22.44
CA GLN G 191 62.26 -12.60 -22.14
C GLN G 191 61.31 -13.32 -21.19
N THR G 192 60.51 -12.59 -20.41
CA THR G 192 59.51 -13.24 -19.56
C THR G 192 58.42 -13.90 -20.39
N LYS G 193 58.13 -13.37 -21.58
CA LYS G 193 57.11 -13.84 -22.51
C LYS G 193 55.70 -13.64 -21.98
N ALA G 194 55.55 -13.13 -20.75
CA ALA G 194 54.23 -12.92 -20.18
C ALA G 194 53.69 -11.55 -20.58
N THR G 195 52.47 -11.24 -20.12
CA THR G 195 51.84 -9.97 -20.44
C THR G 195 52.49 -8.85 -19.63
N PHE G 196 52.93 -7.80 -20.34
CA PHE G 196 53.60 -6.68 -19.72
C PHE G 196 52.61 -5.56 -19.43
N LEU G 197 52.65 -5.02 -18.22
CA LEU G 197 51.69 -4.01 -17.76
C LEU G 197 52.44 -2.98 -16.92
N LYS G 198 52.62 -1.79 -17.49
CA LYS G 198 53.29 -0.71 -16.76
C LYS G 198 52.33 -0.04 -15.79
N LEU G 199 52.89 0.79 -14.91
CA LEU G 199 52.13 1.57 -13.95
C LEU G 199 53.02 2.65 -13.38
N ALA G 200 52.50 3.88 -13.33
CA ALA G 200 53.27 5.02 -12.86
C ALA G 200 52.92 5.34 -11.40
N GLY G 201 53.90 5.87 -10.68
CA GLY G 201 53.74 6.25 -9.30
C GLY G 201 52.70 7.33 -9.09
N PRO G 202 52.87 8.50 -9.74
CA PRO G 202 51.89 9.58 -9.56
C PRO G 202 50.46 9.21 -9.93
N GLN G 203 50.25 8.13 -10.70
CA GLN G 203 48.90 7.71 -11.05
C GLN G 203 48.04 7.42 -9.83
N LEU G 204 48.65 7.11 -8.68
CA LEU G 204 47.88 6.83 -7.48
C LEU G 204 47.29 8.11 -6.88
N VAL G 205 47.96 9.24 -7.03
CA VAL G 205 47.46 10.51 -6.51
C VAL G 205 46.35 11.01 -7.43
N GLN G 206 45.11 10.90 -6.95
CA GLN G 206 43.94 11.31 -7.72
C GLN G 206 43.14 12.35 -6.93
N MET G 207 42.18 12.96 -7.62
CA MET G 207 41.36 14.01 -6.99
C MET G 207 40.38 13.40 -5.99
N PHE G 208 39.73 12.32 -6.36
CA PHE G 208 38.71 11.73 -5.50
C PHE G 208 39.35 10.88 -4.41
N ILE G 209 38.56 10.60 -3.38
CA ILE G 209 39.03 9.85 -2.21
C ILE G 209 38.88 8.36 -2.48
N GLY G 210 39.79 7.58 -1.91
CA GLY G 210 39.74 6.13 -2.03
C GLY G 210 40.06 5.58 -3.40
N ASP G 211 40.65 6.39 -4.29
CA ASP G 211 40.99 5.89 -5.62
C ASP G 211 42.18 4.93 -5.57
N GLY G 212 43.14 5.19 -4.68
CA GLY G 212 44.31 4.33 -4.60
C GLY G 212 43.99 2.91 -4.21
N ALA G 213 42.94 2.72 -3.41
CA ALA G 213 42.49 1.36 -3.09
C ALA G 213 41.96 0.66 -4.32
N LYS G 214 41.23 1.38 -5.17
CA LYS G 214 40.72 0.79 -6.40
C LYS G 214 41.85 0.50 -7.39
N LEU G 215 42.90 1.33 -7.40
CA LEU G 215 44.02 1.09 -8.29
C LEU G 215 44.86 -0.09 -7.82
N VAL G 216 45.08 -0.22 -6.52
CA VAL G 216 45.87 -1.32 -6.00
C VAL G 216 45.10 -2.64 -6.11
N ARG G 217 43.85 -2.65 -5.63
CA ARG G 217 43.01 -3.83 -5.79
C ARG G 217 42.71 -4.12 -7.26
N ASP G 218 42.88 -3.13 -8.13
CA ASP G 218 42.79 -3.38 -9.57
C ASP G 218 44.05 -4.06 -10.08
N ALA G 219 45.22 -3.63 -9.60
CA ALA G 219 46.47 -4.26 -10.00
C ALA G 219 46.51 -5.72 -9.57
N PHE G 220 46.14 -6.00 -8.31
CA PHE G 220 46.01 -7.38 -7.87
C PHE G 220 44.74 -8.04 -8.36
N ALA G 221 43.82 -7.29 -8.98
CA ALA G 221 42.65 -7.89 -9.59
C ALA G 221 42.99 -8.47 -10.96
N LEU G 222 43.83 -7.77 -11.73
CA LEU G 222 44.30 -8.30 -13.01
C LEU G 222 45.46 -9.26 -12.84
N ALA G 223 46.32 -9.04 -11.85
CA ALA G 223 47.38 -10.00 -11.57
C ALA G 223 46.83 -11.26 -10.92
N LYS G 224 45.87 -11.10 -10.01
CA LYS G 224 45.26 -12.26 -9.36
C LYS G 224 44.33 -13.00 -10.31
N GLU G 225 43.50 -12.27 -11.04
CA GLU G 225 42.50 -12.90 -11.90
C GLU G 225 43.11 -13.39 -13.22
N LYS G 226 43.95 -12.57 -13.84
CA LYS G 226 44.41 -12.84 -15.20
C LYS G 226 45.47 -13.93 -15.22
N ALA G 227 45.96 -14.23 -16.41
CA ALA G 227 47.00 -15.23 -16.61
C ALA G 227 48.32 -14.72 -16.02
N PRO G 228 49.32 -15.61 -15.87
CA PRO G 228 50.65 -15.15 -15.41
C PRO G 228 51.20 -14.03 -16.29
N SER G 229 51.37 -12.86 -15.69
CA SER G 229 51.79 -11.66 -16.41
C SER G 229 53.01 -11.02 -15.76
N ILE G 230 53.35 -9.80 -16.18
CA ILE G 230 54.45 -9.04 -15.61
C ILE G 230 53.98 -7.62 -15.41
N ILE G 231 54.04 -7.13 -14.17
CA ILE G 231 53.62 -5.77 -13.83
C ILE G 231 54.86 -5.04 -13.31
N PHE G 232 55.41 -4.15 -14.14
CA PHE G 232 56.56 -3.35 -13.77
C PHE G 232 56.11 -1.92 -13.49
N ILE G 233 56.46 -1.41 -12.31
CA ILE G 233 56.15 -0.04 -11.93
C ILE G 233 57.46 0.74 -11.83
N ASP G 234 57.34 2.07 -11.86
CA ASP G 234 58.50 2.94 -11.82
C ASP G 234 58.13 4.21 -11.07
N GLU G 235 59.16 5.00 -10.74
CA GLU G 235 58.99 6.24 -10.00
C GLU G 235 58.30 6.01 -8.66
N LEU G 236 58.63 4.88 -8.02
CA LEU G 236 58.04 4.58 -6.71
C LEU G 236 58.60 5.49 -5.62
N ASP G 237 59.84 5.98 -5.80
CA ASP G 237 60.42 6.88 -4.82
C ASP G 237 59.72 8.24 -4.79
N ALA G 238 59.13 8.65 -5.91
CA ALA G 238 58.41 9.92 -5.95
C ALA G 238 57.18 9.91 -5.05
N ILE G 239 56.68 8.74 -4.68
CA ILE G 239 55.52 8.61 -3.81
C ILE G 239 55.84 7.84 -2.54
N GLY G 240 57.05 7.33 -2.39
CA GLY G 240 57.43 6.60 -1.20
C GLY G 240 58.06 7.48 -0.13
N THR G 241 57.34 8.52 0.27
CA THR G 241 57.82 9.46 1.28
C THR G 241 57.25 9.10 2.64
N LYS G 242 58.12 9.00 3.64
CA LYS G 242 57.73 8.64 5.00
C LYS G 242 57.63 9.91 5.83
N ARG G 243 56.55 10.66 5.60
CA ARG G 243 56.33 11.88 6.37
C ARG G 243 55.92 11.55 7.81
N PHE G 244 56.26 12.43 8.72
CA PHE G 244 55.97 12.24 10.14
C PHE G 244 54.91 13.24 10.62
N LYS G 248 47.51 18.34 7.48
CA LYS G 248 47.38 17.17 6.64
C LYS G 248 48.59 17.01 5.72
N ALA G 249 48.60 15.92 4.95
CA ALA G 249 49.70 15.63 4.04
C ALA G 249 49.23 14.64 2.99
N GLY G 250 49.59 14.89 1.73
CA GLY G 250 49.21 13.98 0.67
C GLY G 250 50.02 12.69 0.68
N ASP G 251 51.30 12.76 1.02
CA ASP G 251 52.13 11.57 1.11
C ASP G 251 51.70 10.65 2.24
N ARG G 252 50.91 11.13 3.19
CA ARG G 252 50.31 10.26 4.19
C ARG G 252 49.09 9.53 3.62
N GLU G 253 48.40 10.15 2.65
CA GLU G 253 47.40 9.42 1.89
C GLU G 253 48.07 8.36 1.03
N VAL G 254 49.22 8.70 0.45
CA VAL G 254 50.05 7.69 -0.22
C VAL G 254 50.66 6.71 0.78
N GLN G 255 50.60 7.02 2.08
CA GLN G 255 50.91 6.02 3.09
C GLN G 255 49.71 5.13 3.38
N ARG G 256 48.49 5.64 3.17
CA ARG G 256 47.31 4.79 3.26
C ARG G 256 47.28 3.80 2.10
N THR G 257 47.41 4.31 0.88
CA THR G 257 47.43 3.42 -0.28
C THR G 257 48.68 2.55 -0.30
N MET G 258 49.84 3.14 0.01
CA MET G 258 51.10 2.40 -0.03
C MET G 258 51.12 1.33 1.04
N LEU G 259 50.82 1.69 2.29
CA LEU G 259 50.76 0.70 3.36
C LEU G 259 49.63 -0.29 3.14
N GLU G 260 48.60 0.07 2.37
CA GLU G 260 47.61 -0.91 1.97
C GLU G 260 48.21 -1.93 1.02
N LEU G 261 49.02 -1.48 0.06
CA LEU G 261 49.71 -2.41 -0.83
C LEU G 261 50.67 -3.30 -0.06
N LEU G 262 51.41 -2.73 0.90
CA LEU G 262 52.29 -3.54 1.73
C LEU G 262 51.51 -4.52 2.59
N ASN G 263 50.29 -4.15 2.98
CA ASN G 263 49.43 -5.09 3.70
C ASN G 263 48.95 -6.20 2.78
N GLN G 264 48.82 -5.91 1.48
CA GLN G 264 48.50 -6.95 0.52
C GLN G 264 49.73 -7.74 0.08
N LEU G 265 50.93 -7.30 0.46
CA LEU G 265 52.16 -8.05 0.27
C LEU G 265 52.67 -8.67 1.55
N ASP G 266 51.97 -8.49 2.66
CA ASP G 266 52.37 -9.04 3.96
C ASP G 266 51.32 -9.96 4.55
N GLY G 267 50.04 -9.62 4.44
CA GLY G 267 48.97 -10.43 4.98
C GLY G 267 48.39 -11.46 4.04
N PHE G 268 48.92 -11.60 2.83
CA PHE G 268 48.39 -12.51 1.83
C PHE G 268 49.44 -13.60 1.55
N GLN G 269 49.28 -14.75 2.21
CA GLN G 269 50.12 -15.91 1.92
C GLN G 269 49.87 -16.52 0.54
N PRO G 270 48.67 -16.39 -0.09
CA PRO G 270 48.52 -16.94 -1.45
C PRO G 270 49.10 -16.03 -2.52
N ASN G 271 49.95 -15.07 -2.12
CA ASN G 271 50.53 -14.12 -3.05
C ASN G 271 51.64 -14.74 -3.88
N THR G 272 51.74 -16.07 -3.86
CA THR G 272 52.71 -16.80 -4.68
C THR G 272 52.47 -16.63 -6.18
N GLN G 273 51.44 -15.89 -6.57
CA GLN G 273 51.12 -15.63 -7.97
C GLN G 273 52.01 -14.53 -8.53
N VAL G 274 51.61 -13.94 -9.64
CA VAL G 274 52.37 -12.98 -10.44
C VAL G 274 53.14 -11.99 -9.56
N LYS G 275 54.41 -11.76 -9.91
CA LYS G 275 55.29 -10.88 -9.16
C LYS G 275 54.93 -9.41 -9.43
N VAL G 276 55.48 -8.53 -8.60
CA VAL G 276 55.31 -7.09 -8.73
C VAL G 276 56.71 -6.48 -8.73
N ILE G 277 57.18 -6.07 -9.90
CA ILE G 277 58.52 -5.50 -10.05
C ILE G 277 58.44 -3.99 -9.88
N ALA G 278 59.37 -3.44 -9.10
CA ALA G 278 59.39 -2.01 -8.80
C ALA G 278 60.77 -1.44 -9.08
N ALA G 279 60.80 -0.13 -9.35
CA ALA G 279 62.04 0.58 -9.63
C ALA G 279 61.94 1.99 -9.09
N THR G 280 62.96 2.42 -8.35
CA THR G 280 63.01 3.75 -7.77
C THR G 280 64.21 4.50 -8.34
N ASN G 281 64.00 5.76 -8.70
CA ASN G 281 65.05 6.59 -9.28
C ASN G 281 65.97 7.20 -8.23
N ARG G 282 65.69 7.01 -6.93
CA ARG G 282 66.51 7.56 -5.87
C ARG G 282 66.17 6.83 -4.58
N VAL G 283 67.16 6.71 -3.69
CA VAL G 283 66.98 6.00 -2.44
C VAL G 283 67.20 6.95 -1.27
N ASP G 284 66.90 8.23 -1.47
CA ASP G 284 67.03 9.21 -0.40
C ASP G 284 66.03 8.95 0.72
N ILE G 285 64.75 8.88 0.38
CA ILE G 285 63.68 8.58 1.33
C ILE G 285 63.40 7.08 1.19
N LEU G 286 64.12 6.27 1.98
CA LEU G 286 63.98 4.83 1.94
C LEU G 286 62.98 4.39 3.02
N ASP G 287 61.86 3.83 2.58
CA ASP G 287 60.86 3.32 3.53
C ASP G 287 61.40 2.10 4.25
N PRO G 288 61.54 2.12 5.57
CA PRO G 288 62.09 0.95 6.28
C PRO G 288 61.18 -0.26 6.25
N ALA G 289 59.88 -0.09 5.98
CA ALA G 289 58.93 -1.19 5.97
C ALA G 289 58.93 -1.97 4.65
N LEU G 290 59.90 -1.72 3.76
CA LEU G 290 59.98 -2.39 2.47
C LEU G 290 60.95 -3.58 2.51
N LEU G 291 61.07 -4.25 3.66
CA LEU G 291 61.98 -5.38 3.81
C LEU G 291 61.16 -6.59 4.23
N ARG G 292 60.98 -7.54 3.30
CA ARG G 292 60.21 -8.75 3.53
C ARG G 292 60.42 -9.66 2.33
N SER G 293 60.16 -10.96 2.55
CA SER G 293 60.28 -11.92 1.46
C SER G 293 59.37 -11.56 0.29
N GLY G 294 58.11 -11.20 0.59
CA GLY G 294 57.21 -10.76 -0.47
C GLY G 294 57.44 -9.35 -0.92
N ARG G 295 58.03 -8.52 -0.06
CA ARG G 295 58.27 -7.12 -0.38
C ARG G 295 59.62 -6.97 -1.10
N LEU G 296 60.09 -5.73 -1.22
CA LEU G 296 61.29 -5.42 -1.99
C LEU G 296 62.52 -5.87 -1.21
N ASP G 297 62.84 -7.16 -1.31
CA ASP G 297 64.00 -7.72 -0.65
C ASP G 297 65.22 -7.76 -1.56
N ARG G 298 65.02 -8.02 -2.85
CA ARG G 298 66.12 -8.06 -3.82
C ARG G 298 66.57 -6.63 -4.10
N LYS G 299 67.65 -6.21 -3.45
CA LYS G 299 68.19 -4.86 -3.59
C LYS G 299 69.54 -4.97 -4.30
N ILE G 300 69.51 -4.92 -5.62
CA ILE G 300 70.71 -4.96 -6.46
C ILE G 300 71.01 -3.53 -6.90
N GLU G 301 72.15 -3.01 -6.48
CA GLU G 301 72.50 -1.63 -6.77
C GLU G 301 72.92 -1.48 -8.23
N PHE G 302 72.34 -0.49 -8.91
CA PHE G 302 72.63 -0.19 -10.31
C PHE G 302 73.25 1.20 -10.39
N PRO G 303 74.57 1.32 -10.31
CA PRO G 303 75.21 2.63 -10.31
C PRO G 303 75.24 3.22 -11.72
N MET G 304 75.85 4.39 -11.82
CA MET G 304 76.00 5.07 -13.10
C MET G 304 77.03 4.33 -13.94
N PRO G 305 76.70 3.91 -15.16
CA PRO G 305 77.68 3.20 -15.99
C PRO G 305 78.86 4.09 -16.34
N ASN G 306 80.06 3.51 -16.30
CA ASN G 306 81.27 4.24 -16.63
C ASN G 306 81.37 4.41 -18.16
N GLU G 307 82.43 5.09 -18.59
CA GLU G 307 82.61 5.33 -20.02
C GLU G 307 82.78 4.03 -20.79
N GLU G 308 83.32 3.00 -20.14
CA GLU G 308 83.42 1.69 -20.79
C GLU G 308 82.03 1.07 -20.97
N ALA G 309 81.24 1.03 -19.89
CA ALA G 309 79.89 0.48 -19.99
C ALA G 309 79.01 1.33 -20.89
N ARG G 310 79.20 2.65 -20.87
CA ARG G 310 78.43 3.51 -21.77
C ARG G 310 78.83 3.31 -23.22
N ALA G 311 80.10 3.01 -23.47
CA ALA G 311 80.52 2.66 -24.83
C ALA G 311 80.00 1.29 -25.22
N ARG G 312 79.76 0.41 -24.26
CA ARG G 312 79.20 -0.91 -24.56
C ARG G 312 77.73 -0.80 -24.93
N ILE G 313 76.93 -0.15 -24.06
CA ILE G 313 75.51 -0.02 -24.35
C ILE G 313 75.27 0.89 -25.54
N MET G 314 76.15 1.87 -25.75
CA MET G 314 76.03 2.71 -26.94
C MET G 314 76.49 1.98 -28.19
N GLN G 315 77.41 1.03 -28.06
CA GLN G 315 77.85 0.25 -29.21
C GLN G 315 76.80 -0.77 -29.62
N ILE G 316 76.20 -1.45 -28.65
CA ILE G 316 75.17 -2.42 -28.99
C ILE G 316 73.86 -1.73 -29.37
N HIS G 317 73.59 -0.56 -28.80
CA HIS G 317 72.45 0.24 -29.22
C HIS G 317 72.69 0.96 -30.54
N SER G 318 73.95 1.08 -30.96
CA SER G 318 74.30 1.72 -32.22
C SER G 318 74.89 0.72 -33.23
N ARG G 319 74.66 -0.57 -33.04
CA ARG G 319 75.18 -1.59 -33.95
C ARG G 319 74.37 -1.69 -35.24
N LYS G 320 73.26 -0.96 -35.35
CA LYS G 320 72.41 -0.99 -36.54
C LYS G 320 72.74 0.11 -37.53
N MET G 321 73.12 1.29 -37.06
CA MET G 321 73.48 2.39 -37.95
C MET G 321 74.84 2.15 -38.57
N ASN G 322 75.07 2.77 -39.72
CA ASN G 322 76.33 2.64 -40.45
C ASN G 322 77.38 3.46 -39.73
N VAL G 323 78.00 2.85 -38.72
CA VAL G 323 79.02 3.50 -37.91
C VAL G 323 80.38 3.31 -38.56
N SER G 324 81.20 4.35 -38.57
CA SER G 324 82.53 4.26 -39.14
C SER G 324 83.37 3.25 -38.34
N PRO G 325 84.18 2.44 -39.02
CA PRO G 325 85.00 1.45 -38.29
C PRO G 325 86.18 2.07 -37.55
N ASP G 326 86.51 3.33 -37.81
CA ASP G 326 87.65 3.98 -37.15
C ASP G 326 87.18 4.72 -35.90
N VAL G 327 86.71 3.92 -34.93
CA VAL G 327 86.25 4.42 -33.64
C VAL G 327 87.09 3.77 -32.56
N ASN G 328 87.94 4.55 -31.91
CA ASN G 328 88.78 4.06 -30.83
C ASN G 328 88.14 4.22 -29.46
N TYR G 329 86.97 4.86 -29.39
CA TYR G 329 86.19 5.05 -28.17
C TYR G 329 86.91 5.89 -27.12
N GLU G 330 88.07 6.47 -27.45
CA GLU G 330 88.80 7.28 -26.48
C GLU G 330 88.24 8.69 -26.39
N GLU G 331 87.89 9.28 -27.53
CA GLU G 331 87.31 10.63 -27.51
C GLU G 331 85.93 10.63 -26.88
N LEU G 332 85.07 9.70 -27.31
CA LEU G 332 83.75 9.59 -26.69
C LEU G 332 83.84 9.09 -25.25
N ALA G 333 84.84 8.25 -24.95
CA ALA G 333 85.04 7.81 -23.57
C ALA G 333 85.48 8.97 -22.68
N ARG G 334 86.20 9.94 -23.24
CA ARG G 334 86.61 11.10 -22.46
C ARG G 334 85.47 12.11 -22.33
N CYS G 335 84.69 12.30 -23.40
CA CYS G 335 83.60 13.27 -23.36
C CYS G 335 82.47 12.82 -22.44
N THR G 336 82.22 11.51 -22.37
CA THR G 336 81.16 10.97 -21.53
C THR G 336 81.67 10.91 -20.09
N ASP G 337 81.39 11.97 -19.33
CA ASP G 337 81.80 12.07 -17.93
C ASP G 337 80.55 12.24 -17.08
N ASP G 338 80.34 11.32 -16.14
CA ASP G 338 79.19 11.35 -15.23
C ASP G 338 77.87 11.36 -15.99
N PHE G 339 77.78 10.54 -17.04
CA PHE G 339 76.56 10.42 -17.82
C PHE G 339 75.83 9.14 -17.44
N ASN G 340 74.69 8.92 -18.10
CA ASN G 340 73.84 7.76 -17.82
C ASN G 340 73.58 7.00 -19.11
N GLY G 341 72.82 5.92 -19.00
CA GLY G 341 72.51 5.07 -20.14
C GLY G 341 71.59 5.72 -21.16
N ALA G 342 70.42 6.19 -20.69
CA ALA G 342 69.48 6.83 -21.59
C ALA G 342 70.00 8.13 -22.18
N GLN G 343 71.00 8.74 -21.54
CA GLN G 343 71.63 9.93 -22.11
C GLN G 343 72.45 9.55 -23.34
N CYS G 344 73.24 8.49 -23.26
CA CYS G 344 73.95 7.98 -24.43
C CYS G 344 72.99 7.41 -25.46
N LYS G 345 71.83 6.91 -25.03
CA LYS G 345 70.80 6.51 -25.99
C LYS G 345 70.28 7.74 -26.73
N ALA G 346 70.14 8.87 -26.04
CA ALA G 346 69.74 10.10 -26.70
C ALA G 346 70.84 10.63 -27.62
N VAL G 347 72.10 10.36 -27.29
CA VAL G 347 73.20 10.72 -28.18
C VAL G 347 73.18 9.85 -29.43
N CYS G 348 72.86 8.57 -29.28
CA CYS G 348 72.75 7.69 -30.43
C CYS G 348 71.58 8.08 -31.33
N VAL G 349 70.43 8.39 -30.73
CA VAL G 349 69.26 8.79 -31.51
C VAL G 349 69.52 10.13 -32.20
N GLU G 350 70.12 11.08 -31.48
CA GLU G 350 70.45 12.37 -32.08
C GLU G 350 71.43 12.21 -33.24
N ALA G 351 72.42 11.32 -33.07
CA ALA G 351 73.34 11.02 -34.15
C ALA G 351 72.61 10.42 -35.34
N GLY G 352 71.63 9.55 -35.08
CA GLY G 352 70.77 9.05 -36.15
C GLY G 352 69.80 10.08 -36.69
N MET G 353 69.70 11.24 -36.06
CA MET G 353 68.84 12.33 -36.52
C MET G 353 69.58 13.32 -37.41
N ILE G 354 70.75 13.80 -36.98
CA ILE G 354 71.50 14.73 -37.80
C ILE G 354 72.40 14.03 -38.82
N ALA G 355 72.74 12.76 -38.59
CA ALA G 355 73.54 12.03 -39.56
C ALA G 355 72.83 11.91 -40.91
N LEU G 356 71.49 11.98 -40.89
CA LEU G 356 70.74 12.00 -42.13
C LEU G 356 70.98 13.29 -42.90
N ARG G 357 70.87 14.43 -42.23
CA ARG G 357 71.03 15.73 -42.89
C ARG G 357 72.48 16.15 -43.05
N ARG G 358 73.43 15.34 -42.57
CA ARG G 358 74.84 15.65 -42.79
C ARG G 358 75.32 15.27 -44.18
N GLY G 359 74.50 14.63 -44.98
CA GLY G 359 74.88 14.22 -46.33
C GLY G 359 75.54 12.86 -46.42
N ALA G 360 76.53 12.62 -45.56
CA ALA G 360 77.21 11.33 -45.53
C ALA G 360 76.33 10.30 -44.84
N THR G 361 75.98 9.22 -45.54
CA THR G 361 75.15 8.18 -44.96
C THR G 361 75.87 7.39 -43.88
N GLU G 362 77.20 7.47 -43.82
CA GLU G 362 77.98 6.79 -42.81
C GLU G 362 78.16 7.69 -41.60
N LEU G 363 77.98 7.12 -40.40
CA LEU G 363 78.09 7.90 -39.18
C LEU G 363 79.55 8.32 -38.96
N THR G 364 79.76 9.60 -38.70
CA THR G 364 81.09 10.13 -38.47
C THR G 364 81.44 10.07 -36.99
N HIS G 365 82.65 10.50 -36.65
CA HIS G 365 83.11 10.47 -35.26
C HIS G 365 82.82 11.76 -34.51
N GLU G 366 82.68 12.89 -35.22
CA GLU G 366 82.35 14.15 -34.56
C GLU G 366 80.91 14.21 -34.11
N ASP G 367 80.05 13.30 -34.59
CA ASP G 367 78.64 13.31 -34.23
C ASP G 367 78.42 12.93 -32.77
N TYR G 368 79.35 12.20 -32.16
CA TYR G 368 79.23 11.85 -30.76
C TYR G 368 79.29 13.10 -29.88
N MET G 369 80.40 13.84 -29.96
CA MET G 369 80.51 15.08 -29.19
C MET G 369 79.54 16.13 -29.68
N GLU G 370 79.16 16.10 -30.95
CA GLU G 370 78.15 17.02 -31.46
C GLU G 370 76.81 16.78 -30.78
N GLY G 371 76.44 15.52 -30.57
CA GLY G 371 75.21 15.22 -29.87
C GLY G 371 75.31 15.48 -28.37
N ILE G 372 76.46 15.15 -27.78
CA ILE G 372 76.65 15.38 -26.35
C ILE G 372 76.54 16.87 -26.02
N LEU G 373 77.24 17.71 -26.79
CA LEU G 373 77.12 19.15 -26.59
C LEU G 373 75.83 19.70 -27.17
N GLU G 374 75.13 18.94 -28.01
CA GLU G 374 73.87 19.40 -28.58
C GLU G 374 72.75 19.30 -27.55
N VAL G 375 72.49 18.09 -27.03
CA VAL G 375 71.43 17.91 -26.05
C VAL G 375 71.89 18.18 -24.63
N GLN G 376 73.19 18.26 -24.38
CA GLN G 376 73.70 18.51 -23.04
C GLN G 376 74.82 19.55 -23.08
N GLU H 1 -82.93 -15.13 7.90
CA GLU H 1 -81.49 -15.29 8.10
C GLU H 1 -81.12 -16.76 8.21
N TYR H 2 -81.84 -17.49 9.08
CA TYR H 2 -81.56 -18.90 9.28
C TYR H 2 -81.79 -19.69 7.99
N VAL H 3 -82.94 -19.49 7.34
CA VAL H 3 -83.27 -20.24 6.15
C VAL H 3 -82.29 -19.91 5.02
N GLU H 4 -81.93 -18.63 4.86
CA GLU H 4 -81.04 -18.25 3.78
C GLU H 4 -79.62 -18.71 4.05
N THR H 5 -79.23 -18.87 5.31
CA THR H 5 -77.91 -19.41 5.62
C THR H 5 -77.86 -20.91 5.42
N ILE H 6 -78.93 -21.63 5.78
CA ILE H 6 -78.91 -23.08 5.61
C ILE H 6 -79.07 -23.47 4.15
N ILE H 7 -79.80 -22.68 3.36
CA ILE H 7 -79.83 -22.94 1.92
C ILE H 7 -78.60 -22.38 1.23
N ALA H 8 -77.94 -21.39 1.83
CA ALA H 8 -76.70 -20.88 1.25
C ALA H 8 -75.58 -21.91 1.41
N LYS H 9 -75.34 -22.36 2.64
CA LYS H 9 -74.36 -23.42 2.86
C LYS H 9 -74.82 -24.74 2.26
N CYS H 10 -76.14 -24.94 2.14
CA CYS H 10 -76.64 -26.15 1.50
C CYS H 10 -76.32 -26.16 0.01
N ILE H 11 -76.44 -25.01 -0.65
CA ILE H 11 -76.10 -24.92 -2.07
C ILE H 11 -74.58 -24.96 -2.25
N ASP H 12 -73.84 -24.31 -1.35
CA ASP H 12 -72.39 -24.32 -1.45
C ASP H 12 -71.83 -25.74 -1.30
N HIS H 13 -72.32 -26.47 -0.30
CA HIS H 13 -71.90 -27.86 -0.15
C HIS H 13 -72.50 -28.76 -1.21
N TYR H 14 -73.64 -28.38 -1.78
CA TYR H 14 -74.24 -29.16 -2.86
C TYR H 14 -73.36 -29.12 -4.11
N THR H 15 -73.01 -27.91 -4.56
CA THR H 15 -72.10 -27.79 -5.70
C THR H 15 -70.70 -28.23 -5.35
N LYS H 16 -70.33 -28.21 -4.06
CA LYS H 16 -69.04 -28.75 -3.65
C LYS H 16 -69.01 -30.26 -3.88
N GLN H 17 -70.07 -30.97 -3.46
CA GLN H 17 -70.16 -32.39 -3.74
C GLN H 17 -70.30 -32.65 -5.24
N CYS H 18 -70.93 -31.73 -5.97
CA CYS H 18 -71.02 -31.88 -7.41
C CYS H 18 -69.68 -31.74 -8.09
N VAL H 19 -68.77 -30.94 -7.52
CA VAL H 19 -67.41 -30.85 -8.05
C VAL H 19 -66.60 -32.08 -7.64
N GLU H 20 -66.80 -32.55 -6.40
CA GLU H 20 -66.10 -33.75 -5.95
C GLU H 20 -66.55 -34.99 -6.69
N ASN H 21 -67.76 -35.00 -7.24
CA ASN H 21 -68.27 -36.15 -7.98
C ASN H 21 -68.35 -35.90 -9.48
N ALA H 22 -67.95 -34.71 -9.95
CA ALA H 22 -68.01 -34.42 -11.38
C ALA H 22 -66.84 -35.03 -12.13
N ASP H 23 -65.68 -35.14 -11.49
CA ASP H 23 -64.50 -35.72 -12.13
C ASP H 23 -64.45 -37.24 -12.06
N LEU H 24 -65.38 -37.86 -11.32
CA LEU H 24 -65.48 -39.32 -11.21
C LEU H 24 -66.84 -39.74 -11.75
N PRO H 25 -66.97 -39.97 -13.06
CA PRO H 25 -68.29 -40.35 -13.60
C PRO H 25 -68.74 -41.73 -13.15
N GLU H 26 -67.83 -42.69 -13.05
CA GLU H 26 -68.17 -44.06 -12.68
C GLU H 26 -67.27 -44.54 -11.55
N GLY H 27 -67.78 -45.50 -10.78
CA GLY H 27 -67.04 -46.08 -9.68
C GLY H 27 -67.02 -45.20 -8.44
N GLU H 28 -67.02 -45.85 -7.27
CA GLU H 28 -67.01 -45.21 -5.95
C GLU H 28 -67.86 -43.95 -5.89
N LYS H 29 -69.06 -44.01 -6.47
CA LYS H 29 -69.95 -42.86 -6.48
C LYS H 29 -70.50 -42.61 -5.08
N LYS H 30 -70.36 -41.37 -4.60
CA LYS H 30 -70.84 -41.03 -3.27
C LYS H 30 -72.37 -40.89 -3.29
N PRO H 31 -73.05 -41.40 -2.26
CA PRO H 31 -74.52 -41.30 -2.24
C PRO H 31 -74.97 -39.88 -1.95
N ILE H 32 -75.97 -39.42 -2.71
CA ILE H 32 -76.55 -38.09 -2.54
C ILE H 32 -78.01 -38.27 -2.15
N ASP H 33 -78.40 -37.69 -1.02
CA ASP H 33 -79.76 -37.81 -0.53
C ASP H 33 -80.73 -37.11 -1.47
N GLN H 34 -81.96 -37.63 -1.53
CA GLN H 34 -82.96 -37.08 -2.44
C GLN H 34 -83.57 -35.79 -1.91
N ARG H 35 -83.65 -35.61 -0.59
CA ARG H 35 -84.21 -34.39 -0.04
C ARG H 35 -83.33 -33.18 -0.34
N LEU H 36 -82.02 -33.40 -0.50
CA LEU H 36 -81.14 -32.31 -0.94
C LEU H 36 -81.48 -31.89 -2.36
N GLU H 37 -81.72 -32.85 -3.25
CA GLU H 37 -82.18 -32.52 -4.59
C GLU H 37 -83.52 -31.82 -4.56
N GLY H 38 -84.38 -32.19 -3.60
CA GLY H 38 -85.68 -31.55 -3.50
C GLY H 38 -85.62 -30.11 -3.04
N ILE H 39 -84.80 -29.84 -2.02
CA ILE H 39 -84.72 -28.48 -1.50
C ILE H 39 -83.81 -27.58 -2.32
N VAL H 40 -82.88 -28.16 -3.08
CA VAL H 40 -82.07 -27.35 -4.00
C VAL H 40 -82.84 -27.08 -5.28
N ASN H 41 -83.52 -28.08 -5.82
CA ASN H 41 -84.32 -27.91 -7.02
C ASN H 41 -85.64 -27.17 -6.75
N LYS H 42 -86.06 -27.05 -5.49
CA LYS H 42 -87.27 -26.31 -5.19
C LYS H 42 -87.05 -24.80 -5.27
N MET H 43 -86.09 -24.29 -4.50
CA MET H 43 -85.72 -22.88 -4.63
C MET H 43 -85.04 -22.61 -5.96
N PHE H 44 -84.41 -23.62 -6.54
CA PHE H 44 -83.83 -23.47 -7.88
C PHE H 44 -84.93 -23.25 -8.92
N GLN H 45 -86.00 -24.05 -8.85
CA GLN H 45 -87.15 -23.80 -9.72
C GLN H 45 -87.81 -22.47 -9.41
N ARG H 46 -87.86 -22.08 -8.13
CA ARG H 46 -88.37 -20.77 -7.77
C ARG H 46 -87.57 -19.67 -8.46
N CYS H 47 -86.25 -19.85 -8.58
CA CYS H 47 -85.46 -18.94 -9.40
C CYS H 47 -85.75 -19.12 -10.88
N LEU H 48 -86.16 -20.31 -11.29
CA LEU H 48 -86.46 -20.63 -12.67
C LEU H 48 -87.91 -20.33 -13.05
N ASP H 49 -88.64 -19.57 -12.22
CA ASP H 49 -89.97 -19.13 -12.60
C ASP H 49 -89.90 -18.22 -13.83
N ASP H 50 -89.01 -17.22 -13.80
CA ASP H 50 -88.71 -16.40 -14.96
C ASP H 50 -87.25 -16.47 -15.37
N HIS H 51 -86.40 -17.10 -14.56
CA HIS H 51 -84.98 -17.36 -14.82
C HIS H 51 -84.15 -16.09 -14.70
N LYS H 52 -84.80 -14.93 -14.64
CA LYS H 52 -84.16 -13.63 -14.47
C LYS H 52 -83.07 -13.39 -15.51
N TYR H 53 -83.03 -14.24 -16.56
CA TYR H 53 -82.07 -14.20 -17.66
C TYR H 53 -80.64 -13.95 -17.22
N LYS H 54 -80.27 -14.38 -16.02
CA LYS H 54 -78.87 -14.23 -15.61
C LYS H 54 -78.29 -15.47 -14.93
N GLN H 55 -79.08 -16.17 -14.12
CA GLN H 55 -78.54 -17.27 -13.30
C GLN H 55 -78.90 -18.64 -13.82
N ALA H 56 -79.69 -18.74 -14.89
CA ALA H 56 -80.10 -20.05 -15.40
C ALA H 56 -78.90 -20.89 -15.82
N ILE H 57 -78.12 -20.38 -16.77
CA ILE H 57 -76.96 -21.12 -17.25
C ILE H 57 -75.82 -21.10 -16.23
N GLY H 58 -75.79 -20.09 -15.35
CA GLY H 58 -74.76 -20.00 -14.35
C GLY H 58 -74.88 -21.08 -13.29
N ILE H 59 -76.02 -21.10 -12.59
CA ILE H 59 -76.25 -22.15 -11.61
C ILE H 59 -76.42 -23.50 -12.30
N ALA H 60 -76.93 -23.50 -13.54
CA ALA H 60 -77.03 -24.74 -14.29
C ALA H 60 -75.66 -25.32 -14.60
N LEU H 61 -74.65 -24.48 -14.75
CA LEU H 61 -73.29 -24.94 -14.98
C LEU H 61 -72.54 -25.24 -13.69
N GLU H 62 -72.85 -24.53 -12.60
CA GLU H 62 -72.16 -24.77 -11.35
C GLU H 62 -72.52 -26.12 -10.75
N THR H 63 -73.74 -26.60 -10.98
CA THR H 63 -74.18 -27.87 -10.41
C THR H 63 -73.66 -29.08 -11.18
N ARG H 64 -73.14 -28.89 -12.39
CA ARG H 64 -72.55 -29.98 -13.18
C ARG H 64 -73.53 -31.13 -13.38
N ARG H 65 -74.80 -30.80 -13.60
CA ARG H 65 -75.86 -31.79 -13.74
C ARG H 65 -76.24 -31.93 -15.20
N LEU H 66 -76.81 -33.09 -15.54
CA LEU H 66 -77.01 -33.44 -16.94
C LEU H 66 -78.22 -32.75 -17.55
N ASP H 67 -79.39 -32.84 -16.90
CA ASP H 67 -80.62 -32.28 -17.44
C ASP H 67 -81.06 -31.02 -16.71
N VAL H 68 -80.15 -30.37 -15.98
CA VAL H 68 -80.51 -29.18 -15.23
C VAL H 68 -80.73 -27.97 -16.14
N PHE H 69 -80.12 -27.95 -17.32
CA PHE H 69 -80.20 -26.79 -18.21
C PHE H 69 -81.06 -27.03 -19.44
N GLU H 70 -81.49 -28.27 -19.70
CA GLU H 70 -82.38 -28.51 -20.84
C GLU H 70 -83.77 -27.91 -20.59
N LYS H 71 -84.24 -27.96 -19.35
CA LYS H 71 -85.52 -27.35 -19.01
C LYS H 71 -85.42 -25.84 -18.89
N THR H 72 -84.21 -25.29 -18.77
CA THR H 72 -84.04 -23.84 -18.71
C THR H 72 -84.27 -23.20 -20.08
N ILE H 73 -83.72 -23.81 -21.13
CA ILE H 73 -83.82 -23.26 -22.48
C ILE H 73 -85.16 -23.55 -23.14
N LEU H 74 -86.08 -24.23 -22.44
CA LEU H 74 -87.39 -24.51 -23.02
C LEU H 74 -88.22 -23.23 -23.14
N GLU H 75 -88.48 -22.58 -22.01
CA GLU H 75 -89.20 -21.31 -21.99
C GLU H 75 -88.18 -20.20 -21.76
N SER H 76 -87.63 -19.68 -22.85
CA SER H 76 -86.62 -18.64 -22.78
C SER H 76 -86.70 -17.77 -24.03
N ASN H 77 -86.53 -16.46 -23.85
CA ASN H 77 -86.53 -15.51 -24.96
C ASN H 77 -85.11 -15.26 -25.44
N ASP H 78 -84.99 -14.96 -26.73
CA ASP H 78 -83.71 -14.70 -27.39
C ASP H 78 -82.78 -15.91 -27.25
N VAL H 79 -83.21 -17.01 -27.86
CA VAL H 79 -82.44 -18.26 -27.80
C VAL H 79 -81.01 -18.07 -28.30
N PRO H 80 -80.74 -17.40 -29.43
CA PRO H 80 -79.34 -17.18 -29.81
C PRO H 80 -78.56 -16.36 -28.78
N GLY H 81 -79.22 -15.46 -28.06
CA GLY H 81 -78.56 -14.75 -26.98
C GLY H 81 -78.31 -15.63 -25.77
N MET H 82 -79.14 -16.65 -25.57
CA MET H 82 -78.95 -17.56 -24.46
C MET H 82 -77.87 -18.59 -24.74
N LEU H 83 -77.71 -19.01 -26.00
CA LEU H 83 -76.62 -19.92 -26.35
C LEU H 83 -75.31 -19.16 -26.53
N ALA H 84 -75.37 -17.92 -27.02
CA ALA H 84 -74.15 -17.11 -27.13
C ALA H 84 -73.66 -16.66 -25.76
N TYR H 85 -74.58 -16.26 -24.88
CA TYR H 85 -74.21 -15.96 -23.51
C TYR H 85 -73.79 -17.23 -22.77
N SER H 86 -74.42 -18.36 -23.09
CA SER H 86 -74.06 -19.63 -22.48
C SER H 86 -72.62 -20.02 -22.81
N LEU H 87 -72.29 -20.06 -24.10
CA LEU H 87 -70.94 -20.40 -24.50
C LEU H 87 -69.94 -19.32 -24.09
N LYS H 88 -70.39 -18.07 -24.00
CA LYS H 88 -69.52 -17.00 -23.52
C LYS H 88 -69.14 -17.22 -22.06
N LEU H 89 -70.10 -17.64 -21.23
CA LEU H 89 -69.79 -17.98 -19.85
C LEU H 89 -68.97 -19.26 -19.76
N CYS H 90 -69.20 -20.21 -20.65
CA CYS H 90 -68.48 -21.48 -20.59
C CYS H 90 -67.02 -21.33 -21.01
N MET H 91 -66.73 -20.39 -21.91
CA MET H 91 -65.36 -20.21 -22.39
C MET H 91 -64.50 -19.36 -21.46
N SER H 92 -65.08 -18.78 -20.42
CA SER H 92 -64.37 -17.90 -19.51
C SER H 92 -64.13 -18.51 -18.13
N LEU H 93 -64.46 -19.79 -17.94
CA LEU H 93 -64.33 -20.42 -16.64
C LEU H 93 -63.13 -21.36 -16.54
N MET H 94 -62.27 -21.40 -17.56
CA MET H 94 -61.08 -22.26 -17.58
C MET H 94 -61.48 -23.72 -17.41
N GLN H 95 -62.21 -24.22 -18.41
CA GLN H 95 -62.72 -25.58 -18.37
C GLN H 95 -61.60 -26.60 -18.50
N ASN H 96 -61.89 -27.82 -18.05
CA ASN H 96 -60.96 -28.93 -18.13
C ASN H 96 -61.26 -29.88 -19.28
N LYS H 97 -62.22 -29.53 -20.15
CA LYS H 97 -62.62 -30.28 -21.33
C LYS H 97 -63.35 -31.58 -21.00
N GLN H 98 -63.50 -31.91 -19.71
CA GLN H 98 -64.20 -33.14 -19.34
C GLN H 98 -65.71 -33.01 -19.52
N PHE H 99 -66.26 -31.83 -19.29
CA PHE H 99 -67.69 -31.59 -19.41
C PHE H 99 -68.06 -30.58 -20.49
N ARG H 100 -67.14 -29.69 -20.87
CA ARG H 100 -67.45 -28.69 -21.88
C ARG H 100 -67.90 -29.32 -23.19
N ASN H 101 -67.20 -30.39 -23.62
CA ASN H 101 -67.56 -31.04 -24.88
C ASN H 101 -68.94 -31.69 -24.80
N LYS H 102 -69.31 -32.23 -23.64
CA LYS H 102 -70.64 -32.81 -23.51
C LYS H 102 -71.72 -31.73 -23.49
N VAL H 103 -71.47 -30.63 -22.77
CA VAL H 103 -72.43 -29.54 -22.73
C VAL H 103 -72.65 -28.96 -24.11
N LEU H 104 -71.57 -28.84 -24.90
CA LEU H 104 -71.71 -28.31 -26.25
C LEU H 104 -72.41 -29.31 -27.17
N ARG H 105 -72.00 -30.59 -27.12
CA ARG H 105 -72.61 -31.60 -27.98
C ARG H 105 -74.05 -31.89 -27.61
N VAL H 106 -74.51 -31.47 -26.43
CA VAL H 106 -75.92 -31.57 -26.09
C VAL H 106 -76.66 -30.26 -26.33
N LEU H 107 -75.95 -29.12 -26.35
CA LEU H 107 -76.55 -27.84 -26.68
C LEU H 107 -76.59 -27.56 -28.17
N VAL H 108 -75.99 -28.44 -28.99
CA VAL H 108 -76.13 -28.30 -30.45
C VAL H 108 -77.36 -29.03 -30.98
N LYS H 109 -78.09 -29.75 -30.14
CA LYS H 109 -79.30 -30.44 -30.57
C LYS H 109 -80.53 -29.55 -30.55
N ILE H 110 -80.42 -28.33 -30.02
CA ILE H 110 -81.60 -27.47 -29.86
C ILE H 110 -81.86 -26.62 -31.10
N TYR H 111 -80.81 -26.18 -31.80
CA TYR H 111 -81.04 -25.30 -32.94
C TYR H 111 -81.49 -26.07 -34.18
N MET H 112 -81.13 -27.35 -34.29
CA MET H 112 -81.61 -28.15 -35.41
C MET H 112 -83.12 -28.38 -35.32
N ASN H 113 -83.68 -28.34 -34.11
CA ASN H 113 -85.12 -28.49 -33.93
C ASN H 113 -85.87 -27.17 -34.12
N LEU H 114 -85.17 -26.05 -34.18
CA LEU H 114 -85.80 -24.75 -34.35
C LEU H 114 -86.21 -24.55 -35.81
N GLU H 115 -86.73 -23.35 -36.10
CA GLU H 115 -87.18 -23.06 -37.46
C GLU H 115 -86.02 -22.85 -38.42
N LYS H 116 -84.86 -22.45 -37.91
CA LYS H 116 -83.69 -22.21 -38.75
C LYS H 116 -82.44 -22.50 -37.94
N PRO H 117 -81.39 -23.03 -38.58
CA PRO H 117 -80.14 -23.28 -37.87
C PRO H 117 -79.23 -22.06 -37.87
N ASP H 118 -78.52 -21.89 -36.76
CA ASP H 118 -77.58 -20.78 -36.60
C ASP H 118 -76.15 -21.26 -36.82
N PHE H 119 -75.30 -20.33 -37.25
CA PHE H 119 -73.91 -20.65 -37.58
C PHE H 119 -72.93 -20.32 -36.46
N ILE H 120 -73.25 -19.36 -35.60
CA ILE H 120 -72.31 -18.96 -34.56
C ILE H 120 -72.12 -20.08 -33.54
N ASN H 121 -73.18 -20.83 -33.26
CA ASN H 121 -73.07 -21.91 -32.28
C ASN H 121 -72.35 -23.13 -32.85
N VAL H 122 -72.60 -23.46 -34.12
CA VAL H 122 -71.92 -24.60 -34.71
C VAL H 122 -70.46 -24.28 -34.97
N CYS H 123 -70.15 -23.01 -35.26
CA CYS H 123 -68.75 -22.62 -35.38
C CYS H 123 -68.07 -22.64 -34.02
N GLN H 124 -68.64 -21.94 -33.04
CA GLN H 124 -68.04 -21.87 -31.71
C GLN H 124 -67.98 -23.21 -31.01
N CYS H 125 -68.76 -24.20 -31.46
CA CYS H 125 -68.63 -25.54 -30.92
C CYS H 125 -67.60 -26.36 -31.70
N LEU H 126 -67.69 -26.33 -33.04
CA LEU H 126 -66.78 -27.09 -33.87
C LEU H 126 -65.35 -26.57 -33.83
N ILE H 127 -65.10 -25.41 -33.21
CA ILE H 127 -63.73 -24.96 -32.98
C ILE H 127 -63.13 -25.57 -31.73
N PHE H 128 -63.93 -26.19 -30.87
CA PHE H 128 -63.46 -26.78 -29.62
C PHE H 128 -63.61 -28.30 -29.58
N LEU H 129 -64.80 -28.82 -29.87
CA LEU H 129 -65.01 -30.25 -29.70
C LEU H 129 -64.28 -31.07 -30.76
N ASP H 130 -64.30 -30.60 -32.02
CA ASP H 130 -63.57 -31.25 -33.11
C ASP H 130 -63.94 -32.72 -33.24
N ASP H 131 -65.23 -33.02 -33.17
CA ASP H 131 -65.69 -34.41 -33.22
C ASP H 131 -66.27 -34.71 -34.59
N PRO H 132 -65.91 -35.84 -35.20
CA PRO H 132 -66.47 -36.17 -36.51
C PRO H 132 -67.97 -36.44 -36.48
N GLN H 133 -68.48 -36.98 -35.38
CA GLN H 133 -69.91 -37.28 -35.29
C GLN H 133 -70.77 -36.02 -35.19
N ALA H 134 -70.18 -34.86 -34.93
CA ALA H 134 -70.92 -33.61 -34.87
C ALA H 134 -70.94 -32.86 -36.19
N VAL H 135 -70.18 -33.31 -37.18
CA VAL H 135 -70.17 -32.69 -38.50
C VAL H 135 -70.80 -33.58 -39.56
N SER H 136 -70.92 -34.88 -39.33
CA SER H 136 -71.50 -35.77 -40.34
C SER H 136 -72.95 -35.43 -40.62
N ASP H 137 -73.67 -34.90 -39.63
CA ASP H 137 -75.06 -34.50 -39.84
C ASP H 137 -75.13 -33.21 -40.67
N ILE H 138 -74.34 -32.21 -40.30
CA ILE H 138 -74.44 -30.91 -40.96
C ILE H 138 -73.83 -30.92 -42.35
N LEU H 139 -72.95 -31.88 -42.66
CA LEU H 139 -72.43 -31.97 -44.02
C LEU H 139 -73.42 -32.62 -44.97
N GLU H 140 -74.28 -33.51 -44.46
CA GLU H 140 -75.29 -34.15 -45.29
C GLU H 140 -76.62 -33.43 -45.27
N LYS H 141 -76.85 -32.51 -44.32
CA LYS H 141 -78.06 -31.71 -44.33
C LYS H 141 -78.02 -30.63 -45.41
N LEU H 142 -76.84 -30.33 -45.95
CA LEU H 142 -76.74 -29.32 -47.00
C LEU H 142 -77.46 -29.77 -48.27
N VAL H 143 -77.48 -31.07 -48.54
CA VAL H 143 -78.19 -31.58 -49.70
C VAL H 143 -79.69 -31.59 -49.44
N LYS H 144 -80.10 -31.94 -48.22
CA LYS H 144 -81.53 -32.01 -47.90
C LYS H 144 -82.16 -30.62 -47.88
N GLU H 145 -81.41 -29.62 -47.42
CA GLU H 145 -81.96 -28.27 -47.36
C GLU H 145 -81.98 -27.60 -48.73
N ASP H 146 -81.10 -28.02 -49.64
CA ASP H 146 -81.04 -27.47 -51.00
C ASP H 146 -80.84 -25.96 -50.98
N ASN H 147 -79.93 -25.49 -50.11
CA ASN H 147 -79.63 -24.07 -49.98
C ASN H 147 -78.13 -23.89 -50.22
N LEU H 148 -77.79 -23.20 -51.32
CA LEU H 148 -76.39 -23.06 -51.70
C LEU H 148 -75.72 -21.89 -50.99
N LEU H 149 -76.45 -20.79 -50.78
CA LEU H 149 -75.83 -19.57 -50.29
C LEU H 149 -75.42 -19.71 -48.82
N MET H 150 -76.18 -20.44 -48.02
CA MET H 150 -75.89 -20.54 -46.59
C MET H 150 -74.72 -21.48 -46.32
N ALA H 151 -74.47 -22.44 -47.21
CA ALA H 151 -73.37 -23.38 -46.99
C ALA H 151 -72.01 -22.77 -47.29
N TYR H 152 -71.96 -21.71 -48.09
CA TYR H 152 -70.66 -21.15 -48.48
C TYR H 152 -69.94 -20.51 -47.30
N GLN H 153 -70.68 -19.95 -46.34
CA GLN H 153 -70.03 -19.34 -45.18
C GLN H 153 -69.42 -20.40 -44.27
N ILE H 154 -70.23 -21.38 -43.85
CA ILE H 154 -69.74 -22.42 -42.96
C ILE H 154 -68.64 -23.22 -43.63
N CYS H 155 -68.75 -23.47 -44.93
CA CYS H 155 -67.68 -24.16 -45.63
C CYS H 155 -66.42 -23.29 -45.69
N PHE H 156 -66.59 -21.98 -45.91
CA PHE H 156 -65.43 -21.10 -46.04
C PHE H 156 -64.65 -20.99 -44.74
N ASP H 157 -65.35 -20.86 -43.60
CA ASP H 157 -64.62 -20.71 -42.35
C ASP H 157 -64.21 -22.04 -41.72
N LEU H 158 -64.97 -23.13 -41.96
CA LEU H 158 -64.51 -24.43 -41.48
C LEU H 158 -63.30 -24.90 -42.27
N TYR H 159 -63.32 -24.73 -43.60
CA TYR H 159 -62.13 -24.99 -44.40
C TYR H 159 -61.05 -23.93 -44.18
N GLU H 160 -61.41 -22.78 -43.61
CA GLU H 160 -60.43 -21.75 -43.31
C GLU H 160 -59.60 -22.12 -42.08
N SER H 161 -60.25 -22.29 -40.93
CA SER H 161 -59.51 -22.50 -39.69
C SER H 161 -60.12 -23.62 -38.85
N ALA H 162 -59.65 -23.73 -37.60
CA ALA H 162 -60.12 -24.61 -36.53
C ALA H 162 -59.69 -26.07 -36.72
N SER H 163 -59.06 -26.44 -37.83
CA SER H 163 -58.68 -27.82 -38.04
C SER H 163 -57.72 -27.91 -39.23
N GLN H 164 -56.78 -28.85 -39.15
CA GLN H 164 -55.95 -29.22 -40.28
C GLN H 164 -56.12 -30.68 -40.67
N GLN H 165 -55.93 -31.61 -39.72
CA GLN H 165 -56.13 -33.02 -40.01
C GLN H 165 -57.59 -33.41 -39.97
N PHE H 166 -58.39 -32.72 -39.16
CA PHE H 166 -59.84 -32.91 -39.21
C PHE H 166 -60.40 -32.41 -40.54
N LEU H 167 -59.77 -31.40 -41.13
CA LEU H 167 -60.11 -31.02 -42.51
C LEU H 167 -59.60 -32.07 -43.49
N SER H 168 -58.42 -32.63 -43.23
CA SER H 168 -57.90 -33.69 -44.08
C SER H 168 -58.80 -34.93 -44.06
N SER H 169 -59.58 -35.10 -42.99
CA SER H 169 -60.54 -36.19 -42.92
C SER H 169 -61.91 -35.79 -43.46
N VAL H 170 -62.32 -34.53 -43.25
CA VAL H 170 -63.63 -34.10 -43.75
C VAL H 170 -63.62 -33.87 -45.25
N ILE H 171 -62.45 -33.71 -45.87
CA ILE H 171 -62.40 -33.55 -47.32
C ILE H 171 -62.71 -34.88 -48.01
N GLN H 172 -62.26 -35.99 -47.42
CA GLN H 172 -62.63 -37.30 -47.95
C GLN H 172 -63.98 -37.76 -47.43
N ASN H 173 -64.42 -37.25 -46.27
CA ASN H 173 -65.78 -37.51 -45.82
C ASN H 173 -66.80 -36.89 -46.76
N LEU H 174 -66.54 -35.66 -47.20
CA LEU H 174 -67.39 -35.05 -48.22
C LEU H 174 -67.10 -35.59 -49.61
N ARG H 175 -65.90 -36.11 -49.85
CA ARG H 175 -65.60 -36.73 -51.13
C ARG H 175 -66.39 -38.02 -51.31
N THR H 176 -66.60 -38.77 -50.22
CA THR H 176 -67.40 -39.98 -50.32
C THR H 176 -68.86 -39.66 -50.57
N VAL H 177 -69.37 -38.58 -49.98
CA VAL H 177 -70.76 -38.18 -50.17
C VAL H 177 -70.94 -37.61 -51.58
N GLY H 178 -71.96 -38.06 -52.27
CA GLY H 178 -72.25 -37.61 -53.61
C GLY H 178 -72.02 -38.68 -54.65
N THR H 179 -71.84 -38.23 -55.89
CA THR H 179 -71.62 -39.16 -56.99
C THR H 179 -70.17 -39.66 -56.98
N PRO H 180 -69.95 -40.95 -57.27
CA PRO H 180 -68.61 -41.52 -57.31
C PRO H 180 -67.81 -41.09 -58.54
N GLU H 223 -79.94 -33.25 -57.24
CA GLU H 223 -79.14 -32.32 -58.02
C GLU H 223 -77.69 -32.80 -58.18
N PRO H 224 -77.49 -33.81 -59.03
CA PRO H 224 -76.12 -34.32 -59.22
C PRO H 224 -75.20 -33.34 -59.90
N LYS H 225 -75.71 -32.51 -60.82
CA LYS H 225 -74.85 -31.58 -61.54
C LYS H 225 -74.46 -30.39 -60.68
N ASP H 226 -75.30 -30.03 -59.71
CA ASP H 226 -74.99 -28.89 -58.85
C ASP H 226 -74.21 -29.28 -57.60
N GLN H 227 -74.52 -30.44 -57.03
CA GLN H 227 -73.81 -30.89 -55.84
C GLN H 227 -72.35 -31.20 -56.14
N THR H 228 -72.05 -31.61 -57.38
CA THR H 228 -70.66 -31.87 -57.76
C THR H 228 -69.84 -30.59 -57.73
N LEU H 229 -70.31 -29.55 -58.43
CA LEU H 229 -69.58 -28.28 -58.42
C LEU H 229 -69.60 -27.64 -57.04
N LYS H 230 -70.63 -27.91 -56.24
CA LYS H 230 -70.63 -27.45 -54.86
C LYS H 230 -69.48 -28.07 -54.06
N MET H 231 -69.48 -29.41 -53.97
CA MET H 231 -68.47 -30.09 -53.17
C MET H 231 -67.07 -29.86 -53.70
N ILE H 232 -66.91 -29.68 -55.01
CA ILE H 232 -65.59 -29.41 -55.57
C ILE H 232 -65.15 -27.99 -55.24
N LYS H 233 -66.05 -27.02 -55.40
CA LYS H 233 -65.69 -25.62 -55.22
C LYS H 233 -65.59 -25.19 -53.76
N ILE H 234 -66.14 -25.97 -52.82
CA ILE H 234 -66.05 -25.56 -51.42
C ILE H 234 -64.72 -25.94 -50.81
N LEU H 235 -64.15 -27.09 -51.20
CA LEU H 235 -62.87 -27.54 -50.67
C LEU H 235 -61.68 -27.01 -51.46
N SER H 236 -61.91 -26.16 -52.46
CA SER H 236 -60.80 -25.63 -53.24
C SER H 236 -59.85 -24.81 -52.38
N GLY H 237 -60.35 -23.72 -51.80
CA GLY H 237 -59.54 -22.87 -50.94
C GLY H 237 -58.63 -21.89 -51.64
N GLU H 238 -58.49 -21.99 -52.97
CA GLU H 238 -57.64 -21.07 -53.71
C GLU H 238 -58.33 -19.76 -54.06
N MET H 239 -59.67 -19.69 -53.91
CA MET H 239 -60.36 -18.44 -54.17
C MET H 239 -59.95 -17.35 -53.19
N ALA H 240 -59.69 -17.74 -51.94
CA ALA H 240 -59.19 -16.77 -50.96
C ALA H 240 -57.81 -16.25 -51.37
N ILE H 241 -56.96 -17.13 -51.90
CA ILE H 241 -55.66 -16.68 -52.39
C ILE H 241 -55.82 -15.77 -53.60
N GLU H 242 -56.85 -16.01 -54.42
CA GLU H 242 -57.07 -15.17 -55.59
C GLU H 242 -57.55 -13.78 -55.20
N LEU H 243 -58.53 -13.71 -54.29
CA LEU H 243 -59.03 -12.40 -53.88
C LEU H 243 -58.00 -11.64 -53.06
N HIS H 244 -57.26 -12.34 -52.19
CA HIS H 244 -56.18 -11.70 -51.45
C HIS H 244 -55.10 -11.20 -52.40
N LEU H 245 -54.78 -11.97 -53.44
CA LEU H 245 -53.84 -11.50 -54.44
C LEU H 245 -54.39 -10.32 -55.23
N GLN H 246 -55.72 -10.22 -55.32
CA GLN H 246 -56.34 -9.16 -56.09
C GLN H 246 -56.36 -7.83 -55.34
N PHE H 247 -57.05 -7.79 -54.20
CA PHE H 247 -57.09 -6.53 -53.46
C PHE H 247 -55.72 -6.21 -52.87
N LEU H 248 -54.98 -7.24 -52.45
CA LEU H 248 -53.60 -7.02 -52.02
C LEU H 248 -52.66 -6.73 -53.18
N ILE H 249 -53.09 -6.97 -54.43
CA ILE H 249 -52.29 -6.55 -55.57
C ILE H 249 -52.65 -5.14 -56.02
N ARG H 250 -53.80 -4.61 -55.59
CA ARG H 250 -54.21 -3.25 -55.96
C ARG H 250 -54.33 -2.32 -54.76
N ASN H 251 -53.78 -2.69 -53.60
CA ASN H 251 -53.81 -1.81 -52.43
C ASN H 251 -52.43 -1.43 -51.93
N ASN H 252 -51.37 -1.75 -52.68
CA ASN H 252 -50.02 -1.55 -52.19
C ASN H 252 -49.66 -0.07 -52.17
N ASN H 253 -48.85 0.30 -51.17
CA ASN H 253 -48.38 1.67 -51.00
C ASN H 253 -46.92 1.62 -50.57
N THR H 254 -46.03 2.07 -51.45
CA THR H 254 -44.60 2.06 -51.19
C THR H 254 -44.06 3.48 -51.18
N ASP H 255 -43.04 3.71 -50.35
CA ASP H 255 -42.42 5.02 -50.20
C ASP H 255 -40.91 4.87 -50.37
N LEU H 256 -40.31 5.86 -51.05
CA LEU H 256 -38.87 5.81 -51.30
C LEU H 256 -38.05 6.16 -50.07
N MET H 257 -38.66 6.75 -49.03
CA MET H 257 -37.92 7.15 -47.85
C MET H 257 -37.45 5.93 -47.06
N ILE H 258 -38.28 4.90 -46.95
CA ILE H 258 -37.92 3.72 -46.17
C ILE H 258 -36.82 2.94 -46.86
N LEU H 259 -37.04 2.56 -48.13
CA LEU H 259 -36.04 1.77 -48.85
C LEU H 259 -34.76 2.57 -49.08
N LYS H 260 -34.89 3.87 -49.36
CA LYS H 260 -33.71 4.71 -49.50
C LYS H 260 -32.95 4.82 -48.18
N ASN H 261 -33.67 4.85 -47.06
CA ASN H 261 -33.01 4.88 -45.76
C ASN H 261 -32.29 3.56 -45.47
N THR H 262 -32.89 2.44 -45.89
CA THR H 262 -32.22 1.15 -45.75
C THR H 262 -30.95 1.10 -46.59
N LYS H 263 -31.01 1.60 -47.82
CA LYS H 263 -29.81 1.67 -48.64
C LYS H 263 -28.78 2.64 -48.06
N ASP H 264 -29.24 3.64 -47.31
CA ASP H 264 -28.31 4.55 -46.65
C ASP H 264 -27.66 3.90 -45.44
N ALA H 265 -28.36 2.97 -44.78
CA ALA H 265 -27.85 2.32 -43.57
C ALA H 265 -27.45 0.86 -43.80
N VAL H 266 -27.39 0.42 -45.06
CA VAL H 266 -27.06 -0.97 -45.34
C VAL H 266 -25.58 -1.23 -45.09
N ARG H 267 -25.28 -2.39 -44.53
CA ARG H 267 -23.90 -2.85 -44.37
C ARG H 267 -23.73 -4.19 -45.07
N ASN H 268 -22.49 -4.48 -45.46
CA ASN H 268 -22.19 -5.67 -46.24
C ASN H 268 -22.06 -6.93 -45.40
N SER H 269 -22.13 -6.83 -44.07
CA SER H 269 -21.86 -7.97 -43.20
C SER H 269 -23.10 -8.47 -42.47
N VAL H 270 -23.80 -7.62 -41.72
CA VAL H 270 -24.86 -8.09 -40.84
C VAL H 270 -26.23 -7.71 -41.36
N CYS H 271 -26.49 -6.41 -41.50
CA CYS H 271 -27.82 -5.92 -41.84
C CYS H 271 -28.18 -6.14 -43.31
N HIS H 272 -27.30 -6.76 -44.10
CA HIS H 272 -27.65 -7.09 -45.48
C HIS H 272 -28.86 -8.01 -45.53
N THR H 273 -28.96 -8.94 -44.57
CA THR H 273 -30.14 -9.78 -44.48
C THR H 273 -31.32 -9.04 -43.89
N ALA H 274 -31.08 -8.01 -43.09
CA ALA H 274 -32.17 -7.22 -42.53
C ALA H 274 -32.84 -6.37 -43.60
N THR H 275 -32.07 -5.86 -44.55
CA THR H 275 -32.65 -5.07 -45.64
C THR H 275 -33.54 -5.93 -46.52
N VAL H 276 -33.10 -7.14 -46.85
CA VAL H 276 -33.89 -8.01 -47.71
C VAL H 276 -35.04 -8.68 -46.96
N ILE H 277 -34.94 -8.84 -45.64
CA ILE H 277 -36.07 -9.38 -44.90
C ILE H 277 -37.11 -8.29 -44.67
N ALA H 278 -36.68 -7.03 -44.53
CA ALA H 278 -37.63 -5.93 -44.48
C ALA H 278 -38.30 -5.71 -45.83
N ASN H 279 -37.52 -5.88 -46.92
CA ASN H 279 -38.11 -5.80 -48.25
C ASN H 279 -39.06 -6.96 -48.50
N SER H 280 -38.78 -8.15 -47.95
CA SER H 280 -39.72 -9.24 -48.04
C SER H 280 -40.96 -8.99 -47.19
N PHE H 281 -40.81 -8.26 -46.09
CA PHE H 281 -41.96 -7.92 -45.27
C PHE H 281 -42.87 -6.93 -45.99
N MET H 282 -42.29 -5.87 -46.56
CA MET H 282 -43.11 -4.85 -47.21
C MET H 282 -43.66 -5.32 -48.56
N HIS H 283 -42.97 -6.22 -49.23
CA HIS H 283 -43.39 -6.71 -50.54
C HIS H 283 -44.05 -8.09 -50.46
N CYS H 284 -44.51 -8.50 -49.29
CA CYS H 284 -45.14 -9.81 -49.16
C CYS H 284 -46.49 -9.83 -49.86
N GLY H 285 -46.72 -10.87 -50.66
CA GLY H 285 -48.00 -11.05 -51.32
C GLY H 285 -48.16 -10.27 -52.61
N THR H 286 -47.52 -9.10 -52.70
CA THR H 286 -47.69 -8.24 -53.86
C THR H 286 -46.80 -8.64 -55.04
N THR H 287 -45.90 -9.60 -54.87
CA THR H 287 -45.06 -10.12 -55.94
C THR H 287 -44.28 -9.01 -56.66
N SER H 288 -43.86 -7.99 -55.91
CA SER H 288 -43.20 -6.82 -56.49
C SER H 288 -41.70 -7.08 -56.52
N ASP H 289 -41.23 -7.74 -57.58
CA ASP H 289 -39.81 -7.96 -57.79
C ASP H 289 -39.13 -6.77 -58.46
N GLN H 290 -39.91 -5.77 -58.90
CA GLN H 290 -39.33 -4.61 -59.58
C GLN H 290 -38.39 -3.83 -58.68
N PHE H 291 -38.55 -3.91 -57.36
CA PHE H 291 -37.60 -3.26 -56.45
C PHE H 291 -36.26 -3.98 -56.49
N LEU H 292 -36.27 -5.31 -56.60
CA LEU H 292 -35.06 -6.09 -56.72
C LEU H 292 -34.56 -6.22 -58.16
N ARG H 293 -35.26 -5.61 -59.12
CA ARG H 293 -34.81 -5.57 -60.50
C ARG H 293 -34.00 -4.33 -60.81
N ASP H 294 -33.70 -3.49 -59.82
CA ASP H 294 -32.96 -2.26 -60.07
C ASP H 294 -31.50 -2.56 -60.43
N ASN H 295 -30.86 -3.45 -59.68
CA ASN H 295 -29.47 -3.81 -59.95
C ASN H 295 -29.17 -5.17 -59.34
N LEU H 296 -28.22 -5.88 -59.94
CA LEU H 296 -27.81 -7.19 -59.46
C LEU H 296 -26.53 -7.15 -58.63
N GLU H 297 -25.85 -6.00 -58.56
CA GLU H 297 -24.63 -5.89 -57.80
C GLU H 297 -24.86 -5.68 -56.31
N TRP H 298 -26.12 -5.54 -55.88
CA TRP H 298 -26.43 -5.32 -54.47
C TRP H 298 -26.89 -6.60 -53.77
N LEU H 299 -27.11 -7.69 -54.51
CA LEU H 299 -27.56 -8.95 -53.93
C LEU H 299 -26.51 -10.04 -54.01
N ALA H 300 -25.98 -10.31 -55.20
CA ALA H 300 -25.00 -11.37 -55.40
C ALA H 300 -23.56 -10.88 -55.27
N ARG H 301 -23.32 -9.79 -54.54
CA ARG H 301 -21.98 -9.27 -54.39
C ARG H 301 -21.12 -10.09 -53.43
N ALA H 302 -21.74 -10.91 -52.59
CA ALA H 302 -21.01 -11.71 -51.62
C ALA H 302 -21.55 -13.14 -51.63
N THR H 303 -20.65 -14.11 -51.75
CA THR H 303 -21.02 -15.52 -51.75
C THR H 303 -21.08 -16.01 -50.31
N ASN H 304 -22.28 -16.03 -49.75
CA ASN H 304 -22.50 -16.42 -48.35
C ASN H 304 -23.99 -16.70 -48.20
N TRP H 305 -24.44 -16.89 -46.95
CA TRP H 305 -25.85 -17.14 -46.67
C TRP H 305 -26.73 -15.94 -46.96
N ALA H 306 -26.15 -14.76 -47.23
CA ALA H 306 -26.96 -13.59 -47.55
C ALA H 306 -27.77 -13.79 -48.84
N LYS H 307 -27.22 -14.54 -49.79
CA LYS H 307 -27.98 -14.85 -51.00
C LYS H 307 -29.07 -15.88 -50.73
N PHE H 308 -28.83 -16.79 -49.78
CA PHE H 308 -29.88 -17.74 -49.39
C PHE H 308 -31.04 -17.01 -48.71
N THR H 309 -30.73 -16.07 -47.82
CA THR H 309 -31.77 -15.25 -47.21
C THR H 309 -32.40 -14.30 -48.21
N ALA H 310 -31.68 -13.94 -49.28
CA ALA H 310 -32.26 -13.09 -50.31
C ALA H 310 -33.26 -13.85 -51.17
N THR H 311 -32.92 -15.09 -51.54
CA THR H 311 -33.84 -15.90 -52.31
C THR H 311 -35.02 -16.37 -51.45
N ALA H 312 -34.77 -16.67 -50.18
CA ALA H 312 -35.87 -16.98 -49.27
C ALA H 312 -36.78 -15.77 -49.08
N SER H 313 -36.19 -14.58 -48.95
CA SER H 313 -36.98 -13.36 -48.89
C SER H 313 -37.79 -13.17 -50.17
N LEU H 314 -37.21 -13.55 -51.31
CA LEU H 314 -37.98 -13.56 -52.56
C LEU H 314 -39.15 -14.52 -52.47
N GLY H 315 -38.95 -15.66 -51.81
CA GLY H 315 -40.06 -16.57 -51.57
C GLY H 315 -41.10 -16.00 -50.64
N VAL H 316 -40.71 -15.08 -49.77
CA VAL H 316 -41.68 -14.37 -48.94
C VAL H 316 -42.41 -13.30 -49.75
N ILE H 317 -41.76 -12.76 -50.78
CA ILE H 317 -42.38 -11.71 -51.59
C ILE H 317 -43.59 -12.25 -52.35
N HIS H 318 -43.38 -13.27 -53.18
CA HIS H 318 -44.45 -13.87 -53.97
C HIS H 318 -44.85 -15.20 -53.38
N LYS H 319 -46.15 -15.50 -53.43
CA LYS H 319 -46.69 -16.72 -52.85
C LYS H 319 -48.01 -17.05 -53.54
N GLY H 320 -48.27 -18.34 -53.70
CA GLY H 320 -49.50 -18.79 -54.33
C GLY H 320 -49.44 -18.78 -55.84
N HIS H 321 -48.41 -19.41 -56.41
CA HIS H 321 -48.23 -19.48 -57.85
C HIS H 321 -47.80 -20.88 -58.23
N GLU H 322 -48.56 -21.52 -59.12
CA GLU H 322 -48.26 -22.88 -59.54
C GLU H 322 -47.35 -22.94 -60.75
N LYS H 323 -47.27 -21.89 -61.55
CA LYS H 323 -46.45 -21.86 -62.75
C LYS H 323 -45.37 -20.79 -62.69
N GLU H 324 -45.72 -19.56 -62.29
CA GLU H 324 -44.74 -18.48 -62.25
C GLU H 324 -43.70 -18.67 -61.15
N ALA H 325 -43.96 -19.54 -60.18
CA ALA H 325 -42.99 -19.78 -59.12
C ALA H 325 -41.84 -20.65 -59.63
N LEU H 326 -42.15 -21.87 -60.08
CA LEU H 326 -41.11 -22.74 -60.62
C LEU H 326 -40.51 -22.18 -61.89
N GLN H 327 -41.34 -21.55 -62.73
CA GLN H 327 -40.84 -20.93 -63.96
C GLN H 327 -39.94 -19.74 -63.63
N LEU H 328 -40.32 -18.95 -62.62
CA LEU H 328 -39.50 -17.81 -62.23
C LEU H 328 -38.18 -18.26 -61.60
N MET H 329 -38.19 -19.37 -60.86
CA MET H 329 -36.95 -19.89 -60.30
C MET H 329 -36.05 -20.51 -61.36
N ALA H 330 -36.65 -21.14 -62.38
CA ALA H 330 -35.87 -21.77 -63.44
C ALA H 330 -35.36 -20.76 -64.47
N THR H 331 -36.03 -19.61 -64.60
CA THR H 331 -35.63 -18.62 -65.59
C THR H 331 -34.39 -17.84 -65.18
N TYR H 332 -33.93 -17.98 -63.93
CA TYR H 332 -32.80 -17.19 -63.47
C TYR H 332 -31.50 -17.61 -64.15
N LEU H 333 -31.27 -18.90 -64.33
CA LEU H 333 -30.06 -19.41 -65.00
C LEU H 333 -30.36 -20.71 -65.72
N PRO H 334 -31.20 -20.66 -66.78
CA PRO H 334 -31.46 -21.85 -67.60
C PRO H 334 -30.48 -21.99 -68.77
N LYS H 335 -29.18 -21.93 -68.47
CA LYS H 335 -28.14 -21.95 -69.49
C LYS H 335 -27.28 -23.21 -69.43
N ASP H 336 -26.68 -23.50 -68.29
CA ASP H 336 -25.80 -24.65 -68.13
C ASP H 336 -26.30 -25.67 -67.13
N THR H 337 -27.35 -25.36 -66.37
CA THR H 337 -27.86 -26.22 -65.32
C THR H 337 -26.75 -26.58 -64.33
N SER H 338 -26.00 -25.56 -63.92
CA SER H 338 -24.92 -25.71 -62.96
C SER H 338 -24.62 -24.36 -62.32
N PRO H 339 -25.36 -23.96 -61.30
CA PRO H 339 -25.12 -22.64 -60.67
C PRO H 339 -23.85 -22.67 -59.85
N GLY H 340 -23.04 -21.61 -59.99
CA GLY H 340 -21.84 -21.49 -59.19
C GLY H 340 -22.12 -21.37 -57.71
N SER H 341 -23.25 -20.74 -57.35
CA SER H 341 -23.69 -20.63 -55.98
C SER H 341 -24.94 -21.48 -55.80
N ALA H 342 -24.84 -22.51 -54.95
CA ALA H 342 -25.94 -23.43 -54.73
C ALA H 342 -27.02 -22.85 -53.81
N TYR H 343 -26.75 -21.70 -53.18
CA TYR H 343 -27.76 -21.06 -52.35
C TYR H 343 -28.96 -20.58 -53.16
N GLN H 344 -28.79 -20.40 -54.47
CA GLN H 344 -29.94 -20.11 -55.33
C GLN H 344 -30.85 -21.32 -55.44
N GLU H 345 -30.27 -22.52 -55.52
CA GLU H 345 -31.08 -23.73 -55.60
C GLU H 345 -31.71 -24.05 -54.24
N GLY H 346 -30.92 -24.02 -53.17
CA GLY H 346 -31.47 -24.25 -51.85
C GLY H 346 -32.54 -23.24 -51.48
N GLY H 347 -32.32 -21.98 -51.86
CA GLY H 347 -33.35 -20.97 -51.68
C GLY H 347 -34.52 -21.12 -52.64
N GLY H 348 -34.32 -21.84 -53.74
CA GLY H 348 -35.44 -22.17 -54.60
C GLY H 348 -36.33 -23.25 -54.01
N LEU H 349 -35.72 -24.22 -53.32
CA LEU H 349 -36.50 -25.27 -52.67
C LEU H 349 -37.16 -24.74 -51.40
N TYR H 350 -36.44 -23.99 -50.59
CA TYR H 350 -37.03 -23.40 -49.38
C TYR H 350 -38.09 -22.36 -49.75
N ALA H 351 -37.81 -21.55 -50.78
CA ALA H 351 -38.79 -20.57 -51.22
C ALA H 351 -40.02 -21.25 -51.83
N LEU H 352 -39.81 -22.34 -52.57
CA LEU H 352 -40.94 -23.09 -53.11
C LEU H 352 -41.78 -23.69 -51.99
N GLY H 353 -41.13 -24.17 -50.93
CA GLY H 353 -41.86 -24.62 -49.76
C GLY H 353 -42.61 -23.51 -49.08
N LEU H 354 -42.08 -22.29 -49.12
CA LEU H 354 -42.81 -21.13 -48.61
C LEU H 354 -44.02 -20.82 -49.48
N ILE H 355 -43.91 -21.03 -50.78
CA ILE H 355 -45.00 -20.71 -51.70
C ILE H 355 -46.13 -21.72 -51.58
N HIS H 356 -45.79 -23.01 -51.54
CA HIS H 356 -46.78 -24.07 -51.54
C HIS H 356 -47.16 -24.54 -50.14
N ALA H 357 -47.12 -23.64 -49.15
CA ALA H 357 -47.51 -23.98 -47.79
C ALA H 357 -49.01 -24.21 -47.71
N ASN H 358 -49.42 -25.39 -47.27
CA ASN H 358 -50.81 -25.74 -47.03
C ASN H 358 -51.65 -25.66 -48.31
N HIS H 359 -51.02 -25.79 -49.46
CA HIS H 359 -51.75 -25.81 -50.72
C HIS H 359 -52.21 -27.23 -51.05
N GLY H 360 -53.30 -27.31 -51.82
CA GLY H 360 -53.82 -28.60 -52.26
C GLY H 360 -53.20 -29.14 -53.53
N GLY H 361 -52.49 -28.31 -54.28
CA GLY H 361 -51.81 -28.74 -55.48
C GLY H 361 -50.31 -28.87 -55.29
N ASP H 362 -49.91 -29.49 -54.17
CA ASP H 362 -48.50 -29.60 -53.83
C ASP H 362 -47.74 -30.38 -54.89
N ILE H 363 -46.47 -30.04 -55.06
CA ILE H 363 -45.59 -30.68 -56.03
C ILE H 363 -44.68 -31.65 -55.28
N ILE H 364 -45.15 -32.10 -54.11
CA ILE H 364 -44.35 -32.97 -53.25
C ILE H 364 -43.86 -34.20 -54.02
N ASP H 365 -44.72 -34.76 -54.88
CA ASP H 365 -44.32 -35.94 -55.66
C ASP H 365 -43.07 -35.66 -56.47
N TYR H 366 -42.97 -34.46 -57.06
CA TYR H 366 -41.75 -34.09 -57.76
C TYR H 366 -40.62 -33.72 -56.80
N LEU H 367 -40.97 -33.21 -55.61
CA LEU H 367 -39.94 -32.85 -54.64
C LEU H 367 -39.27 -34.08 -54.03
N LEU H 368 -39.88 -35.26 -54.13
CA LEU H 368 -39.19 -36.48 -53.71
C LEU H 368 -38.15 -36.91 -54.73
N ASN H 369 -38.48 -36.82 -56.03
CA ASN H 369 -37.50 -37.14 -57.06
C ASN H 369 -36.43 -36.07 -57.18
N GLN H 370 -36.72 -34.84 -56.78
CA GLN H 370 -35.70 -33.80 -56.72
C GLN H 370 -34.87 -33.89 -55.45
N LEU H 371 -35.46 -34.39 -54.36
CA LEU H 371 -34.71 -34.61 -53.14
C LEU H 371 -33.85 -35.87 -53.20
N LYS H 372 -34.18 -36.81 -54.09
CA LYS H 372 -33.36 -38.00 -54.27
C LYS H 372 -31.98 -37.67 -54.80
N ASN H 373 -31.82 -36.53 -55.48
CA ASN H 373 -30.52 -36.13 -56.01
C ASN H 373 -29.53 -35.90 -54.88
N ALA H 374 -28.28 -36.27 -55.11
CA ALA H 374 -27.21 -36.12 -54.13
C ALA H 374 -26.55 -34.76 -54.31
N SER H 375 -26.63 -33.93 -53.27
CA SER H 375 -26.03 -32.61 -53.31
C SER H 375 -25.56 -32.24 -51.91
N ASN H 376 -24.78 -31.15 -51.84
CA ASN H 376 -24.10 -30.76 -50.60
C ASN H 376 -24.97 -29.80 -49.80
N ASP H 377 -25.85 -30.35 -48.97
CA ASP H 377 -26.49 -29.66 -47.86
C ASP H 377 -27.54 -28.64 -48.30
N ILE H 378 -27.68 -28.42 -49.61
CA ILE H 378 -28.69 -27.47 -50.08
C ILE H 378 -30.05 -28.13 -50.14
N VAL H 379 -30.14 -29.30 -50.79
CA VAL H 379 -31.40 -30.03 -50.84
C VAL H 379 -31.72 -30.64 -49.48
N ARG H 380 -30.68 -30.94 -48.68
CA ARG H 380 -30.91 -31.48 -47.35
C ARG H 380 -31.56 -30.43 -46.45
N HIS H 381 -30.90 -29.30 -46.26
CA HIS H 381 -31.43 -28.25 -45.38
C HIS H 381 -32.62 -27.54 -46.02
N GLY H 382 -32.39 -26.88 -47.16
CA GLY H 382 -33.47 -26.16 -47.81
C GLY H 382 -34.54 -27.09 -48.36
N GLY H 383 -34.14 -28.24 -48.88
CA GLY H 383 -35.11 -29.20 -49.37
C GLY H 383 -35.90 -29.85 -48.24
N SER H 384 -35.25 -30.07 -47.10
CA SER H 384 -35.97 -30.62 -45.95
C SER H 384 -36.95 -29.60 -45.38
N LEU H 385 -36.55 -28.33 -45.31
CA LEU H 385 -37.44 -27.30 -44.80
C LEU H 385 -38.61 -27.06 -45.76
N GLY H 386 -38.33 -26.97 -47.06
CA GLY H 386 -39.40 -26.76 -48.01
C GLY H 386 -40.36 -27.93 -48.11
N LEU H 387 -39.80 -29.15 -48.16
CA LEU H 387 -40.66 -30.33 -48.26
C LEU H 387 -41.45 -30.55 -46.99
N GLY H 388 -40.84 -30.31 -45.83
CA GLY H 388 -41.56 -30.47 -44.58
C GLY H 388 -42.63 -29.41 -44.38
N LEU H 389 -42.37 -28.18 -44.85
CA LEU H 389 -43.37 -27.13 -44.76
C LEU H 389 -44.52 -27.39 -45.73
N ALA H 390 -44.22 -27.90 -46.91
CA ALA H 390 -45.27 -28.23 -47.87
C ALA H 390 -46.09 -29.44 -47.42
N ALA H 391 -45.46 -30.39 -46.72
CA ALA H 391 -46.12 -31.58 -46.22
C ALA H 391 -46.57 -31.44 -44.78
N MET H 392 -46.75 -30.21 -44.28
CA MET H 392 -47.15 -30.00 -42.90
C MET H 392 -48.56 -30.53 -42.66
N GLY H 393 -48.70 -31.38 -41.64
CA GLY H 393 -49.98 -31.94 -41.27
C GLY H 393 -50.38 -33.19 -42.03
N THR H 394 -49.60 -33.60 -43.03
CA THR H 394 -49.95 -34.78 -43.81
C THR H 394 -49.72 -36.06 -43.02
N ALA H 395 -48.76 -36.05 -42.08
CA ALA H 395 -48.44 -37.22 -41.26
C ALA H 395 -48.09 -38.43 -42.10
N ARG H 396 -47.43 -38.21 -43.24
CA ARG H 396 -47.05 -39.30 -44.13
C ARG H 396 -45.82 -40.03 -43.60
N GLN H 397 -45.85 -41.36 -43.67
CA GLN H 397 -44.71 -42.16 -43.22
C GLN H 397 -43.55 -42.09 -44.20
N ASP H 398 -43.79 -41.67 -45.44
CA ASP H 398 -42.71 -41.58 -46.42
C ASP H 398 -41.75 -40.44 -46.07
N VAL H 399 -42.28 -39.25 -45.80
CA VAL H 399 -41.43 -38.14 -45.39
C VAL H 399 -40.81 -38.42 -44.03
N TYR H 400 -41.46 -39.27 -43.22
CA TYR H 400 -40.85 -39.71 -41.97
C TYR H 400 -39.63 -40.59 -42.24
N ASP H 401 -39.74 -41.51 -43.19
CA ASP H 401 -38.63 -42.42 -43.48
C ASP H 401 -37.47 -41.67 -44.12
N LEU H 402 -37.75 -40.93 -45.21
CA LEU H 402 -36.68 -40.18 -45.87
C LEU H 402 -36.13 -39.08 -44.96
N LEU H 403 -36.95 -38.56 -44.05
CA LEU H 403 -36.46 -37.59 -43.08
C LEU H 403 -35.50 -38.25 -42.09
N LYS H 404 -35.85 -39.45 -41.62
CA LYS H 404 -34.96 -40.17 -40.71
C LYS H 404 -33.64 -40.51 -41.39
N THR H 405 -33.69 -41.03 -42.62
CA THR H 405 -32.45 -41.30 -43.34
C THR H 405 -31.74 -40.02 -43.76
N ASN H 406 -32.41 -38.87 -43.67
CA ASN H 406 -31.73 -37.59 -43.88
C ASN H 406 -31.04 -37.10 -42.61
N LEU H 407 -31.56 -37.46 -41.44
CA LEU H 407 -30.92 -37.09 -40.18
C LEU H 407 -29.96 -38.16 -39.67
N TYR H 408 -29.87 -39.31 -40.34
CA TYR H 408 -28.97 -40.38 -39.91
C TYR H 408 -27.51 -40.11 -40.24
N GLN H 409 -27.18 -38.97 -40.85
CA GLN H 409 -25.81 -38.62 -41.16
C GLN H 409 -25.11 -37.88 -40.03
N ASP H 410 -25.77 -37.71 -38.89
CA ASP H 410 -25.22 -37.09 -37.69
C ASP H 410 -24.86 -35.63 -37.87
N ASP H 411 -25.21 -35.03 -39.02
CA ASP H 411 -24.94 -33.62 -39.23
C ASP H 411 -25.94 -32.76 -38.48
N ALA H 412 -25.47 -31.60 -38.02
CA ALA H 412 -26.31 -30.74 -37.19
C ALA H 412 -27.25 -29.87 -38.02
N VAL H 413 -26.87 -29.53 -39.25
CA VAL H 413 -27.69 -28.64 -40.07
C VAL H 413 -28.84 -29.40 -40.72
N THR H 414 -28.54 -30.50 -41.41
CA THR H 414 -29.59 -31.30 -42.03
C THR H 414 -30.45 -31.99 -40.97
N GLY H 415 -29.89 -32.22 -39.78
CA GLY H 415 -30.71 -32.72 -38.68
C GLY H 415 -31.54 -31.64 -38.02
N GLU H 416 -31.04 -30.40 -38.05
CA GLU H 416 -31.84 -29.28 -37.56
C GLU H 416 -33.05 -29.04 -38.47
N ALA H 417 -32.81 -28.98 -39.78
CA ALA H 417 -33.91 -28.85 -40.72
C ALA H 417 -34.79 -30.10 -40.72
N ALA H 418 -34.19 -31.26 -40.47
CA ALA H 418 -34.98 -32.49 -40.37
C ALA H 418 -35.90 -32.46 -39.16
N GLY H 419 -35.44 -31.88 -38.04
CA GLY H 419 -36.31 -31.72 -36.90
C GLY H 419 -37.40 -30.69 -37.13
N LEU H 420 -37.03 -29.55 -37.73
CA LEU H 420 -38.02 -28.52 -38.02
C LEU H 420 -39.09 -29.05 -38.97
N ALA H 421 -38.71 -29.89 -39.92
CA ALA H 421 -39.68 -30.47 -40.85
C ALA H 421 -40.49 -31.60 -40.20
N LEU H 422 -39.86 -32.37 -39.32
CA LEU H 422 -40.54 -33.49 -38.69
C LEU H 422 -41.60 -32.99 -37.71
N GLY H 423 -41.31 -31.90 -37.00
CA GLY H 423 -42.32 -31.32 -36.13
C GLY H 423 -43.53 -30.81 -36.91
N LEU H 424 -43.29 -30.24 -38.09
CA LEU H 424 -44.38 -29.74 -38.91
C LEU H 424 -45.22 -30.87 -39.49
N VAL H 425 -44.56 -31.89 -40.05
CA VAL H 425 -45.30 -32.97 -40.70
C VAL H 425 -45.97 -33.88 -39.67
N MET H 426 -45.43 -33.95 -38.45
CA MET H 426 -45.99 -34.79 -37.41
C MET H 426 -47.02 -34.07 -36.55
N LEU H 427 -47.67 -33.02 -37.08
CA LEU H 427 -48.66 -32.28 -36.31
C LEU H 427 -49.87 -33.16 -36.03
N GLY H 428 -50.04 -33.58 -34.78
CA GLY H 428 -51.15 -34.41 -34.37
C GLY H 428 -50.96 -35.90 -34.60
N SER H 429 -49.86 -36.33 -35.21
CA SER H 429 -49.66 -37.75 -35.47
C SER H 429 -49.38 -38.51 -34.19
N LYS H 430 -48.42 -38.05 -33.39
CA LYS H 430 -48.05 -38.66 -32.11
C LYS H 430 -47.65 -40.12 -32.31
N ASN H 431 -46.57 -40.30 -33.06
CA ASN H 431 -46.03 -41.63 -33.28
C ASN H 431 -45.35 -42.15 -32.01
N ALA H 432 -45.45 -43.45 -31.78
CA ALA H 432 -44.93 -44.05 -30.56
C ALA H 432 -43.41 -44.03 -30.54
N GLN H 433 -42.78 -44.63 -31.57
CA GLN H 433 -41.33 -44.77 -31.60
C GLN H 433 -40.61 -43.49 -32.01
N ALA H 434 -41.34 -42.47 -32.47
CA ALA H 434 -40.68 -41.26 -32.95
C ALA H 434 -40.14 -40.42 -31.80
N ILE H 435 -40.93 -40.25 -30.73
CA ILE H 435 -40.48 -39.46 -29.59
C ILE H 435 -39.29 -40.12 -28.91
N GLU H 436 -39.39 -41.43 -28.66
CA GLU H 436 -38.28 -42.13 -28.02
C GLU H 436 -37.07 -42.23 -28.94
N ASP H 437 -37.29 -42.23 -30.26
CA ASP H 437 -36.17 -42.26 -31.19
C ASP H 437 -35.47 -40.91 -31.25
N MET H 438 -36.22 -39.81 -31.10
CA MET H 438 -35.60 -38.49 -31.12
C MET H 438 -34.89 -38.18 -29.81
N VAL H 439 -35.56 -38.44 -28.68
CA VAL H 439 -34.92 -38.21 -27.38
C VAL H 439 -33.77 -39.19 -27.17
N GLY H 440 -33.86 -40.39 -27.77
CA GLY H 440 -32.73 -41.29 -27.75
C GLY H 440 -31.61 -40.87 -28.68
N TYR H 441 -31.96 -40.19 -29.77
CA TYR H 441 -30.98 -39.64 -30.69
C TYR H 441 -30.36 -38.34 -30.19
N ALA H 442 -30.91 -37.74 -29.13
CA ALA H 442 -30.43 -36.45 -28.66
C ALA H 442 -29.12 -36.58 -27.88
N GLN H 443 -29.11 -37.39 -26.82
CA GLN H 443 -27.95 -37.46 -25.95
C GLN H 443 -26.78 -38.22 -26.54
N GLU H 444 -26.95 -38.90 -27.67
CA GLU H 444 -25.88 -39.68 -28.29
C GLU H 444 -25.08 -38.87 -29.31
N THR H 445 -25.18 -37.54 -29.26
CA THR H 445 -24.43 -36.67 -30.17
C THR H 445 -24.00 -35.42 -29.42
N GLN H 446 -22.94 -34.79 -29.90
CA GLN H 446 -22.35 -33.63 -29.25
C GLN H 446 -22.76 -32.30 -29.87
N HIS H 447 -23.29 -32.31 -31.09
CA HIS H 447 -23.69 -31.08 -31.75
C HIS H 447 -24.89 -30.45 -31.03
N GLU H 448 -25.02 -29.13 -31.16
CA GLU H 448 -26.11 -28.40 -30.53
C GLU H 448 -27.25 -28.07 -31.48
N LYS H 449 -26.96 -27.88 -32.78
CA LYS H 449 -28.03 -27.60 -33.73
C LYS H 449 -28.94 -28.81 -33.94
N ILE H 450 -28.41 -30.02 -33.75
CA ILE H 450 -29.25 -31.20 -33.79
C ILE H 450 -30.15 -31.25 -32.57
N LEU H 451 -29.66 -30.78 -31.42
CA LEU H 451 -30.46 -30.79 -30.19
C LEU H 451 -31.54 -29.72 -30.22
N ARG H 452 -31.26 -28.56 -30.84
CA ARG H 452 -32.32 -27.56 -30.98
C ARG H 452 -33.28 -27.91 -32.10
N GLY H 453 -32.80 -28.57 -33.15
CA GLY H 453 -33.69 -28.98 -34.23
C GLY H 453 -34.63 -30.08 -33.80
N LEU H 454 -34.12 -31.08 -33.07
CA LEU H 454 -34.99 -32.08 -32.48
C LEU H 454 -35.76 -31.51 -31.29
N ALA H 455 -35.28 -30.41 -30.70
CA ALA H 455 -36.03 -29.76 -29.63
C ALA H 455 -37.31 -29.13 -30.17
N VAL H 456 -37.20 -28.36 -31.25
CA VAL H 456 -38.40 -27.82 -31.89
C VAL H 456 -39.18 -28.95 -32.56
N GLY H 457 -38.50 -30.02 -32.98
CA GLY H 457 -39.19 -31.12 -33.61
C GLY H 457 -40.12 -31.85 -32.65
N ILE H 458 -39.63 -32.16 -31.45
CA ILE H 458 -40.49 -32.75 -30.43
C ILE H 458 -41.34 -31.71 -29.72
N ALA H 459 -41.07 -30.41 -29.95
CA ALA H 459 -41.90 -29.37 -29.36
C ALA H 459 -43.17 -29.14 -30.17
N LEU H 460 -43.05 -29.10 -31.50
CA LEU H 460 -44.22 -28.80 -32.34
C LEU H 460 -45.13 -30.01 -32.49
N VAL H 461 -44.60 -31.22 -32.32
CA VAL H 461 -45.41 -32.42 -32.46
C VAL H 461 -46.47 -32.50 -31.37
N MET H 462 -46.22 -31.84 -30.23
CA MET H 462 -47.11 -31.94 -29.07
C MET H 462 -48.18 -30.87 -29.18
N TYR H 463 -49.37 -31.27 -29.62
CA TYR H 463 -50.51 -30.35 -29.73
C TYR H 463 -51.77 -31.10 -29.31
N GLY H 464 -52.49 -30.55 -28.34
CA GLY H 464 -53.69 -31.18 -27.83
C GLY H 464 -53.45 -32.35 -26.90
N ARG H 465 -52.23 -32.52 -26.41
CA ARG H 465 -51.88 -33.61 -25.50
C ARG H 465 -51.84 -33.16 -24.05
N MET H 466 -52.75 -32.25 -23.68
CA MET H 466 -52.82 -31.75 -22.30
C MET H 466 -52.91 -32.90 -21.30
N GLU H 467 -53.83 -33.83 -21.52
CA GLU H 467 -54.02 -34.96 -20.61
C GLU H 467 -52.99 -36.06 -20.81
N GLU H 468 -52.09 -35.93 -21.77
CA GLU H 468 -51.14 -36.98 -22.12
C GLU H 468 -49.70 -36.64 -21.76
N ALA H 469 -49.24 -35.45 -22.10
CA ALA H 469 -47.83 -35.08 -21.95
C ALA H 469 -47.47 -34.62 -20.53
N ASP H 470 -48.31 -34.91 -19.54
CA ASP H 470 -47.99 -34.50 -18.17
C ASP H 470 -46.76 -35.26 -17.65
N ALA H 471 -46.78 -36.59 -17.77
CA ALA H 471 -45.64 -37.38 -17.32
C ALA H 471 -44.46 -37.27 -18.26
N LEU H 472 -44.70 -36.99 -19.54
CA LEU H 472 -43.61 -36.84 -20.49
C LEU H 472 -42.84 -35.55 -20.24
N ILE H 473 -43.55 -34.42 -20.09
CA ILE H 473 -42.88 -33.15 -19.84
C ILE H 473 -42.34 -33.10 -18.43
N GLU H 474 -43.10 -33.65 -17.46
CA GLU H 474 -42.62 -33.68 -16.09
C GLU H 474 -41.39 -34.57 -15.93
N SER H 475 -41.32 -35.66 -16.70
CA SER H 475 -40.14 -36.53 -16.66
C SER H 475 -38.96 -35.89 -17.38
N LEU H 476 -39.20 -35.26 -18.53
CA LEU H 476 -38.14 -34.64 -19.31
C LEU H 476 -37.74 -33.27 -18.79
N CYS H 477 -38.38 -32.78 -17.72
CA CYS H 477 -38.02 -31.48 -17.17
C CYS H 477 -36.75 -31.54 -16.34
N ARG H 478 -36.48 -32.69 -15.72
CA ARG H 478 -35.31 -32.87 -14.87
C ARG H 478 -34.09 -33.36 -15.65
N ASP H 479 -34.08 -33.20 -16.97
CA ASP H 479 -32.96 -33.68 -17.77
C ASP H 479 -31.73 -32.81 -17.55
N LYS H 480 -30.56 -33.45 -17.68
CA LYS H 480 -29.30 -32.75 -17.48
C LYS H 480 -28.97 -31.80 -18.62
N ASP H 481 -29.57 -31.98 -19.78
CA ASP H 481 -29.27 -31.14 -20.93
C ASP H 481 -30.08 -29.85 -20.88
N PRO H 482 -29.43 -28.68 -20.86
CA PRO H 482 -30.21 -27.43 -20.86
C PRO H 482 -31.00 -27.21 -22.13
N ILE H 483 -30.51 -27.70 -23.27
CA ILE H 483 -31.25 -27.56 -24.53
C ILE H 483 -32.56 -28.32 -24.46
N LEU H 484 -32.52 -29.56 -23.95
CA LEU H 484 -33.75 -30.32 -23.78
C LEU H 484 -34.61 -29.72 -22.66
N ARG H 485 -33.99 -29.06 -21.68
CA ARG H 485 -34.77 -28.35 -20.67
C ARG H 485 -35.55 -27.21 -21.30
N ARG H 486 -34.97 -26.53 -22.28
CA ARG H 486 -35.74 -25.57 -23.08
C ARG H 486 -36.77 -26.27 -23.93
N SER H 487 -36.46 -27.49 -24.38
CA SER H 487 -37.40 -28.24 -25.23
C SER H 487 -38.63 -28.67 -24.47
N GLY H 488 -38.52 -28.85 -23.14
CA GLY H 488 -39.70 -29.17 -22.36
C GLY H 488 -40.66 -28.00 -22.26
N MET H 489 -40.13 -26.79 -22.15
CA MET H 489 -40.97 -25.61 -22.05
C MET H 489 -41.54 -25.23 -23.42
N TYR H 490 -40.71 -25.28 -24.46
CA TYR H 490 -41.22 -25.06 -25.81
C TYR H 490 -42.25 -26.12 -26.19
N THR H 491 -42.07 -27.35 -25.70
CA THR H 491 -43.02 -28.41 -25.98
C THR H 491 -44.33 -28.20 -25.23
N VAL H 492 -44.25 -27.81 -23.96
CA VAL H 492 -45.46 -27.57 -23.17
C VAL H 492 -46.13 -26.26 -23.53
N ALA H 493 -45.48 -25.41 -24.32
CA ALA H 493 -46.08 -24.14 -24.72
C ALA H 493 -47.34 -24.38 -25.54
N MET H 494 -47.21 -25.06 -26.69
CA MET H 494 -48.35 -25.29 -27.56
C MET H 494 -49.31 -26.32 -27.00
N ALA H 495 -48.87 -27.14 -26.04
CA ALA H 495 -49.74 -28.18 -25.49
C ALA H 495 -50.79 -27.57 -24.56
N TYR H 496 -50.44 -26.50 -23.84
CA TYR H 496 -51.34 -25.89 -22.87
C TYR H 496 -51.90 -24.56 -23.33
N CYS H 497 -51.98 -24.33 -24.65
CA CYS H 497 -52.56 -23.10 -25.16
C CYS H 497 -54.02 -22.99 -24.74
N GLY H 498 -54.47 -21.75 -24.54
CA GLY H 498 -55.81 -21.47 -24.09
C GLY H 498 -55.95 -21.19 -22.60
N SER H 499 -54.84 -21.06 -21.87
CA SER H 499 -54.87 -20.81 -20.44
C SER H 499 -55.66 -21.87 -19.68
N GLY H 500 -55.48 -23.13 -20.09
CA GLY H 500 -56.18 -24.25 -19.49
C GLY H 500 -55.45 -24.94 -18.37
N ASN H 501 -54.22 -24.53 -18.04
CA ASN H 501 -53.42 -25.16 -17.00
C ASN H 501 -52.68 -24.08 -16.23
N ASN H 502 -53.00 -23.92 -14.96
CA ASN H 502 -52.29 -23.00 -14.07
C ASN H 502 -51.16 -23.69 -13.31
N LYS H 503 -50.84 -24.94 -13.67
CA LYS H 503 -49.78 -25.69 -13.01
C LYS H 503 -48.42 -25.54 -13.68
N ALA H 504 -48.40 -25.49 -15.02
CA ALA H 504 -47.13 -25.41 -15.74
C ALA H 504 -46.40 -24.11 -15.46
N ILE H 505 -47.13 -23.03 -15.14
CA ILE H 505 -46.48 -21.76 -14.85
C ILE H 505 -45.64 -21.85 -13.58
N ARG H 506 -46.02 -22.73 -12.66
CA ARG H 506 -45.25 -22.91 -11.43
C ARG H 506 -43.80 -23.30 -11.74
N ARG H 507 -43.61 -24.30 -12.60
CA ARG H 507 -42.27 -24.73 -12.97
C ARG H 507 -41.68 -23.89 -14.08
N LEU H 508 -42.50 -23.17 -14.85
CA LEU H 508 -41.96 -22.24 -15.84
C LEU H 508 -41.24 -21.08 -15.16
N LEU H 509 -41.93 -20.39 -14.24
CA LEU H 509 -41.29 -19.31 -13.51
C LEU H 509 -40.32 -19.86 -12.46
N HIS H 510 -40.59 -21.05 -11.93
CA HIS H 510 -39.68 -21.65 -10.97
C HIS H 510 -38.35 -22.02 -11.60
N VAL H 511 -38.35 -22.45 -12.87
CA VAL H 511 -37.10 -22.67 -13.57
C VAL H 511 -36.57 -21.38 -14.18
N ALA H 512 -37.42 -20.37 -14.34
CA ALA H 512 -36.94 -19.08 -14.84
C ALA H 512 -36.16 -18.34 -13.79
N VAL H 513 -36.52 -18.49 -12.52
CA VAL H 513 -35.84 -17.81 -11.43
C VAL H 513 -34.84 -18.72 -10.73
N SER H 514 -35.17 -20.01 -10.58
CA SER H 514 -34.34 -20.91 -9.79
C SER H 514 -33.11 -21.39 -10.54
N ASP H 515 -33.26 -21.72 -11.82
CA ASP H 515 -32.15 -22.28 -12.58
C ASP H 515 -31.04 -21.26 -12.78
N VAL H 516 -29.80 -21.75 -12.80
CA VAL H 516 -28.65 -20.86 -12.93
C VAL H 516 -28.30 -20.57 -14.39
N ASN H 517 -28.68 -21.45 -15.31
CA ASN H 517 -28.37 -21.27 -16.72
C ASN H 517 -29.44 -20.38 -17.34
N ASP H 518 -28.99 -19.39 -18.12
CA ASP H 518 -29.87 -18.40 -18.71
C ASP H 518 -30.62 -18.91 -19.94
N ASP H 519 -30.34 -20.13 -20.39
CA ASP H 519 -31.03 -20.67 -21.56
C ASP H 519 -32.51 -20.91 -21.28
N VAL H 520 -32.80 -21.68 -20.22
CA VAL H 520 -34.19 -21.89 -19.85
C VAL H 520 -34.80 -20.63 -19.24
N ARG H 521 -33.96 -19.70 -18.79
CA ARG H 521 -34.46 -18.47 -18.20
C ARG H 521 -34.98 -17.51 -19.27
N ARG H 522 -34.26 -17.39 -20.40
CA ARG H 522 -34.76 -16.56 -21.48
C ARG H 522 -35.72 -17.31 -22.39
N ALA H 523 -35.65 -18.64 -22.40
CA ALA H 523 -36.58 -19.47 -23.16
C ALA H 523 -37.78 -19.93 -22.34
N ALA H 524 -37.93 -19.42 -21.12
CA ALA H 524 -38.98 -19.91 -20.23
C ALA H 524 -40.31 -19.21 -20.50
N VAL H 525 -40.31 -17.87 -20.48
CA VAL H 525 -41.57 -17.11 -20.50
C VAL H 525 -42.25 -17.09 -21.85
N GLU H 526 -41.63 -17.65 -22.89
CA GLU H 526 -42.31 -17.78 -24.17
C GLU H 526 -43.50 -18.72 -24.05
N SER H 527 -43.34 -19.80 -23.28
CA SER H 527 -44.49 -20.66 -22.98
C SER H 527 -45.51 -19.93 -22.14
N LEU H 528 -45.07 -19.03 -21.26
CA LEU H 528 -46.00 -18.27 -20.43
C LEU H 528 -46.87 -17.35 -21.29
N GLY H 529 -46.27 -16.70 -22.29
CA GLY H 529 -47.06 -15.90 -23.21
C GLY H 529 -47.91 -16.75 -24.14
N PHE H 530 -47.40 -17.93 -24.53
CA PHE H 530 -48.15 -18.79 -25.43
C PHE H 530 -49.38 -19.38 -24.75
N ILE H 531 -49.33 -19.59 -23.43
CA ILE H 531 -50.51 -20.07 -22.72
C ILE H 531 -51.39 -18.93 -22.24
N LEU H 532 -50.79 -17.77 -21.93
CA LEU H 532 -51.54 -16.61 -21.43
C LEU H 532 -51.80 -15.59 -22.53
N PHE H 533 -51.83 -16.01 -23.80
CA PHE H 533 -52.12 -15.10 -24.90
C PHE H 533 -53.57 -14.64 -24.91
N ARG H 534 -54.44 -15.25 -24.11
CA ARG H 534 -55.86 -14.90 -24.14
C ARG H 534 -56.10 -13.49 -23.59
N THR H 535 -55.56 -13.20 -22.41
CA THR H 535 -55.77 -11.91 -21.77
C THR H 535 -54.56 -11.02 -21.95
N PRO H 536 -54.68 -9.90 -22.65
CA PRO H 536 -53.52 -9.00 -22.81
C PRO H 536 -53.23 -8.15 -21.58
N GLU H 537 -54.21 -7.94 -20.70
CA GLU H 537 -54.01 -7.06 -19.56
C GLU H 537 -53.24 -7.75 -18.44
N GLN H 538 -53.50 -9.04 -18.22
CA GLN H 538 -52.89 -9.76 -17.10
C GLN H 538 -51.40 -10.05 -17.31
N CYS H 539 -50.89 -9.90 -18.54
CA CYS H 539 -49.47 -10.24 -18.78
C CYS H 539 -48.53 -9.19 -18.22
N PRO H 540 -48.64 -7.90 -18.58
CA PRO H 540 -47.65 -6.93 -18.06
C PRO H 540 -47.68 -6.76 -16.55
N SER H 541 -48.77 -7.15 -15.89
CA SER H 541 -48.81 -7.06 -14.43
C SER H 541 -47.87 -8.07 -13.79
N VAL H 542 -47.66 -9.22 -14.42
CA VAL H 542 -46.79 -10.25 -13.87
C VAL H 542 -45.43 -10.33 -14.55
N VAL H 543 -45.27 -9.71 -15.73
CA VAL H 543 -43.97 -9.64 -16.39
C VAL H 543 -43.33 -8.27 -16.24
N SER H 544 -44.01 -7.32 -15.59
CA SER H 544 -43.40 -6.02 -15.32
C SER H 544 -42.16 -6.15 -14.44
N LEU H 545 -42.16 -7.13 -13.53
CA LEU H 545 -40.94 -7.41 -12.77
C LEU H 545 -39.84 -7.95 -13.66
N LEU H 546 -40.20 -8.68 -14.71
CA LEU H 546 -39.22 -9.24 -15.63
C LEU H 546 -38.76 -8.25 -16.67
N SER H 547 -39.44 -7.10 -16.79
CA SER H 547 -38.98 -6.05 -17.69
C SER H 547 -37.55 -5.62 -17.34
N GLU H 548 -37.33 -5.27 -16.07
CA GLU H 548 -36.00 -4.96 -15.55
C GLU H 548 -35.65 -6.07 -14.55
N SER H 549 -35.12 -7.17 -15.07
CA SER H 549 -34.79 -8.33 -14.25
C SER H 549 -33.34 -8.25 -13.78
N TYR H 550 -32.83 -9.35 -13.22
CA TYR H 550 -31.46 -9.38 -12.73
C TYR H 550 -30.47 -9.41 -13.89
N ASN H 551 -30.55 -10.46 -14.71
CA ASN H 551 -29.69 -10.61 -15.88
C ASN H 551 -30.40 -10.09 -17.13
N PRO H 552 -29.63 -9.70 -18.15
CA PRO H 552 -30.27 -9.21 -19.39
C PRO H 552 -30.96 -10.30 -20.18
N HIS H 553 -30.72 -11.58 -19.89
CA HIS H 553 -31.34 -12.65 -20.65
C HIS H 553 -32.83 -12.76 -20.33
N VAL H 554 -33.19 -12.63 -19.05
CA VAL H 554 -34.61 -12.62 -18.69
C VAL H 554 -35.26 -11.33 -19.16
N ARG H 555 -34.49 -10.25 -19.30
CA ARG H 555 -35.02 -9.02 -19.89
C ARG H 555 -35.32 -9.21 -21.37
N TYR H 556 -34.47 -9.96 -22.08
CA TYR H 556 -34.69 -10.18 -23.51
C TYR H 556 -35.85 -11.14 -23.74
N GLY H 557 -35.85 -12.28 -23.02
CA GLY H 557 -36.96 -13.20 -23.15
C GLY H 557 -38.28 -12.61 -22.69
N ALA H 558 -38.23 -11.77 -21.65
CA ALA H 558 -39.42 -11.03 -21.24
C ALA H 558 -39.84 -10.01 -22.29
N ALA H 559 -38.88 -9.44 -23.02
CA ALA H 559 -39.23 -8.57 -24.13
C ALA H 559 -39.93 -9.35 -25.25
N MET H 560 -39.49 -10.59 -25.49
CA MET H 560 -40.24 -11.44 -26.42
C MET H 560 -41.62 -11.77 -25.88
N ALA H 561 -41.74 -11.93 -24.56
CA ALA H 561 -43.04 -12.21 -23.95
C ALA H 561 -44.00 -11.05 -24.13
N LEU H 562 -43.54 -9.83 -23.88
CA LEU H 562 -44.37 -8.66 -24.15
C LEU H 562 -44.64 -8.49 -25.64
N GLY H 563 -43.72 -8.97 -26.48
CA GLY H 563 -43.94 -8.88 -27.92
C GLY H 563 -45.03 -9.83 -28.41
N ILE H 564 -45.09 -11.02 -27.83
CA ILE H 564 -46.06 -12.02 -28.30
C ILE H 564 -47.41 -11.91 -27.57
N CYS H 565 -47.42 -11.42 -26.32
CA CYS H 565 -48.66 -11.39 -25.57
C CYS H 565 -49.54 -10.19 -25.95
N CYS H 566 -48.93 -9.07 -26.33
CA CYS H 566 -49.66 -7.86 -26.65
C CYS H 566 -49.72 -7.60 -28.15
N ALA H 567 -49.29 -8.55 -28.98
CA ALA H 567 -49.33 -8.37 -30.42
C ALA H 567 -50.76 -8.35 -30.92
N GLY H 568 -51.04 -7.42 -31.84
CA GLY H 568 -52.37 -7.27 -32.40
C GLY H 568 -53.38 -6.60 -31.50
N THR H 569 -53.02 -6.27 -30.26
CA THR H 569 -53.93 -5.63 -29.32
C THR H 569 -53.59 -4.15 -29.22
N GLY H 570 -54.24 -3.46 -28.28
CA GLY H 570 -53.98 -2.04 -28.07
C GLY H 570 -53.70 -1.70 -26.62
N ASN H 571 -53.27 -2.70 -25.85
CA ASN H 571 -52.99 -2.50 -24.43
C ASN H 571 -51.75 -1.64 -24.27
N LYS H 572 -51.88 -0.53 -23.55
CA LYS H 572 -50.76 0.36 -23.28
C LYS H 572 -49.94 -0.04 -22.07
N GLU H 573 -50.31 -1.14 -21.39
CA GLU H 573 -49.57 -1.56 -20.21
C GLU H 573 -48.17 -2.04 -20.53
N ALA H 574 -47.91 -2.41 -21.79
CA ALA H 574 -46.54 -2.67 -22.25
C ALA H 574 -45.93 -1.44 -22.90
N ILE H 575 -46.75 -0.60 -23.54
CA ILE H 575 -46.24 0.57 -24.24
C ILE H 575 -45.65 1.57 -23.26
N ASN H 576 -46.32 1.80 -22.13
CA ASN H 576 -45.76 2.69 -21.13
C ASN H 576 -44.51 2.10 -20.46
N LEU H 577 -44.31 0.79 -20.56
CA LEU H 577 -43.11 0.14 -20.05
C LEU H 577 -42.03 -0.01 -21.10
N LEU H 578 -42.31 0.34 -22.36
CA LEU H 578 -41.30 0.23 -23.41
C LEU H 578 -40.20 1.28 -23.29
N GLU H 579 -40.49 2.43 -22.65
CA GLU H 579 -39.51 3.50 -22.54
C GLU H 579 -38.32 3.11 -21.66
N PRO H 580 -38.51 2.43 -20.52
CA PRO H 580 -37.34 1.93 -19.78
C PRO H 580 -36.63 0.78 -20.49
N MET H 581 -37.31 0.07 -21.40
CA MET H 581 -36.68 -1.06 -22.08
C MET H 581 -35.74 -0.61 -23.18
N THR H 582 -35.99 0.55 -23.78
CA THR H 582 -35.24 0.99 -24.95
C THR H 582 -33.93 1.70 -24.61
N ASN H 583 -33.65 1.95 -23.33
CA ASN H 583 -32.44 2.64 -22.92
C ASN H 583 -31.71 1.81 -21.86
N ASP H 584 -30.64 1.15 -22.27
CA ASP H 584 -29.85 0.31 -21.39
C ASP H 584 -28.53 -0.01 -22.08
N PRO H 585 -27.43 -0.11 -21.34
CA PRO H 585 -26.13 -0.41 -21.98
C PRO H 585 -26.10 -1.76 -22.67
N VAL H 586 -27.01 -2.67 -22.36
CA VAL H 586 -27.04 -3.99 -22.99
C VAL H 586 -27.84 -3.90 -24.27
N ASN H 587 -27.29 -4.46 -25.36
CA ASN H 587 -27.96 -4.43 -26.65
C ASN H 587 -29.06 -5.48 -26.77
N TYR H 588 -29.09 -6.46 -25.88
CA TYR H 588 -30.14 -7.48 -25.95
C TYR H 588 -31.51 -6.89 -25.65
N VAL H 589 -31.63 -6.22 -24.50
CA VAL H 589 -32.91 -5.61 -24.11
C VAL H 589 -33.28 -4.49 -25.08
N ARG H 590 -32.30 -3.88 -25.75
CA ARG H 590 -32.62 -2.88 -26.75
C ARG H 590 -33.17 -3.52 -28.02
N GLN H 591 -32.59 -4.65 -28.44
CA GLN H 591 -33.08 -5.34 -29.62
C GLN H 591 -34.48 -5.90 -29.39
N GLY H 592 -34.65 -6.70 -28.33
CA GLY H 592 -35.96 -7.21 -27.99
C GLY H 592 -36.96 -6.12 -27.61
N ALA H 593 -36.46 -4.98 -27.15
CA ALA H 593 -37.35 -3.85 -26.88
C ALA H 593 -37.84 -3.21 -28.17
N LEU H 594 -36.98 -3.14 -29.18
CA LEU H 594 -37.41 -2.61 -30.47
C LEU H 594 -38.32 -3.59 -31.22
N ILE H 595 -38.09 -4.90 -31.05
CA ILE H 595 -38.97 -5.88 -31.65
C ILE H 595 -40.33 -5.88 -30.97
N ALA H 596 -40.33 -5.86 -29.63
CA ALA H 596 -41.58 -5.83 -28.89
C ALA H 596 -42.34 -4.53 -29.16
N SER H 597 -41.63 -3.42 -29.32
CA SER H 597 -42.27 -2.17 -29.70
C SER H 597 -42.77 -2.22 -31.14
N ALA H 598 -42.11 -3.00 -31.99
CA ALA H 598 -42.55 -3.14 -33.37
C ALA H 598 -43.76 -4.05 -33.52
N LEU H 599 -43.98 -4.97 -32.59
CA LEU H 599 -45.11 -5.88 -32.67
C LEU H 599 -46.41 -5.28 -32.14
N ILE H 600 -46.35 -4.10 -31.52
CA ILE H 600 -47.53 -3.46 -30.95
C ILE H 600 -47.99 -2.27 -31.79
N MET H 601 -47.05 -1.51 -32.35
CA MET H 601 -47.41 -0.33 -33.13
C MET H 601 -48.08 -0.65 -34.45
N ILE H 602 -48.03 -1.92 -34.89
CA ILE H 602 -48.69 -2.30 -36.14
C ILE H 602 -50.20 -2.19 -35.97
N GLN H 603 -50.88 -1.70 -37.02
CA GLN H 603 -52.32 -1.53 -37.04
C GLN H 603 -52.79 -0.65 -35.87
N GLN H 604 -52.33 0.60 -35.88
CA GLN H 604 -52.67 1.55 -34.85
C GLN H 604 -52.58 2.96 -35.42
N THR H 605 -53.56 3.79 -35.07
CA THR H 605 -53.61 5.18 -35.49
C THR H 605 -53.06 6.10 -34.41
N GLU H 606 -52.53 7.25 -34.83
CA GLU H 606 -51.89 8.16 -33.89
C GLU H 606 -52.91 8.92 -33.05
N ILE H 607 -54.10 9.19 -33.60
CA ILE H 607 -55.08 9.99 -32.88
C ILE H 607 -55.63 9.26 -31.66
N THR H 608 -55.56 7.92 -31.64
CA THR H 608 -56.07 7.17 -30.50
C THR H 608 -55.09 7.21 -29.32
N CYS H 609 -53.81 6.97 -29.59
CA CYS H 609 -52.80 6.91 -28.54
C CYS H 609 -51.54 7.67 -28.96
N PRO H 610 -50.87 8.35 -28.03
CA PRO H 610 -49.68 9.13 -28.39
C PRO H 610 -48.46 8.25 -28.65
N LYS H 611 -48.32 7.77 -29.88
CA LYS H 611 -47.21 6.90 -30.26
C LYS H 611 -46.02 7.67 -30.81
N VAL H 612 -46.03 9.01 -30.70
CA VAL H 612 -44.94 9.82 -31.22
C VAL H 612 -43.63 9.45 -30.55
N ASN H 613 -43.67 9.07 -29.27
CA ASN H 613 -42.44 8.75 -28.55
C ASN H 613 -41.74 7.55 -29.17
N GLN H 614 -42.46 6.44 -29.36
CA GLN H 614 -41.83 5.24 -29.91
C GLN H 614 -41.63 5.33 -31.41
N PHE H 615 -42.42 6.14 -32.13
CA PHE H 615 -42.15 6.37 -33.54
C PHE H 615 -40.85 7.15 -33.72
N ARG H 616 -40.64 8.19 -32.90
CA ARG H 616 -39.44 8.99 -33.04
C ARG H 616 -38.21 8.25 -32.54
N GLN H 617 -38.32 7.56 -31.41
CA GLN H 617 -37.19 6.79 -30.91
C GLN H 617 -36.92 5.57 -31.77
N LEU H 618 -37.92 5.07 -32.49
CA LEU H 618 -37.69 4.00 -33.46
C LEU H 618 -37.10 4.52 -34.76
N TYR H 619 -37.38 5.77 -35.11
CA TYR H 619 -36.80 6.37 -36.31
C TYR H 619 -35.39 6.88 -36.08
N SER H 620 -35.02 7.17 -34.83
CA SER H 620 -33.69 7.66 -34.52
C SER H 620 -32.64 6.57 -34.47
N LYS H 621 -33.05 5.30 -34.54
CA LYS H 621 -32.09 4.20 -34.44
C LYS H 621 -31.32 3.99 -35.74
N VAL H 622 -31.95 4.25 -36.90
CA VAL H 622 -31.27 4.09 -38.17
C VAL H 622 -30.34 5.26 -38.50
N ILE H 623 -30.50 6.39 -37.82
CA ILE H 623 -29.61 7.53 -38.01
C ILE H 623 -28.57 7.51 -36.89
N ASN H 624 -28.91 6.89 -35.77
CA ASN H 624 -28.00 6.72 -34.65
C ASN H 624 -27.21 5.41 -34.72
N ASP H 625 -27.31 4.69 -35.85
CA ASP H 625 -26.62 3.41 -35.98
C ASP H 625 -25.11 3.55 -36.02
N LYS H 626 -24.60 4.75 -36.30
CA LYS H 626 -23.15 4.95 -36.35
C LYS H 626 -22.54 4.81 -34.96
N HIS H 627 -23.24 5.27 -33.93
CA HIS H 627 -22.76 5.22 -32.55
C HIS H 627 -23.35 4.06 -31.76
N ASP H 628 -24.08 3.15 -32.42
CA ASP H 628 -24.70 2.00 -31.77
C ASP H 628 -23.98 0.73 -32.18
N ASP H 629 -24.44 -0.39 -31.62
CA ASP H 629 -23.84 -1.69 -31.91
C ASP H 629 -24.23 -2.16 -33.31
N VAL H 630 -23.53 -3.18 -33.79
CA VAL H 630 -23.79 -3.70 -35.12
C VAL H 630 -25.07 -4.52 -35.14
N MET H 631 -25.40 -5.21 -34.04
CA MET H 631 -26.65 -5.95 -33.97
C MET H 631 -27.82 -5.09 -33.54
N ALA H 632 -27.56 -3.98 -32.85
CA ALA H 632 -28.64 -3.07 -32.45
C ALA H 632 -29.29 -2.43 -33.66
N LYS H 633 -28.51 -2.08 -34.68
CA LYS H 633 -29.09 -1.58 -35.92
C LYS H 633 -29.76 -2.70 -36.71
N PHE H 634 -29.27 -3.94 -36.55
CA PHE H 634 -29.90 -5.07 -37.20
C PHE H 634 -31.31 -5.28 -36.68
N GLY H 635 -31.47 -5.39 -35.37
CA GLY H 635 -32.80 -5.46 -34.78
C GLY H 635 -33.58 -4.17 -34.90
N ALA H 636 -32.90 -3.04 -35.14
CA ALA H 636 -33.58 -1.77 -35.29
C ALA H 636 -34.29 -1.68 -36.63
N ILE H 637 -33.55 -1.87 -37.73
CA ILE H 637 -34.18 -1.83 -39.04
C ILE H 637 -35.06 -3.06 -39.24
N LEU H 638 -34.69 -4.19 -38.65
CA LEU H 638 -35.55 -5.36 -38.69
C LEU H 638 -36.86 -5.09 -37.96
N ALA H 639 -36.82 -4.30 -36.89
CA ALA H 639 -38.05 -3.88 -36.23
C ALA H 639 -38.81 -2.87 -37.05
N GLN H 640 -38.10 -2.04 -37.83
CA GLN H 640 -38.77 -1.07 -38.68
C GLN H 640 -39.46 -1.72 -39.87
N GLY H 641 -38.99 -2.90 -40.29
CA GLY H 641 -39.67 -3.63 -41.35
C GLY H 641 -40.98 -4.27 -40.93
N ILE H 642 -41.26 -4.32 -39.64
CA ILE H 642 -42.50 -4.94 -39.16
C ILE H 642 -43.70 -4.05 -39.45
N LEU H 643 -43.57 -2.74 -39.15
CA LEU H 643 -44.69 -1.83 -39.38
C LEU H 643 -44.95 -1.63 -40.87
N ASP H 644 -43.90 -1.56 -41.67
CA ASP H 644 -44.03 -1.37 -43.12
C ASP H 644 -44.37 -2.66 -43.85
N ALA H 645 -44.63 -3.75 -43.13
CA ALA H 645 -44.90 -5.04 -43.77
C ALA H 645 -46.23 -4.98 -44.53
N GLY H 646 -46.17 -5.24 -45.84
CA GLY H 646 -47.36 -5.26 -46.65
C GLY H 646 -48.00 -3.91 -46.91
N GLY H 647 -47.33 -2.82 -46.57
CA GLY H 647 -47.90 -1.50 -46.78
C GLY H 647 -49.09 -1.19 -45.91
N HIS H 648 -49.03 -1.60 -44.64
CA HIS H 648 -50.07 -1.40 -43.62
C HIS H 648 -51.33 -2.21 -43.89
N ASN H 649 -51.38 -2.99 -44.97
CA ASN H 649 -52.59 -3.74 -45.32
C ASN H 649 -52.69 -5.03 -44.51
N VAL H 650 -51.64 -5.83 -44.50
CA VAL H 650 -51.64 -7.11 -43.81
C VAL H 650 -51.15 -6.92 -42.39
N THR H 651 -51.67 -7.74 -41.48
CA THR H 651 -51.29 -7.72 -40.07
C THR H 651 -51.17 -9.16 -39.60
N ILE H 652 -51.07 -9.34 -38.28
CA ILE H 652 -50.98 -10.65 -37.66
C ILE H 652 -52.08 -10.78 -36.61
N SER H 653 -52.41 -12.02 -36.29
CA SER H 653 -53.44 -12.31 -35.30
C SER H 653 -53.13 -13.65 -34.64
N LEU H 654 -53.27 -13.68 -33.31
CA LEU H 654 -53.01 -14.90 -32.55
C LEU H 654 -54.22 -15.83 -32.49
N GLN H 655 -55.42 -15.33 -32.76
CA GLN H 655 -56.63 -16.13 -32.71
C GLN H 655 -57.53 -15.75 -33.87
N SER H 656 -58.53 -16.59 -34.13
CA SER H 656 -59.48 -16.37 -35.21
C SER H 656 -60.64 -15.52 -34.69
N ARG H 657 -61.66 -15.34 -35.53
CA ARG H 657 -62.81 -14.53 -35.13
C ARG H 657 -63.66 -15.25 -34.08
N THR H 658 -63.77 -16.57 -34.16
CA THR H 658 -64.54 -17.34 -33.21
C THR H 658 -63.81 -17.57 -31.89
N GLY H 659 -62.58 -17.08 -31.75
CA GLY H 659 -61.80 -17.25 -30.55
C GLY H 659 -60.76 -18.34 -30.61
N HIS H 660 -60.86 -19.25 -31.57
CA HIS H 660 -59.87 -20.30 -31.71
C HIS H 660 -58.56 -19.73 -32.27
N THR H 661 -57.45 -20.33 -31.86
CA THR H 661 -56.13 -19.86 -32.24
C THR H 661 -55.65 -20.58 -33.49
N HIS H 662 -54.90 -19.86 -34.33
CA HIS H 662 -54.37 -20.42 -35.57
C HIS H 662 -53.07 -21.16 -35.29
N MET H 663 -52.97 -22.39 -35.81
CA MET H 663 -51.72 -23.14 -35.63
C MET H 663 -50.56 -22.52 -36.40
N PRO H 664 -50.67 -22.20 -37.70
CA PRO H 664 -49.52 -21.60 -38.38
C PRO H 664 -49.17 -20.20 -37.89
N SER H 665 -50.09 -19.53 -37.18
CA SER H 665 -49.74 -18.24 -36.59
C SER H 665 -48.85 -18.43 -35.37
N VAL H 666 -49.19 -19.39 -34.50
CA VAL H 666 -48.34 -19.67 -33.34
C VAL H 666 -47.00 -20.24 -33.79
N VAL H 667 -47.02 -21.15 -34.77
CA VAL H 667 -45.77 -21.69 -35.30
C VAL H 667 -44.94 -20.58 -35.92
N GLY H 668 -45.58 -19.71 -36.70
CA GLY H 668 -44.85 -18.63 -37.35
C GLY H 668 -44.26 -17.63 -36.37
N VAL H 669 -44.96 -17.37 -35.26
CA VAL H 669 -44.44 -16.41 -34.30
C VAL H 669 -43.37 -17.05 -33.41
N LEU H 670 -43.48 -18.34 -33.11
CA LEU H 670 -42.44 -18.96 -32.29
C LEU H 670 -41.17 -19.17 -33.10
N VAL H 671 -41.29 -19.64 -34.34
CA VAL H 671 -40.11 -19.74 -35.21
C VAL H 671 -39.57 -18.35 -35.50
N PHE H 672 -40.45 -17.35 -35.59
CA PHE H 672 -39.99 -15.97 -35.74
C PHE H 672 -39.17 -15.53 -34.52
N THR H 673 -39.54 -15.98 -33.33
CA THR H 673 -38.74 -15.72 -32.15
C THR H 673 -37.51 -16.63 -32.06
N GLN H 674 -37.43 -17.68 -32.87
CA GLN H 674 -36.27 -18.55 -32.90
C GLN H 674 -35.14 -18.03 -33.79
N PHE H 675 -35.15 -16.74 -34.13
CA PHE H 675 -34.11 -16.15 -34.96
C PHE H 675 -32.81 -15.91 -34.19
N TRP H 676 -32.83 -16.07 -32.87
CA TRP H 676 -31.63 -15.81 -32.08
C TRP H 676 -30.52 -16.79 -32.43
N PHE H 677 -30.84 -18.08 -32.48
CA PHE H 677 -29.83 -19.08 -32.82
C PHE H 677 -29.54 -19.11 -34.32
N TRP H 678 -30.59 -19.09 -35.15
CA TRP H 678 -30.45 -19.11 -36.59
C TRP H 678 -31.33 -18.01 -37.17
N PHE H 679 -30.71 -16.95 -37.69
CA PHE H 679 -31.41 -15.79 -38.22
C PHE H 679 -32.25 -16.09 -39.47
N PRO H 680 -31.79 -16.92 -40.41
CA PRO H 680 -32.63 -17.22 -41.57
C PRO H 680 -33.95 -17.91 -41.24
N LEU H 681 -34.16 -18.33 -40.00
CA LEU H 681 -35.43 -18.94 -39.61
C LEU H 681 -36.56 -17.93 -39.49
N SER H 682 -36.26 -16.63 -39.53
CA SER H 682 -37.29 -15.60 -39.43
C SER H 682 -38.19 -15.54 -40.65
N HIS H 683 -37.86 -16.25 -41.72
CA HIS H 683 -38.66 -16.21 -42.94
C HIS H 683 -40.03 -16.83 -42.77
N PHE H 684 -40.27 -17.59 -41.71
CA PHE H 684 -41.57 -18.20 -41.45
C PHE H 684 -42.58 -17.21 -40.86
N LEU H 685 -42.24 -15.92 -40.80
CA LEU H 685 -43.20 -14.94 -40.29
C LEU H 685 -44.38 -14.74 -41.24
N SER H 686 -44.18 -14.99 -42.53
CA SER H 686 -45.25 -14.84 -43.50
C SER H 686 -46.38 -15.84 -43.29
N LEU H 687 -46.12 -16.94 -42.58
CA LEU H 687 -47.16 -17.91 -42.28
C LEU H 687 -48.18 -17.38 -41.27
N ALA H 688 -47.83 -16.33 -40.53
CA ALA H 688 -48.72 -15.76 -39.53
C ALA H 688 -49.40 -14.48 -40.00
N TYR H 689 -49.20 -14.09 -41.25
CA TYR H 689 -49.81 -12.87 -41.79
C TYR H 689 -51.28 -13.13 -42.07
N THR H 690 -52.15 -12.49 -41.29
CA THR H 690 -53.59 -12.61 -41.46
C THR H 690 -54.15 -11.25 -41.87
N PRO H 691 -54.48 -11.05 -43.15
CA PRO H 691 -55.02 -9.75 -43.57
C PRO H 691 -56.40 -9.52 -42.99
N THR H 692 -56.63 -8.29 -42.54
CA THR H 692 -57.90 -7.90 -41.95
C THR H 692 -58.72 -7.16 -43.00
N CYS H 693 -59.85 -7.75 -43.39
CA CYS H 693 -60.74 -7.17 -44.39
C CYS H 693 -62.09 -7.86 -44.28
N VAL H 694 -62.98 -7.57 -45.22
CA VAL H 694 -64.30 -8.19 -45.27
C VAL H 694 -64.47 -8.83 -46.64
N ILE H 695 -65.46 -9.72 -46.74
CA ILE H 695 -65.76 -10.45 -47.97
C ILE H 695 -67.26 -10.40 -48.20
N GLY H 696 -67.69 -9.86 -49.34
CA GLY H 696 -69.08 -9.85 -49.71
C GLY H 696 -69.32 -10.58 -51.02
N LEU H 697 -68.53 -11.62 -51.26
CA LEU H 697 -68.60 -12.36 -52.51
C LEU H 697 -69.87 -13.21 -52.54
N ASN H 698 -70.75 -12.93 -53.50
CA ASN H 698 -72.00 -13.68 -53.63
C ASN H 698 -71.79 -14.97 -54.41
N LYS H 699 -71.26 -14.87 -55.62
CA LYS H 699 -71.01 -16.02 -56.48
C LYS H 699 -69.51 -16.20 -56.68
N ASP H 700 -69.11 -17.42 -57.01
CA ASP H 700 -67.69 -17.73 -57.17
C ASP H 700 -67.07 -16.98 -58.34
N LEU H 701 -67.85 -16.72 -59.40
CA LEU H 701 -67.35 -16.03 -60.58
C LEU H 701 -67.90 -14.63 -60.74
N LYS H 702 -68.85 -14.22 -59.91
CA LYS H 702 -69.42 -12.87 -59.96
C LYS H 702 -68.95 -12.08 -58.75
N MET H 703 -68.39 -10.89 -59.00
CA MET H 703 -67.92 -10.02 -57.93
C MET H 703 -68.85 -8.83 -57.79
N PRO H 704 -69.56 -8.69 -56.67
CA PRO H 704 -70.43 -7.53 -56.48
C PRO H 704 -69.71 -6.33 -55.87
N LYS H 705 -70.45 -5.25 -55.62
CA LYS H 705 -69.91 -4.06 -54.98
C LYS H 705 -70.77 -3.74 -53.75
N VAL H 706 -70.15 -3.79 -52.57
CA VAL H 706 -70.83 -3.48 -51.32
C VAL H 706 -70.16 -2.27 -50.71
N GLN H 707 -70.94 -1.23 -50.45
CA GLN H 707 -70.45 0.03 -49.88
C GLN H 707 -71.25 0.34 -48.62
N TYR H 708 -70.62 0.19 -47.46
CA TYR H 708 -71.24 0.52 -46.19
C TYR H 708 -70.75 1.88 -45.72
N LYS H 709 -71.14 2.27 -44.51
CA LYS H 709 -70.72 3.53 -43.91
C LYS H 709 -70.27 3.30 -42.47
N SER H 710 -69.34 4.13 -42.02
CA SER H 710 -68.79 4.04 -40.68
C SER H 710 -69.30 5.22 -39.85
N ASN H 711 -69.51 4.96 -38.55
CA ASN H 711 -69.98 5.99 -37.63
C ASN H 711 -68.84 6.84 -37.06
N CYS H 712 -67.61 6.65 -37.52
CA CYS H 712 -66.46 7.40 -37.04
C CYS H 712 -65.96 8.34 -38.13
N LYS H 713 -64.90 9.07 -37.81
CA LYS H 713 -64.34 10.05 -38.75
C LYS H 713 -63.46 9.33 -39.77
N PRO H 714 -63.56 9.66 -41.05
CA PRO H 714 -62.71 8.98 -42.04
C PRO H 714 -61.25 9.42 -41.98
N SER H 715 -60.99 10.65 -41.52
CA SER H 715 -59.61 11.13 -41.45
C SER H 715 -58.82 10.44 -40.34
N THR H 716 -59.51 9.97 -39.30
CA THR H 716 -58.83 9.28 -38.20
C THR H 716 -58.38 7.89 -38.60
N PHE H 717 -58.98 7.30 -39.64
CA PHE H 717 -58.64 5.96 -40.09
C PHE H 717 -57.80 5.96 -41.36
N ALA H 718 -57.26 7.11 -41.76
CA ALA H 718 -56.47 7.21 -42.97
C ALA H 718 -55.08 6.61 -42.75
N TYR H 719 -54.22 6.73 -43.76
CA TYR H 719 -52.88 6.17 -43.67
C TYR H 719 -51.86 7.24 -43.28
N PRO H 720 -50.93 6.92 -42.38
CA PRO H 720 -49.90 7.89 -42.00
C PRO H 720 -48.87 8.09 -43.09
N ALA H 721 -49.19 8.91 -44.08
CA ALA H 721 -48.30 9.14 -45.21
C ALA H 721 -47.01 9.81 -44.75
N PRO H 722 -45.85 9.22 -45.01
CA PRO H 722 -44.58 9.83 -44.57
C PRO H 722 -44.21 11.06 -45.39
N LEU H 723 -43.03 11.61 -45.13
CA LEU H 723 -42.55 12.77 -45.86
C LEU H 723 -42.26 12.40 -47.31
N GLU H 724 -42.24 13.42 -48.17
CA GLU H 724 -41.99 13.20 -49.60
C GLU H 724 -40.60 12.61 -49.81
N VAL H 725 -39.56 13.35 -49.43
CA VAL H 725 -38.16 12.95 -49.59
C VAL H 725 -37.91 12.57 -51.05
N PRO H 726 -37.83 13.54 -51.97
CA PRO H 726 -37.61 13.24 -53.38
C PRO H 726 -36.20 12.73 -53.67
N SER H 740 -67.95 15.26 -39.16
CA SER H 740 -67.43 14.39 -38.12
C SER H 740 -67.83 12.93 -38.39
N ILE H 741 -68.34 12.67 -39.60
CA ILE H 741 -68.75 11.33 -39.99
C ILE H 741 -68.67 11.23 -41.51
N THR H 742 -68.32 10.05 -41.99
CA THR H 742 -68.20 9.81 -43.42
C THR H 742 -69.55 9.36 -43.99
N ALA H 743 -69.77 9.70 -45.27
CA ALA H 743 -71.00 9.30 -45.94
C ALA H 743 -70.99 7.81 -46.27
N LYS H 744 -69.83 7.29 -46.68
CA LYS H 744 -69.71 5.88 -47.00
C LYS H 744 -68.26 5.45 -46.81
N ALA H 745 -68.06 4.15 -46.63
CA ALA H 745 -66.72 3.60 -46.44
C ALA H 745 -65.98 3.56 -47.77
N LYS H 746 -64.67 3.29 -47.69
CA LYS H 746 -63.83 3.22 -48.86
C LYS H 746 -63.73 1.81 -49.44
N LYS H 747 -64.30 0.82 -48.78
CA LYS H 747 -64.28 -0.55 -49.30
C LYS H 747 -65.27 -0.68 -50.45
N LYS H 748 -64.77 -0.99 -51.63
CA LYS H 748 -65.59 -1.13 -52.82
C LYS H 748 -65.16 -2.38 -53.59
N GLU H 749 -65.95 -2.74 -54.59
CA GLU H 749 -65.69 -3.89 -55.45
C GLU H 749 -65.42 -5.15 -54.63
N LYS H 750 -66.43 -5.55 -53.88
CA LYS H 750 -66.34 -6.74 -53.04
C LYS H 750 -67.72 -7.27 -52.67
N ASN H 786 -62.11 -4.13 -53.28
CA ASN H 786 -60.80 -4.04 -52.65
C ASN H 786 -60.90 -3.50 -51.22
N PRO H 787 -61.29 -4.37 -50.29
CA PRO H 787 -61.38 -3.93 -48.89
C PRO H 787 -60.01 -3.67 -48.30
N ALA H 788 -59.86 -2.50 -47.67
CA ALA H 788 -58.59 -2.11 -47.08
C ALA H 788 -58.48 -2.67 -45.66
N ARG H 789 -57.48 -2.21 -44.91
CA ARG H 789 -57.31 -2.66 -43.54
C ARG H 789 -58.49 -2.22 -42.69
N VAL H 790 -58.76 -3.00 -41.63
CA VAL H 790 -59.85 -2.72 -40.71
C VAL H 790 -59.41 -3.11 -39.30
N MET H 791 -59.55 -2.19 -38.36
CA MET H 791 -59.21 -2.46 -36.96
C MET H 791 -60.32 -3.30 -36.32
N PRO H 792 -59.97 -4.23 -35.43
CA PRO H 792 -61.02 -4.99 -34.73
C PRO H 792 -61.98 -4.10 -33.94
N ALA H 793 -61.54 -2.93 -33.49
CA ALA H 793 -62.45 -2.00 -32.83
C ALA H 793 -63.40 -1.31 -33.80
N GLN H 794 -63.06 -1.31 -35.09
CA GLN H 794 -63.92 -0.70 -36.10
C GLN H 794 -65.10 -1.58 -36.49
N LEU H 795 -65.13 -2.83 -36.03
CA LEU H 795 -66.20 -3.76 -36.39
C LEU H 795 -67.51 -3.47 -35.66
N LYS H 796 -67.50 -2.61 -34.65
CA LYS H 796 -68.70 -2.25 -33.92
C LYS H 796 -69.33 -0.95 -34.41
N VAL H 797 -68.62 -0.16 -35.21
CA VAL H 797 -69.13 1.12 -35.70
C VAL H 797 -69.60 1.05 -37.14
N LEU H 798 -69.55 -0.13 -37.77
CA LEU H 798 -70.05 -0.26 -39.13
C LEU H 798 -71.57 -0.29 -39.16
N THR H 799 -72.16 0.36 -40.16
CA THR H 799 -73.60 0.44 -40.30
C THR H 799 -73.95 0.23 -41.77
N MET H 800 -74.67 -0.85 -42.06
CA MET H 800 -75.07 -1.12 -43.43
C MET H 800 -76.13 -0.12 -43.87
N PRO H 801 -76.05 0.36 -45.11
CA PRO H 801 -77.05 1.33 -45.60
C PRO H 801 -78.40 0.67 -45.85
N GLU H 802 -79.46 1.40 -45.48
CA GLU H 802 -80.81 0.89 -45.71
C GLU H 802 -81.21 0.98 -47.18
N THR H 803 -80.58 1.86 -47.95
CA THR H 803 -80.87 2.01 -49.37
C THR H 803 -80.03 1.10 -50.25
N CYS H 804 -79.21 0.22 -49.67
CA CYS H 804 -78.36 -0.66 -50.45
C CYS H 804 -79.22 -1.66 -51.22
N ARG H 805 -78.89 -1.87 -52.49
CA ARG H 805 -79.68 -2.76 -53.34
C ARG H 805 -79.60 -4.20 -52.87
N TYR H 806 -78.40 -4.64 -52.47
CA TYR H 806 -78.18 -6.01 -52.05
C TYR H 806 -77.99 -6.09 -50.54
N GLN H 807 -78.29 -7.25 -49.98
CA GLN H 807 -78.16 -7.47 -48.54
C GLN H 807 -78.05 -8.96 -48.24
N PRO H 808 -77.08 -9.39 -47.44
CA PRO H 808 -76.95 -10.81 -47.11
C PRO H 808 -78.09 -11.27 -46.21
N PHE H 809 -78.20 -12.60 -46.07
CA PHE H 809 -79.22 -13.17 -45.22
C PHE H 809 -78.85 -13.04 -43.74
N LYS H 810 -77.57 -13.18 -43.42
CA LYS H 810 -77.09 -13.06 -42.05
C LYS H 810 -76.75 -11.61 -41.73
N PRO H 811 -77.26 -11.07 -40.62
CA PRO H 811 -76.94 -9.68 -40.26
C PRO H 811 -75.46 -9.52 -39.98
N LEU H 812 -74.79 -8.70 -40.79
CA LEU H 812 -73.35 -8.46 -40.66
C LEU H 812 -73.11 -7.64 -39.41
N SER H 813 -72.65 -8.29 -38.35
CA SER H 813 -72.35 -7.62 -37.07
C SER H 813 -70.86 -7.51 -36.81
N ILE H 814 -70.11 -8.60 -36.98
CA ILE H 814 -68.68 -8.60 -36.74
C ILE H 814 -67.98 -8.99 -38.04
N GLY H 815 -66.72 -8.58 -38.15
CA GLY H 815 -65.96 -8.86 -39.36
C GLY H 815 -65.63 -10.34 -39.50
N GLY H 816 -65.65 -10.81 -40.74
CA GLY H 816 -65.34 -12.20 -41.03
C GLY H 816 -65.48 -12.54 -42.50
N ILE H 817 -65.84 -13.78 -42.80
CA ILE H 817 -66.05 -14.24 -44.18
C ILE H 817 -67.51 -14.63 -44.32
N ILE H 818 -68.26 -13.84 -45.10
CA ILE H 818 -69.66 -14.08 -45.37
C ILE H 818 -69.91 -13.91 -46.86
N ILE H 819 -71.11 -14.28 -47.29
CA ILE H 819 -71.52 -14.16 -48.67
C ILE H 819 -72.61 -13.10 -48.79
N LEU H 820 -72.95 -12.75 -50.02
CA LEU H 820 -73.99 -11.77 -50.31
C LEU H 820 -75.20 -12.47 -50.92
N LYS H 821 -76.38 -12.06 -50.49
CA LYS H 821 -77.63 -12.62 -50.98
C LYS H 821 -78.28 -11.66 -51.96
N ASP H 822 -78.61 -12.16 -53.14
CA ASP H 822 -79.24 -11.32 -54.17
C ASP H 822 -80.69 -11.05 -53.79
N THR H 823 -80.96 -9.83 -53.36
CA THR H 823 -82.32 -9.48 -52.95
C THR H 823 -83.17 -9.05 -54.14
N SER H 824 -82.56 -8.39 -55.14
CA SER H 824 -83.32 -7.94 -56.29
C SER H 824 -83.63 -9.08 -57.25
N GLU H 825 -82.66 -9.98 -57.47
CA GLU H 825 -82.82 -11.13 -58.37
C GLU H 825 -83.23 -10.66 -59.76
N ASP H 826 -82.56 -9.62 -60.26
CA ASP H 826 -82.91 -9.01 -61.53
C ASP H 826 -81.63 -8.77 -62.33
N ILE H 827 -81.77 -8.05 -63.44
CA ILE H 827 -80.67 -7.75 -64.34
C ILE H 827 -79.72 -6.73 -63.71
N GLU H 828 -78.60 -6.49 -64.37
CA GLU H 828 -77.59 -5.52 -63.93
C GLU H 828 -77.02 -5.91 -62.55
N GLU H 829 -76.37 -7.07 -62.54
CA GLU H 829 -75.66 -7.53 -61.36
C GLU H 829 -74.34 -6.78 -61.15
N LEU H 830 -73.94 -5.95 -62.11
CA LEU H 830 -72.71 -5.16 -62.03
C LEU H 830 -71.47 -6.06 -61.90
N VAL H 831 -71.25 -6.87 -62.93
CA VAL H 831 -70.08 -7.73 -62.99
C VAL H 831 -68.88 -6.91 -63.45
N GLU H 832 -67.74 -7.09 -62.78
CA GLU H 832 -66.51 -6.40 -63.13
C GLU H 832 -65.48 -7.38 -63.69
N PRO H 833 -64.63 -6.93 -64.62
CA PRO H 833 -63.65 -7.85 -65.22
C PRO H 833 -62.51 -8.20 -64.28
N VAL H 834 -61.54 -8.95 -64.78
CA VAL H 834 -60.40 -9.42 -63.99
C VAL H 834 -59.14 -8.77 -64.56
N ALA H 835 -58.09 -8.76 -63.74
CA ALA H 835 -56.82 -8.15 -64.12
C ALA H 835 -56.12 -9.03 -65.16
N ALA H 836 -54.90 -8.65 -65.54
CA ALA H 836 -54.19 -9.35 -66.59
C ALA H 836 -52.77 -9.72 -66.15
N HIS H 837 -51.96 -10.19 -67.08
CA HIS H 837 -50.61 -10.65 -66.77
C HIS H 837 -49.74 -9.49 -66.29
N GLY H 838 -48.81 -9.82 -65.39
CA GLY H 838 -47.91 -8.84 -64.83
C GLY H 838 -46.97 -9.48 -63.82
N PRO H 839 -46.81 -8.82 -62.67
CA PRO H 839 -45.99 -9.45 -61.61
C PRO H 839 -46.57 -10.75 -61.11
N LYS H 840 -47.89 -10.87 -61.07
CA LYS H 840 -48.56 -12.11 -60.69
C LYS H 840 -48.81 -12.95 -61.94
N ILE H 841 -49.62 -14.00 -61.80
CA ILE H 841 -49.97 -14.85 -62.93
C ILE H 841 -50.80 -14.09 -63.95
N GLY I 1 -59.14 9.60 33.87
CA GLY I 1 -60.45 9.77 34.46
C GLY I 1 -61.28 8.51 34.44
N PHE I 2 -60.97 7.61 33.52
CA PHE I 2 -61.69 6.35 33.39
C PHE I 2 -60.94 5.16 33.96
N LYS I 3 -59.61 5.23 34.02
CA LYS I 3 -58.81 4.14 34.54
C LYS I 3 -58.91 3.98 36.05
N GLN I 4 -59.63 4.87 36.74
CA GLN I 4 -59.79 4.73 38.19
C GLN I 4 -60.72 3.57 38.54
N THR I 5 -61.51 3.07 37.60
CA THR I 5 -62.38 1.94 37.87
C THR I 5 -61.62 0.62 37.72
N VAL I 6 -60.88 0.46 36.61
CA VAL I 6 -60.08 -0.73 36.44
C VAL I 6 -58.92 -0.76 37.44
N HIS I 7 -58.42 0.41 37.83
CA HIS I 7 -57.39 0.47 38.85
C HIS I 7 -57.97 0.25 40.24
N LYS I 8 -59.14 0.83 40.52
CA LYS I 8 -59.77 0.64 41.81
C LYS I 8 -60.12 -0.82 42.05
N LEU I 9 -60.91 -1.41 41.13
CA LEU I 9 -61.20 -2.84 41.23
C LEU I 9 -59.92 -3.67 41.13
N LEU I 10 -58.92 -3.18 40.40
CA LEU I 10 -57.66 -3.90 40.28
C LEU I 10 -56.99 -4.07 41.64
N ILE I 11 -56.82 -2.97 42.38
CA ILE I 11 -56.18 -3.08 43.69
C ILE I 11 -57.11 -3.75 44.69
N VAL I 12 -58.43 -3.61 44.51
CA VAL I 12 -59.38 -4.26 45.40
C VAL I 12 -59.26 -5.77 45.29
N VAL I 13 -59.07 -6.29 44.07
CA VAL I 13 -58.86 -7.73 43.91
C VAL I 13 -57.40 -8.13 44.07
N GLU I 14 -56.48 -7.16 44.14
CA GLU I 14 -55.08 -7.49 44.38
C GLU I 14 -54.77 -7.62 45.87
N LEU I 15 -55.45 -6.83 46.71
CA LEU I 15 -55.23 -6.93 48.15
C LEU I 15 -55.77 -8.24 48.73
N LEU I 16 -56.50 -9.04 47.94
CA LEU I 16 -56.98 -10.32 48.43
C LEU I 16 -55.85 -11.32 48.62
N LEU I 17 -54.80 -11.22 47.81
CA LEU I 17 -53.67 -12.15 47.87
C LEU I 17 -52.66 -11.78 48.95
N GLY I 18 -52.93 -10.74 49.74
CA GLY I 18 -52.04 -10.32 50.80
C GLY I 18 -51.05 -9.24 50.42
N GLU I 19 -50.70 -9.14 49.13
CA GLU I 19 -49.76 -8.13 48.64
C GLU I 19 -50.55 -7.08 47.87
N ILE I 20 -50.64 -5.88 48.43
CA ILE I 20 -51.41 -4.80 47.82
C ILE I 20 -50.47 -3.69 47.37
N PRO I 21 -50.21 -3.57 46.07
CA PRO I 21 -49.40 -2.45 45.56
C PRO I 21 -50.24 -1.19 45.43
N ASP I 22 -49.80 -0.12 46.07
CA ASP I 22 -50.53 1.14 46.04
C ASP I 22 -50.14 1.93 44.79
N ARG I 23 -50.56 3.21 44.75
CA ARG I 23 -50.25 4.09 43.63
C ARG I 23 -48.83 4.61 43.79
N LEU I 24 -47.92 4.17 42.92
CA LEU I 24 -46.51 4.56 43.00
C LEU I 24 -46.05 5.37 41.79
N GLN I 25 -46.27 4.87 40.57
CA GLN I 25 -45.71 5.47 39.37
C GLN I 25 -46.68 6.39 38.64
N PHE I 26 -47.93 6.48 39.05
CA PHE I 26 -48.93 7.30 38.39
C PHE I 26 -49.26 8.50 39.28
N ARG I 27 -49.14 9.70 38.73
CA ARG I 27 -49.41 10.94 39.45
C ARG I 27 -50.52 11.69 38.71
N GLN I 28 -51.74 11.60 39.22
CA GLN I 28 -52.88 12.33 38.68
C GLN I 28 -53.85 12.61 39.81
N PRO I 29 -54.43 13.81 39.88
CA PRO I 29 -55.32 14.14 41.01
C PRO I 29 -56.75 13.64 40.80
N SER I 30 -56.89 12.41 40.34
CA SER I 30 -58.18 11.74 40.29
C SER I 30 -58.19 10.44 41.07
N LEU I 31 -57.18 9.58 40.85
CA LEU I 31 -57.06 8.34 41.61
C LEU I 31 -56.69 8.61 43.05
N LYS I 32 -56.05 9.75 43.32
CA LYS I 32 -55.75 10.14 44.70
C LYS I 32 -57.04 10.38 45.48
N ARG I 33 -57.89 11.28 44.98
CA ARG I 33 -59.15 11.56 45.64
C ARG I 33 -60.08 10.35 45.62
N SER I 34 -59.96 9.50 44.59
CA SER I 34 -60.75 8.27 44.55
C SER I 34 -60.28 7.29 45.61
N LEU I 35 -59.00 7.32 45.95
CA LEU I 35 -58.40 6.37 46.89
C LEU I 35 -58.33 6.92 48.32
N MET I 36 -58.67 8.19 48.53
CA MET I 36 -58.58 8.75 49.87
C MET I 36 -59.43 8.02 50.91
N PRO I 37 -60.69 7.63 50.65
CA PRO I 37 -61.43 6.87 51.67
C PRO I 37 -60.94 5.44 51.80
N TYR I 38 -60.46 4.88 50.69
CA TYR I 38 -60.00 3.50 50.66
C TYR I 38 -58.57 3.33 51.17
N PHE I 39 -57.84 4.43 51.37
CA PHE I 39 -56.43 4.34 51.73
C PHE I 39 -56.25 3.79 53.13
N LEU I 40 -57.09 4.21 54.08
CA LEU I 40 -56.93 3.77 55.46
C LEU I 40 -57.14 2.27 55.59
N LEU I 41 -58.12 1.71 54.88
CA LEU I 41 -58.38 0.29 54.98
C LEU I 41 -57.42 -0.53 54.12
N THR I 42 -57.05 -0.03 52.93
CA THR I 42 -56.08 -0.75 52.12
C THR I 42 -54.69 -0.73 52.74
N GLN I 43 -54.42 0.24 53.61
CA GLN I 43 -53.21 0.18 54.43
C GLN I 43 -53.42 -0.67 55.67
N ALA I 44 -54.67 -0.75 56.16
CA ALA I 44 -55.01 -1.56 57.31
C ALA I 44 -55.10 -3.06 57.00
N VAL I 45 -55.04 -3.44 55.72
CA VAL I 45 -55.13 -4.85 55.35
C VAL I 45 -53.89 -5.60 55.82
N ARG I 46 -52.70 -5.01 55.61
CA ARG I 46 -51.46 -5.73 55.89
C ARG I 46 -51.26 -5.94 57.39
N THR I 47 -51.56 -4.93 58.21
CA THR I 47 -51.43 -5.09 59.65
C THR I 47 -52.41 -6.13 60.19
N GLY I 48 -53.64 -6.13 59.68
CA GLY I 48 -54.59 -7.17 59.98
C GLY I 48 -55.12 -7.21 61.40
N ASN I 49 -55.68 -6.09 61.87
CA ASN I 49 -56.34 -6.04 63.17
C ASN I 49 -57.83 -6.28 62.98
N LEU I 50 -58.35 -7.34 63.58
CA LEU I 50 -59.73 -7.74 63.33
C LEU I 50 -60.72 -6.80 64.00
N ALA I 51 -60.64 -6.67 65.33
CA ALA I 51 -61.68 -5.97 66.08
C ALA I 51 -61.69 -4.48 65.77
N LYS I 52 -60.52 -3.86 65.67
CA LYS I 52 -60.46 -2.42 65.43
C LYS I 52 -60.89 -2.08 64.01
N PHE I 53 -60.22 -2.67 63.02
CA PHE I 53 -60.52 -2.35 61.63
C PHE I 53 -61.92 -2.80 61.22
N ASN I 54 -62.47 -3.81 61.90
CA ASN I 54 -63.86 -4.19 61.66
C ASN I 54 -64.80 -3.03 61.95
N GLN I 55 -64.52 -2.27 63.02
CA GLN I 55 -65.30 -1.07 63.31
C GLN I 55 -64.87 0.10 62.44
N VAL I 56 -63.62 0.12 61.99
CA VAL I 56 -63.14 1.21 61.14
C VAL I 56 -63.84 1.18 59.79
N LEU I 57 -64.08 -0.02 59.24
CA LEU I 57 -64.72 -0.13 57.94
C LEU I 57 -66.12 0.48 57.96
N ASP I 58 -67.00 -0.06 58.79
CA ASP I 58 -68.37 0.45 58.86
C ASP I 58 -68.46 1.82 59.53
N GLN I 59 -67.39 2.25 60.20
CA GLN I 59 -67.41 3.53 60.90
C GLN I 59 -67.64 4.68 59.91
N PHE I 60 -66.71 4.88 58.99
CA PHE I 60 -66.82 5.94 57.98
C PHE I 60 -67.15 5.39 56.59
N GLY I 61 -67.35 4.08 56.47
CA GLY I 61 -67.65 3.48 55.19
C GLY I 61 -68.98 3.94 54.60
N GLU I 62 -68.91 4.72 53.53
CA GLU I 62 -70.12 5.18 52.85
C GLU I 62 -70.22 4.66 51.42
N LYS I 63 -69.23 4.92 50.57
CA LYS I 63 -69.33 4.65 49.14
C LYS I 63 -68.79 3.29 48.75
N PHE I 64 -67.63 2.88 49.30
CA PHE I 64 -67.08 1.58 48.93
C PHE I 64 -67.92 0.44 49.49
N GLN I 65 -68.65 0.67 50.57
CA GLN I 65 -69.64 -0.29 51.06
C GLN I 65 -71.04 0.01 50.54
N ALA I 66 -71.30 1.23 50.07
CA ALA I 66 -72.55 1.55 49.40
C ALA I 66 -72.52 1.28 47.92
N ASP I 67 -71.48 0.60 47.42
CA ASP I 67 -71.41 0.29 45.99
C ASP I 67 -72.37 -0.82 45.60
N GLY I 68 -72.70 -1.72 46.53
CA GLY I 68 -73.71 -2.72 46.28
C GLY I 68 -73.38 -4.12 46.75
N THR I 69 -74.26 -4.69 47.56
CA THR I 69 -74.25 -6.10 47.97
C THR I 69 -73.05 -6.47 48.84
N TYR I 70 -72.13 -5.52 49.07
CA TYR I 70 -70.97 -5.67 49.94
C TYR I 70 -70.32 -7.06 49.86
N THR I 71 -70.21 -7.61 48.66
CA THR I 71 -69.78 -9.00 48.52
C THR I 71 -68.29 -9.17 48.83
N LEU I 72 -67.43 -8.46 48.10
CA LEU I 72 -66.00 -8.66 48.27
C LEU I 72 -65.48 -8.06 49.57
N ILE I 73 -66.19 -7.08 50.14
CA ILE I 73 -65.78 -6.57 51.44
C ILE I 73 -66.29 -7.47 52.56
N ILE I 74 -67.46 -8.11 52.38
CA ILE I 74 -67.91 -9.08 53.37
C ILE I 74 -67.11 -10.37 53.28
N ARG I 75 -66.44 -10.61 52.15
CA ARG I 75 -65.44 -11.67 52.10
C ARG I 75 -64.10 -11.19 52.65
N LEU I 76 -63.82 -9.88 52.55
CA LEU I 76 -62.58 -9.34 53.08
C LEU I 76 -62.59 -9.34 54.62
N ARG I 77 -63.77 -9.17 55.23
CA ARG I 77 -63.85 -9.12 56.68
C ARG I 77 -63.34 -10.40 57.32
N HIS I 78 -63.45 -11.54 56.61
CA HIS I 78 -62.86 -12.79 57.06
C HIS I 78 -61.65 -13.19 56.23
N ASN I 79 -61.29 -12.39 55.21
CA ASN I 79 -60.05 -12.57 54.47
C ASN I 79 -58.89 -11.84 55.13
N VAL I 80 -59.16 -10.96 56.11
CA VAL I 80 -58.10 -10.30 56.84
C VAL I 80 -57.22 -11.33 57.56
N ILE I 81 -57.86 -12.33 58.18
CA ILE I 81 -57.11 -13.35 58.89
C ILE I 81 -56.37 -14.29 57.92
N LYS I 82 -56.86 -14.42 56.68
CA LYS I 82 -56.16 -15.27 55.72
C LYS I 82 -54.95 -14.56 55.12
N THR I 83 -55.07 -13.26 54.86
CA THR I 83 -53.89 -12.50 54.46
C THR I 83 -52.91 -12.35 55.61
N GLY I 84 -53.40 -12.30 56.84
CA GLY I 84 -52.50 -12.24 57.99
C GLY I 84 -51.76 -13.55 58.20
N VAL I 85 -52.44 -14.68 58.08
CA VAL I 85 -51.77 -15.96 58.20
C VAL I 85 -50.90 -16.24 56.98
N ARG I 86 -51.19 -15.58 55.85
CA ARG I 86 -50.25 -15.64 54.72
C ARG I 86 -49.02 -14.80 55.00
N MET I 87 -49.17 -13.70 55.72
CA MET I 87 -48.01 -12.98 56.22
C MET I 87 -47.24 -13.82 57.23
N ILE I 88 -47.94 -14.67 57.98
CA ILE I 88 -47.25 -15.63 58.84
C ILE I 88 -46.50 -16.66 58.01
N SER I 89 -47.06 -17.05 56.85
CA SER I 89 -46.32 -17.91 55.95
C SER I 89 -45.09 -17.21 55.39
N LEU I 90 -45.17 -15.89 55.20
CA LEU I 90 -43.99 -15.10 54.88
C LEU I 90 -43.12 -14.82 56.10
N SER I 91 -43.55 -15.24 57.28
CA SER I 91 -42.81 -15.06 58.52
C SER I 91 -42.10 -16.36 58.87
N TYR I 92 -41.57 -16.44 60.10
CA TYR I 92 -40.78 -17.58 60.52
C TYR I 92 -41.63 -18.86 60.53
N SER I 93 -40.95 -19.99 60.72
CA SER I 93 -41.59 -21.29 60.60
C SER I 93 -42.34 -21.68 61.87
N ARG I 94 -41.63 -21.73 62.99
CA ARG I 94 -42.21 -22.24 64.23
C ARG I 94 -43.36 -21.35 64.69
N ILE I 95 -44.47 -21.98 65.09
CA ILE I 95 -45.65 -21.30 65.56
C ILE I 95 -45.80 -21.57 67.06
N SER I 96 -45.79 -20.50 67.85
CA SER I 96 -45.93 -20.61 69.28
C SER I 96 -47.40 -20.62 69.67
N LEU I 97 -47.66 -20.94 70.94
CA LEU I 97 -49.02 -21.01 71.46
C LEU I 97 -49.45 -19.71 72.15
N ALA I 98 -48.51 -18.86 72.54
CA ALA I 98 -48.82 -17.61 73.22
C ALA I 98 -48.35 -16.39 72.45
N ASP I 99 -47.11 -16.38 71.96
CA ASP I 99 -46.56 -15.19 71.33
C ASP I 99 -47.26 -14.88 70.01
N ILE I 100 -47.16 -15.80 69.04
CA ILE I 100 -47.75 -15.55 67.73
C ILE I 100 -49.23 -15.84 67.71
N ALA I 101 -49.72 -16.72 68.59
CA ALA I 101 -51.16 -16.96 68.67
C ALA I 101 -51.86 -15.76 69.31
N GLN I 102 -51.31 -15.23 70.39
CA GLN I 102 -51.83 -14.00 70.97
C GLN I 102 -51.63 -12.82 70.02
N LYS I 103 -50.56 -12.84 69.21
CA LYS I 103 -50.34 -11.78 68.25
C LYS I 103 -51.39 -11.81 67.14
N LEU I 104 -51.81 -13.00 66.72
CA LEU I 104 -52.81 -13.15 65.68
C LEU I 104 -54.24 -13.07 66.21
N GLN I 105 -54.42 -12.64 67.46
CA GLN I 105 -55.75 -12.52 68.07
C GLN I 105 -56.50 -13.84 68.06
N LEU I 106 -55.78 -14.96 68.15
CA LEU I 106 -56.37 -16.29 68.13
C LEU I 106 -55.55 -17.17 69.07
N ASP I 107 -56.04 -17.33 70.30
CA ASP I 107 -55.33 -18.05 71.35
C ASP I 107 -56.08 -19.34 71.68
N SER I 108 -55.79 -20.40 70.92
CA SER I 108 -56.34 -21.73 71.16
C SER I 108 -55.55 -22.75 70.35
N PRO I 109 -55.33 -23.95 70.90
CA PRO I 109 -54.48 -24.92 70.18
C PRO I 109 -55.16 -25.54 68.97
N GLU I 110 -56.47 -25.77 69.02
CA GLU I 110 -57.14 -26.50 67.95
C GLU I 110 -57.27 -25.64 66.69
N ASP I 111 -57.88 -24.46 66.81
CA ASP I 111 -58.11 -23.62 65.65
C ASP I 111 -56.82 -23.05 65.07
N ALA I 112 -55.73 -23.04 65.85
CA ALA I 112 -54.45 -22.59 65.32
C ALA I 112 -53.97 -23.51 64.19
N GLU I 113 -53.71 -24.78 64.53
CA GLU I 113 -53.30 -25.75 63.52
C GLU I 113 -54.42 -26.05 62.53
N PHE I 114 -55.68 -25.86 62.93
CA PHE I 114 -56.80 -26.12 62.03
C PHE I 114 -56.86 -25.07 60.92
N ILE I 115 -56.78 -23.80 61.29
CA ILE I 115 -56.85 -22.74 60.29
C ILE I 115 -55.53 -22.61 59.52
N VAL I 116 -54.40 -22.81 60.20
CA VAL I 116 -53.12 -22.87 59.48
C VAL I 116 -53.14 -24.01 58.46
N ALA I 117 -53.74 -25.15 58.84
CA ALA I 117 -53.90 -26.24 57.87
C ALA I 117 -54.87 -25.85 56.75
N LYS I 118 -55.87 -25.02 57.06
CA LYS I 118 -56.73 -24.50 56.01
C LYS I 118 -55.96 -23.58 55.07
N ALA I 119 -54.89 -22.95 55.55
CA ALA I 119 -54.00 -22.20 54.68
C ALA I 119 -53.02 -23.10 53.94
N ILE I 120 -52.74 -24.29 54.47
CA ILE I 120 -51.84 -25.23 53.80
C ILE I 120 -52.55 -25.93 52.65
N ARG I 121 -53.83 -26.25 52.83
CA ARG I 121 -54.59 -26.93 51.78
C ARG I 121 -54.85 -26.06 50.57
N ASP I 122 -54.51 -24.77 50.62
CA ASP I 122 -54.71 -23.90 49.47
C ASP I 122 -53.75 -24.26 48.34
N GLY I 123 -52.49 -24.54 48.66
CA GLY I 123 -51.48 -24.89 47.69
C GLY I 123 -50.58 -23.75 47.27
N VAL I 124 -50.85 -22.52 47.71
CA VAL I 124 -50.00 -21.38 47.36
C VAL I 124 -48.75 -21.30 48.21
N ILE I 125 -48.69 -22.03 49.33
CA ILE I 125 -47.53 -22.02 50.20
C ILE I 125 -46.95 -23.42 50.30
N GLU I 126 -45.85 -23.56 51.03
CA GLU I 126 -45.18 -24.84 51.21
C GLU I 126 -44.83 -25.01 52.68
N ALA I 127 -45.26 -26.13 53.26
CA ALA I 127 -45.02 -26.39 54.68
C ALA I 127 -44.83 -27.89 54.88
N SER I 128 -44.16 -28.24 55.98
CA SER I 128 -43.88 -29.61 56.35
C SER I 128 -44.61 -29.90 57.66
N ILE I 129 -45.77 -30.57 57.57
CA ILE I 129 -46.58 -30.86 58.75
C ILE I 129 -45.93 -32.03 59.49
N ASN I 130 -45.39 -31.75 60.68
CA ASN I 130 -44.76 -32.76 61.50
C ASN I 130 -45.16 -32.55 62.95
N HIS I 131 -45.45 -33.65 63.66
CA HIS I 131 -45.85 -33.61 65.06
C HIS I 131 -44.96 -34.57 65.84
N GLU I 132 -43.99 -34.03 66.58
CA GLU I 132 -43.10 -34.82 67.41
C GLU I 132 -43.40 -34.68 68.90
N LYS I 133 -43.43 -33.45 69.41
CA LYS I 133 -43.76 -33.20 70.81
C LYS I 133 -45.03 -32.37 70.98
N GLY I 134 -45.72 -32.03 69.90
CA GLY I 134 -46.91 -31.22 69.94
C GLY I 134 -46.81 -29.94 69.14
N TYR I 135 -45.61 -29.41 68.94
CA TYR I 135 -45.43 -28.22 68.13
C TYR I 135 -45.51 -28.56 66.65
N VAL I 136 -46.05 -27.62 65.87
CA VAL I 136 -46.21 -27.79 64.43
C VAL I 136 -45.08 -27.06 63.73
N GLN I 137 -44.25 -27.81 63.01
CA GLN I 137 -43.12 -27.24 62.29
C GLN I 137 -43.49 -27.00 60.83
N SER I 138 -42.55 -26.45 60.07
CA SER I 138 -42.75 -26.18 58.65
C SER I 138 -41.40 -25.88 58.03
N LYS I 139 -41.19 -26.39 56.81
CA LYS I 139 -39.93 -26.14 56.11
C LYS I 139 -39.92 -24.78 55.41
N GLU I 140 -41.11 -24.30 55.02
CA GLU I 140 -41.32 -22.98 54.40
C GLU I 140 -40.26 -22.63 53.37
N MET I 141 -39.83 -23.61 52.57
CA MET I 141 -38.81 -23.39 51.57
C MET I 141 -39.39 -22.57 50.42
N ILE I 142 -39.08 -21.28 50.41
CA ILE I 142 -39.49 -20.40 49.32
C ILE I 142 -38.31 -20.08 48.40
N ASP I 143 -37.30 -20.95 48.37
CA ASP I 143 -36.15 -20.75 47.50
C ASP I 143 -36.57 -20.81 46.04
N ILE I 144 -36.16 -19.80 45.27
CA ILE I 144 -36.50 -19.72 43.86
C ILE I 144 -35.78 -20.81 43.09
N TYR I 145 -36.15 -21.00 41.82
CA TYR I 145 -35.64 -22.08 40.99
C TYR I 145 -34.16 -21.93 40.63
N SER I 146 -33.44 -20.95 41.18
CA SER I 146 -32.01 -20.82 40.92
C SER I 146 -31.27 -22.09 41.33
N THR I 147 -30.62 -22.73 40.36
CA THR I 147 -29.92 -24.00 40.54
C THR I 147 -30.85 -25.08 41.09
N ARG I 148 -32.12 -25.03 40.70
CA ARG I 148 -33.10 -26.05 41.09
C ARG I 148 -34.03 -26.26 39.89
N GLU I 149 -33.66 -27.23 39.05
CA GLU I 149 -34.39 -27.53 37.82
C GLU I 149 -34.66 -26.27 36.99
N PRO I 150 -33.61 -25.60 36.50
CA PRO I 150 -33.85 -24.32 35.79
C PRO I 150 -34.45 -24.51 34.40
N GLN I 151 -34.03 -25.54 33.68
CA GLN I 151 -34.49 -25.73 32.30
C GLN I 151 -36.01 -25.89 32.25
N LEU I 152 -36.54 -26.76 33.10
CA LEU I 152 -38.00 -26.90 33.20
C LEU I 152 -38.65 -25.67 33.82
N ALA I 153 -37.88 -24.86 34.55
CA ALA I 153 -38.46 -23.69 35.21
C ALA I 153 -38.74 -22.58 34.20
N PHE I 154 -37.70 -22.06 33.55
CA PHE I 154 -37.89 -20.99 32.58
C PHE I 154 -37.94 -21.49 31.15
N HIS I 155 -38.15 -22.80 30.93
CA HIS I 155 -38.37 -23.31 29.59
C HIS I 155 -39.58 -22.65 28.94
N GLN I 156 -40.74 -22.74 29.61
CA GLN I 156 -41.94 -22.08 29.11
C GLN I 156 -41.78 -20.56 29.07
N ARG I 157 -40.88 -20.01 29.88
CA ARG I 157 -40.58 -18.58 29.79
C ARG I 157 -39.87 -18.25 28.49
N ILE I 158 -38.92 -19.10 28.07
CA ILE I 158 -38.22 -18.88 26.81
C ILE I 158 -39.16 -19.09 25.64
N SER I 159 -39.97 -20.16 25.68
CA SER I 159 -40.89 -20.43 24.58
C SER I 159 -41.93 -19.32 24.44
N PHE I 160 -42.53 -18.92 25.57
CA PHE I 160 -43.56 -17.89 25.53
C PHE I 160 -42.99 -16.53 25.15
N CYS I 161 -41.84 -16.18 25.72
CA CYS I 161 -41.24 -14.89 25.40
C CYS I 161 -40.80 -14.82 23.94
N LEU I 162 -40.29 -15.94 23.41
CA LEU I 162 -39.94 -15.97 21.99
C LEU I 162 -41.19 -15.98 21.11
N ASP I 163 -42.31 -16.48 21.62
CA ASP I 163 -43.55 -16.43 20.85
C ASP I 163 -44.11 -15.01 20.79
N ILE I 164 -44.08 -14.30 21.92
CA ILE I 164 -44.59 -12.93 21.94
C ILE I 164 -43.66 -11.99 21.17
N HIS I 165 -42.35 -12.13 21.40
CA HIS I 165 -41.40 -11.30 20.67
C HIS I 165 -41.36 -11.67 19.19
N ASN I 166 -41.69 -12.92 18.85
CA ASN I 166 -41.67 -13.33 17.46
C ASN I 166 -42.92 -12.89 16.71
N MET I 167 -44.09 -12.92 17.38
CA MET I 167 -45.26 -12.29 16.79
C MET I 167 -45.13 -10.77 16.79
N SER I 168 -44.26 -10.22 17.64
CA SER I 168 -43.88 -8.82 17.51
C SER I 168 -42.97 -8.61 16.30
N VAL I 169 -42.15 -9.61 15.97
CA VAL I 169 -41.39 -9.56 14.72
C VAL I 169 -42.33 -9.59 13.53
N LYS I 170 -43.41 -10.37 13.61
CA LYS I 170 -44.45 -10.29 12.60
C LYS I 170 -45.10 -8.91 12.60
N ALA I 171 -45.25 -8.31 13.79
CA ALA I 171 -45.79 -6.97 13.94
C ALA I 171 -44.83 -5.88 13.51
N MET I 172 -43.58 -6.23 13.17
CA MET I 172 -42.67 -5.30 12.53
C MET I 172 -42.34 -5.70 11.10
N ARG I 173 -42.87 -6.83 10.63
CA ARG I 173 -42.75 -7.24 9.23
C ARG I 173 -43.97 -6.81 8.42
N PHE I 174 -45.18 -6.99 8.96
CA PHE I 174 -46.40 -6.69 8.23
C PHE I 174 -46.65 -5.19 8.02
N PRO I 175 -46.44 -4.33 9.01
CA PRO I 175 -46.67 -2.89 8.80
C PRO I 175 -45.78 -2.30 7.71
N PRO I 176 -44.54 -2.77 7.54
CA PRO I 176 -43.80 -2.34 6.34
C PRO I 176 -44.45 -2.77 5.04
N LYS I 177 -45.11 -3.93 5.01
CA LYS I 177 -45.89 -4.31 3.84
C LYS I 177 -47.07 -3.35 3.64
N SER I 178 -47.74 -2.99 4.74
CA SER I 178 -48.80 -1.99 4.67
C SER I 178 -48.26 -0.60 4.34
N TYR I 179 -46.95 -0.41 4.38
CA TYR I 179 -46.31 0.82 3.94
C TYR I 179 -46.01 0.80 2.45
N ASN I 180 -45.34 -0.25 1.98
CA ASN I 180 -44.98 -0.37 0.57
C ASN I 180 -46.13 -0.87 -0.29
N LYS I 181 -47.32 -1.05 0.27
CA LYS I 181 -48.45 -1.56 -0.52
C LYS I 181 -48.88 -0.55 -1.59
N ASP I 182 -48.89 0.73 -1.25
CA ASP I 182 -49.34 1.76 -2.19
C ASP I 182 -48.26 2.20 -3.17
N LEU I 183 -46.99 1.91 -2.88
CA LEU I 183 -45.90 2.33 -3.76
C LEU I 183 -44.86 1.23 -3.90
N MET J 1 77.32 -1.56 28.82
CA MET J 1 77.57 -2.96 28.50
C MET J 1 77.96 -3.72 29.77
N ALA J 2 77.55 -4.99 29.83
CA ALA J 2 77.82 -5.82 31.01
C ALA J 2 79.27 -6.30 31.07
N ASP J 3 80.11 -5.96 30.10
CA ASP J 3 81.50 -6.40 30.14
C ASP J 3 82.28 -5.74 31.26
N GLY J 4 81.81 -4.60 31.77
CA GLY J 4 82.47 -3.95 32.89
C GLY J 4 82.11 -4.59 34.21
N GLY J 5 80.84 -4.97 34.37
CA GLY J 5 80.40 -5.63 35.58
C GLY J 5 80.69 -7.11 35.64
N SER J 6 81.00 -7.73 34.50
CA SER J 6 81.32 -9.15 34.50
C SER J 6 82.64 -9.43 35.19
N GLU J 7 83.65 -8.57 34.94
CA GLU J 7 84.92 -8.73 35.62
C GLU J 7 84.79 -8.49 37.12
N ARG J 8 83.96 -7.52 37.51
CA ARG J 8 83.67 -7.30 38.93
C ARG J 8 82.90 -8.47 39.52
N ALA J 9 82.15 -9.20 38.69
CA ALA J 9 81.39 -10.34 39.19
C ALA J 9 82.29 -11.55 39.41
N ASP J 10 82.93 -12.04 38.35
CA ASP J 10 83.77 -13.23 38.48
C ASP J 10 85.05 -12.95 39.26
N GLY J 11 85.43 -11.69 39.43
CA GLY J 11 86.53 -11.34 40.30
C GLY J 11 86.06 -11.14 41.73
N ARG J 12 84.84 -10.61 41.87
CA ARG J 12 84.29 -10.39 43.20
C ARG J 12 83.96 -11.70 43.91
N ILE J 13 83.53 -12.72 43.17
CA ILE J 13 83.27 -14.02 43.77
C ILE J 13 84.56 -14.70 44.21
N VAL J 14 85.69 -14.34 43.61
CA VAL J 14 86.97 -14.92 44.02
C VAL J 14 87.57 -14.15 45.18
N LYS J 15 87.46 -12.82 45.16
CA LYS J 15 88.04 -12.01 46.22
C LYS J 15 87.20 -12.02 47.49
N MET J 16 85.89 -12.29 47.37
CA MET J 16 84.98 -12.28 48.52
C MET J 16 84.81 -13.71 49.01
N GLU J 17 85.72 -14.13 49.89
CA GLU J 17 85.67 -15.47 50.47
C GLU J 17 85.50 -15.45 51.99
N VAL J 18 86.34 -14.70 52.70
CA VAL J 18 86.32 -14.67 54.16
C VAL J 18 85.94 -13.31 54.72
N ASP J 19 85.88 -12.27 53.88
CA ASP J 19 85.63 -10.93 54.38
C ASP J 19 84.25 -10.83 55.03
N TYR J 20 84.16 -9.95 56.02
CA TYR J 20 82.93 -9.77 56.79
C TYR J 20 81.94 -8.92 55.99
N SER J 21 80.83 -8.54 56.63
CA SER J 21 79.78 -7.78 55.97
C SER J 21 80.18 -6.32 55.73
N ALA J 22 81.28 -5.85 56.32
CA ALA J 22 81.72 -4.48 56.06
C ALA J 22 82.16 -4.29 54.62
N THR J 23 82.78 -5.31 54.02
CA THR J 23 83.15 -5.23 52.62
C THR J 23 81.93 -5.21 51.71
N VAL J 24 80.81 -5.77 52.17
CA VAL J 24 79.56 -5.64 51.43
C VAL J 24 79.06 -4.19 51.51
N ASP J 25 79.21 -3.56 52.66
CA ASP J 25 78.90 -2.13 52.76
C ASP J 25 79.81 -1.30 51.88
N GLN J 26 81.04 -1.76 51.67
CA GLN J 26 81.91 -1.13 50.67
C GLN J 26 81.47 -1.46 49.26
N ARG J 27 80.77 -2.57 49.06
CA ARG J 27 80.24 -2.93 47.75
C ARG J 27 78.96 -2.19 47.41
N LEU J 28 78.26 -1.65 48.41
CA LEU J 28 77.02 -0.92 48.15
C LEU J 28 77.21 0.24 47.19
N PRO J 29 78.21 1.11 47.33
CA PRO J 29 78.44 2.13 46.29
C PRO J 29 78.99 1.56 45.01
N GLU J 30 79.64 0.39 45.04
CA GLU J 30 80.14 -0.22 43.82
C GLU J 30 79.01 -0.81 42.98
N CYS J 31 77.92 -1.24 43.63
CA CYS J 31 76.79 -1.83 42.92
C CYS J 31 75.65 -0.85 42.72
N ALA J 32 75.61 0.26 43.47
CA ALA J 32 74.57 1.26 43.26
C ALA J 32 74.71 1.91 41.89
N LYS J 33 75.89 2.45 41.59
CA LYS J 33 76.13 3.02 40.27
C LYS J 33 76.14 1.96 39.18
N LEU J 34 76.52 0.73 39.53
CA LEU J 34 76.50 -0.36 38.57
C LEU J 34 75.07 -0.72 38.18
N ALA J 35 74.12 -0.58 39.10
CA ALA J 35 72.72 -0.80 38.76
C ALA J 35 72.09 0.43 38.12
N LYS J 36 72.60 1.63 38.44
CA LYS J 36 72.09 2.84 37.81
C LYS J 36 72.49 2.90 36.34
N GLU J 37 73.71 2.49 36.02
CA GLU J 37 74.18 2.50 34.65
C GLU J 37 73.64 1.29 33.90
N GLY J 38 74.05 1.15 32.64
CA GLY J 38 73.61 0.03 31.82
C GLY J 38 72.19 0.18 31.33
N ARG J 39 71.94 1.19 30.49
CA ARG J 39 70.61 1.40 29.92
C ARG J 39 70.24 0.31 28.93
N LEU J 40 71.20 -0.47 28.45
CA LEU J 40 70.92 -1.52 27.48
C LEU J 40 69.91 -2.52 28.03
N GLN J 41 68.95 -2.90 27.18
CA GLN J 41 67.88 -3.78 27.63
C GLN J 41 68.35 -5.23 27.75
N GLU J 42 68.86 -5.79 26.65
CA GLU J 42 69.21 -7.20 26.60
C GLU J 42 70.67 -7.49 26.96
N VAL J 43 71.51 -6.46 27.06
CA VAL J 43 72.92 -6.67 27.33
C VAL J 43 73.21 -6.76 28.82
N ILE J 44 72.58 -5.89 29.62
CA ILE J 44 72.82 -5.87 31.06
C ILE J 44 72.11 -7.01 31.78
N GLU J 45 71.33 -7.82 31.07
CA GLU J 45 70.65 -8.95 31.69
C GLU J 45 71.64 -9.91 32.33
N THR J 46 72.80 -10.10 31.72
CA THR J 46 73.84 -10.93 32.32
C THR J 46 74.42 -10.28 33.57
N LEU J 47 74.57 -8.95 33.53
CA LEU J 47 75.07 -8.24 34.71
C LEU J 47 74.11 -8.37 35.89
N LEU J 48 72.81 -8.35 35.61
CA LEU J 48 71.82 -8.57 36.67
C LEU J 48 71.64 -10.04 37.01
N SER J 49 72.11 -10.94 36.15
CA SER J 49 72.12 -12.38 36.47
C SER J 49 73.44 -12.83 37.06
N LEU J 50 74.37 -11.91 37.29
CA LEU J 50 75.64 -12.22 37.96
C LEU J 50 75.82 -11.43 39.25
N GLU J 51 75.57 -10.12 39.22
CA GLU J 51 75.77 -9.31 40.42
C GLU J 51 74.85 -9.75 41.56
N LYS J 52 73.61 -10.08 41.23
CA LYS J 52 72.68 -10.54 42.27
C LYS J 52 73.15 -11.85 42.88
N GLN J 53 73.79 -12.71 42.08
CA GLN J 53 74.39 -13.93 42.61
C GLN J 53 75.67 -13.66 43.39
N THR J 54 76.34 -12.53 43.13
CA THR J 54 77.48 -12.15 43.96
C THR J 54 77.02 -11.66 45.34
N ARG J 55 75.98 -10.82 45.37
CA ARG J 55 75.52 -10.30 46.65
C ARG J 55 74.76 -11.35 47.45
N THR J 56 74.00 -12.21 46.77
CA THR J 56 73.34 -13.31 47.47
C THR J 56 74.30 -14.45 47.81
N ALA J 57 75.41 -14.56 47.07
CA ALA J 57 76.46 -15.49 47.47
C ALA J 57 77.19 -14.98 48.72
N SER J 58 77.44 -13.67 48.78
CA SER J 58 77.96 -13.08 50.01
C SER J 58 76.96 -13.21 51.15
N ASP J 59 75.66 -13.18 50.84
CA ASP J 59 74.65 -13.47 51.85
C ASP J 59 74.72 -14.92 52.30
N MET J 60 75.05 -15.83 51.39
CA MET J 60 75.22 -17.23 51.77
C MET J 60 76.43 -17.42 52.67
N VAL J 61 77.54 -16.76 52.35
CA VAL J 61 78.73 -16.85 53.18
C VAL J 61 78.47 -16.22 54.55
N SER J 62 77.73 -15.11 54.59
CA SER J 62 77.42 -14.47 55.86
C SER J 62 76.45 -15.30 56.68
N THR J 63 75.55 -16.04 56.03
CA THR J 63 74.59 -16.89 56.73
C THR J 63 75.09 -18.33 56.89
N SER J 64 76.34 -18.61 56.54
CA SER J 64 76.82 -19.99 56.58
C SER J 64 77.03 -20.47 58.02
N ARG J 65 77.93 -19.81 58.75
CA ARG J 65 78.31 -20.25 60.09
C ARG J 65 77.54 -19.55 61.19
N ILE J 66 77.66 -18.22 61.27
CA ILE J 66 77.02 -17.43 62.32
C ILE J 66 76.07 -16.45 61.66
N LEU J 67 74.88 -16.28 62.25
CA LEU J 67 73.85 -15.42 61.69
C LEU J 67 73.06 -14.78 62.82
N VAL J 68 73.02 -13.46 62.84
CA VAL J 68 72.17 -12.71 63.76
C VAL J 68 70.90 -12.33 63.02
N ALA J 69 71.03 -12.11 61.71
CA ALA J 69 69.95 -11.85 60.76
C ALA J 69 69.24 -10.53 60.99
N VAL J 70 69.64 -9.73 61.98
CA VAL J 70 69.01 -8.43 62.19
C VAL J 70 69.46 -7.45 61.13
N VAL J 71 70.78 -7.27 60.99
CA VAL J 71 71.32 -6.39 59.96
C VAL J 71 71.00 -6.94 58.57
N LYS J 72 70.93 -8.27 58.43
CA LYS J 72 70.62 -8.86 57.15
C LYS J 72 69.19 -8.51 56.71
N MET J 73 68.22 -8.66 57.60
CA MET J 73 66.86 -8.28 57.27
C MET J 73 66.67 -6.77 57.18
N CYS J 74 67.55 -6.00 57.85
CA CYS J 74 67.46 -4.55 57.75
C CYS J 74 68.01 -4.02 56.43
N TYR J 75 69.01 -4.70 55.86
CA TYR J 75 69.58 -4.27 54.58
C TYR J 75 68.54 -4.32 53.47
N GLU J 76 67.94 -5.50 53.25
CA GLU J 76 66.93 -5.62 52.21
C GLU J 76 65.62 -4.99 52.64
N ALA J 77 65.28 -5.09 53.93
CA ALA J 77 64.01 -4.51 54.40
C ALA J 77 64.00 -3.00 54.29
N LYS J 78 65.16 -2.35 54.37
CA LYS J 78 65.24 -0.91 54.25
C LYS J 78 65.70 -0.44 52.87
N GLU J 79 66.30 -1.31 52.08
CA GLU J 79 66.81 -0.97 50.75
C GLU J 79 66.14 -1.88 49.73
N TRP J 80 65.06 -1.40 49.13
CA TRP J 80 64.36 -2.12 48.07
C TRP J 80 64.46 -1.45 46.72
N ASP J 81 64.08 -0.18 46.62
CA ASP J 81 64.10 0.56 45.37
C ASP J 81 65.07 1.73 45.41
N LEU J 82 66.13 1.61 46.21
CA LEU J 82 67.11 2.69 46.31
C LEU J 82 67.78 2.94 44.96
N LEU J 83 68.07 1.88 44.21
CA LEU J 83 68.58 2.04 42.85
C LEU J 83 67.49 2.35 41.85
N ASN J 84 66.23 2.14 42.21
CA ASN J 84 65.09 2.39 41.32
C ASN J 84 64.45 3.75 41.55
N GLU J 85 65.00 4.56 42.45
CA GLU J 85 64.49 5.91 42.69
C GLU J 85 65.20 6.96 41.87
N ASN J 86 66.47 6.77 41.54
CA ASN J 86 67.21 7.74 40.73
C ASN J 86 66.97 7.54 39.25
N ILE J 87 66.66 6.31 38.82
CA ILE J 87 66.47 6.00 37.41
C ILE J 87 65.04 6.38 37.04
N MET J 88 64.90 7.43 36.23
CA MET J 88 63.58 7.87 35.77
C MET J 88 63.05 7.02 34.62
N LEU J 89 63.93 6.33 33.89
CA LEU J 89 63.53 5.51 32.75
C LEU J 89 63.48 4.06 33.21
N LEU J 90 62.31 3.63 33.67
CA LEU J 90 62.10 2.25 34.08
C LEU J 90 62.12 1.36 32.84
N SER J 91 63.08 0.43 32.78
CA SER J 91 63.29 -0.39 31.61
C SER J 91 62.27 -1.52 31.45
N LYS J 92 61.23 -1.55 32.29
CA LYS J 92 60.14 -2.51 32.23
C LYS J 92 60.62 -3.93 31.98
N ARG J 93 61.76 -4.30 32.57
CA ARG J 93 62.40 -5.58 32.32
C ARG J 93 61.54 -6.75 32.76
N ARG J 94 61.28 -6.87 34.06
CA ARG J 94 60.57 -8.00 34.66
C ARG J 94 61.08 -9.33 34.13
N SER J 95 62.41 -9.43 33.99
CA SER J 95 63.07 -10.66 33.56
C SER J 95 63.90 -11.29 34.66
N GLN J 96 64.70 -10.48 35.36
CA GLN J 96 65.47 -10.95 36.50
C GLN J 96 64.71 -10.81 37.82
N LEU J 97 63.53 -10.20 37.80
CA LEU J 97 62.75 -10.07 39.02
C LEU J 97 62.17 -11.41 39.44
N LYS J 98 61.72 -12.22 38.48
CA LYS J 98 61.24 -13.55 38.81
C LYS J 98 62.37 -14.44 39.33
N GLN J 99 63.56 -14.29 38.76
CA GLN J 99 64.72 -14.99 39.29
C GLN J 99 65.16 -14.42 40.63
N ALA J 100 64.93 -13.12 40.84
CA ALA J 100 65.24 -12.51 42.13
C ALA J 100 64.37 -13.09 43.24
N VAL J 101 63.05 -13.00 43.07
CA VAL J 101 62.13 -13.47 44.10
C VAL J 101 62.20 -14.99 44.23
N ALA J 102 62.37 -15.69 43.11
CA ALA J 102 62.47 -17.14 43.15
C ALA J 102 63.76 -17.59 43.83
N LYS J 103 64.85 -16.84 43.65
CA LYS J 103 66.09 -17.17 44.33
C LYS J 103 66.03 -16.81 45.81
N MET J 104 65.31 -15.74 46.15
CA MET J 104 65.12 -15.40 47.56
C MET J 104 64.29 -16.45 48.28
N VAL J 105 63.21 -16.92 47.64
CA VAL J 105 62.41 -17.98 48.24
C VAL J 105 63.12 -19.33 48.17
N GLN J 106 64.12 -19.46 47.29
CA GLN J 106 64.92 -20.68 47.27
C GLN J 106 65.91 -20.70 48.43
N GLN J 107 66.58 -19.58 48.69
CA GLN J 107 67.47 -19.50 49.84
C GLN J 107 66.70 -19.57 51.14
N CYS J 108 65.54 -18.90 51.21
CA CYS J 108 64.67 -19.04 52.37
C CYS J 108 64.09 -20.44 52.48
N CYS J 109 64.00 -21.16 51.36
CA CYS J 109 63.59 -22.55 51.39
C CYS J 109 64.68 -23.45 51.94
N THR J 110 65.95 -23.12 51.67
CA THR J 110 67.06 -23.83 52.27
C THR J 110 67.29 -23.41 53.73
N TYR J 111 66.73 -22.27 54.14
CA TYR J 111 66.85 -21.79 55.50
C TYR J 111 65.53 -21.82 56.26
N VAL J 112 64.55 -22.58 55.77
CA VAL J 112 63.20 -22.53 56.33
C VAL J 112 62.86 -23.74 57.18
N GLU J 113 63.68 -24.79 57.15
CA GLU J 113 63.34 -26.00 57.91
C GLU J 113 63.57 -25.80 59.40
N GLU J 114 64.83 -25.66 59.80
CA GLU J 114 65.17 -25.41 61.21
C GLU J 114 66.53 -24.74 61.25
N ILE J 115 66.55 -23.43 61.52
CA ILE J 115 67.81 -22.73 61.76
C ILE J 115 67.72 -21.94 63.06
N THR J 116 66.72 -21.07 63.17
CA THR J 116 66.53 -20.24 64.35
C THR J 116 65.14 -19.63 64.31
N ASP J 117 64.35 -19.85 65.37
CA ASP J 117 62.95 -19.46 65.36
C ASP J 117 62.74 -17.95 65.37
N LEU J 118 63.76 -17.16 65.70
CA LEU J 118 63.56 -15.73 65.85
C LEU J 118 63.43 -14.99 64.51
N PRO J 119 64.39 -15.13 63.57
CA PRO J 119 64.31 -14.33 62.34
C PRO J 119 63.25 -14.79 61.36
N ILE J 120 62.67 -15.98 61.52
CA ILE J 120 61.72 -16.48 60.53
C ILE J 120 60.40 -15.73 60.61
N LYS J 121 60.00 -15.30 61.81
CA LYS J 121 58.73 -14.60 61.95
C LYS J 121 58.84 -13.17 61.40
N LEU J 122 60.00 -12.53 61.55
CA LEU J 122 60.19 -11.20 61.00
C LEU J 122 60.43 -11.23 59.50
N ARG J 123 61.14 -12.26 59.01
CA ARG J 123 61.35 -12.41 57.58
C ARG J 123 60.04 -12.73 56.86
N LEU J 124 59.24 -13.63 57.43
CA LEU J 124 57.96 -13.97 56.81
C LEU J 124 56.96 -12.83 56.94
N ILE J 125 56.92 -12.17 58.11
CA ILE J 125 56.06 -11.01 58.26
C ILE J 125 56.51 -9.86 57.37
N ASP J 126 57.78 -9.87 56.94
CA ASP J 126 58.25 -8.88 55.99
C ASP J 126 57.84 -9.24 54.57
N THR J 127 58.01 -10.50 54.18
CA THR J 127 57.71 -10.89 52.81
C THR J 127 56.21 -10.96 52.53
N LEU J 128 55.37 -11.19 53.54
CA LEU J 128 53.93 -11.11 53.31
C LEU J 128 53.46 -9.67 53.16
N ARG J 129 54.22 -8.71 53.69
CA ARG J 129 53.97 -7.31 53.35
C ARG J 129 54.57 -6.96 52.00
N MET J 130 55.63 -7.66 51.59
CA MET J 130 56.13 -7.51 50.22
C MET J 130 55.16 -8.07 49.19
N VAL J 131 54.30 -9.01 49.59
CA VAL J 131 53.23 -9.46 48.70
C VAL J 131 52.29 -8.30 48.38
N THR J 132 51.92 -7.53 49.41
CA THR J 132 51.03 -6.39 49.19
C THR J 132 51.76 -5.26 48.46
N GLU J 133 53.04 -5.05 48.78
CA GLU J 133 53.79 -3.98 48.16
C GLU J 133 54.21 -4.29 46.73
N GLY J 134 54.16 -5.55 46.30
CA GLY J 134 54.52 -5.91 44.95
C GLY J 134 53.48 -5.51 43.92
N LYS J 135 52.30 -6.13 44.01
CA LYS J 135 51.15 -5.82 43.16
C LYS J 135 51.34 -6.27 41.73
N ILE J 136 52.55 -6.73 41.38
CA ILE J 136 52.86 -7.20 40.04
C ILE J 136 53.74 -8.44 40.18
N TYR J 137 53.16 -9.62 39.92
CA TYR J 137 53.91 -10.86 40.00
C TYR J 137 53.12 -11.95 39.28
N VAL J 138 53.78 -13.08 39.06
CA VAL J 138 53.17 -14.22 38.39
C VAL J 138 52.23 -14.93 39.36
N GLU J 139 52.20 -14.45 40.62
CA GLU J 139 51.33 -15.00 41.66
C GLU J 139 51.66 -16.47 41.95
N ILE J 140 52.96 -16.75 42.08
CA ILE J 140 53.43 -18.09 42.39
C ILE J 140 54.14 -18.07 43.74
N GLU J 141 55.16 -17.22 43.86
CA GLU J 141 55.90 -17.11 45.11
C GLU J 141 55.06 -16.43 46.19
N ARG J 142 54.25 -15.44 45.79
CA ARG J 142 53.40 -14.75 46.75
C ARG J 142 52.45 -15.72 47.44
N ALA J 143 51.92 -16.69 46.69
CA ALA J 143 51.13 -17.76 47.31
C ALA J 143 52.02 -18.77 48.01
N ARG J 144 53.24 -18.97 47.51
CA ARG J 144 54.14 -19.96 48.09
C ARG J 144 54.49 -19.63 49.53
N LEU J 145 54.86 -18.37 49.80
CA LEU J 145 55.29 -18.00 51.15
C LEU J 145 54.13 -18.07 52.13
N THR J 146 52.93 -17.67 51.71
CA THR J 146 51.79 -17.63 52.61
C THR J 146 51.16 -19.00 52.81
N LYS J 147 51.32 -19.93 51.86
CA LYS J 147 50.86 -21.29 52.09
C LYS J 147 51.88 -22.14 52.83
N THR J 148 53.17 -21.88 52.64
CA THR J 148 54.19 -22.55 53.45
C THR J 148 54.24 -21.98 54.86
N LEU J 149 53.74 -20.75 55.05
CA LEU J 149 53.52 -20.25 56.41
C LEU J 149 52.20 -20.77 56.98
N ALA J 150 51.18 -20.88 56.14
CA ALA J 150 49.89 -21.40 56.59
C ALA J 150 49.99 -22.86 57.03
N THR J 151 50.86 -23.64 56.40
CA THR J 151 51.07 -25.01 56.83
C THR J 151 51.65 -25.06 58.24
N ILE J 152 52.53 -24.11 58.57
CA ILE J 152 53.04 -24.01 59.93
C ILE J 152 51.95 -23.54 60.88
N LYS J 153 51.08 -22.64 60.40
CA LYS J 153 49.97 -22.17 61.22
C LYS J 153 48.94 -23.26 61.46
N GLU J 154 48.94 -24.32 60.64
CA GLU J 154 48.02 -25.44 60.87
C GLU J 154 48.34 -26.15 62.18
N GLN J 155 49.60 -26.49 62.39
CA GLN J 155 50.02 -27.11 63.64
C GLN J 155 50.33 -26.10 64.74
N ASN J 156 50.40 -24.80 64.41
CA ASN J 156 50.64 -23.79 65.43
C ASN J 156 49.42 -23.55 66.30
N GLY J 157 48.23 -23.88 65.83
CA GLY J 157 47.01 -23.70 66.59
C GLY J 157 46.38 -22.34 66.47
N ASP J 158 46.93 -21.43 65.66
CA ASP J 158 46.40 -20.09 65.48
C ASP J 158 45.68 -20.05 64.13
N VAL J 159 44.34 -20.08 64.18
CA VAL J 159 43.53 -20.08 62.97
C VAL J 159 43.08 -18.67 62.59
N LYS J 160 43.64 -17.64 63.25
CA LYS J 160 43.27 -16.27 62.93
C LYS J 160 43.76 -15.83 61.56
N GLU J 161 44.81 -16.46 61.04
CA GLU J 161 45.36 -16.10 59.73
C GLU J 161 44.51 -16.62 58.57
N ALA J 162 43.40 -17.31 58.86
CA ALA J 162 42.54 -17.82 57.79
C ALA J 162 41.98 -16.70 56.94
N ALA J 163 41.58 -15.59 57.58
CA ALA J 163 41.11 -14.43 56.82
C ALA J 163 42.23 -13.82 55.99
N SER J 164 43.49 -13.98 56.44
CA SER J 164 44.61 -13.43 55.69
C SER J 164 44.90 -14.27 54.45
N ILE J 165 45.03 -15.59 54.61
CA ILE J 165 45.34 -16.44 53.47
C ILE J 165 44.17 -16.50 52.50
N LEU J 166 42.95 -16.60 53.00
CA LEU J 166 41.78 -16.68 52.14
C LEU J 166 41.37 -15.31 51.60
N GLN J 167 41.78 -14.23 52.25
CA GLN J 167 41.55 -12.90 51.70
C GLN J 167 42.56 -12.57 50.61
N GLU J 168 43.82 -12.96 50.80
CA GLU J 168 44.84 -12.74 49.78
C GLU J 168 44.75 -13.74 48.64
N LEU J 169 44.05 -14.86 48.84
CA LEU J 169 43.93 -15.85 47.77
C LEU J 169 43.12 -15.31 46.59
N GLN J 170 42.09 -14.50 46.87
CA GLN J 170 41.32 -13.90 45.79
C GLN J 170 42.18 -13.01 44.91
N VAL J 171 43.10 -12.24 45.52
CA VAL J 171 44.02 -11.42 44.74
C VAL J 171 45.04 -12.30 44.03
N GLU J 172 45.44 -13.40 44.67
CA GLU J 172 46.44 -14.29 44.10
C GLU J 172 45.88 -15.27 43.08
N THR J 173 44.58 -15.20 42.78
CA THR J 173 43.97 -16.04 41.77
C THR J 173 43.35 -15.28 40.60
N TYR J 174 43.31 -13.95 40.66
CA TYR J 174 42.78 -13.13 39.58
C TYR J 174 43.86 -12.20 39.06
N GLY J 175 43.89 -12.01 37.74
CA GLY J 175 44.89 -11.21 37.09
C GLY J 175 45.94 -11.99 36.33
N SER J 176 45.88 -13.33 36.36
CA SER J 176 46.85 -14.16 35.66
C SER J 176 46.14 -15.42 35.19
N MET J 177 46.86 -16.21 34.39
CA MET J 177 46.34 -17.46 33.84
C MET J 177 47.13 -18.61 34.44
N GLU J 178 46.51 -19.31 35.40
CA GLU J 178 47.15 -20.43 36.09
C GLU J 178 46.24 -21.64 35.96
N LYS J 179 46.74 -22.69 35.31
CA LYS J 179 45.98 -23.92 35.14
C LYS J 179 46.35 -24.98 36.19
N LYS J 180 47.65 -25.29 36.30
CA LYS J 180 48.08 -26.32 37.24
C LYS J 180 48.20 -25.79 38.66
N GLU J 181 48.82 -24.62 38.82
CA GLU J 181 49.06 -24.09 40.17
C GLU J 181 47.76 -23.66 40.85
N ARG J 182 46.74 -23.29 40.07
CA ARG J 182 45.49 -22.83 40.66
C ARG J 182 44.75 -23.97 41.36
N VAL J 183 44.80 -25.17 40.78
CA VAL J 183 44.15 -26.31 41.41
C VAL J 183 44.97 -26.80 42.60
N GLU J 184 46.30 -26.75 42.50
CA GLU J 184 47.15 -27.19 43.60
C GLU J 184 47.07 -26.23 44.78
N PHE J 185 46.80 -24.95 44.52
CA PHE J 185 46.70 -23.94 45.58
C PHE J 185 45.26 -23.66 45.99
N ILE J 186 44.27 -24.20 45.27
CA ILE J 186 42.87 -23.92 45.58
C ILE J 186 42.35 -24.77 46.73
N LEU J 187 43.11 -25.78 47.18
CA LEU J 187 42.67 -26.60 48.30
C LEU J 187 42.73 -25.84 49.63
N GLU J 188 43.48 -24.74 49.69
CA GLU J 188 43.52 -23.93 50.90
C GLU J 188 42.18 -23.26 51.18
N GLN J 189 41.34 -23.10 50.16
CA GLN J 189 40.02 -22.51 50.37
C GLN J 189 39.20 -23.30 51.38
N MET J 190 39.15 -24.62 51.22
CA MET J 190 38.43 -25.49 52.13
C MET J 190 39.35 -26.29 53.04
N ARG J 191 40.63 -25.94 53.10
CA ARG J 191 41.55 -26.63 53.99
C ARG J 191 41.29 -26.25 55.45
N LEU J 192 41.42 -24.95 55.76
CA LEU J 192 41.16 -24.46 57.10
C LEU J 192 39.67 -24.24 57.38
N CYS J 193 38.81 -24.47 56.39
CA CYS J 193 37.38 -24.26 56.59
C CYS J 193 36.79 -25.24 57.60
N LEU J 194 37.43 -26.40 57.80
CA LEU J 194 36.99 -27.31 58.86
C LEU J 194 37.16 -26.67 60.23
N ALA J 195 38.22 -25.88 60.40
CA ALA J 195 38.42 -25.17 61.67
C ALA J 195 37.64 -23.87 61.73
N VAL J 196 37.37 -23.24 60.58
CA VAL J 196 36.64 -21.97 60.57
C VAL J 196 35.14 -22.18 60.60
N LYS J 197 34.62 -23.00 59.68
CA LYS J 197 33.20 -23.34 59.61
C LYS J 197 32.33 -22.09 59.45
N ASP J 198 32.77 -21.16 58.61
CA ASP J 198 32.02 -19.94 58.34
C ASP J 198 31.13 -20.18 57.12
N TYR J 199 29.81 -20.08 57.33
CA TYR J 199 28.87 -20.39 56.25
C TYR J 199 28.94 -19.37 55.12
N ILE J 200 29.06 -18.08 55.46
CA ILE J 200 29.14 -17.06 54.41
C ILE J 200 30.45 -17.19 53.65
N ARG J 201 31.51 -17.64 54.31
CA ARG J 201 32.78 -17.88 53.62
C ARG J 201 32.66 -19.04 52.65
N THR J 202 31.90 -20.08 53.02
CA THR J 202 31.64 -21.17 52.07
C THR J 202 30.77 -20.68 50.91
N GLN J 203 29.84 -19.76 51.19
CA GLN J 203 29.04 -19.19 50.12
C GLN J 203 29.88 -18.37 49.15
N ILE J 204 30.92 -17.70 49.65
CA ILE J 204 31.79 -16.92 48.76
C ILE J 204 32.73 -17.84 48.00
N ILE J 205 33.58 -18.56 48.72
CA ILE J 205 34.59 -19.43 48.11
C ILE J 205 33.92 -20.53 47.30
N SER J 206 31.47 -22.58 47.31
CA SER J 206 31.95 -23.18 46.07
C SER J 206 31.75 -22.22 44.89
N LYS J 207 31.19 -21.04 45.20
CA LYS J 207 30.91 -20.06 44.15
C LYS J 207 32.17 -19.62 43.42
N LYS J 208 33.19 -19.20 44.18
CA LYS J 208 34.47 -18.86 43.57
C LYS J 208 35.29 -20.08 43.19
N ILE J 209 34.82 -21.29 43.51
CA ILE J 209 35.55 -22.50 43.20
C ILE J 209 35.20 -23.00 41.81
N ASN J 210 33.90 -23.10 41.52
CA ASN J 210 33.42 -23.72 40.27
C ASN J 210 33.16 -22.70 39.18
N THR J 211 33.93 -21.61 39.14
CA THR J 211 33.68 -20.56 38.15
C THR J 211 33.80 -21.09 36.73
N LYS J 212 34.99 -21.52 36.31
CA LYS J 212 35.20 -22.10 34.98
C LYS J 212 36.18 -23.27 35.10
N PHE J 213 35.63 -24.46 35.30
CA PHE J 213 36.41 -25.70 35.27
C PHE J 213 35.50 -26.91 35.19
N PHE J 214 35.63 -27.73 34.13
CA PHE J 214 34.86 -28.96 34.06
C PHE J 214 35.74 -30.21 34.06
N GLN J 215 36.59 -30.40 33.07
CA GLN J 215 37.44 -31.59 33.06
C GLN J 215 38.89 -31.31 32.69
N GLU J 216 39.14 -30.41 31.76
CA GLU J 216 40.40 -30.36 31.04
C GLU J 216 41.44 -29.46 31.74
N GLU J 217 42.65 -29.48 31.16
CA GLU J 217 43.79 -28.65 31.55
C GLU J 217 44.08 -28.68 33.05
N ASN J 218 43.64 -29.72 33.76
CA ASN J 218 43.89 -29.83 35.19
C ASN J 218 44.01 -31.32 35.53
N THR J 219 45.23 -31.85 35.64
CA THR J 219 45.39 -33.27 35.97
C THR J 219 46.06 -33.45 37.35
N GLU J 220 45.41 -34.20 38.24
CA GLU J 220 45.96 -34.41 39.59
C GLU J 220 46.23 -35.83 40.13
N LYS J 221 45.66 -36.83 39.48
CA LYS J 221 45.79 -38.24 39.84
C LYS J 221 44.80 -38.59 40.94
N LEU J 222 44.21 -37.56 41.54
CA LEU J 222 43.22 -37.72 42.61
C LEU J 222 42.07 -36.74 42.45
N LYS J 223 42.03 -36.05 41.32
CA LYS J 223 41.01 -35.04 41.06
C LYS J 223 39.69 -35.41 41.74
N LEU J 224 39.28 -36.68 41.61
CA LEU J 224 38.03 -37.11 42.23
C LEU J 224 38.10 -37.07 43.75
N LYS J 225 39.28 -37.33 44.31
CA LYS J 225 39.43 -37.24 45.77
C LYS J 225 39.23 -35.81 46.24
N TYR J 226 39.77 -34.84 45.51
CA TYR J 226 39.54 -33.45 45.87
C TYR J 226 38.11 -33.00 45.57
N TYR J 227 37.46 -33.67 44.62
CA TYR J 227 36.02 -33.44 44.41
C TYR J 227 35.23 -33.86 45.65
N ASN J 228 35.50 -35.07 46.15
CA ASN J 228 34.84 -35.51 47.37
C ASN J 228 35.24 -34.65 48.56
N LEU J 229 36.45 -34.08 48.55
CA LEU J 229 36.89 -33.20 49.62
C LEU J 229 36.39 -31.78 49.46
N MET J 230 35.76 -31.44 48.33
CA MET J 230 35.22 -30.10 48.13
C MET J 230 33.69 -30.06 48.12
N ILE J 231 33.01 -31.19 47.89
CA ILE J 231 31.56 -31.20 47.92
C ILE J 231 31.10 -32.02 49.12
N GLN J 232 31.91 -32.02 50.18
CA GLN J 232 31.52 -32.62 51.45
C GLN J 232 31.23 -31.59 52.54
N LEU J 233 31.92 -30.44 52.52
CA LEU J 233 31.61 -29.38 53.45
C LEU J 233 30.40 -28.58 53.02
N ASP J 234 30.07 -28.59 51.72
CA ASP J 234 28.81 -28.02 51.26
C ASP J 234 27.63 -28.91 51.61
N GLN J 235 27.87 -30.23 51.72
CA GLN J 235 26.88 -31.12 52.29
C GLN J 235 26.81 -30.99 53.80
N HIS J 236 27.93 -30.64 54.44
CA HIS J 236 27.91 -30.36 55.87
C HIS J 236 27.12 -29.10 56.17
N GLU J 237 27.24 -28.07 55.32
CA GLU J 237 26.50 -26.82 55.52
C GLU J 237 25.10 -26.90 54.94
N GLY J 238 24.94 -27.47 53.74
CA GLY J 238 23.63 -27.74 53.20
C GLY J 238 23.02 -28.96 53.84
N SER J 239 21.85 -29.35 53.32
CA SER J 239 21.17 -30.54 53.85
C SER J 239 21.06 -31.64 52.82
N TYR J 240 20.40 -31.40 51.69
CA TYR J 240 20.22 -32.48 50.72
C TYR J 240 20.55 -32.09 49.28
N LEU J 241 20.27 -30.85 48.89
CA LEU J 241 20.41 -30.45 47.49
C LEU J 241 21.85 -30.33 47.05
N SER J 242 22.80 -30.25 48.00
CA SER J 242 24.20 -30.05 47.64
C SER J 242 24.78 -31.24 46.89
N ILE J 243 24.27 -32.45 47.13
CA ILE J 243 24.79 -33.65 46.49
C ILE J 243 24.00 -34.09 45.27
N CYS J 244 22.86 -33.44 45.00
CA CYS J 244 22.03 -33.85 43.86
C CYS J 244 22.75 -33.61 42.54
N LYS J 245 23.45 -32.49 42.41
CA LYS J 245 24.22 -32.19 41.21
C LYS J 245 25.66 -32.70 41.29
N HIS J 246 26.08 -33.22 42.44
CA HIS J 246 27.43 -33.74 42.60
C HIS J 246 27.49 -35.23 42.31
N TYR J 247 26.58 -36.02 42.89
CA TYR J 247 26.62 -37.46 42.70
C TYR J 247 26.23 -37.88 41.28
N ARG J 248 25.75 -36.96 40.46
CA ARG J 248 25.47 -37.26 39.06
C ARG J 248 26.69 -37.14 38.17
N ALA J 249 27.82 -36.66 38.70
CA ALA J 249 29.03 -36.47 37.92
C ALA J 249 30.16 -37.39 38.36
N ILE J 250 29.92 -38.28 39.33
CA ILE J 250 30.93 -39.20 39.81
C ILE J 250 30.85 -40.55 39.09
N TYR J 251 30.15 -40.60 37.95
CA TYR J 251 30.03 -41.85 37.21
C TYR J 251 31.34 -42.21 36.50
N ASP J 252 32.21 -41.24 36.24
CA ASP J 252 33.51 -41.51 35.65
C ASP J 252 34.55 -41.95 36.67
N THR J 253 34.25 -41.85 37.96
CA THR J 253 35.19 -42.27 38.98
C THR J 253 35.51 -43.77 38.91
N PRO J 254 34.55 -44.68 38.72
CA PRO J 254 34.94 -46.10 38.53
C PRO J 254 35.74 -46.34 37.27
N CYS J 255 35.60 -45.49 36.25
CA CYS J 255 36.36 -45.68 35.03
C CYS J 255 37.82 -45.28 35.19
N ILE J 256 38.11 -44.34 36.10
CA ILE J 256 39.48 -43.87 36.26
C ILE J 256 40.28 -44.82 37.16
N GLN J 257 39.67 -45.30 38.23
CA GLN J 257 40.35 -46.12 39.23
C GLN J 257 39.74 -47.52 39.26
N ALA J 258 40.19 -48.32 40.23
CA ALA J 258 39.68 -49.68 40.36
C ALA J 258 38.21 -49.67 40.78
N GLU J 259 37.43 -50.54 40.17
CA GLU J 259 36.00 -50.64 40.43
C GLU J 259 35.68 -51.51 41.64
N SER J 260 36.69 -52.03 42.34
CA SER J 260 36.43 -52.89 43.49
C SER J 260 35.87 -52.08 44.66
N GLU J 261 36.43 -50.91 44.92
CA GLU J 261 35.99 -50.07 46.04
C GLU J 261 34.87 -49.11 45.66
N LYS J 262 34.48 -49.07 44.39
CA LYS J 262 33.40 -48.17 43.97
C LYS J 262 32.02 -48.67 44.35
N TRP J 263 31.89 -49.97 44.65
CA TRP J 263 30.61 -50.50 45.07
C TRP J 263 30.17 -49.90 46.42
N GLN J 264 31.13 -49.63 47.30
CA GLN J 264 30.81 -49.18 48.64
C GLN J 264 30.47 -47.69 48.70
N GLN J 265 31.03 -46.88 47.80
CA GLN J 265 30.82 -45.44 47.82
C GLN J 265 30.05 -44.94 46.60
N ALA J 266 30.54 -45.24 45.39
CA ALA J 266 29.91 -44.69 44.19
C ALA J 266 28.55 -45.32 43.94
N LEU J 267 28.48 -46.65 43.99
CA LEU J 267 27.21 -47.34 43.78
C LEU J 267 26.31 -47.27 45.01
N LYS J 268 26.82 -46.80 46.14
CA LYS J 268 25.96 -46.52 47.29
C LYS J 268 25.33 -45.13 47.17
N SER J 269 26.11 -44.14 46.77
CA SER J 269 25.62 -42.78 46.58
C SER J 269 24.95 -42.57 45.23
N VAL J 270 24.91 -43.60 44.38
CA VAL J 270 24.25 -43.47 43.09
C VAL J 270 22.73 -43.40 43.25
N VAL J 271 22.20 -43.83 44.39
CA VAL J 271 20.76 -43.79 44.62
C VAL J 271 20.35 -42.61 45.51
N LEU J 272 21.27 -42.04 46.28
CA LEU J 272 20.89 -41.00 47.23
C LEU J 272 20.56 -39.69 46.55
N TYR J 273 21.26 -39.33 45.46
CA TYR J 273 20.99 -38.07 44.79
C TYR J 273 19.65 -38.13 44.06
N VAL J 274 19.25 -39.32 43.58
CA VAL J 274 17.96 -39.47 42.91
C VAL J 274 16.84 -39.71 43.91
N ILE J 275 17.13 -40.15 45.12
CA ILE J 275 16.12 -40.18 46.17
C ILE J 275 15.84 -38.76 46.67
N LEU J 276 16.90 -37.99 46.91
CA LEU J 276 16.77 -36.61 47.36
C LEU J 276 16.52 -35.65 46.22
N ALA J 277 16.32 -36.15 45.00
CA ALA J 277 16.05 -35.28 43.87
C ALA J 277 14.66 -34.65 44.00
N PRO J 278 14.49 -33.42 43.48
CA PRO J 278 13.17 -32.78 43.54
C PRO J 278 12.13 -33.59 42.77
N PHE J 279 10.89 -33.51 43.24
CA PHE J 279 9.79 -34.29 42.68
C PHE J 279 9.19 -33.68 41.42
N ASP J 280 9.62 -32.49 41.03
CA ASP J 280 8.96 -31.80 39.92
C ASP J 280 9.45 -32.31 38.56
N ASN J 281 10.73 -32.14 38.27
CA ASN J 281 11.27 -32.48 36.96
C ASN J 281 12.48 -33.41 37.01
N GLU J 282 13.39 -33.22 37.97
CA GLU J 282 14.63 -33.98 37.96
C GLU J 282 14.41 -35.46 38.25
N GLN J 283 13.35 -35.79 39.01
CA GLN J 283 13.07 -37.19 39.28
C GLN J 283 12.62 -37.93 38.03
N SER J 284 11.96 -37.24 37.11
CA SER J 284 11.41 -37.90 35.93
C SER J 284 12.51 -38.34 34.96
N ASP J 285 13.49 -37.47 34.71
CA ASP J 285 14.53 -37.76 33.74
C ASP J 285 15.80 -38.31 34.37
N LEU J 286 16.09 -37.96 35.63
CA LEU J 286 17.33 -38.43 36.25
C LEU J 286 17.30 -39.92 36.58
N VAL J 287 16.13 -40.55 36.56
CA VAL J 287 16.07 -41.99 36.80
C VAL J 287 16.51 -42.79 35.58
N HIS J 288 16.54 -42.18 34.40
CA HIS J 288 16.97 -42.87 33.19
C HIS J 288 18.47 -42.82 32.97
N ARG J 289 19.19 -41.94 33.67
CA ARG J 289 20.64 -41.88 33.53
C ARG J 289 21.32 -43.08 34.20
N ILE J 290 20.71 -43.61 35.26
CA ILE J 290 21.27 -44.78 35.93
C ILE J 290 20.66 -46.09 35.44
N SER J 291 19.48 -46.04 34.82
CA SER J 291 18.86 -47.25 34.29
C SER J 291 19.62 -47.75 33.08
N GLY J 292 19.77 -49.07 32.99
CA GLY J 292 20.51 -49.70 31.91
C GLY J 292 21.89 -50.19 32.29
N ASP J 293 22.46 -49.65 33.37
CA ASP J 293 23.78 -50.10 33.82
C ASP J 293 23.69 -51.50 34.39
N LYS J 294 24.62 -52.37 34.01
CA LYS J 294 24.59 -53.76 34.47
C LYS J 294 24.93 -53.87 35.95
N LYS J 295 25.74 -52.93 36.47
CA LYS J 295 26.11 -52.95 37.88
C LYS J 295 24.98 -52.48 38.79
N LEU J 296 23.89 -51.95 38.24
CA LEU J 296 22.80 -51.46 39.08
C LEU J 296 21.97 -52.61 39.63
N GLU J 297 21.67 -53.62 38.81
CA GLU J 297 20.86 -54.74 39.27
C GLU J 297 21.60 -55.62 40.27
N GLU J 298 22.92 -55.57 40.29
CA GLU J 298 23.68 -56.38 41.24
C GLU J 298 23.58 -55.85 42.66
N ILE J 299 23.16 -54.61 42.84
CA ILE J 299 23.03 -54.03 44.18
C ILE J 299 21.77 -54.59 44.83
N PRO J 300 21.83 -55.02 46.09
CA PRO J 300 20.60 -55.48 46.77
C PRO J 300 19.56 -54.39 46.94
N LYS J 301 19.95 -53.12 46.86
CA LYS J 301 19.02 -52.00 46.97
C LYS J 301 18.30 -51.71 45.66
N TYR J 302 18.59 -52.48 44.60
CA TYR J 302 17.91 -52.27 43.32
C TYR J 302 16.40 -52.43 43.45
N LYS J 303 15.95 -53.36 44.30
CA LYS J 303 14.52 -53.51 44.54
C LYS J 303 13.94 -52.29 45.25
N ASP J 304 14.73 -51.64 46.10
CA ASP J 304 14.28 -50.41 46.74
C ASP J 304 14.21 -49.27 45.73
N LEU J 305 15.16 -49.24 44.78
CA LEU J 305 15.09 -48.27 43.70
C LEU J 305 13.85 -48.49 42.85
N LEU J 306 13.50 -49.76 42.59
CA LEU J 306 12.31 -50.07 41.82
C LEU J 306 11.04 -49.71 42.60
N LYS J 307 11.08 -49.84 43.93
CA LYS J 307 9.93 -49.42 44.74
C LYS J 307 9.82 -47.90 44.78
N LEU J 308 10.94 -47.19 44.69
CA LEU J 308 10.95 -45.74 44.67
C LEU J 308 10.88 -45.16 43.26
N PHE J 309 10.74 -46.01 42.24
CA PHE J 309 10.72 -45.52 40.86
C PHE J 309 9.40 -44.84 40.54
N THR J 310 8.30 -45.60 40.59
CA THR J 310 6.97 -45.07 40.32
C THR J 310 5.94 -46.08 40.81
N THR J 311 4.69 -45.63 40.90
CA THR J 311 3.58 -46.43 41.37
C THR J 311 3.90 -47.10 42.71
N MET J 312 4.21 -46.24 43.69
CA MET J 312 4.61 -46.72 45.01
C MET J 312 3.41 -47.28 45.74
N GLU J 313 3.34 -48.61 45.86
CA GLU J 313 2.28 -49.24 46.63
C GLU J 313 2.47 -48.95 48.11
N LEU J 314 1.35 -48.68 48.79
CA LEU J 314 1.40 -48.34 50.21
C LEU J 314 1.82 -49.58 51.01
N MET J 315 3.07 -49.58 51.46
CA MET J 315 3.64 -50.69 52.20
C MET J 315 4.20 -50.21 53.53
N ARG J 316 4.41 -51.16 54.44
CA ARG J 316 4.92 -50.84 55.76
C ARG J 316 6.44 -50.74 55.72
N TRP J 317 6.98 -49.72 56.41
CA TRP J 317 8.42 -49.51 56.46
C TRP J 317 9.13 -50.47 57.40
N SER J 318 8.38 -51.26 58.18
CA SER J 318 9.01 -52.24 59.07
C SER J 318 9.81 -53.26 58.27
N THR J 319 9.39 -53.57 57.04
CA THR J 319 10.18 -54.44 56.18
C THR J 319 11.48 -53.77 55.75
N LEU J 320 11.49 -52.44 55.67
CA LEU J 320 12.70 -51.70 55.38
C LEU J 320 13.57 -51.47 56.60
N VAL J 321 13.02 -51.67 57.80
CA VAL J 321 13.82 -51.50 59.02
C VAL J 321 14.96 -52.51 59.06
N GLU J 322 14.65 -53.78 58.83
CA GLU J 322 15.70 -54.80 58.82
C GLU J 322 16.58 -54.68 57.59
N ASP J 323 16.04 -54.13 56.49
CA ASP J 323 16.87 -53.90 55.31
C ASP J 323 17.93 -52.86 55.58
N TYR J 324 17.57 -51.77 56.26
CA TYR J 324 18.56 -50.75 56.63
C TYR J 324 19.47 -51.25 57.74
N GLY J 325 18.95 -52.09 58.64
CA GLY J 325 19.79 -52.64 59.70
C GLY J 325 20.88 -53.54 59.14
N MET J 326 20.52 -54.48 58.27
CA MET J 326 21.53 -55.28 57.60
C MET J 326 22.35 -54.43 56.63
N GLU J 327 21.81 -53.31 56.15
CA GLU J 327 22.61 -52.38 55.37
C GLU J 327 23.72 -51.76 56.21
N LEU J 328 23.50 -51.60 57.51
CA LEU J 328 24.57 -51.18 58.40
C LEU J 328 25.44 -52.35 58.85
N ARG J 329 24.89 -53.57 58.85
CA ARG J 329 25.63 -54.71 59.38
C ARG J 329 26.63 -55.26 58.37
N LYS J 330 26.20 -55.50 57.13
CA LYS J 330 27.06 -56.14 56.15
C LYS J 330 28.11 -55.16 55.62
N GLY J 331 29.33 -55.66 55.47
CA GLY J 331 30.44 -54.87 54.96
C GLY J 331 30.93 -55.23 53.58
N SER J 332 30.25 -56.11 52.86
CA SER J 332 30.71 -56.48 51.52
C SER J 332 30.52 -55.32 50.54
N LEU J 333 29.41 -54.61 50.64
CA LEU J 333 29.14 -53.45 49.80
C LEU J 333 28.39 -52.42 50.63
N GLU J 334 28.29 -51.21 50.07
CA GLU J 334 27.73 -50.03 50.76
C GLU J 334 28.16 -49.99 52.22
N SER J 335 29.47 -50.15 52.42
CA SER J 335 30.02 -50.23 53.77
C SER J 335 29.85 -48.96 54.61
N PRO J 336 30.10 -47.71 54.09
CA PRO J 336 30.09 -46.52 54.96
C PRO J 336 28.69 -46.08 55.41
N ALA J 337 27.88 -47.04 55.85
CA ALA J 337 26.60 -46.70 56.46
C ALA J 337 26.81 -46.09 57.85
N THR J 338 27.81 -46.58 58.58
CA THR J 338 28.20 -45.93 59.83
C THR J 338 28.79 -44.54 59.57
N ASP J 339 29.33 -44.31 58.37
CA ASP J 339 29.75 -42.96 58.00
C ASP J 339 28.56 -42.09 57.62
N VAL J 340 27.49 -42.69 57.08
CA VAL J 340 26.25 -41.96 56.92
C VAL J 340 25.68 -41.56 58.28
N PHE J 341 25.74 -42.47 59.25
CA PHE J 341 25.38 -42.19 60.63
C PHE J 341 26.55 -41.68 61.46
N GLY J 342 27.55 -41.07 60.83
CA GLY J 342 28.70 -40.58 61.57
C GLY J 342 28.33 -39.51 62.58
N SER J 343 27.66 -38.46 62.12
CA SER J 343 27.25 -37.38 63.01
C SER J 343 26.04 -37.80 63.84
N THR J 344 25.94 -37.24 65.05
CA THR J 344 24.85 -37.60 65.95
C THR J 344 23.51 -37.08 65.47
N GLU J 345 23.50 -35.97 64.74
CA GLU J 345 22.25 -35.35 64.30
C GLU J 345 22.04 -35.38 62.79
N GLU J 346 23.11 -35.41 62.01
CA GLU J 346 22.97 -35.42 60.55
C GLU J 346 22.29 -36.69 60.07
N GLY J 347 22.71 -37.85 60.58
CA GLY J 347 22.06 -39.10 60.21
C GLY J 347 20.62 -39.17 60.67
N GLU J 348 20.31 -38.57 61.83
CA GLU J 348 18.93 -38.53 62.30
C GLU J 348 18.08 -37.64 61.42
N LYS J 349 18.65 -36.55 60.91
CA LYS J 349 17.91 -35.70 59.97
C LYS J 349 17.71 -36.39 58.63
N ARG J 350 18.71 -37.15 58.19
CA ARG J 350 18.59 -37.91 56.94
C ARG J 350 17.56 -39.03 57.07
N TRP J 351 17.46 -39.63 58.26
CA TRP J 351 16.52 -40.73 58.45
C TRP J 351 15.10 -40.24 58.66
N LYS J 352 14.92 -39.26 59.54
CA LYS J 352 13.58 -38.71 59.78
C LYS J 352 13.07 -37.97 58.54
N ASP J 353 13.93 -37.21 57.89
CA ASP J 353 13.55 -36.55 56.64
C ASP J 353 13.49 -37.52 55.47
N LEU J 354 14.10 -38.71 55.61
CA LEU J 354 13.97 -39.73 54.58
C LEU J 354 12.61 -40.41 54.65
N LYS J 355 12.25 -40.92 55.83
CA LYS J 355 10.91 -41.50 55.99
C LYS J 355 9.82 -40.45 55.77
N ASN J 356 10.09 -39.21 56.19
CA ASN J 356 9.16 -38.12 55.88
C ASN J 356 9.10 -37.86 54.37
N ARG J 357 10.24 -37.97 53.69
CA ARG J 357 10.28 -37.68 52.26
C ARG J 357 9.52 -38.75 51.47
N VAL J 358 9.59 -40.00 51.89
CA VAL J 358 8.84 -41.04 51.18
C VAL J 358 7.38 -41.03 51.61
N VAL J 359 7.09 -40.68 52.87
CA VAL J 359 5.70 -40.59 53.31
C VAL J 359 5.01 -39.35 52.78
N GLU J 360 5.76 -38.42 52.20
CA GLU J 360 5.17 -37.33 51.41
C GLU J 360 5.14 -37.67 49.93
N HIS J 361 6.15 -38.37 49.44
CA HIS J 361 6.22 -38.73 48.03
C HIS J 361 5.09 -39.68 47.65
N ASN J 362 4.81 -40.66 48.50
CA ASN J 362 3.69 -41.56 48.21
C ASN J 362 2.36 -40.81 48.22
N ILE J 363 2.24 -39.76 49.05
CA ILE J 363 1.05 -38.91 49.01
C ILE J 363 1.00 -38.15 47.68
N ARG J 364 2.15 -37.72 47.17
CA ARG J 364 2.19 -37.05 45.88
C ARG J 364 1.90 -38.01 44.74
N ILE J 365 2.12 -39.31 44.93
CA ILE J 365 1.80 -40.28 43.89
C ILE J 365 0.32 -40.62 43.92
N MET J 366 -0.21 -40.93 45.11
CA MET J 366 -1.64 -41.22 45.23
C MET J 366 -2.51 -39.99 45.03
N ALA J 367 -1.93 -38.79 45.04
CA ALA J 367 -2.70 -37.59 44.77
C ALA J 367 -3.11 -37.48 43.30
N LYS J 368 -2.37 -38.12 42.40
CA LYS J 368 -2.77 -38.15 40.99
C LYS J 368 -4.05 -38.96 40.81
N TYR J 369 -4.14 -40.11 41.49
CA TYR J 369 -5.35 -40.91 41.44
C TYR J 369 -6.43 -40.29 42.32
N TYR J 370 -7.64 -40.20 41.78
CA TYR J 370 -8.77 -39.61 42.48
C TYR J 370 -9.57 -40.63 43.28
N THR J 371 -8.93 -41.73 43.70
CA THR J 371 -9.64 -42.85 44.30
C THR J 371 -10.22 -42.55 45.68
N ARG J 372 -9.93 -41.38 46.26
CA ARG J 372 -10.44 -41.00 47.58
C ARG J 372 -10.04 -42.02 48.64
N ILE J 373 -8.73 -42.05 48.91
CA ILE J 373 -8.13 -43.05 49.78
C ILE J 373 -8.61 -42.93 51.21
N THR J 374 -9.34 -41.85 51.53
CA THR J 374 -9.92 -41.62 52.85
C THR J 374 -8.82 -41.64 53.93
N MET J 375 -8.00 -40.58 53.90
CA MET J 375 -6.84 -40.48 54.76
C MET J 375 -7.14 -40.71 56.24
N LYS J 376 -8.42 -40.63 56.65
CA LYS J 376 -8.77 -41.01 58.01
C LYS J 376 -8.55 -42.49 58.24
N ARG J 377 -8.87 -43.33 57.25
CA ARG J 377 -8.57 -44.75 57.32
C ARG J 377 -7.09 -45.02 57.06
N MET J 378 -6.48 -44.22 56.17
CA MET J 378 -5.06 -44.38 55.89
C MET J 378 -4.21 -44.14 57.13
N ALA J 379 -4.63 -43.19 57.98
CA ALA J 379 -3.93 -42.97 59.24
C ALA J 379 -4.05 -44.18 60.16
N GLN J 380 -5.12 -44.95 60.03
CA GLN J 380 -5.27 -46.17 60.82
C GLN J 380 -4.43 -47.31 60.25
N LEU J 381 -4.33 -47.40 58.92
CA LEU J 381 -3.51 -48.44 58.31
C LEU J 381 -2.03 -48.17 58.50
N LEU J 382 -1.63 -46.90 58.57
CA LEU J 382 -0.23 -46.54 58.75
C LEU J 382 0.21 -46.59 60.22
N ASP J 383 -0.74 -46.73 61.15
CA ASP J 383 -0.44 -46.85 62.57
C ASP J 383 0.35 -45.66 63.08
N LEU J 384 -0.13 -44.45 62.78
CA LEU J 384 0.49 -43.23 63.23
C LEU J 384 -0.57 -42.24 63.69
N SER J 385 -0.14 -41.25 64.45
CA SER J 385 -1.06 -40.25 65.00
C SER J 385 -1.47 -39.24 63.93
N VAL J 386 -2.66 -38.69 64.11
CA VAL J 386 -3.18 -37.71 63.16
C VAL J 386 -2.53 -36.34 63.33
N ASP J 387 -1.85 -36.11 64.46
CA ASP J 387 -1.22 -34.80 64.67
C ASP J 387 -0.04 -34.61 63.72
N GLU J 388 0.81 -35.62 63.58
CA GLU J 388 1.90 -35.54 62.62
C GLU J 388 1.40 -35.67 61.18
N SER J 389 0.16 -36.12 60.98
CA SER J 389 -0.45 -36.01 59.67
C SER J 389 -0.91 -34.59 59.38
N GLU J 390 -1.34 -33.85 60.42
CA GLU J 390 -1.60 -32.43 60.27
C GLU J 390 -0.30 -31.67 60.03
N ALA J 391 0.80 -32.12 60.65
CA ALA J 391 2.10 -31.57 60.31
C ALA J 391 2.49 -31.92 58.88
N PHE J 392 2.11 -33.11 58.41
CA PHE J 392 2.31 -33.44 57.00
C PHE J 392 1.52 -32.50 56.11
N LEU J 393 0.32 -32.10 56.54
CA LEU J 393 -0.42 -31.07 55.80
C LEU J 393 0.30 -29.73 55.88
N SER J 394 1.01 -29.47 56.99
CA SER J 394 1.84 -28.27 57.06
C SER J 394 3.01 -28.36 56.09
N ASN J 395 3.41 -29.57 55.72
CA ASN J 395 4.38 -29.73 54.63
C ASN J 395 3.72 -29.66 53.27
N LEU J 396 2.41 -29.93 53.18
CA LEU J 396 1.71 -29.84 51.91
C LEU J 396 1.34 -28.40 51.56
N VAL J 397 1.12 -27.54 52.56
CA VAL J 397 0.80 -26.15 52.27
C VAL J 397 2.00 -25.46 51.61
N VAL J 398 3.21 -25.90 51.94
CA VAL J 398 4.39 -25.46 51.20
C VAL J 398 4.72 -26.38 50.03
N ASN J 399 4.10 -27.56 49.98
CA ASN J 399 4.22 -28.45 48.83
C ASN J 399 3.12 -28.22 47.80
N LYS J 400 2.47 -27.05 47.84
CA LYS J 400 1.45 -26.65 46.86
C LYS J 400 0.27 -27.62 46.86
N THR J 401 -0.42 -27.67 48.01
CA THR J 401 -1.66 -28.43 48.14
C THR J 401 -2.90 -27.58 47.90
N ILE J 402 -2.75 -26.40 47.29
CA ILE J 402 -3.86 -25.47 47.14
C ILE J 402 -5.03 -26.06 46.37
N PHE J 403 -4.80 -27.13 45.61
CA PHE J 403 -5.86 -27.80 44.87
C PHE J 403 -6.32 -29.00 45.70
N ALA J 404 -7.21 -28.73 46.65
CA ALA J 404 -7.72 -29.76 47.54
C ALA J 404 -9.03 -29.28 48.16
N LYS J 405 -9.70 -30.18 48.86
CA LYS J 405 -10.97 -29.89 49.52
C LYS J 405 -11.00 -30.61 50.86
N VAL J 406 -11.24 -29.86 51.93
CA VAL J 406 -11.31 -30.41 53.27
C VAL J 406 -12.75 -30.28 53.79
N ASP J 407 -12.99 -30.90 54.95
CA ASP J 407 -14.32 -30.96 55.54
C ASP J 407 -14.24 -30.57 57.01
N ARG J 408 -15.18 -29.74 57.46
CA ARG J 408 -15.21 -29.34 58.86
C ARG J 408 -15.77 -30.45 59.73
N LEU J 409 -16.86 -31.09 59.30
CA LEU J 409 -17.50 -32.12 60.12
C LEU J 409 -16.68 -33.40 60.12
N ALA J 410 -16.45 -33.99 58.95
CA ALA J 410 -15.67 -35.21 58.83
C ALA J 410 -14.20 -34.87 58.68
N GLY J 411 -13.37 -35.89 58.46
CA GLY J 411 -11.95 -35.68 58.27
C GLY J 411 -11.47 -36.12 56.91
N ILE J 412 -12.40 -36.53 56.06
CA ILE J 412 -12.05 -36.98 54.72
C ILE J 412 -11.69 -35.78 53.86
N ILE J 413 -10.61 -35.92 53.08
CA ILE J 413 -10.15 -34.86 52.20
C ILE J 413 -10.48 -35.24 50.76
N ASN J 414 -10.52 -34.22 49.90
CA ASN J 414 -10.83 -34.41 48.49
C ASN J 414 -9.80 -33.66 47.67
N PHE J 415 -9.06 -34.39 46.84
CA PHE J 415 -8.09 -33.81 45.92
C PHE J 415 -8.70 -33.47 44.57
N GLN J 416 -10.02 -33.55 44.44
CA GLN J 416 -10.69 -33.32 43.18
C GLN J 416 -12.07 -32.73 43.50
N ARG J 417 -12.98 -32.80 42.54
CA ARG J 417 -14.32 -32.21 42.61
C ARG J 417 -14.22 -30.70 42.78
N PRO J 418 -13.66 -29.97 41.78
CA PRO J 418 -13.63 -28.51 41.86
C PRO J 418 -15.01 -27.91 41.62
N LYS J 419 -15.07 -26.58 41.52
CA LYS J 419 -16.30 -25.92 41.12
C LYS J 419 -16.80 -26.41 39.76
N ASP J 420 -15.90 -26.97 38.94
CA ASP J 420 -16.21 -27.59 37.65
C ASP J 420 -16.99 -26.66 36.73
N PRO J 421 -16.34 -25.64 36.16
CA PRO J 421 -17.01 -24.83 35.14
C PRO J 421 -17.31 -25.67 33.91
N ASN J 422 -18.58 -25.69 33.51
CA ASN J 422 -19.00 -26.53 32.39
C ASN J 422 -18.46 -26.04 31.06
N ASN J 423 -18.06 -24.77 30.97
CA ASN J 423 -17.52 -24.25 29.73
C ASN J 423 -16.05 -24.61 29.51
N LEU J 424 -15.36 -25.11 30.53
CA LEU J 424 -13.96 -25.49 30.39
C LEU J 424 -13.74 -26.98 30.67
N LEU J 425 -14.17 -27.48 31.82
CA LEU J 425 -13.83 -28.85 32.23
C LEU J 425 -14.72 -29.86 31.52
N ASN J 426 -16.04 -29.76 31.70
CA ASN J 426 -16.94 -30.65 30.98
C ASN J 426 -16.88 -30.41 29.48
N ASP J 427 -16.55 -29.18 29.07
CA ASP J 427 -16.28 -28.92 27.67
C ASP J 427 -15.11 -29.74 27.17
N TRP J 428 -14.00 -29.72 27.91
CA TRP J 428 -12.81 -30.47 27.50
C TRP J 428 -13.08 -31.98 27.48
N SER J 429 -13.69 -32.49 28.55
CA SER J 429 -13.95 -33.92 28.64
C SER J 429 -14.92 -34.38 27.56
N GLN J 430 -15.97 -33.61 27.32
CA GLN J 430 -16.93 -33.96 26.27
C GLN J 430 -16.29 -33.85 24.89
N LYS J 431 -15.37 -32.90 24.71
CA LYS J 431 -14.65 -32.79 23.43
C LYS J 431 -13.79 -34.03 23.18
N LEU J 432 -12.97 -34.41 24.15
CA LEU J 432 -12.09 -35.57 23.96
C LEU J 432 -12.88 -36.87 23.86
N ASN J 433 -13.96 -36.99 24.63
CA ASN J 433 -14.74 -38.23 24.59
C ASN J 433 -15.53 -38.35 23.29
N SER J 434 -16.31 -37.31 22.96
CA SER J 434 -17.13 -37.36 21.75
C SER J 434 -16.25 -37.41 20.50
N LEU J 435 -15.27 -36.51 20.40
CA LEU J 435 -14.40 -36.50 19.23
C LEU J 435 -13.58 -37.77 19.13
N MET J 436 -13.08 -38.28 20.27
CA MET J 436 -12.31 -39.52 20.25
C MET J 436 -13.17 -40.69 19.80
N SER J 437 -14.44 -40.71 20.21
CA SER J 437 -15.35 -41.74 19.72
C SER J 437 -15.66 -41.55 18.23
N LEU J 438 -15.66 -40.31 17.76
CA LEU J 438 -15.96 -40.06 16.35
C LEU J 438 -14.82 -40.52 15.44
N VAL J 439 -13.60 -40.07 15.72
CA VAL J 439 -12.50 -40.43 14.84
C VAL J 439 -12.05 -41.87 15.09
N ASN J 440 -12.08 -42.33 16.34
CA ASN J 440 -11.75 -43.72 16.62
C ASN J 440 -12.79 -44.65 16.01
N LYS J 441 -14.07 -44.27 16.11
CA LYS J 441 -15.11 -45.00 15.38
C LYS J 441 -14.88 -44.93 13.87
N THR J 442 -14.27 -43.85 13.39
CA THR J 442 -14.05 -43.69 11.96
C THR J 442 -12.92 -44.56 11.44
N THR J 443 -11.90 -44.82 12.25
CA THR J 443 -10.73 -45.55 11.77
C THR J 443 -11.01 -47.03 11.53
N HIS J 444 -11.38 -47.76 12.59
CA HIS J 444 -11.54 -49.20 12.47
C HIS J 444 -12.80 -49.61 11.72
N LEU J 445 -13.74 -48.70 11.51
CA LEU J 445 -14.93 -49.03 10.74
C LEU J 445 -14.58 -49.28 9.27
N ILE J 446 -14.02 -48.27 8.60
CA ILE J 446 -13.59 -48.43 7.22
C ILE J 446 -12.33 -49.27 7.12
N ALA J 447 -11.51 -49.31 8.18
CA ALA J 447 -10.35 -50.18 8.17
C ALA J 447 -10.76 -51.65 8.14
N LYS J 448 -11.73 -52.02 8.99
CA LYS J 448 -12.29 -53.37 8.93
C LYS J 448 -13.06 -53.59 7.64
N GLU J 449 -13.72 -52.55 7.13
CA GLU J 449 -14.38 -52.65 5.83
C GLU J 449 -13.39 -52.99 4.72
N GLU J 450 -12.13 -52.56 4.88
CA GLU J 450 -11.08 -52.98 3.97
C GLU J 450 -10.50 -54.34 4.34
N MET J 451 -10.61 -54.73 5.61
CA MET J 451 -10.11 -56.05 6.01
C MET J 451 -11.00 -57.17 5.50
N ILE J 452 -12.31 -56.92 5.35
CA ILE J 452 -13.23 -57.95 4.86
C ILE J 452 -13.17 -58.11 3.35
N HIS J 453 -12.50 -57.20 2.64
CA HIS J 453 -12.42 -57.31 1.18
C HIS J 453 -11.56 -58.48 0.74
N ASN J 454 -10.61 -58.91 1.58
CA ASN J 454 -9.70 -59.99 1.22
C ASN J 454 -10.35 -61.36 1.25
N LEU J 455 -11.56 -61.48 1.79
CA LEU J 455 -12.23 -62.77 1.87
C LEU J 455 -12.80 -63.22 0.52
N GLN J 456 -12.99 -62.30 -0.42
CA GLN J 456 -13.54 -62.65 -1.73
C GLN J 456 -12.47 -63.30 -2.61
N ASN K 1 31.71 52.20 82.96
CA ASN K 1 30.61 53.00 82.43
C ASN K 1 29.26 52.35 82.76
N ASP K 2 28.19 52.86 82.13
CA ASP K 2 26.86 52.31 82.36
C ASP K 2 26.63 51.02 81.59
N GLU K 3 27.31 50.85 80.46
CA GLU K 3 27.11 49.62 79.67
C GLU K 3 27.58 48.40 80.43
N GLU K 4 28.66 48.52 81.20
CA GLU K 4 29.13 47.41 82.02
C GLU K 4 28.14 47.08 83.13
N ALA K 5 27.52 48.12 83.70
CA ALA K 5 26.50 47.90 84.73
C ALA K 5 25.27 47.22 84.14
N VAL K 6 24.92 47.56 82.90
CA VAL K 6 23.81 46.89 82.23
C VAL K 6 24.17 45.45 81.90
N GLN K 7 25.44 45.19 81.57
CA GLN K 7 25.87 43.83 81.26
C GLN K 7 25.84 42.95 82.51
N VAL K 8 26.42 43.44 83.61
CA VAL K 8 26.40 42.65 84.84
C VAL K 8 24.99 42.56 85.40
N LYS K 9 24.14 43.54 85.11
CA LYS K 9 22.74 43.45 85.52
C LYS K 9 22.00 42.39 84.72
N GLU K 10 22.31 42.28 83.43
CA GLU K 10 21.67 41.25 82.61
C GLU K 10 22.15 39.85 82.98
N GLN K 11 23.45 39.70 83.24
CA GLN K 11 23.94 38.40 83.70
C GLN K 11 23.47 38.10 85.12
N SER K 12 23.13 39.13 85.90
CA SER K 12 22.46 38.91 87.18
C SER K 12 20.99 38.55 87.00
N ILE K 13 20.37 38.95 85.89
CA ILE K 13 19.02 38.50 85.59
C ILE K 13 19.03 37.05 85.14
N LEU K 14 20.00 36.66 84.32
CA LEU K 14 20.15 35.25 83.97
C LEU K 14 20.55 34.41 85.18
N GLU K 15 21.33 34.99 86.10
CA GLU K 15 21.74 34.25 87.29
C GLU K 15 20.57 34.05 88.24
N LEU K 16 19.89 35.14 88.60
CA LEU K 16 18.75 35.03 89.51
C LEU K 16 17.62 34.22 88.89
N GLY K 17 17.39 34.40 87.59
CA GLY K 17 16.39 33.59 86.91
C GLY K 17 16.78 32.13 86.82
N SER K 18 18.08 31.84 86.74
CA SER K 18 18.53 30.46 86.76
C SER K 18 18.32 29.84 88.13
N LEU K 19 18.61 30.59 89.20
CA LEU K 19 18.38 30.07 90.54
C LEU K 19 16.89 29.89 90.83
N LEU K 20 16.05 30.79 90.32
CA LEU K 20 14.61 30.63 90.49
C LEU K 20 14.09 29.47 89.65
N ALA K 21 14.71 29.19 88.51
CA ALA K 21 14.34 28.02 87.73
C ALA K 21 14.82 26.73 88.40
N LYS K 22 15.89 26.80 89.18
CA LYS K 22 16.36 25.63 89.92
C LYS K 22 15.53 25.38 91.16
N THR K 23 15.05 26.43 91.82
CA THR K 23 14.21 26.27 93.01
C THR K 23 12.75 26.00 92.68
N GLY K 24 12.37 26.00 91.41
CA GLY K 24 11.02 25.69 91.02
C GLY K 24 10.02 26.78 91.33
N GLN K 25 10.37 28.03 91.00
CA GLN K 25 9.50 29.17 91.21
C GLN K 25 8.76 29.50 89.92
N ALA K 26 7.45 29.72 90.02
CA ALA K 26 6.61 29.99 88.86
C ALA K 26 6.09 31.42 88.83
N ALA K 27 5.52 31.91 89.93
CA ALA K 27 4.97 33.26 89.94
C ALA K 27 6.06 34.32 90.00
N GLU K 28 7.17 34.04 90.67
CA GLU K 28 8.26 35.00 90.73
C GLU K 28 9.00 35.10 89.41
N LEU K 29 9.31 33.95 88.79
CA LEU K 29 9.96 33.97 87.49
C LEU K 29 9.02 34.47 86.40
N GLY K 30 7.72 34.17 86.52
CA GLY K 30 6.75 34.71 85.58
C GLY K 30 6.56 36.20 85.73
N GLY K 31 6.64 36.72 86.95
CA GLY K 31 6.54 38.14 87.19
C GLY K 31 7.83 38.92 86.98
N LEU K 32 8.96 38.21 86.85
CA LEU K 32 10.23 38.90 86.60
C LEU K 32 10.24 39.56 85.22
N LEU K 33 9.59 38.94 84.24
CA LEU K 33 9.51 39.56 82.92
C LEU K 33 8.67 40.83 82.95
N LYS K 34 7.72 40.91 83.89
CA LYS K 34 6.98 42.15 84.09
C LYS K 34 7.77 43.15 84.92
N TYR K 35 8.67 42.67 85.77
CA TYR K 35 9.50 43.55 86.58
C TYR K 35 10.63 44.18 85.78
N VAL K 36 11.10 43.51 84.74
CA VAL K 36 12.23 44.01 83.95
C VAL K 36 11.71 44.78 82.73
N ARG K 37 10.42 45.14 82.76
CA ARG K 37 9.84 45.89 81.65
C ARG K 37 10.48 47.27 81.47
N PRO K 38 10.66 48.10 82.51
CA PRO K 38 11.33 49.39 82.28
C PRO K 38 12.81 49.26 82.01
N PHE K 39 13.45 48.16 82.40
CA PHE K 39 14.88 47.99 82.16
C PHE K 39 15.18 47.65 80.70
N LEU K 40 14.25 47.01 79.99
CA LEU K 40 14.48 46.65 78.61
C LEU K 40 14.45 47.85 77.68
N ASN K 41 13.85 48.97 78.11
CA ASN K 41 13.78 50.16 77.28
C ASN K 41 15.09 50.93 77.24
N SER K 42 16.00 50.67 78.16
CA SER K 42 17.28 51.37 78.21
C SER K 42 18.32 50.80 77.25
N ILE K 43 18.00 49.71 76.55
CA ILE K 43 18.91 49.07 75.60
C ILE K 43 18.16 48.79 74.31
N SER K 44 18.87 48.20 73.35
CA SER K 44 18.31 47.97 72.03
C SER K 44 17.27 46.86 72.06
N LYS K 45 16.47 46.80 70.99
CA LYS K 45 15.41 45.80 70.91
C LYS K 45 15.95 44.40 70.62
N ALA K 46 17.20 44.29 70.16
CA ALA K 46 17.76 42.98 69.87
C ALA K 46 18.05 42.21 71.16
N LYS K 47 18.75 42.86 72.10
CA LYS K 47 19.03 42.21 73.38
C LYS K 47 17.78 42.06 74.23
N ALA K 48 16.84 42.99 74.11
CA ALA K 48 15.59 42.89 74.84
C ALA K 48 14.75 41.72 74.33
N ALA K 49 14.60 41.62 73.01
CA ALA K 49 13.84 40.52 72.43
C ALA K 49 14.53 39.18 72.67
N ARG K 50 15.86 39.16 72.60
CA ARG K 50 16.60 37.94 72.89
C ARG K 50 16.45 37.53 74.34
N LEU K 51 16.37 38.51 75.26
CA LEU K 51 16.16 38.19 76.67
C LEU K 51 14.74 37.69 76.91
N VAL K 52 13.76 38.26 76.21
CA VAL K 52 12.38 37.81 76.35
C VAL K 52 12.23 36.39 75.82
N ARG K 53 12.91 36.08 74.71
CA ARG K 53 12.87 34.71 74.19
C ARG K 53 13.64 33.75 75.09
N SER K 54 14.72 34.23 75.71
CA SER K 54 15.51 33.37 76.60
C SER K 54 14.73 33.01 77.85
N LEU K 55 14.28 34.03 78.60
CA LEU K 55 13.49 33.76 79.79
C LEU K 55 12.15 33.14 79.46
N LEU K 56 11.64 33.34 78.25
CA LEU K 56 10.39 32.70 77.84
C LEU K 56 10.59 31.20 77.62
N ASP K 57 11.68 30.84 76.92
CA ASP K 57 11.95 29.43 76.70
C ASP K 57 12.31 28.71 77.99
N LEU K 58 13.17 29.33 78.81
CA LEU K 58 13.53 28.74 80.09
C LEU K 58 12.37 28.76 81.08
N PHE K 59 11.37 29.61 80.86
CA PHE K 59 10.19 29.63 81.72
C PHE K 59 9.16 28.59 81.28
N LEU K 60 9.07 28.32 79.97
CA LEU K 60 8.13 27.32 79.47
C LEU K 60 8.69 25.90 79.55
N ASP K 61 10.02 25.74 79.57
CA ASP K 61 10.60 24.41 79.68
C ASP K 61 10.45 23.81 81.06
N MET K 62 10.10 24.60 82.07
CA MET K 62 9.92 24.07 83.42
C MET K 62 8.63 23.25 83.53
N GLU K 63 7.62 23.57 82.70
CA GLU K 63 6.34 22.87 82.69
C GLU K 63 5.68 22.92 84.08
N ALA K 64 5.39 24.15 84.52
CA ALA K 64 4.77 24.38 85.80
C ALA K 64 3.76 25.51 85.68
N ALA K 65 2.53 25.26 86.12
CA ALA K 65 1.43 26.23 86.07
C ALA K 65 1.21 26.73 84.64
N THR K 66 0.81 25.78 83.77
CA THR K 66 0.59 26.09 82.37
C THR K 66 -0.67 26.93 82.14
N GLY K 67 -1.51 27.12 83.16
CA GLY K 67 -2.70 27.91 82.97
C GLY K 67 -2.41 29.40 82.85
N GLN K 68 -1.51 29.91 83.69
CA GLN K 68 -1.12 31.32 83.64
C GLN K 68 -0.05 31.61 82.61
N GLU K 69 0.51 30.58 81.96
CA GLU K 69 1.56 30.81 80.97
C GLU K 69 1.00 31.44 79.71
N VAL K 70 -0.16 30.97 79.24
CA VAL K 70 -0.75 31.52 78.02
C VAL K 70 -1.27 32.93 78.27
N GLU K 71 -1.84 33.18 79.44
CA GLU K 71 -2.32 34.52 79.77
C GLU K 71 -1.15 35.48 79.95
N LEU K 72 -0.06 35.01 80.55
CA LEU K 72 1.14 35.83 80.68
C LEU K 72 1.75 36.13 79.31
N CYS K 73 1.69 35.17 78.38
CA CYS K 73 2.14 35.43 77.02
C CYS K 73 1.24 36.43 76.32
N LEU K 74 -0.06 36.40 76.62
CA LEU K 74 -0.97 37.41 76.07
C LEU K 74 -0.68 38.79 76.66
N GLU K 75 -0.26 38.85 77.92
CA GLU K 75 0.14 40.13 78.49
C GLU K 75 1.47 40.60 77.91
N CYS K 76 2.34 39.68 77.51
CA CYS K 76 3.58 40.07 76.85
C CYS K 76 3.34 40.55 75.43
N ILE K 77 2.34 39.97 74.75
CA ILE K 77 1.97 40.45 73.43
C ILE K 77 1.29 41.82 73.55
N GLU K 78 0.45 42.00 74.56
CA GLU K 78 -0.19 43.30 74.77
C GLU K 78 0.85 44.37 75.11
N TRP K 79 1.85 44.01 75.93
CA TRP K 79 2.89 44.97 76.26
C TRP K 79 3.77 45.28 75.05
N ALA K 80 4.09 44.25 74.26
CA ALA K 80 4.89 44.48 73.05
C ALA K 80 4.15 45.33 72.04
N LYS K 81 2.82 45.20 71.96
CA LYS K 81 2.05 46.07 71.11
C LYS K 81 1.91 47.47 71.70
N SER K 82 1.98 47.58 73.03
CA SER K 82 1.93 48.90 73.67
C SER K 82 3.22 49.67 73.42
N GLU K 83 4.36 48.99 73.42
CA GLU K 83 5.64 49.63 73.14
C GLU K 83 6.01 49.60 71.66
N LYS K 84 5.12 49.12 70.80
CA LYS K 84 5.30 49.13 69.35
C LYS K 84 6.57 48.37 68.93
N ARG K 85 6.63 47.11 69.34
CA ARG K 85 7.69 46.20 68.93
C ARG K 85 7.05 45.08 68.11
N THR K 86 7.26 45.14 66.79
CA THR K 86 6.64 44.16 65.90
C THR K 86 7.30 42.80 66.00
N PHE K 87 8.64 42.76 65.91
CA PHE K 87 9.34 41.48 65.93
C PHE K 87 9.20 40.79 67.28
N LEU K 88 9.11 41.56 68.36
CA LEU K 88 8.96 40.96 69.69
C LEU K 88 7.65 40.20 69.80
N ARG K 89 6.54 40.83 69.44
CA ARG K 89 5.25 40.14 69.48
C ARG K 89 5.14 39.07 68.39
N GLN K 90 5.90 39.20 67.30
CA GLN K 90 5.93 38.13 66.31
C GLN K 90 6.61 36.88 66.86
N ALA K 91 7.68 37.07 67.64
CA ALA K 91 8.31 35.93 68.29
C ALA K 91 7.44 35.39 69.42
N LEU K 92 6.75 36.27 70.14
CA LEU K 92 5.86 35.83 71.22
C LEU K 92 4.70 35.01 70.68
N GLU K 93 4.18 35.39 69.50
CA GLU K 93 3.15 34.57 68.86
C GLU K 93 3.75 33.33 68.22
N ALA K 94 5.01 33.40 67.78
CA ALA K 94 5.66 32.24 67.21
C ALA K 94 5.92 31.16 68.26
N ARG K 95 6.10 31.56 69.52
CA ARG K 95 6.20 30.59 70.61
C ARG K 95 4.84 30.24 71.19
N LEU K 96 3.90 31.19 71.20
CA LEU K 96 2.57 30.92 71.72
C LEU K 96 1.82 29.92 70.84
N VAL K 97 2.04 29.96 69.53
CA VAL K 97 1.42 28.97 68.66
C VAL K 97 2.02 27.59 68.91
N SER K 98 3.27 27.54 69.37
CA SER K 98 3.85 26.26 69.81
C SER K 98 3.25 25.84 71.15
N LEU K 99 2.88 26.79 72.00
CA LEU K 99 2.20 26.45 73.24
C LEU K 99 0.81 25.88 72.97
N TYR K 100 0.10 26.44 72.00
CA TYR K 100 -1.17 25.85 71.58
C TYR K 100 -0.95 24.53 70.85
N PHE K 101 0.21 24.36 70.22
CA PHE K 101 0.53 23.08 69.60
C PHE K 101 0.73 22.00 70.66
N ASP K 102 1.37 22.35 71.79
CA ASP K 102 1.49 21.41 72.89
C ASP K 102 0.17 21.21 73.61
N THR K 103 -0.70 22.23 73.60
CA THR K 103 -2.01 22.14 74.23
C THR K 103 -3.04 21.45 73.34
N LYS K 104 -2.69 21.16 72.09
CA LYS K 104 -3.59 20.51 71.14
C LYS K 104 -4.85 21.35 70.89
N ARG K 105 -4.66 22.66 70.80
CA ARG K 105 -5.73 23.60 70.48
C ARG K 105 -5.44 24.12 69.07
N TYR K 106 -5.97 23.42 68.07
CA TYR K 106 -5.62 23.67 66.68
C TYR K 106 -6.46 24.77 66.04
N GLN K 107 -7.46 25.32 66.74
CA GLN K 107 -8.30 26.36 66.15
C GLN K 107 -7.59 27.71 66.14
N GLU K 108 -7.27 28.24 67.32
CA GLU K 108 -6.60 29.53 67.41
C GLU K 108 -5.11 29.44 67.05
N ALA K 109 -4.54 28.23 67.04
CA ALA K 109 -3.17 28.08 66.58
C ALA K 109 -3.07 28.23 65.07
N LEU K 110 -3.99 27.61 64.33
CA LEU K 110 -4.01 27.76 62.88
C LEU K 110 -4.58 29.11 62.45
N HIS K 111 -5.56 29.64 63.19
CA HIS K 111 -6.12 30.94 62.84
C HIS K 111 -5.13 32.05 63.15
N LEU K 112 -4.64 32.11 64.40
CA LEU K 112 -3.65 33.10 64.76
C LEU K 112 -2.35 32.92 63.99
N GLY K 113 -2.00 31.66 63.68
CA GLY K 113 -0.83 31.42 62.85
C GLY K 113 -1.02 31.90 61.42
N SER K 114 -2.23 31.80 60.90
CA SER K 114 -2.50 32.33 59.57
C SER K 114 -2.46 33.85 59.58
N GLN K 115 -3.03 34.48 60.61
CA GLN K 115 -2.93 35.93 60.75
C GLN K 115 -1.47 36.36 60.93
N LEU K 116 -0.64 35.49 61.49
CA LEU K 116 0.79 35.78 61.57
C LEU K 116 1.46 35.63 60.20
N LEU K 117 1.00 34.67 59.39
CA LEU K 117 1.52 34.53 58.04
C LEU K 117 1.15 35.72 57.17
N ARG K 118 -0.02 36.32 57.41
CA ARG K 118 -0.43 37.48 56.63
C ARG K 118 0.48 38.68 56.85
N GLU K 119 1.09 38.78 58.03
CA GLU K 119 2.01 39.86 58.33
C GLU K 119 3.47 39.43 58.28
N LEU K 120 3.75 38.16 58.02
CA LEU K 120 5.11 37.68 57.83
C LEU K 120 5.49 37.49 56.38
N LYS K 121 4.54 37.13 55.51
CA LYS K 121 4.85 36.98 54.09
C LYS K 121 5.19 38.32 53.44
N LYS K 122 4.64 39.41 53.98
CA LYS K 122 4.90 40.72 53.39
C LYS K 122 6.19 41.33 53.93
N MET K 123 6.53 41.05 55.18
CA MET K 123 7.68 41.66 55.82
C MET K 123 8.96 40.87 55.49
N ASP K 124 10.08 41.34 56.04
CA ASP K 124 11.38 40.73 55.81
C ASP K 124 11.56 39.55 56.76
N ASP K 125 12.81 39.07 56.87
CA ASP K 125 13.17 37.94 57.73
C ASP K 125 12.41 36.68 57.32
N LYS K 126 12.70 36.22 56.10
CA LYS K 126 12.08 35.00 55.58
C LYS K 126 12.45 33.77 56.39
N ALA K 127 13.55 33.82 57.15
CA ALA K 127 13.93 32.68 57.98
C ALA K 127 12.95 32.46 59.11
N LEU K 128 12.26 33.50 59.55
CA LEU K 128 11.24 33.34 60.59
C LEU K 128 10.02 32.61 60.07
N LEU K 129 9.75 32.70 58.76
CA LEU K 129 8.61 32.00 58.18
C LEU K 129 8.81 30.49 58.16
N VAL K 130 10.05 30.01 58.26
CA VAL K 130 10.30 28.59 58.25
C VAL K 130 9.78 27.93 59.52
N GLU K 131 9.79 28.65 60.64
CA GLU K 131 9.28 28.09 61.89
C GLU K 131 7.77 27.97 61.87
N VAL K 132 7.07 28.99 61.36
CA VAL K 132 5.62 28.98 61.36
C VAL K 132 5.04 28.15 60.21
N GLN K 133 5.78 27.99 59.11
CA GLN K 133 5.34 27.09 58.07
C GLN K 133 5.70 25.64 58.38
N LEU K 134 6.81 25.43 59.07
CA LEU K 134 7.15 24.09 59.55
C LEU K 134 6.15 23.62 60.60
N LEU K 135 5.88 24.46 61.60
CA LEU K 135 4.84 24.14 62.57
C LEU K 135 3.45 24.14 61.94
N GLU K 136 3.26 24.87 60.84
CA GLU K 136 2.02 24.77 60.08
C GLU K 136 1.87 23.37 59.48
N SER K 137 2.96 22.83 58.93
CA SER K 137 2.94 21.45 58.48
C SER K 137 2.76 20.48 59.63
N LYS K 138 3.24 20.85 60.83
CA LYS K 138 3.07 19.98 61.99
C LYS K 138 1.63 19.95 62.46
N THR K 139 0.92 21.08 62.39
CA THR K 139 -0.47 21.10 62.83
C THR K 139 -1.44 20.61 61.74
N TYR K 140 -1.07 20.76 60.47
CA TYR K 140 -1.86 20.12 59.42
C TYR K 140 -1.63 18.62 59.38
N HIS K 141 -0.42 18.17 59.75
CA HIS K 141 -0.19 16.74 59.93
C HIS K 141 -0.90 16.22 61.17
N ALA K 142 -0.97 17.03 62.23
CA ALA K 142 -1.75 16.64 63.40
C ALA K 142 -3.23 16.56 63.09
N LEU K 143 -3.72 17.44 62.21
CA LEU K 143 -5.08 17.34 61.70
C LEU K 143 -5.19 16.36 60.53
N SER K 144 -4.11 15.69 60.18
CA SER K 144 -4.08 14.71 59.09
C SER K 144 -4.50 15.34 57.77
N ASN K 145 -3.72 16.33 57.33
CA ASN K 145 -3.94 17.02 56.07
C ASN K 145 -2.65 16.95 55.27
N LEU K 146 -2.64 16.11 54.22
CA LEU K 146 -1.44 15.90 53.41
C LEU K 146 -1.19 17.01 52.40
N PRO K 147 -2.19 17.44 51.61
CA PRO K 147 -1.89 18.45 50.57
C PRO K 147 -1.41 19.78 51.11
N LYS K 148 -2.04 20.29 52.17
CA LYS K 148 -1.62 21.58 52.71
C LYS K 148 -0.30 21.49 53.47
N ALA K 149 -0.01 20.33 54.08
CA ALA K 149 1.29 20.15 54.70
C ALA K 149 2.39 20.03 53.67
N ARG K 150 2.09 19.43 52.51
CA ARG K 150 3.06 19.39 51.43
C ARG K 150 3.24 20.76 50.79
N ALA K 151 2.18 21.57 50.74
CA ALA K 151 2.28 22.91 50.19
C ALA K 151 3.10 23.82 51.10
N ALA K 152 2.82 23.79 52.40
CA ALA K 152 3.61 24.56 53.35
C ALA K 152 5.03 24.04 53.44
N LEU K 153 5.23 22.73 53.28
CA LEU K 153 6.57 22.17 53.27
C LEU K 153 7.36 22.67 52.06
N THR K 154 6.74 22.64 50.88
CA THR K 154 7.40 23.15 49.69
C THR K 154 7.67 24.64 49.79
N SER K 155 6.76 25.40 50.41
CA SER K 155 7.00 26.82 50.61
C SER K 155 8.16 27.05 51.56
N ALA K 156 8.29 26.21 52.59
CA ALA K 156 9.43 26.32 53.50
C ALA K 156 10.73 25.92 52.82
N ARG K 157 10.66 25.01 51.83
CA ARG K 157 11.86 24.61 51.11
C ARG K 157 12.31 25.72 50.16
N THR K 158 11.39 26.26 49.37
CA THR K 158 11.74 27.35 48.46
C THR K 158 12.01 28.65 49.19
N THR K 159 11.60 28.75 50.45
CA THR K 159 11.90 29.93 51.25
C THR K 159 13.24 29.81 51.97
N ALA K 160 13.55 28.63 52.50
CA ALA K 160 14.80 28.38 53.21
C ALA K 160 15.87 27.79 52.31
N ASN K 161 15.68 27.81 50.99
CA ASN K 161 16.67 27.24 50.09
C ASN K 161 17.91 28.11 50.01
N ALA K 162 17.74 29.43 50.07
CA ALA K 162 18.87 30.36 49.98
C ALA K 162 19.49 30.66 51.34
N ILE K 163 18.71 30.61 52.41
CA ILE K 163 19.21 30.93 53.74
C ILE K 163 19.70 29.64 54.41
N TYR K 164 20.95 29.66 54.86
CA TYR K 164 21.54 28.51 55.54
C TYR K 164 20.93 28.39 56.93
N CYS K 165 19.99 27.45 57.10
CA CYS K 165 19.32 27.26 58.36
C CYS K 165 20.16 26.42 59.31
N PRO K 166 20.03 26.63 60.61
CA PRO K 166 20.76 25.82 61.59
C PRO K 166 20.25 24.38 61.57
N PRO K 167 21.03 23.42 62.08
CA PRO K 167 20.58 22.03 62.05
C PRO K 167 19.35 21.76 62.91
N LYS K 168 18.99 22.68 63.81
CA LYS K 168 17.76 22.50 64.59
C LYS K 168 16.53 22.60 63.69
N LEU K 169 16.53 23.54 62.75
CA LEU K 169 15.40 23.72 61.85
C LEU K 169 15.59 23.02 60.52
N GLN K 170 16.84 22.86 60.06
CA GLN K 170 17.09 22.23 58.77
C GLN K 170 16.75 20.74 58.81
N ALA K 171 17.12 20.06 59.90
CA ALA K 171 16.84 18.64 60.02
C ALA K 171 15.37 18.35 60.32
N THR K 172 14.65 19.31 60.89
CA THR K 172 13.24 19.10 61.18
C THR K 172 12.41 19.09 59.90
N LEU K 173 12.88 19.78 58.86
CA LEU K 173 12.19 19.74 57.57
C LEU K 173 12.18 18.34 56.99
N ASP K 174 13.34 17.67 57.02
CA ASP K 174 13.41 16.29 56.52
C ASP K 174 12.76 15.32 57.50
N MET K 175 12.81 15.63 58.81
CA MET K 175 12.19 14.75 59.80
C MET K 175 10.68 14.72 59.62
N GLN K 176 10.07 15.90 59.42
CA GLN K 176 8.64 15.94 59.15
C GLN K 176 8.33 15.45 57.74
N SER K 177 9.24 15.67 56.80
CA SER K 177 9.03 15.20 55.43
C SER K 177 8.95 13.68 55.37
N GLY K 178 9.79 13.00 56.14
CA GLY K 178 9.73 11.55 56.19
C GLY K 178 8.43 11.02 56.78
N ILE K 179 7.82 11.78 57.69
CA ILE K 179 6.54 11.38 58.26
C ILE K 179 5.41 11.67 57.28
N ILE K 180 5.51 12.76 56.52
CA ILE K 180 4.48 13.08 55.53
C ILE K 180 4.49 12.06 54.40
N HIS K 181 5.69 11.72 53.89
CA HIS K 181 5.78 10.71 52.86
C HIS K 181 5.46 9.33 53.42
N ALA K 182 5.80 9.07 54.68
CA ALA K 182 5.51 7.80 55.32
C ALA K 182 4.05 7.68 55.75
N ALA K 183 3.27 8.75 55.65
CA ALA K 183 1.85 8.68 55.99
C ALA K 183 1.04 8.01 54.90
N GLU K 184 1.41 8.21 53.63
CA GLU K 184 0.74 7.58 52.51
C GLU K 184 1.39 6.27 52.09
N GLU K 185 2.60 5.99 52.56
CA GLU K 185 3.32 4.77 52.24
C GLU K 185 3.58 4.65 50.74
N LYS K 186 4.09 5.74 50.16
CA LYS K 186 4.41 5.74 48.74
C LYS K 186 5.72 5.03 48.46
N ASP K 187 6.81 5.52 49.06
CA ASP K 187 8.13 4.92 48.88
C ASP K 187 8.89 5.07 50.19
N TRP K 188 9.33 3.93 50.75
CA TRP K 188 10.06 3.95 52.01
C TRP K 188 11.55 4.27 51.84
N LYS K 189 12.06 4.25 50.60
CA LYS K 189 13.46 4.58 50.38
C LYS K 189 13.71 6.07 50.53
N THR K 190 12.88 6.89 49.89
CA THR K 190 13.03 8.33 50.01
C THR K 190 12.75 8.80 51.44
N ALA K 191 11.69 8.28 52.05
CA ALA K 191 11.41 8.63 53.45
C ALA K 191 12.54 8.17 54.35
N TYR K 192 13.11 6.99 54.07
CA TYR K 192 14.28 6.54 54.83
C TYR K 192 15.47 7.48 54.63
N SER K 193 15.57 8.11 53.46
CA SER K 193 16.60 9.13 53.27
C SER K 193 16.30 10.40 54.06
N TYR K 194 15.02 10.74 54.19
CA TYR K 194 14.65 11.92 54.98
C TYR K 194 14.93 11.69 56.47
N PHE K 195 14.65 10.49 56.97
CA PHE K 195 14.98 10.17 58.35
C PHE K 195 16.47 9.94 58.55
N TYR K 196 17.19 9.55 57.50
CA TYR K 196 18.64 9.39 57.61
C TYR K 196 19.32 10.75 57.70
N GLU K 197 18.95 11.68 56.80
CA GLU K 197 19.50 13.03 56.89
C GLU K 197 19.01 13.74 58.15
N ALA K 198 17.78 13.43 58.60
CA ALA K 198 17.30 14.00 59.85
C ALA K 198 18.11 13.49 61.03
N PHE K 199 18.48 12.21 61.02
CA PHE K 199 19.36 11.69 62.05
C PHE K 199 20.75 12.28 61.96
N GLU K 200 21.23 12.58 60.75
CA GLU K 200 22.51 13.26 60.59
C GLU K 200 22.45 14.69 61.11
N GLY K 201 21.28 15.31 61.08
CA GLY K 201 21.12 16.66 61.58
C GLY K 201 20.97 16.71 63.09
N TYR K 202 20.24 15.75 63.65
CA TYR K 202 20.02 15.66 65.09
C TYR K 202 21.09 14.86 65.81
N ASP K 203 22.22 14.60 65.15
CA ASP K 203 23.26 13.78 65.76
C ASP K 203 24.02 14.57 66.82
N SER K 204 24.09 14.01 68.03
CA SER K 204 24.91 14.52 69.12
C SER K 204 24.50 15.92 69.58
N ILE K 205 23.26 16.33 69.30
CA ILE K 205 22.78 17.63 69.75
C ILE K 205 21.72 17.51 70.85
N ASP K 206 21.00 16.39 70.92
CA ASP K 206 19.98 16.20 71.94
C ASP K 206 19.70 14.71 72.07
N SER K 207 19.73 14.20 73.30
CA SER K 207 19.57 12.77 73.54
C SER K 207 18.15 12.28 73.23
N PRO K 208 17.09 12.97 73.67
CA PRO K 208 15.75 12.54 73.25
C PRO K 208 15.52 12.65 71.75
N LYS K 209 16.02 13.72 71.14
CA LYS K 209 15.86 13.88 69.70
C LYS K 209 16.67 12.83 68.94
N ALA K 210 17.79 12.37 69.50
CA ALA K 210 18.58 11.34 68.85
C ALA K 210 17.96 9.97 69.02
N ILE K 211 17.41 9.67 70.20
CA ILE K 211 16.80 8.37 70.41
C ILE K 211 15.48 8.26 69.66
N THR K 212 14.77 9.38 69.48
CA THR K 212 13.59 9.36 68.63
C THR K 212 13.96 9.46 67.15
N SER K 213 15.16 9.95 66.83
CA SER K 213 15.62 9.93 65.44
C SER K 213 15.96 8.52 65.01
N LEU K 214 16.71 7.78 65.83
CA LEU K 214 16.97 6.38 65.53
C LEU K 214 15.71 5.53 65.69
N LYS K 215 14.80 5.94 66.58
CA LYS K 215 13.51 5.28 66.68
C LYS K 215 12.72 5.46 65.38
N TYR K 216 12.82 6.64 64.77
CA TYR K 216 12.16 6.87 63.48
C TYR K 216 12.87 6.13 62.34
N MET K 217 14.18 5.98 62.43
CA MET K 217 14.90 5.20 61.44
C MET K 217 14.47 3.74 61.48
N LEU K 218 14.49 3.14 62.68
CA LEU K 218 14.04 1.76 62.83
C LEU K 218 12.56 1.61 62.55
N LEU K 219 11.77 2.69 62.71
CA LEU K 219 10.36 2.63 62.37
C LEU K 219 10.14 2.58 60.86
N CYS K 220 10.61 3.62 60.16
CA CYS K 220 10.42 3.69 58.72
C CYS K 220 11.13 2.55 58.00
N LYS K 221 12.19 2.01 58.60
CA LYS K 221 12.90 0.88 58.02
C LYS K 221 12.31 -0.46 58.43
N ILE K 222 11.59 -0.52 59.56
CA ILE K 222 10.89 -1.75 59.91
C ILE K 222 9.54 -1.84 59.20
N MET K 223 9.04 -0.73 58.66
CA MET K 223 7.82 -0.77 57.87
C MET K 223 8.01 -1.49 56.55
N LEU K 224 9.24 -1.57 56.04
CA LEU K 224 9.54 -2.26 54.80
C LEU K 224 10.02 -3.70 55.01
N ASN K 225 9.85 -4.24 56.22
CA ASN K 225 10.07 -5.65 56.52
C ASN K 225 11.53 -6.06 56.29
N THR K 226 12.43 -5.40 57.00
CA THR K 226 13.85 -5.75 56.99
C THR K 226 14.40 -5.62 58.40
N PRO K 227 14.34 -6.69 59.20
CA PRO K 227 14.92 -6.65 60.55
C PRO K 227 16.42 -6.86 60.60
N GLU K 228 17.02 -7.38 59.52
CA GLU K 228 18.46 -7.61 59.53
C GLU K 228 19.23 -6.30 59.64
N ASP K 229 18.76 -5.26 58.95
CA ASP K 229 19.38 -3.94 59.08
C ASP K 229 19.04 -3.29 60.42
N VAL K 230 17.95 -3.71 61.06
CA VAL K 230 17.69 -3.29 62.43
C VAL K 230 18.74 -3.86 63.36
N GLN K 231 19.06 -5.15 63.21
CA GLN K 231 20.16 -5.73 63.96
C GLN K 231 21.49 -5.07 63.62
N ALA K 232 21.65 -4.64 62.35
CA ALA K 232 22.88 -3.96 61.97
C ALA K 232 22.97 -2.57 62.58
N LEU K 233 21.82 -1.93 62.86
CA LEU K 233 21.82 -0.61 63.48
C LEU K 233 21.88 -0.68 65.00
N VAL K 234 21.44 -1.77 65.62
CA VAL K 234 21.57 -1.94 67.06
C VAL K 234 22.86 -2.66 67.44
N SER K 235 23.60 -3.18 66.46
CA SER K 235 24.88 -3.82 66.73
C SER K 235 26.06 -2.87 66.57
N GLY K 236 25.88 -1.74 65.89
CA GLY K 236 26.96 -0.79 65.71
C GLY K 236 27.23 -0.02 67.00
N LYS K 237 28.52 0.26 67.24
CA LYS K 237 28.92 0.95 68.46
C LYS K 237 28.53 2.43 68.43
N LEU K 238 28.28 3.00 67.25
CA LEU K 238 27.94 4.41 67.17
C LEU K 238 26.58 4.68 67.80
N ALA K 239 25.54 4.00 67.34
CA ALA K 239 24.20 4.18 67.87
C ALA K 239 23.93 3.39 69.14
N LEU K 240 24.90 2.59 69.60
CA LEU K 240 24.67 1.78 70.80
C LEU K 240 24.68 2.64 72.06
N ARG K 241 25.40 3.75 72.06
CA ARG K 241 25.47 4.60 73.24
C ARG K 241 24.17 5.37 73.48
N TYR K 242 23.32 5.51 72.46
CA TYR K 242 22.03 6.15 72.60
C TYR K 242 20.89 5.16 72.81
N ALA K 243 21.21 3.91 73.12
CA ALA K 243 20.18 2.90 73.35
C ALA K 243 19.52 3.09 74.71
N GLY K 244 18.34 2.52 74.85
CA GLY K 244 17.61 2.62 76.10
C GLY K 244 16.33 1.83 76.05
N ARG K 245 15.37 2.23 76.89
CA ARG K 245 14.07 1.56 76.92
C ARG K 245 13.27 1.79 75.66
N GLN K 246 13.58 2.84 74.89
CA GLN K 246 12.83 3.11 73.67
C GLN K 246 13.14 2.06 72.59
N THR K 247 14.42 1.76 72.37
CA THR K 247 14.81 0.85 71.30
C THR K 247 14.56 -0.61 71.64
N GLU K 248 14.29 -0.93 72.91
CA GLU K 248 14.00 -2.33 73.26
C GLU K 248 12.67 -2.78 72.67
N ALA K 249 11.65 -1.91 72.71
CA ALA K 249 10.37 -2.23 72.09
C ALA K 249 10.53 -2.41 70.58
N LEU K 250 11.42 -1.63 69.96
CA LEU K 250 11.70 -1.82 68.55
C LEU K 250 12.45 -3.12 68.29
N LYS K 251 13.28 -3.55 69.24
CA LYS K 251 13.93 -4.85 69.13
C LYS K 251 12.93 -5.99 69.26
N CYS K 252 11.88 -5.80 70.04
CA CYS K 252 10.83 -6.81 70.12
C CYS K 252 9.92 -6.79 68.89
N VAL K 253 9.71 -5.62 68.30
CA VAL K 253 8.95 -5.56 67.06
C VAL K 253 9.72 -6.23 65.93
N ALA K 254 11.02 -5.94 65.82
CA ALA K 254 11.84 -6.59 64.81
C ALA K 254 11.99 -8.08 65.07
N GLN K 255 12.02 -8.49 66.34
CA GLN K 255 12.08 -9.91 66.67
C GLN K 255 10.79 -10.61 66.27
N ALA K 256 9.64 -9.97 66.51
CA ALA K 256 8.37 -10.56 66.10
C ALA K 256 8.22 -10.56 64.58
N SER K 257 8.86 -9.61 63.89
CA SER K 257 8.80 -9.58 62.45
C SER K 257 9.68 -10.65 61.82
N LYS K 258 10.89 -10.85 62.35
CA LYS K 258 11.76 -11.90 61.84
C LYS K 258 11.30 -13.28 62.26
N ASN K 259 10.58 -13.39 63.38
CA ASN K 259 10.03 -14.66 63.82
C ASN K 259 8.67 -14.96 63.22
N ARG K 260 8.03 -13.97 62.58
CA ARG K 260 6.70 -14.11 62.01
C ARG K 260 5.69 -14.58 63.06
N SER K 261 5.82 -14.04 64.26
CA SER K 261 4.92 -14.36 65.36
C SER K 261 3.93 -13.22 65.58
N LEU K 262 2.78 -13.57 66.15
CA LEU K 262 1.71 -12.61 66.42
C LEU K 262 1.48 -12.39 67.90
N ALA K 263 1.37 -13.46 68.69
CA ALA K 263 1.21 -13.33 70.13
C ALA K 263 2.44 -12.70 70.78
N ASP K 264 3.62 -12.90 70.18
CA ASP K 264 4.81 -12.23 70.68
C ASP K 264 4.76 -10.74 70.40
N PHE K 265 4.21 -10.35 69.25
CA PHE K 265 4.02 -8.94 68.96
C PHE K 265 2.97 -8.32 69.89
N GLU K 266 1.95 -9.10 70.26
CA GLU K 266 1.00 -8.63 71.28
C GLU K 266 1.67 -8.53 72.65
N LYS K 267 2.66 -9.38 72.91
CA LYS K 267 3.42 -9.26 74.15
C LYS K 267 4.27 -8.00 74.14
N ALA K 268 4.81 -7.64 72.96
CA ALA K 268 5.52 -6.38 72.84
C ALA K 268 4.58 -5.18 72.97
N LEU K 269 3.33 -5.33 72.52
CA LEU K 269 2.33 -4.29 72.71
C LEU K 269 1.70 -4.30 74.09
N THR K 270 2.03 -5.30 74.91
CA THR K 270 1.47 -5.43 76.26
C THR K 270 2.46 -4.99 77.34
N ASP K 271 3.69 -5.52 77.28
CA ASP K 271 4.68 -5.19 78.31
C ASP K 271 5.23 -3.78 78.14
N TYR K 272 5.38 -3.33 76.90
CA TYR K 272 5.99 -2.04 76.60
C TYR K 272 4.96 -0.94 76.35
N ARG K 273 3.69 -1.17 76.69
CA ARG K 273 2.66 -0.15 76.48
C ARG K 273 2.70 0.96 77.51
N ALA K 274 3.46 0.80 78.59
CA ALA K 274 3.52 1.82 79.63
C ALA K 274 4.48 2.94 79.25
N GLU K 275 6.44 1.83 77.02
CA GLU K 275 6.86 3.05 76.35
C GLU K 275 6.04 3.30 75.09
N LEU K 276 5.03 2.45 74.87
CA LEU K 276 4.15 2.57 73.72
C LEU K 276 2.90 3.39 74.02
N ARG K 277 2.75 3.90 75.24
CA ARG K 277 1.60 4.76 75.55
C ARG K 277 1.82 6.18 75.06
N ASP K 278 3.06 6.67 75.12
CA ASP K 278 3.43 7.96 74.56
C ASP K 278 3.85 7.87 73.10
N ASP K 279 3.40 6.83 72.40
CA ASP K 279 3.79 6.64 71.01
C ASP K 279 3.10 7.67 70.12
N PRO K 280 3.77 8.15 69.07
CA PRO K 280 3.16 9.15 68.19
C PRO K 280 2.05 8.56 67.32
N ILE K 281 1.56 9.38 66.39
CA ILE K 281 0.46 8.98 65.50
C ILE K 281 0.80 7.73 64.69
N ILE K 282 2.08 7.37 64.60
CA ILE K 282 2.52 6.22 63.83
C ILE K 282 2.03 4.91 64.46
N SER K 283 1.36 5.02 65.60
CA SER K 283 0.72 3.84 66.20
C SER K 283 -0.28 3.20 65.24
N THR K 284 -0.94 4.01 64.41
CA THR K 284 -1.82 3.45 63.40
C THR K 284 -1.04 2.65 62.36
N HIS K 285 0.19 3.10 62.04
CA HIS K 285 1.03 2.35 61.13
C HIS K 285 1.50 1.04 61.76
N LEU K 286 1.83 1.07 63.06
CA LEU K 286 2.21 -0.16 63.75
C LEU K 286 1.05 -1.14 63.80
N ALA K 287 -0.17 -0.62 64.01
CA ALA K 287 -1.35 -1.47 63.95
C ALA K 287 -1.59 -1.98 62.53
N LYS K 288 -1.15 -1.21 61.52
CA LYS K 288 -1.24 -1.69 60.15
C LYS K 288 -0.23 -2.80 59.88
N LEU K 289 0.91 -2.78 60.57
CA LEU K 289 1.85 -3.88 60.47
C LEU K 289 1.33 -5.11 61.20
N TYR K 290 0.72 -4.91 62.38
CA TYR K 290 0.12 -6.02 63.10
C TYR K 290 -0.99 -6.68 62.28
N ASP K 291 -1.90 -5.86 61.72
CA ASP K 291 -2.94 -6.39 60.87
C ASP K 291 -2.41 -6.91 59.55
N ASN K 292 -1.21 -6.48 59.13
CA ASN K 292 -0.61 -6.99 57.91
C ASN K 292 -0.06 -8.39 58.13
N LEU K 293 0.66 -8.62 59.23
CA LEU K 293 1.09 -9.97 59.57
C LEU K 293 -0.10 -10.86 59.87
N LEU K 294 -1.16 -10.31 60.47
CA LEU K 294 -2.39 -11.07 60.66
C LEU K 294 -2.99 -11.46 59.32
N GLU K 295 -2.95 -10.55 58.34
CA GLU K 295 -3.43 -10.89 57.01
C GLU K 295 -2.59 -11.97 56.37
N GLN K 296 -1.26 -11.93 56.60
CA GLN K 296 -0.39 -12.98 56.04
C GLN K 296 -0.71 -14.33 56.66
N ASN K 297 -0.94 -14.37 57.97
CA ASN K 297 -1.29 -15.63 58.62
C ASN K 297 -2.66 -16.13 58.13
N LEU K 298 -3.62 -15.22 57.97
CA LEU K 298 -4.96 -15.62 57.54
C LEU K 298 -4.93 -16.17 56.11
N ILE K 299 -4.24 -15.47 55.20
CA ILE K 299 -4.09 -16.00 53.85
C ILE K 299 -3.10 -17.16 53.80
N ARG K 300 -2.45 -17.47 54.92
CA ARG K 300 -1.53 -18.60 55.00
C ARG K 300 -2.24 -19.89 55.38
N VAL K 301 -3.03 -19.87 56.45
CA VAL K 301 -3.66 -21.09 56.93
C VAL K 301 -5.07 -21.31 56.37
N ILE K 302 -5.80 -20.24 56.08
CA ILE K 302 -7.16 -20.40 55.58
C ILE K 302 -7.16 -20.80 54.10
N GLU K 303 -6.23 -20.26 53.32
CA GLU K 303 -6.18 -20.54 51.89
C GLU K 303 -6.18 -22.02 51.55
N PRO K 304 -5.42 -22.90 52.21
CA PRO K 304 -5.54 -24.34 51.91
C PRO K 304 -6.74 -25.01 52.56
N PHE K 305 -7.38 -24.37 53.53
CA PHE K 305 -8.51 -24.95 54.24
C PHE K 305 -9.81 -24.38 53.66
N SER K 306 -10.51 -25.20 52.87
CA SER K 306 -11.79 -24.78 52.32
C SER K 306 -12.85 -24.72 53.42
N ARG K 307 -12.96 -25.77 54.22
CA ARG K 307 -13.91 -25.83 55.33
C ARG K 307 -13.24 -26.54 56.50
N VAL K 308 -13.02 -25.80 57.59
CA VAL K 308 -12.29 -26.32 58.74
C VAL K 308 -12.84 -25.66 59.99
N GLN K 309 -12.58 -26.28 61.14
CA GLN K 309 -13.05 -25.76 62.41
C GLN K 309 -12.38 -24.43 62.74
N ILE K 310 -13.11 -23.56 63.44
CA ILE K 310 -12.56 -22.27 63.82
C ILE K 310 -11.60 -22.42 65.00
N GLU K 311 -11.78 -23.44 65.84
CA GLU K 311 -10.87 -23.69 66.95
C GLU K 311 -9.67 -24.52 66.54
N HIS K 312 -9.81 -25.37 65.53
CA HIS K 312 -8.66 -26.10 65.01
C HIS K 312 -7.69 -25.19 64.27
N ILE K 313 -8.21 -24.12 63.65
CA ILE K 313 -7.35 -23.17 62.95
C ILE K 313 -6.97 -21.99 63.82
N SER K 314 -7.76 -21.67 64.84
CA SER K 314 -7.42 -20.61 65.77
C SER K 314 -6.55 -21.07 66.93
N SER K 315 -6.48 -22.39 67.16
CA SER K 315 -5.63 -22.91 68.22
C SER K 315 -4.14 -22.73 67.90
N LEU K 316 -3.81 -22.68 66.60
CA LEU K 316 -2.42 -22.45 66.22
C LEU K 316 -1.95 -21.06 66.69
N ILE K 317 -2.81 -20.06 66.56
CA ILE K 317 -2.48 -18.71 67.00
C ILE K 317 -2.90 -18.45 68.45
N LYS K 318 -3.59 -19.41 69.07
CA LYS K 318 -4.06 -19.33 70.47
C LYS K 318 -4.61 -17.96 70.82
N LEU K 319 -5.43 -17.42 69.92
CA LEU K 319 -6.11 -16.16 70.12
C LEU K 319 -7.61 -16.35 70.03
N SER K 320 -8.35 -15.37 70.55
CA SER K 320 -9.80 -15.44 70.53
C SER K 320 -10.33 -15.24 69.12
N LYS K 321 -11.57 -15.70 68.91
CA LYS K 321 -12.23 -15.58 67.61
C LYS K 321 -12.97 -14.26 67.44
N ALA K 322 -12.93 -13.38 68.45
CA ALA K 322 -13.66 -12.11 68.35
C ALA K 322 -12.95 -11.15 67.40
N ASP K 323 -11.71 -10.80 67.73
CA ASP K 323 -10.96 -9.87 66.88
C ASP K 323 -10.66 -10.49 65.52
N VAL K 324 -10.36 -11.79 65.49
CA VAL K 324 -10.10 -12.46 64.21
C VAL K 324 -11.36 -12.49 63.36
N GLU K 325 -12.50 -12.78 63.98
CA GLU K 325 -13.76 -12.80 63.24
C GLU K 325 -14.12 -11.41 62.73
N ARG K 326 -13.87 -10.38 63.54
CA ARG K 326 -14.19 -9.01 63.13
C ARG K 326 -13.30 -8.55 61.98
N LYS K 327 -12.00 -8.86 62.06
CA LYS K 327 -11.09 -8.49 60.97
C LYS K 327 -11.40 -9.27 59.71
N LEU K 328 -11.65 -10.57 59.83
CA LEU K 328 -12.01 -11.39 58.68
C LEU K 328 -13.26 -10.85 58.00
N SER K 329 -14.37 -10.79 58.75
CA SER K 329 -15.61 -10.29 58.18
C SER K 329 -15.46 -8.88 57.63
N GLN K 330 -14.63 -8.06 58.26
CA GLN K 330 -14.36 -6.72 57.73
C GLN K 330 -13.67 -6.79 56.38
N MET K 331 -12.77 -7.76 56.20
CA MET K 331 -12.06 -7.88 54.94
C MET K 331 -12.88 -8.57 53.85
N ILE K 332 -13.88 -9.38 54.22
CA ILE K 332 -14.83 -9.86 53.24
C ILE K 332 -15.77 -8.73 52.83
N LEU K 333 -16.16 -7.87 53.78
CA LEU K 333 -16.89 -6.66 53.43
C LEU K 333 -16.06 -5.72 52.58
N ASP K 334 -14.73 -5.82 52.67
CA ASP K 334 -13.85 -5.08 51.78
C ASP K 334 -13.60 -5.80 50.46
N LYS K 335 -14.05 -7.05 50.33
CA LYS K 335 -13.99 -7.81 49.08
C LYS K 335 -12.56 -7.96 48.58
N LYS K 336 -11.64 -8.30 49.49
CA LYS K 336 -10.27 -8.57 49.08
C LYS K 336 -10.08 -10.00 48.60
N PHE K 337 -10.96 -10.92 48.99
CA PHE K 337 -10.90 -12.31 48.55
C PHE K 337 -12.30 -12.91 48.65
N HIS K 338 -12.42 -14.16 48.24
CA HIS K 338 -13.70 -14.86 48.20
C HIS K 338 -13.85 -15.69 49.47
N GLY K 339 -14.89 -15.41 50.25
CA GLY K 339 -15.13 -16.14 51.47
C GLY K 339 -16.28 -15.55 52.24
N ILE K 340 -16.76 -16.33 53.20
CA ILE K 340 -17.87 -15.90 54.06
C ILE K 340 -17.78 -16.67 55.37
N LEU K 341 -18.04 -15.98 56.47
CA LEU K 341 -17.90 -16.56 57.80
C LEU K 341 -19.22 -17.16 58.27
N ASP K 342 -19.21 -17.66 59.50
CA ASP K 342 -20.39 -18.28 60.09
C ASP K 342 -20.21 -18.33 61.61
N GLN K 343 -21.32 -18.23 62.32
CA GLN K 343 -21.33 -18.24 63.78
C GLN K 343 -21.98 -19.49 64.37
N GLY K 344 -23.10 -19.94 63.81
CA GLY K 344 -23.75 -21.12 64.35
C GLY K 344 -22.99 -22.40 64.05
N GLU K 345 -22.58 -22.58 62.80
CA GLU K 345 -21.85 -23.77 62.38
C GLU K 345 -20.38 -23.52 62.09
N GLY K 346 -19.98 -22.28 61.80
CA GLY K 346 -18.59 -22.00 61.49
C GLY K 346 -18.13 -22.54 60.15
N VAL K 347 -19.03 -22.68 59.19
CA VAL K 347 -18.72 -23.25 57.89
C VAL K 347 -18.16 -22.16 56.99
N LEU K 348 -17.03 -22.45 56.34
CA LEU K 348 -16.39 -21.52 55.42
C LEU K 348 -16.67 -21.98 53.99
N ILE K 349 -17.15 -21.05 53.16
CA ILE K 349 -17.46 -21.33 51.77
C ILE K 349 -16.76 -20.30 50.89
N ILE K 350 -16.08 -20.77 49.85
CA ILE K 350 -15.36 -19.91 48.91
C ILE K 350 -15.91 -20.18 47.52
N PHE K 351 -16.35 -19.12 46.85
CA PHE K 351 -16.90 -19.24 45.51
C PHE K 351 -16.67 -17.95 44.75
N ASP K 352 -16.81 -18.04 43.42
CA ASP K 352 -16.59 -16.88 42.56
C ASP K 352 -17.53 -16.97 41.36
N GLU K 353 -17.70 -15.83 40.69
CA GLU K 353 -18.59 -15.72 39.53
C GLU K 353 -17.79 -15.12 38.38
N PRO K 354 -17.19 -15.95 37.54
CA PRO K 354 -16.34 -15.43 36.45
C PRO K 354 -17.12 -14.62 35.42
N PRO K 355 -18.29 -15.10 34.91
CA PRO K 355 -18.87 -14.33 33.78
C PRO K 355 -19.54 -13.02 34.20
N VAL K 356 -18.70 -12.02 34.48
CA VAL K 356 -19.22 -10.72 34.92
C VAL K 356 -19.58 -9.85 33.72
N ASP K 357 -18.91 -10.03 32.58
CA ASP K 357 -19.07 -9.15 31.43
C ASP K 357 -20.33 -9.44 30.62
N LYS K 358 -21.13 -10.42 31.03
CA LYS K 358 -22.35 -10.73 30.30
C LYS K 358 -23.52 -9.86 30.75
N THR K 359 -23.82 -9.89 32.05
CA THR K 359 -24.95 -9.13 32.58
C THR K 359 -24.73 -7.63 32.50
N TYR K 360 -23.48 -7.18 32.52
CA TYR K 360 -23.20 -5.75 32.37
C TYR K 360 -23.55 -5.28 30.96
N GLU K 361 -23.02 -5.96 29.94
CA GLU K 361 -23.30 -5.56 28.57
C GLU K 361 -24.78 -5.74 28.23
N ALA K 362 -25.39 -6.82 28.73
CA ALA K 362 -26.82 -7.05 28.47
C ALA K 362 -27.67 -5.96 29.12
N ALA K 363 -27.42 -5.68 30.40
CA ALA K 363 -28.18 -4.65 31.10
C ALA K 363 -27.98 -3.28 30.47
N LEU K 364 -26.76 -2.99 30.02
CA LEU K 364 -26.51 -1.72 29.33
C LEU K 364 -27.24 -1.67 28.00
N GLU K 365 -27.36 -2.80 27.30
CA GLU K 365 -28.12 -2.81 26.06
C GLU K 365 -29.61 -2.60 26.32
N THR K 366 -30.13 -3.16 27.42
CA THR K 366 -31.53 -2.95 27.75
C THR K 366 -31.79 -1.49 28.13
N ILE K 367 -30.93 -0.92 28.97
CA ILE K 367 -31.12 0.46 29.41
C ILE K 367 -30.96 1.42 28.24
N GLN K 368 -30.00 1.15 27.34
CA GLN K 368 -29.82 2.03 26.19
C GLN K 368 -30.94 1.86 25.18
N ASN K 369 -31.52 0.67 25.08
CA ASN K 369 -32.63 0.45 24.15
C ASN K 369 -33.95 0.99 24.69
N MET K 370 -34.09 1.12 26.01
CA MET K 370 -35.26 1.77 26.58
C MET K 370 -35.42 3.18 26.03
N SER K 371 -34.31 3.94 25.97
CA SER K 371 -34.38 5.27 25.39
C SER K 371 -34.70 5.23 23.91
N LYS K 372 -34.32 4.15 23.21
CA LYS K 372 -34.64 4.03 21.80
C LYS K 372 -36.14 3.84 21.60
N VAL K 373 -36.75 2.92 22.36
CA VAL K 373 -38.17 2.66 22.20
C VAL K 373 -38.99 3.84 22.70
N VAL K 374 -38.55 4.49 23.78
CA VAL K 374 -39.26 5.64 24.31
C VAL K 374 -39.19 6.81 23.33
N ASP K 375 -38.01 7.03 22.74
CA ASP K 375 -37.89 8.09 21.72
C ASP K 375 -38.72 7.75 20.49
N SER K 376 -38.81 6.47 20.14
CA SER K 376 -39.70 6.07 19.04
C SER K 376 -41.15 6.40 19.36
N LEU K 377 -41.58 6.12 20.59
CA LEU K 377 -42.93 6.48 21.01
C LEU K 377 -43.10 8.00 21.10
N TYR K 378 -42.02 8.75 21.24
CA TYR K 378 -42.11 10.20 21.23
C TYR K 378 -42.27 10.74 19.80
N ASN K 379 -41.57 10.12 18.84
CA ASN K 379 -41.73 10.53 17.45
C ASN K 379 -43.10 10.14 16.91
N LYS K 380 -43.55 8.92 17.23
CA LYS K 380 -44.87 8.50 16.75
C LYS K 380 -46.00 9.19 17.50
N ALA K 381 -45.84 9.37 18.81
CA ALA K 381 -46.83 10.14 19.57
C ALA K 381 -46.86 11.60 19.13
N LYS K 382 -45.72 12.12 18.64
CA LYS K 382 -45.70 13.48 18.13
C LYS K 382 -46.36 13.57 16.76
N LYS K 383 -46.12 12.59 15.89
CA LYS K 383 -46.67 12.63 14.53
C LYS K 383 -48.13 12.23 14.47
N LEU K 384 -48.65 11.52 15.49
CA LEU K 384 -50.03 11.07 15.49
C LEU K 384 -50.94 12.01 16.27
N THR K 385 -50.62 12.27 17.52
CA THR K 385 -51.45 13.15 18.36
C THR K 385 -50.67 14.39 18.81
N PRO L 1 -33.89 36.69 53.05
CA PRO L 1 -32.70 37.36 52.51
C PRO L 1 -31.40 36.75 53.03
N LYS L 2 -30.28 37.44 52.78
CA LYS L 2 -28.98 36.98 53.24
C LYS L 2 -28.67 37.42 54.67
N ASN L 3 -29.55 38.22 55.28
CA ASN L 3 -29.34 38.65 56.65
C ASN L 3 -29.57 37.50 57.62
N PRO L 4 -29.09 37.63 58.86
CA PRO L 4 -29.38 36.59 59.88
C PRO L 4 -30.87 36.41 60.16
N ASP L 5 -31.73 37.30 59.68
CA ASP L 5 -33.17 37.12 59.84
C ASP L 5 -33.66 35.87 59.12
N LEU L 6 -32.88 35.33 58.18
CA LEU L 6 -33.24 34.06 57.55
C LEU L 6 -33.17 32.92 58.55
N ARG L 7 -32.11 32.89 59.37
CA ARG L 7 -31.98 31.84 60.37
C ARG L 7 -32.86 32.11 61.59
N ILE L 8 -32.89 33.37 62.05
CA ILE L 8 -33.71 33.71 63.21
C ILE L 8 -35.19 33.47 62.89
N ALA L 9 -35.64 33.89 61.71
CA ALA L 9 -36.98 33.57 61.25
C ALA L 9 -37.10 32.13 60.78
N GLN L 10 -35.99 31.42 60.64
CA GLN L 10 -35.99 30.01 60.28
C GLN L 10 -36.14 29.09 61.49
N LEU L 11 -35.89 29.62 62.70
CA LEU L 11 -36.12 28.85 63.92
C LEU L 11 -37.60 28.76 64.29
N ARG L 12 -38.50 29.27 63.44
CA ARG L 12 -39.93 29.22 63.73
C ARG L 12 -40.48 27.80 63.72
N PHE L 13 -39.78 26.86 63.09
CA PHE L 13 -40.25 25.48 63.08
C PHE L 13 -40.12 24.86 64.47
N LEU L 14 -38.94 24.99 65.08
CA LEU L 14 -38.78 24.54 66.46
C LEU L 14 -39.47 25.49 67.45
N LEU L 15 -39.79 26.70 67.02
CA LEU L 15 -40.62 27.57 67.85
C LEU L 15 -42.07 27.14 67.86
N SER L 16 -42.53 26.49 66.78
CA SER L 16 -43.95 26.19 66.60
C SER L 16 -44.37 24.88 67.25
N LEU L 17 -43.75 23.77 66.83
CA LEU L 17 -44.26 22.45 67.21
C LEU L 17 -43.96 22.10 68.66
N PRO L 18 -42.72 22.17 69.15
CA PRO L 18 -42.47 21.85 70.55
C PRO L 18 -42.65 23.06 71.45
N GLU L 19 -43.18 22.79 72.65
CA GLU L 19 -43.43 23.81 73.65
C GLU L 19 -42.29 23.94 74.67
N HIS L 20 -41.30 23.05 74.62
CA HIS L 20 -40.20 23.11 75.57
C HIS L 20 -39.13 24.10 75.12
N ARG L 21 -38.73 24.02 73.85
CA ARG L 21 -37.70 24.90 73.30
C ARG L 21 -38.27 26.21 72.75
N GLY L 22 -39.56 26.47 72.96
CA GLY L 22 -40.18 27.68 72.46
C GLY L 22 -39.90 28.92 73.28
N ASP L 23 -38.88 28.86 74.14
CA ASP L 23 -38.50 29.99 74.98
C ASP L 23 -37.31 30.75 74.42
N ALA L 24 -36.24 30.04 74.02
CA ALA L 24 -35.08 30.71 73.45
C ALA L 24 -35.36 31.21 72.04
N ALA L 25 -36.17 30.48 71.27
CA ALA L 25 -36.49 30.91 69.92
C ALA L 25 -37.32 32.18 69.91
N VAL L 26 -38.24 32.32 70.88
CA VAL L 26 -38.96 33.58 71.02
C VAL L 26 -38.13 34.62 71.75
N ARG L 27 -37.08 34.18 72.45
CA ARG L 27 -36.19 35.14 73.11
C ARG L 27 -35.33 35.88 72.09
N ASP L 28 -34.61 35.14 71.26
CA ASP L 28 -33.83 35.79 70.19
C ASP L 28 -34.69 36.19 69.00
N GLU L 29 -35.92 35.68 68.90
CA GLU L 29 -36.83 36.16 67.88
C GLU L 29 -37.42 37.52 68.26
N LEU L 30 -37.82 37.69 69.52
CA LEU L 30 -38.32 38.98 69.98
C LEU L 30 -37.19 39.98 70.11
N MET L 31 -36.01 39.53 70.57
CA MET L 31 -34.86 40.42 70.67
C MET L 31 -34.35 40.81 69.28
N ALA L 32 -34.39 39.88 68.33
CA ALA L 32 -33.96 40.13 66.96
C ALA L 32 -35.07 40.72 66.10
N ALA L 33 -36.26 40.93 66.65
CA ALA L 33 -37.35 41.50 65.88
C ALA L 33 -37.11 42.96 65.50
N VAL L 34 -36.19 43.64 66.18
CA VAL L 34 -35.89 45.04 65.91
C VAL L 34 -34.81 45.12 64.83
N ARG L 35 -34.48 43.99 64.22
CA ARG L 35 -33.42 43.90 63.24
C ARG L 35 -33.97 43.41 61.91
N ASP L 36 -33.51 44.04 60.82
CA ASP L 36 -33.83 43.63 59.46
C ASP L 36 -35.33 43.72 59.16
N ASN L 37 -36.03 44.61 59.86
CA ASN L 37 -37.45 44.86 59.66
C ASN L 37 -38.26 43.56 59.75
N ASN L 38 -38.21 42.94 60.93
CA ASN L 38 -38.85 41.66 61.19
C ASN L 38 -40.34 41.79 61.52
N MET L 39 -40.93 42.97 61.31
CA MET L 39 -42.31 43.21 61.71
C MET L 39 -43.27 42.21 61.05
N ALA L 40 -43.29 42.18 59.73
CA ALA L 40 -44.26 41.38 58.99
C ALA L 40 -44.09 39.86 59.19
N PRO L 41 -42.86 39.32 59.23
CA PRO L 41 -42.73 37.87 59.48
C PRO L 41 -43.34 37.43 60.80
N TYR L 42 -42.92 38.02 61.92
CA TYR L 42 -43.44 37.59 63.21
C TYR L 42 -44.88 38.06 63.43
N TYR L 43 -45.33 39.08 62.70
CA TYR L 43 -46.74 39.44 62.74
C TYR L 43 -47.59 38.41 62.00
N GLU L 44 -47.05 37.82 60.94
CA GLU L 44 -47.74 36.72 60.27
C GLU L 44 -47.74 35.47 61.12
N ALA L 45 -46.60 35.17 61.76
CA ALA L 45 -46.49 34.03 62.68
C ALA L 45 -46.85 34.41 64.11
N LEU L 46 -47.66 35.46 64.29
CA LEU L 46 -48.02 35.89 65.63
C LEU L 46 -48.94 34.91 66.34
N CYS L 47 -49.65 34.06 65.59
CA CYS L 47 -50.51 33.05 66.22
C CYS L 47 -49.69 32.06 67.05
N LYS L 48 -48.46 31.78 66.63
CA LYS L 48 -47.55 30.93 67.39
C LYS L 48 -46.71 31.73 68.39
N SER L 49 -47.17 32.92 68.78
CA SER L 49 -46.40 33.80 69.64
C SER L 49 -47.20 34.20 70.87
N LEU L 50 -46.69 35.17 71.63
CA LEU L 50 -47.32 35.59 72.88
C LEU L 50 -48.54 36.47 72.58
N ASP L 51 -49.06 37.12 73.61
CA ASP L 51 -50.29 37.90 73.50
C ASP L 51 -50.00 39.22 72.78
N TRP L 52 -50.99 40.12 72.78
CA TRP L 52 -50.92 41.38 72.06
C TRP L 52 -50.63 42.56 72.97
N GLN L 53 -50.30 42.33 74.23
CA GLN L 53 -50.02 43.42 75.16
C GLN L 53 -48.78 44.20 74.72
N ILE L 54 -47.64 43.51 74.59
CA ILE L 54 -46.41 44.14 74.15
C ILE L 54 -46.25 44.11 72.64
N ASP L 55 -47.10 43.37 71.93
CA ASP L 55 -46.96 43.26 70.48
C ASP L 55 -47.27 44.58 69.79
N VAL L 56 -48.34 45.26 70.20
CA VAL L 56 -48.77 46.49 69.53
C VAL L 56 -47.91 47.68 69.87
N ASP L 57 -46.88 47.52 70.71
CA ASP L 57 -46.05 48.64 71.11
C ASP L 57 -45.11 49.06 69.98
N LEU L 58 -44.34 48.10 69.44
CA LEU L 58 -43.34 48.39 68.42
C LEU L 58 -43.90 48.40 67.01
N LEU L 59 -45.13 47.91 66.80
CA LEU L 59 -45.71 47.91 65.45
C LEU L 59 -45.89 49.31 64.92
N ASN L 60 -46.18 50.28 65.78
CA ASN L 60 -46.38 51.66 65.33
C ASN L 60 -45.07 52.28 64.86
N LYS L 61 -43.94 51.86 65.43
CA LYS L 61 -42.65 52.38 65.01
C LYS L 61 -42.11 51.64 63.79
N MET L 62 -42.33 50.33 63.73
CA MET L 62 -41.85 49.57 62.58
C MET L 62 -42.68 49.87 61.34
N LYS L 63 -43.97 50.14 61.49
CA LYS L 63 -44.80 50.46 60.34
C LYS L 63 -44.50 51.83 59.76
N LYS L 64 -43.98 52.75 60.56
CA LYS L 64 -43.61 54.07 60.05
C LYS L 64 -42.16 54.10 59.57
N ALA L 65 -41.27 53.31 60.19
CA ALA L 65 -39.91 53.20 59.67
C ALA L 65 -39.88 52.45 58.36
N ASN L 66 -40.76 51.45 58.20
CA ASN L 66 -40.88 50.75 56.92
C ASN L 66 -41.27 51.72 55.81
N GLU L 67 -42.25 52.58 56.08
CA GLU L 67 -42.66 53.55 55.07
C GLU L 67 -41.61 54.63 54.86
N ASP L 68 -40.83 54.95 55.90
CA ASP L 68 -39.79 55.96 55.77
C ASP L 68 -38.65 55.47 54.88
N GLU L 69 -38.08 54.31 55.21
CA GLU L 69 -37.02 53.76 54.38
C GLU L 69 -37.54 53.38 53.00
N LEU L 70 -38.80 52.95 52.91
CA LEU L 70 -39.39 52.60 51.62
C LEU L 70 -39.52 53.82 50.73
N LYS L 71 -40.01 54.93 51.29
CA LYS L 71 -40.13 56.15 50.49
C LYS L 71 -38.78 56.80 50.22
N ARG L 72 -37.77 56.51 51.06
CA ARG L 72 -36.42 56.98 50.74
C ARG L 72 -35.80 56.18 49.61
N LEU L 73 -36.07 54.87 49.54
CA LEU L 73 -35.65 54.08 48.41
C LEU L 73 -36.46 54.41 47.15
N ASP L 74 -37.70 54.89 47.31
CA ASP L 74 -38.47 55.34 46.16
C ASP L 74 -37.94 56.66 45.63
N GLU L 75 -37.60 57.60 46.54
CA GLU L 75 -37.02 58.86 46.11
C GLU L 75 -35.65 58.65 45.49
N GLU L 76 -34.85 57.73 46.05
CA GLU L 76 -33.57 57.41 45.46
C GLU L 76 -33.74 56.71 44.11
N LEU L 77 -34.79 55.90 43.96
CA LEU L 77 -35.06 55.27 42.67
C LEU L 77 -35.46 56.32 41.63
N GLU L 78 -36.25 57.31 42.04
CA GLU L 78 -36.61 58.39 41.12
C GLU L 78 -35.41 59.28 40.80
N ASP L 79 -34.45 59.40 41.73
CA ASP L 79 -33.24 60.15 41.45
C ASP L 79 -32.31 59.38 40.51
N ALA L 80 -32.32 58.05 40.58
CA ALA L 80 -31.54 57.23 39.66
C ALA L 80 -32.20 57.11 38.29
N GLU L 81 -33.51 57.36 38.20
CA GLU L 81 -34.22 57.26 36.94
C GLU L 81 -34.03 58.54 36.13
N LYS L 82 -34.38 58.46 34.85
CA LYS L 82 -34.24 59.59 33.91
C LYS L 82 -32.80 60.04 33.78
N ASN L 83 -31.85 59.13 34.01
CA ASN L 83 -30.43 59.44 33.91
C ASN L 83 -29.73 58.29 33.20
N LEU L 84 -28.63 58.63 32.52
CA LEU L 84 -27.86 57.64 31.79
C LEU L 84 -27.12 56.73 32.76
N GLY L 85 -27.47 55.45 32.76
CA GLY L 85 -26.84 54.49 33.64
C GLY L 85 -27.59 53.17 33.71
N GLU L 86 -26.85 52.08 33.96
CA GLU L 86 -27.44 50.74 34.05
C GLU L 86 -27.29 50.14 35.42
N SER L 87 -26.08 50.16 36.00
CA SER L 87 -25.86 49.56 37.31
C SER L 87 -26.45 50.40 38.44
N GLU L 88 -26.66 51.69 38.22
CA GLU L 88 -27.25 52.53 39.27
C GLU L 88 -28.71 52.17 39.49
N ILE L 89 -29.47 52.00 38.41
CA ILE L 89 -30.87 51.61 38.54
C ILE L 89 -30.97 50.17 39.05
N ARG L 90 -30.03 49.30 38.64
CA ARG L 90 -30.01 47.94 39.16
C ARG L 90 -29.73 47.94 40.66
N ASP L 91 -28.90 48.86 41.14
CA ASP L 91 -28.62 48.93 42.56
C ASP L 91 -29.76 49.57 43.34
N ALA L 92 -30.50 50.50 42.71
CA ALA L 92 -31.63 51.11 43.40
C ALA L 92 -32.80 50.15 43.51
N MET L 93 -33.24 49.60 42.37
CA MET L 93 -34.32 48.62 42.39
C MET L 93 -33.90 47.34 43.12
N MET L 94 -32.62 46.97 43.04
CA MET L 94 -32.14 45.79 43.73
C MET L 94 -32.12 46.01 45.24
N ALA L 95 -31.73 47.22 45.68
CA ALA L 95 -31.75 47.52 47.10
C ALA L 95 -33.17 47.60 47.62
N LYS L 96 -34.09 48.17 46.83
CA LYS L 96 -35.50 48.18 47.19
C LYS L 96 -36.04 46.76 47.32
N ALA L 97 -35.61 45.87 46.41
CA ALA L 97 -36.03 44.48 46.48
C ALA L 97 -35.41 43.77 47.68
N GLU L 98 -34.21 44.19 48.09
CA GLU L 98 -33.60 43.60 49.28
C GLU L 98 -34.32 44.04 50.55
N TYR L 99 -34.77 45.30 50.59
CA TYR L 99 -35.56 45.75 51.73
C TYR L 99 -36.93 45.08 51.73
N LEU L 100 -37.52 44.88 50.55
CA LEU L 100 -38.76 44.14 50.46
C LEU L 100 -38.59 42.66 50.80
N CYS L 101 -37.36 42.14 50.70
CA CYS L 101 -37.06 40.83 51.25
C CYS L 101 -36.82 40.88 52.75
N ARG L 102 -36.40 42.04 53.28
CA ARG L 102 -36.27 42.18 54.72
C ARG L 102 -37.63 42.21 55.40
N ILE L 103 -38.60 42.91 54.79
CA ILE L 103 -39.96 42.91 55.34
C ILE L 103 -40.65 41.57 55.10
N GLY L 104 -40.26 40.83 54.08
CA GLY L 104 -40.84 39.51 53.84
C GLY L 104 -42.08 39.53 52.97
N ASP L 105 -42.09 40.38 51.95
CA ASP L 105 -43.22 40.48 51.02
C ASP L 105 -42.70 40.23 49.61
N LYS L 106 -43.05 39.08 49.04
CA LYS L 106 -42.57 38.68 47.73
C LYS L 106 -43.45 39.17 46.58
N GLU L 107 -44.41 40.04 46.85
CA GLU L 107 -45.17 40.66 45.77
C GLU L 107 -44.39 41.80 45.14
N GLY L 108 -44.09 42.84 45.92
CA GLY L 108 -43.24 43.91 45.43
C GLY L 108 -41.81 43.49 45.21
N ALA L 109 -41.35 42.46 45.92
CA ALA L 109 -40.05 41.87 45.62
C ALA L 109 -40.10 40.93 44.44
N LEU L 110 -41.26 40.36 44.13
CA LEU L 110 -41.40 39.55 42.92
C LEU L 110 -41.38 40.44 41.68
N THR L 111 -42.18 41.52 41.68
CA THR L 111 -42.15 42.43 40.56
C THR L 111 -40.87 43.27 40.54
N ALA L 112 -40.25 43.49 41.71
CA ALA L 112 -39.00 44.23 41.76
C ALA L 112 -37.85 43.40 41.19
N PHE L 113 -37.69 42.17 41.69
CA PHE L 113 -36.71 41.25 41.11
C PHE L 113 -37.07 40.86 39.69
N ARG L 114 -38.32 41.11 39.26
CA ARG L 114 -38.67 40.92 37.86
C ARG L 114 -38.18 42.07 37.01
N LYS L 115 -38.31 43.31 37.52
CA LYS L 115 -37.80 44.46 36.78
C LYS L 115 -36.28 44.44 36.71
N THR L 116 -35.61 44.32 37.86
CA THR L 116 -34.15 44.21 37.84
C THR L 116 -33.69 42.89 37.25
N TYR L 117 -34.58 41.89 37.20
CA TYR L 117 -34.26 40.67 36.46
C TYR L 117 -34.30 40.92 34.95
N ASP L 118 -35.11 41.87 34.50
CA ASP L 118 -35.15 42.26 33.10
C ASP L 118 -34.09 43.30 32.76
N LYS L 119 -33.53 43.98 33.76
CA LYS L 119 -32.47 44.95 33.53
C LYS L 119 -31.07 44.34 33.66
N THR L 120 -30.97 43.01 33.66
CA THR L 120 -29.67 42.36 33.78
C THR L 120 -28.88 42.54 32.49
N VAL L 121 -27.78 43.28 32.56
CA VAL L 121 -26.94 43.47 31.38
C VAL L 121 -26.11 42.23 31.12
N ALA L 122 -25.75 41.48 32.16
CA ALA L 122 -24.97 40.26 32.03
C ALA L 122 -25.68 39.12 32.75
N LEU L 123 -25.24 37.89 32.45
CA LEU L 123 -25.85 36.72 33.06
C LEU L 123 -25.34 36.46 34.48
N GLY L 124 -24.20 37.03 34.85
CA GLY L 124 -23.71 36.85 36.21
C GLY L 124 -24.61 37.52 37.24
N HIS L 125 -24.96 38.79 37.01
CA HIS L 125 -25.91 39.46 37.88
C HIS L 125 -27.29 38.83 37.80
N ARG L 126 -27.62 38.22 36.66
CA ARG L 126 -28.88 37.49 36.55
C ARG L 126 -28.89 36.29 37.49
N LEU L 127 -27.80 35.53 37.51
CA LEU L 127 -27.69 34.42 38.46
C LEU L 127 -27.64 34.94 39.89
N ASP L 128 -27.10 36.14 40.10
CA ASP L 128 -27.14 36.74 41.42
C ASP L 128 -28.57 37.04 41.86
N ILE L 129 -29.40 37.51 40.93
CA ILE L 129 -30.81 37.72 41.22
C ILE L 129 -31.50 36.40 41.49
N VAL L 130 -31.17 35.36 40.72
CA VAL L 130 -31.72 34.04 40.95
C VAL L 130 -31.40 33.58 42.37
N PHE L 131 -30.13 33.73 42.79
CA PHE L 131 -29.76 33.43 44.16
C PHE L 131 -30.53 34.28 45.16
N TYR L 132 -30.81 35.54 44.79
CA TYR L 132 -31.60 36.40 45.67
C TYR L 132 -33.02 35.90 45.81
N LEU L 133 -33.51 35.14 44.82
CA LEU L 133 -34.80 34.46 44.97
C LEU L 133 -34.66 33.13 45.69
N LEU L 134 -33.48 32.52 45.69
CA LEU L 134 -33.28 31.26 46.39
C LEU L 134 -33.16 31.48 47.89
N ARG L 135 -32.49 32.56 48.31
CA ARG L 135 -32.31 32.81 49.73
C ARG L 135 -33.64 33.05 50.44
N ILE L 136 -34.63 33.60 49.75
CA ILE L 136 -35.96 33.72 50.31
C ILE L 136 -36.83 32.50 49.99
N GLY L 137 -36.51 31.79 48.91
CA GLY L 137 -37.21 30.55 48.62
C GLY L 137 -36.94 29.44 49.61
N LEU L 138 -35.80 29.52 50.32
CA LEU L 138 -35.55 28.58 51.41
C LEU L 138 -36.53 28.80 52.55
N PHE L 139 -36.79 30.07 52.89
CA PHE L 139 -37.77 30.37 53.93
C PHE L 139 -39.18 30.08 53.47
N TYR L 140 -39.47 30.33 52.18
CA TYR L 140 -40.80 30.06 51.66
C TYR L 140 -41.01 28.60 51.29
N MET L 141 -39.96 27.78 51.35
CA MET L 141 -40.00 26.33 51.09
C MET L 141 -40.81 25.99 49.83
N ASP L 142 -40.75 26.86 48.82
CA ASP L 142 -41.39 26.58 47.55
C ASP L 142 -40.61 25.52 46.78
N ASN L 143 -41.30 24.81 45.90
CA ASN L 143 -40.71 23.71 45.14
C ASN L 143 -40.35 24.12 43.72
N ASP L 144 -41.32 24.59 42.94
CA ASP L 144 -41.09 24.90 41.54
C ASP L 144 -40.55 26.31 41.31
N LEU L 145 -40.93 27.26 42.16
CA LEU L 145 -40.51 28.65 41.96
C LEU L 145 -39.00 28.81 42.06
N ILE L 146 -38.34 27.98 42.87
CA ILE L 146 -36.88 28.07 43.00
C ILE L 146 -36.15 27.17 41.99
N THR L 147 -36.85 26.23 41.37
CA THR L 147 -36.24 25.40 40.34
C THR L 147 -36.47 25.94 38.93
N ARG L 148 -37.38 26.90 38.76
CA ARG L 148 -37.62 27.47 37.44
C ARG L 148 -36.50 28.41 37.04
N ASN L 149 -36.15 29.35 37.93
CA ASN L 149 -35.09 30.31 37.62
C ASN L 149 -33.71 29.67 37.60
N THR L 150 -33.52 28.55 38.30
CA THR L 150 -32.27 27.81 38.22
C THR L 150 -32.24 26.87 37.02
N GLU L 151 -33.40 26.37 36.60
CA GLU L 151 -33.45 25.57 35.38
C GLU L 151 -33.21 26.45 34.14
N LYS L 152 -33.72 27.69 34.17
CA LYS L 152 -33.49 28.60 33.05
C LYS L 152 -32.11 29.24 33.13
N ALA L 153 -31.65 29.58 34.33
CA ALA L 153 -30.35 30.21 34.51
C ALA L 153 -29.21 29.20 34.55
N LYS L 154 -29.50 27.90 34.50
CA LYS L 154 -28.44 26.90 34.56
C LYS L 154 -27.68 26.83 33.24
N SER L 155 -28.38 26.71 32.12
CA SER L 155 -27.74 26.61 30.83
C SER L 155 -27.20 27.97 30.38
N LEU L 156 -26.23 27.92 29.47
CA LEU L 156 -25.65 29.12 28.85
C LEU L 156 -25.02 30.04 29.89
N ILE L 157 -24.01 29.50 30.59
CA ILE L 157 -23.23 30.29 31.54
C ILE L 157 -22.05 30.91 30.80
N GLU L 158 -21.18 30.06 30.25
CA GLU L 158 -20.08 30.41 29.37
C GLU L 158 -19.01 31.29 30.03
N GLU L 159 -19.15 31.61 31.32
CA GLU L 159 -18.18 32.46 32.00
C GLU L 159 -17.34 31.70 33.02
N GLY L 160 -17.47 30.37 33.07
CA GLY L 160 -16.67 29.57 33.96
C GLY L 160 -17.19 29.60 35.39
N GLY L 161 -16.89 28.52 36.12
CA GLY L 161 -17.29 28.42 37.51
C GLY L 161 -16.42 29.21 38.45
N ASP L 162 -17.00 30.18 39.16
CA ASP L 162 -16.26 31.00 40.09
C ASP L 162 -15.93 30.21 41.36
N TRP L 163 -15.28 30.88 42.31
CA TRP L 163 -14.91 30.21 43.56
C TRP L 163 -16.04 30.24 44.57
N ASP L 164 -16.90 31.26 44.54
CA ASP L 164 -18.01 31.37 45.47
C ASP L 164 -19.37 31.41 44.77
N ARG L 165 -19.42 31.76 43.49
CA ARG L 165 -20.69 31.80 42.78
C ARG L 165 -21.16 30.40 42.41
N ARG L 166 -20.35 29.68 41.62
CA ARG L 166 -20.70 28.31 41.27
C ARG L 166 -20.71 27.41 42.49
N ASN L 167 -19.78 27.63 43.43
CA ASN L 167 -19.79 26.88 44.67
C ASN L 167 -21.04 27.17 45.49
N ARG L 168 -21.50 28.43 45.48
CA ARG L 168 -22.72 28.77 46.18
C ARG L 168 -23.93 28.11 45.53
N LEU L 169 -23.96 28.08 44.19
CA LEU L 169 -25.04 27.36 43.51
C LEU L 169 -25.00 25.88 43.84
N LYS L 170 -23.81 25.31 44.00
CA LYS L 170 -23.69 23.93 44.44
C LYS L 170 -24.19 23.75 45.87
N VAL L 171 -23.99 24.76 46.72
CA VAL L 171 -24.55 24.72 48.07
C VAL L 171 -26.07 24.70 48.01
N TYR L 172 -26.65 25.53 47.13
CA TYR L 172 -28.09 25.47 46.93
C TYR L 172 -28.53 24.11 46.42
N GLN L 173 -27.73 23.49 45.57
CA GLN L 173 -28.03 22.13 45.13
C GLN L 173 -28.01 21.17 46.31
N GLY L 174 -27.12 21.39 47.27
CA GLY L 174 -27.19 20.65 48.51
C GLY L 174 -28.44 20.94 49.31
N LEU L 175 -28.95 22.17 49.24
CA LEU L 175 -30.16 22.52 49.97
C LEU L 175 -31.38 21.81 49.40
N TYR L 176 -31.71 22.07 48.13
CA TYR L 176 -32.91 21.45 47.57
C TYR L 176 -32.72 19.96 47.32
N CYS L 177 -31.48 19.48 47.24
CA CYS L 177 -31.24 18.05 47.16
C CYS L 177 -31.29 17.38 48.53
N VAL L 178 -31.12 18.13 49.61
CA VAL L 178 -31.39 17.59 50.94
C VAL L 178 -32.89 17.62 51.24
N ALA L 179 -33.59 18.64 50.74
CA ALA L 179 -35.05 18.66 50.85
C ALA L 179 -35.66 17.42 50.19
N ILE L 180 -35.33 17.18 48.93
CA ILE L 180 -35.74 15.94 48.28
C ILE L 180 -34.94 14.77 48.84
N ARG L 181 -35.44 13.56 48.59
CA ARG L 181 -34.79 12.35 49.07
C ARG L 181 -33.81 11.76 48.06
N ASP L 182 -33.46 12.50 47.01
CA ASP L 182 -32.48 12.04 46.06
C ASP L 182 -31.09 12.05 46.69
N PHE L 183 -30.45 10.88 46.76
CA PHE L 183 -29.17 10.73 47.44
C PHE L 183 -28.05 10.28 46.52
N LYS L 184 -28.32 9.34 45.60
CA LYS L 184 -27.26 8.81 44.75
C LYS L 184 -26.70 9.84 43.78
N GLN L 185 -27.46 10.91 43.50
CA GLN L 185 -26.95 12.03 42.72
C GLN L 185 -26.54 13.21 43.58
N ALA L 186 -26.99 13.27 44.84
CA ALA L 186 -26.58 14.30 45.77
C ALA L 186 -25.27 13.97 46.49
N ALA L 187 -24.78 12.73 46.36
CA ALA L 187 -23.52 12.37 46.98
C ALA L 187 -22.31 12.99 46.28
N GLU L 188 -22.50 13.58 45.10
CA GLU L 188 -21.44 14.23 44.36
C GLU L 188 -21.38 15.74 44.62
N LEU L 189 -22.42 16.31 45.25
CA LEU L 189 -22.50 17.76 45.37
C LEU L 189 -21.52 18.29 46.40
N PHE L 190 -21.34 17.60 47.52
CA PHE L 190 -20.50 18.09 48.61
C PHE L 190 -19.02 17.75 48.42
N LEU L 191 -18.63 17.25 47.24
CA LEU L 191 -17.23 16.93 47.00
C LEU L 191 -16.36 18.19 46.90
N ASP L 192 -16.97 19.35 46.63
CA ASP L 192 -16.24 20.60 46.52
C ASP L 192 -16.09 21.32 47.85
N THR L 193 -16.15 20.60 48.97
CA THR L 193 -16.04 21.20 50.29
C THR L 193 -14.67 21.84 50.54
N VAL L 194 -13.68 21.58 49.68
CA VAL L 194 -12.38 22.21 49.85
C VAL L 194 -12.50 23.72 49.64
N SER L 195 -13.29 24.15 48.66
CA SER L 195 -13.46 25.55 48.35
C SER L 195 -14.56 26.23 49.15
N THR L 196 -15.33 25.47 49.93
CA THR L 196 -16.40 26.06 50.71
C THR L 196 -15.83 26.86 51.88
N PHE L 197 -16.63 27.80 52.38
CA PHE L 197 -16.22 28.69 53.45
C PHE L 197 -17.45 29.04 54.27
N THR L 198 -17.21 29.74 55.39
CA THR L 198 -18.30 30.16 56.27
C THR L 198 -19.20 31.16 55.56
N SER L 199 -20.41 30.74 55.22
CA SER L 199 -21.37 31.56 54.49
C SER L 199 -22.52 31.89 55.45
N TYR L 200 -22.46 33.09 56.04
CA TYR L 200 -23.51 33.55 56.94
C TYR L 200 -24.82 33.83 56.22
N GLU L 201 -24.84 33.77 54.88
CA GLU L 201 -26.05 34.10 54.15
C GLU L 201 -27.09 32.99 54.26
N LEU L 202 -26.68 31.74 54.04
CA LEU L 202 -27.60 30.61 54.07
C LEU L 202 -27.30 29.64 55.21
N MET L 203 -26.09 29.09 55.28
CA MET L 203 -25.77 28.07 56.26
C MET L 203 -24.29 28.16 56.62
N ASP L 204 -24.00 28.07 57.91
CA ASP L 204 -22.62 28.06 58.39
C ASP L 204 -21.90 26.82 57.88
N TYR L 205 -20.56 26.90 57.88
CA TYR L 205 -19.75 25.77 57.42
C TYR L 205 -19.93 24.55 58.31
N LYS L 206 -19.98 24.76 59.63
CA LYS L 206 -20.21 23.65 60.55
C LYS L 206 -21.61 23.10 60.41
N THR L 207 -22.58 23.93 60.02
CA THR L 207 -23.92 23.44 59.74
C THR L 207 -23.99 22.73 58.40
N PHE L 208 -23.15 23.14 57.44
CA PHE L 208 -23.09 22.44 56.16
C PHE L 208 -22.47 21.05 56.33
N VAL L 209 -21.41 20.95 57.15
CA VAL L 209 -20.84 19.64 57.43
C VAL L 209 -21.80 18.80 58.27
N THR L 210 -22.45 19.42 59.25
CA THR L 210 -23.41 18.70 60.09
C THR L 210 -24.60 18.22 59.27
N TYR L 211 -24.95 18.93 58.20
CA TYR L 211 -26.05 18.51 57.34
C TYR L 211 -25.64 17.49 56.29
N THR L 212 -24.41 17.57 55.79
CA THR L 212 -23.93 16.61 54.81
C THR L 212 -23.41 15.31 55.44
N VAL L 213 -23.22 15.29 56.76
CA VAL L 213 -22.76 14.07 57.40
C VAL L 213 -23.86 13.02 57.45
N TYR L 214 -25.13 13.44 57.30
CA TYR L 214 -26.23 12.48 57.26
C TYR L 214 -26.35 11.85 55.88
N VAL L 215 -26.37 12.67 54.83
CA VAL L 215 -26.46 12.13 53.47
C VAL L 215 -25.20 11.36 53.11
N SER L 216 -24.04 11.78 53.65
CA SER L 216 -22.81 11.05 53.39
C SER L 216 -22.69 9.81 54.25
N MET L 217 -23.11 9.89 55.52
CA MET L 217 -22.97 8.76 56.43
C MET L 217 -23.97 7.65 56.11
N ILE L 218 -25.16 8.01 55.65
CA ILE L 218 -26.21 7.03 55.35
C ILE L 218 -26.26 6.70 53.86
N ALA L 219 -26.21 7.71 53.00
CA ALA L 219 -26.37 7.51 51.56
C ALA L 219 -25.15 6.87 50.90
N LEU L 220 -24.10 6.54 51.66
CA LEU L 220 -22.89 5.96 51.10
C LEU L 220 -22.58 4.64 51.79
N GLU L 221 -21.98 3.72 51.03
CA GLU L 221 -21.56 2.44 51.55
C GLU L 221 -20.10 2.51 51.99
N ARG L 222 -19.52 1.37 52.36
CA ARG L 222 -18.16 1.36 52.88
C ARG L 222 -17.11 1.72 51.83
N PRO L 223 -17.19 1.19 50.60
CA PRO L 223 -16.24 1.66 49.57
C PRO L 223 -16.43 3.12 49.21
N ASP L 224 -17.66 3.63 49.25
CA ASP L 224 -17.90 5.03 48.92
C ASP L 224 -17.34 5.94 50.01
N LEU L 225 -17.45 5.53 51.28
CA LEU L 225 -16.88 6.31 52.36
C LEU L 225 -15.35 6.24 52.34
N ARG L 226 -14.80 5.04 52.17
CA ARG L 226 -13.35 4.87 52.13
C ARG L 226 -12.73 5.63 50.95
N GLU L 227 -13.45 5.71 49.83
CA GLU L 227 -12.94 6.45 48.68
C GLU L 227 -13.12 7.95 48.87
N LYS L 228 -14.30 8.39 49.28
CA LYS L 228 -14.61 9.81 49.31
C LYS L 228 -14.11 10.49 50.58
N VAL L 229 -14.63 10.09 51.74
CA VAL L 229 -14.44 10.85 52.96
C VAL L 229 -13.27 10.31 53.80
N ILE L 230 -13.11 9.00 53.86
CA ILE L 230 -12.02 8.44 54.66
C ILE L 230 -10.67 8.77 54.02
N LYS L 231 -10.60 8.72 52.69
CA LYS L 231 -9.38 9.13 52.00
C LYS L 231 -9.20 10.64 52.07
N GLY L 232 -10.29 11.39 52.04
CA GLY L 232 -10.20 12.84 52.10
C GLY L 232 -9.83 13.32 53.49
N ALA L 233 -9.09 14.43 53.54
CA ALA L 233 -8.65 15.03 54.79
C ALA L 233 -9.66 16.01 55.37
N GLU L 234 -10.77 16.27 54.68
CA GLU L 234 -11.73 17.27 55.14
C GLU L 234 -12.43 16.82 56.41
N ILE L 235 -12.96 15.60 56.42
CA ILE L 235 -13.58 15.07 57.63
C ILE L 235 -12.54 14.84 58.71
N LEU L 236 -11.28 14.62 58.33
CA LEU L 236 -10.21 14.49 59.32
C LEU L 236 -9.90 15.84 59.96
N GLU L 237 -10.15 16.93 59.24
CA GLU L 237 -10.00 18.26 59.83
C GLU L 237 -11.19 18.63 60.70
N VAL L 238 -12.41 18.36 60.22
CA VAL L 238 -13.61 18.83 60.90
C VAL L 238 -14.12 17.84 61.95
N LEU L 239 -13.48 16.69 62.11
CA LEU L 239 -13.91 15.78 63.17
C LEU L 239 -13.53 16.28 64.55
N HIS L 240 -12.49 17.13 64.65
CA HIS L 240 -12.05 17.64 65.94
C HIS L 240 -13.02 18.66 66.53
N SER L 241 -13.95 19.19 65.74
CA SER L 241 -14.91 20.16 66.27
C SER L 241 -15.87 19.50 67.26
N LEU L 242 -16.47 18.38 66.85
CA LEU L 242 -17.37 17.63 67.70
C LEU L 242 -16.90 16.19 67.82
N PRO L 243 -16.70 15.66 69.02
CA PRO L 243 -16.24 14.27 69.16
C PRO L 243 -17.32 13.24 68.87
N ALA L 244 -18.59 13.65 68.75
CA ALA L 244 -19.65 12.69 68.49
C ALA L 244 -19.58 12.14 67.07
N VAL L 245 -19.33 13.02 66.08
CA VAL L 245 -19.31 12.59 64.70
C VAL L 245 -18.26 11.51 64.48
N ARG L 246 -17.09 11.67 65.12
CA ARG L 246 -16.06 10.63 65.03
C ARG L 246 -16.54 9.31 65.60
N GLN L 247 -17.39 9.35 66.63
CA GLN L 247 -17.95 8.13 67.17
C GLN L 247 -18.97 7.50 66.22
N TYR L 248 -19.78 8.33 65.58
CA TYR L 248 -20.77 7.83 64.64
C TYR L 248 -20.17 7.40 63.30
N LEU L 249 -18.91 7.75 63.04
CA LEU L 249 -18.22 7.30 61.84
C LEU L 249 -17.34 6.08 62.09
N PHE L 250 -16.53 6.11 63.16
CA PHE L 250 -15.69 4.97 63.48
C PHE L 250 -16.49 3.83 64.10
N SER L 251 -17.61 4.13 64.76
CA SER L 251 -18.44 3.07 65.32
C SER L 251 -19.27 2.40 64.23
N LEU L 252 -19.77 3.18 63.27
CA LEU L 252 -20.52 2.59 62.16
C LEU L 252 -19.60 1.84 61.21
N TYR L 253 -18.45 2.44 60.87
CA TYR L 253 -17.48 1.75 60.03
C TYR L 253 -16.85 0.56 60.75
N GLU L 254 -16.80 0.61 62.07
CA GLU L 254 -16.24 -0.48 62.87
C GLU L 254 -17.27 -1.55 63.22
N CYS L 255 -18.56 -1.29 62.94
CA CYS L 255 -19.64 -2.25 63.17
C CYS L 255 -19.78 -2.59 64.65
N ARG L 256 -19.80 -1.56 65.49
CA ARG L 256 -20.01 -1.71 66.93
C ARG L 256 -21.38 -1.13 67.25
N TYR L 257 -22.38 -2.00 67.36
CA TYR L 257 -23.74 -1.58 67.63
C TYR L 257 -24.00 -1.28 69.11
N SER L 258 -23.18 -1.84 70.00
CA SER L 258 -23.41 -1.64 71.43
C SER L 258 -23.26 -0.17 71.83
N VAL L 259 -22.35 0.55 71.18
CA VAL L 259 -22.21 1.98 71.45
C VAL L 259 -22.99 2.83 70.45
N PHE L 260 -23.20 2.31 69.23
CA PHE L 260 -23.95 3.07 68.23
C PHE L 260 -25.42 3.18 68.59
N PHE L 261 -25.98 2.15 69.24
CA PHE L 261 -27.38 2.22 69.66
C PHE L 261 -27.53 3.01 70.95
N GLN L 262 -26.52 2.98 71.82
CA GLN L 262 -26.55 3.81 73.03
C GLN L 262 -26.42 5.29 72.69
N SER L 263 -25.63 5.62 71.68
CA SER L 263 -25.45 7.01 71.26
C SER L 263 -26.39 7.42 70.14
N LEU L 264 -27.20 6.50 69.61
CA LEU L 264 -28.08 6.83 68.50
C LEU L 264 -29.24 7.73 68.92
N ALA L 265 -29.52 7.83 70.23
CA ALA L 265 -30.58 8.71 70.70
C ALA L 265 -30.27 10.17 70.40
N VAL L 266 -28.99 10.54 70.37
CA VAL L 266 -28.62 11.90 70.01
C VAL L 266 -28.89 12.16 68.54
N VAL L 267 -28.73 11.15 67.69
CA VAL L 267 -29.09 11.29 66.28
C VAL L 267 -30.60 11.32 66.13
N GLU L 268 -31.33 10.63 67.00
CA GLU L 268 -32.79 10.65 66.92
C GLU L 268 -33.34 12.02 67.32
N GLN L 269 -32.89 12.55 68.45
CA GLN L 269 -33.39 13.85 68.91
C GLN L 269 -32.87 14.99 68.03
N GLU L 270 -31.60 14.93 67.64
CA GLU L 270 -31.03 15.96 66.77
C GLU L 270 -31.61 15.88 65.36
N MET L 271 -32.08 14.71 64.95
CA MET L 271 -32.60 14.54 63.60
C MET L 271 -33.87 15.36 63.37
N LYS L 272 -34.71 15.45 64.39
CA LYS L 272 -35.94 16.24 64.30
C LYS L 272 -35.67 17.67 64.76
N LYS L 273 -36.74 18.46 64.89
CA LYS L 273 -36.65 19.86 65.34
C LYS L 273 -35.77 20.70 64.43
N ASP L 274 -35.70 20.34 63.15
CA ASP L 274 -34.93 21.08 62.16
C ASP L 274 -35.86 21.63 61.09
N TRP L 275 -35.41 22.70 60.42
CA TRP L 275 -36.24 23.33 59.40
C TRP L 275 -36.51 22.39 58.24
N LEU L 276 -35.46 22.00 57.52
CA LEU L 276 -35.60 21.19 56.32
C LEU L 276 -35.31 19.71 56.53
N PHE L 277 -34.76 19.34 57.68
CA PHE L 277 -34.33 17.97 57.93
C PHE L 277 -35.30 17.19 58.81
N ALA L 278 -36.34 17.85 59.35
CA ALA L 278 -37.26 17.14 60.25
C ALA L 278 -38.21 16.21 59.50
N PRO L 279 -38.95 16.65 58.48
CA PRO L 279 -39.98 15.76 57.89
C PRO L 279 -39.42 14.48 57.28
N HIS L 280 -38.11 14.35 57.11
CA HIS L 280 -37.49 13.16 56.56
C HIS L 280 -36.90 12.25 57.64
N TYR L 281 -37.22 12.51 58.91
CA TYR L 281 -36.58 11.76 60.00
C TYR L 281 -36.96 10.29 59.97
N ARG L 282 -38.11 9.95 59.38
CA ARG L 282 -38.54 8.55 59.34
C ARG L 282 -37.73 7.75 58.33
N TYR L 283 -37.29 8.39 57.24
CA TYR L 283 -36.58 7.65 56.20
C TYR L 283 -35.13 7.36 56.58
N TYR L 284 -34.47 8.30 57.25
CA TYR L 284 -33.08 8.10 57.63
C TYR L 284 -32.93 6.99 58.66
N VAL L 285 -33.89 6.89 59.59
CA VAL L 285 -33.83 5.86 60.62
C VAL L 285 -33.96 4.47 60.00
N ARG L 286 -35.06 4.23 59.29
CA ARG L 286 -35.29 2.92 58.69
C ARG L 286 -34.22 2.57 57.66
N GLU L 287 -33.86 3.54 56.81
CA GLU L 287 -32.84 3.29 55.80
C GLU L 287 -31.49 2.98 56.42
N MET L 288 -31.16 3.63 57.55
CA MET L 288 -29.89 3.37 58.20
C MET L 288 -29.91 2.02 58.92
N ARG L 289 -31.06 1.64 59.47
CA ARG L 289 -31.17 0.34 60.13
C ARG L 289 -31.08 -0.81 59.13
N ILE L 290 -31.79 -0.69 58.00
CA ILE L 290 -31.71 -1.72 56.97
C ILE L 290 -30.33 -1.70 56.30
N HIS L 291 -29.68 -0.53 56.25
CA HIS L 291 -28.35 -0.46 55.68
C HIS L 291 -27.33 -1.15 56.58
N ALA L 292 -27.47 -0.99 57.90
CA ALA L 292 -26.58 -1.67 58.84
C ALA L 292 -26.87 -3.16 58.88
N TYR L 293 -28.14 -3.54 58.78
CA TYR L 293 -28.50 -4.96 58.76
C TYR L 293 -28.02 -5.63 57.49
N SER L 294 -28.04 -4.92 56.36
CA SER L 294 -27.45 -5.46 55.14
C SER L 294 -25.93 -5.46 55.21
N GLN L 295 -25.35 -4.52 55.95
CA GLN L 295 -23.89 -4.49 56.12
C GLN L 295 -23.41 -5.70 56.92
N LEU L 296 -24.02 -5.94 58.08
CA LEU L 296 -23.62 -7.09 58.89
C LEU L 296 -24.05 -8.40 58.24
N LEU L 297 -25.24 -8.43 57.65
CA LEU L 297 -25.76 -9.65 57.03
C LEU L 297 -25.11 -9.95 55.68
N GLU L 298 -24.34 -9.01 55.12
CA GLU L 298 -23.69 -9.27 53.83
C GLU L 298 -22.57 -10.29 53.99
N SER L 299 -21.64 -10.05 54.92
CA SER L 299 -20.52 -10.96 55.14
C SER L 299 -20.88 -12.16 56.01
N TYR L 300 -22.13 -12.27 56.45
CA TYR L 300 -22.55 -13.34 57.35
C TYR L 300 -23.68 -14.13 56.70
N ARG L 301 -23.48 -15.43 56.55
CA ARG L 301 -24.49 -16.32 55.98
C ARG L 301 -25.48 -16.78 57.04
N SER L 302 -24.98 -17.42 58.09
CA SER L 302 -25.79 -17.88 59.21
C SER L 302 -25.41 -17.10 60.46
N LEU L 303 -26.39 -16.87 61.33
CA LEU L 303 -26.20 -16.04 62.51
C LEU L 303 -27.03 -16.59 63.66
N THR L 304 -26.37 -16.95 64.75
CA THR L 304 -27.06 -17.38 65.94
C THR L 304 -27.65 -16.18 66.68
N LEU L 305 -28.64 -16.45 67.54
CA LEU L 305 -29.28 -15.40 68.30
C LEU L 305 -28.43 -14.90 69.46
N GLY L 306 -27.45 -15.69 69.91
CA GLY L 306 -26.61 -15.24 71.00
C GLY L 306 -25.63 -14.16 70.57
N TYR L 307 -24.86 -14.42 69.51
CA TYR L 307 -23.91 -13.43 69.02
C TYR L 307 -24.63 -12.21 68.45
N MET L 308 -25.84 -12.40 67.92
CA MET L 308 -26.60 -11.27 67.41
C MET L 308 -27.14 -10.41 68.55
N ALA L 309 -27.72 -11.05 69.56
CA ALA L 309 -28.26 -10.30 70.69
C ALA L 309 -27.15 -9.60 71.47
N GLU L 310 -26.00 -10.25 71.62
CA GLU L 310 -24.87 -9.61 72.30
C GLU L 310 -24.24 -8.53 71.44
N ALA L 311 -24.26 -8.70 70.10
CA ALA L 311 -23.65 -7.70 69.22
C ALA L 311 -24.50 -6.44 69.17
N PHE L 312 -25.81 -6.58 68.99
CA PHE L 312 -26.69 -5.42 68.91
C PHE L 312 -27.10 -4.89 70.28
N GLY L 313 -27.02 -5.71 71.32
CA GLY L 313 -27.39 -5.27 72.65
C GLY L 313 -28.87 -5.03 72.83
N VAL L 314 -29.71 -5.90 72.26
CA VAL L 314 -31.16 -5.76 72.35
C VAL L 314 -31.76 -7.16 72.45
N GLY L 315 -32.99 -7.22 72.94
CA GLY L 315 -33.66 -8.48 73.11
C GLY L 315 -34.02 -9.14 71.78
N VAL L 316 -34.18 -10.46 71.85
CA VAL L 316 -34.52 -11.22 70.64
C VAL L 316 -35.95 -10.95 70.21
N GLU L 317 -36.82 -10.57 71.15
CA GLU L 317 -38.23 -10.33 70.82
C GLU L 317 -38.38 -9.14 69.88
N PHE L 318 -37.41 -8.23 69.86
CA PHE L 318 -37.50 -7.07 68.97
C PHE L 318 -36.90 -7.37 67.59
N ILE L 319 -35.76 -8.06 67.53
CA ILE L 319 -35.20 -8.43 66.25
C ILE L 319 -36.06 -9.47 65.54
N ASP L 320 -36.88 -10.21 66.29
CA ASP L 320 -37.82 -11.14 65.68
C ASP L 320 -38.77 -10.41 64.74
N GLN L 321 -39.48 -9.40 65.26
CA GLN L 321 -40.36 -8.61 64.41
C GLN L 321 -39.58 -7.70 63.48
N GLU L 322 -38.33 -7.35 63.82
CA GLU L 322 -37.49 -6.58 62.90
C GLU L 322 -37.28 -7.35 61.60
N LEU L 323 -36.62 -8.50 61.68
CA LEU L 323 -36.38 -9.29 60.48
C LEU L 323 -37.68 -9.81 59.88
N SER L 324 -38.70 -10.06 60.70
CA SER L 324 -39.99 -10.48 60.18
C SER L 324 -40.60 -9.41 59.29
N ARG L 325 -40.42 -8.13 59.66
CA ARG L 325 -40.91 -7.03 58.84
C ARG L 325 -39.96 -6.70 57.69
N PHE L 326 -38.69 -7.06 57.80
CA PHE L 326 -37.70 -6.76 56.76
C PHE L 326 -37.58 -7.87 55.73
N ILE L 327 -38.25 -9.00 55.92
CA ILE L 327 -38.29 -10.02 54.87
C ILE L 327 -39.20 -9.58 53.73
N ALA L 328 -40.45 -9.25 54.05
CA ALA L 328 -41.41 -8.77 53.07
C ALA L 328 -41.31 -7.26 52.87
N ALA L 329 -41.36 -6.50 53.97
CA ALA L 329 -41.31 -5.04 53.86
C ALA L 329 -39.94 -4.56 53.41
N GLY L 330 -38.88 -5.04 54.06
CA GLY L 330 -37.54 -4.58 53.72
C GLY L 330 -37.05 -5.14 52.39
N ARG L 331 -37.24 -6.44 52.17
CA ARG L 331 -36.80 -7.12 50.95
C ARG L 331 -35.29 -6.94 50.74
N LEU L 332 -34.53 -7.47 51.71
CA LEU L 332 -33.08 -7.36 51.70
C LEU L 332 -32.40 -8.66 51.25
N HIS L 333 -32.89 -9.81 51.72
CA HIS L 333 -32.27 -11.09 51.39
C HIS L 333 -33.38 -12.13 51.25
N CYS L 334 -32.98 -13.39 51.11
CA CYS L 334 -33.91 -14.48 50.90
C CYS L 334 -34.70 -14.78 52.17
N LYS L 335 -35.56 -15.79 52.10
CA LYS L 335 -36.41 -16.14 53.22
C LYS L 335 -35.59 -16.64 54.39
N ILE L 336 -36.03 -16.29 55.60
CA ILE L 336 -35.35 -16.68 56.83
C ILE L 336 -36.14 -17.79 57.50
N ASP L 337 -35.42 -18.71 58.16
CA ASP L 337 -36.03 -19.86 58.82
C ASP L 337 -35.65 -19.87 60.29
N LYS L 338 -36.54 -20.44 61.11
CA LYS L 338 -36.32 -20.54 62.55
C LYS L 338 -36.50 -21.98 63.03
N VAL L 339 -36.16 -22.96 62.19
CA VAL L 339 -36.26 -24.35 62.61
C VAL L 339 -35.26 -24.67 63.72
N ASN L 340 -34.12 -23.98 63.73
CA ASN L 340 -33.11 -24.16 64.77
C ASN L 340 -32.91 -22.90 65.60
N GLU L 341 -33.81 -21.92 65.48
CA GLU L 341 -33.69 -20.64 66.17
C GLU L 341 -32.37 -19.95 65.84
N ILE L 342 -32.00 -19.99 64.56
CA ILE L 342 -30.76 -19.41 64.08
C ILE L 342 -31.03 -18.70 62.75
N VAL L 343 -30.62 -17.45 62.65
CA VAL L 343 -30.75 -16.69 61.41
C VAL L 343 -29.87 -17.34 60.36
N GLU L 344 -30.49 -17.91 59.32
CA GLU L 344 -29.78 -18.62 58.27
C GLU L 344 -30.36 -18.23 56.92
N THR L 345 -29.59 -17.49 56.13
CA THR L 345 -29.98 -17.09 54.79
C THR L 345 -29.11 -17.80 53.76
N ASN L 346 -29.56 -17.78 52.51
CA ASN L 346 -28.85 -18.38 51.40
C ASN L 346 -28.31 -17.34 50.42
N ARG L 347 -29.16 -16.39 50.01
CA ARG L 347 -28.82 -15.32 49.09
C ARG L 347 -28.22 -15.85 47.79
N PRO L 348 -29.03 -16.47 46.92
CA PRO L 348 -28.57 -16.84 45.57
C PRO L 348 -28.75 -15.69 44.58
N ASP L 349 -28.31 -14.49 44.97
CA ASP L 349 -28.58 -13.28 44.22
C ASP L 349 -27.52 -12.96 43.17
N SER L 350 -26.49 -13.80 43.02
CA SER L 350 -25.41 -13.55 42.08
C SER L 350 -25.54 -14.38 40.81
N LYS L 351 -25.51 -15.71 40.94
CA LYS L 351 -25.35 -16.58 39.77
C LYS L 351 -26.53 -16.47 38.83
N ASN L 352 -27.72 -16.84 39.29
CA ASN L 352 -28.90 -16.80 38.44
C ASN L 352 -29.59 -15.45 38.50
N TRP L 353 -29.63 -14.82 39.68
CA TRP L 353 -30.31 -13.53 39.80
C TRP L 353 -29.55 -12.42 39.08
N GLN L 354 -28.23 -12.55 38.96
CA GLN L 354 -27.48 -11.56 38.20
C GLN L 354 -27.92 -11.53 36.74
N TYR L 355 -28.29 -12.68 36.18
CA TYR L 355 -28.89 -12.73 34.86
C TYR L 355 -30.38 -12.40 34.90
N GLN L 356 -31.04 -12.62 36.04
CA GLN L 356 -32.46 -12.36 36.18
C GLN L 356 -32.77 -10.91 36.55
N GLU L 357 -31.76 -10.04 36.65
CA GLU L 357 -32.02 -8.64 36.92
C GLU L 357 -32.59 -7.93 35.70
N THR L 358 -32.47 -8.52 34.52
CA THR L 358 -32.95 -7.91 33.29
C THR L 358 -34.35 -8.38 32.88
N ILE L 359 -34.93 -9.35 33.60
CA ILE L 359 -36.26 -9.83 33.26
C ILE L 359 -37.33 -8.79 33.56
N LYS L 360 -37.08 -7.88 34.50
CA LYS L 360 -38.02 -6.79 34.76
C LYS L 360 -38.07 -5.83 33.59
N LYS L 361 -36.90 -5.44 33.07
CA LYS L 361 -36.86 -4.65 31.85
C LYS L 361 -37.33 -5.43 30.64
N GLY L 362 -37.29 -6.76 30.69
CA GLY L 362 -37.83 -7.56 29.60
C GLY L 362 -39.35 -7.59 29.61
N ASP L 363 -39.96 -7.60 30.79
CA ASP L 363 -41.41 -7.58 30.88
C ASP L 363 -41.97 -6.18 30.65
N LEU L 364 -41.31 -5.17 31.20
CA LEU L 364 -41.73 -3.78 30.94
C LEU L 364 -41.49 -3.41 29.49
N LEU L 365 -40.38 -3.88 28.92
CA LEU L 365 -40.14 -3.68 27.49
C LEU L 365 -41.14 -4.50 26.67
N LEU L 366 -41.61 -5.63 27.20
CA LEU L 366 -42.64 -6.39 26.51
C LEU L 366 -43.96 -5.64 26.48
N ASN L 367 -44.33 -4.99 27.59
CA ASN L 367 -45.53 -4.16 27.58
C ASN L 367 -45.33 -2.93 26.72
N ARG L 368 -44.10 -2.43 26.62
CA ARG L 368 -43.83 -1.26 25.79
C ARG L 368 -43.87 -1.59 24.30
N VAL L 369 -43.47 -2.80 23.91
CA VAL L 369 -43.63 -3.22 22.53
C VAL L 369 -45.05 -3.70 22.26
N GLN L 370 -45.81 -4.05 23.30
CA GLN L 370 -47.25 -4.22 23.13
C GLN L 370 -47.91 -2.88 22.85
N LYS L 371 -47.46 -1.82 23.53
CA LYS L 371 -47.90 -0.48 23.16
C LYS L 371 -47.46 -0.13 21.74
N LEU L 372 -46.25 -0.56 21.36
CA LEU L 372 -45.81 -0.40 19.98
C LEU L 372 -46.76 -1.11 19.02
N SER L 373 -47.31 -2.26 19.44
CA SER L 373 -48.33 -2.92 18.65
C SER L 373 -49.64 -2.15 18.66
N ARG L 374 -49.89 -1.38 19.72
CA ARG L 374 -51.08 -0.54 19.77
C ARG L 374 -50.96 0.66 18.84
N VAL L 375 -49.73 1.14 18.60
CA VAL L 375 -49.52 2.23 17.66
C VAL L 375 -49.80 1.79 16.22
N ILE L 376 -49.74 0.48 15.96
CA ILE L 376 -49.95 -0.03 14.61
C ILE L 376 -51.38 0.26 14.17
N ASN L 377 -51.51 0.90 12.99
CA ASN L 377 -52.77 1.21 12.32
C ASN L 377 -53.60 2.25 13.04
N MET L 378 -53.16 2.76 14.19
CA MET L 378 -53.92 3.77 14.92
C MET L 378 -53.01 4.54 15.89
N ALA M 1 4.61 -42.16 10.16
CA ALA M 1 5.47 -41.35 9.31
C ALA M 1 4.69 -40.16 8.74
N VAL M 2 3.64 -40.46 7.97
CA VAL M 2 2.80 -39.45 7.34
C VAL M 2 1.47 -39.42 8.10
N GLN M 3 1.10 -38.24 8.59
CA GLN M 3 -0.15 -38.09 9.33
C GLN M 3 -1.34 -37.84 8.42
N LYS M 4 -1.19 -36.99 7.42
CA LYS M 4 -2.29 -36.68 6.50
C LYS M 4 -1.73 -36.41 5.12
N VAL M 5 -2.61 -36.50 4.12
CA VAL M 5 -2.25 -36.26 2.73
C VAL M 5 -3.19 -35.21 2.16
N VAL M 6 -2.79 -34.64 1.02
CA VAL M 6 -3.57 -33.64 0.31
C VAL M 6 -3.71 -34.09 -1.14
N VAL M 7 -4.94 -34.31 -1.57
CA VAL M 7 -5.24 -34.77 -2.92
C VAL M 7 -6.03 -33.69 -3.64
N HIS M 8 -5.49 -33.20 -4.75
CA HIS M 8 -6.18 -32.21 -5.56
C HIS M 8 -7.22 -32.90 -6.45
N PRO M 9 -8.32 -32.20 -6.77
CA PRO M 9 -9.35 -32.80 -7.64
C PRO M 9 -8.89 -33.02 -9.07
N LEU M 10 -7.68 -32.57 -9.44
CA LEU M 10 -7.22 -32.75 -10.81
C LEU M 10 -7.04 -34.22 -11.16
N VAL M 11 -6.58 -35.01 -10.19
CA VAL M 11 -6.37 -36.43 -10.46
C VAL M 11 -7.71 -37.18 -10.54
N LEU M 12 -8.71 -36.74 -9.76
CA LEU M 12 -10.02 -37.38 -9.84
C LEU M 12 -10.75 -36.98 -11.11
N LEU M 13 -10.55 -35.75 -11.58
CA LEU M 13 -11.05 -35.40 -12.91
C LEU M 13 -10.27 -36.11 -14.00
N SER M 14 -9.01 -36.48 -13.72
CA SER M 14 -8.30 -37.39 -14.60
C SER M 14 -8.87 -38.79 -14.55
N VAL M 15 -9.55 -39.15 -13.46
CA VAL M 15 -10.32 -40.39 -13.44
C VAL M 15 -11.61 -40.22 -14.22
N VAL M 16 -12.18 -39.01 -14.22
CA VAL M 16 -13.28 -38.71 -15.14
C VAL M 16 -12.83 -38.88 -16.58
N ASP M 17 -11.58 -38.53 -16.87
CA ASP M 17 -11.02 -38.80 -18.19
C ASP M 17 -10.79 -40.29 -18.39
N HIS M 18 -10.42 -41.01 -17.33
CA HIS M 18 -10.35 -42.47 -17.39
C HIS M 18 -11.69 -43.07 -17.80
N PHE M 19 -12.79 -42.46 -17.35
CA PHE M 19 -14.12 -42.91 -17.73
C PHE M 19 -14.60 -42.29 -19.04
N ASN M 20 -13.86 -41.31 -19.57
CA ASN M 20 -14.22 -40.67 -20.83
C ASN M 20 -13.59 -41.37 -22.03
N ARG M 21 -12.28 -41.64 -21.96
CA ARG M 21 -11.55 -42.24 -23.07
C ARG M 21 -11.68 -43.75 -23.15
N ILE M 22 -12.68 -44.34 -22.48
CA ILE M 22 -12.88 -45.79 -22.55
C ILE M 22 -13.11 -46.22 -24.01
N GLY M 23 -14.05 -45.58 -24.68
CA GLY M 23 -14.37 -45.91 -26.05
C GLY M 23 -15.53 -46.86 -26.23
N LYS M 24 -16.28 -47.16 -25.18
CA LYS M 24 -17.44 -48.06 -25.23
C LYS M 24 -17.03 -49.44 -25.76
N VAL M 25 -16.14 -50.09 -25.00
CA VAL M 25 -15.67 -51.42 -25.36
C VAL M 25 -16.31 -52.51 -24.51
N GLY M 26 -16.69 -52.22 -23.27
CA GLY M 26 -17.33 -53.17 -22.40
C GLY M 26 -16.44 -53.80 -21.34
N ASN M 27 -15.30 -53.18 -21.01
CA ASN M 27 -14.38 -53.72 -20.01
C ASN M 27 -14.52 -53.02 -18.67
N GLN M 28 -14.33 -51.70 -18.64
CA GLN M 28 -14.45 -50.84 -17.46
C GLN M 28 -13.90 -51.51 -16.19
N LYS M 29 -12.68 -52.04 -16.31
CA LYS M 29 -12.02 -52.67 -15.18
C LYS M 29 -11.30 -51.61 -14.34
N ARG M 30 -10.54 -52.06 -13.35
CA ARG M 30 -9.84 -51.17 -12.43
C ARG M 30 -8.56 -50.66 -13.11
N VAL M 31 -8.76 -49.63 -13.95
CA VAL M 31 -7.63 -49.01 -14.64
C VAL M 31 -6.71 -48.36 -13.61
N VAL M 32 -5.44 -48.77 -13.62
CA VAL M 32 -4.46 -48.29 -12.66
C VAL M 32 -3.75 -47.07 -13.25
N GLY M 33 -3.72 -45.98 -12.49
CA GLY M 33 -3.01 -44.78 -12.88
C GLY M 33 -1.81 -44.54 -11.99
N VAL M 34 -0.79 -43.91 -12.55
CA VAL M 34 0.46 -43.64 -11.83
C VAL M 34 0.26 -42.32 -11.07
N LEU M 35 0.07 -42.43 -9.75
CA LEU M 35 -0.12 -41.25 -8.92
C LEU M 35 1.20 -40.51 -8.72
N LEU M 36 1.15 -39.19 -8.84
CA LEU M 36 2.32 -38.34 -8.64
C LEU M 36 2.06 -37.38 -7.49
N GLY M 37 3.13 -36.93 -6.85
CA GLY M 37 2.99 -36.03 -5.72
C GLY M 37 4.35 -35.58 -5.21
N SER M 38 4.33 -34.95 -4.05
CA SER M 38 5.53 -34.41 -3.42
C SER M 38 5.76 -35.16 -2.11
N TRP M 39 6.68 -36.13 -2.15
CA TRP M 39 7.04 -36.91 -0.97
C TRP M 39 8.10 -36.23 -0.11
N GLN M 40 8.61 -35.08 -0.53
CA GLN M 40 9.67 -34.40 0.22
C GLN M 40 9.19 -34.00 1.61
N LYS M 41 8.13 -33.20 1.68
CA LYS M 41 7.60 -32.77 2.96
C LYS M 41 6.85 -33.92 3.63
N LYS M 42 6.64 -33.78 4.95
CA LYS M 42 5.93 -34.82 5.70
C LYS M 42 4.51 -35.00 5.18
N VAL M 43 3.87 -33.92 4.76
CA VAL M 43 2.53 -34.01 4.19
C VAL M 43 2.63 -34.31 2.70
N LEU M 44 1.70 -35.11 2.20
CA LEU M 44 1.68 -35.51 0.80
C LEU M 44 0.75 -34.59 0.02
N ASP M 45 1.21 -34.09 -1.11
CA ASP M 45 0.45 -33.14 -1.93
C ASP M 45 0.46 -33.63 -3.38
N VAL M 46 -0.69 -34.11 -3.85
CA VAL M 46 -0.82 -34.54 -5.24
C VAL M 46 -1.16 -33.33 -6.11
N SER M 47 -0.36 -33.10 -7.14
CA SER M 47 -0.60 -32.04 -8.10
C SER M 47 -1.26 -32.53 -9.38
N ASN M 48 -0.66 -33.52 -10.04
CA ASN M 48 -1.23 -34.12 -11.23
C ASN M 48 -0.79 -35.58 -11.27
N SER M 49 -1.23 -36.29 -12.30
CA SER M 49 -0.87 -37.71 -12.48
C SER M 49 -1.11 -38.09 -13.93
N PHE M 50 -0.82 -39.34 -14.25
CA PHE M 50 -1.05 -39.90 -15.57
C PHE M 50 -1.45 -41.36 -15.41
N ALA M 51 -1.58 -42.07 -16.53
CA ALA M 51 -2.06 -43.44 -16.52
C ALA M 51 -1.12 -44.32 -17.33
N VAL M 52 -1.30 -45.64 -17.16
CA VAL M 52 -0.54 -46.65 -17.89
C VAL M 52 -1.52 -47.74 -18.31
N PRO M 53 -1.41 -48.29 -19.52
CA PRO M 53 -2.32 -49.38 -19.92
C PRO M 53 -2.24 -50.57 -18.99
N PHE M 54 -3.33 -50.85 -18.28
CA PHE M 54 -3.39 -51.91 -17.28
C PHE M 54 -4.55 -52.84 -17.62
N ASP M 55 -4.24 -54.12 -17.80
CA ASP M 55 -5.25 -55.14 -18.12
C ASP M 55 -5.01 -56.37 -17.28
N GLU M 56 -6.09 -56.94 -16.77
CA GLU M 56 -6.05 -58.15 -15.96
C GLU M 56 -6.73 -59.30 -16.72
N ASP M 57 -6.81 -60.44 -16.06
CA ASP M 57 -7.48 -61.62 -16.61
C ASP M 57 -8.86 -61.78 -15.98
N ASP M 58 -9.75 -62.44 -16.73
CA ASP M 58 -11.11 -62.66 -16.25
C ASP M 58 -11.13 -63.59 -15.05
N LYS M 59 -10.63 -64.81 -15.22
CA LYS M 59 -10.67 -65.79 -14.14
C LYS M 59 -9.53 -65.60 -13.15
N ASP M 60 -8.29 -65.67 -13.63
CA ASP M 60 -7.14 -65.55 -12.74
C ASP M 60 -6.96 -64.10 -12.29
N ASP M 61 -6.89 -63.90 -10.97
CA ASP M 61 -6.73 -62.56 -10.43
C ASP M 61 -5.26 -62.15 -10.38
N SER M 62 -4.34 -63.10 -10.32
CA SER M 62 -2.92 -62.80 -10.18
C SER M 62 -2.30 -62.23 -11.44
N VAL M 63 -3.07 -62.03 -12.51
CA VAL M 63 -2.56 -61.45 -13.75
C VAL M 63 -2.63 -59.94 -13.66
N TRP M 64 -1.49 -59.28 -13.90
CA TRP M 64 -1.42 -57.83 -13.89
C TRP M 64 -0.36 -57.38 -14.89
N PHE M 65 -0.68 -56.33 -15.64
CA PHE M 65 0.17 -55.88 -16.75
C PHE M 65 0.53 -54.42 -16.51
N LEU M 66 1.81 -54.15 -16.31
CA LEU M 66 2.34 -52.80 -16.17
C LEU M 66 3.40 -52.55 -17.25
N ASP M 67 4.02 -51.38 -17.19
CA ASP M 67 5.03 -50.99 -18.17
C ASP M 67 6.09 -50.14 -17.49
N HIS M 68 7.36 -50.49 -17.73
CA HIS M 68 8.48 -49.75 -17.18
C HIS M 68 8.97 -48.66 -18.13
N ASP M 69 9.00 -48.95 -19.44
CA ASP M 69 9.47 -47.95 -20.40
C ASP M 69 8.50 -46.77 -20.49
N TYR M 70 7.19 -47.06 -20.45
CA TYR M 70 6.21 -45.98 -20.48
C TYR M 70 6.28 -45.15 -19.21
N LEU M 71 6.54 -45.79 -18.07
CA LEU M 71 6.66 -45.06 -16.81
C LEU M 71 7.91 -44.19 -16.79
N GLU M 72 9.03 -44.71 -17.29
CA GLU M 72 10.26 -43.93 -17.31
C GLU M 72 10.24 -42.85 -18.38
N ASN M 73 9.45 -43.02 -19.43
CA ASN M 73 9.36 -42.01 -20.48
C ASN M 73 8.37 -40.90 -20.13
N MET M 74 7.19 -41.26 -19.63
CA MET M 74 6.24 -40.26 -19.17
C MET M 74 6.77 -39.54 -17.93
N TYR M 75 7.40 -40.28 -17.02
CA TYR M 75 8.01 -39.65 -15.84
C TYR M 75 9.26 -38.87 -16.21
N GLY M 76 9.99 -39.31 -17.23
CA GLY M 76 11.17 -38.58 -17.65
C GLY M 76 10.82 -37.26 -18.32
N MET M 77 9.83 -37.28 -19.21
CA MET M 77 9.40 -36.06 -19.87
C MET M 77 8.66 -35.14 -18.90
N PHE M 78 7.85 -35.71 -18.01
CA PHE M 78 7.15 -34.92 -17.01
C PHE M 78 8.14 -34.29 -16.03
N LYS M 79 9.21 -35.00 -15.71
CA LYS M 79 10.26 -34.42 -14.88
C LYS M 79 11.07 -33.38 -15.64
N LYS M 80 11.17 -33.54 -16.97
CA LYS M 80 11.87 -32.55 -17.78
C LYS M 80 11.10 -31.25 -17.87
N VAL M 81 9.76 -31.34 -17.95
CA VAL M 81 8.94 -30.13 -18.00
C VAL M 81 8.65 -29.58 -16.60
N ASN M 82 8.60 -30.46 -15.58
CA ASN M 82 8.35 -30.03 -14.21
C ASN M 82 9.11 -30.98 -13.29
N ALA M 83 10.24 -30.52 -12.76
CA ALA M 83 11.08 -31.33 -11.88
C ALA M 83 10.72 -31.17 -10.41
N ARG M 84 9.70 -30.39 -10.08
CA ARG M 84 9.29 -30.20 -8.70
C ARG M 84 8.42 -31.33 -8.17
N GLU M 85 7.96 -32.23 -9.04
CA GLU M 85 7.10 -33.33 -8.65
C GLU M 85 7.70 -34.64 -9.15
N ARG M 86 7.67 -35.67 -8.30
CA ARG M 86 8.24 -36.97 -8.61
C ARG M 86 7.23 -38.06 -8.32
N ILE M 87 7.62 -39.30 -8.67
CA ILE M 87 6.75 -40.44 -8.43
C ILE M 87 6.57 -40.67 -6.94
N VAL M 88 5.36 -41.05 -6.54
CA VAL M 88 5.05 -41.40 -5.16
C VAL M 88 4.35 -42.75 -5.06
N GLY M 89 3.32 -42.96 -5.88
CA GLY M 89 2.56 -44.20 -5.83
C GLY M 89 1.62 -44.39 -7.00
N TRP M 90 0.50 -45.07 -6.76
CA TRP M 90 -0.49 -45.34 -7.79
C TRP M 90 -1.87 -45.39 -7.14
N TYR M 91 -2.87 -45.69 -7.96
CA TYR M 91 -4.26 -45.75 -7.51
C TYR M 91 -5.08 -46.50 -8.54
N HIS M 92 -6.09 -47.23 -8.05
CA HIS M 92 -7.01 -47.97 -8.90
C HIS M 92 -8.43 -47.51 -8.63
N THR M 93 -9.26 -47.59 -9.67
CA THR M 93 -10.64 -47.12 -9.59
C THR M 93 -11.61 -48.19 -9.11
N GLY M 94 -11.14 -49.40 -8.84
CA GLY M 94 -12.00 -50.47 -8.40
C GLY M 94 -12.49 -50.26 -6.97
N PRO M 95 -13.76 -50.56 -6.73
CA PRO M 95 -14.30 -50.40 -5.37
C PRO M 95 -13.88 -51.48 -4.39
N LYS M 96 -13.35 -52.61 -4.87
CA LYS M 96 -12.99 -53.73 -4.01
C LYS M 96 -11.48 -53.93 -4.04
N LEU M 97 -10.91 -54.23 -2.88
CA LEU M 97 -9.47 -54.49 -2.76
C LEU M 97 -9.21 -55.95 -3.09
N HIS M 98 -8.57 -56.20 -4.23
CA HIS M 98 -8.26 -57.56 -4.64
C HIS M 98 -6.93 -58.02 -4.04
N LYS M 99 -6.68 -59.32 -4.13
CA LYS M 99 -5.45 -59.88 -3.59
C LYS M 99 -4.23 -59.50 -4.41
N ASN M 100 -4.41 -59.29 -5.72
CA ASN M 100 -3.29 -58.98 -6.61
C ASN M 100 -2.69 -57.60 -6.35
N ASP M 101 -3.35 -56.77 -5.54
CA ASP M 101 -2.85 -55.42 -5.28
C ASP M 101 -1.53 -55.43 -4.51
N ILE M 102 -1.20 -56.53 -3.83
CA ILE M 102 0.11 -56.62 -3.18
C ILE M 102 1.20 -56.81 -4.21
N ALA M 103 0.91 -57.53 -5.29
CA ALA M 103 1.88 -57.70 -6.37
C ALA M 103 1.95 -56.48 -7.26
N ILE M 104 0.81 -55.82 -7.51
CA ILE M 104 0.81 -54.59 -8.29
C ILE M 104 1.54 -53.48 -7.54
N ASN M 105 1.28 -53.36 -6.24
CA ASN M 105 1.95 -52.34 -5.44
C ASN M 105 3.40 -52.73 -5.15
N GLU M 106 3.72 -54.02 -5.19
CA GLU M 106 5.07 -54.47 -4.88
C GLU M 106 6.08 -53.97 -5.90
N LEU M 107 5.67 -53.81 -7.16
CA LEU M 107 6.58 -53.31 -8.18
C LEU M 107 7.00 -51.87 -7.88
N MET M 108 6.04 -51.01 -7.52
CA MET M 108 6.35 -49.65 -7.14
C MET M 108 6.87 -49.55 -5.71
N LYS M 109 6.88 -50.66 -4.96
CA LYS M 109 7.61 -50.69 -3.70
C LYS M 109 9.08 -51.01 -3.94
N ARG M 110 9.38 -51.86 -4.92
CA ARG M 110 10.76 -52.16 -5.26
C ARG M 110 11.40 -50.98 -5.99
N TYR M 111 10.84 -50.58 -7.13
CA TYR M 111 11.47 -49.55 -7.95
C TYR M 111 11.30 -48.16 -7.35
N CYS M 112 10.09 -47.82 -6.94
CA CYS M 112 9.77 -46.53 -6.35
C CYS M 112 9.77 -46.63 -4.83
N PRO M 113 9.73 -45.50 -4.12
CA PRO M 113 9.64 -45.56 -2.66
C PRO M 113 8.27 -46.04 -2.19
N ASN M 114 8.04 -46.00 -0.87
CA ASN M 114 6.80 -46.48 -0.29
C ASN M 114 5.58 -45.81 -0.90
N SER M 115 4.78 -46.59 -1.62
CA SER M 115 3.66 -46.06 -2.39
C SER M 115 2.39 -46.04 -1.55
N VAL M 116 1.63 -44.96 -1.66
CA VAL M 116 0.33 -44.84 -1.01
C VAL M 116 -0.73 -45.34 -1.99
N LEU M 117 -1.78 -45.95 -1.45
CA LEU M 117 -2.85 -46.53 -2.25
C LEU M 117 -4.16 -45.79 -1.99
N VAL M 118 -4.91 -45.56 -3.06
CA VAL M 118 -6.16 -44.80 -2.99
C VAL M 118 -7.25 -45.62 -3.68
N ILE M 119 -8.28 -45.99 -2.93
CA ILE M 119 -9.44 -46.70 -3.46
C ILE M 119 -10.57 -45.71 -3.67
N ILE M 120 -11.13 -45.69 -4.87
CA ILE M 120 -12.26 -44.82 -5.22
C ILE M 120 -13.35 -45.69 -5.83
N ASP M 121 -14.44 -45.04 -6.23
CA ASP M 121 -15.61 -45.71 -6.78
C ASP M 121 -15.79 -45.35 -8.24
N VAL M 122 -16.23 -46.33 -9.04
CA VAL M 122 -16.45 -46.09 -10.46
C VAL M 122 -17.68 -45.21 -10.68
N LYS M 123 -18.65 -45.27 -9.78
CA LYS M 123 -19.86 -44.45 -9.87
C LYS M 123 -19.90 -43.49 -8.70
N PRO M 124 -20.04 -42.18 -8.94
CA PRO M 124 -20.04 -41.23 -7.82
C PRO M 124 -21.35 -41.22 -7.04
N LYS M 125 -21.84 -42.40 -6.68
CA LYS M 125 -23.06 -42.51 -5.88
C LYS M 125 -22.79 -42.58 -4.39
N ASP M 126 -21.54 -42.81 -3.98
CA ASP M 126 -21.19 -42.85 -2.57
C ASP M 126 -21.17 -41.44 -1.99
N LEU M 127 -21.95 -41.23 -0.92
CA LEU M 127 -22.01 -39.91 -0.31
C LEU M 127 -20.73 -39.58 0.45
N GLY M 128 -20.01 -40.60 0.93
CA GLY M 128 -18.80 -40.38 1.68
C GLY M 128 -17.66 -39.86 0.82
N LEU M 129 -16.54 -39.62 1.47
CA LEU M 129 -15.36 -39.10 0.78
C LEU M 129 -14.79 -40.18 -0.14
N PRO M 130 -14.66 -39.93 -1.44
CA PRO M 130 -14.22 -41.00 -2.35
C PRO M 130 -12.75 -41.38 -2.19
N THR M 131 -11.92 -40.52 -1.60
CA THR M 131 -10.49 -40.76 -1.51
C THR M 131 -10.13 -41.31 -0.14
N GLU M 132 -9.41 -42.43 -0.11
CA GLU M 132 -8.90 -43.02 1.12
C GLU M 132 -7.43 -43.37 0.92
N ALA M 133 -6.57 -42.72 1.68
CA ALA M 133 -5.12 -42.93 1.57
C ALA M 133 -4.74 -44.17 2.39
N TYR M 134 -4.23 -45.19 1.71
CA TYR M 134 -3.84 -46.45 2.34
C TYR M 134 -2.33 -46.62 2.19
N ILE M 135 -1.60 -46.46 3.30
CA ILE M 135 -0.15 -46.57 3.27
C ILE M 135 0.25 -48.03 3.17
N SER M 136 1.28 -48.29 2.37
CA SER M 136 1.79 -49.65 2.15
C SER M 136 2.96 -49.89 3.09
N VAL M 137 2.66 -50.33 4.31
CA VAL M 137 3.66 -50.65 5.32
C VAL M 137 3.34 -52.00 5.93
N GLU M 138 4.39 -52.71 6.35
CA GLU M 138 4.24 -54.00 7.00
C GLU M 138 4.19 -53.82 8.51
N GLU M 139 3.17 -54.40 9.13
CA GLU M 139 2.95 -54.27 10.57
C GLU M 139 3.02 -55.63 11.25
N VAL M 140 3.50 -55.63 12.48
CA VAL M 140 3.59 -56.85 13.27
C VAL M 140 2.24 -57.11 13.92
N HIS M 141 1.75 -58.35 13.79
CA HIS M 141 0.46 -58.74 14.33
C HIS M 141 0.65 -59.52 15.62
N ASP M 142 -0.27 -59.32 16.57
CA ASP M 142 -0.13 -59.92 17.89
C ASP M 142 -0.51 -61.40 17.89
N ASP M 143 -1.40 -61.81 17.00
CA ASP M 143 -1.87 -63.20 16.98
C ASP M 143 -0.79 -64.17 16.49
N GLY M 144 0.28 -63.68 15.87
CA GLY M 144 1.34 -64.53 15.37
C GLY M 144 1.32 -64.78 13.89
N THR M 145 0.39 -64.18 13.15
CA THR M 145 0.35 -64.36 11.71
C THR M 145 1.62 -63.77 11.08
N PRO M 146 2.11 -64.36 9.99
CA PRO M 146 3.32 -63.85 9.35
C PRO M 146 3.14 -62.40 8.89
N THR M 147 4.26 -61.67 8.86
CA THR M 147 4.22 -60.27 8.48
C THR M 147 3.89 -60.12 7.00
N SER M 148 2.89 -59.31 6.69
CA SER M 148 2.45 -59.09 5.32
C SER M 148 2.13 -57.62 5.14
N LYS M 149 1.90 -57.24 3.88
CA LYS M 149 1.58 -55.86 3.55
C LYS M 149 0.22 -55.49 4.12
N THR M 150 0.17 -54.39 4.86
CA THR M 150 -1.06 -53.93 5.51
C THR M 150 -1.38 -52.52 5.02
N PHE M 151 -2.64 -52.28 4.69
CA PHE M 151 -3.11 -51.01 4.18
C PHE M 151 -3.84 -50.27 5.30
N GLU M 152 -3.12 -49.38 5.98
CA GLU M 152 -3.70 -48.58 7.05
C GLU M 152 -4.30 -47.30 6.48
N HIS M 153 -5.48 -46.94 6.95
CA HIS M 153 -6.18 -45.76 6.44
C HIS M 153 -5.52 -44.49 6.95
N VAL M 154 -5.07 -43.65 6.03
CA VAL M 154 -4.54 -42.33 6.34
C VAL M 154 -5.58 -41.29 5.93
N THR M 155 -5.83 -40.33 6.82
CA THR M 155 -6.82 -39.30 6.55
C THR M 155 -6.40 -38.45 5.35
N SER M 156 -7.39 -37.98 4.60
CA SER M 156 -7.14 -37.21 3.39
C SER M 156 -8.09 -36.01 3.34
N GLU M 157 -7.66 -34.98 2.61
CA GLU M 157 -8.47 -33.79 2.42
C GLU M 157 -8.37 -33.36 0.95
N ILE M 158 -9.46 -32.81 0.44
CA ILE M 158 -9.56 -32.39 -0.96
C ILE M 158 -9.51 -30.87 -0.97
N GLY M 159 -8.35 -30.32 -1.35
CA GLY M 159 -8.19 -28.89 -1.41
C GLY M 159 -7.41 -28.47 -2.65
N ALA M 160 -7.65 -27.24 -3.08
CA ALA M 160 -6.97 -26.64 -4.22
C ALA M 160 -6.22 -25.40 -3.75
N GLU M 161 -5.05 -25.17 -4.34
CA GLU M 161 -4.16 -24.13 -3.82
C GLU M 161 -4.52 -22.73 -4.34
N GLU M 162 -4.38 -22.50 -5.64
CA GLU M 162 -4.58 -21.18 -6.20
C GLU M 162 -5.68 -21.13 -7.26
N ALA M 163 -5.58 -21.96 -8.31
CA ALA M 163 -6.41 -21.78 -9.50
C ALA M 163 -7.58 -22.75 -9.60
N GLU M 164 -7.43 -23.98 -9.11
CA GLU M 164 -8.48 -24.97 -9.30
C GLU M 164 -9.76 -24.60 -8.56
N GLU M 165 -9.65 -23.83 -7.47
CA GLU M 165 -10.84 -23.30 -6.82
C GLU M 165 -11.58 -22.36 -7.73
N VAL M 166 -10.85 -21.49 -8.44
CA VAL M 166 -11.48 -20.54 -9.36
C VAL M 166 -12.10 -21.28 -10.55
N GLY M 167 -11.38 -22.24 -11.10
CA GLY M 167 -11.90 -22.99 -12.24
C GLY M 167 -13.13 -23.80 -11.88
N VAL M 168 -13.10 -24.47 -10.73
CA VAL M 168 -14.24 -25.25 -10.29
C VAL M 168 -15.43 -24.33 -9.99
N GLU M 169 -15.17 -23.20 -9.32
CA GLU M 169 -16.25 -22.28 -8.99
C GLU M 169 -16.87 -21.66 -10.24
N HIS M 170 -16.07 -21.43 -11.29
CA HIS M 170 -16.61 -20.88 -12.52
C HIS M 170 -17.33 -21.94 -13.35
N LEU M 171 -16.84 -23.18 -13.33
CA LEU M 171 -17.48 -24.24 -14.11
C LEU M 171 -18.79 -24.69 -13.46
N LEU M 172 -18.89 -24.62 -12.14
CA LEU M 172 -20.12 -25.05 -11.46
C LEU M 172 -21.19 -23.96 -11.54
N ARG M 173 -20.93 -22.80 -10.96
CA ARG M 173 -21.89 -21.70 -10.86
C ARG M 173 -23.19 -22.15 -10.17
N ASP M 174 -23.15 -23.24 -9.42
CA ASP M 174 -24.28 -23.74 -8.67
C ASP M 174 -23.96 -23.95 -7.19
N ILE M 175 -22.74 -24.39 -6.88
CA ILE M 175 -22.33 -24.57 -5.50
C ILE M 175 -22.20 -23.20 -4.82
N LYS M 176 -22.40 -23.18 -3.51
CA LYS M 176 -22.29 -21.96 -2.72
C LYS M 176 -21.06 -22.03 -1.83
N ASP M 177 -20.60 -20.86 -1.40
CA ASP M 177 -19.43 -20.75 -0.54
C ASP M 177 -19.81 -21.11 0.89
N THR M 178 -18.94 -20.78 1.85
CA THR M 178 -19.21 -21.05 3.26
C THR M 178 -20.56 -20.47 3.68
N THR M 179 -20.72 -19.15 3.56
CA THR M 179 -21.98 -18.46 3.79
C THR M 179 -22.59 -18.84 5.14
N VAL M 180 -21.86 -18.47 6.20
CA VAL M 180 -22.34 -18.73 7.55
C VAL M 180 -23.67 -18.02 7.77
N GLY M 181 -24.57 -18.69 8.50
CA GLY M 181 -25.90 -18.15 8.72
C GLY M 181 -26.98 -19.21 8.77
N THR M 182 -28.10 -18.96 8.08
CA THR M 182 -29.25 -19.85 8.20
C THR M 182 -29.15 -21.06 7.28
N LEU M 183 -28.96 -20.84 5.99
CA LEU M 183 -29.12 -21.93 5.01
C LEU M 183 -27.99 -22.94 5.11
N SER M 184 -26.74 -22.48 5.08
CA SER M 184 -25.61 -23.40 5.08
C SER M 184 -25.54 -24.20 6.37
N GLN M 185 -26.05 -23.64 7.47
CA GLN M 185 -26.08 -24.37 8.72
C GLN M 185 -27.24 -25.36 8.77
N ARG M 186 -28.45 -24.90 8.44
CA ARG M 186 -29.63 -25.76 8.54
C ARG M 186 -29.61 -26.90 7.53
N ILE M 187 -28.93 -26.73 6.39
CA ILE M 187 -28.83 -27.84 5.45
C ILE M 187 -27.98 -28.95 6.04
N THR M 188 -26.84 -28.61 6.64
CA THR M 188 -26.02 -29.60 7.32
C THR M 188 -26.78 -30.22 8.49
N ASN M 189 -27.53 -29.41 9.24
CA ASN M 189 -28.28 -29.92 10.37
C ASN M 189 -29.49 -30.74 9.96
N GLN M 190 -29.90 -30.67 8.69
CA GLN M 190 -30.99 -31.52 8.19
C GLN M 190 -30.44 -32.83 7.60
N VAL M 191 -29.47 -32.73 6.70
CA VAL M 191 -28.99 -33.91 5.96
C VAL M 191 -27.88 -34.64 6.70
N HIS M 192 -27.40 -34.12 7.83
CA HIS M 192 -26.31 -34.80 8.54
C HIS M 192 -26.76 -36.16 9.08
N GLY M 193 -28.02 -36.25 9.51
CA GLY M 193 -28.53 -37.53 10.00
C GLY M 193 -28.57 -38.60 8.94
N LEU M 194 -28.79 -38.21 7.68
CA LEU M 194 -28.64 -39.14 6.58
C LEU M 194 -27.18 -39.38 6.23
N LYS M 195 -26.32 -38.39 6.47
CA LYS M 195 -24.90 -38.54 6.20
C LYS M 195 -24.26 -39.54 7.14
N GLY M 196 -24.80 -39.69 8.34
CA GLY M 196 -24.33 -40.73 9.24
C GLY M 196 -25.17 -41.99 9.13
N LEU M 197 -26.42 -41.81 8.68
CA LEU M 197 -27.33 -42.94 8.59
C LEU M 197 -26.96 -43.88 7.45
N ASN M 198 -26.55 -43.32 6.30
CA ASN M 198 -26.14 -44.18 5.20
C ASN M 198 -24.81 -44.87 5.49
N SER M 199 -23.91 -44.21 6.20
CA SER M 199 -22.63 -44.81 6.54
C SER M 199 -22.80 -45.93 7.56
N LYS M 200 -23.37 -45.59 8.73
CA LYS M 200 -23.54 -46.59 9.78
C LYS M 200 -24.48 -47.71 9.32
N LEU M 201 -25.62 -47.34 8.75
CA LEU M 201 -26.57 -48.34 8.27
C LEU M 201 -25.96 -49.19 7.15
N LEU M 202 -25.11 -48.58 6.32
CA LEU M 202 -24.48 -49.33 5.24
C LEU M 202 -23.36 -50.24 5.75
N ASP M 203 -22.80 -49.96 6.92
CA ASP M 203 -21.67 -50.73 7.43
C ASP M 203 -22.08 -51.82 8.41
N ILE M 204 -22.98 -51.52 9.34
CA ILE M 204 -23.32 -52.48 10.39
C ILE M 204 -24.14 -53.65 9.87
N ARG M 205 -24.71 -53.55 8.67
CA ARG M 205 -25.46 -54.68 8.13
C ARG M 205 -24.50 -55.77 7.64
N SER M 206 -23.54 -55.41 6.80
CA SER M 206 -22.52 -56.37 6.40
C SER M 206 -21.62 -56.75 7.57
N TYR M 207 -21.45 -55.84 8.53
CA TYR M 207 -20.71 -56.19 9.75
C TYR M 207 -21.41 -57.29 10.52
N LEU M 208 -22.69 -57.09 10.84
CA LEU M 208 -23.45 -58.12 11.54
C LEU M 208 -23.56 -59.40 10.71
N GLU M 209 -23.53 -59.28 9.38
CA GLU M 209 -23.51 -60.48 8.55
C GLU M 209 -22.21 -61.25 8.73
N LYS M 210 -21.08 -60.55 8.72
CA LYS M 210 -19.79 -61.19 8.89
C LYS M 210 -19.50 -61.58 10.34
N VAL M 211 -20.35 -61.18 11.28
CA VAL M 211 -20.20 -61.63 12.67
C VAL M 211 -20.49 -63.13 12.76
N ALA M 212 -21.66 -63.55 12.28
CA ALA M 212 -22.04 -64.95 12.33
C ALA M 212 -21.58 -65.74 11.12
N THR M 213 -21.57 -65.13 9.94
CA THR M 213 -21.19 -65.80 8.70
C THR M 213 -19.77 -65.45 8.28
N GLY M 214 -18.86 -65.27 9.22
CA GLY M 214 -17.51 -64.82 8.93
C GLY M 214 -16.46 -65.84 9.33
N LYS M 215 -15.42 -65.93 8.52
CA LYS M 215 -14.24 -66.75 8.78
C LYS M 215 -13.04 -66.02 8.18
N LEU M 216 -11.92 -66.74 8.01
CA LEU M 216 -10.70 -66.14 7.46
C LEU M 216 -10.34 -64.89 8.23
N PRO M 217 -9.77 -65.03 9.45
CA PRO M 217 -9.81 -63.96 10.47
C PRO M 217 -9.75 -62.53 9.94
N ILE M 218 -10.77 -61.76 10.33
CA ILE M 218 -11.00 -60.40 9.87
C ILE M 218 -10.42 -59.41 10.86
N ASN M 219 -9.44 -59.87 11.65
CA ASN M 219 -8.87 -59.10 12.76
C ASN M 219 -9.94 -58.83 13.81
N HIS M 220 -10.48 -59.91 14.39
CA HIS M 220 -11.46 -59.80 15.46
C HIS M 220 -10.92 -59.06 16.67
N GLN M 221 -9.59 -58.89 16.77
CA GLN M 221 -9.01 -58.19 17.91
C GLN M 221 -9.47 -56.74 17.97
N ILE M 222 -9.60 -56.08 16.82
CA ILE M 222 -10.05 -54.69 16.80
C ILE M 222 -11.52 -54.55 17.11
N ILE M 223 -12.28 -55.64 17.05
CA ILE M 223 -13.70 -55.58 17.39
C ILE M 223 -13.88 -55.34 18.88
N TYR M 224 -12.94 -55.80 19.71
CA TYR M 224 -13.03 -55.53 21.14
C TYR M 224 -12.87 -54.04 21.43
N GLN M 225 -11.97 -53.38 20.70
CA GLN M 225 -11.86 -51.93 20.83
C GLN M 225 -13.06 -51.23 20.23
N LEU M 226 -13.64 -51.80 19.16
CA LEU M 226 -14.85 -51.25 18.56
C LEU M 226 -15.98 -51.20 19.58
N GLN M 227 -16.37 -52.36 20.11
CA GLN M 227 -17.45 -52.40 21.09
C GLN M 227 -17.05 -51.73 22.40
N ASP M 228 -15.75 -51.65 22.68
CA ASP M 228 -15.28 -50.95 23.87
C ASP M 228 -15.58 -49.45 23.77
N VAL M 229 -15.13 -48.83 22.68
CA VAL M 229 -15.41 -47.42 22.46
C VAL M 229 -16.90 -47.17 22.32
N PHE M 230 -17.63 -48.13 21.74
CA PHE M 230 -19.08 -48.00 21.67
C PHE M 230 -19.70 -48.06 23.06
N ASN M 231 -19.08 -48.78 23.99
CA ASN M 231 -19.54 -48.85 25.37
C ASN M 231 -18.84 -47.85 26.29
N LEU M 232 -18.10 -46.90 25.73
CA LEU M 232 -17.51 -45.82 26.51
C LEU M 232 -18.51 -44.71 26.80
N LEU M 233 -19.72 -44.79 26.26
CA LEU M 233 -20.80 -43.84 26.54
C LEU M 233 -22.01 -44.66 26.98
N PRO M 234 -22.03 -45.11 28.25
CA PRO M 234 -23.09 -46.02 28.73
C PRO M 234 -24.36 -45.32 29.18
N ASP M 235 -24.89 -44.45 28.31
CA ASP M 235 -26.14 -43.73 28.56
C ASP M 235 -26.06 -42.93 29.87
N VAL M 236 -25.21 -41.89 29.84
CA VAL M 236 -25.02 -41.04 31.00
C VAL M 236 -26.36 -40.51 31.48
N SER M 237 -26.54 -40.48 32.81
CA SER M 237 -27.78 -40.06 33.43
C SER M 237 -28.04 -38.57 33.31
N LEU M 238 -27.10 -37.80 32.76
CA LEU M 238 -27.23 -36.36 32.55
C LEU M 238 -27.36 -35.58 33.86
N GLN M 239 -27.04 -36.19 34.99
CA GLN M 239 -27.21 -35.51 36.28
C GLN M 239 -26.23 -34.35 36.42
N GLU M 240 -24.96 -34.57 36.06
CA GLU M 240 -23.96 -33.52 36.20
C GLU M 240 -24.07 -32.46 35.11
N PHE M 241 -24.60 -32.84 33.94
CA PHE M 241 -24.68 -31.93 32.80
C PHE M 241 -25.89 -31.01 32.86
N VAL M 242 -26.71 -31.10 33.92
CA VAL M 242 -27.86 -30.22 34.07
C VAL M 242 -27.41 -28.76 34.11
N LYS M 243 -26.39 -28.47 34.91
CA LYS M 243 -25.86 -27.11 34.99
C LYS M 243 -25.28 -26.67 33.66
N ALA M 244 -24.74 -27.61 32.87
CA ALA M 244 -24.30 -27.27 31.52
C ALA M 244 -25.47 -26.92 30.62
N PHE M 245 -26.61 -27.58 30.80
CA PHE M 245 -27.81 -27.18 30.09
C PHE M 245 -28.31 -25.83 30.57
N TYR M 246 -28.04 -25.47 31.82
CA TYR M 246 -28.35 -24.13 32.30
C TYR M 246 -27.42 -23.10 31.69
N LEU M 247 -26.17 -23.46 31.41
CA LEU M 247 -25.23 -22.54 30.79
C LEU M 247 -25.57 -22.32 29.32
N LYS M 248 -25.73 -23.42 28.57
CA LYS M 248 -26.08 -23.31 27.16
C LYS M 248 -27.47 -22.70 26.97
N THR M 249 -28.40 -23.00 27.87
CA THR M 249 -29.72 -22.38 27.82
C THR M 249 -29.67 -20.92 28.26
N ASN M 250 -28.70 -20.55 29.10
CA ASN M 250 -28.53 -19.14 29.45
C ASN M 250 -27.96 -18.37 28.27
N ASP M 251 -27.03 -18.97 27.52
CA ASP M 251 -26.59 -18.37 26.27
C ASP M 251 -27.75 -18.28 25.28
N GLN M 252 -28.64 -19.29 25.30
CA GLN M 252 -29.87 -19.20 24.51
C GLN M 252 -30.69 -17.97 24.92
N MET M 253 -30.79 -17.71 26.23
CA MET M 253 -31.48 -16.52 26.69
C MET M 253 -30.77 -15.25 26.20
N VAL M 254 -29.44 -15.28 26.15
CA VAL M 254 -28.70 -14.14 25.62
C VAL M 254 -29.05 -13.91 24.16
N VAL M 255 -29.17 -14.98 23.38
CA VAL M 255 -29.58 -14.83 21.98
C VAL M 255 -31.02 -14.35 21.89
N VAL M 256 -31.85 -14.71 22.87
CA VAL M 256 -33.23 -14.21 22.89
C VAL M 256 -33.24 -12.70 23.08
N TYR M 257 -32.48 -12.21 24.07
CA TYR M 257 -32.44 -10.78 24.32
C TYR M 257 -31.81 -10.02 23.15
N LEU M 258 -30.78 -10.61 22.52
CA LEU M 258 -30.17 -9.96 21.37
C LEU M 258 -31.13 -9.89 20.20
N ALA M 259 -31.85 -10.96 19.93
CA ALA M 259 -32.79 -10.97 18.81
C ALA M 259 -33.94 -10.00 19.06
N SER M 260 -34.58 -10.09 20.23
CA SER M 260 -35.72 -9.23 20.51
C SER M 260 -35.32 -7.77 20.57
N LEU M 261 -34.22 -7.46 21.26
CA LEU M 261 -33.80 -6.07 21.40
C LEU M 261 -33.32 -5.49 20.07
N ILE M 262 -32.46 -6.22 19.36
CA ILE M 262 -31.89 -5.70 18.12
C ILE M 262 -32.98 -5.57 17.06
N ARG M 263 -33.85 -6.57 16.92
CA ARG M 263 -34.97 -6.45 15.99
C ARG M 263 -35.89 -5.31 16.39
N SER M 264 -36.07 -5.10 17.71
CA SER M 264 -36.84 -3.95 18.17
C SER M 264 -36.18 -2.64 17.76
N VAL M 265 -34.85 -2.63 17.65
CA VAL M 265 -34.16 -1.44 17.13
C VAL M 265 -34.38 -1.32 15.63
N VAL M 266 -34.43 -2.44 14.92
CA VAL M 266 -34.65 -2.41 13.48
C VAL M 266 -36.06 -1.91 13.16
N ALA M 267 -37.01 -2.15 14.06
CA ALA M 267 -38.39 -1.70 13.85
C ALA M 267 -38.53 -0.19 13.84
N LEU M 268 -37.48 0.55 14.22
CA LEU M 268 -37.57 2.01 14.28
C LEU M 268 -37.82 2.61 12.90
N HIS M 269 -36.89 2.39 11.98
CA HIS M 269 -36.99 3.04 10.67
C HIS M 269 -38.22 2.58 9.91
N ASN M 270 -38.59 1.30 10.05
CA ASN M 270 -39.79 0.80 9.38
C ASN M 270 -41.05 1.42 9.97
N LEU M 271 -41.20 1.32 11.29
CA LEU M 271 -42.41 1.81 11.96
C LEU M 271 -42.43 3.33 12.10
N ILE M 272 -41.44 4.03 11.57
CA ILE M 272 -41.48 5.48 11.45
C ILE M 272 -41.74 5.91 10.00
N ASN M 273 -40.97 5.36 9.07
CA ASN M 273 -41.15 5.68 7.65
C ASN M 273 -42.51 5.26 7.15
N ASN M 274 -43.08 4.18 7.71
CA ASN M 274 -44.40 3.74 7.29
C ASN M 274 -45.45 4.82 7.54
N LYS M 275 -45.28 5.63 8.58
CA LYS M 275 -46.21 6.71 8.88
C LYS M 275 -45.81 8.01 8.18
N ILE M 276 -44.58 8.47 8.41
CA ILE M 276 -44.17 9.78 7.89
C ILE M 276 -44.13 9.80 6.37
N ALA M 277 -43.94 8.64 5.72
CA ALA M 277 -43.94 8.62 4.26
C ALA M 277 -45.36 8.53 3.70
N ASN M 278 -46.20 7.69 4.30
CA ASN M 278 -47.55 7.50 3.78
C ASN M 278 -48.42 8.73 4.02
N ARG M 279 -48.34 9.33 5.21
CA ARG M 279 -49.22 10.46 5.49
C ARG M 279 -48.78 11.71 4.75
N ASP M 280 -47.48 11.87 4.50
CA ASP M 280 -47.00 13.04 3.77
C ASP M 280 -47.19 12.88 2.27
N ALA M 281 -46.94 11.68 1.74
CA ALA M 281 -47.24 11.42 0.33
C ALA M 281 -48.72 11.50 0.06
N GLU M 282 -49.56 11.11 1.02
CA GLU M 282 -51.00 11.19 0.84
C GLU M 282 -51.50 12.62 0.94
N LYS M 283 -51.00 13.38 1.94
CA LYS M 283 -51.44 14.76 2.10
C LYS M 283 -50.86 15.68 1.03
N LYS M 284 -49.77 15.27 0.37
CA LYS M 284 -49.16 16.07 -0.68
C LYS M 284 -49.41 15.50 -2.07
N GLU M 285 -50.15 14.39 -2.18
CA GLU M 285 -50.44 13.82 -3.50
C GLU M 285 -51.39 14.72 -4.28
N GLY M 286 -52.39 15.29 -3.62
CA GLY M 286 -53.35 16.16 -4.27
C GLY M 286 -53.43 17.54 -3.65
N ASP N 1 38.67 -87.19 -7.90
CA ASP N 1 38.19 -88.10 -6.86
C ASP N 1 36.89 -88.78 -7.28
N VAL N 2 36.42 -88.45 -8.48
CA VAL N 2 35.19 -89.03 -9.01
C VAL N 2 35.41 -90.51 -9.35
N PRO N 3 36.50 -90.88 -10.05
CA PRO N 3 36.75 -92.33 -10.20
C PRO N 3 37.11 -93.01 -8.91
N GLY N 4 37.71 -92.28 -7.95
CA GLY N 4 38.05 -92.85 -6.66
C GLY N 4 36.91 -92.94 -5.68
N PHE N 5 35.75 -92.39 -6.02
CA PHE N 5 34.58 -92.43 -5.14
C PHE N 5 33.73 -93.68 -5.33
N LEU N 6 33.89 -94.38 -6.47
CA LEU N 6 33.07 -95.55 -6.75
C LEU N 6 33.38 -96.70 -5.80
N GLN N 7 34.62 -96.77 -5.30
CA GLN N 7 34.99 -97.88 -4.42
C GLN N 7 34.24 -97.81 -3.09
N GLN N 8 34.40 -96.70 -2.36
CA GLN N 8 33.69 -96.55 -1.09
C GLN N 8 32.21 -96.27 -1.28
N SER N 9 31.80 -95.83 -2.48
CA SER N 9 30.38 -95.62 -2.72
C SER N 9 29.64 -96.93 -2.93
N GLN N 10 30.23 -97.85 -3.71
CA GLN N 10 29.59 -99.14 -3.95
C GLN N 10 29.59 -99.99 -2.69
N ASN N 11 30.72 -100.06 -2.00
CA ASN N 11 30.84 -100.86 -0.78
C ASN N 11 30.15 -100.15 0.37
N SER N 12 29.12 -100.78 0.94
CA SER N 12 28.37 -100.21 2.05
C SER N 12 27.75 -101.34 2.85
N GLY N 13 26.82 -100.99 3.74
CA GLY N 13 26.19 -101.95 4.62
C GLY N 13 25.17 -102.82 3.91
N PRO N 14 24.31 -103.49 4.68
CA PRO N 14 23.30 -104.36 4.07
C PRO N 14 22.19 -103.60 3.37
N GLY N 15 21.64 -102.57 4.01
CA GLY N 15 20.50 -101.86 3.45
C GLY N 15 20.86 -100.55 2.77
N GLN N 16 22.08 -100.08 2.99
CA GLN N 16 22.54 -98.86 2.35
C GLN N 16 22.50 -98.90 0.82
N PRO N 17 22.85 -100.00 0.14
CA PRO N 17 22.77 -99.97 -1.34
C PRO N 17 21.41 -99.63 -1.89
N ALA N 18 20.34 -99.74 -1.10
CA ALA N 18 19.02 -99.35 -1.56
C ALA N 18 18.99 -97.88 -1.97
N VAL N 19 19.57 -97.02 -1.14
CA VAL N 19 19.69 -95.61 -1.50
C VAL N 19 21.00 -95.31 -2.24
N TRP N 20 22.00 -96.19 -2.15
CA TRP N 20 23.24 -95.97 -2.88
C TRP N 20 23.11 -96.27 -4.36
N HIS N 21 22.10 -97.04 -4.77
CA HIS N 21 21.87 -97.24 -6.20
C HIS N 21 21.45 -95.94 -6.87
N ARG N 22 20.37 -95.33 -6.40
CA ARG N 22 19.95 -94.05 -6.95
C ARG N 22 20.94 -92.94 -6.60
N LEU N 23 21.69 -93.10 -5.51
CA LEU N 23 22.68 -92.10 -5.14
C LEU N 23 23.85 -92.12 -6.12
N GLU N 24 24.28 -93.30 -6.55
CA GLU N 24 25.37 -93.38 -7.53
C GLU N 24 24.87 -93.13 -8.94
N GLU N 25 23.59 -93.41 -9.22
CA GLU N 25 23.04 -93.07 -10.53
C GLU N 25 22.92 -91.56 -10.69
N LEU N 26 22.36 -90.88 -9.69
CA LEU N 26 22.31 -89.43 -9.71
C LEU N 26 23.70 -88.82 -9.55
N TYR N 27 24.65 -89.56 -8.97
CA TYR N 27 26.02 -89.07 -8.90
C TYR N 27 26.70 -89.12 -10.26
N THR N 28 26.47 -90.20 -11.02
CA THR N 28 27.04 -90.28 -12.36
C THR N 28 26.33 -89.34 -13.33
N LYS N 29 25.04 -89.09 -13.12
CA LYS N 29 24.32 -88.13 -13.96
C LYS N 29 24.69 -86.70 -13.64
N LYS N 30 25.40 -86.46 -12.53
CA LYS N 30 25.89 -85.13 -12.16
C LYS N 30 24.74 -84.13 -11.98
N LEU N 31 23.58 -84.61 -11.54
CA LEU N 31 22.45 -83.75 -11.22
C LEU N 31 22.61 -83.30 -9.77
N TRP N 32 23.08 -82.07 -9.59
CA TRP N 32 23.40 -81.60 -8.23
C TRP N 32 22.14 -81.42 -7.39
N HIS N 33 21.02 -81.06 -8.02
CA HIS N 33 19.78 -80.87 -7.26
C HIS N 33 19.16 -82.21 -6.88
N GLN N 34 19.16 -83.18 -7.81
CA GLN N 34 18.67 -84.50 -7.47
C GLN N 34 19.60 -85.21 -6.49
N LEU N 35 20.90 -84.96 -6.62
CA LEU N 35 21.85 -85.48 -5.64
C LEU N 35 21.60 -84.87 -4.26
N THR N 36 21.29 -83.57 -4.22
CA THR N 36 20.98 -82.92 -2.95
C THR N 36 19.70 -83.49 -2.34
N LEU N 37 18.66 -83.67 -3.17
CA LEU N 37 17.42 -84.27 -2.66
C LEU N 37 17.64 -85.69 -2.17
N GLN N 38 18.53 -86.44 -2.83
CA GLN N 38 18.86 -87.78 -2.34
C GLN N 38 19.64 -87.73 -1.04
N VAL N 39 20.47 -86.69 -0.86
CA VAL N 39 21.18 -86.52 0.40
C VAL N 39 20.20 -86.20 1.53
N LEU N 40 19.22 -85.33 1.26
CA LEU N 40 18.18 -85.06 2.26
C LEU N 40 17.33 -86.30 2.52
N ASP N 41 17.16 -87.16 1.52
CA ASP N 41 16.44 -88.41 1.74
C ASP N 41 17.25 -89.37 2.61
N PHE N 42 18.57 -89.36 2.46
CA PHE N 42 19.41 -90.24 3.27
C PHE N 42 19.51 -89.74 4.71
N VAL N 43 19.61 -88.42 4.89
CA VAL N 43 19.68 -87.87 6.24
C VAL N 43 18.32 -87.98 6.94
N GLN N 44 17.24 -87.80 6.18
CA GLN N 44 15.90 -87.88 6.76
C GLN N 44 15.59 -89.30 7.23
N ASP N 45 16.16 -90.31 6.59
CA ASP N 45 15.94 -91.68 7.03
C ASP N 45 16.67 -91.94 8.34
N PRO N 46 16.07 -92.72 9.24
CA PRO N 46 16.73 -92.98 10.54
C PRO N 46 17.91 -93.93 10.40
N CYS N 47 19.05 -93.40 9.97
CA CYS N 47 20.25 -94.20 9.81
C CYS N 47 20.80 -94.63 11.16
N PHE N 48 21.71 -95.61 11.12
CA PHE N 48 22.31 -96.15 12.33
C PHE N 48 23.35 -95.22 12.96
N ALA N 49 23.72 -94.14 12.26
CA ALA N 49 24.70 -93.18 12.75
C ALA N 49 26.04 -93.83 13.08
N GLN N 50 26.39 -94.89 12.35
CA GLN N 50 27.64 -95.61 12.55
C GLN N 50 28.56 -95.52 11.34
N GLY N 51 28.06 -95.83 10.15
CA GLY N 51 28.84 -95.76 8.94
C GLY N 51 28.62 -94.54 8.08
N ASP N 52 27.95 -93.52 8.59
CA ASP N 52 27.69 -92.30 7.84
C ASP N 52 28.78 -91.24 8.01
N GLY N 53 29.74 -91.47 8.92
CA GLY N 53 30.82 -90.52 9.12
C GLY N 53 31.64 -90.26 7.88
N LEU N 54 31.66 -91.19 6.93
CA LEU N 54 32.38 -90.98 5.68
C LEU N 54 31.56 -90.15 4.71
N ILE N 55 30.26 -90.43 4.60
CA ILE N 55 29.42 -89.69 3.67
C ILE N 55 29.13 -88.27 4.17
N LYS N 56 29.28 -88.03 5.48
CA LYS N 56 29.13 -86.67 5.98
C LYS N 56 30.27 -85.78 5.51
N LEU N 57 31.50 -86.30 5.52
CA LEU N 57 32.64 -85.53 5.03
C LEU N 57 32.70 -85.51 3.50
N TYR N 58 32.29 -86.61 2.85
CA TYR N 58 32.29 -86.65 1.39
C TYR N 58 31.26 -85.69 0.83
N GLU N 59 30.01 -85.79 1.28
CA GLU N 59 28.98 -84.87 0.85
C GLU N 59 29.19 -83.47 1.44
N ASN N 60 29.98 -83.36 2.51
CA ASN N 60 30.36 -82.05 3.01
C ASN N 60 31.29 -81.34 2.02
N PHE N 61 32.31 -82.06 1.55
CA PHE N 61 33.21 -81.48 0.54
C PHE N 61 32.47 -81.21 -0.76
N ILE N 62 31.66 -82.18 -1.20
CA ILE N 62 30.89 -81.99 -2.43
C ILE N 62 29.98 -80.78 -2.32
N SER N 63 29.31 -80.62 -1.18
CA SER N 63 28.51 -79.43 -0.94
C SER N 63 29.35 -78.17 -0.84
N GLU N 64 30.64 -78.30 -0.48
CA GLU N 64 31.50 -77.13 -0.41
C GLU N 64 31.90 -76.63 -1.79
N PHE N 65 32.42 -77.52 -2.63
CA PHE N 65 32.92 -77.10 -3.94
C PHE N 65 31.87 -77.20 -5.05
N GLU N 66 30.63 -77.56 -4.71
CA GLU N 66 29.60 -77.59 -5.75
C GLU N 66 29.12 -76.20 -6.11
N HIS N 67 29.06 -75.29 -5.12
CA HIS N 67 28.68 -73.89 -5.26
C HIS N 67 27.46 -73.69 -6.16
N ARG N 68 26.53 -74.63 -6.14
CA ARG N 68 25.32 -74.55 -6.94
C ARG N 68 24.05 -74.57 -6.11
N VAL N 69 23.89 -75.54 -5.23
CA VAL N 69 22.65 -75.72 -4.48
C VAL N 69 22.66 -74.79 -3.27
N ASN N 70 21.46 -74.46 -2.80
CA ASN N 70 21.30 -73.64 -1.60
C ASN N 70 22.06 -74.27 -0.43
N PRO N 71 23.03 -73.56 0.17
CA PRO N 71 23.85 -74.18 1.22
C PRO N 71 23.11 -74.41 2.53
N LEU N 72 21.80 -74.14 2.55
CA LEU N 72 21.02 -74.44 3.74
C LEU N 72 20.94 -75.94 3.99
N SER N 73 20.94 -76.74 2.91
CA SER N 73 21.06 -78.18 3.08
C SER N 73 22.38 -78.56 3.72
N LEU N 74 23.46 -77.86 3.35
CA LEU N 74 24.73 -78.05 4.02
C LEU N 74 24.66 -77.65 5.49
N VAL N 75 23.87 -76.62 5.80
CA VAL N 75 23.68 -76.23 7.19
C VAL N 75 22.97 -77.33 7.97
N GLU N 76 21.95 -77.95 7.36
CA GLU N 76 21.23 -79.01 8.04
C GLU N 76 22.10 -80.25 8.23
N ILE N 77 22.81 -80.65 7.18
CA ILE N 77 23.64 -81.85 7.27
C ILE N 77 24.82 -81.63 8.20
N ILE N 78 25.30 -80.38 8.32
CA ILE N 78 26.37 -80.12 9.28
C ILE N 78 25.82 -80.00 10.69
N LEU N 79 24.55 -79.63 10.85
CA LEU N 79 23.90 -79.76 12.15
C LEU N 79 23.74 -81.23 12.53
N HIS N 80 23.57 -82.10 11.56
CA HIS N 80 23.60 -83.54 11.83
C HIS N 80 25.02 -84.04 12.07
N VAL N 81 26.03 -83.37 11.52
CA VAL N 81 27.41 -83.74 11.81
C VAL N 81 27.76 -83.39 13.25
N VAL N 82 27.44 -82.17 13.68
CA VAL N 82 27.73 -81.78 15.05
C VAL N 82 26.79 -82.49 16.02
N ARG N 83 25.61 -82.91 15.55
CA ARG N 83 24.70 -83.66 16.40
C ARG N 83 25.17 -85.10 16.58
N GLN N 84 25.77 -85.69 15.54
CA GLN N 84 26.25 -87.06 15.64
C GLN N 84 27.59 -87.14 16.36
N MET N 85 28.45 -86.14 16.15
CA MET N 85 29.79 -86.15 16.75
C MET N 85 29.81 -85.54 18.14
N THR N 86 28.95 -84.54 18.41
CA THR N 86 28.91 -83.85 19.69
C THR N 86 30.27 -83.28 20.07
N ASP N 87 30.87 -82.56 19.13
CA ASP N 87 32.19 -81.94 19.30
C ASP N 87 32.03 -80.44 19.11
N PRO N 88 31.75 -79.68 20.17
CA PRO N 88 31.59 -78.22 20.03
C PRO N 88 32.88 -77.49 19.73
N ASN N 89 34.04 -78.12 19.90
CA ASN N 89 35.30 -77.45 19.61
C ASN N 89 35.48 -77.20 18.12
N VAL N 90 35.17 -78.20 17.29
CA VAL N 90 35.28 -78.06 15.84
C VAL N 90 34.03 -77.44 15.22
N ALA N 91 32.96 -77.26 15.99
CA ALA N 91 31.74 -76.67 15.45
C ALA N 91 31.95 -75.21 15.06
N LEU N 92 32.76 -74.48 15.84
CA LEU N 92 33.04 -73.09 15.50
C LEU N 92 33.84 -72.98 14.21
N THR N 93 34.81 -73.88 14.01
CA THR N 93 35.59 -73.86 12.78
C THR N 93 34.77 -74.33 11.59
N PHE N 94 33.84 -75.26 11.81
CA PHE N 94 33.00 -75.73 10.71
C PHE N 94 32.00 -74.67 10.28
N LEU N 95 31.26 -74.11 11.24
CA LEU N 95 30.26 -73.09 10.92
C LEU N 95 30.93 -71.82 10.41
N GLU N 96 32.07 -71.44 11.00
CA GLU N 96 32.81 -70.30 10.49
C GLU N 96 33.36 -70.58 9.10
N LYS N 97 33.74 -71.83 8.82
CA LYS N 97 34.17 -72.20 7.47
C LYS N 97 33.02 -72.10 6.48
N THR N 98 31.80 -72.42 6.91
CA THR N 98 30.64 -72.23 6.04
C THR N 98 30.35 -70.75 5.84
N ARG N 99 30.58 -69.91 6.86
CA ARG N 99 30.42 -68.48 6.69
C ARG N 99 31.42 -67.93 5.69
N GLU N 100 32.66 -68.42 5.74
CA GLU N 100 33.68 -67.97 4.78
C GLU N 100 33.43 -68.55 3.40
N LYS N 101 32.75 -69.70 3.32
CA LYS N 101 32.50 -70.36 2.04
C LYS N 101 31.28 -69.81 1.33
N VAL N 102 30.20 -69.53 2.06
CA VAL N 102 28.97 -69.03 1.44
C VAL N 102 29.19 -67.58 1.01
N LYS N 103 29.07 -67.33 -0.29
CA LYS N 103 29.25 -65.99 -0.84
C LYS N 103 28.02 -65.14 -0.53
N SER N 104 28.05 -63.89 -1.01
CA SER N 104 26.95 -62.95 -0.79
C SER N 104 25.97 -63.04 -1.95
N SER N 105 25.18 -64.12 -1.93
CA SER N 105 24.13 -64.34 -2.92
C SER N 105 22.75 -64.39 -2.29
N ASP N 106 22.59 -65.14 -1.21
CA ASP N 106 21.33 -65.21 -0.47
C ASP N 106 21.61 -64.93 1.00
N GLU N 107 20.65 -64.28 1.66
CA GLU N 107 20.82 -63.87 3.06
C GLU N 107 20.62 -65.09 3.95
N ALA N 108 21.66 -65.91 4.03
CA ALA N 108 21.67 -67.08 4.90
C ALA N 108 22.38 -66.83 6.22
N VAL N 109 22.83 -65.59 6.47
CA VAL N 109 23.52 -65.28 7.72
C VAL N 109 22.58 -65.38 8.92
N ILE N 110 21.26 -65.28 8.70
CA ILE N 110 20.31 -65.45 9.79
C ILE N 110 20.29 -66.89 10.27
N LEU N 111 20.35 -67.85 9.33
CA LEU N 111 20.40 -69.25 9.73
C LEU N 111 21.80 -69.67 10.15
N CYS N 112 22.83 -69.01 9.64
CA CYS N 112 24.19 -69.29 10.10
C CYS N 112 24.36 -68.86 11.55
N LYS N 113 24.02 -67.60 11.85
CA LYS N 113 24.09 -67.13 13.24
C LYS N 113 23.06 -67.83 14.11
N THR N 114 21.94 -68.29 13.51
CA THR N 114 20.97 -69.06 14.27
C THR N 114 21.56 -70.40 14.70
N ALA N 115 22.30 -71.06 13.81
CA ALA N 115 22.93 -72.32 14.17
C ALA N 115 24.08 -72.10 15.15
N ILE N 116 24.85 -71.03 14.95
CA ILE N 116 25.97 -70.74 15.85
C ILE N 116 25.45 -70.47 17.26
N GLY N 117 24.49 -69.55 17.39
CA GLY N 117 23.93 -69.27 18.70
C GLY N 117 23.21 -70.46 19.30
N ALA N 118 22.52 -71.24 18.45
CA ALA N 118 21.83 -72.43 18.94
C ALA N 118 22.81 -73.42 19.54
N LEU N 119 23.94 -73.64 18.87
CA LEU N 119 24.96 -74.53 19.41
C LEU N 119 25.65 -73.93 20.64
N LYS N 120 25.72 -72.61 20.72
CA LYS N 120 26.35 -71.94 21.85
C LYS N 120 25.40 -71.75 23.03
N LEU N 121 24.12 -72.11 22.90
CA LEU N 121 23.15 -71.95 23.97
C LEU N 121 23.27 -73.02 25.05
N ASN N 122 24.38 -73.75 25.09
CA ASN N 122 24.60 -74.75 26.14
C ASN N 122 25.08 -74.04 27.41
N ILE N 123 25.54 -74.81 28.39
CA ILE N 123 25.99 -74.26 29.66
C ILE N 123 27.26 -73.43 29.52
N GLY N 124 27.91 -73.46 28.35
CA GLY N 124 29.17 -72.75 28.18
C GLY N 124 29.01 -71.24 28.25
N ASP N 125 28.00 -70.70 27.58
CA ASP N 125 27.79 -69.26 27.54
C ASP N 125 26.32 -68.96 27.34
N LEU N 126 25.84 -67.94 28.04
CA LEU N 126 24.44 -67.52 27.95
C LEU N 126 24.28 -66.08 27.50
N GLN N 127 25.06 -65.15 28.06
CA GLN N 127 24.86 -63.73 27.79
C GLN N 127 25.18 -63.39 26.34
N VAL N 128 26.36 -63.79 25.87
CA VAL N 128 26.75 -63.49 24.49
C VAL N 128 25.82 -64.19 23.50
N THR N 129 25.29 -65.36 23.89
CA THR N 129 24.32 -66.04 23.03
C THR N 129 23.01 -65.26 22.96
N LYS N 130 22.58 -64.68 24.08
CA LYS N 130 21.39 -63.82 24.04
C LYS N 130 21.64 -62.57 23.21
N GLU N 131 22.87 -62.05 23.26
CA GLU N 131 23.20 -60.85 22.49
C GLU N 131 23.20 -61.14 21.00
N THR N 132 23.79 -62.27 20.59
CA THR N 132 23.77 -62.65 19.18
C THR N 132 22.40 -63.12 18.73
N ILE N 133 21.54 -63.55 19.66
CA ILE N 133 20.15 -63.80 19.33
C ILE N 133 19.42 -62.49 19.02
N GLU N 134 19.64 -61.49 19.87
CA GLU N 134 19.12 -60.15 19.57
C GLU N 134 19.67 -59.63 18.26
N ASP N 135 20.90 -60.01 17.91
CA ASP N 135 21.44 -59.66 16.60
C ASP N 135 20.71 -60.41 15.49
N VAL N 136 20.36 -61.67 15.72
CA VAL N 136 19.63 -62.45 14.72
C VAL N 136 18.28 -61.81 14.44
N GLU N 137 17.53 -61.49 15.50
CA GLU N 137 16.24 -60.83 15.29
C GLU N 137 16.40 -59.40 14.81
N GLU N 138 17.58 -58.79 15.00
CA GLU N 138 17.80 -57.41 14.59
C GLU N 138 18.25 -57.27 13.14
N MET N 139 18.83 -58.33 12.56
CA MET N 139 19.44 -58.20 11.23
C MET N 139 18.38 -58.03 10.15
N LEU N 140 17.53 -59.03 9.96
CA LEU N 140 16.61 -59.08 8.82
C LEU N 140 15.17 -58.94 9.31
N ASN N 141 14.62 -57.74 9.15
CA ASN N 141 13.20 -57.47 9.36
C ASN N 141 12.50 -57.13 8.06
N ASN N 142 12.97 -57.71 6.95
CA ASN N 142 12.52 -57.34 5.62
C ASN N 142 11.32 -58.18 5.20
N LEU N 143 11.00 -58.15 3.90
CA LEU N 143 9.83 -58.85 3.40
C LEU N 143 9.86 -60.37 3.52
N PRO N 144 11.02 -61.09 3.47
CA PRO N 144 10.95 -62.56 3.56
C PRO N 144 10.52 -63.05 4.93
N GLY N 145 9.22 -62.92 5.21
CA GLY N 145 8.67 -63.38 6.48
C GLY N 145 8.16 -64.80 6.43
N VAL N 146 9.00 -65.73 5.96
CA VAL N 146 8.60 -67.13 5.91
C VAL N 146 8.33 -67.68 7.30
N THR N 147 9.00 -67.12 8.31
CA THR N 147 8.78 -67.41 9.73
C THR N 147 9.31 -68.79 10.10
N SER N 148 9.78 -69.55 9.11
CA SER N 148 10.46 -70.81 9.40
C SER N 148 11.77 -70.56 10.13
N VAL N 149 12.59 -69.66 9.58
CA VAL N 149 13.80 -69.21 10.29
C VAL N 149 13.41 -68.57 11.62
N HIS N 150 12.26 -67.91 11.67
CA HIS N 150 11.77 -67.35 12.91
C HIS N 150 11.15 -68.41 13.82
N SER N 151 10.78 -69.57 13.27
CA SER N 151 10.38 -70.69 14.11
C SER N 151 11.59 -71.36 14.75
N ARG N 152 12.70 -71.47 14.01
CA ARG N 152 13.96 -71.84 14.64
C ARG N 152 14.39 -70.79 15.65
N PHE N 153 14.11 -69.52 15.37
CA PHE N 153 14.30 -68.47 16.38
C PHE N 153 13.43 -68.72 17.61
N TYR N 154 12.23 -69.29 17.40
CA TYR N 154 11.42 -69.70 18.54
C TYR N 154 12.04 -70.86 19.29
N ASP N 155 12.74 -71.76 18.59
CA ASP N 155 13.48 -72.81 19.28
C ASP N 155 14.62 -72.23 20.10
N LEU N 156 15.29 -71.20 19.57
CA LEU N 156 16.31 -70.51 20.36
C LEU N 156 15.71 -69.78 21.54
N SER N 157 14.47 -69.31 21.41
CA SER N 157 13.76 -68.73 22.55
C SER N 157 13.27 -69.79 23.52
N SER N 158 13.23 -71.05 23.09
CA SER N 158 12.94 -72.14 24.02
C SER N 158 14.18 -72.53 24.80
N LYS N 159 15.33 -72.64 24.12
CA LYS N 159 16.58 -72.86 24.83
C LYS N 159 16.92 -71.67 25.72
N TYR N 160 16.43 -70.47 25.37
CA TYR N 160 16.49 -69.34 26.27
C TYR N 160 15.44 -69.40 27.36
N TYR N 161 14.33 -70.11 27.11
CA TYR N 161 13.32 -70.33 28.13
C TYR N 161 13.76 -71.36 29.16
N GLN N 162 14.77 -72.19 28.83
CA GLN N 162 15.35 -73.07 29.83
C GLN N 162 15.87 -72.28 31.04
N THR N 163 16.34 -71.06 30.81
CA THR N 163 16.73 -70.17 31.89
C THR N 163 15.49 -69.56 32.53
N ILE N 164 15.50 -69.46 33.85
CA ILE N 164 14.36 -68.95 34.61
C ILE N 164 14.45 -67.43 34.68
N GLY N 165 15.38 -66.85 33.92
CA GLY N 165 15.60 -65.41 34.00
C GLY N 165 14.43 -64.60 33.49
N ASN N 166 13.87 -64.98 32.34
CA ASN N 166 12.81 -64.20 31.69
C ASN N 166 11.78 -65.15 31.11
N HIS N 167 10.57 -65.15 31.69
CA HIS N 167 9.47 -65.94 31.16
C HIS N 167 8.61 -65.18 30.17
N ALA N 168 8.68 -63.85 30.18
CA ALA N 168 7.76 -63.05 29.36
C ALA N 168 8.09 -63.16 27.87
N SER N 169 9.38 -63.20 27.53
CA SER N 169 9.76 -63.24 26.12
C SER N 169 9.33 -64.54 25.45
N TYR N 170 9.34 -65.65 26.20
CA TYR N 170 8.93 -66.93 25.63
C TYR N 170 7.44 -66.94 25.31
N TYR N 171 6.64 -66.13 26.00
CA TYR N 171 5.23 -66.02 25.66
C TYR N 171 5.01 -65.11 24.47
N LYS N 172 5.80 -64.03 24.38
CA LYS N 172 5.68 -63.12 23.23
C LYS N 172 6.08 -63.82 21.94
N ASP N 173 7.18 -64.60 21.98
CA ASP N 173 7.53 -65.43 20.83
C ASP N 173 6.63 -66.65 20.71
N ALA N 174 5.99 -67.07 21.80
CA ALA N 174 5.07 -68.19 21.76
C ALA N 174 3.75 -67.82 21.11
N LEU N 175 3.42 -66.53 21.05
CA LEU N 175 2.28 -66.11 20.22
C LEU N 175 2.62 -66.22 18.75
N ARG N 176 3.87 -65.91 18.38
CA ARG N 176 4.30 -66.09 17.01
C ARG N 176 4.37 -67.57 16.64
N PHE N 177 4.79 -68.42 17.57
CA PHE N 177 4.70 -69.85 17.35
C PHE N 177 3.25 -70.31 17.29
N LEU N 178 2.36 -69.63 18.01
CA LEU N 178 0.94 -69.93 17.93
C LEU N 178 0.35 -69.56 16.58
N GLY N 179 0.92 -68.54 15.92
CA GLY N 179 0.37 -68.07 14.67
C GLY N 179 1.08 -68.58 13.43
N CYS N 180 2.25 -69.21 13.61
CA CYS N 180 3.04 -69.68 12.48
C CYS N 180 2.83 -71.16 12.18
N VAL N 181 2.03 -71.87 12.97
CA VAL N 181 1.79 -73.28 12.71
C VAL N 181 0.94 -73.43 11.46
N ASP N 182 1.37 -74.32 10.56
CA ASP N 182 0.67 -74.55 9.30
C ASP N 182 -0.29 -75.73 9.37
N ILE N 183 0.25 -76.93 9.63
CA ILE N 183 -0.54 -78.16 9.69
C ILE N 183 -0.02 -79.01 10.84
N LYS N 184 -0.65 -80.16 11.04
CA LYS N 184 -0.30 -81.09 12.11
C LYS N 184 0.72 -82.13 11.68
N ASP N 185 1.55 -81.82 10.68
CA ASP N 185 2.52 -82.79 10.18
C ASP N 185 3.55 -83.16 11.24
N LEU N 186 3.93 -82.22 12.08
CA LEU N 186 4.95 -82.50 13.10
C LEU N 186 4.35 -83.42 14.17
N PRO N 187 5.17 -84.28 14.79
CA PRO N 187 4.65 -85.27 15.74
C PRO N 187 3.76 -84.69 16.84
N VAL N 188 2.57 -85.24 16.99
CA VAL N 188 1.66 -84.82 18.05
C VAL N 188 2.19 -85.24 19.41
N SER N 189 2.86 -86.40 19.46
CA SER N 189 3.47 -86.85 20.72
C SER N 189 4.42 -85.82 21.29
N GLU N 190 5.05 -85.01 20.43
CA GLU N 190 5.80 -83.86 20.90
C GLU N 190 4.89 -82.68 21.23
N GLN N 191 3.77 -82.55 20.52
CA GLN N 191 2.82 -81.50 20.80
C GLN N 191 2.19 -81.63 22.18
N GLN N 192 2.25 -82.83 22.78
CA GLN N 192 1.83 -82.99 24.16
C GLN N 192 2.66 -82.12 25.09
N GLU N 193 3.99 -82.24 24.99
CA GLU N 193 4.86 -81.40 25.81
C GLU N 193 4.89 -79.96 25.32
N ARG N 194 4.69 -79.74 24.02
CA ARG N 194 4.64 -78.38 23.50
C ARG N 194 3.47 -77.61 24.11
N ALA N 195 2.29 -78.21 24.12
CA ALA N 195 1.15 -77.59 24.76
C ALA N 195 1.23 -77.64 26.29
N PHE N 196 1.99 -78.58 26.84
CA PHE N 196 2.15 -78.67 28.28
C PHE N 196 2.98 -77.52 28.82
N THR N 197 4.22 -77.40 28.34
CA THR N 197 5.06 -76.27 28.73
C THR N 197 4.61 -74.97 28.08
N LEU N 198 3.74 -75.04 27.08
CA LEU N 198 3.16 -73.82 26.51
C LEU N 198 2.05 -73.28 27.40
N GLY N 199 1.25 -74.18 27.99
CA GLY N 199 0.22 -73.77 28.92
C GLY N 199 0.80 -73.36 30.26
N LEU N 200 1.78 -74.12 30.74
CA LEU N 200 2.46 -73.74 31.98
C LEU N 200 3.27 -72.47 31.80
N ALA N 201 3.91 -72.31 30.64
CA ALA N 201 4.65 -71.09 30.35
C ALA N 201 3.72 -69.90 30.18
N GLY N 202 2.53 -70.12 29.62
CA GLY N 202 1.56 -69.05 29.53
C GLY N 202 1.00 -68.65 30.88
N LEU N 203 0.81 -69.63 31.76
CA LEU N 203 0.36 -69.34 33.12
C LEU N 203 1.42 -68.56 33.89
N LEU N 204 2.67 -69.02 33.83
CA LEU N 204 3.76 -68.35 34.53
C LEU N 204 4.18 -67.04 33.85
N GLY N 205 3.64 -66.74 32.68
CA GLY N 205 3.98 -65.50 32.01
C GLY N 205 3.41 -64.31 32.76
N GLU N 206 4.28 -63.42 33.24
CA GLU N 206 3.86 -62.27 34.03
C GLU N 206 3.83 -60.98 33.21
N GLY N 207 3.95 -61.08 31.89
CA GLY N 207 3.90 -59.90 31.04
C GLY N 207 2.58 -59.76 30.31
N VAL N 208 1.57 -60.51 30.76
CA VAL N 208 0.24 -60.47 30.18
C VAL N 208 -0.78 -60.61 31.30
N PHE N 209 -1.96 -60.03 31.09
CA PHE N 209 -3.04 -60.06 32.06
C PHE N 209 -4.14 -61.04 31.72
N ASN N 210 -4.48 -61.17 30.43
CA ASN N 210 -5.52 -62.09 30.00
C ASN N 210 -4.91 -63.29 29.29
N PHE N 211 -5.60 -64.43 29.38
CA PHE N 211 -5.17 -65.66 28.75
C PHE N 211 -6.04 -66.06 27.57
N GLY N 212 -6.99 -65.22 27.17
CA GLY N 212 -7.89 -65.56 26.08
C GLY N 212 -7.24 -65.62 24.71
N GLU N 213 -6.03 -65.07 24.57
CA GLU N 213 -5.34 -65.15 23.29
C GLU N 213 -4.82 -66.57 23.04
N LEU N 214 -4.38 -67.25 24.10
CA LEU N 214 -3.88 -68.61 23.94
C LEU N 214 -5.02 -69.59 23.68
N LEU N 215 -6.06 -69.55 24.52
CA LEU N 215 -7.18 -70.47 24.37
C LEU N 215 -8.07 -70.10 23.19
N MET N 216 -8.01 -68.86 22.72
CA MET N 216 -8.90 -68.42 21.65
C MET N 216 -8.60 -69.12 20.33
N HIS N 217 -7.34 -69.41 20.06
CA HIS N 217 -6.99 -70.05 18.79
C HIS N 217 -7.39 -71.51 18.82
N PRO N 218 -8.09 -72.02 17.80
CA PRO N 218 -8.64 -73.39 17.87
C PRO N 218 -7.59 -74.49 17.80
N VAL N 219 -6.35 -74.19 17.41
CA VAL N 219 -5.37 -75.25 17.24
C VAL N 219 -4.95 -75.84 18.58
N LEU N 220 -4.92 -75.02 19.63
CA LEU N 220 -4.49 -75.52 20.94
C LEU N 220 -5.61 -76.28 21.63
N GLU N 221 -6.83 -75.73 21.62
CA GLU N 221 -7.97 -76.44 22.18
C GLU N 221 -8.30 -77.69 21.38
N SER N 222 -7.92 -77.75 20.11
CA SER N 222 -8.09 -78.95 19.31
C SER N 222 -6.96 -79.95 19.50
N LEU N 223 -5.76 -79.49 19.84
CA LEU N 223 -4.63 -80.37 20.11
C LEU N 223 -4.52 -80.76 21.57
N ARG N 224 -5.40 -80.26 22.44
CA ARG N 224 -5.40 -80.61 23.85
C ARG N 224 -6.53 -81.56 24.21
N ASN N 225 -7.35 -81.98 23.24
CA ASN N 225 -8.41 -82.94 23.53
C ASN N 225 -7.86 -84.31 23.88
N THR N 226 -6.73 -84.71 23.26
CA THR N 226 -6.11 -85.98 23.58
C THR N 226 -5.53 -85.96 24.99
N ASP N 227 -4.91 -84.86 25.38
CA ASP N 227 -4.35 -84.72 26.72
C ASP N 227 -5.46 -84.68 27.76
N ARG N 228 -5.08 -84.90 29.01
CA ARG N 228 -6.03 -84.88 30.10
C ARG N 228 -6.59 -83.47 30.30
N GLN N 229 -7.88 -83.39 30.62
CA GLN N 229 -8.58 -82.12 30.73
C GLN N 229 -8.38 -81.44 32.08
N TRP N 230 -7.36 -81.83 32.86
CA TRP N 230 -7.10 -81.16 34.11
C TRP N 230 -6.53 -79.77 33.88
N LEU N 231 -5.87 -79.55 32.74
CA LEU N 231 -5.33 -78.23 32.41
C LEU N 231 -6.29 -77.40 31.58
N ILE N 232 -7.08 -78.04 30.72
CA ILE N 232 -8.06 -77.30 29.93
C ILE N 232 -9.13 -76.71 30.84
N ASP N 233 -9.49 -77.43 31.91
CA ASP N 233 -10.49 -76.93 32.84
C ASP N 233 -10.00 -75.69 33.57
N THR N 234 -8.76 -75.71 34.07
CA THR N 234 -8.23 -74.55 34.77
C THR N 234 -7.85 -73.42 33.83
N LEU N 235 -7.60 -73.71 32.55
CA LEU N 235 -7.39 -72.63 31.59
C LEU N 235 -8.71 -71.98 31.19
N TYR N 236 -9.79 -72.75 31.12
CA TYR N 236 -11.11 -72.16 30.88
C TYR N 236 -11.62 -71.41 32.10
N ALA N 237 -11.25 -71.87 33.30
CA ALA N 237 -11.63 -71.15 34.51
C ALA N 237 -10.79 -69.88 34.67
N PHE N 238 -9.50 -69.95 34.31
CA PHE N 238 -8.65 -68.77 34.34
C PHE N 238 -8.99 -67.80 33.22
N ASN N 239 -9.63 -68.27 32.15
CA ASN N 239 -10.00 -67.40 31.05
C ASN N 239 -11.36 -66.75 31.26
N SER N 240 -12.37 -67.56 31.61
CA SER N 240 -13.74 -67.09 31.73
C SER N 240 -14.07 -66.55 33.12
N GLY N 241 -13.12 -66.53 34.05
CA GLY N 241 -13.35 -65.98 35.37
C GLY N 241 -13.42 -67.03 36.47
N ASN N 242 -12.73 -66.76 37.57
CA ASN N 242 -12.68 -67.67 38.72
C ASN N 242 -13.65 -67.16 39.77
N VAL N 243 -14.86 -67.73 39.79
CA VAL N 243 -15.84 -67.37 40.82
C VAL N 243 -15.69 -68.21 42.08
N GLU N 244 -15.03 -69.36 41.99
CA GLU N 244 -14.77 -70.21 43.14
C GLU N 244 -13.27 -70.32 43.39
N ARG N 245 -12.92 -70.76 44.60
CA ARG N 245 -11.53 -70.93 44.99
C ARG N 245 -11.13 -72.38 45.17
N PHE N 246 -12.08 -73.32 45.06
CA PHE N 246 -11.76 -74.72 45.28
C PHE N 246 -11.02 -75.32 44.09
N GLN N 247 -11.49 -75.05 42.87
CA GLN N 247 -10.82 -75.58 41.69
C GLN N 247 -9.46 -74.91 41.49
N THR N 248 -9.41 -73.58 41.60
CA THR N 248 -8.14 -72.88 41.48
C THR N 248 -7.21 -73.17 42.66
N LEU N 249 -7.74 -73.66 43.78
CA LEU N 249 -6.89 -74.10 44.87
C LEU N 249 -6.31 -75.48 44.59
N LYS N 250 -7.14 -76.41 44.09
CA LYS N 250 -6.65 -77.75 43.77
C LYS N 250 -5.65 -77.72 42.61
N THR N 251 -5.87 -76.87 41.62
CA THR N 251 -4.88 -76.70 40.56
C THR N 251 -3.76 -75.76 40.96
N ALA N 252 -3.97 -74.94 41.99
CA ALA N 252 -2.89 -74.14 42.56
C ALA N 252 -1.93 -74.99 43.38
N TRP N 253 -2.37 -76.14 43.88
CA TRP N 253 -1.52 -77.08 44.58
C TRP N 253 -1.24 -78.34 43.76
N GLY N 254 -1.77 -78.43 42.55
CA GLY N 254 -1.52 -79.59 41.70
C GLY N 254 -0.12 -79.60 41.11
N GLN N 255 0.32 -78.44 40.63
CA GLN N 255 1.67 -78.29 40.09
C GLN N 255 2.60 -77.95 41.24
N GLN N 256 3.43 -78.91 41.64
CA GLN N 256 4.30 -78.74 42.81
C GLN N 256 5.51 -77.85 42.52
N PRO N 257 6.32 -78.12 41.49
CA PRO N 257 7.57 -77.36 41.36
C PRO N 257 7.34 -75.95 40.84
N ASP N 258 8.05 -74.99 41.44
CA ASP N 258 8.15 -73.60 40.99
C ASP N 258 6.83 -72.84 41.06
N LEU N 259 5.78 -73.42 41.63
CA LEU N 259 4.50 -72.75 41.74
C LEU N 259 4.25 -72.16 43.12
N ALA N 260 5.06 -72.51 44.12
CA ALA N 260 4.84 -72.02 45.48
C ALA N 260 5.15 -70.53 45.59
N ALA N 261 6.30 -70.10 45.05
CA ALA N 261 6.66 -68.70 45.13
C ALA N 261 5.85 -67.85 44.17
N ASN N 262 5.49 -68.40 43.00
CA ASN N 262 4.70 -67.67 42.02
C ASN N 262 3.21 -67.71 42.30
N GLU N 263 2.77 -68.52 43.28
CA GLU N 263 1.34 -68.64 43.56
C GLU N 263 0.75 -67.31 44.00
N ALA N 264 1.46 -66.56 44.84
CA ALA N 264 0.95 -65.28 45.32
C ALA N 264 0.83 -64.27 44.18
N GLN N 265 1.82 -64.25 43.28
CA GLN N 265 1.74 -63.34 42.14
C GLN N 265 0.64 -63.76 41.17
N LEU N 266 0.39 -65.06 41.04
CA LEU N 266 -0.74 -65.52 40.24
C LEU N 266 -2.07 -65.12 40.88
N LEU N 267 -2.14 -65.10 42.21
CA LEU N 267 -3.32 -64.59 42.88
C LEU N 267 -3.50 -63.09 42.62
N ARG N 268 -2.40 -62.34 42.69
CA ARG N 268 -2.45 -60.91 42.37
C ARG N 268 -2.79 -60.66 40.90
N LYS N 269 -2.58 -61.66 40.04
CA LYS N 269 -2.96 -61.51 38.63
C LYS N 269 -4.43 -61.84 38.43
N ILE N 270 -4.91 -62.94 39.02
CA ILE N 270 -6.31 -63.35 38.85
C ILE N 270 -7.27 -62.51 39.66
N GLN N 271 -6.78 -61.71 40.61
CA GLN N 271 -7.67 -60.84 41.37
C GLN N 271 -8.17 -59.65 40.56
N LEU N 272 -7.58 -59.39 39.38
CA LEU N 272 -8.05 -58.34 38.49
C LEU N 272 -9.07 -58.83 37.47
N LEU N 273 -9.06 -60.13 37.16
CA LEU N 273 -10.01 -60.67 36.20
C LEU N 273 -11.45 -60.51 36.69
N CYS N 274 -11.67 -60.76 37.99
CA CYS N 274 -13.00 -60.53 38.54
C CYS N 274 -13.38 -59.06 38.47
N LEU N 275 -12.39 -58.16 38.51
CA LEU N 275 -12.68 -56.73 38.37
C LEU N 275 -13.11 -56.39 36.96
N MET N 276 -12.31 -56.79 35.96
CA MET N 276 -12.67 -56.47 34.58
C MET N 276 -13.96 -57.15 34.15
N GLU N 277 -14.21 -58.36 34.64
CA GLU N 277 -15.46 -59.04 34.30
C GLU N 277 -16.64 -58.45 35.04
N MET N 278 -16.43 -57.98 36.28
CA MET N 278 -17.52 -57.37 37.04
C MET N 278 -17.85 -55.97 36.54
N THR N 279 -16.92 -55.30 35.87
CA THR N 279 -17.22 -54.01 35.29
C THR N 279 -17.65 -54.09 33.83
N PHE N 280 -17.32 -55.17 33.13
CA PHE N 280 -17.79 -55.36 31.77
C PHE N 280 -19.06 -56.21 31.70
N THR N 281 -19.50 -56.77 32.83
CA THR N 281 -20.73 -57.55 32.84
C THR N 281 -21.94 -56.62 32.72
N ARG N 282 -22.00 -55.58 33.55
CA ARG N 282 -23.08 -54.61 33.50
C ARG N 282 -22.61 -53.38 32.74
N PRO N 283 -22.99 -53.20 31.47
CA PRO N 283 -22.53 -52.00 30.76
C PRO N 283 -23.24 -50.73 31.20
N ALA N 284 -24.52 -50.83 31.57
CA ALA N 284 -25.32 -49.68 31.93
C ALA N 284 -26.18 -50.07 33.14
N ASN N 285 -27.19 -49.25 33.44
CA ASN N 285 -28.11 -49.47 34.55
C ASN N 285 -27.37 -49.49 35.89
N HIS N 286 -26.85 -48.32 36.24
CA HIS N 286 -26.14 -48.08 37.50
C HIS N 286 -24.89 -48.97 37.60
N ARG N 287 -23.96 -48.70 36.68
CA ARG N 287 -22.64 -49.34 36.71
C ARG N 287 -21.97 -49.21 38.07
N GLN N 288 -22.26 -48.13 38.81
CA GLN N 288 -21.68 -47.92 40.13
C GLN N 288 -21.92 -49.13 41.03
N LEU N 289 -20.88 -49.54 41.75
CA LEU N 289 -20.94 -50.70 42.63
C LEU N 289 -20.27 -50.41 43.97
N THR N 290 -20.05 -51.46 44.77
CA THR N 290 -19.45 -51.31 46.08
C THR N 290 -18.40 -52.40 46.28
N PHE N 291 -17.62 -52.25 47.35
CA PHE N 291 -16.55 -53.19 47.64
C PHE N 291 -17.04 -54.53 48.16
N GLU N 292 -18.35 -54.67 48.42
CA GLU N 292 -18.87 -55.93 48.94
C GLU N 292 -18.75 -57.05 47.90
N GLU N 293 -18.90 -56.73 46.62
CA GLU N 293 -18.77 -57.75 45.58
C GLU N 293 -17.31 -58.13 45.36
N ILE N 294 -16.40 -57.16 45.49
CA ILE N 294 -14.98 -57.45 45.35
C ILE N 294 -14.49 -58.31 46.52
N ALA N 295 -14.82 -57.91 47.74
CA ALA N 295 -14.42 -58.68 48.91
C ALA N 295 -15.12 -60.03 48.97
N LYS N 296 -16.34 -60.11 48.44
CA LYS N 296 -17.06 -61.39 48.44
C LYS N 296 -16.50 -62.34 47.38
N SER N 297 -16.14 -61.81 46.21
CA SER N 297 -15.62 -62.66 45.14
C SER N 297 -14.16 -63.02 45.36
N ALA N 298 -13.41 -62.20 46.09
CA ALA N 298 -11.99 -62.41 46.33
C ALA N 298 -11.69 -62.87 47.75
N LYS N 299 -12.71 -63.17 48.54
CA LYS N 299 -12.61 -63.61 49.94
C LYS N 299 -11.53 -62.86 50.71
N ILE N 300 -11.45 -61.54 50.51
CA ILE N 300 -10.45 -60.71 51.16
C ILE N 300 -11.18 -59.75 52.11
N THR N 301 -10.42 -59.24 53.08
CA THR N 301 -10.99 -58.33 54.07
C THR N 301 -11.20 -56.94 53.48
N VAL N 302 -11.82 -56.07 54.27
CA VAL N 302 -12.10 -54.71 53.82
C VAL N 302 -10.85 -53.83 53.90
N ASN N 303 -9.84 -54.24 54.66
CA ASN N 303 -8.62 -53.44 54.79
C ASN N 303 -7.70 -53.56 53.59
N GLU N 304 -7.84 -54.62 52.78
CA GLU N 304 -6.95 -54.86 51.66
C GLU N 304 -7.56 -54.47 50.31
N VAL N 305 -8.81 -54.02 50.29
CA VAL N 305 -9.43 -53.66 49.01
C VAL N 305 -8.82 -52.37 48.47
N GLU N 306 -8.32 -51.50 49.36
CA GLU N 306 -7.66 -50.28 48.90
C GLU N 306 -6.34 -50.61 48.21
N LEU N 307 -5.58 -51.56 48.76
CA LEU N 307 -4.37 -52.02 48.09
C LEU N 307 -4.70 -52.81 46.83
N LEU N 308 -5.87 -53.46 46.80
CA LEU N 308 -6.27 -54.21 45.61
C LEU N 308 -6.60 -53.28 44.45
N VAL N 309 -7.38 -52.24 44.71
CA VAL N 309 -7.70 -51.27 43.65
C VAL N 309 -6.47 -50.41 43.35
N MET N 310 -5.59 -50.22 44.34
CA MET N 310 -4.35 -49.49 44.08
C MET N 310 -3.43 -50.28 43.15
N LYS N 311 -3.39 -51.60 43.32
CA LYS N 311 -2.65 -52.44 42.38
C LYS N 311 -3.33 -52.49 41.03
N ALA N 312 -4.67 -52.50 41.01
CA ALA N 312 -5.41 -52.48 39.76
C ALA N 312 -5.11 -51.23 38.96
N LEU N 313 -5.01 -50.08 39.64
CA LEU N 313 -4.60 -48.85 38.97
C LEU N 313 -3.11 -48.79 38.69
N SER N 314 -2.31 -49.57 39.43
CA SER N 314 -0.88 -49.59 39.20
C SER N 314 -0.50 -50.41 37.98
N VAL N 315 -1.30 -51.44 37.65
CA VAL N 315 -1.02 -52.23 36.46
C VAL N 315 -1.25 -51.41 35.19
N GLY N 316 -2.33 -50.63 35.17
CA GLY N 316 -2.64 -49.79 34.04
C GLY N 316 -3.74 -50.29 33.12
N LEU N 317 -4.40 -51.40 33.47
CA LEU N 317 -5.51 -51.89 32.65
C LEU N 317 -6.80 -51.15 32.91
N VAL N 318 -6.90 -50.39 34.00
CA VAL N 318 -8.09 -49.65 34.34
C VAL N 318 -7.68 -48.26 34.81
N LYS N 319 -8.53 -47.27 34.50
CA LYS N 319 -8.30 -45.88 34.87
C LYS N 319 -9.31 -45.38 35.89
N GLY N 320 -10.08 -46.28 36.50
CA GLY N 320 -11.17 -45.91 37.39
C GLY N 320 -10.77 -45.08 38.59
N SER N 321 -11.40 -43.91 38.73
CA SER N 321 -11.19 -43.03 39.87
C SER N 321 -12.55 -42.74 40.49
N ILE N 322 -12.70 -43.06 41.77
CA ILE N 322 -13.99 -42.99 42.46
C ILE N 322 -13.97 -41.80 43.40
N ASP N 323 -14.96 -40.91 43.24
CA ASP N 323 -15.12 -39.75 44.11
C ASP N 323 -16.04 -40.03 45.30
N GLU N 324 -16.09 -41.27 45.75
CA GLU N 324 -17.06 -41.69 46.75
C GLU N 324 -16.71 -41.12 48.14
N VAL N 325 -17.72 -41.09 49.00
CA VAL N 325 -17.53 -40.83 50.42
C VAL N 325 -17.68 -42.12 51.23
N ASP N 326 -18.85 -42.75 51.16
CA ASP N 326 -19.00 -44.11 51.65
C ASP N 326 -18.47 -45.08 50.59
N LYS N 327 -17.93 -46.21 51.04
CA LYS N 327 -17.19 -47.11 50.16
C LYS N 327 -18.01 -47.51 48.94
N ARG N 328 -17.48 -47.18 47.76
CA ARG N 328 -18.12 -47.48 46.49
C ARG N 328 -17.03 -47.80 45.47
N VAL N 329 -17.42 -48.49 44.41
CA VAL N 329 -16.49 -48.94 43.36
C VAL N 329 -17.03 -48.48 42.02
N HIS N 330 -16.48 -47.39 41.50
CA HIS N 330 -16.78 -46.91 40.16
C HIS N 330 -15.62 -47.23 39.23
N MET N 331 -15.93 -47.77 38.06
CA MET N 331 -14.93 -48.23 37.10
C MET N 331 -15.04 -47.44 35.81
N THR N 332 -14.08 -47.66 34.92
CA THR N 332 -13.96 -46.93 33.67
C THR N 332 -13.57 -47.91 32.57
N TRP N 333 -13.06 -47.38 31.46
CA TRP N 333 -12.65 -48.14 30.29
C TRP N 333 -11.88 -49.40 30.67
N VAL N 334 -12.26 -50.53 30.06
CA VAL N 334 -11.62 -51.81 30.27
C VAL N 334 -11.76 -52.63 29.00
N GLN N 335 -10.85 -53.59 28.81
CA GLN N 335 -10.81 -54.40 27.60
C GLN N 335 -11.06 -55.86 27.94
N PRO N 336 -12.05 -56.51 27.33
CA PRO N 336 -12.28 -57.94 27.58
C PRO N 336 -11.12 -58.80 27.09
N ARG N 337 -10.72 -58.58 25.84
CA ARG N 337 -9.50 -59.14 25.25
C ARG N 337 -9.63 -60.63 24.94
N VAL N 338 -10.71 -61.28 25.37
CA VAL N 338 -10.87 -62.70 25.07
C VAL N 338 -12.07 -62.97 24.18
N LEU N 339 -13.28 -62.75 24.71
CA LEU N 339 -14.52 -63.03 23.98
C LEU N 339 -15.73 -62.67 24.84
N ASP N 340 -16.85 -62.32 24.20
CA ASP N 340 -18.12 -62.16 24.89
C ASP N 340 -19.24 -62.31 23.87
N LEU N 341 -19.99 -63.41 23.96
CA LEU N 341 -21.10 -63.62 23.02
C LEU N 341 -22.36 -62.87 23.45
N GLN N 342 -22.62 -62.80 24.75
CA GLN N 342 -23.77 -62.02 25.22
C GLN N 342 -23.57 -60.53 24.96
N GLN N 343 -22.32 -60.09 24.84
CA GLN N 343 -22.03 -58.72 24.44
C GLN N 343 -21.98 -58.55 22.92
N ILE N 344 -21.91 -59.65 22.17
CA ILE N 344 -22.13 -59.58 20.72
C ILE N 344 -23.62 -59.44 20.43
N LYS N 345 -24.45 -60.25 21.08
CA LYS N 345 -25.89 -60.12 20.91
C LYS N 345 -26.41 -58.81 21.50
N GLY N 346 -25.95 -58.47 22.70
CA GLY N 346 -26.28 -57.17 23.26
C GLY N 346 -25.69 -56.02 22.46
N MET N 347 -24.56 -56.27 21.79
CA MET N 347 -24.01 -55.27 20.87
C MET N 347 -24.92 -55.05 19.67
N LYS N 348 -25.52 -56.14 19.17
CA LYS N 348 -26.49 -55.99 18.10
C LYS N 348 -27.77 -55.31 18.58
N ASP N 349 -28.16 -55.56 19.83
CA ASP N 349 -29.37 -54.94 20.37
C ASP N 349 -29.19 -53.44 20.58
N ARG N 350 -28.17 -53.06 21.35
CA ARG N 350 -27.91 -51.65 21.59
C ARG N 350 -27.49 -50.92 20.31
N LEU N 351 -26.78 -51.62 19.42
CA LEU N 351 -26.37 -51.00 18.17
C LEU N 351 -27.56 -50.74 17.26
N GLU N 352 -28.43 -51.74 17.10
CA GLU N 352 -29.64 -51.54 16.30
C GLU N 352 -30.56 -50.50 16.93
N PHE N 353 -30.58 -50.43 18.27
CA PHE N 353 -31.37 -49.43 18.96
C PHE N 353 -30.84 -48.03 18.70
N TRP N 354 -29.52 -47.85 18.77
CA TRP N 354 -28.91 -46.56 18.45
C TRP N 354 -29.17 -46.18 17.00
N CYS N 355 -29.07 -47.15 16.09
CA CYS N 355 -29.26 -46.87 14.67
C CYS N 355 -30.70 -46.48 14.36
N THR N 356 -31.67 -47.19 14.94
CA THR N 356 -33.06 -46.85 14.70
C THR N 356 -33.49 -45.60 15.45
N ASP N 357 -32.77 -45.21 16.50
CA ASP N 357 -33.05 -43.95 17.16
C ASP N 357 -32.50 -42.77 16.38
N VAL N 358 -31.28 -42.91 15.84
CA VAL N 358 -30.75 -41.87 14.96
C VAL N 358 -31.59 -41.76 13.70
N LYS N 359 -32.04 -42.89 13.16
CA LYS N 359 -32.93 -42.85 12.00
C LYS N 359 -34.27 -42.21 12.36
N SER N 360 -34.79 -42.49 13.55
CA SER N 360 -36.06 -41.89 13.97
C SER N 360 -35.93 -40.39 14.13
N MET N 361 -34.83 -39.91 14.71
CA MET N 361 -34.61 -38.48 14.83
C MET N 361 -34.38 -37.83 13.47
N GLU N 362 -33.73 -38.55 12.55
CA GLU N 362 -33.49 -38.00 11.22
C GLU N 362 -34.79 -37.86 10.44
N MET N 363 -35.65 -38.88 10.49
CA MET N 363 -36.95 -38.79 9.83
C MET N 363 -37.86 -37.78 10.51
N LEU N 364 -37.74 -37.66 11.84
CA LEU N 364 -38.60 -36.73 12.57
C LEU N 364 -38.22 -35.28 12.28
N VAL N 365 -36.95 -34.93 12.46
CA VAL N 365 -36.52 -33.55 12.22
C VAL N 365 -36.56 -33.23 10.73
N GLU N 366 -36.05 -34.14 9.89
CA GLU N 366 -36.00 -33.89 8.46
C GLU N 366 -37.39 -33.93 7.81
N HIS N 367 -38.36 -34.58 8.46
CA HIS N 367 -39.70 -34.70 7.88
C HIS N 367 -40.32 -33.34 7.65
N GLN N 368 -40.58 -32.60 8.74
CA GLN N 368 -41.11 -31.25 8.60
C GLN N 368 -40.03 -30.23 8.30
N ALA N 369 -38.78 -30.49 8.70
CA ALA N 369 -37.71 -29.53 8.44
C ALA N 369 -37.45 -29.37 6.95
N HIS N 370 -37.47 -30.48 6.21
CA HIS N 370 -37.32 -30.40 4.76
C HIS N 370 -38.50 -29.71 4.11
N ASP N 371 -39.70 -29.83 4.70
CA ASP N 371 -40.89 -29.23 4.11
C ASP N 371 -41.00 -27.74 4.40
N ILE N 372 -40.42 -27.27 5.50
CA ILE N 372 -40.53 -25.86 5.86
C ILE N 372 -39.27 -25.06 5.52
N LEU N 373 -38.12 -25.71 5.40
CA LEU N 373 -36.86 -25.02 5.13
C LEU N 373 -36.25 -25.43 3.80
N THR N 374 -36.10 -26.73 3.55
CA THR N 374 -35.52 -27.26 2.32
C THR N 374 -34.10 -26.74 2.08
N MET O 1 8.68 -56.61 -45.11
CA MET O 1 9.28 -57.79 -44.49
C MET O 1 8.26 -58.54 -43.65
N VAL O 2 8.70 -59.05 -42.52
CA VAL O 2 7.85 -59.81 -41.60
C VAL O 2 7.48 -58.90 -40.43
N LEU O 3 6.19 -58.72 -40.21
CA LEU O 3 5.67 -57.89 -39.11
C LEU O 3 5.06 -58.83 -38.07
N GLU O 4 5.80 -59.06 -36.99
CA GLU O 4 5.34 -59.94 -35.93
C GLU O 4 6.03 -59.56 -34.63
N SER O 5 5.38 -59.88 -33.52
CA SER O 5 5.92 -59.62 -32.19
C SER O 5 6.58 -60.88 -31.65
N THR O 6 7.66 -60.70 -30.90
CA THR O 6 8.43 -61.79 -30.34
C THR O 6 8.44 -61.69 -28.83
N MET O 7 8.03 -62.77 -28.16
CA MET O 7 8.05 -62.86 -26.71
C MET O 7 8.81 -64.10 -26.30
N VAL O 8 9.80 -63.93 -25.42
CA VAL O 8 10.63 -65.02 -24.94
C VAL O 8 10.46 -65.15 -23.45
N CYS O 9 10.37 -66.39 -22.97
CA CYS O 9 10.25 -66.70 -21.55
C CYS O 9 11.41 -67.59 -21.15
N VAL O 10 12.26 -67.09 -20.25
CA VAL O 10 13.46 -67.80 -19.83
C VAL O 10 13.29 -68.29 -18.41
N ASP O 11 13.90 -69.44 -18.12
CA ASP O 11 13.85 -70.03 -16.79
C ASP O 11 14.92 -69.42 -15.91
N ASN O 12 14.55 -69.13 -14.66
CA ASN O 12 15.48 -68.57 -13.68
C ASN O 12 15.69 -69.51 -12.50
N SER O 13 15.30 -70.77 -12.62
CA SER O 13 15.49 -71.72 -11.55
C SER O 13 16.97 -72.12 -11.45
N GLU O 14 17.28 -72.86 -10.38
CA GLU O 14 18.63 -73.37 -10.17
C GLU O 14 18.92 -74.63 -10.98
N TYR O 15 17.99 -75.06 -11.83
CA TYR O 15 18.21 -76.23 -12.69
C TYR O 15 19.06 -75.91 -13.91
N MET O 16 19.48 -74.67 -14.08
CA MET O 16 20.24 -74.24 -15.26
C MET O 16 21.73 -74.13 -14.99
N ARG O 17 22.20 -74.55 -13.81
CA ARG O 17 23.61 -74.46 -13.47
C ARG O 17 24.23 -75.82 -13.16
N ASN O 18 23.55 -76.91 -13.49
CA ASN O 18 24.10 -78.24 -13.26
C ASN O 18 25.30 -78.48 -14.17
N GLY O 19 26.33 -79.12 -13.62
CA GLY O 19 27.58 -79.34 -14.32
C GLY O 19 27.58 -80.46 -15.34
N ASP O 20 26.52 -81.25 -15.45
CA ASP O 20 26.47 -82.31 -16.45
C ASP O 20 26.35 -81.73 -17.85
N PHE O 21 25.40 -80.83 -18.05
CA PHE O 21 25.24 -80.13 -19.32
C PHE O 21 26.21 -78.97 -19.42
N LEU O 22 25.97 -78.07 -20.37
CA LEU O 22 26.82 -76.90 -20.65
C LEU O 22 27.17 -76.14 -19.38
N PRO O 23 28.31 -75.44 -19.36
CA PRO O 23 28.71 -74.72 -18.14
C PRO O 23 27.88 -73.48 -17.89
N THR O 24 26.74 -73.64 -17.20
CA THR O 24 25.78 -72.57 -16.95
C THR O 24 25.22 -72.04 -18.27
N ARG O 25 24.47 -72.93 -18.93
CA ARG O 25 23.90 -72.67 -20.25
C ARG O 25 22.98 -71.46 -20.29
N LEU O 26 22.69 -70.84 -19.14
CA LEU O 26 21.94 -69.58 -19.14
C LEU O 26 22.57 -68.56 -20.08
N GLN O 27 23.91 -68.48 -20.08
CA GLN O 27 24.60 -67.59 -21.01
C GLN O 27 24.48 -68.09 -22.44
N ALA O 28 24.39 -69.40 -22.64
CA ALA O 28 24.26 -69.95 -23.99
C ALA O 28 22.92 -69.59 -24.60
N GLN O 29 21.83 -69.80 -23.86
CA GLN O 29 20.51 -69.40 -24.35
C GLN O 29 20.36 -67.88 -24.34
N GLN O 30 21.14 -67.16 -23.52
CA GLN O 30 21.21 -65.71 -23.65
C GLN O 30 21.79 -65.33 -25.01
N ASP O 31 22.85 -66.03 -25.43
CA ASP O 31 23.39 -65.81 -26.78
C ASP O 31 22.41 -66.27 -27.85
N ALA O 32 21.54 -67.23 -27.53
CA ALA O 32 20.48 -67.61 -28.45
C ALA O 32 19.48 -66.47 -28.62
N VAL O 33 19.07 -65.84 -27.53
CA VAL O 33 18.23 -64.66 -27.61
C VAL O 33 18.94 -63.55 -28.38
N ASN O 34 20.27 -63.46 -28.23
CA ASN O 34 21.02 -62.44 -28.94
C ASN O 34 21.03 -62.70 -30.44
N ILE O 35 21.19 -63.95 -30.86
CA ILE O 35 21.26 -64.24 -32.29
C ILE O 35 19.88 -64.24 -32.94
N VAL O 36 18.83 -64.54 -32.17
CA VAL O 36 17.49 -64.48 -32.77
C VAL O 36 16.98 -63.04 -32.79
N CYS O 37 17.38 -62.21 -31.82
CA CYS O 37 16.97 -60.81 -31.84
C CYS O 37 17.78 -60.01 -32.86
N HIS O 38 19.07 -60.33 -33.02
CA HIS O 38 19.86 -59.70 -34.06
C HIS O 38 19.52 -60.27 -35.44
N SER O 39 19.08 -61.51 -35.51
CA SER O 39 18.65 -62.08 -36.78
C SER O 39 17.32 -61.50 -37.23
N LYS O 40 16.36 -61.37 -36.31
CA LYS O 40 15.12 -60.67 -36.63
C LYS O 40 15.37 -59.20 -36.89
N THR O 41 16.36 -58.61 -36.21
CA THR O 41 16.73 -57.22 -36.50
C THR O 41 17.27 -57.09 -37.92
N ARG O 42 18.06 -58.07 -38.37
CA ARG O 42 18.56 -58.04 -39.74
C ARG O 42 17.44 -58.30 -40.74
N SER O 43 16.46 -59.12 -40.38
CA SER O 43 15.33 -59.36 -41.28
C SER O 43 14.39 -58.16 -41.28
N ASN O 44 13.87 -57.79 -40.11
CA ASN O 44 13.00 -56.63 -39.98
C ASN O 44 13.28 -55.93 -38.66
N PRO O 45 13.94 -54.78 -38.68
CA PRO O 45 14.31 -54.11 -37.42
C PRO O 45 13.13 -53.51 -36.68
N GLU O 46 11.92 -53.55 -37.22
CA GLU O 46 10.75 -52.98 -36.57
C GLU O 46 10.04 -53.96 -35.64
N ASN O 47 10.59 -55.17 -35.46
CA ASN O 47 9.99 -56.13 -34.57
C ASN O 47 10.34 -55.82 -33.11
N ASN O 48 9.34 -55.94 -32.24
CA ASN O 48 9.52 -55.71 -30.82
C ASN O 48 9.72 -57.03 -30.09
N VAL O 49 10.64 -57.03 -29.11
CA VAL O 49 10.99 -58.22 -28.36
C VAL O 49 10.82 -57.92 -26.88
N GLY O 50 10.03 -58.73 -26.19
CA GLY O 50 9.83 -58.61 -24.76
C GLY O 50 10.62 -59.66 -23.99
N LEU O 51 10.85 -59.37 -22.71
CA LEU O 51 11.61 -60.23 -21.84
C LEU O 51 10.88 -60.42 -20.52
N ILE O 52 10.67 -61.67 -20.12
CA ILE O 52 9.99 -61.99 -18.88
C ILE O 52 10.37 -63.41 -18.49
N THR O 53 10.34 -63.69 -17.19
CA THR O 53 10.70 -65.00 -16.67
C THR O 53 9.44 -65.81 -16.36
N LEU O 54 9.65 -67.01 -15.83
CA LEU O 54 8.56 -67.92 -15.49
C LEU O 54 8.53 -68.21 -13.98
N ALA O 55 9.00 -67.27 -13.18
CA ALA O 55 9.01 -67.44 -11.73
C ALA O 55 7.59 -67.32 -11.17
N ASN O 56 7.48 -67.44 -9.85
CA ASN O 56 6.17 -67.34 -9.20
C ASN O 56 5.60 -65.94 -9.36
N ASP O 57 6.37 -64.91 -9.03
CA ASP O 57 5.98 -63.52 -9.20
C ASP O 57 6.61 -63.02 -10.50
N CYS O 58 5.87 -63.15 -11.59
CA CYS O 58 6.38 -62.74 -12.89
C CYS O 58 6.55 -61.23 -12.95
N GLU O 59 7.67 -60.80 -13.53
CA GLU O 59 7.99 -59.39 -13.64
C GLU O 59 8.44 -59.09 -15.05
N VAL O 60 7.80 -58.10 -15.68
CA VAL O 60 8.16 -57.70 -17.04
C VAL O 60 9.52 -57.00 -16.98
N LEU O 61 10.56 -57.67 -17.48
CA LEU O 61 11.90 -57.10 -17.43
C LEU O 61 12.05 -55.97 -18.45
N THR O 62 11.56 -56.18 -19.67
CA THR O 62 11.66 -55.17 -20.71
C THR O 62 10.38 -55.17 -21.53
N THR O 63 9.83 -53.98 -21.76
CA THR O 63 8.65 -53.83 -22.61
C THR O 63 9.00 -54.15 -24.06
N LEU O 64 7.99 -54.52 -24.82
CA LEU O 64 8.16 -54.85 -26.24
C LEU O 64 8.68 -53.62 -27.00
N THR O 65 9.92 -53.70 -27.47
CA THR O 65 10.55 -52.59 -28.17
C THR O 65 11.62 -53.15 -29.09
N PRO O 66 11.84 -52.52 -30.25
CA PRO O 66 12.91 -52.99 -31.15
C PRO O 66 14.30 -52.64 -30.67
N ASP O 67 14.45 -51.69 -29.76
CA ASP O 67 15.75 -51.28 -29.24
C ASP O 67 16.27 -52.36 -28.29
N THR O 68 17.22 -53.16 -28.76
CA THR O 68 17.81 -54.22 -27.95
C THR O 68 19.06 -53.76 -27.20
N GLY O 69 19.46 -52.49 -27.36
CA GLY O 69 20.66 -52.02 -26.68
C GLY O 69 20.55 -52.09 -25.17
N ARG O 70 19.38 -51.77 -24.63
CA ARG O 70 19.13 -51.92 -23.20
C ARG O 70 18.64 -53.31 -22.85
N ILE O 71 18.12 -54.07 -23.82
CA ILE O 71 17.75 -55.45 -23.57
C ILE O 71 19.00 -56.29 -23.28
N LEU O 72 20.11 -55.98 -23.96
CA LEU O 72 21.37 -56.65 -23.67
C LEU O 72 21.77 -56.48 -22.21
N SER O 73 21.52 -55.30 -21.65
CA SER O 73 21.82 -55.08 -20.24
C SER O 73 20.79 -55.76 -19.35
N LYS O 74 19.51 -55.76 -19.76
CA LYS O 74 18.46 -56.38 -18.98
C LYS O 74 18.55 -57.91 -18.97
N LEU O 75 19.32 -58.51 -19.87
CA LEU O 75 19.49 -59.96 -19.84
C LEU O 75 20.30 -60.43 -18.64
N HIS O 76 21.00 -59.53 -17.96
CA HIS O 76 21.76 -59.87 -16.77
C HIS O 76 20.82 -59.84 -15.56
N THR O 77 21.41 -59.90 -14.35
CA THR O 77 20.70 -59.91 -13.06
C THR O 77 19.41 -60.74 -13.13
N VAL O 78 19.58 -62.01 -13.49
CA VAL O 78 18.45 -62.90 -13.70
C VAL O 78 17.71 -63.19 -12.40
N GLN O 79 18.33 -62.93 -11.24
CA GLN O 79 17.75 -63.21 -9.93
C GLN O 79 17.31 -64.67 -9.84
N PRO O 80 18.27 -65.60 -9.69
CA PRO O 80 17.91 -67.03 -9.77
C PRO O 80 17.10 -67.52 -8.58
N LYS O 81 15.81 -67.18 -8.57
CA LYS O 81 14.88 -67.64 -7.54
C LYS O 81 13.72 -68.37 -8.20
N GLY O 82 12.94 -69.06 -7.38
CA GLY O 82 11.80 -69.82 -7.85
C GLY O 82 12.18 -71.05 -8.66
N LYS O 83 11.20 -71.90 -8.97
CA LYS O 83 11.46 -73.10 -9.75
C LYS O 83 10.77 -73.07 -11.11
N ILE O 84 9.44 -72.93 -11.14
CA ILE O 84 8.71 -72.92 -12.40
C ILE O 84 7.28 -72.41 -12.14
N THR O 85 6.71 -71.74 -13.14
CA THR O 85 5.30 -71.36 -13.11
C THR O 85 4.80 -71.27 -14.55
N PHE O 86 3.77 -72.06 -14.87
CA PHE O 86 3.33 -72.25 -16.24
C PHE O 86 2.06 -71.45 -16.57
N CYS O 87 1.07 -71.48 -15.68
CA CYS O 87 -0.22 -70.86 -15.98
C CYS O 87 -0.09 -69.36 -16.16
N THR O 88 0.39 -68.66 -15.13
CA THR O 88 0.59 -67.22 -15.24
C THR O 88 1.77 -66.87 -16.14
N GLY O 89 2.60 -67.85 -16.49
CA GLY O 89 3.63 -67.60 -17.49
C GLY O 89 3.05 -67.51 -18.89
N ILE O 90 2.06 -68.34 -19.19
CA ILE O 90 1.35 -68.22 -20.47
C ILE O 90 0.44 -66.99 -20.44
N ARG O 91 -0.34 -66.83 -19.37
CA ARG O 91 -1.29 -65.73 -19.28
C ARG O 91 -0.62 -64.37 -19.14
N VAL O 92 0.64 -64.33 -18.73
CA VAL O 92 1.34 -63.06 -18.54
C VAL O 92 1.84 -62.46 -19.85
N ALA O 93 1.87 -63.26 -20.92
CA ALA O 93 2.33 -62.79 -22.22
C ALA O 93 1.25 -62.90 -23.30
N HIS O 94 0.55 -64.04 -23.36
CA HIS O 94 -0.47 -64.21 -24.38
C HIS O 94 -1.62 -63.24 -24.21
N LEU O 95 -1.93 -62.84 -22.97
CA LEU O 95 -2.91 -61.79 -22.74
C LEU O 95 -2.29 -60.41 -22.86
N ALA O 96 -0.99 -60.28 -22.64
CA ALA O 96 -0.29 -59.01 -22.79
C ALA O 96 0.07 -58.69 -24.23
N LEU O 97 -0.24 -59.57 -25.18
CA LEU O 97 0.03 -59.29 -26.59
C LEU O 97 -0.78 -58.12 -27.11
N LYS O 98 -1.87 -57.75 -26.44
CA LYS O 98 -2.72 -56.65 -26.89
C LYS O 98 -2.14 -55.28 -26.55
N HIS O 99 -1.06 -55.22 -25.76
CA HIS O 99 -0.44 -53.96 -25.39
C HIS O 99 0.64 -53.51 -26.38
N ARG O 100 0.82 -54.23 -27.48
CA ARG O 100 1.82 -53.85 -28.46
C ARG O 100 1.40 -52.60 -29.22
N GLN O 101 2.39 -51.89 -29.75
CA GLN O 101 2.12 -50.66 -30.49
C GLN O 101 1.52 -50.98 -31.87
N GLY O 102 2.26 -51.72 -32.69
CA GLY O 102 1.78 -52.07 -34.01
C GLY O 102 0.77 -53.19 -33.99
N LYS O 103 -0.47 -52.89 -34.39
CA LYS O 103 -1.52 -53.90 -34.42
C LYS O 103 -1.35 -54.89 -35.56
N ASN O 104 -0.55 -54.55 -36.57
CA ASN O 104 -0.32 -55.44 -37.70
C ASN O 104 0.69 -56.54 -37.39
N HIS O 105 1.41 -56.43 -36.29
CA HIS O 105 2.40 -57.44 -35.93
C HIS O 105 1.71 -58.72 -35.48
N LYS O 106 2.04 -59.84 -36.14
CA LYS O 106 1.47 -61.12 -35.77
C LYS O 106 1.92 -61.53 -34.36
N MET O 107 1.25 -62.54 -33.83
CA MET O 107 1.47 -63.00 -32.47
C MET O 107 2.39 -64.22 -32.49
N ARG O 108 3.55 -64.11 -31.85
CA ARG O 108 4.51 -65.20 -31.77
C ARG O 108 5.17 -65.14 -30.40
N ILE O 109 5.08 -66.23 -29.63
CA ILE O 109 5.64 -66.32 -28.29
C ILE O 109 6.43 -67.62 -28.18
N ILE O 110 7.67 -67.51 -27.73
CA ILE O 110 8.50 -68.68 -27.44
C ILE O 110 8.73 -68.74 -25.94
N ALA O 111 9.33 -69.85 -25.49
CA ALA O 111 9.57 -70.04 -24.07
C ALA O 111 10.70 -71.04 -23.88
N PHE O 112 11.59 -70.73 -22.95
CA PHE O 112 12.69 -71.62 -22.57
C PHE O 112 12.30 -72.31 -21.26
N VAL O 113 12.01 -73.62 -21.35
CA VAL O 113 11.55 -74.40 -20.20
C VAL O 113 12.72 -75.24 -19.71
N GLY O 114 13.21 -74.94 -18.52
CA GLY O 114 14.30 -75.68 -17.90
C GLY O 114 13.93 -76.47 -16.68
N SER O 115 12.64 -76.57 -16.34
CA SER O 115 12.16 -77.31 -15.18
C SER O 115 10.98 -78.18 -15.58
N PRO O 116 10.74 -79.27 -14.86
CA PRO O 116 9.59 -80.11 -15.17
C PRO O 116 8.29 -79.36 -14.92
N VAL O 117 7.29 -79.67 -15.75
CA VAL O 117 6.00 -79.00 -15.64
C VAL O 117 5.24 -79.53 -14.43
N GLU O 118 4.70 -78.61 -13.63
CA GLU O 118 3.94 -78.97 -12.43
C GLU O 118 2.45 -79.09 -12.70
N ASP O 119 1.96 -78.63 -13.84
CA ASP O 119 0.54 -78.67 -14.14
C ASP O 119 0.16 -80.04 -14.72
N ASN O 120 -1.02 -80.51 -14.34
CA ASN O 120 -1.52 -81.79 -14.82
C ASN O 120 -1.98 -81.67 -16.28
N GLU O 121 -2.47 -82.79 -16.82
CA GLU O 121 -2.93 -82.79 -18.21
C GLU O 121 -4.17 -81.94 -18.41
N LYS O 122 -4.97 -81.75 -17.35
CA LYS O 122 -6.16 -80.91 -17.46
C LYS O 122 -5.78 -79.46 -17.74
N ASP O 123 -4.76 -78.95 -17.06
CA ASP O 123 -4.28 -77.60 -17.34
C ASP O 123 -3.60 -77.53 -18.70
N LEU O 124 -3.00 -78.63 -19.15
CA LEU O 124 -2.38 -78.65 -20.47
C LEU O 124 -3.43 -78.57 -21.58
N VAL O 125 -4.58 -79.22 -21.39
CA VAL O 125 -5.61 -79.19 -22.42
C VAL O 125 -6.45 -77.92 -22.30
N LYS O 126 -6.56 -77.34 -21.10
CA LYS O 126 -7.27 -76.08 -20.97
C LYS O 126 -6.44 -74.92 -21.53
N LEU O 127 -5.15 -74.89 -21.23
CA LEU O 127 -4.28 -73.84 -21.77
C LEU O 127 -4.03 -74.06 -23.25
N ALA O 128 -3.89 -75.31 -23.67
CA ALA O 128 -3.76 -75.60 -25.10
C ALA O 128 -5.03 -75.24 -25.86
N LYS O 129 -6.19 -75.45 -25.23
CA LYS O 129 -7.45 -75.05 -25.85
C LYS O 129 -7.59 -73.53 -25.89
N ARG O 130 -7.03 -72.83 -24.90
CA ARG O 130 -7.07 -71.38 -24.91
C ARG O 130 -6.16 -70.81 -25.99
N LEU O 131 -4.95 -71.36 -26.13
CA LEU O 131 -4.00 -70.85 -27.11
C LEU O 131 -4.42 -71.21 -28.53
N LYS O 132 -4.93 -72.43 -28.73
CA LYS O 132 -5.50 -72.78 -30.03
C LYS O 132 -6.77 -71.98 -30.31
N LYS O 133 -7.50 -71.59 -29.26
CA LYS O 133 -8.69 -70.78 -29.44
C LYS O 133 -8.34 -69.39 -29.93
N GLU O 134 -7.44 -68.70 -29.24
CA GLU O 134 -7.05 -67.35 -29.64
C GLU O 134 -6.08 -67.34 -30.81
N LYS O 135 -5.61 -68.50 -31.26
CA LYS O 135 -4.79 -68.64 -32.47
C LYS O 135 -3.51 -67.81 -32.38
N VAL O 136 -2.65 -68.19 -31.44
CA VAL O 136 -1.35 -67.56 -31.24
C VAL O 136 -0.26 -68.59 -31.56
N ASN O 137 0.73 -68.17 -32.34
CA ASN O 137 1.85 -69.05 -32.68
C ASN O 137 2.68 -69.31 -31.44
N VAL O 138 2.77 -70.58 -31.04
CA VAL O 138 3.46 -70.98 -29.82
C VAL O 138 4.56 -71.96 -30.19
N ASP O 139 5.80 -71.64 -29.83
CA ASP O 139 6.94 -72.51 -30.03
C ASP O 139 7.44 -72.97 -28.66
N ILE O 140 7.46 -74.29 -28.46
CA ILE O 140 7.84 -74.87 -27.17
C ILE O 140 9.28 -75.35 -27.27
N ILE O 141 10.15 -74.82 -26.41
CA ILE O 141 11.55 -75.19 -26.35
C ILE O 141 11.84 -75.69 -24.93
N ASN O 142 12.23 -76.95 -24.81
CA ASN O 142 12.45 -77.61 -23.53
C ASN O 142 13.94 -77.91 -23.37
N PHE O 143 14.61 -77.14 -22.52
CA PHE O 143 16.03 -77.36 -22.22
C PHE O 143 16.16 -78.17 -20.94
N GLY O 144 16.91 -79.27 -21.02
CA GLY O 144 17.11 -80.13 -19.87
C GLY O 144 15.89 -80.97 -19.53
N GLU O 145 16.10 -82.09 -18.85
CA GLU O 145 14.99 -82.97 -18.49
C GLU O 145 15.41 -83.86 -17.33
N GLU O 146 14.40 -84.33 -16.59
CA GLU O 146 14.58 -85.32 -15.55
C GLU O 146 13.89 -86.64 -15.87
N GLU O 147 12.61 -86.58 -16.22
CA GLU O 147 11.87 -87.74 -16.70
C GLU O 147 11.99 -87.79 -18.22
N VAL O 148 11.19 -88.62 -18.88
CA VAL O 148 11.22 -88.68 -20.33
C VAL O 148 10.87 -87.30 -20.91
N ASN O 149 11.43 -87.00 -22.08
CA ASN O 149 11.30 -85.67 -22.66
C ASN O 149 9.85 -85.31 -22.93
N THR O 150 9.19 -86.06 -23.81
CA THR O 150 7.82 -85.76 -24.24
C THR O 150 6.97 -87.01 -24.06
N GLU O 151 6.13 -87.02 -23.04
CA GLU O 151 5.13 -88.06 -22.83
C GLU O 151 3.71 -87.53 -22.97
N LYS O 152 3.36 -86.50 -22.19
CA LYS O 152 2.10 -85.79 -22.36
C LYS O 152 2.26 -84.49 -23.14
N LEU O 153 3.48 -83.96 -23.24
CA LEU O 153 3.73 -82.76 -24.01
C LEU O 153 3.56 -83.00 -25.51
N THR O 154 3.69 -84.25 -25.96
CA THR O 154 3.40 -84.56 -27.36
C THR O 154 1.95 -84.28 -27.69
N ALA O 155 1.03 -84.85 -26.91
CA ALA O 155 -0.39 -84.56 -27.11
C ALA O 155 -0.71 -83.10 -26.77
N PHE O 156 0.07 -82.49 -25.87
CA PHE O 156 -0.10 -81.07 -25.59
C PHE O 156 0.17 -80.22 -26.82
N VAL O 157 1.21 -80.57 -27.59
CA VAL O 157 1.53 -79.81 -28.79
C VAL O 157 0.56 -80.15 -29.91
N ASN O 158 0.26 -81.45 -30.09
CA ASN O 158 -0.64 -81.86 -31.17
C ASN O 158 -2.03 -81.26 -30.97
N THR O 159 -2.51 -81.17 -29.73
CA THR O 159 -3.76 -80.50 -29.46
C THR O 159 -3.63 -78.99 -29.45
N LEU O 160 -2.42 -78.47 -29.21
CA LEU O 160 -2.20 -77.02 -29.23
C LEU O 160 -1.93 -76.50 -30.63
N ASN O 161 -1.34 -77.31 -31.49
CA ASN O 161 -0.91 -76.87 -32.82
C ASN O 161 -2.07 -76.98 -33.79
N GLY O 162 -2.67 -75.84 -34.14
CA GLY O 162 -3.65 -75.77 -35.20
C GLY O 162 -3.03 -75.21 -36.48
N LYS O 163 -3.84 -75.21 -37.53
CA LYS O 163 -3.43 -74.74 -38.86
C LYS O 163 -2.19 -75.51 -39.33
N ASP O 164 -2.42 -76.79 -39.60
CA ASP O 164 -1.33 -77.70 -39.95
C ASP O 164 -0.45 -77.16 -41.07
N GLY O 165 -1.03 -76.39 -42.00
CA GLY O 165 -0.25 -75.76 -43.04
C GLY O 165 0.62 -74.67 -42.47
N THR O 166 1.94 -74.74 -42.69
CA THR O 166 2.95 -73.81 -42.20
C THR O 166 2.67 -73.29 -40.79
N GLY O 167 2.24 -74.19 -39.91
CA GLY O 167 1.92 -73.83 -38.54
C GLY O 167 3.13 -73.77 -37.64
N SER O 168 2.91 -74.04 -36.36
CA SER O 168 3.99 -73.99 -35.38
C SER O 168 4.78 -75.30 -35.38
N HIS O 169 6.03 -75.20 -34.91
CA HIS O 169 6.93 -76.34 -34.83
C HIS O 169 7.32 -76.59 -33.39
N LEU O 170 7.67 -77.84 -33.09
CA LEU O 170 8.09 -78.26 -31.76
C LEU O 170 9.61 -78.45 -31.76
N VAL O 171 10.27 -77.89 -30.76
CA VAL O 171 11.72 -77.96 -30.62
C VAL O 171 12.05 -78.87 -29.45
N THR O 172 12.61 -80.04 -29.75
CA THR O 172 13.04 -80.99 -28.73
C THR O 172 14.52 -81.26 -28.93
N VAL O 173 15.32 -80.86 -27.95
CA VAL O 173 16.78 -80.98 -28.02
C VAL O 173 17.21 -82.20 -27.22
N PRO O 174 18.01 -83.11 -27.78
CA PRO O 174 18.51 -84.24 -27.01
C PRO O 174 19.72 -83.86 -26.20
N PRO O 175 20.14 -84.70 -25.25
CA PRO O 175 21.37 -84.40 -24.50
C PRO O 175 22.59 -84.43 -25.41
N GLY O 176 23.56 -83.57 -25.09
CA GLY O 176 24.77 -83.46 -25.87
C GLY O 176 25.59 -82.26 -25.47
N PRO O 177 26.93 -82.39 -25.56
CA PRO O 177 27.81 -81.28 -25.19
C PRO O 177 27.81 -80.13 -26.17
N SER O 178 27.26 -80.31 -27.37
CA SER O 178 27.23 -79.25 -28.36
C SER O 178 26.36 -78.09 -27.89
N LEU O 179 26.56 -76.93 -28.51
CA LEU O 179 25.79 -75.75 -28.17
C LEU O 179 24.35 -75.91 -28.62
N ALA O 180 23.47 -75.11 -28.01
CA ALA O 180 22.05 -75.13 -28.33
C ALA O 180 21.67 -74.17 -29.45
N ASP O 181 22.57 -73.26 -29.84
CA ASP O 181 22.23 -72.26 -30.84
C ASP O 181 21.96 -72.90 -32.20
N ALA O 182 22.90 -73.68 -32.71
CA ALA O 182 22.71 -74.36 -33.99
C ALA O 182 21.63 -75.42 -33.93
N LEU O 183 21.33 -75.95 -32.74
CA LEU O 183 20.29 -76.97 -32.62
C LEU O 183 18.89 -76.35 -32.65
N ILE O 184 18.72 -75.16 -32.06
CA ILE O 184 17.44 -74.48 -32.11
C ILE O 184 17.29 -73.63 -33.36
N SER O 185 18.38 -73.36 -34.09
CA SER O 185 18.31 -72.61 -35.33
C SER O 185 17.98 -73.48 -36.53
N SER O 186 17.86 -74.80 -36.35
CA SER O 186 17.58 -75.73 -37.43
C SER O 186 16.16 -75.55 -37.98
N PRO O 187 15.12 -75.38 -37.15
CA PRO O 187 13.78 -75.17 -37.72
C PRO O 187 13.64 -73.83 -38.44
N ILE O 188 12.48 -73.61 -39.06
CA ILE O 188 12.26 -72.38 -39.83
C ILE O 188 11.97 -71.17 -38.95
N LEU O 189 11.77 -71.38 -37.64
CA LEU O 189 11.47 -70.26 -36.76
C LEU O 189 12.63 -69.28 -36.66
N ALA O 190 13.86 -69.77 -36.79
CA ALA O 190 15.05 -68.93 -36.73
C ALA O 190 15.45 -68.58 -38.17
N GLY O 191 15.18 -67.34 -38.57
CA GLY O 191 15.51 -66.88 -39.90
C GLY O 191 14.32 -66.89 -40.85
N ALA P 1 -13.87 -19.73 -51.33
CA ALA P 1 -14.24 -18.55 -50.56
C ALA P 1 -15.55 -18.76 -49.81
N VAL P 2 -15.46 -19.31 -48.60
CA VAL P 2 -16.63 -19.57 -47.77
C VAL P 2 -16.20 -19.53 -46.31
N ASP P 3 -17.10 -19.04 -45.46
CA ASP P 3 -16.84 -18.95 -44.03
C ASP P 3 -18.12 -19.31 -43.27
N THR P 4 -17.94 -19.86 -42.08
CA THR P 4 -19.04 -20.28 -41.23
C THR P 4 -18.90 -19.62 -39.85
N ALA P 5 -19.73 -20.04 -38.91
CA ALA P 5 -19.73 -19.53 -37.55
C ALA P 5 -19.20 -20.64 -36.64
N GLU P 6 -17.93 -20.54 -36.28
CA GLU P 6 -17.29 -21.56 -35.46
C GLU P 6 -17.36 -21.18 -33.98
N GLN P 7 -17.30 -22.19 -33.13
CA GLN P 7 -17.32 -21.99 -31.69
C GLN P 7 -16.48 -23.07 -31.03
N VAL P 8 -15.60 -22.66 -30.12
CA VAL P 8 -14.63 -23.56 -29.52
C VAL P 8 -15.22 -24.19 -28.27
N TYR P 9 -15.34 -25.51 -28.28
CA TYR P 9 -15.80 -26.25 -27.11
C TYR P 9 -14.66 -26.41 -26.12
N ILE P 10 -14.88 -26.00 -24.88
CA ILE P 10 -13.86 -26.05 -23.84
C ILE P 10 -14.41 -26.88 -22.67
N SER P 11 -13.81 -28.04 -22.45
CA SER P 11 -14.16 -28.88 -21.31
C SER P 11 -13.30 -28.50 -20.11
N SER P 12 -13.46 -29.24 -19.01
CA SER P 12 -12.66 -28.98 -17.82
C SER P 12 -11.25 -29.56 -17.92
N LEU P 13 -11.01 -30.46 -18.88
CA LEU P 13 -9.66 -30.99 -19.09
C LEU P 13 -8.71 -29.88 -19.49
N ALA P 14 -8.97 -29.24 -20.64
CA ALA P 14 -8.11 -28.14 -21.09
C ALA P 14 -8.12 -26.98 -20.11
N LEU P 15 -9.24 -26.75 -19.43
CA LEU P 15 -9.33 -25.66 -18.47
C LEU P 15 -8.38 -25.89 -17.29
N LEU P 16 -8.49 -27.06 -16.65
CA LEU P 16 -7.63 -27.34 -15.50
C LEU P 16 -6.18 -27.52 -15.91
N LYS P 17 -5.93 -28.01 -17.13
CA LYS P 17 -4.55 -28.10 -17.60
C LYS P 17 -3.97 -26.71 -17.88
N MET P 18 -4.81 -25.75 -18.29
CA MET P 18 -4.36 -24.37 -18.41
C MET P 18 -4.32 -23.65 -17.07
N LEU P 19 -4.93 -24.21 -16.03
CA LEU P 19 -4.81 -23.65 -14.69
C LEU P 19 -3.55 -24.14 -13.99
N LYS P 20 -3.22 -25.42 -14.12
CA LYS P 20 -1.92 -25.90 -13.65
C LYS P 20 -0.79 -25.32 -14.49
N HIS P 21 -1.01 -25.22 -15.80
CA HIS P 21 -0.04 -24.55 -16.66
C HIS P 21 0.05 -23.06 -16.39
N GLY P 22 -1.03 -22.46 -15.87
CA GLY P 22 -0.95 -21.09 -15.42
C GLY P 22 -0.24 -20.94 -14.08
N ARG P 23 -0.34 -21.95 -13.23
CA ARG P 23 0.48 -21.97 -12.01
C ARG P 23 1.95 -22.13 -12.35
N ALA P 24 2.25 -22.93 -13.38
CA ALA P 24 3.59 -23.01 -13.93
C ALA P 24 3.84 -21.96 -15.00
N GLY P 25 3.00 -20.93 -15.07
CA GLY P 25 3.14 -19.88 -16.05
C GLY P 25 4.11 -18.80 -15.62
N VAL P 26 5.38 -19.18 -15.47
CA VAL P 26 6.44 -18.26 -15.06
C VAL P 26 6.58 -17.15 -16.11
N PRO P 27 7.16 -16.00 -15.75
CA PRO P 27 7.38 -14.93 -16.75
C PRO P 27 8.07 -15.42 -18.01
N MET P 28 8.91 -16.44 -17.90
CA MET P 28 9.54 -17.03 -19.07
C MET P 28 8.49 -17.63 -19.99
N GLU P 29 8.70 -17.49 -21.29
CA GLU P 29 7.72 -17.97 -22.27
C GLU P 29 7.59 -19.48 -22.20
N VAL P 30 6.35 -19.96 -22.28
CA VAL P 30 6.03 -21.38 -22.18
C VAL P 30 5.34 -21.82 -23.47
N MET P 31 5.28 -23.13 -23.66
CA MET P 31 4.72 -23.72 -24.87
C MET P 31 3.74 -24.83 -24.50
N GLY P 32 2.71 -24.99 -25.32
CA GLY P 32 1.72 -26.03 -25.13
C GLY P 32 1.07 -26.40 -26.43
N LEU P 33 0.44 -27.56 -26.44
CA LEU P 33 -0.21 -28.09 -27.63
C LEU P 33 -1.59 -28.63 -27.27
N MET P 34 -2.60 -28.26 -28.05
CA MET P 34 -3.96 -28.74 -27.87
C MET P 34 -4.28 -29.84 -28.87
N LEU P 35 -5.11 -30.78 -28.45
CA LEU P 35 -5.53 -31.90 -29.28
C LEU P 35 -7.05 -31.95 -29.34
N GLY P 36 -7.56 -32.82 -30.21
CA GLY P 36 -8.99 -32.98 -30.36
C GLY P 36 -9.32 -33.67 -31.67
N GLU P 37 -10.59 -33.55 -32.06
CA GLU P 37 -11.10 -34.16 -33.27
C GLU P 37 -12.01 -33.20 -34.01
N PHE P 38 -11.86 -33.14 -35.33
CA PHE P 38 -12.66 -32.27 -36.18
C PHE P 38 -13.82 -33.08 -36.76
N VAL P 39 -15.03 -32.80 -36.29
CA VAL P 39 -16.21 -33.55 -36.74
C VAL P 39 -16.87 -32.87 -37.92
N ASP P 40 -16.93 -31.54 -37.93
CA ASP P 40 -17.54 -30.79 -39.02
C ASP P 40 -16.80 -29.47 -39.19
N ASP P 41 -17.40 -28.54 -39.92
CA ASP P 41 -16.73 -27.29 -40.27
C ASP P 41 -16.76 -26.29 -39.12
N TYR P 42 -17.94 -26.07 -38.53
CA TYR P 42 -18.15 -24.95 -37.62
C TYR P 42 -18.14 -25.35 -36.15
N THR P 43 -17.59 -26.51 -35.80
CA THR P 43 -17.41 -26.91 -34.42
C THR P 43 -16.01 -27.49 -34.23
N VAL P 44 -15.45 -27.27 -33.05
CA VAL P 44 -14.14 -27.77 -32.69
C VAL P 44 -14.14 -28.14 -31.21
N ARG P 45 -13.65 -29.34 -30.89
CA ARG P 45 -13.66 -29.87 -29.54
C ARG P 45 -12.24 -30.22 -29.12
N VAL P 46 -11.84 -29.77 -27.92
CA VAL P 46 -10.54 -30.07 -27.36
C VAL P 46 -10.71 -31.08 -26.23
N ILE P 47 -9.83 -32.08 -26.20
CA ILE P 47 -9.89 -33.12 -25.18
C ILE P 47 -8.55 -33.25 -24.46
N ASP P 48 -7.47 -33.42 -25.22
CA ASP P 48 -6.14 -33.65 -24.66
C ASP P 48 -5.33 -32.37 -24.72
N VAL P 49 -4.75 -31.99 -23.58
CA VAL P 49 -3.90 -30.80 -23.46
C VAL P 49 -2.74 -31.13 -22.53
N PHE P 50 -1.52 -30.92 -23.00
CA PHE P 50 -0.32 -31.16 -22.21
C PHE P 50 0.60 -29.94 -22.31
N ALA P 51 1.66 -29.97 -21.52
CA ALA P 51 2.64 -28.88 -21.47
C ALA P 51 3.92 -29.28 -22.21
N MET P 52 4.75 -28.27 -22.45
CA MET P 52 6.02 -28.45 -23.14
C MET P 52 7.15 -27.90 -22.29
N PRO P 53 8.35 -28.48 -22.39
CA PRO P 53 9.48 -27.98 -21.60
C PRO P 53 9.90 -26.59 -22.05
N GLN P 54 10.29 -25.77 -21.08
CA GLN P 54 10.68 -24.39 -21.37
C GLN P 54 12.05 -24.36 -22.04
N SER P 55 12.33 -23.25 -22.71
CA SER P 55 13.58 -23.05 -23.41
C SER P 55 14.00 -21.59 -23.28
N GLY P 56 15.30 -21.35 -23.43
CA GLY P 56 15.82 -19.99 -23.34
C GLY P 56 15.33 -19.10 -24.47
N THR P 57 15.01 -19.69 -25.63
CA THR P 57 14.50 -18.89 -26.74
C THR P 57 13.06 -18.46 -26.50
N GLY P 58 12.25 -19.32 -25.88
CA GLY P 58 10.86 -19.00 -25.61
C GLY P 58 9.92 -19.54 -26.67
N VAL P 59 8.84 -18.81 -26.93
CA VAL P 59 7.86 -19.24 -27.93
C VAL P 59 8.45 -19.01 -29.31
N SER P 60 8.72 -20.09 -30.04
CA SER P 60 9.30 -20.00 -31.37
C SER P 60 9.09 -21.33 -32.07
N VAL P 61 9.23 -21.29 -33.40
CA VAL P 61 9.09 -22.51 -34.20
C VAL P 61 10.29 -23.43 -33.99
N GLU P 62 11.45 -22.86 -33.63
CA GLU P 62 12.64 -23.67 -33.43
C GLU P 62 12.57 -24.45 -32.12
N ALA P 63 11.84 -23.93 -31.13
CA ALA P 63 11.71 -24.64 -29.85
C ALA P 63 10.84 -25.87 -29.97
N VAL P 64 9.94 -25.93 -30.94
CA VAL P 64 9.06 -27.08 -31.14
C VAL P 64 9.89 -28.20 -31.76
N ASP P 65 10.19 -29.23 -30.98
CA ASP P 65 10.97 -30.37 -31.44
C ASP P 65 10.05 -31.36 -32.15
N PRO P 66 10.22 -31.57 -33.46
CA PRO P 66 9.31 -32.48 -34.18
C PRO P 66 9.43 -33.93 -33.75
N VAL P 67 10.62 -34.38 -33.33
CA VAL P 67 10.75 -35.76 -32.88
C VAL P 67 10.19 -35.93 -31.47
N PHE P 68 10.25 -34.88 -30.65
CA PHE P 68 9.62 -34.93 -29.34
C PHE P 68 8.11 -34.79 -29.44
N GLN P 69 7.63 -33.86 -30.25
CA GLN P 69 6.20 -33.71 -30.48
C GLN P 69 5.61 -35.00 -31.06
N ALA P 70 6.18 -35.48 -32.17
CA ALA P 70 5.68 -36.70 -32.78
C ALA P 70 5.91 -37.93 -31.90
N LYS P 71 6.93 -37.91 -31.04
CA LYS P 71 7.16 -39.02 -30.13
C LYS P 71 6.07 -39.09 -29.07
N MET P 72 5.78 -37.96 -28.42
CA MET P 72 4.73 -37.94 -27.41
C MET P 72 3.35 -38.19 -28.04
N LEU P 73 3.12 -37.64 -29.23
CA LEU P 73 1.86 -37.89 -29.93
C LEU P 73 1.72 -39.36 -30.30
N ASP P 74 2.84 -40.01 -30.66
CA ASP P 74 2.79 -41.45 -30.95
C ASP P 74 2.52 -42.24 -29.69
N MET P 75 3.12 -41.84 -28.56
CA MET P 75 2.84 -42.50 -27.30
C MET P 75 1.39 -42.27 -26.86
N LEU P 76 0.77 -41.18 -27.31
CA LEU P 76 -0.66 -41.01 -27.11
C LEU P 76 -1.47 -41.84 -28.08
N LYS P 77 -0.91 -42.15 -29.25
CA LYS P 77 -1.60 -42.99 -30.23
C LYS P 77 -1.60 -44.46 -29.82
N GLN P 78 -0.54 -44.93 -29.16
CA GLN P 78 -0.53 -46.30 -28.67
C GLN P 78 -1.45 -46.48 -27.47
N THR P 79 -1.84 -45.39 -26.81
CA THR P 79 -2.79 -45.41 -25.72
C THR P 79 -4.18 -45.08 -26.26
N GLY P 80 -5.13 -44.85 -25.35
CA GLY P 80 -6.49 -44.55 -25.74
C GLY P 80 -6.75 -43.10 -26.07
N ARG P 81 -5.80 -42.46 -26.76
CA ARG P 81 -5.90 -41.06 -27.17
C ARG P 81 -5.70 -40.97 -28.68
N PRO P 82 -6.71 -41.34 -29.48
CA PRO P 82 -6.60 -41.25 -30.94
C PRO P 82 -7.05 -39.91 -31.51
N GLU P 83 -6.50 -38.83 -30.97
CA GLU P 83 -6.85 -37.47 -31.39
C GLU P 83 -5.64 -36.76 -31.97
N MET P 84 -5.87 -36.02 -33.05
CA MET P 84 -4.82 -35.22 -33.69
C MET P 84 -4.76 -33.84 -33.05
N VAL P 85 -3.60 -33.19 -33.23
CA VAL P 85 -3.42 -31.85 -32.67
C VAL P 85 -4.36 -30.87 -33.35
N VAL P 86 -4.88 -29.92 -32.58
CA VAL P 86 -5.80 -28.91 -33.10
C VAL P 86 -5.28 -27.49 -32.92
N GLY P 87 -4.22 -27.28 -32.15
CA GLY P 87 -3.71 -25.95 -31.94
C GLY P 87 -2.65 -25.95 -30.85
N TRP P 88 -2.10 -24.76 -30.62
CA TRP P 88 -1.05 -24.56 -29.63
C TRP P 88 -1.39 -23.34 -28.77
N TYR P 89 -1.05 -23.42 -27.50
CA TYR P 89 -1.35 -22.37 -26.53
C TYR P 89 -0.08 -21.96 -25.80
N HIS P 90 -0.16 -20.83 -25.10
CA HIS P 90 0.98 -20.27 -24.38
C HIS P 90 0.47 -19.23 -23.40
N SER P 91 1.41 -18.57 -22.73
CA SER P 91 1.10 -17.54 -21.74
C SER P 91 1.81 -16.25 -22.09
N HIS P 92 1.13 -15.12 -21.90
CA HIS P 92 1.67 -13.79 -22.15
C HIS P 92 1.52 -12.94 -20.89
N PRO P 93 2.43 -13.08 -19.94
CA PRO P 93 2.32 -12.32 -18.69
C PRO P 93 2.73 -10.86 -18.86
N GLY P 94 2.01 -9.98 -18.16
CA GLY P 94 2.39 -8.59 -18.07
C GLY P 94 1.95 -7.70 -19.22
N PHE P 95 2.49 -7.95 -20.42
CA PHE P 95 2.29 -7.06 -21.55
C PHE P 95 0.96 -7.29 -22.27
N GLY P 96 0.06 -8.09 -21.72
CA GLY P 96 -1.22 -8.32 -22.32
C GLY P 96 -1.26 -9.60 -23.13
N CYS P 97 -2.48 -10.06 -23.42
CA CYS P 97 -2.70 -11.32 -24.12
C CYS P 97 -2.52 -11.21 -25.63
N TRP P 98 -2.13 -10.04 -26.15
CA TRP P 98 -1.98 -9.88 -27.58
C TRP P 98 -0.78 -10.69 -28.09
N LEU P 99 -0.70 -10.82 -29.42
CA LEU P 99 0.29 -11.66 -30.06
C LEU P 99 1.30 -10.80 -30.80
N SER P 100 2.59 -11.05 -30.56
CA SER P 100 3.66 -10.32 -31.20
C SER P 100 3.88 -10.84 -32.62
N GLY P 101 4.90 -10.31 -33.28
CA GLY P 101 5.20 -10.74 -34.65
C GLY P 101 5.69 -12.17 -34.72
N VAL P 102 6.48 -12.59 -33.73
CA VAL P 102 6.98 -13.97 -33.71
C VAL P 102 5.83 -14.94 -33.51
N ASP P 103 4.87 -14.59 -32.65
CA ASP P 103 3.73 -15.46 -32.39
C ASP P 103 2.84 -15.59 -33.62
N ILE P 104 2.64 -14.49 -34.35
CA ILE P 104 1.83 -14.56 -35.56
C ILE P 104 2.61 -15.22 -36.70
N ASN P 105 3.94 -15.24 -36.62
CA ASN P 105 4.72 -15.92 -37.65
C ASN P 105 4.73 -17.43 -37.44
N THR P 106 4.91 -17.87 -36.20
CA THR P 106 4.79 -19.30 -35.91
C THR P 106 3.34 -19.77 -35.98
N GLN P 107 2.38 -18.87 -35.81
CA GLN P 107 0.99 -19.21 -36.07
C GLN P 107 0.74 -19.37 -37.56
N GLN P 108 1.28 -18.46 -38.37
CA GLN P 108 1.18 -18.60 -39.82
C GLN P 108 1.87 -19.86 -40.32
N SER P 109 2.97 -20.26 -39.67
CA SER P 109 3.68 -21.47 -40.07
C SER P 109 2.97 -22.72 -39.56
N PHE P 110 2.32 -22.66 -38.41
CA PHE P 110 1.63 -23.81 -37.84
C PHE P 110 0.20 -23.96 -38.34
N GLU P 111 -0.33 -23.00 -39.08
CA GLU P 111 -1.68 -23.08 -39.62
C GLU P 111 -1.71 -23.65 -41.03
N ALA P 112 -0.57 -24.09 -41.57
CA ALA P 112 -0.55 -24.64 -42.92
C ALA P 112 -1.22 -26.01 -42.97
N LEU P 113 -1.16 -26.77 -41.88
CA LEU P 113 -1.79 -28.09 -41.83
C LEU P 113 -3.26 -28.00 -41.45
N SER P 114 -3.55 -27.41 -40.29
CA SER P 114 -4.91 -27.25 -39.83
C SER P 114 -5.45 -25.88 -40.25
N GLU P 115 -6.61 -25.87 -40.91
CA GLU P 115 -7.19 -24.62 -41.37
C GLU P 115 -7.74 -23.80 -40.20
N ARG P 116 -8.17 -24.46 -39.13
CA ARG P 116 -8.71 -23.74 -37.97
C ARG P 116 -7.59 -23.11 -37.15
N ALA P 117 -6.69 -23.93 -36.62
CA ALA P 117 -5.54 -23.47 -35.85
C ALA P 117 -5.97 -22.61 -34.66
N VAL P 118 -6.65 -23.26 -33.72
CA VAL P 118 -7.13 -22.58 -32.52
C VAL P 118 -5.95 -22.12 -31.68
N ALA P 119 -5.98 -20.86 -31.24
CA ALA P 119 -4.94 -20.28 -30.41
C ALA P 119 -5.56 -19.72 -29.15
N VAL P 120 -5.02 -20.11 -28.00
CA VAL P 120 -5.50 -19.68 -26.69
C VAL P 120 -4.32 -19.14 -25.90
N VAL P 121 -4.54 -18.00 -25.24
CA VAL P 121 -3.51 -17.36 -24.42
C VAL P 121 -4.09 -17.21 -23.01
N VAL P 122 -3.51 -17.93 -22.05
CA VAL P 122 -3.91 -17.85 -20.66
C VAL P 122 -2.99 -16.88 -19.93
N ASP P 123 -3.57 -16.04 -19.08
CA ASP P 123 -2.81 -15.03 -18.34
C ASP P 123 -3.42 -14.86 -16.96
N PRO P 124 -3.14 -15.80 -16.04
CA PRO P 124 -3.66 -15.67 -14.67
C PRO P 124 -2.81 -14.80 -13.76
N ILE P 125 -1.78 -14.12 -14.29
CA ILE P 125 -0.87 -13.37 -13.44
C ILE P 125 -1.54 -12.11 -12.90
N GLN P 126 -2.08 -11.29 -13.79
CA GLN P 126 -2.74 -10.05 -13.40
C GLN P 126 -4.25 -10.19 -13.31
N SER P 127 -4.80 -11.35 -13.67
CA SER P 127 -6.24 -11.58 -13.58
C SER P 127 -6.60 -11.93 -12.15
N VAL P 128 -7.67 -11.29 -11.64
CA VAL P 128 -8.10 -11.55 -10.27
C VAL P 128 -8.71 -12.95 -10.19
N LYS P 129 -8.74 -13.47 -8.97
CA LYS P 129 -9.29 -14.80 -8.72
C LYS P 129 -10.81 -14.85 -8.79
N GLY P 130 -11.47 -13.70 -8.96
CA GLY P 130 -12.92 -13.70 -9.08
C GLY P 130 -13.38 -14.26 -10.41
N LYS P 131 -12.71 -13.89 -11.50
CA LYS P 131 -13.06 -14.33 -12.84
C LYS P 131 -11.89 -15.06 -13.48
N VAL P 132 -12.21 -16.10 -14.25
CA VAL P 132 -11.20 -16.87 -14.97
C VAL P 132 -11.51 -16.77 -16.46
N VAL P 133 -12.08 -15.63 -16.86
CA VAL P 133 -12.51 -15.44 -18.24
C VAL P 133 -11.31 -15.54 -19.17
N ILE P 134 -11.34 -16.51 -20.08
CA ILE P 134 -10.28 -16.74 -21.04
C ILE P 134 -10.86 -16.61 -22.44
N ASP P 135 -10.01 -16.23 -23.39
CA ASP P 135 -10.44 -15.96 -24.76
C ASP P 135 -9.54 -16.70 -25.74
N ALA P 136 -10.17 -17.18 -26.82
CA ALA P 136 -9.46 -17.87 -27.89
C ALA P 136 -9.24 -16.94 -29.07
N PHE P 137 -8.08 -17.07 -29.72
CA PHE P 137 -7.67 -16.16 -30.77
C PHE P 137 -7.67 -16.88 -32.12
N ARG P 138 -7.74 -16.08 -33.18
CA ARG P 138 -7.80 -16.58 -34.54
C ARG P 138 -6.93 -15.72 -35.45
N LEU P 139 -6.60 -16.28 -36.62
CA LEU P 139 -5.82 -15.58 -37.63
C LEU P 139 -6.68 -15.34 -38.86
N ILE P 140 -6.70 -14.09 -39.32
CA ILE P 140 -7.49 -13.72 -40.49
C ILE P 140 -6.62 -13.76 -41.74
N ASN P 141 -7.25 -13.95 -42.88
CA ASN P 141 -6.54 -13.99 -44.16
C ASN P 141 -6.18 -12.58 -44.61
N ALA P 142 -4.95 -12.42 -45.10
CA ALA P 142 -4.49 -11.12 -45.55
C ALA P 142 -5.15 -10.68 -46.84
N ASN P 143 -5.73 -11.61 -47.60
CA ASN P 143 -6.39 -11.29 -48.87
C ASN P 143 -7.84 -10.88 -48.68
N MET P 144 -8.37 -10.93 -47.47
CA MET P 144 -9.75 -10.56 -47.19
C MET P 144 -9.91 -9.09 -46.82
N MET P 145 -8.87 -8.28 -47.00
CA MET P 145 -8.96 -6.87 -46.65
C MET P 145 -9.85 -6.11 -47.61
N VAL P 146 -9.99 -6.60 -48.85
CA VAL P 146 -10.86 -5.93 -49.82
C VAL P 146 -12.33 -6.18 -49.48
N LEU P 147 -12.68 -7.44 -49.24
CA LEU P 147 -14.03 -7.81 -48.86
C LEU P 147 -14.24 -7.56 -47.36
N GLY P 148 -15.39 -8.00 -46.86
CA GLY P 148 -15.65 -7.86 -45.43
C GLY P 148 -14.64 -8.61 -44.59
N HIS P 149 -14.43 -8.10 -43.38
CA HIS P 149 -13.41 -8.67 -42.49
C HIS P 149 -13.83 -10.07 -42.03
N GLU P 150 -14.94 -10.15 -41.30
CA GLU P 150 -15.41 -11.43 -40.76
C GLU P 150 -16.85 -11.67 -41.21
N PRO P 151 -17.07 -12.43 -42.29
CA PRO P 151 -18.43 -12.77 -42.72
C PRO P 151 -19.03 -13.92 -41.92
N ARG P 152 -19.10 -13.75 -40.60
CA ARG P 152 -19.56 -14.80 -39.71
C ARG P 152 -21.04 -14.62 -39.41
N GLN P 153 -21.82 -15.68 -39.64
CA GLN P 153 -23.24 -15.66 -39.37
C GLN P 153 -23.49 -15.84 -37.87
N THR P 154 -24.77 -15.79 -37.49
CA THR P 154 -25.20 -15.93 -36.09
C THR P 154 -24.50 -14.90 -35.21
N THR P 155 -24.84 -13.64 -35.44
CA THR P 155 -24.24 -12.51 -34.74
C THR P 155 -24.80 -12.33 -33.33
N SER P 156 -25.55 -13.32 -32.82
CA SER P 156 -26.09 -13.21 -31.47
C SER P 156 -25.00 -13.37 -30.42
N ASN P 157 -24.11 -14.37 -30.60
CA ASN P 157 -23.07 -14.65 -29.62
C ASN P 157 -22.00 -13.56 -29.56
N LEU P 158 -22.02 -12.59 -30.48
CA LEU P 158 -21.04 -11.50 -30.40
C LEU P 158 -21.29 -10.63 -29.18
N GLY P 159 -22.53 -10.57 -28.69
CA GLY P 159 -22.79 -9.91 -27.43
C GLY P 159 -22.09 -10.57 -26.27
N HIS P 160 -21.99 -11.90 -26.30
CA HIS P 160 -21.18 -12.62 -25.32
C HIS P 160 -19.69 -12.53 -25.62
N LEU P 161 -19.33 -12.22 -26.87
CA LEU P 161 -17.95 -11.99 -27.24
C LEU P 161 -17.50 -10.56 -26.95
N ASN P 162 -18.42 -9.70 -26.54
CA ASN P 162 -18.08 -8.32 -26.20
C ASN P 162 -17.71 -8.14 -24.74
N LYS P 163 -17.66 -9.23 -23.96
CA LYS P 163 -17.22 -9.13 -22.58
C LYS P 163 -15.77 -8.68 -22.44
N PRO P 164 -14.80 -9.20 -23.24
CA PRO P 164 -13.46 -8.58 -23.23
C PRO P 164 -13.47 -7.27 -23.99
N SER P 165 -13.87 -6.19 -23.33
CA SER P 165 -14.05 -4.89 -23.97
C SER P 165 -12.96 -3.90 -23.55
N ILE P 166 -11.72 -4.37 -23.45
CA ILE P 166 -10.60 -3.47 -23.16
C ILE P 166 -10.43 -2.49 -24.32
N GLN P 167 -10.19 -1.23 -23.98
CA GLN P 167 -10.17 -0.15 -24.95
C GLN P 167 -8.81 0.05 -25.61
N ALA P 168 -7.91 -0.91 -25.47
CA ALA P 168 -6.62 -0.78 -26.15
C ALA P 168 -6.24 -2.00 -26.97
N LEU P 169 -6.55 -3.21 -26.50
CA LEU P 169 -6.07 -4.43 -27.12
C LEU P 169 -7.03 -4.96 -28.17
N ILE P 170 -8.32 -5.08 -27.83
CA ILE P 170 -9.28 -5.70 -28.74
C ILE P 170 -9.44 -4.85 -30.01
N HIS P 171 -9.90 -3.62 -29.86
CA HIS P 171 -9.94 -2.70 -30.98
C HIS P 171 -8.71 -1.82 -31.08
N GLY P 172 -7.81 -1.88 -30.09
CA GLY P 172 -6.50 -1.26 -30.24
C GLY P 172 -5.59 -2.03 -31.18
N LEU P 173 -5.80 -3.33 -31.33
CA LEU P 173 -5.05 -4.17 -32.26
C LEU P 173 -5.97 -5.10 -33.04
N ASN P 174 -7.25 -4.73 -33.22
CA ASN P 174 -8.22 -5.62 -33.85
C ASN P 174 -7.95 -5.79 -35.34
N ARG P 175 -7.20 -4.90 -35.96
CA ARG P 175 -6.90 -5.04 -37.38
C ARG P 175 -6.02 -6.26 -37.61
N HIS P 176 -6.44 -7.11 -38.55
CA HIS P 176 -5.77 -8.36 -38.90
C HIS P 176 -5.66 -9.32 -37.72
N TYR P 177 -6.47 -9.14 -36.68
CA TYR P 177 -6.37 -9.94 -35.47
C TYR P 177 -7.72 -9.90 -34.76
N TYR P 178 -8.50 -10.97 -34.91
CA TYR P 178 -9.82 -11.07 -34.30
C TYR P 178 -9.85 -12.26 -33.34
N SER P 179 -11.03 -12.53 -32.78
CA SER P 179 -11.20 -13.57 -31.77
C SER P 179 -12.45 -14.39 -32.09
N ILE P 180 -12.76 -15.34 -31.21
CA ILE P 180 -13.87 -16.25 -31.39
C ILE P 180 -14.52 -16.51 -30.03
N THR P 181 -15.79 -16.90 -30.06
CA THR P 181 -16.54 -17.15 -28.83
C THR P 181 -16.12 -18.47 -28.20
N ILE P 182 -16.40 -18.60 -26.91
CA ILE P 182 -16.04 -19.77 -26.12
C ILE P 182 -17.26 -20.22 -25.31
N ASN P 183 -17.58 -21.51 -25.40
CA ASN P 183 -18.61 -22.12 -24.57
C ASN P 183 -18.04 -23.34 -23.86
N TYR P 184 -18.79 -23.86 -22.91
CA TYR P 184 -18.37 -24.98 -22.08
C TYR P 184 -19.31 -26.17 -22.28
N ARG P 185 -18.98 -27.28 -21.63
CA ARG P 185 -19.80 -28.48 -21.69
C ARG P 185 -19.50 -29.33 -20.46
N LYS P 186 -20.54 -29.91 -19.88
CA LYS P 186 -20.40 -30.71 -18.66
C LYS P 186 -21.44 -31.82 -18.68
N ASN P 187 -20.97 -33.07 -18.59
CA ASN P 187 -21.86 -34.22 -18.51
C ASN P 187 -22.24 -34.49 -17.05
N GLU P 188 -23.08 -35.50 -16.85
CA GLU P 188 -23.55 -35.81 -15.50
C GLU P 188 -22.46 -36.41 -14.62
N LEU P 189 -21.46 -37.06 -15.20
CA LEU P 189 -20.38 -37.63 -14.40
C LEU P 189 -19.50 -36.54 -13.82
N GLU P 190 -19.17 -35.53 -14.62
CA GLU P 190 -18.45 -34.37 -14.10
C GLU P 190 -19.31 -33.55 -13.15
N GLN P 191 -20.62 -33.50 -13.41
CA GLN P 191 -21.51 -32.69 -12.58
C GLN P 191 -21.64 -33.29 -11.18
N LYS P 192 -21.90 -34.60 -11.09
CA LYS P 192 -22.08 -35.23 -9.80
C LYS P 192 -20.75 -35.55 -9.13
N MET P 193 -19.74 -35.96 -9.91
CA MET P 193 -18.44 -36.27 -9.33
C MET P 193 -17.74 -35.01 -8.85
N LEU P 194 -17.74 -33.95 -9.67
CA LEU P 194 -17.11 -32.70 -9.27
C LEU P 194 -17.97 -31.91 -8.29
N LEU P 195 -19.29 -32.00 -8.41
CA LEU P 195 -20.18 -31.31 -7.47
C LEU P 195 -20.09 -31.95 -6.09
N ASN P 196 -20.28 -33.27 -6.01
CA ASN P 196 -20.14 -33.95 -4.73
C ASN P 196 -18.71 -33.90 -4.23
N LEU P 197 -17.73 -33.82 -5.15
CA LEU P 197 -16.33 -33.71 -4.75
C LEU P 197 -16.04 -32.34 -4.14
N HIS P 198 -16.71 -31.28 -4.61
CA HIS P 198 -16.48 -29.96 -4.05
C HIS P 198 -17.28 -29.76 -2.75
N LYS P 199 -18.51 -30.26 -2.72
CA LYS P 199 -19.27 -30.25 -1.47
C LYS P 199 -18.55 -31.04 -0.39
N LYS P 200 -18.01 -32.21 -0.74
CA LYS P 200 -17.18 -32.95 0.21
C LYS P 200 -15.88 -32.22 0.50
N SER P 201 -15.37 -31.45 -0.45
CA SER P 201 -14.19 -30.63 -0.21
C SER P 201 -14.48 -29.49 0.76
N TRP P 202 -15.76 -29.13 0.94
CA TRP P 202 -16.17 -28.19 1.97
C TRP P 202 -16.83 -28.88 3.15
N MET P 203 -16.93 -30.20 3.15
CA MET P 203 -17.53 -30.98 4.23
C MET P 203 -16.43 -31.76 4.95
N GLU P 204 -16.84 -32.54 5.93
CA GLU P 204 -15.93 -33.31 6.77
C GLU P 204 -15.78 -34.72 6.22
N GLY P 205 -14.98 -35.53 6.92
CA GLY P 205 -14.82 -36.92 6.56
C GLY P 205 -16.07 -37.74 6.83
N LEU P 206 -16.40 -37.89 8.11
CA LEU P 206 -17.64 -38.53 8.51
C LEU P 206 -18.80 -37.56 8.60
N THR P 207 -18.53 -36.26 8.44
CA THR P 207 -19.52 -35.18 8.40
C THR P 207 -20.12 -34.90 9.77
N LEU P 208 -19.76 -35.70 10.77
CA LEU P 208 -20.21 -35.49 12.14
C LEU P 208 -19.10 -35.07 13.08
N GLN P 209 -17.87 -34.87 12.58
CA GLN P 209 -16.73 -34.61 13.45
C GLN P 209 -16.72 -33.17 13.97
N ASP P 210 -16.67 -32.20 13.05
CA ASP P 210 -16.48 -30.80 13.43
C ASP P 210 -17.78 -30.10 13.83
N TYR P 211 -18.88 -30.83 13.97
CA TYR P 211 -20.12 -30.20 14.43
C TYR P 211 -20.06 -29.92 15.93
N SER P 212 -19.83 -30.98 16.73
CA SER P 212 -19.71 -30.81 18.18
C SER P 212 -18.54 -29.91 18.56
N GLU P 213 -17.55 -29.76 17.68
CA GLU P 213 -16.46 -28.83 17.95
C GLU P 213 -16.97 -27.41 18.11
N HIS P 214 -17.83 -26.96 17.20
CA HIS P 214 -18.41 -25.63 17.32
C HIS P 214 -19.56 -25.61 18.32
N CYS P 215 -20.32 -26.71 18.42
CA CYS P 215 -21.39 -26.79 19.40
C CYS P 215 -20.88 -26.60 20.82
N LYS P 216 -19.67 -27.11 21.10
CA LYS P 216 -19.06 -26.94 22.40
C LYS P 216 -18.07 -25.78 22.46
N HIS P 217 -17.68 -25.24 21.30
CA HIS P 217 -16.92 -23.99 21.28
C HIS P 217 -17.82 -22.78 21.47
N ASN P 218 -19.14 -22.93 21.33
CA ASN P 218 -20.06 -21.84 21.65
C ASN P 218 -19.96 -21.43 23.11
N GLU P 219 -19.53 -22.34 23.98
CA GLU P 219 -19.41 -22.06 25.40
C GLU P 219 -18.04 -21.56 25.81
N SER P 220 -17.02 -21.74 24.97
CA SER P 220 -15.66 -21.40 25.32
C SER P 220 -15.09 -20.24 24.51
N VAL P 221 -15.20 -20.30 23.18
CA VAL P 221 -14.58 -19.32 22.30
C VAL P 221 -15.61 -18.31 21.79
N VAL P 222 -16.78 -18.78 21.37
CA VAL P 222 -17.80 -17.88 20.82
C VAL P 222 -18.31 -16.90 21.86
N LYS P 223 -18.22 -17.24 23.15
CA LYS P 223 -18.60 -16.30 24.20
C LYS P 223 -17.82 -15.00 24.09
N GLU P 224 -16.53 -15.09 23.73
CA GLU P 224 -15.75 -13.88 23.49
C GLU P 224 -16.27 -13.13 22.26
N MET P 225 -16.65 -13.86 21.21
CA MET P 225 -17.23 -13.24 20.03
C MET P 225 -18.63 -12.69 20.31
N LEU P 226 -19.35 -13.25 21.29
CA LEU P 226 -20.64 -12.71 21.66
C LEU P 226 -20.49 -11.45 22.51
N GLU P 227 -19.50 -11.43 23.41
CA GLU P 227 -19.25 -10.23 24.20
C GLU P 227 -18.73 -9.09 23.31
N LEU P 228 -17.80 -9.40 22.40
CA LEU P 228 -17.35 -8.38 21.46
C LEU P 228 -18.47 -7.97 20.50
N ALA P 229 -19.33 -8.92 20.13
CA ALA P 229 -20.48 -8.58 19.29
C ALA P 229 -21.40 -7.59 20.02
N LYS P 230 -21.63 -7.81 21.31
CA LYS P 230 -22.38 -6.84 22.10
C LYS P 230 -21.62 -5.55 22.29
N ASN P 231 -20.28 -5.58 22.21
CA ASN P 231 -19.50 -4.35 22.28
C ASN P 231 -19.66 -3.52 21.02
N TYR P 232 -19.79 -4.18 19.86
CA TYR P 232 -20.09 -3.44 18.64
C TYR P 232 -21.54 -2.98 18.63
N ASN P 233 -22.45 -3.81 19.17
CA ASN P 233 -23.86 -3.43 19.24
C ASN P 233 -24.05 -2.18 20.08
N LYS P 234 -23.49 -2.18 21.29
CA LYS P 234 -23.54 -0.98 22.13
C LYS P 234 -22.74 0.16 21.52
N ALA P 235 -21.64 -0.16 20.84
CA ALA P 235 -20.82 0.85 20.18
C ALA P 235 -21.57 1.54 19.05
N VAL P 236 -22.60 0.91 18.49
CA VAL P 236 -23.48 1.58 17.55
C VAL P 236 -24.66 2.24 18.25
N GLU P 237 -25.15 1.62 19.34
CA GLU P 237 -26.27 2.20 20.07
C GLU P 237 -25.91 3.53 20.73
N GLU P 238 -24.62 3.76 21.00
CA GLU P 238 -24.22 5.05 21.54
C GLU P 238 -24.43 6.18 20.53
N GLU P 239 -24.39 5.86 19.23
CA GLU P 239 -24.74 6.82 18.20
C GLU P 239 -26.23 6.79 17.90
N ASP P 240 -26.86 5.62 18.00
CA ASP P 240 -28.30 5.51 17.85
C ASP P 240 -29.05 6.25 18.95
N LYS P 241 -28.39 6.60 20.05
CA LYS P 241 -28.98 7.50 21.03
C LYS P 241 -29.04 8.92 20.51
N MET P 242 -28.07 9.31 19.68
CA MET P 242 -28.05 10.63 19.07
C MET P 242 -28.86 10.71 17.78
N THR P 243 -29.16 9.57 17.16
CA THR P 243 -29.95 9.59 15.92
C THR P 243 -31.35 10.19 16.08
N PRO P 244 -32.12 9.95 17.15
CA PRO P 244 -33.47 10.53 17.21
C PRO P 244 -33.49 12.03 17.34
N GLU P 245 -32.35 12.68 17.61
CA GLU P 245 -32.31 14.13 17.60
C GLU P 245 -32.30 14.67 16.18
N GLN P 246 -31.38 14.18 15.35
CA GLN P 246 -31.37 14.56 13.93
C GLN P 246 -32.66 14.14 13.25
N LEU P 247 -33.09 12.90 13.49
CA LEU P 247 -34.38 12.44 12.96
C LEU P 247 -35.54 13.23 13.55
N ALA P 248 -35.35 13.87 14.70
CA ALA P 248 -36.36 14.73 15.30
C ALA P 248 -36.20 16.19 14.90
N ILE P 249 -35.22 16.51 14.05
CA ILE P 249 -34.99 17.90 13.63
C ILE P 249 -35.22 18.06 12.14
N LYS P 250 -34.52 17.28 11.31
CA LYS P 250 -34.53 17.51 9.88
C LYS P 250 -35.55 16.63 9.15
N ASN P 251 -35.44 15.30 9.28
CA ASN P 251 -36.32 14.33 8.63
C ASN P 251 -36.26 14.39 7.10
N VAL P 252 -35.38 15.21 6.53
CA VAL P 252 -35.30 15.41 5.08
C VAL P 252 -33.89 15.06 4.63
N GLY P 253 -33.78 14.08 3.74
CA GLY P 253 -32.52 13.71 3.16
C GLY P 253 -31.71 12.79 4.07
N LYS P 254 -30.80 12.05 3.44
CA LYS P 254 -29.90 11.14 4.14
C LYS P 254 -28.46 11.53 3.82
N GLN P 255 -27.66 11.72 4.87
CA GLN P 255 -26.27 12.12 4.71
C GLN P 255 -25.27 11.08 5.18
N ASP P 256 -25.67 10.16 6.07
CA ASP P 256 -24.75 9.15 6.57
C ASP P 256 -24.88 7.89 5.72
N PRO P 257 -23.81 7.44 5.05
CA PRO P 257 -23.92 6.22 4.23
C PRO P 257 -24.08 4.94 5.03
N LYS P 258 -23.99 5.01 6.36
CA LYS P 258 -24.15 3.82 7.19
C LYS P 258 -25.62 3.54 7.44
N ARG P 259 -26.00 2.26 7.33
CA ARG P 259 -27.39 1.85 7.48
C ARG P 259 -27.75 1.42 8.89
N HIS P 260 -26.78 0.90 9.66
CA HIS P 260 -26.95 0.54 11.06
C HIS P 260 -27.95 -0.59 11.25
N LEU P 261 -28.48 -1.14 10.15
CA LEU P 261 -29.50 -2.18 10.21
C LEU P 261 -28.98 -3.53 9.74
N GLU P 262 -28.44 -3.60 8.52
CA GLU P 262 -28.01 -4.89 7.97
C GLU P 262 -26.82 -5.47 8.72
N GLU P 263 -25.95 -4.62 9.26
CA GLU P 263 -24.85 -5.12 10.09
C GLU P 263 -25.38 -5.79 11.35
N HIS P 264 -26.40 -5.21 11.97
CA HIS P 264 -27.00 -5.83 13.14
C HIS P 264 -27.77 -7.09 12.76
N VAL P 265 -28.35 -7.12 11.56
CA VAL P 265 -28.97 -8.35 11.06
C VAL P 265 -27.93 -9.46 10.93
N ASP P 266 -26.75 -9.11 10.40
CA ASP P 266 -25.67 -10.10 10.31
C ASP P 266 -25.19 -10.53 11.69
N VAL P 267 -25.17 -9.60 12.65
CA VAL P 267 -24.82 -9.96 14.01
C VAL P 267 -25.83 -10.94 14.59
N LEU P 268 -27.11 -10.75 14.27
CA LEU P 268 -28.13 -11.71 14.69
C LEU P 268 -27.95 -13.05 14.00
N MET P 269 -27.52 -13.04 12.73
CA MET P 269 -27.27 -14.29 12.03
C MET P 269 -26.12 -15.07 12.67
N THR P 270 -25.06 -14.37 13.06
CA THR P 270 -23.97 -15.03 13.77
C THR P 270 -24.39 -15.46 15.16
N SER P 271 -25.34 -14.75 15.77
CA SER P 271 -25.84 -15.11 17.08
C SER P 271 -26.81 -16.28 17.05
N ASN P 272 -27.42 -16.57 15.89
CA ASN P 272 -28.34 -17.68 15.77
C ASN P 272 -27.65 -19.03 15.68
N ILE P 273 -26.31 -19.05 15.61
CA ILE P 273 -25.58 -20.32 15.61
C ILE P 273 -25.80 -21.06 16.92
N VAL P 274 -25.93 -20.32 18.03
CA VAL P 274 -26.23 -20.95 19.32
C VAL P 274 -27.59 -21.64 19.27
N GLN P 275 -28.58 -20.98 18.67
CA GLN P 275 -29.91 -21.58 18.56
C GLN P 275 -29.90 -22.80 17.65
N CYS P 276 -29.22 -22.70 16.50
CA CYS P 276 -29.23 -23.81 15.55
C CYS P 276 -28.44 -25.01 16.06
N LEU P 277 -27.38 -24.77 16.83
CA LEU P 277 -26.57 -25.85 17.37
C LEU P 277 -27.08 -26.36 18.71
N ALA P 278 -27.99 -25.64 19.37
CA ALA P 278 -28.59 -26.14 20.60
C ALA P 278 -29.36 -27.43 20.34
N ALA P 279 -30.09 -27.49 19.23
CA ALA P 279 -30.77 -28.72 18.85
C ALA P 279 -29.77 -29.81 18.49
N MET P 280 -28.60 -29.43 17.96
CA MET P 280 -27.56 -30.41 17.69
C MET P 280 -27.04 -31.03 18.97
N LEU P 281 -26.78 -30.21 19.99
CA LEU P 281 -26.41 -30.75 21.29
C LEU P 281 -27.55 -31.57 21.90
N ASP P 282 -28.80 -31.21 21.60
CA ASP P 282 -29.92 -32.01 22.07
C ASP P 282 -29.94 -33.38 21.40
N THR P 283 -29.52 -33.45 20.14
CA THR P 283 -29.47 -34.74 19.45
C THR P 283 -28.29 -35.58 19.94
N VAL P 284 -27.14 -34.94 20.15
CA VAL P 284 -25.96 -35.67 20.63
C VAL P 284 -26.19 -36.18 22.05
N VAL P 285 -26.85 -35.38 22.89
CA VAL P 285 -27.14 -35.82 24.25
C VAL P 285 -28.24 -36.88 24.24
N PHE P 286 -29.26 -36.69 23.40
CA PHE P 286 -30.35 -37.66 23.33
C PHE P 286 -29.85 -39.01 22.84
N LYS P 287 -29.42 -39.08 21.58
CA LYS P 287 -28.88 -40.30 21.01
C LYS P 287 -27.70 -40.01 20.11
N LEU Q 1 -78.47 -11.69 45.71
CA LEU Q 1 -79.40 -11.95 46.82
C LEU Q 1 -79.52 -10.83 47.87
N PRO Q 2 -78.48 -9.99 48.07
CA PRO Q 2 -78.71 -8.87 49.02
C PRO Q 2 -79.60 -7.78 48.44
N ALA Q 3 -80.88 -8.11 48.29
CA ALA Q 3 -81.86 -7.17 47.75
C ALA Q 3 -82.46 -6.26 48.82
N LYS Q 4 -81.99 -6.37 50.07
CA LYS Q 4 -82.49 -5.55 51.18
C LYS Q 4 -83.99 -5.75 51.37
N ASP Q 5 -84.40 -7.01 51.46
CA ASP Q 5 -85.80 -7.34 51.66
C ASP Q 5 -86.16 -7.33 53.15
N ILE Q 6 -85.45 -8.14 53.94
CA ILE Q 6 -85.70 -8.22 55.38
C ILE Q 6 -84.41 -7.86 56.11
N GLN Q 7 -83.35 -8.63 55.88
CA GLN Q 7 -82.00 -8.41 56.38
C GLN Q 7 -81.86 -8.51 57.89
N THR Q 8 -82.94 -8.79 58.62
CA THR Q 8 -82.88 -8.93 60.06
C THR Q 8 -83.15 -10.35 60.54
N ASN Q 9 -83.67 -11.22 59.68
CA ASN Q 9 -83.92 -12.61 60.06
C ASN Q 9 -82.63 -13.40 60.04
N VAL Q 10 -82.53 -14.39 60.94
CA VAL Q 10 -81.34 -15.23 60.99
C VAL Q 10 -81.24 -16.15 59.78
N TYR Q 11 -82.38 -16.47 59.14
CA TYR Q 11 -82.36 -17.34 57.97
C TYR Q 11 -81.92 -16.61 56.72
N ILE Q 12 -82.04 -15.28 56.68
CA ILE Q 12 -81.58 -14.53 55.51
C ILE Q 12 -80.06 -14.46 55.49
N LYS Q 13 -79.45 -14.21 56.65
CA LYS Q 13 -78.00 -14.13 56.77
C LYS Q 13 -77.36 -15.47 57.10
N HIS Q 14 -78.16 -16.53 57.28
CA HIS Q 14 -77.59 -17.83 57.62
C HIS Q 14 -76.77 -18.43 56.47
N PRO Q 15 -77.24 -18.46 55.21
CA PRO Q 15 -76.41 -19.09 54.16
C PRO Q 15 -75.13 -18.33 53.88
N VAL Q 16 -75.13 -17.00 53.97
CA VAL Q 16 -73.90 -16.26 53.70
C VAL Q 16 -72.92 -16.37 54.85
N SER Q 17 -73.42 -16.50 56.09
CA SER Q 17 -72.53 -16.68 57.22
C SER Q 17 -71.96 -18.10 57.25
N LEU Q 18 -72.77 -19.09 56.89
CA LEU Q 18 -72.28 -20.46 56.82
C LEU Q 18 -71.33 -20.65 55.65
N GLU Q 19 -71.57 -19.96 54.53
CA GLU Q 19 -70.65 -20.03 53.40
C GLU Q 19 -69.37 -19.25 53.66
N GLN Q 20 -69.45 -18.16 54.42
CA GLN Q 20 -68.24 -17.44 54.80
C GLN Q 20 -67.42 -18.23 55.81
N TYR Q 21 -68.10 -18.95 56.72
CA TYR Q 21 -67.39 -19.89 57.58
C TYR Q 21 -66.81 -21.04 56.77
N LEU Q 22 -67.47 -21.42 55.68
CA LEU Q 22 -66.91 -22.42 54.78
C LEU Q 22 -65.65 -21.88 54.09
N MET Q 23 -65.62 -20.58 53.79
CA MET Q 23 -64.40 -19.98 53.28
C MET Q 23 -63.31 -19.94 54.35
N GLU Q 24 -63.70 -19.74 55.61
CA GLU Q 24 -62.74 -19.89 56.69
C GLU Q 24 -62.41 -21.36 56.94
N GLY Q 25 -63.40 -22.24 56.79
CA GLY Q 25 -63.22 -23.65 57.02
C GLY Q 25 -63.33 -24.10 58.45
N SER Q 26 -63.58 -23.18 59.38
CA SER Q 26 -63.67 -23.54 60.80
C SER Q 26 -64.92 -24.37 61.05
N TYR Q 27 -64.73 -25.64 61.40
CA TYR Q 27 -65.84 -26.54 61.68
C TYR Q 27 -66.29 -26.50 63.13
N ASN Q 28 -65.42 -26.04 64.04
CA ASN Q 28 -65.79 -25.97 65.46
C ASN Q 28 -66.90 -24.96 65.68
N LYS Q 29 -66.87 -23.84 64.96
CA LYS Q 29 -67.93 -22.84 65.11
C LYS Q 29 -69.26 -23.35 64.58
N VAL Q 30 -69.24 -24.20 63.55
CA VAL Q 30 -70.48 -24.76 63.03
C VAL Q 30 -71.03 -25.80 63.99
N PHE Q 31 -70.17 -26.66 64.54
CA PHE Q 31 -70.63 -27.68 65.47
C PHE Q 31 -71.15 -27.07 66.75
N LEU Q 32 -70.46 -26.05 67.28
CA LEU Q 32 -70.97 -25.34 68.45
C LEU Q 32 -72.17 -24.48 68.13
N ALA Q 33 -72.33 -24.07 66.87
CA ALA Q 33 -73.48 -23.30 66.43
C ALA Q 33 -74.61 -24.19 65.90
N LYS Q 34 -74.49 -25.51 66.06
CA LYS Q 34 -75.55 -26.41 65.60
C LYS Q 34 -76.83 -26.19 66.38
N GLY Q 35 -76.71 -25.96 67.69
CA GLY Q 35 -77.86 -25.69 68.53
C GLY Q 35 -78.33 -24.25 68.54
N ASN Q 36 -77.75 -23.40 67.69
CA ASN Q 36 -78.16 -22.01 67.59
C ASN Q 36 -79.30 -21.81 66.58
N ILE Q 37 -79.57 -22.80 65.74
CA ILE Q 37 -80.64 -22.68 64.75
C ILE Q 37 -81.99 -22.77 65.45
N PRO Q 38 -82.96 -21.93 65.11
CA PRO Q 38 -84.28 -22.00 65.77
C PRO Q 38 -85.07 -23.23 65.36
N ALA Q 39 -86.34 -23.29 65.79
CA ALA Q 39 -87.20 -24.43 65.53
C ALA Q 39 -87.46 -24.65 64.04
N GLU Q 40 -86.93 -23.78 63.19
CA GLU Q 40 -87.03 -23.96 61.75
C GLU Q 40 -86.57 -25.35 61.34
N SER Q 41 -87.39 -26.02 60.53
CA SER Q 41 -87.28 -27.45 60.28
C SER Q 41 -86.26 -27.83 59.21
N TYR Q 42 -85.29 -26.97 58.89
CA TYR Q 42 -84.25 -27.32 57.93
C TYR Q 42 -82.93 -27.65 58.62
N THR Q 43 -82.95 -27.91 59.93
CA THR Q 43 -81.74 -28.32 60.63
C THR Q 43 -81.25 -29.67 60.14
N PHE Q 44 -82.16 -30.58 59.80
CA PHE Q 44 -81.76 -31.85 59.23
C PHE Q 44 -81.14 -31.66 57.85
N PHE Q 45 -81.60 -30.67 57.09
CA PHE Q 45 -80.95 -30.37 55.81
C PHE Q 45 -79.57 -29.75 56.02
N ILE Q 46 -79.40 -28.97 57.09
CA ILE Q 46 -78.06 -28.50 57.44
C ILE Q 46 -77.17 -29.68 57.79
N ASP Q 47 -77.73 -30.69 58.45
CA ASP Q 47 -76.96 -31.90 58.74
C ASP Q 47 -76.65 -32.66 57.45
N ILE Q 48 -77.52 -32.57 56.45
CA ILE Q 48 -77.22 -33.16 55.14
C ILE Q 48 -76.07 -32.40 54.48
N LEU Q 49 -76.04 -31.08 54.64
CA LEU Q 49 -74.92 -30.30 54.11
C LEU Q 49 -73.62 -30.67 54.80
N LEU Q 50 -73.64 -30.82 56.12
CA LEU Q 50 -72.46 -31.31 56.82
C LEU Q 50 -72.09 -32.72 56.36
N ASP Q 51 -73.09 -33.52 55.99
CA ASP Q 51 -72.82 -34.87 55.52
C ASP Q 51 -72.21 -34.88 54.12
N THR Q 52 -72.47 -33.84 53.33
CA THR Q 52 -71.90 -33.74 51.99
C THR Q 52 -70.64 -32.91 51.93
N ILE Q 53 -70.28 -32.21 53.01
CA ILE Q 53 -69.01 -31.50 53.09
C ILE Q 53 -68.01 -32.18 54.01
N ARG Q 54 -68.43 -33.18 54.79
CA ARG Q 54 -67.50 -33.90 55.65
C ARG Q 54 -66.45 -34.67 54.85
N ASP Q 55 -66.78 -35.07 53.61
CA ASP Q 55 -65.78 -35.72 52.76
C ASP Q 55 -64.70 -34.74 52.32
N GLU Q 56 -65.06 -33.47 52.13
CA GLU Q 56 -64.08 -32.47 51.72
C GLU Q 56 -63.27 -31.96 52.91
N ILE Q 57 -63.92 -31.77 54.06
CA ILE Q 57 -63.20 -31.33 55.26
C ILE Q 57 -62.27 -32.44 55.75
N ALA Q 58 -62.80 -33.66 55.86
CA ALA Q 58 -61.97 -34.78 56.28
C ALA Q 58 -60.93 -35.14 55.22
N GLY Q 59 -61.27 -34.94 53.94
CA GLY Q 59 -60.29 -35.20 52.89
C GLY Q 59 -59.16 -34.19 52.88
N CYS Q 60 -59.47 -32.94 53.22
CA CYS Q 60 -58.43 -31.91 53.27
C CYS Q 60 -57.60 -31.98 54.54
N ILE Q 61 -58.21 -32.37 55.66
CA ILE Q 61 -57.44 -32.52 56.89
C ILE Q 61 -56.58 -33.77 56.88
N GLU Q 62 -56.92 -34.76 56.07
CA GLU Q 62 -56.13 -35.98 55.91
C GLU Q 62 -55.26 -35.96 54.66
N LYS Q 63 -54.86 -34.77 54.21
CA LYS Q 63 -54.01 -34.68 53.03
C LYS Q 63 -52.66 -35.34 53.28
N ALA Q 64 -52.10 -35.16 54.48
CA ALA Q 64 -50.88 -35.85 54.90
C ALA Q 64 -49.72 -35.55 53.96
N TYR Q 65 -49.29 -34.29 53.93
CA TYR Q 65 -48.12 -33.91 53.16
C TYR Q 65 -46.88 -34.65 53.64
N GLU Q 66 -46.62 -34.60 54.95
CA GLU Q 66 -45.52 -35.35 55.55
C GLU Q 66 -46.01 -36.43 56.50
N LYS Q 67 -46.75 -36.04 57.55
CA LYS Q 67 -47.32 -36.99 58.50
C LYS Q 67 -48.25 -36.28 59.48
N ILE Q 68 -49.23 -37.00 60.01
CA ILE Q 68 -50.13 -36.49 61.04
C ILE Q 68 -50.36 -37.61 62.06
N LEU Q 69 -50.48 -37.23 63.33
CA LEU Q 69 -50.66 -38.18 64.41
C LEU Q 69 -52.13 -38.34 64.75
N PHE Q 70 -52.46 -39.50 65.31
CA PHE Q 70 -53.86 -39.81 65.64
C PHE Q 70 -54.42 -38.90 66.72
N THR Q 71 -53.56 -38.36 67.59
CA THR Q 71 -54.04 -37.55 68.71
C THR Q 71 -54.69 -36.26 68.24
N GLU Q 72 -54.38 -35.78 67.03
CA GLU Q 72 -55.12 -34.66 66.47
C GLU Q 72 -56.39 -35.10 65.76
N ALA Q 73 -56.35 -36.28 65.13
CA ALA Q 73 -57.54 -36.80 64.46
C ALA Q 73 -58.63 -37.17 65.45
N THR Q 74 -58.28 -37.46 66.71
CA THR Q 74 -59.30 -37.74 67.72
C THR Q 74 -60.19 -36.53 67.95
N ARG Q 75 -59.60 -35.33 68.01
CA ARG Q 75 -60.38 -34.12 68.25
C ARG Q 75 -60.96 -33.56 66.96
N ILE Q 76 -60.15 -33.47 65.91
CA ILE Q 76 -60.62 -32.88 64.65
C ILE Q 76 -61.69 -33.76 64.01
N LEU Q 77 -61.46 -35.07 63.97
CA LEU Q 77 -62.42 -35.98 63.36
C LEU Q 77 -63.67 -36.10 64.23
N PHE Q 78 -64.62 -36.91 63.76
CA PHE Q 78 -65.91 -37.04 64.41
C PHE Q 78 -65.80 -37.96 65.63
N PHE Q 79 -66.94 -38.42 66.13
CA PHE Q 79 -67.02 -39.17 67.37
C PHE Q 79 -66.30 -40.52 67.28
N ASN Q 80 -66.27 -41.26 68.39
CA ASN Q 80 -65.52 -42.50 68.48
C ASN Q 80 -66.06 -43.60 67.58
N THR Q 81 -67.16 -43.36 66.87
CA THR Q 81 -67.72 -44.38 65.98
C THR Q 81 -66.75 -44.64 64.84
N PRO Q 82 -66.24 -45.88 64.69
CA PRO Q 82 -65.19 -46.19 63.70
C PRO Q 82 -65.69 -46.26 62.25
N LYS Q 83 -66.41 -45.24 61.82
CA LYS Q 83 -66.86 -45.18 60.43
C LYS Q 83 -65.81 -44.59 59.51
N LYS Q 84 -65.03 -43.61 60.00
CA LYS Q 84 -64.01 -42.99 59.16
C LYS Q 84 -62.82 -43.92 58.95
N MET Q 85 -62.38 -44.61 60.01
CA MET Q 85 -61.26 -45.53 59.88
C MET Q 85 -61.62 -46.80 59.12
N THR Q 86 -62.91 -47.09 58.95
CA THR Q 86 -63.35 -48.24 58.17
C THR Q 86 -63.62 -47.87 56.72
N ASP Q 87 -64.43 -46.84 56.49
CA ASP Q 87 -64.73 -46.43 55.12
C ASP Q 87 -63.50 -45.84 54.43
N TYR Q 88 -62.68 -45.09 55.16
CA TYR Q 88 -61.49 -44.50 54.59
C TYR Q 88 -60.38 -45.52 54.36
N ALA Q 89 -60.44 -46.67 55.02
CA ALA Q 89 -59.47 -47.73 54.76
C ALA Q 89 -59.73 -48.41 53.42
N LYS Q 90 -60.99 -48.42 52.98
CA LYS Q 90 -61.36 -48.94 51.68
C LYS Q 90 -61.50 -47.86 50.61
N LYS Q 91 -61.48 -46.59 51.01
CA LYS Q 91 -61.55 -45.48 50.08
C LYS Q 91 -60.16 -44.94 49.74
N ARG Q 92 -59.39 -44.55 50.76
CA ARG Q 92 -58.03 -44.07 50.53
C ARG Q 92 -57.10 -45.23 50.19
N GLY Q 93 -57.16 -46.31 50.95
CA GLY Q 93 -56.31 -47.45 50.72
C GLY Q 93 -54.86 -47.19 51.09
N TRP Q 94 -54.61 -46.81 52.34
CA TRP Q 94 -53.29 -46.51 52.84
C TRP Q 94 -52.88 -47.54 53.89
N VAL Q 95 -51.70 -47.33 54.48
CA VAL Q 95 -51.16 -48.23 55.48
C VAL Q 95 -51.51 -47.72 56.87
N LEU Q 96 -51.81 -48.65 57.77
CA LEU Q 96 -52.15 -48.34 59.16
C LEU Q 96 -51.03 -48.85 60.05
N GLY Q 97 -50.30 -47.92 60.65
CA GLY Q 97 -49.18 -48.27 61.50
C GLY Q 97 -49.57 -48.40 62.97
N PRO Q 98 -48.58 -48.32 63.86
CA PRO Q 98 -48.87 -48.44 65.30
C PRO Q 98 -49.55 -47.20 65.85
N ASN Q 99 -50.86 -47.11 65.66
CA ASN Q 99 -51.65 -45.96 66.13
C ASN Q 99 -51.16 -44.66 65.51
N ASN Q 100 -50.83 -44.72 64.23
CA ASN Q 100 -50.35 -43.55 63.50
C ASN Q 100 -50.72 -43.69 62.04
N TYR Q 101 -50.88 -42.56 61.37
CA TYR Q 101 -51.25 -42.50 59.95
C TYR Q 101 -50.01 -42.13 59.15
N TYR Q 102 -49.54 -43.05 58.31
CA TYR Q 102 -48.35 -42.83 57.51
C TYR Q 102 -48.72 -42.24 56.15
N SER Q 103 -47.81 -41.43 55.62
CA SER Q 103 -48.00 -40.76 54.34
C SER Q 103 -46.89 -41.16 53.40
N PHE Q 104 -47.26 -41.81 52.29
CA PHE Q 104 -46.31 -42.24 51.27
C PHE Q 104 -46.58 -41.51 49.96
N ALA Q 105 -45.68 -41.70 49.01
CA ALA Q 105 -45.78 -41.10 47.68
C ALA Q 105 -45.87 -39.58 47.78
N SER Q 106 -45.07 -38.99 48.67
CA SER Q 106 -45.06 -37.55 48.89
C SER Q 106 -43.69 -37.01 48.48
N GLN Q 107 -43.66 -36.27 47.37
CA GLN Q 107 -42.42 -35.69 46.83
C GLN Q 107 -41.39 -36.78 46.52
N GLN Q 108 -41.87 -37.95 46.09
CA GLN Q 108 -41.03 -39.07 45.75
C GLN Q 108 -40.76 -39.19 44.26
N GLN Q 109 -41.37 -38.31 43.45
CA GLN Q 109 -41.21 -38.39 42.00
C GLN Q 109 -39.78 -38.10 41.60
N LYS Q 110 -39.24 -38.95 40.73
CA LYS Q 110 -37.89 -38.77 40.22
C LYS Q 110 -37.87 -37.75 39.09
N PRO Q 111 -36.89 -36.86 39.05
CA PRO Q 111 -36.82 -35.87 37.97
C PRO Q 111 -36.59 -36.54 36.63
N GLU Q 112 -36.75 -35.75 35.57
CA GLU Q 112 -36.68 -36.26 34.22
C GLU Q 112 -35.24 -36.53 33.81
N ASP Q 113 -35.07 -37.29 32.72
CA ASP Q 113 -33.76 -37.63 32.20
C ASP Q 113 -33.19 -36.53 31.30
N THR Q 114 -33.92 -35.44 31.11
CA THR Q 114 -33.55 -34.30 30.26
C THR Q 114 -33.43 -34.69 28.78
N THR Q 115 -33.89 -35.88 28.40
CA THR Q 115 -33.85 -36.30 27.00
C THR Q 115 -35.06 -35.82 26.22
N ILE Q 116 -36.27 -36.06 26.74
CA ILE Q 116 -37.48 -35.60 26.06
C ILE Q 116 -37.54 -34.08 25.98
N PRO Q 117 -37.29 -33.32 27.05
CA PRO Q 117 -37.30 -31.85 26.90
C PRO Q 117 -36.24 -31.34 25.95
N SER Q 118 -35.15 -32.09 25.73
CA SER Q 118 -34.19 -31.71 24.71
C SER Q 118 -34.76 -31.95 23.32
N THR Q 119 -35.57 -33.00 23.15
CA THR Q 119 -36.20 -33.23 21.86
C THR Q 119 -37.25 -32.18 21.55
N GLU Q 120 -38.07 -31.81 22.55
CA GLU Q 120 -39.03 -30.74 22.34
C GLU Q 120 -38.35 -29.38 22.20
N LEU Q 121 -37.15 -29.23 22.77
CA LEU Q 121 -36.36 -28.03 22.50
C LEU Q 121 -35.85 -28.03 21.06
N ALA Q 122 -35.51 -29.21 20.53
CA ALA Q 122 -35.14 -29.29 19.11
C ALA Q 122 -36.31 -28.96 18.21
N LYS Q 123 -37.51 -29.44 18.57
CA LYS Q 123 -38.71 -29.09 17.83
C LYS Q 123 -38.98 -27.58 17.93
N GLN Q 124 -38.71 -26.99 19.09
CA GLN Q 124 -38.88 -25.55 19.24
C GLN Q 124 -37.87 -24.80 18.37
N VAL Q 125 -36.67 -25.34 18.21
CA VAL Q 125 -35.69 -24.73 17.30
C VAL Q 125 -36.18 -24.85 15.86
N ILE Q 126 -36.80 -25.99 15.52
CA ILE Q 126 -37.40 -26.13 14.19
C ILE Q 126 -38.47 -25.07 13.97
N GLU Q 127 -39.29 -24.81 15.00
CA GLU Q 127 -40.29 -23.76 14.89
C GLU Q 127 -39.66 -22.36 14.88
N TYR Q 128 -38.43 -22.23 15.38
CA TYR Q 128 -37.76 -20.94 15.35
C TYR Q 128 -37.19 -20.65 13.98
N ALA Q 129 -36.62 -21.67 13.31
CA ALA Q 129 -36.25 -21.51 11.92
C ALA Q 129 -37.48 -21.35 11.04
N ARG Q 130 -38.60 -21.98 11.42
CA ARG Q 130 -39.84 -21.82 10.67
C ARG Q 130 -40.35 -20.38 10.74
N GLN Q 131 -40.67 -19.92 11.95
CA GLN Q 131 -41.29 -18.61 12.10
C GLN Q 131 -40.30 -17.48 11.78
N LEU Q 132 -39.04 -17.65 12.19
CA LEU Q 132 -38.04 -16.62 11.88
C LEU Q 132 -37.72 -16.60 10.39
N GLU Q 133 -37.67 -17.77 9.75
CA GLU Q 133 -37.45 -17.86 8.30
C GLU Q 133 -38.57 -18.72 7.70
N MET Q 134 -39.70 -18.09 7.40
CA MET Q 134 -40.78 -18.71 6.65
C MET Q 134 -41.10 -17.92 5.39
N ILE Q 135 -41.36 -16.62 5.51
CA ILE Q 135 -41.56 -15.79 4.33
C ILE Q 135 -40.23 -15.53 3.64
N VAL Q 136 -39.17 -15.31 4.41
CA VAL Q 136 -37.82 -15.11 3.92
C VAL Q 136 -37.74 -13.90 2.98
N MET R 1 -65.17 3.90 22.67
CA MET R 1 -66.31 4.78 22.44
C MET R 1 -66.08 6.16 23.04
N SER R 2 -65.43 6.20 24.20
CA SER R 2 -65.07 7.40 24.93
C SER R 2 -66.27 8.21 25.40
N GLU R 3 -67.49 7.69 25.22
CA GLU R 3 -68.70 8.36 25.66
C GLU R 3 -69.18 7.90 27.04
N LYS R 4 -68.69 6.77 27.53
CA LYS R 4 -69.06 6.28 28.85
C LYS R 4 -68.29 6.96 29.97
N LYS R 5 -67.29 7.78 29.63
CA LYS R 5 -66.54 8.51 30.66
C LYS R 5 -67.33 9.66 31.26
N GLN R 6 -68.41 10.09 30.60
CA GLN R 6 -69.17 11.24 31.09
C GLN R 6 -69.86 10.96 32.42
N PRO R 7 -70.59 9.85 32.63
CA PRO R 7 -71.19 9.62 33.95
C PRO R 7 -70.15 9.37 35.03
N VAL R 8 -69.01 8.79 34.69
CA VAL R 8 -67.94 8.61 35.67
C VAL R 8 -67.38 9.96 36.08
N ASP R 9 -67.23 10.88 35.12
CA ASP R 9 -66.79 12.23 35.46
C ASP R 9 -67.86 12.98 36.24
N LEU R 10 -69.14 12.62 36.05
CA LEU R 10 -70.19 13.17 36.90
C LEU R 10 -70.08 12.66 38.32
N GLY R 11 -69.72 11.38 38.48
CA GLY R 11 -69.45 10.86 39.81
C GLY R 11 -68.26 11.54 40.46
N LEU R 12 -67.23 11.86 39.67
CA LEU R 12 -66.12 12.64 40.18
C LEU R 12 -66.56 14.05 40.55
N LEU R 13 -67.54 14.61 39.83
CA LEU R 13 -68.08 15.92 40.21
C LEU R 13 -68.88 15.82 41.50
N GLU R 14 -69.53 14.68 41.75
CA GLU R 14 -70.23 14.50 43.02
C GLU R 14 -69.24 14.35 44.18
N GLU R 15 -68.15 13.60 43.95
CA GLU R 15 -67.11 13.48 44.97
C GLU R 15 -66.46 14.83 45.24
N ASP R 16 -66.29 15.66 44.21
CA ASP R 16 -65.78 17.01 44.40
C ASP R 16 -66.81 17.93 45.05
N ASP R 17 -68.10 17.61 44.92
CA ASP R 17 -69.15 18.40 45.54
C ASP R 17 -69.45 17.97 46.97
N GLU R 18 -68.94 16.80 47.40
CA GLU R 18 -69.07 16.42 48.80
C GLU R 18 -68.33 17.40 49.71
N PHE R 19 -67.03 17.54 49.51
CA PHE R 19 -66.20 18.49 50.25
C PHE R 19 -65.60 19.48 49.25
N GLU R 20 -65.81 20.77 49.50
CA GLU R 20 -65.34 21.83 48.60
C GLU R 20 -63.95 22.26 49.06
N GLU R 21 -62.92 21.77 48.37
CA GLU R 21 -61.53 22.11 48.62
C GLU R 21 -61.07 21.75 50.03
N PHE R 22 -61.81 20.88 50.71
CA PHE R 22 -61.44 20.43 52.05
C PHE R 22 -60.31 19.38 52.00
N PRO R 23 -60.40 18.35 51.15
CA PRO R 23 -59.27 17.41 51.06
C PRO R 23 -58.06 17.97 50.32
N ALA R 24 -58.26 18.97 49.46
CA ALA R 24 -57.13 19.56 48.76
C ALA R 24 -56.25 20.36 49.72
N GLU R 25 -56.86 21.11 50.64
CA GLU R 25 -56.10 21.88 51.60
C GLU R 25 -55.67 21.04 52.80
N ASP R 26 -56.60 20.24 53.35
CA ASP R 26 -56.26 19.40 54.49
C ASP R 26 -55.20 18.37 54.11
N TRP R 27 -55.37 17.70 52.96
CA TRP R 27 -54.33 16.83 52.45
C TRP R 27 -53.15 17.61 51.90
N ALA R 28 -53.35 18.88 51.53
CA ALA R 28 -52.23 19.72 51.12
C ALA R 28 -51.33 20.09 52.29
N GLY R 29 -51.83 19.98 53.53
CA GLY R 29 -50.97 20.17 54.68
C GLY R 29 -49.83 19.17 54.73
N LEU R 30 -50.06 17.96 54.24
CA LEU R 30 -48.99 16.97 54.09
C LEU R 30 -48.38 17.00 52.69
N ASP R 31 -49.16 17.41 51.68
CA ASP R 31 -48.62 17.48 50.33
C ASP R 31 -47.56 18.56 50.18
N GLU R 32 -47.65 19.62 50.99
CA GLU R 32 -46.61 20.64 50.97
C GLU R 32 -45.27 20.10 51.46
N ASP R 33 -45.28 19.06 52.30
CA ASP R 33 -44.08 18.34 52.66
C ASP R 33 -43.83 17.14 51.76
N GLU R 34 -44.79 16.78 50.91
CA GLU R 34 -44.65 15.68 49.98
C GLU R 34 -44.43 16.13 48.53
N ASP R 35 -44.70 17.41 48.23
CA ASP R 35 -44.52 17.90 46.87
C ASP R 35 -43.07 17.82 46.44
N ALA R 36 -42.86 17.51 45.16
CA ALA R 36 -41.56 17.37 44.50
C ALA R 36 -40.77 16.17 45.01
N HIS R 37 -41.29 15.41 45.97
CA HIS R 37 -40.62 14.21 46.47
C HIS R 37 -41.10 13.00 45.69
N VAL R 38 -40.17 12.06 45.45
CA VAL R 38 -40.50 10.85 44.70
C VAL R 38 -41.59 10.09 45.44
N TRP R 39 -42.72 9.88 44.77
CA TRP R 39 -43.84 9.18 45.38
C TRP R 39 -43.63 7.67 45.46
N GLU R 40 -42.60 7.14 44.81
CA GLU R 40 -42.29 5.72 44.96
C GLU R 40 -41.77 5.43 46.37
N ASP R 41 -40.94 6.32 46.91
CA ASP R 41 -40.46 6.14 48.27
C ASP R 41 -41.53 6.47 49.30
N ASN R 42 -42.49 7.34 48.93
CA ASN R 42 -43.57 7.70 49.84
C ASN R 42 -44.50 6.54 50.14
N TRP R 43 -44.43 5.45 49.36
CA TRP R 43 -45.23 4.27 49.66
C TRP R 43 -44.62 3.46 50.80
N ASP R 44 -43.30 3.35 50.83
CA ASP R 44 -42.64 2.68 51.94
C ASP R 44 -42.58 3.57 53.17
N ASP R 45 -42.23 4.85 52.99
CA ASP R 45 -42.19 5.77 54.12
C ASP R 45 -43.58 5.99 54.70
N ASP R 46 -44.61 6.01 53.84
CA ASP R 46 -45.98 6.11 54.33
C ASP R 46 -46.47 4.78 54.88
N ASN R 47 -45.91 3.66 54.40
CA ASN R 47 -46.28 2.35 54.92
C ASN R 47 -45.79 2.18 56.35
N VAL R 48 -44.50 2.44 56.59
CA VAL R 48 -43.97 2.32 57.95
C VAL R 48 -44.44 3.49 58.81
N GLU R 49 -44.67 4.66 58.20
CA GLU R 49 -45.16 5.81 58.95
C GLU R 49 -46.57 5.54 59.49
N ASP R 50 -47.49 5.15 58.61
CA ASP R 50 -48.84 4.81 59.06
C ASP R 50 -48.84 3.55 59.91
N ASP R 51 -47.88 2.65 59.71
CA ASP R 51 -47.80 1.44 60.52
C ASP R 51 -47.40 1.78 61.95
N PHE R 52 -46.53 2.75 62.13
CA PHE R 52 -46.07 3.16 63.46
C PHE R 52 -46.83 4.36 64.01
N SER R 53 -47.84 4.86 63.28
CA SER R 53 -48.59 6.01 63.76
C SER R 53 -49.42 5.68 65.00
N ASN R 54 -49.85 4.43 65.14
CA ASN R 54 -50.64 4.02 66.30
C ASN R 54 -49.78 4.00 67.55
N GLN R 55 -48.74 3.16 67.56
CA GLN R 55 -47.86 3.02 68.71
C GLN R 55 -46.42 2.83 68.22
N LEU R 56 -45.48 2.98 69.15
CA LEU R 56 -44.05 2.83 68.93
C LEU R 56 -43.60 3.53 67.65
N ARG R 57 -43.92 4.82 67.58
CA ARG R 57 -43.57 5.64 66.43
C ARG R 57 -42.05 5.73 66.26
N ALA R 58 -41.37 6.32 67.25
CA ALA R 58 -39.91 6.43 67.18
C ALA R 58 -39.24 5.16 67.67
N GLU R 59 -39.46 4.82 68.95
CA GLU R 59 -38.96 3.61 69.63
C GLU R 59 -37.45 3.63 69.83
N LEU R 60 -36.73 4.59 69.26
CA LEU R 60 -35.28 4.64 69.45
C LEU R 60 -34.91 5.19 70.81
N GLU R 61 -35.73 6.06 71.39
CA GLU R 61 -35.48 6.57 72.73
C GLU R 61 -35.79 5.54 73.80
N LYS R 62 -36.56 4.51 73.48
CA LYS R 62 -36.93 3.48 74.44
C LYS R 62 -35.92 2.35 74.53
N HIS R 63 -35.09 2.16 73.50
CA HIS R 63 -34.09 1.09 73.52
C HIS R 63 -33.09 1.29 74.65
N GLY R 64 -32.76 2.54 74.98
CA GLY R 64 -31.87 2.80 76.09
C GLY R 64 -32.40 2.30 77.42
N TYR R 65 -33.73 2.25 77.56
CA TYR R 65 -34.35 1.65 78.73
C TYR R 65 -34.59 0.16 78.54
N LYS R 66 -34.68 -0.32 77.31
CA LYS R 66 -34.88 -1.74 77.04
C LYS R 66 -33.58 -2.54 77.07
N MET R 67 -32.42 -1.88 77.14
CA MET R 67 -31.16 -2.61 77.19
C MET R 67 -31.00 -3.35 78.51
N GLU R 68 -31.26 -2.68 79.63
CA GLU R 68 -31.12 -3.29 80.93
C GLU R 68 -32.30 -4.18 81.31
N THR R 69 -33.46 -3.99 80.68
CA THR R 69 -34.64 -4.78 81.00
C THR R 69 -34.83 -5.97 80.08
N SER R 70 -34.11 -6.02 78.96
CA SER R 70 -34.24 -7.14 78.01
C SER R 70 -32.91 -7.46 77.35
N ARG S 1 -31.27 81.88 -27.49
CA ARG S 1 -32.14 82.16 -26.35
C ARG S 1 -33.37 81.25 -26.36
N ASP S 2 -34.32 81.55 -25.48
CA ASP S 2 -35.53 80.76 -25.38
C ASP S 2 -36.50 81.08 -26.51
N LYS S 3 -37.33 80.10 -26.86
CA LYS S 3 -38.32 80.24 -27.92
C LYS S 3 -39.61 80.90 -27.43
N ALA S 4 -39.58 81.60 -26.31
CA ALA S 4 -40.80 82.24 -25.79
C ALA S 4 -41.31 83.35 -26.69
N PRO S 5 -40.49 84.31 -27.16
CA PRO S 5 -41.04 85.40 -27.99
C PRO S 5 -41.30 84.98 -29.43
N VAL S 6 -40.47 84.08 -29.97
CA VAL S 6 -40.54 83.73 -31.38
C VAL S 6 -41.32 82.46 -31.66
N GLN S 7 -41.69 81.70 -30.63
CA GLN S 7 -42.40 80.45 -30.83
C GLN S 7 -43.86 80.67 -31.24
N PRO S 8 -44.61 81.60 -30.63
CA PRO S 8 -45.97 81.85 -31.09
C PRO S 8 -46.07 82.71 -32.34
N GLN S 9 -44.96 82.92 -33.07
CA GLN S 9 -44.98 83.71 -34.29
C GLN S 9 -45.10 82.87 -35.54
N GLN S 10 -44.67 81.61 -35.51
CA GLN S 10 -44.77 80.74 -36.66
C GLN S 10 -46.13 80.05 -36.77
N SER S 11 -46.92 80.05 -35.70
CA SER S 11 -48.24 79.44 -35.70
C SER S 11 -49.25 80.22 -36.55
N PRO S 12 -49.31 81.56 -36.45
CA PRO S 12 -50.23 82.29 -37.32
C PRO S 12 -49.86 82.14 -38.79
N ALA S 13 -50.85 81.75 -39.60
CA ALA S 13 -50.66 81.54 -41.03
C ALA S 13 -50.93 82.79 -41.85
N ALA S 14 -51.06 83.95 -41.20
CA ALA S 14 -51.33 85.18 -41.92
C ALA S 14 -50.14 85.60 -42.76
N ALA S 15 -50.42 86.30 -43.85
CA ALA S 15 -49.35 86.76 -44.74
C ALA S 15 -48.39 87.74 -44.07
N PRO S 16 -48.82 88.77 -43.34
CA PRO S 16 -47.83 89.65 -42.70
C PRO S 16 -46.96 88.93 -41.68
N GLY S 17 -47.54 88.02 -40.90
CA GLY S 17 -46.75 87.28 -39.93
C GLY S 17 -45.66 86.45 -40.58
N GLY S 18 -45.88 86.02 -41.81
CA GLY S 18 -44.85 85.31 -42.54
C GLY S 18 -43.83 86.26 -43.15
N THR S 19 -44.31 87.37 -43.73
CA THR S 19 -43.42 88.32 -44.39
C THR S 19 -42.58 89.13 -43.41
N ASP S 20 -42.87 89.05 -42.10
CA ASP S 20 -41.97 89.63 -41.11
C ASP S 20 -41.34 88.59 -40.20
N GLU S 21 -41.99 87.44 -40.00
CA GLU S 21 -41.40 86.38 -39.19
C GLU S 21 -40.28 85.66 -39.92
N LYS S 22 -40.44 85.47 -41.23
CA LYS S 22 -39.44 84.76 -42.02
C LYS S 22 -38.15 85.55 -42.18
N PRO S 23 -38.20 86.88 -42.40
CA PRO S 23 -36.93 87.65 -42.37
C PRO S 23 -36.20 87.54 -41.05
N SER S 24 -36.90 87.33 -39.94
CA SER S 24 -36.22 87.07 -38.67
C SER S 24 -35.55 85.70 -38.68
N GLY S 25 -36.14 84.73 -39.39
CA GLY S 25 -35.49 83.44 -39.54
C GLY S 25 -34.28 83.51 -40.45
N LYS S 26 -34.29 84.44 -41.42
CA LYS S 26 -33.11 84.66 -42.24
C LYS S 26 -32.03 85.41 -41.47
N GLU S 27 -32.43 86.30 -40.55
CA GLU S 27 -31.45 86.97 -39.71
C GLU S 27 -30.80 85.99 -38.74
N ARG S 28 -31.61 85.20 -38.03
CA ARG S 28 -31.10 84.21 -37.10
C ARG S 28 -30.65 82.91 -37.79
N ARG S 29 -30.70 82.86 -39.12
CA ARG S 29 -30.28 81.67 -39.86
C ARG S 29 -28.77 81.65 -40.14
N ASP S 30 -28.00 82.48 -39.44
CA ASP S 30 -26.55 82.47 -39.63
C ASP S 30 -25.95 81.14 -39.19
N ALA S 31 -26.45 80.58 -38.09
CA ALA S 31 -26.01 79.28 -37.61
C ALA S 31 -27.15 78.26 -37.58
N GLY S 32 -28.20 78.51 -38.37
CA GLY S 32 -29.37 77.64 -38.38
C GLY S 32 -30.35 77.98 -37.28
N ASP S 33 -30.04 77.55 -36.05
CA ASP S 33 -30.87 77.84 -34.89
C ASP S 33 -30.05 77.55 -33.64
N LYS S 34 -30.68 77.68 -32.47
CA LYS S 34 -30.01 77.35 -31.22
C LYS S 34 -29.91 75.85 -31.00
N ASP S 35 -30.63 75.06 -31.78
CA ASP S 35 -30.72 73.62 -31.58
C ASP S 35 -30.84 72.96 -32.96
N LYS S 36 -31.28 71.69 -32.96
CA LYS S 36 -31.35 70.87 -34.17
C LYS S 36 -32.64 71.08 -34.96
N GLU S 37 -33.29 72.24 -34.82
CA GLU S 37 -34.53 72.56 -35.51
C GLU S 37 -35.64 71.56 -35.17
N GLN S 38 -35.98 71.54 -33.88
CA GLN S 38 -37.04 70.70 -33.36
C GLN S 38 -38.44 71.26 -33.63
N GLU S 39 -38.53 72.36 -34.37
CA GLU S 39 -39.80 73.02 -34.66
C GLU S 39 -40.52 72.42 -35.86
N LEU S 40 -40.08 71.25 -36.34
CA LEU S 40 -40.71 70.62 -37.50
C LEU S 40 -42.19 70.39 -37.26
N SER S 41 -42.56 69.90 -36.06
CA SER S 41 -43.95 69.63 -35.74
C SER S 41 -44.80 70.87 -35.64
N GLU S 42 -44.20 72.07 -35.70
CA GLU S 42 -44.95 73.31 -35.72
C GLU S 42 -44.90 74.03 -37.06
N GLU S 43 -43.86 73.81 -37.85
CA GLU S 43 -43.77 74.35 -39.20
C GLU S 43 -44.36 73.43 -40.25
N ASP S 44 -44.79 72.22 -39.85
CA ASP S 44 -45.47 71.33 -40.79
C ASP S 44 -46.82 71.85 -41.21
N LYS S 45 -47.36 72.87 -40.52
CA LYS S 45 -48.54 73.56 -41.01
C LYS S 45 -48.14 74.67 -41.99
N GLN S 46 -46.99 75.31 -41.76
CA GLN S 46 -46.44 76.22 -42.75
C GLN S 46 -46.17 75.49 -44.07
N LEU S 47 -45.80 74.21 -43.99
CA LEU S 47 -45.69 73.36 -45.17
C LEU S 47 -46.89 73.53 -46.09
N GLN S 48 -48.10 73.48 -45.53
CA GLN S 48 -49.31 73.69 -46.30
C GLN S 48 -49.62 75.16 -46.55
N ASP S 49 -49.04 76.06 -45.77
CA ASP S 49 -49.30 77.49 -45.91
C ASP S 49 -48.44 78.09 -47.02
N GLU S 50 -48.88 79.25 -47.51
CA GLU S 50 -48.17 79.95 -48.57
C GLU S 50 -47.92 81.40 -48.19
N LEU S 65 -47.47 86.24 -48.43
CA LEU S 65 -47.14 86.82 -49.73
C LEU S 65 -45.79 86.32 -50.22
N TYR S 66 -44.80 86.37 -49.34
CA TYR S 66 -43.43 85.94 -49.66
C TYR S 66 -43.35 84.42 -49.57
N ARG S 67 -44.00 83.77 -50.53
CA ARG S 67 -43.97 82.31 -50.61
C ARG S 67 -42.61 81.74 -51.01
N PRO S 68 -41.78 82.43 -51.81
CA PRO S 68 -40.42 81.90 -52.01
C PRO S 68 -39.59 81.88 -50.74
N ALA S 69 -39.86 82.78 -49.80
CA ALA S 69 -39.19 82.70 -48.51
C ALA S 69 -39.69 81.52 -47.69
N LEU S 70 -40.97 81.17 -47.82
CA LEU S 70 -41.49 79.99 -47.17
C LEU S 70 -40.89 78.72 -47.77
N GLU S 71 -40.66 78.73 -49.09
CA GLU S 71 -39.97 77.61 -49.71
C GLU S 71 -38.50 77.55 -49.30
N GLU S 72 -37.88 78.71 -49.08
CA GLU S 72 -36.48 78.74 -48.66
C GLU S 72 -36.32 78.22 -47.24
N LEU S 73 -37.17 78.67 -46.32
CA LEU S 73 -37.12 78.15 -44.96
C LEU S 73 -37.54 76.69 -44.92
N ARG S 74 -38.47 76.29 -45.80
CA ARG S 74 -38.92 74.89 -45.81
C ARG S 74 -37.81 73.96 -46.28
N ARG S 75 -37.13 74.32 -47.36
CA ARG S 75 -35.97 73.54 -47.78
C ARG S 75 -34.82 73.65 -46.79
N GLN S 76 -34.79 74.74 -46.00
CA GLN S 76 -33.77 74.90 -44.98
C GLN S 76 -33.98 73.90 -43.84
N ILE S 77 -35.21 73.74 -43.38
CA ILE S 77 -35.46 72.83 -42.27
C ILE S 77 -35.51 71.38 -42.74
N ARG S 78 -36.08 71.13 -43.92
CA ARG S 78 -36.09 69.77 -44.45
C ARG S 78 -34.69 69.32 -44.81
N SER S 79 -33.86 70.23 -45.32
CA SER S 79 -32.44 69.93 -45.47
C SER S 79 -31.73 69.88 -44.12
N SER S 80 -32.33 70.47 -43.09
CA SER S 80 -31.67 70.53 -41.78
C SER S 80 -31.80 69.21 -41.02
N THR S 81 -32.99 68.62 -41.00
CA THR S 81 -33.16 67.41 -40.18
C THR S 81 -32.92 66.13 -40.98
N THR S 82 -33.76 65.85 -41.97
CA THR S 82 -33.59 64.68 -42.84
C THR S 82 -34.63 64.73 -43.95
N SER S 83 -34.20 64.39 -45.17
CA SER S 83 -35.08 64.18 -46.32
C SER S 83 -34.26 63.69 -47.50
N MET S 84 -34.89 63.00 -48.45
CA MET S 84 -34.19 62.46 -49.59
C MET S 84 -34.63 63.03 -50.94
N THR S 85 -35.89 63.46 -51.06
CA THR S 85 -36.39 63.95 -52.33
C THR S 85 -37.10 65.30 -52.20
N SER S 86 -37.61 65.60 -51.00
CA SER S 86 -38.45 66.77 -50.79
C SER S 86 -37.65 68.04 -50.49
N VAL S 87 -36.33 67.95 -50.40
CA VAL S 87 -35.50 69.13 -50.12
C VAL S 87 -35.33 69.99 -51.37
N PRO S 88 -34.91 69.45 -52.52
CA PRO S 88 -34.63 70.32 -53.67
C PRO S 88 -35.86 70.74 -54.46
N LYS S 89 -37.06 70.31 -54.06
CA LYS S 89 -38.28 70.72 -54.76
C LYS S 89 -38.60 72.19 -54.51
N PRO S 90 -38.52 72.69 -53.27
CA PRO S 90 -38.70 74.13 -53.06
C PRO S 90 -37.66 74.99 -53.77
N LEU S 91 -36.54 74.42 -54.19
CA LEU S 91 -35.53 75.18 -54.92
C LEU S 91 -35.68 75.08 -56.43
N LYS S 92 -36.11 73.92 -56.94
CA LYS S 92 -36.40 73.84 -58.37
C LYS S 92 -37.68 74.58 -58.72
N PHE S 93 -38.58 74.73 -57.75
CA PHE S 93 -39.75 75.59 -57.91
C PHE S 93 -39.47 77.02 -57.46
N LEU S 94 -38.48 77.22 -56.59
CA LEU S 94 -38.22 78.55 -56.05
C LEU S 94 -37.56 79.45 -57.09
N ARG S 95 -36.61 78.91 -57.87
CA ARG S 95 -35.76 79.71 -58.75
C ARG S 95 -35.10 80.81 -57.91
N PRO S 96 -34.12 80.46 -57.06
CA PRO S 96 -33.62 81.40 -56.04
C PRO S 96 -33.31 82.80 -56.54
N HIS S 97 -34.05 83.77 -56.00
CA HIS S 97 -33.81 85.19 -56.31
C HIS S 97 -33.81 86.07 -55.07
N TYR S 98 -34.19 85.58 -53.90
CA TYR S 98 -34.23 86.37 -52.68
C TYR S 98 -33.37 85.74 -51.59
N ASN S 113 -17.56 86.17 -47.61
CA ASN S 113 -17.39 84.89 -46.95
C ASN S 113 -18.07 84.89 -45.58
N LYS S 114 -19.40 84.88 -45.58
CA LYS S 114 -20.18 84.87 -44.36
C LYS S 114 -20.49 83.42 -43.94
N ARG S 115 -21.12 83.27 -42.78
CA ARG S 115 -21.51 81.96 -42.29
C ARG S 115 -22.87 81.52 -42.82
N PHE S 116 -23.76 82.46 -43.11
CA PHE S 116 -25.07 82.12 -43.66
C PHE S 116 -24.94 81.41 -45.00
N ALA S 117 -24.31 82.08 -45.97
CA ALA S 117 -24.16 81.50 -47.30
C ALA S 117 -23.30 80.24 -47.27
N ALA S 118 -22.34 80.15 -46.35
CA ALA S 118 -21.51 78.96 -46.25
C ALA S 118 -22.32 77.77 -45.74
N ASP S 119 -23.19 78.01 -44.75
CA ASP S 119 -23.98 76.92 -44.19
C ASP S 119 -25.10 76.51 -45.15
N ILE S 120 -25.94 77.45 -45.54
CA ILE S 120 -27.11 77.11 -46.35
C ILE S 120 -26.72 76.81 -47.80
N ILE S 121 -25.54 77.23 -48.24
CA ILE S 121 -25.12 76.99 -49.62
C ILE S 121 -24.13 75.82 -49.67
N SER S 122 -23.06 75.90 -48.90
CA SER S 122 -21.95 74.97 -49.01
C SER S 122 -22.38 73.53 -48.75
N VAL S 123 -22.76 73.23 -47.51
CA VAL S 123 -23.09 71.85 -47.16
C VAL S 123 -24.54 71.52 -47.51
N LEU S 124 -25.46 72.45 -47.23
CA LEU S 124 -26.87 72.17 -47.48
C LEU S 124 -27.17 72.15 -48.98
N ALA S 125 -26.54 73.05 -49.75
CA ALA S 125 -26.66 72.99 -51.20
C ALA S 125 -25.71 71.97 -51.80
N MET S 126 -24.66 71.58 -51.08
CA MET S 126 -23.79 70.50 -51.55
C MET S 126 -24.56 69.18 -51.57
N THR S 127 -25.02 68.72 -50.40
CA THR S 127 -25.82 67.50 -50.35
C THR S 127 -27.16 67.69 -51.06
N MET S 128 -27.69 68.92 -51.04
CA MET S 128 -28.98 69.20 -51.67
C MET S 128 -28.92 69.00 -53.18
N SER S 129 -28.07 69.77 -53.86
CA SER S 129 -27.93 69.62 -55.30
C SER S 129 -27.27 68.29 -55.66
N GLY S 130 -26.52 67.69 -54.74
CA GLY S 130 -25.96 66.38 -55.00
C GLY S 130 -27.04 65.30 -55.10
N GLU S 131 -27.96 65.29 -54.14
CA GLU S 131 -29.06 64.33 -54.19
C GLU S 131 -30.09 64.71 -55.26
N ARG S 132 -30.17 65.98 -55.65
CA ARG S 132 -31.03 66.35 -56.76
C ARG S 132 -30.45 65.85 -58.09
N GLU S 133 -29.14 65.98 -58.27
CA GLU S 133 -28.51 65.49 -59.50
C GLU S 133 -28.44 63.97 -59.52
N CYS S 134 -28.39 63.34 -58.34
CA CYS S 134 -28.37 61.88 -58.29
C CYS S 134 -29.77 61.33 -58.56
N LEU S 135 -30.79 61.90 -57.94
CA LEU S 135 -32.15 61.43 -58.15
C LEU S 135 -32.63 61.72 -59.57
N LYS S 136 -32.31 62.91 -60.08
CA LYS S 136 -32.66 63.24 -61.46
C LYS S 136 -31.73 62.59 -62.49
N TYR S 137 -30.58 62.07 -62.05
CA TYR S 137 -29.69 61.35 -62.96
C TYR S 137 -30.01 59.87 -63.04
N ARG S 138 -30.55 59.29 -61.98
CA ARG S 138 -30.91 57.87 -61.95
C ARG S 138 -32.38 57.62 -62.26
N LEU S 139 -33.26 58.57 -61.93
CA LEU S 139 -34.69 58.37 -62.16
C LEU S 139 -35.07 58.65 -63.61
N VAL S 140 -34.80 59.86 -64.09
CA VAL S 140 -35.14 60.26 -65.44
C VAL S 140 -33.86 60.42 -66.24
N GLY S 141 -33.97 60.23 -67.56
CA GLY S 141 -32.83 60.35 -68.45
C GLY S 141 -33.09 61.28 -69.62
N ALA S 158 -35.40 68.53 -67.30
CA ALA S 158 -35.25 69.66 -68.19
C ALA S 158 -33.98 70.45 -67.90
N GLY S 159 -34.07 71.77 -68.00
CA GLY S 159 -32.94 72.65 -67.76
C GLY S 159 -32.85 73.21 -66.36
N GLU S 160 -33.83 72.92 -65.49
CA GLU S 160 -33.78 73.44 -64.13
C GLU S 160 -32.59 72.85 -63.36
N VAL S 161 -32.32 71.55 -63.57
CA VAL S 161 -31.17 70.95 -62.90
C VAL S 161 -29.87 71.48 -63.47
N ALA S 162 -29.87 71.92 -64.73
CA ALA S 162 -28.69 72.53 -65.30
C ALA S 162 -28.47 73.93 -64.74
N LYS S 163 -29.55 74.67 -64.51
CA LYS S 163 -29.43 75.99 -63.88
C LYS S 163 -28.98 75.86 -62.43
N GLU S 164 -29.47 74.83 -61.73
CA GLU S 164 -29.00 74.58 -60.37
C GLU S 164 -27.54 74.15 -60.37
N TRP S 165 -27.13 73.39 -61.38
CA TRP S 165 -25.75 72.89 -61.43
C TRP S 165 -24.77 74.00 -61.78
N GLN S 166 -25.20 74.96 -62.62
CA GLN S 166 -24.35 76.10 -62.92
C GLN S 166 -24.35 77.12 -61.79
N GLU S 167 -25.49 77.30 -61.12
CA GLU S 167 -25.54 78.20 -59.98
C GLU S 167 -24.65 77.69 -58.84
N LEU S 168 -24.79 76.41 -58.50
CA LEU S 168 -23.89 75.82 -57.50
C LEU S 168 -22.45 75.77 -58.01
N ASP S 169 -22.27 75.65 -59.32
CA ASP S 169 -20.91 75.69 -59.88
C ASP S 169 -20.25 77.03 -59.60
N ASP S 170 -20.96 78.13 -59.85
CA ASP S 170 -20.40 79.45 -59.59
C ASP S 170 -20.23 79.70 -58.10
N ALA S 171 -21.25 79.35 -57.31
CA ALA S 171 -21.17 79.60 -55.87
C ALA S 171 -20.04 78.80 -55.22
N GLU S 172 -19.76 77.60 -55.72
CA GLU S 172 -18.65 76.80 -55.22
C GLU S 172 -17.35 77.12 -55.94
N LYS S 173 -17.39 77.95 -56.98
CA LYS S 173 -16.17 78.60 -57.46
C LYS S 173 -15.82 79.81 -56.64
N VAL S 174 -16.81 80.41 -55.96
CA VAL S 174 -16.52 81.47 -55.00
C VAL S 174 -16.11 80.87 -53.65
N GLN S 175 -16.67 79.71 -53.30
CA GLN S 175 -16.29 79.06 -52.06
C GLN S 175 -14.83 78.61 -52.07
N ARG S 176 -14.35 78.16 -53.23
CA ARG S 176 -12.94 77.82 -53.47
C ARG S 176 -12.46 76.65 -52.61
N GLU S 177 -13.36 75.74 -52.23
CA GLU S 177 -12.94 74.49 -51.61
C GLU S 177 -12.94 73.40 -52.67
N PRO S 178 -11.78 73.02 -53.21
CA PRO S 178 -11.74 72.16 -54.39
C PRO S 178 -12.00 70.70 -54.04
N LEU S 179 -12.34 69.94 -55.09
CA LEU S 179 -12.41 68.48 -55.16
C LEU S 179 -13.52 67.88 -54.32
N LEU S 180 -14.12 68.67 -53.42
CA LEU S 180 -15.29 68.21 -52.69
C LEU S 180 -16.53 68.35 -53.56
N THR S 181 -16.85 69.61 -53.90
CA THR S 181 -17.96 69.86 -54.82
C THR S 181 -17.66 69.26 -56.19
N LEU S 182 -16.39 69.20 -56.57
CA LEU S 182 -16.02 68.54 -57.81
C LEU S 182 -16.31 67.04 -57.73
N VAL S 183 -15.79 66.37 -56.70
CA VAL S 183 -16.00 64.94 -56.57
C VAL S 183 -17.47 64.60 -56.39
N LYS S 184 -18.29 65.57 -55.98
CA LYS S 184 -19.73 65.33 -55.95
C LYS S 184 -20.37 65.56 -57.32
N GLU S 185 -19.90 66.56 -58.06
CA GLU S 185 -20.44 66.89 -59.37
C GLU S 185 -19.73 66.15 -60.50
N ILE S 186 -19.02 65.05 -60.18
CA ILE S 186 -18.42 64.23 -61.23
C ILE S 186 -19.48 63.60 -62.11
N VAL S 187 -20.49 62.98 -61.50
CA VAL S 187 -21.44 62.13 -62.21
C VAL S 187 -22.32 62.91 -63.19
N PRO S 188 -22.61 64.22 -62.98
CA PRO S 188 -23.33 64.83 -64.11
C PRO S 188 -22.43 65.06 -65.32
N LEU S 202 -21.53 67.75 -73.34
CA LEU S 202 -21.72 67.35 -71.96
C LEU S 202 -21.61 68.56 -71.02
N LEU S 203 -22.15 68.42 -69.81
CA LEU S 203 -22.09 69.51 -68.84
C LEU S 203 -20.73 69.61 -68.18
N MET S 204 -20.01 68.50 -68.09
CA MET S 204 -18.67 68.53 -67.51
C MET S 204 -17.68 69.31 -68.37
N GLU S 205 -17.92 69.38 -69.69
CA GLU S 205 -17.05 70.15 -70.56
C GLU S 205 -17.20 71.64 -70.29
N ILE S 206 -18.43 72.16 -70.32
CA ILE S 206 -18.65 73.56 -70.00
C ILE S 206 -18.36 73.86 -68.54
N GLU S 207 -18.36 72.83 -67.68
CA GLU S 207 -17.95 73.03 -66.30
C GLU S 207 -16.45 73.22 -66.18
N GLN S 208 -15.66 72.40 -66.88
CA GLN S 208 -14.21 72.55 -66.81
C GLN S 208 -13.76 73.82 -67.51
N VAL S 209 -14.24 74.05 -68.73
CA VAL S 209 -13.88 75.29 -69.43
C VAL S 209 -14.51 76.51 -68.79
N ASP S 210 -15.53 76.32 -67.95
CA ASP S 210 -16.06 77.42 -67.17
C ASP S 210 -15.26 77.64 -65.90
N MET S 211 -14.53 76.64 -65.43
CA MET S 211 -13.73 76.72 -64.22
C MET S 211 -12.24 76.84 -64.48
N LEU S 212 -11.71 76.15 -65.49
CA LEU S 212 -10.27 76.16 -65.77
C LEU S 212 -9.91 77.44 -66.51
N GLU S 213 -9.72 78.51 -65.75
CA GLU S 213 -9.22 79.78 -66.27
C GLU S 213 -7.86 80.14 -65.70
N LYS S 214 -7.72 80.16 -64.38
CA LYS S 214 -6.46 80.49 -63.73
C LYS S 214 -5.94 79.39 -62.81
N ASP S 215 -6.83 78.69 -62.12
CA ASP S 215 -6.43 77.60 -61.22
C ASP S 215 -6.05 76.39 -62.06
N ILE S 216 -4.75 76.22 -62.30
CA ILE S 216 -4.24 75.14 -63.13
C ILE S 216 -3.62 74.02 -62.30
N ASP S 217 -2.84 74.39 -61.28
CA ASP S 217 -2.15 73.37 -60.48
C ASP S 217 -3.13 72.59 -59.61
N GLU S 218 -4.13 73.26 -59.05
CA GLU S 218 -5.04 72.59 -58.13
C GLU S 218 -6.07 71.74 -58.86
N ASN S 219 -6.64 72.26 -59.94
CA ASN S 219 -7.64 71.51 -60.69
C ASN S 219 -6.99 70.47 -61.59
N ALA S 220 -5.87 70.83 -62.22
CA ALA S 220 -5.15 69.86 -63.05
C ALA S 220 -4.51 68.78 -62.19
N TYR S 221 -3.69 69.19 -61.22
CA TYR S 221 -2.99 68.22 -60.38
C TYR S 221 -3.97 67.43 -59.53
N ALA S 222 -4.82 68.13 -58.76
CA ALA S 222 -5.76 67.44 -57.88
C ALA S 222 -6.88 66.80 -58.66
N LYS S 223 -7.63 67.59 -59.42
CA LYS S 223 -8.80 67.08 -60.13
C LYS S 223 -8.40 66.04 -61.17
N VAL S 224 -7.32 66.28 -61.91
CA VAL S 224 -6.90 65.30 -62.91
C VAL S 224 -6.24 64.10 -62.25
N CYS S 225 -5.58 64.29 -61.11
CA CYS S 225 -4.91 63.18 -60.45
C CYS S 225 -5.93 62.21 -59.84
N LEU S 226 -6.73 62.68 -58.89
CA LEU S 226 -7.67 61.79 -58.21
C LEU S 226 -8.91 61.51 -59.07
N TYR S 227 -9.30 62.46 -59.93
CA TYR S 227 -10.40 62.20 -60.84
C TYR S 227 -9.98 61.31 -62.00
N LEU S 228 -8.70 61.31 -62.36
CA LEU S 228 -8.22 60.35 -63.34
C LEU S 228 -8.05 58.96 -62.73
N THR S 229 -7.55 58.89 -61.50
CA THR S 229 -7.41 57.60 -60.83
C THR S 229 -8.78 56.97 -60.58
N SER S 230 -9.70 57.74 -59.98
CA SER S 230 -11.07 57.27 -59.81
C SER S 230 -11.86 57.30 -61.11
N CYS S 231 -11.26 57.78 -62.20
CA CYS S 231 -11.90 57.77 -63.51
C CYS S 231 -11.54 56.54 -64.32
N VAL S 232 -10.38 55.93 -64.05
CA VAL S 232 -10.09 54.61 -64.57
C VAL S 232 -10.51 53.51 -63.59
N ASN S 233 -10.70 53.86 -62.32
CA ASN S 233 -11.11 52.89 -61.31
C ASN S 233 -12.64 52.81 -61.19
N TYR S 234 -13.29 53.95 -60.94
CA TYR S 234 -14.71 53.97 -60.62
C TYR S 234 -15.60 54.52 -61.73
N VAL S 235 -15.02 55.18 -62.74
CA VAL S 235 -15.80 55.81 -63.80
C VAL S 235 -15.72 54.95 -65.06
N PRO S 236 -16.82 54.77 -65.79
CA PRO S 236 -16.79 53.93 -66.99
C PRO S 236 -16.06 54.63 -68.14
N GLU S 237 -16.10 53.99 -69.31
CA GLU S 237 -15.28 54.43 -70.43
C GLU S 237 -15.73 55.75 -71.04
N PRO S 238 -17.01 55.96 -71.41
CA PRO S 238 -17.34 57.18 -72.17
C PRO S 238 -17.09 58.47 -71.40
N GLU S 239 -17.26 58.47 -70.08
CA GLU S 239 -16.94 59.67 -69.31
C GLU S 239 -15.43 59.88 -69.21
N ASN S 240 -14.66 58.78 -69.25
CA ASN S 240 -13.21 58.92 -69.37
C ASN S 240 -12.83 59.50 -70.72
N SER S 241 -13.58 59.15 -71.77
CA SER S 241 -13.37 59.79 -73.07
C SER S 241 -13.73 61.27 -73.01
N ALA S 242 -14.73 61.63 -72.22
CA ALA S 242 -15.01 63.05 -71.98
C ALA S 242 -13.85 63.71 -71.24
N LEU S 243 -13.20 62.98 -70.33
CA LEU S 243 -11.98 63.49 -69.70
C LEU S 243 -10.88 63.69 -70.73
N LEU S 244 -10.81 62.82 -71.73
CA LEU S 244 -9.76 62.92 -72.73
C LEU S 244 -10.00 64.09 -73.68
N ARG S 245 -11.24 64.29 -74.11
CA ARG S 245 -11.53 65.37 -75.05
C ARG S 245 -11.51 66.72 -74.34
N CYS S 246 -12.24 66.84 -73.22
CA CYS S 246 -12.24 68.10 -72.48
C CYS S 246 -10.87 68.41 -71.90
N ALA S 247 -10.12 67.38 -71.49
CA ALA S 247 -8.74 67.60 -71.06
C ALA S 247 -7.86 67.99 -72.23
N LEU S 248 -8.19 67.54 -73.45
CA LEU S 248 -7.51 68.05 -74.63
C LEU S 248 -7.82 69.51 -74.85
N GLY S 249 -9.03 69.95 -74.48
CA GLY S 249 -9.39 71.35 -74.60
C GLY S 249 -8.69 72.24 -73.58
N VAL S 250 -8.97 72.01 -72.30
CA VAL S 250 -8.41 72.88 -71.26
C VAL S 250 -6.89 72.72 -71.18
N PHE S 251 -6.38 71.50 -71.40
CA PHE S 251 -4.94 71.30 -71.44
C PHE S 251 -4.31 71.77 -72.74
N ARG S 252 -5.10 71.85 -73.82
CA ARG S 252 -4.60 72.47 -75.04
C ARG S 252 -4.46 73.98 -74.87
N LYS S 253 -5.37 74.60 -74.13
CA LYS S 253 -5.27 76.02 -73.86
C LYS S 253 -4.25 76.34 -72.76
N PHE S 254 -3.79 75.33 -72.03
CA PHE S 254 -2.89 75.53 -70.91
C PHE S 254 -1.50 74.98 -71.23
N SER S 255 -0.62 75.02 -70.23
CA SER S 255 0.76 74.56 -70.34
C SER S 255 0.85 73.08 -69.96
N ARG S 256 2.07 72.63 -69.68
CA ARG S 256 2.36 71.24 -69.31
C ARG S 256 1.97 70.28 -70.44
N PHE S 257 2.71 70.43 -71.54
CA PHE S 257 2.51 69.56 -72.70
C PHE S 257 2.68 68.06 -72.43
N PRO S 258 3.61 67.59 -71.60
CA PRO S 258 3.79 66.12 -71.48
C PRO S 258 2.58 65.38 -70.94
N GLU S 259 1.78 66.01 -70.08
CA GLU S 259 0.55 65.33 -69.63
C GLU S 259 -0.45 65.23 -70.76
N ALA S 260 -0.47 66.21 -71.68
CA ALA S 260 -1.26 66.06 -72.89
C ALA S 260 -0.66 65.00 -73.81
N LEU S 261 0.66 64.77 -73.71
CA LEU S 261 1.26 63.68 -74.45
C LEU S 261 0.85 62.32 -73.90
N ARG S 262 0.64 62.24 -72.58
CA ARG S 262 0.01 61.05 -72.02
C ARG S 262 -1.45 60.97 -72.45
N LEU S 263 -2.11 62.12 -72.61
CA LEU S 263 -3.44 62.13 -73.21
C LEU S 263 -3.41 61.71 -74.67
N ALA S 264 -2.24 61.73 -75.30
CA ALA S 264 -2.06 61.11 -76.61
C ALA S 264 -1.73 59.63 -76.50
N LEU S 265 -1.12 59.22 -75.39
CA LEU S 265 -0.93 57.80 -75.12
C LEU S 265 -2.26 57.11 -74.87
N MET S 266 -3.26 57.85 -74.36
CA MET S 266 -4.59 57.29 -74.13
C MET S 266 -5.56 57.58 -75.26
N LEU S 267 -5.49 58.76 -75.87
CA LEU S 267 -6.36 59.09 -76.99
C LEU S 267 -5.93 58.36 -78.26
N ASN S 268 -4.63 58.35 -78.54
CA ASN S 268 -4.09 57.84 -79.81
C ASN S 268 -4.73 58.55 -81.00
N ASP S 269 -4.73 59.88 -80.94
CA ASP S 269 -5.33 60.73 -81.97
C ASP S 269 -4.23 61.47 -82.72
N MET S 270 -4.47 61.70 -84.01
CA MET S 270 -3.46 62.33 -84.87
C MET S 270 -3.43 63.84 -84.74
N GLU S 271 -4.48 64.46 -84.20
CA GLU S 271 -4.50 65.92 -84.08
C GLU S 271 -3.71 66.40 -82.87
N LEU S 272 -3.71 65.64 -81.78
CA LEU S 272 -3.01 66.06 -80.57
C LEU S 272 -1.50 66.21 -80.83
N VAL S 273 -0.92 65.28 -81.58
CA VAL S 273 0.51 65.36 -81.85
C VAL S 273 0.82 66.50 -82.80
N GLU S 274 -0.12 66.85 -83.68
CA GLU S 274 0.09 67.98 -84.58
C GLU S 274 0.05 69.29 -83.82
N ASP S 275 -0.98 69.49 -82.99
CA ASP S 275 -1.08 70.73 -82.22
C ASP S 275 0.03 70.84 -81.18
N ILE S 276 0.49 69.70 -80.64
CA ILE S 276 1.56 69.72 -79.65
C ILE S 276 2.93 69.79 -80.29
N PHE S 277 3.03 69.53 -81.59
CA PHE S 277 4.29 69.73 -82.30
C PHE S 277 4.41 71.12 -82.91
N THR S 278 3.29 71.73 -83.31
CA THR S 278 3.35 73.14 -83.71
C THR S 278 3.40 74.06 -82.50
N SER S 279 2.84 73.62 -81.37
CA SER S 279 2.90 74.40 -80.14
C SER S 279 4.19 74.14 -79.36
N CYS S 280 4.64 72.87 -79.31
CA CYS S 280 5.93 72.58 -78.73
C CYS S 280 7.06 73.08 -79.61
N LYS S 281 6.84 73.12 -80.92
CA LYS S 281 7.81 73.74 -81.82
C LYS S 281 7.79 75.27 -81.69
N ASP S 282 6.60 75.84 -81.48
CA ASP S 282 6.50 77.28 -81.30
C ASP S 282 7.12 77.74 -79.99
N VAL S 283 6.97 76.94 -78.93
CA VAL S 283 7.50 77.26 -77.61
C VAL S 283 8.85 76.56 -77.49
N VAL S 284 9.93 77.31 -77.64
CA VAL S 284 11.28 76.76 -77.54
C VAL S 284 11.61 76.44 -76.09
N MET S 292 15.01 70.25 -72.87
CA MET S 292 15.79 70.30 -74.11
C MET S 292 14.94 69.84 -75.29
N LEU S 293 15.61 69.29 -76.31
CA LEU S 293 14.95 68.81 -77.52
C LEU S 293 15.11 67.30 -77.69
N GLY S 294 16.33 66.78 -77.55
CA GLY S 294 16.54 65.36 -77.69
C GLY S 294 15.84 64.56 -76.60
N ARG S 295 15.66 65.14 -75.42
CA ARG S 295 14.98 64.44 -74.34
C ARG S 295 13.50 64.24 -74.65
N HIS S 296 12.82 65.32 -75.05
CA HIS S 296 11.41 65.18 -75.40
C HIS S 296 11.23 64.44 -76.71
N GLY S 297 12.29 64.33 -77.53
CA GLY S 297 12.25 63.37 -78.62
C GLY S 297 12.35 61.94 -78.11
N VAL S 298 13.11 61.73 -77.03
CA VAL S 298 13.27 60.39 -76.47
C VAL S 298 11.96 59.90 -75.87
N PHE S 299 11.46 60.60 -74.83
CA PHE S 299 10.20 60.14 -74.27
C PHE S 299 9.02 60.44 -75.18
N LEU S 300 9.17 61.34 -76.14
CA LEU S 300 8.18 61.47 -77.21
C LEU S 300 8.08 60.16 -77.99
N GLU S 301 9.22 59.58 -78.37
CA GLU S 301 9.21 58.31 -79.09
C GLU S 301 8.86 57.14 -78.18
N LEU S 302 9.02 57.30 -76.87
CA LEU S 302 8.65 56.23 -75.94
C LEU S 302 7.15 56.20 -75.72
N SER S 303 6.53 57.37 -75.54
CA SER S 303 5.11 57.41 -75.23
C SER S 303 4.24 57.08 -76.43
N GLU S 304 4.74 57.29 -77.64
CA GLU S 304 3.95 57.04 -78.84
C GLU S 304 3.93 55.55 -79.17
N ASP S 305 2.83 55.11 -79.77
CA ASP S 305 2.63 53.72 -80.12
C ASP S 305 3.02 53.48 -81.58
N VAL S 306 2.69 52.28 -82.09
CA VAL S 306 3.11 51.90 -83.43
C VAL S 306 2.35 52.65 -84.51
N GLU S 307 1.17 53.20 -84.20
CA GLU S 307 0.37 53.85 -85.23
C GLU S 307 0.82 55.28 -85.49
N GLU S 308 0.91 56.10 -84.43
CA GLU S 308 1.13 57.52 -84.59
C GLU S 308 2.59 57.89 -84.83
N TYR S 309 3.47 56.90 -84.92
CA TYR S 309 4.88 57.11 -85.25
C TYR S 309 5.06 57.02 -86.77
N GLU S 310 4.35 56.04 -87.34
CA GLU S 310 4.26 55.74 -88.78
C GLU S 310 3.44 56.88 -89.44
N ASP S 311 2.28 57.19 -88.82
CA ASP S 311 1.45 58.32 -89.21
C ASP S 311 2.13 59.64 -88.88
N LEU S 312 2.90 59.68 -87.80
CA LEU S 312 3.66 60.88 -87.47
C LEU S 312 4.77 61.13 -88.48
N THR S 313 5.47 60.08 -88.92
CA THR S 313 6.52 60.28 -89.91
C THR S 313 5.96 60.52 -91.30
N GLU S 314 4.71 60.12 -91.57
CA GLU S 314 4.12 60.43 -92.87
C GLU S 314 3.49 61.81 -92.90
N ILE S 315 3.01 62.32 -91.77
CA ILE S 315 2.52 63.70 -91.75
C ILE S 315 3.68 64.68 -91.63
N MET S 316 4.75 64.30 -90.93
CA MET S 316 5.94 65.14 -90.89
C MET S 316 6.72 65.07 -92.19
N SER S 317 6.68 63.92 -92.87
CA SER S 317 7.22 63.86 -94.22
C SER S 317 6.28 64.52 -95.24
N ASN S 318 5.02 64.74 -94.86
CA ASN S 318 4.11 65.52 -95.69
C ASN S 318 4.33 67.02 -95.50
N VAL S 319 4.74 67.44 -94.31
CA VAL S 319 4.98 68.86 -94.04
C VAL S 319 6.42 69.25 -94.32
N GLN S 320 7.37 68.40 -93.90
CA GLN S 320 8.81 68.60 -94.05
C GLN S 320 9.25 70.04 -93.74
N LEU S 321 8.64 70.65 -92.73
CA LEU S 321 8.98 72.03 -92.40
C LEU S 321 10.39 72.15 -91.83
N ASN S 322 10.80 71.21 -90.98
CA ASN S 322 12.12 71.25 -90.36
C ASN S 322 12.84 69.91 -90.37
N SER S 323 12.14 68.80 -90.57
CA SER S 323 12.69 67.44 -90.61
C SER S 323 13.32 67.01 -89.29
N ASN S 324 13.22 67.82 -88.24
CA ASN S 324 13.71 67.41 -86.93
C ASN S 324 12.71 66.51 -86.21
N PHE S 325 11.43 66.61 -86.53
CA PHE S 325 10.45 65.65 -86.05
C PHE S 325 10.45 64.38 -86.87
N LEU S 326 10.91 64.45 -88.13
CA LEU S 326 11.22 63.24 -88.88
C LEU S 326 12.44 62.54 -88.30
N ALA S 327 13.45 63.32 -87.92
CA ALA S 327 14.64 62.72 -87.29
C ALA S 327 14.31 62.12 -85.93
N LEU S 328 13.50 62.82 -85.13
CA LEU S 328 13.11 62.32 -83.82
C LEU S 328 12.02 61.27 -83.89
N ALA S 329 11.35 61.11 -85.04
CA ALA S 329 10.24 60.18 -85.17
C ALA S 329 10.68 58.72 -85.26
N ARG S 330 11.96 58.46 -85.43
CA ARG S 330 12.47 57.10 -85.60
C ARG S 330 13.33 56.70 -84.40
N GLU S 331 13.89 55.50 -84.47
CA GLU S 331 14.67 54.93 -83.38
C GLU S 331 16.09 55.48 -83.31
N LEU S 332 16.51 56.28 -84.28
CA LEU S 332 17.90 56.76 -84.32
C LEU S 332 18.16 57.78 -83.21
N ASP S 333 17.28 58.76 -83.08
CA ASP S 333 17.47 59.84 -82.12
C ASP S 333 16.98 59.50 -80.72
N ILE S 334 16.47 58.28 -80.51
CA ILE S 334 16.21 57.78 -79.16
C ILE S 334 17.33 56.89 -78.66
N MET S 335 18.29 56.54 -79.52
CA MET S 335 19.41 55.71 -79.15
C MET S 335 20.76 56.42 -79.26
N GLU S 336 20.87 57.42 -80.13
CA GLU S 336 22.12 58.16 -80.21
C GLU S 336 22.45 59.00 -78.96
N PRO S 337 21.49 59.49 -78.15
CA PRO S 337 21.90 60.14 -76.90
C PRO S 337 22.20 59.15 -75.79
N LYS S 338 21.49 58.01 -75.79
CA LYS S 338 21.57 57.09 -74.66
C LYS S 338 22.91 56.36 -74.62
N VAL S 339 23.29 55.74 -75.74
CA VAL S 339 24.46 54.85 -75.72
C VAL S 339 25.74 55.55 -75.28
N PRO S 340 26.14 56.69 -75.85
CA PRO S 340 27.38 57.33 -75.35
C PRO S 340 27.26 57.83 -73.92
N ASP S 341 26.12 58.43 -73.56
CA ASP S 341 25.94 58.89 -72.19
C ASP S 341 25.92 57.71 -71.20
N ASP S 342 25.49 56.53 -71.65
CA ASP S 342 25.49 55.37 -70.77
C ASP S 342 26.90 54.78 -70.64
N ILE S 343 27.66 54.75 -71.74
CA ILE S 343 29.02 54.22 -71.66
C ILE S 343 29.92 55.16 -70.89
N TYR S 344 29.63 56.46 -70.92
CA TYR S 344 30.51 57.45 -70.29
C TYR S 344 30.35 57.46 -68.78
N LYS S 345 29.12 57.70 -68.29
CA LYS S 345 28.92 57.90 -66.85
C LYS S 345 28.80 56.60 -66.08
N THR S 346 28.53 55.48 -66.74
CA THR S 346 28.41 54.19 -66.07
C THR S 346 29.54 53.27 -66.51
N HIS S 347 30.01 52.44 -65.58
CA HIS S 347 31.11 51.51 -65.84
C HIS S 347 30.74 50.16 -65.23
N LEU S 348 30.30 49.24 -66.07
CA LEU S 348 29.91 47.91 -65.60
C LEU S 348 31.14 47.05 -65.37
N GLU S 349 31.08 46.21 -64.34
CA GLU S 349 32.19 45.34 -63.99
C GLU S 349 32.29 44.17 -64.94
N ASN S 350 33.51 43.68 -65.15
CA ASN S 350 33.76 42.55 -66.03
C ASN S 350 33.76 41.21 -65.30
N ASN S 351 33.54 41.21 -63.98
CA ASN S 351 33.50 39.98 -63.22
C ASN S 351 32.22 39.18 -63.44
N ARG S 352 31.25 39.74 -64.15
CA ARG S 352 30.02 39.03 -64.49
C ARG S 352 30.02 38.47 -65.89
N PHE S 353 30.81 39.05 -66.81
CA PHE S 353 31.08 38.42 -68.09
C PHE S 353 32.20 37.40 -68.00
N GLY S 354 33.18 37.64 -67.12
CA GLY S 354 34.22 36.67 -66.87
C GLY S 354 33.77 35.60 -65.91
N GLY S 355 33.06 35.99 -64.85
CA GLY S 355 32.50 35.03 -63.93
C GLY S 355 31.32 34.32 -64.54
N SER S 356 30.25 35.08 -64.80
CA SER S 356 29.06 34.50 -65.44
C SER S 356 29.37 33.98 -66.84
N GLY S 357 30.49 34.40 -67.43
CA GLY S 357 31.00 33.82 -68.65
C GLY S 357 32.04 32.74 -68.42
N SER S 358 32.29 32.37 -67.16
CA SER S 358 33.27 31.36 -66.83
C SER S 358 32.69 30.11 -66.17
N GLN S 359 31.62 30.25 -65.38
CA GLN S 359 30.99 29.08 -64.76
C GLN S 359 30.01 28.36 -65.69
N VAL S 360 30.16 28.53 -67.01
CA VAL S 360 29.21 27.97 -67.97
C VAL S 360 29.77 26.68 -68.54
N ASP S 361 28.87 25.75 -68.83
CA ASP S 361 29.21 24.44 -69.40
C ASP S 361 27.91 23.78 -69.85
N SER S 362 28.00 22.52 -70.28
CA SER S 362 26.85 21.68 -70.63
C SER S 362 26.05 22.24 -71.80
N ALA S 363 26.63 23.16 -72.57
CA ALA S 363 26.04 23.72 -73.79
C ALA S 363 24.72 24.44 -73.54
N ARG S 364 24.34 24.65 -72.29
CA ARG S 364 23.15 25.43 -71.95
C ARG S 364 23.48 26.65 -71.10
N MET S 365 24.27 26.46 -70.05
CA MET S 365 24.80 27.61 -69.33
C MET S 365 25.60 28.52 -70.25
N ASN S 366 26.22 27.94 -71.29
CA ASN S 366 26.87 28.74 -72.32
C ASN S 366 25.85 29.58 -73.09
N LEU S 367 24.64 29.05 -73.28
CA LEU S 367 23.57 29.85 -73.87
C LEU S 367 23.18 30.99 -72.94
N ALA S 368 23.09 30.70 -71.64
CA ALA S 368 22.90 31.77 -70.66
C ALA S 368 24.04 32.78 -70.71
N SER S 369 25.23 32.36 -71.13
CA SER S 369 26.33 33.29 -71.33
C SER S 369 26.23 34.04 -72.65
N SER S 370 25.47 33.50 -73.61
CA SER S 370 25.13 34.27 -74.81
C SER S 370 24.05 35.30 -74.54
N PHE S 371 23.19 35.05 -73.55
CA PHE S 371 22.17 36.03 -73.18
C PHE S 371 22.76 37.11 -72.29
N VAL S 372 23.43 36.71 -71.20
CA VAL S 372 24.22 37.65 -70.40
C VAL S 372 25.19 38.41 -71.31
N ASN S 373 25.75 37.72 -72.30
CA ASN S 373 26.53 38.41 -73.32
C ASN S 373 25.69 39.41 -74.10
N GLY S 374 24.43 39.07 -74.35
CA GLY S 374 23.51 40.00 -74.99
C GLY S 374 23.04 41.14 -74.10
N PHE S 375 23.41 41.14 -72.83
CA PHE S 375 23.01 42.21 -71.93
C PHE S 375 23.71 43.53 -72.23
N VAL S 376 24.87 43.50 -72.90
CA VAL S 376 25.68 44.70 -73.08
C VAL S 376 24.94 45.76 -73.90
N ASN S 377 23.98 45.36 -74.73
CA ASN S 377 23.21 46.31 -75.53
C ASN S 377 21.76 45.86 -75.65
N GLN S 382 29.04 48.77 -72.74
CA GLN S 382 30.29 49.40 -72.37
C GLN S 382 31.47 48.50 -72.71
N ASP S 383 31.61 47.40 -71.96
CA ASP S 383 32.69 46.45 -72.17
C ASP S 383 32.26 45.43 -73.21
N LYS S 384 33.00 45.35 -74.31
CA LYS S 384 32.71 44.44 -75.42
C LYS S 384 33.82 43.41 -75.59
N LEU S 385 34.30 42.86 -74.47
CA LEU S 385 35.34 41.85 -74.53
C LEU S 385 34.75 40.46 -74.76
N LEU S 386 33.75 40.07 -73.96
CA LEU S 386 33.11 38.78 -74.12
C LEU S 386 32.43 38.67 -75.49
N THR S 387 32.01 39.79 -76.05
CA THR S 387 31.46 39.78 -77.40
C THR S 387 32.53 39.43 -78.43
N ASP S 388 33.69 40.08 -78.35
CA ASP S 388 34.77 39.89 -79.31
C ASP S 388 35.84 38.91 -78.82
N ASP S 389 35.48 37.95 -77.97
CA ASP S 389 36.42 36.93 -77.51
C ASP S 389 36.59 35.88 -78.60
N GLY S 390 37.37 36.23 -79.62
CA GLY S 390 37.75 35.36 -80.72
C GLY S 390 36.56 34.79 -81.46
N ASN S 391 36.77 33.62 -82.07
CA ASN S 391 35.74 32.96 -82.85
C ASN S 391 35.58 31.52 -82.39
N LYS S 392 34.85 30.70 -83.17
CA LYS S 392 34.56 29.29 -82.93
C LYS S 392 33.63 29.08 -81.74
N TRP S 393 33.24 30.15 -81.04
CA TRP S 393 32.31 30.00 -79.92
C TRP S 393 30.92 29.63 -80.41
N LEU S 394 30.52 30.15 -81.58
CA LEU S 394 29.26 29.73 -82.18
C LEU S 394 29.40 28.40 -82.91
N TYR S 395 30.60 28.08 -83.39
CA TYR S 395 30.82 26.80 -84.05
C TYR S 395 30.73 25.64 -83.06
N LYS S 396 31.27 25.83 -81.86
CA LYS S 396 31.13 24.81 -80.81
C LYS S 396 29.70 24.68 -80.34
N ASN S 397 28.87 25.70 -80.56
CA ASN S 397 27.50 25.71 -80.07
C ASN S 397 26.59 24.94 -81.03
N LYS S 398 25.53 24.36 -80.46
CA LYS S 398 24.59 23.56 -81.24
C LYS S 398 23.54 24.47 -81.88
N ASP S 399 22.66 23.87 -82.68
CA ASP S 399 21.56 24.62 -83.30
C ASP S 399 20.80 25.46 -82.28
N HIS S 400 20.34 24.81 -81.21
CA HIS S 400 19.72 25.51 -80.09
C HIS S 400 20.84 26.21 -79.34
N GLY S 401 21.23 27.37 -79.88
CA GLY S 401 22.43 28.06 -79.46
C GLY S 401 23.16 28.63 -80.66
N MET S 402 22.92 28.02 -81.82
CA MET S 402 23.31 28.65 -83.08
C MET S 402 22.32 29.73 -83.46
N LEU S 403 21.03 29.50 -83.20
CA LEU S 403 20.04 30.55 -83.40
C LEU S 403 20.12 31.60 -82.31
N SER S 404 20.23 31.17 -81.05
CA SER S 404 20.31 32.13 -79.94
C SER S 404 21.63 32.89 -79.97
N ALA S 405 22.74 32.18 -80.17
CA ALA S 405 24.03 32.86 -80.28
C ALA S 405 24.12 33.66 -81.58
N ALA S 406 23.39 33.25 -82.62
CA ALA S 406 23.31 34.06 -83.82
C ALA S 406 22.56 35.35 -83.59
N ALA S 407 21.54 35.33 -82.72
CA ALA S 407 20.83 36.55 -82.34
C ALA S 407 21.55 37.33 -81.25
N SER S 408 22.59 36.75 -80.63
CA SER S 408 23.36 37.48 -79.64
C SER S 408 24.07 38.67 -80.27
N LEU S 409 24.59 38.50 -81.48
CA LEU S 409 25.18 39.62 -82.20
C LEU S 409 24.16 40.70 -82.51
N GLY S 410 22.87 40.34 -82.63
CA GLY S 410 21.84 41.34 -82.76
C GLY S 410 21.50 42.02 -81.45
N MET S 411 21.59 41.29 -80.33
CA MET S 411 21.34 41.89 -79.04
C MET S 411 22.46 42.83 -78.62
N ILE S 412 23.70 42.55 -79.03
CA ILE S 412 24.84 43.37 -78.63
C ILE S 412 25.09 44.53 -79.57
N LEU S 413 24.32 44.66 -80.65
CA LEU S 413 24.53 45.71 -81.64
C LEU S 413 23.25 46.51 -81.87
N LEU S 414 22.57 46.87 -80.78
CA LEU S 414 21.36 47.68 -80.91
C LEU S 414 21.67 49.06 -81.49
N TRP S 415 22.86 49.58 -81.21
CA TRP S 415 23.36 50.79 -81.84
C TRP S 415 24.40 50.39 -82.89
N ASP S 416 25.10 51.39 -83.44
CA ASP S 416 26.10 51.20 -84.50
C ASP S 416 25.44 50.57 -85.73
N VAL S 417 24.51 51.33 -86.31
CA VAL S 417 23.76 50.87 -87.48
C VAL S 417 24.70 50.58 -88.63
N ASP S 418 25.59 51.53 -88.94
CA ASP S 418 26.54 51.33 -90.04
C ASP S 418 27.50 50.19 -89.75
N GLY S 419 27.86 49.99 -88.48
CA GLY S 419 28.73 48.88 -88.12
C GLY S 419 28.05 47.53 -88.10
N GLY S 420 26.72 47.51 -88.02
CA GLY S 420 26.02 46.23 -88.02
C GLY S 420 26.18 45.47 -89.32
N LEU S 421 26.24 46.19 -90.44
CA LEU S 421 26.42 45.53 -91.72
C LEU S 421 27.80 44.88 -91.82
N THR S 422 28.84 45.57 -91.35
CA THR S 422 30.19 45.04 -91.41
C THR S 422 30.52 44.09 -90.27
N GLN S 423 29.63 43.97 -89.28
CA GLN S 423 29.81 42.96 -88.23
C GLN S 423 29.03 41.69 -88.51
N ILE S 424 27.84 41.82 -89.10
CA ILE S 424 27.03 40.64 -89.44
C ILE S 424 27.37 40.09 -90.83
N ASP S 425 28.00 40.89 -91.69
CA ASP S 425 28.28 40.43 -93.05
C ASP S 425 29.21 39.22 -93.07
N LYS S 426 30.03 39.05 -92.03
CA LYS S 426 30.93 37.90 -91.98
C LYS S 426 30.17 36.59 -91.81
N TYR S 427 28.97 36.64 -91.24
CA TYR S 427 28.14 35.45 -91.06
C TYR S 427 27.02 35.35 -92.08
N LEU S 428 26.86 36.36 -92.93
CA LEU S 428 25.84 36.30 -93.97
C LEU S 428 26.27 35.36 -95.09
N TYR S 429 25.27 34.82 -95.79
CA TYR S 429 25.45 33.84 -96.88
C TYR S 429 26.54 32.82 -96.54
N SER S 430 26.42 32.24 -95.34
CA SER S 430 27.36 31.24 -94.86
C SER S 430 26.93 29.86 -95.37
N SER S 431 27.56 28.81 -94.85
CA SER S 431 27.21 27.45 -95.23
C SER S 431 26.03 26.90 -94.43
N GLU S 432 26.01 27.14 -93.12
CA GLU S 432 24.90 26.71 -92.29
C GLU S 432 23.73 27.66 -92.45
N ASP S 433 22.55 27.10 -92.72
CA ASP S 433 21.37 27.92 -92.92
C ASP S 433 20.95 28.66 -91.66
N TYR S 434 21.23 28.08 -90.49
CA TYR S 434 20.84 28.71 -89.24
C TYR S 434 21.74 29.88 -88.86
N ILE S 435 22.99 29.89 -89.32
CA ILE S 435 23.88 31.01 -89.03
C ILE S 435 23.41 32.26 -89.77
N LYS S 436 23.06 32.11 -91.05
CA LYS S 436 22.58 33.27 -91.81
C LYS S 436 21.12 33.59 -91.51
N SER S 437 20.34 32.60 -91.07
CA SER S 437 18.97 32.88 -90.66
C SER S 437 18.94 33.67 -89.36
N GLY S 438 19.72 33.24 -88.36
CA GLY S 438 19.90 34.05 -87.17
C GLY S 438 20.66 35.33 -87.41
N ALA S 439 21.44 35.39 -88.49
CA ALA S 439 22.10 36.64 -88.86
C ALA S 439 21.08 37.64 -89.42
N LEU S 440 20.11 37.16 -90.20
CA LEU S 440 19.03 38.03 -90.62
C LEU S 440 18.13 38.39 -89.45
N LEU S 441 17.97 37.49 -88.49
CA LEU S 441 17.31 37.84 -87.24
C LEU S 441 18.03 38.99 -86.55
N ALA S 442 19.36 38.92 -86.51
CA ALA S 442 20.15 40.02 -85.95
C ALA S 442 19.93 41.30 -86.73
N CYS S 443 19.91 41.21 -88.07
CA CYS S 443 19.69 42.40 -88.89
C CYS S 443 18.30 42.98 -88.66
N GLY S 444 17.34 42.15 -88.25
CA GLY S 444 16.02 42.67 -87.93
C GLY S 444 15.91 43.23 -86.53
N ILE S 445 16.73 42.74 -85.60
CA ILE S 445 16.69 43.24 -84.23
C ILE S 445 17.46 44.55 -84.10
N VAL S 446 18.60 44.67 -84.78
CA VAL S 446 19.48 45.82 -84.58
C VAL S 446 18.82 47.12 -85.04
N ASN S 447 17.84 47.03 -85.95
CA ASN S 447 17.25 48.22 -86.54
C ASN S 447 15.74 48.06 -86.63
N SER S 448 15.04 49.18 -86.58
CA SER S 448 13.59 49.20 -86.72
C SER S 448 13.08 50.31 -87.60
N GLY S 449 13.94 51.20 -88.09
CA GLY S 449 13.52 52.29 -88.94
C GLY S 449 14.41 52.48 -90.16
N VAL S 450 15.39 51.59 -90.32
CA VAL S 450 16.31 51.70 -91.45
C VAL S 450 15.70 51.09 -92.71
N ARG S 451 14.95 49.98 -92.55
CA ARG S 451 14.18 49.33 -93.60
C ARG S 451 15.00 48.99 -94.83
N ASN S 452 16.33 49.01 -94.71
CA ASN S 452 17.23 48.67 -95.81
C ASN S 452 18.07 47.44 -95.52
N GLU S 453 17.64 46.60 -94.57
CA GLU S 453 18.39 45.41 -94.18
C GLU S 453 17.69 44.10 -94.52
N CYS S 454 16.41 44.14 -94.90
CA CYS S 454 15.62 42.92 -95.12
C CYS S 454 15.29 42.72 -96.60
N ASP S 455 16.25 43.00 -97.47
CA ASP S 455 16.05 42.82 -98.91
C ASP S 455 16.26 41.36 -99.37
N PRO S 456 17.37 40.70 -99.02
CA PRO S 456 17.58 39.35 -99.58
C PRO S 456 16.60 38.32 -99.04
N ALA S 457 16.25 38.41 -97.76
CA ALA S 457 15.30 37.47 -97.17
C ALA S 457 13.91 37.65 -97.77
N LEU S 458 13.46 38.91 -97.88
CA LEU S 458 12.15 39.18 -98.47
C LEU S 458 12.12 38.89 -99.96
N ALA S 459 13.29 38.86 -100.62
CA ALA S 459 13.33 38.67 -102.06
C ALA S 459 12.88 37.28 -102.50
N LEU S 460 13.60 36.24 -102.08
CA LEU S 460 13.34 34.89 -102.57
C LEU S 460 11.98 34.36 -102.12
N LEU S 461 11.84 34.07 -100.83
CA LEU S 461 10.61 33.62 -100.19
C LEU S 461 10.01 32.37 -100.83
N SER S 462 10.72 31.71 -101.73
CA SER S 462 10.15 30.63 -102.55
C SER S 462 10.84 29.30 -102.24
N ASP S 463 10.34 28.60 -101.23
CA ASP S 463 10.74 27.22 -100.95
C ASP S 463 9.55 26.27 -100.97
N TYR S 464 8.51 26.61 -100.21
CA TYR S 464 7.26 25.85 -100.08
C TYR S 464 7.45 24.53 -99.34
N VAL S 465 8.69 24.14 -99.05
CA VAL S 465 8.91 23.12 -98.03
C VAL S 465 9.96 23.59 -97.02
N LEU S 466 11.22 23.68 -97.45
CA LEU S 466 12.29 24.20 -96.62
C LEU S 466 13.54 24.54 -97.44
N HIS S 467 13.82 25.83 -97.66
CA HIS S 467 15.19 26.15 -98.11
C HIS S 467 15.59 27.51 -97.52
N ASN S 468 16.11 27.46 -96.28
CA ASN S 468 16.82 28.57 -95.65
C ASN S 468 15.92 29.80 -95.41
N SER S 469 14.70 29.78 -95.93
CA SER S 469 13.79 30.90 -95.82
C SER S 469 12.59 30.59 -94.93
N ASN S 470 12.51 29.38 -94.39
CA ASN S 470 11.59 29.15 -93.28
C ASN S 470 12.26 29.51 -91.96
N THR S 471 13.55 29.21 -91.82
CA THR S 471 14.32 29.72 -90.69
C THR S 471 14.67 31.19 -90.91
N MET S 472 15.12 31.55 -92.11
CA MET S 472 15.25 32.96 -92.46
C MET S 472 13.91 33.66 -92.43
N ARG S 473 12.81 32.91 -92.54
CA ARG S 473 11.48 33.47 -92.34
C ARG S 473 11.17 33.68 -90.87
N LEU S 474 11.67 32.78 -90.01
CA LEU S 474 11.58 33.00 -88.56
C LEU S 474 12.31 34.28 -88.18
N GLY S 475 13.60 34.37 -88.51
CA GLY S 475 14.39 35.51 -88.08
C GLY S 475 14.00 36.80 -88.78
N SER S 476 13.71 36.73 -90.08
CA SER S 476 13.43 37.94 -90.85
C SER S 476 12.00 38.41 -90.68
N ILE S 477 11.05 37.48 -90.54
CA ILE S 477 9.66 37.88 -90.31
C ILE S 477 9.45 38.29 -88.86
N PHE S 478 10.13 37.62 -87.92
CA PHE S 478 10.03 38.03 -86.53
C PHE S 478 10.74 39.35 -86.29
N GLY S 479 11.99 39.46 -86.73
CA GLY S 479 12.72 40.71 -86.58
C GLY S 479 12.13 41.84 -87.39
N LEU S 480 11.50 41.52 -88.53
CA LEU S 480 10.82 42.53 -89.32
C LEU S 480 9.52 42.97 -88.66
N GLY S 481 8.83 42.04 -87.98
CA GLY S 481 7.69 42.44 -87.17
C GLY S 481 8.10 43.30 -85.99
N LEU S 482 9.27 43.03 -85.42
CA LEU S 482 9.81 43.91 -84.39
C LEU S 482 10.20 45.27 -84.97
N ALA S 483 10.61 45.27 -86.23
CA ALA S 483 11.05 46.47 -86.94
C ALA S 483 10.09 46.95 -88.02
N TYR S 484 8.85 46.47 -87.93
CA TYR S 484 7.80 46.83 -88.89
C TYR S 484 7.47 48.32 -88.82
N ASN S 488 4.35 49.99 -91.20
CA ASN S 488 3.24 49.06 -91.08
C ASN S 488 2.53 48.89 -92.42
N ARG S 489 3.29 48.73 -93.50
CA ARG S 489 2.70 48.63 -94.81
C ARG S 489 2.04 47.31 -95.17
N GLU S 490 1.09 47.41 -96.09
CA GLU S 490 0.38 46.25 -96.59
C GLU S 490 1.39 45.37 -97.31
N ASP S 491 2.35 45.98 -98.01
CA ASP S 491 3.32 45.17 -98.74
C ASP S 491 4.37 44.58 -97.81
N VAL S 492 3.89 44.02 -96.70
CA VAL S 492 4.65 43.04 -95.93
C VAL S 492 3.69 41.87 -95.67
N LEU S 493 2.39 42.17 -95.71
CA LEU S 493 1.36 41.17 -95.51
C LEU S 493 0.93 40.53 -96.83
N THR S 494 0.99 41.29 -97.92
CA THR S 494 0.83 40.67 -99.24
C THR S 494 1.90 39.62 -99.47
N LEU S 495 3.07 39.77 -98.85
CA LEU S 495 4.11 38.75 -98.86
C LEU S 495 3.94 37.76 -97.72
N LEU S 496 3.29 38.16 -96.63
CA LEU S 496 3.00 37.23 -95.53
C LEU S 496 1.82 36.30 -95.84
N LEU S 497 1.12 36.51 -96.95
CA LEU S 497 0.00 35.64 -97.28
C LEU S 497 0.47 34.23 -97.62
N PRO S 498 1.52 34.04 -98.44
CA PRO S 498 2.07 32.69 -98.59
C PRO S 498 2.84 32.20 -97.38
N VAL S 499 3.17 33.09 -96.45
CA VAL S 499 3.86 32.69 -95.23
C VAL S 499 2.91 31.91 -94.32
N MET S 500 1.76 32.51 -94.01
CA MET S 500 0.74 31.79 -93.25
C MET S 500 0.11 30.69 -94.08
N GLY S 501 -0.08 30.93 -95.38
CA GLY S 501 -0.61 29.91 -96.26
C GLY S 501 0.32 28.75 -96.53
N ASP S 502 1.59 28.84 -96.10
CA ASP S 502 2.52 27.74 -96.30
C ASP S 502 2.15 26.54 -95.43
N SER S 503 1.79 26.79 -94.17
CA SER S 503 1.38 25.74 -93.23
C SER S 503 2.49 24.72 -93.04
N LYS S 504 3.69 25.20 -92.70
CA LYS S 504 4.82 24.33 -92.44
C LYS S 504 4.64 23.64 -91.09
N SER S 505 5.23 22.45 -90.98
CA SER S 505 5.18 21.70 -89.73
C SER S 505 5.92 22.40 -88.60
N SER S 506 6.83 23.31 -88.92
CA SER S 506 7.54 24.06 -87.89
C SER S 506 6.58 25.02 -87.20
N MET S 507 6.56 24.97 -85.87
CA MET S 507 5.62 25.79 -85.10
C MET S 507 5.94 27.27 -85.21
N GLU S 508 7.21 27.63 -85.12
CA GLU S 508 7.59 29.04 -85.05
C GLU S 508 7.40 29.77 -86.37
N VAL S 509 7.02 29.08 -87.44
CA VAL S 509 6.67 29.78 -88.68
C VAL S 509 5.38 30.57 -88.48
N ALA S 510 4.28 29.85 -88.18
CA ALA S 510 3.04 30.53 -87.82
C ALA S 510 3.17 31.26 -86.49
N GLY S 511 4.12 30.87 -85.65
CA GLY S 511 4.40 31.60 -84.43
C GLY S 511 4.85 33.02 -84.70
N VAL S 512 5.98 33.18 -85.39
CA VAL S 512 6.48 34.51 -85.72
C VAL S 512 5.64 35.20 -86.78
N THR S 513 4.79 34.45 -87.49
CA THR S 513 3.87 35.08 -88.43
C THR S 513 2.73 35.77 -87.69
N ALA S 514 2.03 35.01 -86.82
CA ALA S 514 0.95 35.59 -86.04
C ALA S 514 1.46 36.66 -85.09
N LEU S 515 2.66 36.47 -84.52
CA LEU S 515 3.24 37.51 -83.68
C LEU S 515 3.70 38.70 -84.51
N ALA S 516 4.12 38.46 -85.76
CA ALA S 516 4.57 39.55 -86.62
C ALA S 516 3.40 40.45 -87.01
N CYS S 517 2.40 39.87 -87.69
CA CYS S 517 1.23 40.66 -88.09
C CYS S 517 0.45 41.14 -86.87
N GLY S 518 0.50 40.39 -85.77
CA GLY S 518 -0.16 40.84 -84.55
C GLY S 518 0.49 42.09 -83.97
N MET S 519 1.82 42.08 -83.87
CA MET S 519 2.52 43.28 -83.40
C MET S 519 2.48 44.40 -84.43
N ILE S 520 2.17 44.08 -85.69
CA ILE S 520 1.94 45.14 -86.68
C ILE S 520 0.56 45.77 -86.46
N ALA S 521 -0.42 44.97 -86.00
CA ALA S 521 -1.80 45.43 -85.88
C ALA S 521 -2.17 45.85 -84.46
N VAL S 522 -1.19 46.05 -83.58
CA VAL S 522 -1.50 46.51 -82.23
C VAL S 522 -1.92 47.98 -82.26
N GLY S 523 -2.91 48.32 -81.45
CA GLY S 523 -3.37 49.70 -81.38
C GLY S 523 -3.97 50.24 -82.66
N SER S 524 -4.59 49.37 -83.45
CA SER S 524 -5.14 49.79 -84.73
C SER S 524 -6.43 50.58 -84.53
N CYS S 525 -7.08 50.93 -85.64
CA CYS S 525 -8.31 51.72 -85.62
C CYS S 525 -9.49 50.82 -85.21
N ASN S 526 -9.52 50.50 -83.91
CA ASN S 526 -10.54 49.71 -83.24
C ASN S 526 -10.49 48.24 -83.64
N GLY S 527 -9.48 47.81 -84.40
CA GLY S 527 -9.36 46.40 -84.74
C GLY S 527 -10.05 46.03 -86.03
N ASP S 528 -9.31 45.43 -86.97
CA ASP S 528 -9.86 44.96 -88.22
C ASP S 528 -10.18 43.47 -88.14
N VAL S 529 -11.28 43.07 -88.77
CA VAL S 529 -11.71 41.68 -88.77
C VAL S 529 -11.59 41.15 -90.20
N THR S 530 -10.61 41.67 -90.94
CA THR S 530 -10.45 41.37 -92.35
C THR S 530 -9.87 39.96 -92.53
N SER S 531 -9.56 39.62 -93.77
CA SER S 531 -9.04 38.30 -94.15
C SER S 531 -7.66 38.01 -93.57
N THR S 532 -7.06 38.92 -92.81
CA THR S 532 -5.82 38.60 -92.12
C THR S 532 -6.08 37.70 -90.93
N ILE S 533 -6.85 38.19 -89.95
CA ILE S 533 -7.20 37.33 -88.82
C ILE S 533 -8.26 36.32 -89.22
N LEU S 534 -9.09 36.65 -90.22
CA LEU S 534 -10.00 35.65 -90.75
C LEU S 534 -9.24 34.52 -91.44
N GLN S 535 -8.15 34.88 -92.14
CA GLN S 535 -7.33 33.87 -92.80
C GLN S 535 -6.57 33.02 -91.79
N THR S 536 -6.03 33.64 -90.73
CA THR S 536 -5.34 32.85 -89.72
C THR S 536 -6.29 32.08 -88.82
N ILE S 537 -7.58 32.43 -88.81
CA ILE S 537 -8.56 31.63 -88.09
C ILE S 537 -9.01 30.44 -88.93
N MET S 538 -9.26 30.67 -90.23
CA MET S 538 -9.62 29.56 -91.11
C MET S 538 -8.48 28.56 -91.24
N GLU S 539 -7.27 29.05 -91.47
CA GLU S 539 -6.10 28.18 -91.50
C GLU S 539 -5.66 27.74 -90.11
N LYS S 540 -6.17 28.39 -89.06
CA LYS S 540 -5.99 27.87 -87.71
C LYS S 540 -6.82 26.62 -87.50
N SER S 541 -8.10 26.67 -87.92
CA SER S 541 -8.97 25.50 -87.87
C SER S 541 -8.83 24.60 -89.10
N GLU S 542 -7.80 24.82 -89.92
CA GLU S 542 -7.56 23.96 -91.07
C GLU S 542 -7.30 22.53 -90.63
N THR S 543 -6.29 22.32 -89.78
CA THR S 543 -5.96 21.00 -89.28
C THR S 543 -5.84 21.05 -87.77
N GLU S 544 -6.37 20.04 -87.10
CA GLU S 544 -6.35 19.96 -85.64
C GLU S 544 -5.17 19.11 -85.15
N LEU S 545 -3.98 19.51 -85.57
CA LEU S 545 -2.75 18.85 -85.17
C LEU S 545 -1.76 19.90 -84.67
N LYS S 546 -0.91 19.49 -83.72
CA LYS S 546 0.10 20.36 -83.13
C LYS S 546 -0.55 21.61 -82.52
N ASP S 547 -1.26 21.37 -81.41
CA ASP S 547 -2.10 22.39 -80.78
C ASP S 547 -1.30 23.59 -80.30
N THR S 548 0.03 23.54 -80.40
CA THR S 548 0.83 24.73 -80.14
C THR S 548 0.49 25.84 -81.12
N TYR S 549 0.08 25.49 -82.34
CA TYR S 549 -0.50 26.48 -83.24
C TYR S 549 -1.71 27.15 -82.61
N ALA S 550 -2.60 26.35 -82.02
CA ALA S 550 -3.73 26.90 -81.28
C ALA S 550 -3.30 27.59 -80.00
N ARG S 551 -2.03 27.48 -79.61
CA ARG S 551 -1.54 28.18 -78.42
C ARG S 551 -0.87 29.51 -78.76
N TRP S 552 -0.30 29.66 -79.95
CA TRP S 552 0.39 30.91 -80.32
C TRP S 552 -0.28 31.69 -81.44
N LEU S 553 -1.32 31.17 -82.07
CA LEU S 553 -2.09 31.95 -83.03
C LEU S 553 -3.05 32.90 -82.29
N PRO S 554 -3.72 32.47 -81.22
CA PRO S 554 -4.46 33.43 -80.39
C PRO S 554 -3.58 34.49 -79.76
N LEU S 555 -2.25 34.29 -79.73
CA LEU S 555 -1.35 35.37 -79.34
C LEU S 555 -1.47 36.56 -80.28
N GLY S 556 -1.29 36.31 -81.58
CA GLY S 556 -1.45 37.39 -82.56
C GLY S 556 -2.88 37.84 -82.71
N LEU S 557 -3.84 36.92 -82.59
CA LEU S 557 -5.25 37.30 -82.59
C LEU S 557 -5.54 38.31 -81.49
N GLY S 558 -5.05 38.03 -80.28
CA GLY S 558 -5.21 38.97 -79.18
C GLY S 558 -4.40 40.25 -79.39
N LEU S 559 -3.26 40.15 -80.06
CA LEU S 559 -2.49 41.35 -80.40
C LEU S 559 -3.27 42.26 -81.33
N ASN S 560 -4.13 41.68 -82.18
CA ASN S 560 -5.00 42.51 -83.00
C ASN S 560 -6.23 42.98 -82.23
N HIS S 561 -6.73 42.16 -81.29
CA HIS S 561 -7.83 42.59 -80.45
C HIS S 561 -7.39 43.55 -79.35
N LEU S 562 -6.10 43.63 -79.07
CA LEU S 562 -5.60 44.51 -78.01
C LEU S 562 -5.82 45.97 -78.40
N GLY S 563 -5.96 46.81 -77.37
CA GLY S 563 -6.15 48.24 -77.55
C GLY S 563 -7.54 48.74 -77.22
N LYS S 564 -8.49 47.85 -76.97
CA LYS S 564 -9.85 48.26 -76.65
C LYS S 564 -10.54 47.15 -75.88
N GLY S 565 -11.46 47.54 -75.00
CA GLY S 565 -12.18 46.59 -74.19
C GLY S 565 -13.66 46.49 -74.51
N GLU S 566 -14.28 47.61 -74.89
CA GLU S 566 -15.71 47.66 -75.10
C GLU S 566 -16.15 47.04 -76.42
N ALA S 567 -15.22 46.78 -77.33
CA ALA S 567 -15.56 46.25 -78.64
C ALA S 567 -16.27 44.90 -78.52
N ILE S 568 -17.15 44.64 -79.49
CA ILE S 568 -17.95 43.42 -79.51
C ILE S 568 -17.23 42.38 -80.36
N GLU S 569 -16.00 42.70 -80.78
CA GLU S 569 -15.23 41.77 -81.60
C GLU S 569 -14.91 40.49 -80.85
N ALA S 570 -14.75 40.57 -79.53
CA ALA S 570 -14.59 39.35 -78.74
C ALA S 570 -15.83 38.48 -78.81
N ILE S 571 -17.01 39.09 -78.88
CA ILE S 571 -18.24 38.33 -79.05
C ILE S 571 -18.38 37.82 -80.49
N LEU S 572 -17.77 38.51 -81.46
CA LEU S 572 -17.71 37.97 -82.82
C LEU S 572 -16.83 36.72 -82.86
N ALA S 573 -15.72 36.73 -82.11
CA ALA S 573 -14.94 35.51 -81.93
C ALA S 573 -15.74 34.47 -81.17
N ALA S 574 -16.61 34.89 -80.26
CA ALA S 574 -17.54 33.96 -79.62
C ALA S 574 -18.60 33.45 -80.58
N LEU S 575 -18.75 34.10 -81.74
CA LEU S 575 -19.68 33.61 -82.75
C LEU S 575 -19.01 32.62 -83.70
N GLU S 576 -17.94 33.04 -84.36
CA GLU S 576 -17.33 32.27 -85.42
C GLU S 576 -16.15 31.42 -84.95
N VAL S 577 -15.84 31.42 -83.65
CA VAL S 577 -14.67 30.74 -83.13
C VAL S 577 -15.03 29.58 -82.21
N VAL S 578 -16.13 29.70 -81.46
CA VAL S 578 -16.46 28.71 -80.43
C VAL S 578 -16.54 27.31 -81.03
N SER S 579 -15.81 26.38 -80.43
CA SER S 579 -15.74 24.99 -80.85
C SER S 579 -15.23 24.19 -79.65
N GLU S 580 -14.70 22.99 -79.93
CA GLU S 580 -13.97 22.17 -78.96
C GLU S 580 -13.00 23.04 -78.15
N PRO S 581 -12.66 22.66 -76.91
CA PRO S 581 -11.97 23.60 -76.00
C PRO S 581 -10.64 24.14 -76.50
N PHE S 582 -10.18 23.70 -77.67
CA PHE S 582 -9.00 24.30 -78.29
C PHE S 582 -9.29 25.74 -78.72
N ARG S 583 -10.26 25.91 -79.62
CA ARG S 583 -10.65 27.25 -80.04
C ARG S 583 -11.51 27.95 -78.99
N SER S 584 -11.98 27.24 -77.96
CA SER S 584 -12.52 27.93 -76.80
C SER S 584 -11.40 28.50 -75.94
N PHE S 585 -10.24 27.86 -75.94
CA PHE S 585 -9.05 28.47 -75.35
C PHE S 585 -8.56 29.64 -76.20
N ALA S 586 -8.72 29.54 -77.52
CA ALA S 586 -8.49 30.71 -78.37
C ALA S 586 -9.45 31.84 -78.00
N ASN S 587 -10.72 31.51 -77.80
CA ASN S 587 -11.72 32.52 -77.44
C ASN S 587 -11.41 33.13 -76.08
N THR S 588 -10.89 32.35 -75.13
CA THR S 588 -10.53 32.90 -73.85
C THR S 588 -9.23 33.70 -73.89
N LEU S 589 -8.37 33.44 -74.89
CA LEU S 589 -7.23 34.32 -75.11
C LEU S 589 -7.68 35.66 -75.70
N VAL S 590 -8.63 35.62 -76.63
CA VAL S 590 -9.25 36.86 -77.10
C VAL S 590 -9.92 37.57 -75.93
N ASP S 591 -10.46 36.81 -74.98
CA ASP S 591 -10.99 37.40 -73.76
C ASP S 591 -9.89 38.01 -72.91
N VAL S 592 -8.69 37.44 -72.95
CA VAL S 592 -7.57 37.98 -72.17
C VAL S 592 -7.13 39.33 -72.76
N CYS S 593 -6.79 39.34 -74.04
CA CYS S 593 -6.21 40.53 -74.66
C CYS S 593 -7.25 41.56 -75.08
N ALA S 594 -8.52 41.20 -75.10
CA ALA S 594 -9.59 42.13 -75.48
C ALA S 594 -10.14 42.91 -74.29
N TYR S 595 -9.51 42.83 -73.13
CA TYR S 595 -9.95 43.47 -71.90
C TYR S 595 -8.80 44.18 -71.22
N ALA S 596 -8.10 45.03 -71.98
CA ALA S 596 -6.92 45.74 -71.48
C ALA S 596 -7.15 46.37 -70.11
N GLY S 597 -8.37 46.85 -69.85
CA GLY S 597 -8.69 47.34 -68.51
C GLY S 597 -9.57 48.56 -68.45
N SER S 598 -10.62 48.47 -67.63
CA SER S 598 -11.53 49.57 -67.35
C SER S 598 -12.25 49.23 -66.04
N GLY S 599 -13.32 49.97 -65.73
CA GLY S 599 -14.15 49.58 -64.61
C GLY S 599 -15.22 48.60 -65.06
N ASN S 600 -14.91 47.31 -64.95
CA ASN S 600 -15.75 46.23 -65.46
C ASN S 600 -15.73 45.04 -64.52
N VAL S 601 -15.97 45.29 -63.23
CA VAL S 601 -15.87 44.28 -62.17
C VAL S 601 -16.78 43.09 -62.47
N LEU S 602 -17.69 43.25 -63.44
CA LEU S 602 -18.49 42.13 -63.91
C LEU S 602 -17.61 40.97 -64.37
N LYS S 603 -16.51 41.27 -65.05
CA LYS S 603 -15.55 40.24 -65.43
C LYS S 603 -14.63 39.85 -64.28
N VAL S 604 -14.72 40.53 -63.14
CA VAL S 604 -13.97 40.10 -61.96
C VAL S 604 -14.76 39.06 -61.19
N GLN S 605 -16.07 39.27 -61.02
CA GLN S 605 -16.90 38.22 -60.44
C GLN S 605 -17.10 37.07 -61.42
N GLN S 606 -17.15 37.37 -62.73
CA GLN S 606 -17.12 36.32 -63.73
C GLN S 606 -15.76 35.61 -63.73
N LEU S 607 -14.70 36.35 -63.43
CA LEU S 607 -13.38 35.75 -63.28
C LEU S 607 -13.35 34.75 -62.13
N LEU S 608 -13.93 35.14 -60.98
CA LEU S 608 -14.01 34.23 -59.86
C LEU S 608 -14.98 33.07 -60.14
N HIS S 609 -15.95 33.28 -61.04
CA HIS S 609 -16.90 32.23 -61.36
C HIS S 609 -16.28 31.17 -62.26
N ILE S 610 -15.61 31.60 -63.33
CA ILE S 610 -15.00 30.68 -64.29
C ILE S 610 -13.60 30.31 -63.82
N CYS S 611 -13.23 30.79 -62.63
CA CYS S 611 -11.89 30.50 -62.10
C CYS S 611 -11.70 29.02 -61.80
N SER S 612 -12.79 28.29 -61.57
CA SER S 612 -12.72 26.88 -61.19
C SER S 612 -13.04 25.95 -62.37
N GLU S 613 -12.62 26.32 -63.58
CA GLU S 613 -12.88 25.49 -64.74
C GLU S 613 -11.96 24.28 -64.74
N HIS S 614 -12.48 23.16 -65.27
CA HIS S 614 -11.70 21.93 -65.32
C HIS S 614 -10.49 22.05 -66.23
N PHE S 615 -10.59 22.84 -67.29
CA PHE S 615 -9.47 23.02 -68.22
C PHE S 615 -8.36 23.78 -67.52
N ASP S 616 -7.18 23.15 -67.43
CA ASP S 616 -6.07 23.67 -66.64
C ASP S 616 -5.14 24.58 -67.44
N SER S 617 -5.63 25.19 -68.52
CA SER S 617 -4.86 26.17 -69.26
C SER S 617 -5.57 27.50 -69.41
N LYS S 618 -6.89 27.47 -69.64
CA LYS S 618 -7.66 28.71 -69.63
C LYS S 618 -7.73 29.32 -68.25
N GLU S 619 -7.48 28.54 -67.19
CA GLU S 619 -7.22 29.11 -65.89
C GLU S 619 -5.90 29.88 -65.89
N LYS S 620 -4.87 29.31 -66.52
CA LYS S 620 -3.56 29.94 -66.51
C LYS S 620 -3.56 31.24 -67.29
N GLU S 621 -4.19 31.26 -68.46
CA GLU S 621 -4.20 32.48 -69.27
C GLU S 621 -5.31 33.43 -68.85
N GLU S 622 -6.54 32.92 -68.76
CA GLU S 622 -7.67 33.76 -68.39
C GLU S 622 -7.50 34.33 -67.00
N ASP S 623 -6.93 33.55 -66.08
CA ASP S 623 -6.57 34.06 -64.76
C ASP S 623 -5.24 34.81 -64.77
N LYS S 624 -4.38 34.54 -65.76
CA LYS S 624 -3.14 35.29 -65.90
C LYS S 624 -3.39 36.71 -66.37
N ASP S 625 -4.57 36.98 -66.95
CA ASP S 625 -4.93 38.33 -67.37
C ASP S 625 -4.97 39.32 -66.21
N LYS S 626 -4.93 38.84 -64.96
CA LYS S 626 -5.01 39.73 -63.79
C LYS S 626 -3.96 40.83 -63.84
N LYS S 627 -2.74 40.49 -64.24
CA LYS S 627 -1.67 41.49 -64.27
C LYS S 627 -1.89 42.54 -65.34
N GLU S 628 -2.74 42.28 -66.33
CA GLU S 628 -3.06 43.26 -67.36
C GLU S 628 -4.32 44.06 -67.03
N LYS S 629 -5.31 43.41 -66.41
CA LYS S 629 -6.58 44.07 -66.14
C LYS S 629 -6.43 45.14 -65.06
N LYS S 630 -5.96 44.75 -63.89
CA LYS S 630 -5.79 45.65 -62.75
C LYS S 630 -4.34 46.11 -62.59
N ASP S 631 -3.66 46.35 -63.71
CA ASP S 631 -2.25 46.71 -63.67
C ASP S 631 -1.99 48.03 -62.94
N LYS S 632 -2.99 48.88 -62.80
CA LYS S 632 -2.78 50.17 -62.16
C LYS S 632 -3.06 50.11 -60.65
N ASP S 633 -4.25 49.66 -60.27
CA ASP S 633 -4.59 49.51 -58.85
C ASP S 633 -3.94 48.22 -58.34
N LYS S 634 -2.71 48.34 -57.89
CA LYS S 634 -1.92 47.20 -57.45
C LYS S 634 -2.20 46.79 -56.00
N LYS S 635 -3.10 47.50 -55.32
CA LYS S 635 -3.43 47.12 -53.95
C LYS S 635 -4.37 45.92 -53.90
N GLU S 636 -5.21 45.74 -54.92
CA GLU S 636 -6.13 44.62 -54.99
C GLU S 636 -5.53 43.41 -55.68
N ALA S 637 -4.42 43.58 -56.40
CA ALA S 637 -3.80 42.45 -57.10
C ALA S 637 -3.36 41.32 -56.17
N PRO S 638 -2.74 41.56 -55.02
CA PRO S 638 -2.43 40.44 -54.12
C PRO S 638 -3.71 39.83 -53.56
N ALA S 639 -3.83 38.52 -53.70
CA ALA S 639 -5.01 37.79 -53.25
C ALA S 639 -4.54 36.47 -52.64
N ASP S 640 -5.50 35.56 -52.41
CA ASP S 640 -5.21 34.26 -51.82
C ASP S 640 -4.92 33.19 -52.87
N MET S 641 -4.40 33.58 -54.03
CA MET S 641 -4.08 32.59 -55.06
C MET S 641 -2.99 31.64 -54.62
N GLY S 642 -2.06 32.09 -53.78
CA GLY S 642 -1.03 31.21 -53.27
C GLY S 642 -1.50 30.24 -52.22
N ALA S 643 -2.63 30.55 -51.56
CA ALA S 643 -3.16 29.67 -50.53
C ALA S 643 -3.95 28.49 -51.10
N HIS S 644 -4.12 28.42 -52.42
CA HIS S 644 -4.84 27.32 -53.04
C HIS S 644 -3.93 26.08 -53.12
N GLN S 645 -4.44 25.04 -53.78
CA GLN S 645 -3.71 23.80 -53.92
C GLN S 645 -3.31 23.48 -55.35
N GLY S 646 -3.88 24.16 -56.34
CA GLY S 646 -3.51 23.93 -57.73
C GLY S 646 -2.20 24.62 -58.11
N VAL S 647 -1.26 23.85 -58.65
CA VAL S 647 0.03 24.41 -59.05
C VAL S 647 -0.16 25.42 -60.18
N ALA S 648 -1.19 25.24 -61.00
CA ALA S 648 -1.47 26.20 -62.06
C ALA S 648 -1.80 27.56 -61.48
N VAL S 649 -2.50 27.60 -60.35
CA VAL S 649 -2.81 28.88 -59.71
C VAL S 649 -1.55 29.51 -59.15
N LEU S 650 -0.65 28.69 -58.60
CA LEU S 650 0.65 29.20 -58.15
C LEU S 650 1.42 29.81 -59.31
N GLY S 651 1.30 29.24 -60.51
CA GLY S 651 1.85 29.88 -61.68
C GLY S 651 1.13 31.16 -62.06
N ILE S 652 -0.19 31.20 -61.82
CA ILE S 652 -0.98 32.39 -62.16
C ILE S 652 -0.53 33.58 -61.32
N ALA S 653 -0.35 33.36 -60.01
CA ALA S 653 0.15 34.43 -59.15
C ALA S 653 1.63 34.71 -59.43
N LEU S 654 2.43 33.65 -59.63
CA LEU S 654 3.87 33.81 -59.83
C LEU S 654 4.16 34.67 -61.05
N ILE S 655 3.41 34.45 -62.14
CA ILE S 655 3.57 35.29 -63.32
C ILE S 655 2.83 36.61 -63.15
N ALA S 656 1.75 36.61 -62.36
CA ALA S 656 0.96 37.83 -62.14
C ALA S 656 1.65 38.81 -61.21
N MET S 657 2.82 38.46 -60.63
CA MET S 657 3.59 39.43 -59.87
C MET S 657 3.93 40.64 -60.72
N GLY S 658 4.62 40.42 -61.83
CA GLY S 658 4.89 41.47 -62.78
C GLY S 658 6.34 41.94 -62.74
N GLU S 659 6.58 43.04 -63.44
CA GLU S 659 7.90 43.65 -63.56
C GLU S 659 7.94 45.04 -62.92
N GLU S 660 7.17 45.25 -61.86
CA GLU S 660 7.06 46.57 -61.24
C GLU S 660 8.30 46.84 -60.38
N ILE S 661 8.22 47.86 -59.52
CA ILE S 661 9.34 48.30 -58.71
C ILE S 661 9.83 47.22 -57.74
N GLY S 662 9.01 46.21 -57.48
CA GLY S 662 9.42 45.11 -56.62
C GLY S 662 9.55 45.47 -55.16
N ALA S 663 8.43 45.77 -54.51
CA ALA S 663 8.42 46.02 -53.08
C ALA S 663 8.76 44.74 -52.31
N GLU S 664 8.98 44.89 -51.01
CA GLU S 664 9.35 43.75 -50.18
C GLU S 664 8.25 42.70 -50.08
N MET S 665 6.99 43.10 -50.31
CA MET S 665 5.91 42.12 -50.32
C MET S 665 6.06 41.15 -51.49
N ALA S 666 6.41 41.67 -52.66
CA ALA S 666 6.66 40.80 -53.81
C ALA S 666 7.85 39.88 -53.55
N LEU S 667 8.92 40.44 -52.98
CA LEU S 667 10.08 39.62 -52.61
C LEU S 667 9.70 38.54 -51.60
N ARG S 668 8.68 38.80 -50.78
CA ARG S 668 8.17 37.76 -49.90
C ARG S 668 7.40 36.71 -50.67
N THR S 669 6.58 37.13 -51.64
CA THR S 669 5.83 36.17 -52.46
C THR S 669 6.77 35.28 -53.27
N PHE S 670 7.95 35.79 -53.62
CA PHE S 670 8.97 34.95 -54.23
C PHE S 670 9.79 34.20 -53.20
N GLY S 671 9.81 34.67 -51.95
CA GLY S 671 10.43 33.90 -50.89
C GLY S 671 9.62 32.67 -50.51
N HIS S 672 8.32 32.70 -50.76
CA HIS S 672 7.46 31.54 -50.54
C HIS S 672 7.25 30.72 -51.80
N LEU S 673 7.05 31.37 -52.95
CA LEU S 673 6.89 30.65 -54.21
C LEU S 673 8.20 30.07 -54.72
N LEU S 674 9.34 30.60 -54.26
CA LEU S 674 10.63 30.11 -54.74
C LEU S 674 10.84 28.64 -54.38
N ARG S 675 10.56 28.28 -53.14
CA ARG S 675 10.74 26.91 -52.66
C ARG S 675 9.64 26.03 -53.22
N TYR S 676 9.94 25.30 -54.29
CA TYR S 676 8.97 24.40 -54.90
C TYR S 676 9.72 23.25 -55.56
N GLY S 677 9.00 22.17 -55.83
CA GLY S 677 9.61 20.96 -56.33
C GLY S 677 9.49 20.75 -57.82
N GLU S 678 8.51 21.37 -58.45
CA GLU S 678 8.31 21.18 -59.89
C GLU S 678 9.34 21.99 -60.67
N PRO S 679 9.95 21.40 -61.71
CA PRO S 679 10.97 22.15 -62.47
C PRO S 679 10.39 23.27 -63.31
N THR S 680 9.08 23.24 -63.61
CA THR S 680 8.49 24.32 -64.40
C THR S 680 8.22 25.56 -63.57
N LEU S 681 7.80 25.39 -62.32
CA LEU S 681 7.55 26.53 -61.45
C LEU S 681 8.86 27.07 -60.87
N ARG S 682 9.73 26.17 -60.38
CA ARG S 682 11.07 26.58 -60.00
C ARG S 682 11.87 27.10 -61.18
N ARG S 683 11.47 26.74 -62.41
CA ARG S 683 12.12 27.29 -63.59
C ARG S 683 11.57 28.66 -63.94
N ALA S 684 10.27 28.90 -63.70
CA ALA S 684 9.64 30.14 -64.09
C ALA S 684 9.46 31.11 -62.93
N VAL S 685 10.10 30.87 -61.79
CA VAL S 685 10.10 31.84 -60.70
C VAL S 685 11.15 32.94 -60.93
N PRO S 686 12.39 32.66 -61.37
CA PRO S 686 13.38 33.75 -61.44
C PRO S 686 13.09 34.76 -62.54
N LEU S 687 12.23 34.44 -63.50
CA LEU S 687 11.92 35.39 -64.56
C LEU S 687 11.19 36.61 -63.99
N ALA S 688 10.13 36.38 -63.23
CA ALA S 688 9.44 37.48 -62.58
C ALA S 688 10.14 37.95 -61.31
N LEU S 689 10.85 37.04 -60.63
CA LEU S 689 11.61 37.42 -59.45
C LEU S 689 12.66 38.46 -59.79
N ALA S 690 13.41 38.24 -60.86
CA ALA S 690 14.44 39.18 -61.27
C ALA S 690 13.95 40.21 -62.28
N LEU S 691 12.77 40.01 -62.88
CA LEU S 691 12.16 41.06 -63.68
C LEU S 691 11.53 42.14 -62.81
N ILE S 692 11.04 41.78 -61.63
CA ILE S 692 10.46 42.76 -60.72
C ILE S 692 11.52 43.50 -59.91
N SER S 693 12.78 43.07 -59.99
CA SER S 693 13.88 43.72 -59.27
C SER S 693 15.07 43.80 -60.23
N VAL S 694 15.18 44.93 -60.93
CA VAL S 694 16.27 45.14 -61.88
C VAL S 694 17.14 46.30 -61.44
N SER S 709 22.34 44.99 -52.84
CA SER S 709 21.50 44.96 -51.65
C SER S 709 20.86 43.58 -51.47
N HIS S 710 19.73 43.37 -52.16
CA HIS S 710 19.01 42.10 -52.08
C HIS S 710 18.90 41.43 -53.45
N ASP S 711 19.77 41.78 -54.38
CA ASP S 711 19.74 41.18 -55.71
C ASP S 711 20.48 39.86 -55.76
N ALA S 712 21.54 39.69 -54.94
CA ALA S 712 22.35 38.49 -54.96
C ALA S 712 21.86 37.43 -53.98
N ASP S 713 20.97 37.78 -53.05
CA ASP S 713 20.44 36.79 -52.11
C ASP S 713 19.62 35.70 -52.80
N PRO S 714 18.67 36.02 -53.70
CA PRO S 714 17.95 34.93 -54.38
C PRO S 714 18.86 34.06 -55.24
N GLU S 715 19.91 34.63 -55.82
CA GLU S 715 20.84 33.82 -56.61
C GLU S 715 21.55 32.80 -55.72
N VAL S 716 22.01 33.23 -54.54
CA VAL S 716 22.58 32.31 -53.57
C VAL S 716 21.54 31.28 -53.14
N SER S 717 20.26 31.68 -53.08
CA SER S 717 19.21 30.74 -52.72
C SER S 717 19.06 29.65 -53.78
N TYR S 718 19.11 30.02 -55.07
CA TYR S 718 19.07 29.02 -56.12
C TYR S 718 20.32 28.17 -56.12
N ASN S 719 21.47 28.74 -55.74
CA ASN S 719 22.68 27.94 -55.59
C ASN S 719 22.55 26.94 -54.45
N SER S 720 21.77 27.28 -53.42
CA SER S 720 21.56 26.36 -52.31
C SER S 720 20.50 25.31 -52.62
N ILE S 721 19.57 25.63 -53.53
CA ILE S 721 18.55 24.65 -53.91
C ILE S 721 19.09 23.68 -54.94
N PHE S 722 19.61 24.20 -56.05
CA PHE S 722 20.19 23.32 -57.07
C PHE S 722 21.49 22.69 -56.58
N ALA S 723 22.35 23.49 -55.96
CA ALA S 723 23.63 23.00 -55.45
C ALA S 723 23.85 23.44 -54.01
N ALA S 734 17.71 21.51 -61.84
CA ALA S 734 18.34 20.80 -62.94
C ALA S 734 19.09 21.76 -63.86
N ARG S 735 19.26 21.35 -65.13
CA ARG S 735 19.94 22.20 -66.09
C ARG S 735 19.17 23.49 -66.32
N LEU S 736 17.83 23.42 -66.36
CA LEU S 736 17.03 24.61 -66.56
C LEU S 736 17.12 25.55 -65.38
N ALA S 737 17.35 25.02 -64.18
CA ALA S 737 17.49 25.88 -63.00
C ALA S 737 18.81 26.64 -63.03
N ALA S 738 19.87 26.03 -63.53
CA ALA S 738 21.17 26.69 -63.60
C ALA S 738 21.24 27.67 -64.75
N MET S 739 20.79 27.25 -65.95
CA MET S 739 20.73 28.16 -67.08
C MET S 739 19.77 29.32 -66.78
N LEU S 740 18.68 29.05 -66.08
CA LEU S 740 17.70 30.09 -65.77
C LEU S 740 18.14 30.95 -64.59
N ARG S 741 19.01 30.45 -63.71
CA ARG S 741 19.54 31.31 -62.66
C ARG S 741 20.67 32.18 -63.17
N GLN S 742 21.45 31.69 -64.14
CA GLN S 742 22.38 32.58 -64.85
C GLN S 742 21.63 33.60 -65.69
N LEU S 743 20.50 33.19 -66.27
CA LEU S 743 19.62 34.14 -66.94
C LEU S 743 18.96 35.09 -65.95
N ALA S 744 18.88 34.69 -64.67
CA ALA S 744 18.46 35.62 -63.63
C ALA S 744 19.59 36.57 -63.25
N GLN S 745 20.84 36.13 -63.41
CA GLN S 745 21.95 37.08 -63.36
C GLN S 745 21.91 38.04 -64.53
N TYR S 746 21.38 37.60 -65.68
CA TYR S 746 21.11 38.52 -66.77
C TYR S 746 20.04 39.53 -66.38
N HIS S 747 18.93 39.05 -65.83
CA HIS S 747 17.82 39.95 -65.51
C HIS S 747 18.18 40.94 -64.41
N ALA S 748 18.94 40.49 -63.40
CA ALA S 748 19.29 41.37 -62.29
C ALA S 748 20.21 42.50 -62.73
N LYS S 749 21.43 42.15 -63.13
CA LYS S 749 22.41 43.16 -63.55
C LYS S 749 22.85 42.93 -64.98
N LYS S 768 2.42 52.68 -70.87
CA LYS S 768 1.60 51.51 -71.15
C LYS S 768 1.70 51.11 -72.61
N GLY S 769 2.89 50.71 -73.04
CA GLY S 769 3.11 50.30 -74.41
C GLY S 769 3.01 48.80 -74.60
N THR S 770 2.68 48.40 -75.83
CA THR S 770 2.56 46.99 -76.15
C THR S 770 3.92 46.31 -76.24
N LEU S 771 4.99 47.07 -76.52
CA LEU S 771 6.31 46.49 -76.67
C LEU S 771 6.83 45.88 -75.36
N THR S 772 6.35 46.35 -74.22
CA THR S 772 6.72 45.78 -72.93
C THR S 772 5.67 44.81 -72.39
N LEU S 773 4.67 44.48 -73.19
CA LEU S 773 3.60 43.56 -72.79
C LEU S 773 3.55 42.30 -73.62
N CYS S 774 3.81 42.41 -74.93
CA CYS S 774 3.76 41.28 -75.85
C CYS S 774 4.84 40.22 -75.59
N PRO S 775 6.11 40.58 -75.37
CA PRO S 775 7.16 39.54 -75.34
C PRO S 775 6.95 38.47 -74.27
N TYR S 776 6.62 38.84 -73.04
CA TYR S 776 6.47 37.82 -72.01
C TYR S 776 5.16 37.06 -72.15
N HIS S 777 4.10 37.74 -72.61
CA HIS S 777 2.84 37.04 -72.87
C HIS S 777 2.99 36.00 -73.96
N SER S 778 3.85 36.27 -74.95
CA SER S 778 4.22 35.24 -75.91
C SER S 778 5.18 34.24 -75.28
N ASP S 779 5.92 34.66 -74.25
CA ASP S 779 6.86 33.79 -73.56
C ASP S 779 6.19 32.84 -72.58
N ARG S 780 4.88 32.96 -72.37
CA ARG S 780 4.20 32.06 -71.44
C ARG S 780 3.89 30.72 -72.08
N GLN S 781 4.91 30.10 -72.70
CA GLN S 781 4.78 28.76 -73.28
C GLN S 781 6.04 27.94 -73.08
N LEU S 782 6.74 28.15 -71.96
CA LEU S 782 8.01 27.49 -71.72
C LEU S 782 7.85 26.03 -71.31
N MET S 783 6.62 25.58 -71.05
CA MET S 783 6.39 24.20 -70.64
C MET S 783 6.31 23.27 -71.86
N SER S 784 7.31 23.34 -72.72
CA SER S 784 7.34 22.53 -73.93
C SER S 784 8.80 22.27 -74.29
N GLN S 785 9.05 21.83 -75.52
CA GLN S 785 10.40 21.56 -75.98
C GLN S 785 11.22 22.85 -76.02
N VAL S 786 12.53 22.70 -76.24
CA VAL S 786 13.43 23.85 -76.24
C VAL S 786 13.30 24.71 -77.49
N ALA S 787 12.37 24.39 -78.39
CA ALA S 787 12.16 25.24 -79.56
C ALA S 787 11.65 26.63 -79.15
N VAL S 788 10.82 26.68 -78.10
CA VAL S 788 10.37 27.98 -77.59
C VAL S 788 11.53 28.75 -77.00
N ALA S 789 12.47 28.04 -76.36
CA ALA S 789 13.66 28.69 -75.81
C ALA S 789 14.57 29.27 -76.89
N GLY S 790 14.34 28.93 -78.15
CA GLY S 790 15.00 29.63 -79.24
C GLY S 790 14.38 30.98 -79.55
N LEU S 791 13.11 31.17 -79.19
CA LEU S 791 12.45 32.46 -79.25
C LEU S 791 12.52 33.20 -77.93
N LEU S 792 13.00 32.54 -76.87
CA LEU S 792 13.20 33.20 -75.58
C LEU S 792 14.30 34.25 -75.66
N THR S 793 15.30 34.04 -76.51
CA THR S 793 16.48 34.91 -76.55
C THR S 793 16.25 36.21 -77.31
N VAL S 794 15.06 36.42 -77.88
CA VAL S 794 14.83 37.59 -78.71
C VAL S 794 13.72 38.45 -78.14
N LEU S 795 13.60 38.47 -76.80
CA LEU S 795 12.61 39.31 -76.16
C LEU S 795 13.03 40.79 -76.21
N VAL S 796 12.03 41.67 -76.25
CA VAL S 796 12.25 43.10 -76.37
C VAL S 796 11.62 43.88 -75.23
N SER S 797 10.95 43.21 -74.29
CA SER S 797 10.31 43.89 -73.16
C SER S 797 11.32 44.38 -72.12
N PHE S 798 12.59 44.01 -72.24
CA PHE S 798 13.58 44.36 -71.24
C PHE S 798 14.02 45.82 -71.43
N LEU S 799 14.52 46.40 -70.34
CA LEU S 799 14.98 47.79 -70.36
C LEU S 799 16.47 47.87 -70.03
#